data_8SZZ
#
_entry.id   8SZZ
#
loop_
_entity.id
_entity.type
_entity.pdbx_description
1 polymer 'O32-ZL4 Component A'
2 polymer 'O32-ZL4 Component B'
3 non-polymer 'SODIUM ION'
#
loop_
_entity_poly.entity_id
_entity_poly.type
_entity_poly.pdbx_seq_one_letter_code
_entity_poly.pdbx_strand_id
1 'polypeptide(L)' MTDELLRLAKEQAELLKEIKILVELIAMLVKVIQKDPSDEALKALAELVRKLKELVEDMERSMKEQLYIIKGSWSG 0,1,2,3,P,Q,R,S,T,V,W,X,o,p,q,r,s,t,u,v,w,x,y,z
2 'polypeptide(L)'
;MKMEELFKKHKIVAVLRANDAQEAREKALAVFEGGVHLIEITFTVPNAAAVILLLSFLKEKGAIIGAGTVTSEEQCALAV
LSGAEFIVSPHLDEEISQFCKEKGVFYMPGVMTPTELVKAMKLGHTILKLFPGEVVGPQFVKAMKGPFPNVKFVPTGGVN
LDNVCEWFKAGVLAVGVGSALVKGTPDEVREKAKAFVEKIRGCTELEHHHHHH
;
I,J,K,L,M,N,O,U,Y,Z,a,b,c,d,e,f,g,h,i,j,k,l,m,n
#
loop_
_chem_comp.id
_chem_comp.type
_chem_comp.name
_chem_comp.formula
NA non-polymer 'SODIUM ION' 'Na 1'
#
# COMPACT_ATOMS: atom_id res chain seq x y z
N THR A 2 28.25 13.80 14.02
CA THR A 2 28.94 13.32 15.21
C THR A 2 30.44 13.25 14.96
N ASP A 3 30.86 13.67 13.76
CA ASP A 3 32.28 13.67 13.43
C ASP A 3 32.97 14.91 13.98
N GLU A 4 32.33 16.07 13.87
CA GLU A 4 32.81 17.25 14.56
C GLU A 4 32.90 16.99 16.07
N LEU A 5 31.94 16.22 16.60
CA LEU A 5 31.92 15.92 18.02
C LEU A 5 33.11 15.04 18.42
N LEU A 6 33.44 14.04 17.61
CA LEU A 6 34.60 13.20 17.92
C LEU A 6 35.90 13.98 17.77
N ARG A 7 35.97 14.88 16.78
CA ARG A 7 37.17 15.70 16.64
C ARG A 7 37.36 16.61 17.85
N LEU A 8 36.26 17.19 18.34
CA LEU A 8 36.35 18.04 19.52
C LEU A 8 36.75 17.24 20.76
N ALA A 9 36.23 16.01 20.88
CA ALA A 9 36.67 15.13 21.96
C ALA A 9 38.17 14.84 21.84
N LYS A 10 38.66 14.66 20.61
CA LYS A 10 40.09 14.45 20.38
C LYS A 10 40.91 15.62 20.88
N GLU A 11 40.53 16.83 20.47
CA GLU A 11 41.27 18.03 20.88
C GLU A 11 41.24 18.19 22.39
N GLN A 12 40.10 17.91 23.02
CA GLN A 12 39.99 18.02 24.46
C GLN A 12 40.92 17.03 25.15
N ALA A 13 40.98 15.79 24.66
CA ALA A 13 41.87 14.79 25.26
C ALA A 13 43.33 15.20 25.14
N GLU A 14 43.71 15.77 23.99
CA GLU A 14 45.08 16.25 23.81
C GLU A 14 45.40 17.35 24.82
N LEU A 15 44.52 18.34 24.95
CA LEU A 15 44.75 19.41 25.90
C LEU A 15 44.83 18.87 27.32
N LEU A 16 44.02 17.87 27.65
CA LEU A 16 44.02 17.34 29.01
C LEU A 16 45.32 16.62 29.34
N LYS A 17 45.89 15.88 28.38
CA LYS A 17 47.17 15.23 28.68
C LYS A 17 48.29 16.25 28.78
N GLU A 18 48.25 17.31 27.96
CA GLU A 18 49.19 18.41 28.14
C GLU A 18 49.11 19.00 29.54
N ILE A 19 47.88 19.26 30.02
CA ILE A 19 47.69 19.87 31.33
C ILE A 19 48.19 18.96 32.44
N LYS A 20 47.95 17.65 32.30
CA LYS A 20 48.42 16.71 33.32
C LYS A 20 49.94 16.68 33.40
N ILE A 21 50.61 16.66 32.24
CA ILE A 21 52.07 16.67 32.23
C ILE A 21 52.61 17.94 32.88
N LEU A 22 52.00 19.08 32.54
CA LEU A 22 52.50 20.35 33.05
C LEU A 22 52.28 20.47 34.55
N VAL A 23 51.16 19.93 35.06
CA VAL A 23 50.92 19.92 36.49
C VAL A 23 51.95 19.05 37.21
N GLU A 24 52.31 17.91 36.61
CA GLU A 24 53.37 17.07 37.19
C GLU A 24 54.69 17.84 37.30
N LEU A 25 55.07 18.53 36.23
CA LEU A 25 56.32 19.28 36.27
C LEU A 25 56.27 20.40 37.30
N ILE A 26 55.11 21.06 37.44
CA ILE A 26 54.97 22.12 38.43
C ILE A 26 55.13 21.56 39.84
N ALA A 27 54.55 20.39 40.11
CA ALA A 27 54.71 19.78 41.43
C ALA A 27 56.15 19.43 41.73
N MET A 28 56.86 18.87 40.73
CA MET A 28 58.28 18.55 40.91
C MET A 28 59.08 19.80 41.23
N LEU A 29 58.84 20.88 40.48
CA LEU A 29 59.55 22.13 40.71
C LEU A 29 59.25 22.69 42.09
N VAL A 30 58.01 22.54 42.56
CA VAL A 30 57.65 23.01 43.89
C VAL A 30 58.40 22.23 44.96
N LYS A 31 58.52 20.91 44.81
CA LYS A 31 59.34 20.14 45.77
C LYS A 31 60.79 20.60 45.75
N VAL A 32 61.35 20.80 44.56
CA VAL A 32 62.75 21.23 44.46
C VAL A 32 62.95 22.57 45.14
N ILE A 33 61.99 23.49 45.00
CA ILE A 33 62.09 24.80 45.63
C ILE A 33 61.93 24.69 47.14
N GLN A 34 61.00 23.83 47.59
CA GLN A 34 60.85 23.59 49.02
C GLN A 34 62.17 23.15 49.64
N LYS A 35 62.89 22.26 48.97
CA LYS A 35 64.13 21.75 49.55
C LYS A 35 65.23 22.81 49.53
N ASP A 36 65.39 23.54 48.42
CA ASP A 36 66.47 24.52 48.29
C ASP A 36 65.97 25.70 47.47
N PRO A 37 65.41 26.72 48.13
CA PRO A 37 64.79 27.82 47.39
C PRO A 37 65.80 28.67 46.62
N SER A 38 65.33 29.24 45.52
CA SER A 38 66.09 30.21 44.74
C SER A 38 65.11 31.03 43.91
N ASP A 39 65.64 32.10 43.29
CA ASP A 39 64.79 33.06 42.59
C ASP A 39 64.55 32.68 41.14
N GLU A 40 65.55 32.13 40.45
CA GLU A 40 65.33 31.64 39.10
C GLU A 40 64.33 30.51 39.07
N ALA A 41 64.32 29.67 40.11
CA ALA A 41 63.31 28.63 40.22
C ALA A 41 61.91 29.22 40.33
N LEU A 42 61.78 30.33 41.06
CA LEU A 42 60.47 30.97 41.18
C LEU A 42 60.05 31.65 39.89
N LYS A 43 60.99 32.23 39.15
CA LYS A 43 60.64 32.77 37.83
C LYS A 43 60.18 31.66 36.88
N ALA A 44 60.85 30.50 36.92
CA ALA A 44 60.43 29.38 36.08
C ALA A 44 59.07 28.85 36.50
N LEU A 45 58.80 28.82 37.81
CA LEU A 45 57.49 28.41 38.29
C LEU A 45 56.40 29.37 37.83
N ALA A 46 56.69 30.67 37.86
CA ALA A 46 55.75 31.66 37.33
C ALA A 46 55.46 31.42 35.86
N GLU A 47 56.51 31.16 35.07
CA GLU A 47 56.31 30.85 33.65
C GLU A 47 55.43 29.62 33.45
N LEU A 48 55.66 28.57 34.24
CA LEU A 48 54.89 27.35 34.10
C LEU A 48 53.42 27.58 34.46
N VAL A 49 53.16 28.35 35.52
CA VAL A 49 51.77 28.64 35.90
C VAL A 49 51.08 29.48 34.84
N ARG A 50 51.79 30.42 34.22
CA ARG A 50 51.18 31.20 33.15
C ARG A 50 50.81 30.31 31.96
N LYS A 51 51.70 29.39 31.59
CA LYS A 51 51.39 28.46 30.52
C LYS A 51 50.17 27.59 30.87
N LEU A 52 50.07 27.20 32.14
CA LEU A 52 48.91 26.41 32.59
C LEU A 52 47.62 27.19 32.43
N LYS A 53 47.63 28.48 32.81
CA LYS A 53 46.46 29.33 32.61
C LYS A 53 46.05 29.40 31.14
N GLU A 54 47.02 29.61 30.25
CA GLU A 54 46.71 29.64 28.83
C GLU A 54 46.08 28.32 28.38
N LEU A 55 46.59 27.19 28.89
CA LEU A 55 46.03 25.90 28.51
C LEU A 55 44.60 25.72 29.01
N VAL A 56 44.29 26.22 30.20
CA VAL A 56 42.92 26.12 30.70
C VAL A 56 41.97 26.95 29.84
N GLU A 57 42.41 28.15 29.42
CA GLU A 57 41.56 28.93 28.52
C GLU A 57 41.34 28.20 27.20
N ASP A 58 42.39 27.61 26.65
CA ASP A 58 42.25 26.81 25.42
C ASP A 58 41.24 25.68 25.63
N MET A 59 41.25 25.06 26.81
CA MET A 59 40.31 23.98 27.09
C MET A 59 38.86 24.48 27.08
N GLU A 60 38.60 25.63 27.72
CA GLU A 60 37.22 26.10 27.79
C GLU A 60 36.72 26.50 26.41
N ARG A 61 37.60 27.08 25.57
CA ARG A 61 37.14 27.47 24.24
C ARG A 61 36.71 26.28 23.38
N SER A 62 37.16 25.07 23.71
CA SER A 62 36.71 23.88 22.99
C SER A 62 35.51 23.24 23.68
N MET A 63 35.46 23.30 25.01
CA MET A 63 34.28 22.76 25.71
C MET A 63 33.02 23.51 25.33
N LYS A 64 33.10 24.83 25.16
CA LYS A 64 31.91 25.59 24.75
C LYS A 64 31.44 25.18 23.36
N GLU A 65 32.37 25.03 22.42
CA GLU A 65 31.97 24.61 21.07
C GLU A 65 31.34 23.23 21.08
N GLN A 66 31.92 22.29 21.85
CA GLN A 66 31.34 20.95 21.88
C GLN A 66 29.96 20.95 22.53
N LEU A 67 29.78 21.77 23.57
CA LEU A 67 28.46 21.87 24.20
C LEU A 67 27.44 22.47 23.24
N TYR A 68 27.85 23.46 22.44
CA TYR A 68 26.92 24.04 21.48
C TYR A 68 26.56 23.05 20.38
N ILE A 69 27.53 22.27 19.92
CA ILE A 69 27.26 21.34 18.82
C ILE A 69 26.42 20.16 19.30
N ILE A 70 26.70 19.64 20.50
CA ILE A 70 25.96 18.48 20.99
C ILE A 70 24.49 18.81 21.20
N LYS A 71 24.20 20.05 21.57
CA LYS A 71 22.85 20.43 21.93
C LYS A 71 22.06 20.88 20.71
N THR B 2 -33.60 -2.84 7.47
CA THR B 2 -34.30 -1.63 7.07
C THR B 2 -35.54 -2.02 6.25
N ASP B 3 -35.65 -3.31 5.95
CA ASP B 3 -36.81 -3.83 5.24
C ASP B 3 -37.94 -4.23 6.19
N GLU B 4 -37.59 -4.87 7.32
CA GLU B 4 -38.57 -5.13 8.35
C GLU B 4 -39.18 -3.83 8.85
N LEU B 5 -38.36 -2.81 9.03
CA LEU B 5 -38.87 -1.49 9.41
C LEU B 5 -39.91 -0.99 8.42
N LEU B 6 -39.65 -1.18 7.13
CA LEU B 6 -40.54 -0.61 6.12
C LEU B 6 -41.85 -1.40 6.03
N ARG B 7 -41.79 -2.73 6.18
CA ARG B 7 -43.05 -3.48 6.20
C ARG B 7 -43.85 -3.19 7.47
N LEU B 8 -43.16 -2.93 8.60
CA LEU B 8 -43.88 -2.48 9.78
C LEU B 8 -44.56 -1.15 9.54
N ALA B 9 -43.90 -0.24 8.81
CA ALA B 9 -44.55 1.01 8.44
C ALA B 9 -45.78 0.76 7.56
N LYS B 10 -45.68 -0.20 6.63
CA LYS B 10 -46.82 -0.56 5.80
C LYS B 10 -48.01 -1.03 6.64
N GLU B 11 -47.73 -1.94 7.59
CA GLU B 11 -48.79 -2.47 8.44
C GLU B 11 -49.43 -1.37 9.28
N GLN B 12 -48.61 -0.48 9.84
CA GLN B 12 -49.15 0.61 10.64
C GLN B 12 -50.00 1.56 9.82
N ALA B 13 -49.60 1.81 8.56
CA ALA B 13 -50.41 2.67 7.69
C ALA B 13 -51.76 2.03 7.39
N GLU B 14 -51.78 0.72 7.16
CA GLU B 14 -53.04 0.01 6.97
C GLU B 14 -53.95 0.18 8.19
N LEU B 15 -53.41 -0.10 9.38
CA LEU B 15 -54.21 0.04 10.60
C LEU B 15 -54.71 1.46 10.78
N LEU B 16 -53.88 2.45 10.45
CA LEU B 16 -54.29 3.84 10.63
C LEU B 16 -55.46 4.19 9.73
N LYS B 17 -55.44 3.70 8.48
CA LYS B 17 -56.58 3.96 7.60
C LYS B 17 -57.85 3.31 8.13
N GLU B 18 -57.74 2.06 8.63
CA GLU B 18 -58.91 1.42 9.22
C GLU B 18 -59.48 2.24 10.38
N ILE B 19 -58.59 2.73 11.25
CA ILE B 19 -59.03 3.48 12.43
C ILE B 19 -59.69 4.78 12.02
N LYS B 20 -59.13 5.47 11.03
CA LYS B 20 -59.69 6.72 10.55
C LYS B 20 -61.11 6.52 10.00
N ILE B 21 -61.28 5.47 9.18
CA ILE B 21 -62.61 5.19 8.62
C ILE B 21 -63.61 4.87 9.72
N LEU B 22 -63.21 4.04 10.68
CA LEU B 22 -64.14 3.64 11.73
C LEU B 22 -64.50 4.80 12.64
N VAL B 23 -63.57 5.73 12.88
CA VAL B 23 -63.91 6.92 13.66
C VAL B 23 -64.91 7.79 12.91
N GLU B 24 -64.77 7.90 11.58
CA GLU B 24 -65.77 8.63 10.81
C GLU B 24 -67.15 8.00 10.96
N LEU B 25 -67.23 6.67 10.87
CA LEU B 25 -68.52 6.00 11.03
C LEU B 25 -69.09 6.22 12.42
N ILE B 26 -68.24 6.20 13.46
CA ILE B 26 -68.72 6.43 14.81
C ILE B 26 -69.28 7.84 14.97
N ALA B 27 -68.61 8.84 14.38
CA ALA B 27 -69.12 10.21 14.45
C ALA B 27 -70.48 10.34 13.78
N MET B 28 -70.62 9.75 12.58
CA MET B 28 -71.90 9.79 11.89
C MET B 28 -73.00 9.15 12.72
N LEU B 29 -72.71 7.97 13.30
CA LEU B 29 -73.72 7.26 14.08
C LEU B 29 -74.11 8.04 15.33
N VAL B 30 -73.14 8.72 15.96
CA VAL B 30 -73.44 9.53 17.13
C VAL B 30 -74.38 10.67 16.76
N LYS B 31 -74.13 11.34 15.63
CA LYS B 31 -75.02 12.43 15.23
C LYS B 31 -76.43 11.92 14.90
N VAL B 32 -76.51 10.77 14.23
CA VAL B 32 -77.81 10.16 13.95
C VAL B 32 -78.55 9.84 15.25
N ILE B 33 -77.82 9.35 16.26
CA ILE B 33 -78.44 9.03 17.55
C ILE B 33 -78.92 10.30 18.25
N GLN B 34 -78.13 11.37 18.16
CA GLN B 34 -78.58 12.66 18.72
C GLN B 34 -79.92 13.05 18.14
N LYS B 35 -80.06 13.00 16.81
CA LYS B 35 -81.30 13.50 16.23
C LYS B 35 -82.51 12.63 16.58
N ASP B 36 -82.36 11.30 16.60
CA ASP B 36 -83.47 10.40 16.90
C ASP B 36 -82.97 9.17 17.64
N PRO B 37 -82.98 9.19 18.96
CA PRO B 37 -82.36 8.11 19.75
C PRO B 37 -83.07 6.78 19.57
N SER B 38 -82.33 5.71 19.89
CA SER B 38 -82.82 4.34 19.80
C SER B 38 -81.81 3.43 20.49
N ASP B 39 -82.27 2.23 20.85
CA ASP B 39 -81.44 1.32 21.62
C ASP B 39 -80.57 0.44 20.73
N GLU B 40 -81.08 0.03 19.57
CA GLU B 40 -80.27 -0.72 18.61
C GLU B 40 -79.11 0.14 18.11
N ALA B 41 -79.33 1.44 17.97
CA ALA B 41 -78.25 2.35 17.61
C ALA B 41 -77.17 2.36 18.68
N LEU B 42 -77.56 2.31 19.96
CA LEU B 42 -76.58 2.28 21.04
C LEU B 42 -75.82 0.96 21.07
N LYS B 43 -76.50 -0.15 20.78
CA LYS B 43 -75.78 -1.42 20.69
C LYS B 43 -74.77 -1.42 19.54
N ALA B 44 -75.16 -0.86 18.39
CA ALA B 44 -74.23 -0.76 17.27
C ALA B 44 -73.06 0.16 17.59
N LEU B 45 -73.32 1.26 18.31
CA LEU B 45 -72.25 2.16 18.72
C LEU B 45 -71.28 1.47 19.66
N ALA B 46 -71.79 0.68 20.60
CA ALA B 46 -70.93 -0.09 21.50
C ALA B 46 -70.07 -1.07 20.73
N GLU B 47 -70.65 -1.76 19.74
CA GLU B 47 -69.88 -2.69 18.93
C GLU B 47 -68.77 -1.96 18.16
N LEU B 48 -69.07 -0.79 17.60
CA LEU B 48 -68.06 -0.04 16.87
C LEU B 48 -66.93 0.41 17.78
N VAL B 49 -67.26 0.82 19.01
CA VAL B 49 -66.22 1.25 19.94
C VAL B 49 -65.34 0.06 20.36
N ARG B 50 -65.95 -1.12 20.51
CA ARG B 50 -65.18 -2.34 20.79
C ARG B 50 -64.19 -2.62 19.66
N LYS B 51 -64.66 -2.55 18.41
CA LYS B 51 -63.76 -2.70 17.27
C LYS B 51 -62.63 -1.68 17.31
N LEU B 52 -62.95 -0.44 17.70
CA LEU B 52 -61.93 0.60 17.73
C LEU B 52 -60.86 0.30 18.77
N LYS B 53 -61.27 -0.18 19.95
CA LYS B 53 -60.31 -0.61 20.97
C LYS B 53 -59.41 -1.72 20.45
N GLU B 54 -59.98 -2.70 19.75
CA GLU B 54 -59.16 -3.77 19.19
C GLU B 54 -58.13 -3.23 18.21
N LEU B 55 -58.55 -2.31 17.33
CA LEU B 55 -57.61 -1.77 16.34
C LEU B 55 -56.51 -0.96 17.01
N VAL B 56 -56.84 -0.22 18.07
CA VAL B 56 -55.81 0.53 18.78
C VAL B 56 -54.80 -0.41 19.42
N GLU B 57 -55.28 -1.52 20.00
CA GLU B 57 -54.36 -2.51 20.56
C GLU B 57 -53.45 -3.09 19.49
N ASP B 58 -54.00 -3.40 18.31
CA ASP B 58 -53.17 -3.91 17.22
C ASP B 58 -52.10 -2.89 16.83
N MET B 59 -52.50 -1.63 16.70
CA MET B 59 -51.54 -0.57 16.38
C MET B 59 -50.42 -0.51 17.40
N GLU B 60 -50.74 -0.61 18.70
CA GLU B 60 -49.70 -0.47 19.70
C GLU B 60 -48.77 -1.68 19.73
N ARG B 61 -49.31 -2.89 19.57
CA ARG B 61 -48.42 -4.04 19.53
C ARG B 61 -47.56 -4.08 18.27
N SER B 62 -47.96 -3.39 17.20
CA SER B 62 -47.06 -3.25 16.06
C SER B 62 -46.01 -2.17 16.29
N MET B 63 -46.40 -1.06 16.91
CA MET B 63 -45.46 0.02 17.13
C MET B 63 -44.38 -0.37 18.13
N LYS B 64 -44.70 -1.22 19.11
CA LYS B 64 -43.65 -1.71 20.00
C LYS B 64 -42.59 -2.51 19.23
N GLU B 65 -43.02 -3.36 18.30
CA GLU B 65 -42.05 -4.10 17.50
C GLU B 65 -41.19 -3.15 16.65
N GLN B 66 -41.83 -2.16 16.02
CA GLN B 66 -41.04 -1.25 15.19
C GLN B 66 -40.07 -0.42 16.02
N LEU B 67 -40.45 -0.04 17.25
CA LEU B 67 -39.52 0.68 18.10
C LEU B 67 -38.41 -0.22 18.61
N TYR B 68 -38.71 -1.52 18.76
CA TYR B 68 -37.66 -2.47 19.16
C TYR B 68 -36.62 -2.61 18.05
N ILE B 69 -37.07 -2.71 16.80
CA ILE B 69 -36.14 -2.91 15.70
C ILE B 69 -35.37 -1.63 15.38
N ILE B 70 -36.00 -0.47 15.52
CA ILE B 70 -35.39 0.79 15.06
C ILE B 70 -34.14 1.12 15.84
N LYS B 71 -34.05 0.69 17.09
CA LYS B 71 -32.90 1.04 17.93
C LYS B 71 -31.72 0.11 17.66
N THR C 2 -30.05 7.83 13.08
CA THR C 2 -30.83 9.04 12.89
C THR C 2 -31.73 9.32 14.08
N ASP C 3 -31.51 10.46 14.75
CA ASP C 3 -32.31 10.81 15.91
C ASP C 3 -33.64 11.46 15.53
N GLU C 4 -33.74 12.01 14.31
CA GLU C 4 -35.02 12.45 13.79
C GLU C 4 -36.04 11.32 13.79
N LEU C 5 -35.60 10.12 13.40
CA LEU C 5 -36.50 8.99 13.29
C LEU C 5 -36.96 8.50 14.66
N LEU C 6 -36.05 8.46 15.63
CA LEU C 6 -36.44 8.05 16.97
C LEU C 6 -37.30 9.12 17.66
N ARG C 7 -37.07 10.40 17.36
CA ARG C 7 -37.95 11.45 17.85
C ARG C 7 -39.37 11.27 17.30
N LEU C 8 -39.48 10.94 16.02
CA LEU C 8 -40.79 10.69 15.44
C LEU C 8 -41.45 9.48 16.09
N ALA C 9 -40.67 8.44 16.38
CA ALA C 9 -41.23 7.29 17.09
C ALA C 9 -41.74 7.68 18.47
N LYS C 10 -41.00 8.54 19.17
CA LYS C 10 -41.43 9.01 20.49
C LYS C 10 -42.75 9.78 20.41
N GLU C 11 -42.86 10.69 19.44
CA GLU C 11 -44.08 11.46 19.28
C GLU C 11 -45.26 10.56 18.92
N GLN C 12 -45.03 9.57 18.07
CA GLN C 12 -46.09 8.62 17.74
C GLN C 12 -46.56 7.87 18.98
N ALA C 13 -45.62 7.45 19.83
CA ALA C 13 -46.00 6.75 21.06
C ALA C 13 -46.85 7.64 21.97
N GLU C 14 -46.46 8.90 22.10
CA GLU C 14 -47.25 9.85 22.89
C GLU C 14 -48.68 9.96 22.35
N LEU C 15 -48.82 10.17 21.04
CA LEU C 15 -50.14 10.32 20.45
C LEU C 15 -50.97 9.04 20.62
N LEU C 16 -50.32 7.88 20.52
CA LEU C 16 -51.06 6.64 20.64
C LEU C 16 -51.58 6.42 22.04
N LYS C 17 -50.79 6.79 23.06
CA LYS C 17 -51.32 6.71 24.42
C LYS C 17 -52.48 7.67 24.63
N GLU C 18 -52.39 8.88 24.08
CA GLU C 18 -53.51 9.82 24.17
C GLU C 18 -54.78 9.22 23.55
N ILE C 19 -54.66 8.64 22.35
CA ILE C 19 -55.81 8.08 21.66
C ILE C 19 -56.39 6.90 22.43
N LYS C 20 -55.52 6.09 23.04
CA LYS C 20 -56.00 4.95 23.83
C LYS C 20 -56.82 5.41 25.03
N ILE C 21 -56.33 6.42 25.76
CA ILE C 21 -57.09 6.95 26.89
C ILE C 21 -58.43 7.50 26.44
N LEU C 22 -58.44 8.24 25.32
CA LEU C 22 -59.69 8.87 24.88
C LEU C 22 -60.70 7.82 24.43
N VAL C 23 -60.24 6.76 23.77
CA VAL C 23 -61.16 5.70 23.34
C VAL C 23 -61.75 5.00 24.57
N GLU C 24 -60.93 4.79 25.61
CA GLU C 24 -61.45 4.18 26.83
C GLU C 24 -62.54 5.04 27.48
N LEU C 25 -62.31 6.34 27.57
CA LEU C 25 -63.34 7.23 28.12
C LEU C 25 -64.60 7.22 27.27
N ILE C 26 -64.45 7.13 25.94
CA ILE C 26 -65.63 7.07 25.06
C ILE C 26 -66.42 5.81 25.32
N ALA C 27 -65.73 4.67 25.49
CA ALA C 27 -66.42 3.42 25.79
C ALA C 27 -67.21 3.52 27.10
N MET C 28 -66.58 4.07 28.14
CA MET C 28 -67.28 4.23 29.42
C MET C 28 -68.52 5.11 29.26
N LEU C 29 -68.39 6.23 28.55
CA LEU C 29 -69.52 7.13 28.37
C LEU C 29 -70.65 6.46 27.59
N VAL C 30 -70.30 5.63 26.61
CA VAL C 30 -71.33 4.91 25.85
C VAL C 30 -72.07 3.95 26.75
N LYS C 31 -71.37 3.24 27.65
CA LYS C 31 -72.05 2.34 28.57
C LYS C 31 -72.98 3.11 29.52
N VAL C 32 -72.52 4.24 30.03
CA VAL C 32 -73.36 5.06 30.91
C VAL C 32 -74.59 5.55 30.17
N ILE C 33 -74.45 5.90 28.89
CA ILE C 33 -75.59 6.39 28.12
C ILE C 33 -76.56 5.26 27.83
N GLN C 34 -76.05 4.07 27.50
CA GLN C 34 -76.90 2.89 27.36
C GLN C 34 -77.75 2.68 28.60
N LYS C 35 -77.13 2.76 29.78
CA LYS C 35 -77.85 2.37 30.99
C LYS C 35 -78.92 3.38 31.36
N ASP C 36 -78.66 4.68 31.15
CA ASP C 36 -79.62 5.73 31.50
C ASP C 36 -79.44 6.89 30.53
N PRO C 37 -80.21 6.92 29.45
CA PRO C 37 -79.99 7.91 28.38
C PRO C 37 -80.14 9.36 28.86
N SER C 38 -79.41 10.25 28.19
CA SER C 38 -79.47 11.67 28.44
C SER C 38 -78.94 12.40 27.20
N ASP C 39 -79.31 13.67 27.09
CA ASP C 39 -78.95 14.49 25.93
C ASP C 39 -77.62 15.22 26.12
N GLU C 40 -77.36 15.73 27.33
CA GLU C 40 -76.07 16.34 27.63
C GLU C 40 -74.95 15.31 27.53
N ALA C 41 -75.24 14.06 27.90
CA ALA C 41 -74.28 12.98 27.70
C ALA C 41 -73.96 12.80 26.22
N LEU C 42 -74.97 12.95 25.35
CA LEU C 42 -74.73 12.81 23.92
C LEU C 42 -73.91 13.98 23.37
N LYS C 43 -74.13 15.19 23.89
CA LYS C 43 -73.30 16.32 23.48
C LYS C 43 -71.85 16.12 23.91
N ALA C 44 -71.63 15.58 25.11
CA ALA C 44 -70.28 15.29 25.56
C ALA C 44 -69.63 14.19 24.73
N LEU C 45 -70.42 13.18 24.34
CA LEU C 45 -69.92 12.14 23.45
C LEU C 45 -69.49 12.70 22.11
N ALA C 46 -70.29 13.62 21.56
CA ALA C 46 -69.94 14.28 20.31
C ALA C 46 -68.62 15.02 20.44
N GLU C 47 -68.44 15.77 21.53
CA GLU C 47 -67.17 16.49 21.73
C GLU C 47 -65.99 15.53 21.81
N LEU C 48 -66.15 14.41 22.52
CA LEU C 48 -65.04 13.46 22.63
C LEU C 48 -64.70 12.85 21.28
N VAL C 49 -65.70 12.52 20.47
CA VAL C 49 -65.43 11.97 19.14
C VAL C 49 -64.73 13.00 18.27
N ARG C 50 -65.09 14.27 18.39
CA ARG C 50 -64.43 15.31 17.62
C ARG C 50 -62.94 15.41 17.95
N LYS C 51 -62.61 15.47 19.24
CA LYS C 51 -61.19 15.54 19.59
C LYS C 51 -60.46 14.26 19.22
N LEU C 52 -61.15 13.12 19.22
CA LEU C 52 -60.55 11.88 18.73
C LEU C 52 -60.17 11.99 17.26
N LYS C 53 -61.06 12.55 16.44
CA LYS C 53 -60.74 12.80 15.04
C LYS C 53 -59.50 13.67 14.89
N GLU C 54 -59.41 14.73 15.70
CA GLU C 54 -58.23 15.60 15.64
C GLU C 54 -56.95 14.82 15.96
N LEU C 55 -56.98 13.99 17.01
CA LEU C 55 -55.78 13.23 17.36
C LEU C 55 -55.40 12.26 16.26
N VAL C 56 -56.39 11.64 15.62
CA VAL C 56 -56.09 10.72 14.52
C VAL C 56 -55.40 11.45 13.38
N GLU C 57 -55.87 12.67 13.06
CA GLU C 57 -55.23 13.47 12.02
C GLU C 57 -53.78 13.77 12.38
N ASP C 58 -53.52 14.12 13.65
CA ASP C 58 -52.16 14.41 14.08
C ASP C 58 -51.25 13.19 13.90
N MET C 59 -51.73 12.03 14.34
CA MET C 59 -50.95 10.80 14.17
C MET C 59 -50.66 10.55 12.69
N GLU C 60 -51.65 10.80 11.83
CA GLU C 60 -51.46 10.61 10.39
C GLU C 60 -50.33 11.50 9.86
N ARG C 61 -50.38 12.78 10.20
CA ARG C 61 -49.35 13.69 9.67
C ARG C 61 -47.99 13.45 10.28
N SER C 62 -47.90 12.76 11.43
CA SER C 62 -46.59 12.37 11.92
C SER C 62 -46.05 11.14 11.19
N MET C 63 -46.91 10.14 10.97
CA MET C 63 -46.44 8.94 10.30
C MET C 63 -46.09 9.18 8.84
N LYS C 64 -46.73 10.15 8.19
CA LYS C 64 -46.32 10.48 6.82
C LYS C 64 -44.87 10.96 6.79
N GLU C 65 -44.49 11.85 7.71
CA GLU C 65 -43.10 12.31 7.77
C GLU C 65 -42.15 11.16 8.09
N GLN C 66 -42.52 10.28 9.03
CA GLN C 66 -41.61 9.19 9.32
C GLN C 66 -41.40 8.28 8.12
N LEU C 67 -42.48 7.94 7.40
CA LEU C 67 -42.35 7.10 6.22
C LEU C 67 -41.55 7.83 5.14
N TYR C 68 -41.73 9.14 5.02
CA TYR C 68 -40.92 9.95 4.11
C TYR C 68 -39.44 9.78 4.40
N ILE C 69 -39.07 9.87 5.68
CA ILE C 69 -37.65 9.83 6.02
C ILE C 69 -37.08 8.42 5.85
N ILE C 70 -37.85 7.38 6.18
CA ILE C 70 -37.29 6.02 6.06
C ILE C 70 -37.08 5.66 4.60
N LYS C 71 -38.11 5.81 3.76
CA LYS C 71 -38.01 5.43 2.36
C LYS C 71 -37.23 6.46 1.55
N THR D 2 10.03 31.81 4.73
CA THR D 2 11.13 32.44 4.00
C THR D 2 11.78 33.53 4.84
N ASP D 3 13.11 33.55 4.82
CA ASP D 3 13.88 34.52 5.59
C ASP D 3 14.03 35.85 4.87
N GLU D 4 14.06 35.84 3.53
CA GLU D 4 14.17 37.07 2.77
C GLU D 4 13.01 38.01 3.07
N LEU D 5 11.81 37.45 3.22
CA LEU D 5 10.61 38.25 3.49
C LEU D 5 10.73 38.97 4.83
N LEU D 6 11.13 38.24 5.87
CA LEU D 6 11.20 38.84 7.20
C LEU D 6 12.38 39.82 7.30
N ARG D 7 13.47 39.55 6.58
CA ARG D 7 14.56 40.51 6.52
C ARG D 7 14.12 41.81 5.84
N LEU D 8 13.34 41.69 4.76
CA LEU D 8 12.82 42.89 4.10
C LEU D 8 11.88 43.66 5.02
N ALA D 9 11.07 42.94 5.80
CA ALA D 9 10.23 43.62 6.79
C ALA D 9 11.07 44.35 7.82
N LYS D 10 12.18 43.73 8.26
CA LYS D 10 13.11 44.38 9.17
C LYS D 10 13.63 45.70 8.60
N GLU D 11 14.11 45.65 7.36
CA GLU D 11 14.66 46.85 6.72
C GLU D 11 13.59 47.93 6.58
N GLN D 12 12.37 47.53 6.23
CA GLN D 12 11.27 48.49 6.12
C GLN D 12 10.99 49.17 7.45
N ALA D 13 10.98 48.40 8.55
CA ALA D 13 10.72 48.98 9.86
C ALA D 13 11.82 49.96 10.25
N GLU D 14 13.08 49.61 9.97
CA GLU D 14 14.18 50.52 10.27
C GLU D 14 14.02 51.85 9.51
N LEU D 15 13.75 51.77 8.21
CA LEU D 15 13.57 52.99 7.42
C LEU D 15 12.39 53.81 7.93
N LEU D 16 11.32 53.14 8.35
CA LEU D 16 10.14 53.88 8.79
C LEU D 16 10.41 54.63 10.09
N LYS D 17 11.18 54.02 11.00
CA LYS D 17 11.55 54.74 12.21
C LYS D 17 12.44 55.93 11.90
N GLU D 18 13.39 55.77 10.96
CA GLU D 18 14.19 56.93 10.55
C GLU D 18 13.30 58.05 10.01
N ILE D 19 12.34 57.72 9.16
CA ILE D 19 11.46 58.72 8.57
C ILE D 19 10.64 59.43 9.64
N LYS D 20 10.13 58.69 10.63
CA LYS D 20 9.33 59.26 11.73
C LYS D 20 10.11 60.18 12.64
N ILE D 21 11.36 59.87 12.88
CA ILE D 21 12.22 60.78 13.63
C ILE D 21 12.48 62.06 12.83
N LEU D 22 12.75 61.91 11.54
CA LEU D 22 13.07 63.07 10.72
C LEU D 22 11.86 63.99 10.57
N VAL D 23 10.66 63.42 10.47
CA VAL D 23 9.45 64.25 10.41
C VAL D 23 9.24 65.00 11.72
N GLU D 24 9.54 64.36 12.86
CA GLU D 24 9.45 65.07 14.14
C GLU D 24 10.38 66.28 14.16
N LEU D 25 11.62 66.09 13.73
CA LEU D 25 12.57 67.21 13.72
C LEU D 25 12.14 68.31 12.76
N ILE D 26 11.55 67.95 11.61
CA ILE D 26 11.07 68.96 10.68
C ILE D 26 9.94 69.77 11.29
N ALA D 27 9.00 69.10 11.97
CA ALA D 27 7.92 69.82 12.63
C ALA D 27 8.44 70.80 13.68
N MET D 28 9.41 70.35 14.48
CA MET D 28 10.00 71.23 15.50
C MET D 28 10.66 72.44 14.86
N LEU D 29 11.41 72.22 13.78
CA LEU D 29 12.11 73.33 13.13
C LEU D 29 11.12 74.31 12.51
N VAL D 30 10.00 73.81 11.98
CA VAL D 30 8.98 74.70 11.43
C VAL D 30 8.38 75.57 12.53
N LYS D 31 8.12 75.01 13.71
CA LYS D 31 7.63 75.84 14.82
C LYS D 31 8.63 76.92 15.20
N VAL D 32 9.91 76.53 15.34
CA VAL D 32 10.95 77.50 15.68
C VAL D 32 11.03 78.61 14.64
N ILE D 33 10.86 78.27 13.36
CA ILE D 33 10.90 79.27 12.30
C ILE D 33 9.67 80.19 12.37
N GLN D 34 8.50 79.61 12.65
CA GLN D 34 7.31 80.43 12.81
C GLN D 34 7.50 81.49 13.88
N LYS D 35 7.98 81.10 15.05
CA LYS D 35 8.02 82.07 16.16
C LYS D 35 9.09 83.14 15.95
N ASP D 36 10.19 82.83 15.28
CA ASP D 36 11.11 83.87 14.82
C ASP D 36 11.89 83.39 13.60
N PRO D 37 11.74 84.07 12.46
CA PRO D 37 12.27 83.52 11.21
C PRO D 37 13.74 83.84 10.98
N SER D 38 14.42 82.93 10.28
CA SER D 38 15.82 83.08 9.92
C SER D 38 16.07 82.38 8.60
N ASP D 39 17.18 82.73 7.95
CA ASP D 39 17.51 82.15 6.65
C ASP D 39 18.31 80.85 6.77
N GLU D 40 19.23 80.77 7.74
CA GLU D 40 19.93 79.52 8.00
C GLU D 40 18.97 78.43 8.45
N ALA D 41 17.92 78.81 9.20
CA ALA D 41 16.89 77.86 9.54
C ALA D 41 16.21 77.29 8.31
N LEU D 42 15.96 78.14 7.31
CA LEU D 42 15.32 77.68 6.08
C LEU D 42 16.26 76.79 5.26
N LYS D 43 17.56 77.10 5.26
CA LYS D 43 18.52 76.22 4.60
C LYS D 43 18.57 74.85 5.27
N ALA D 44 18.54 74.83 6.60
CA ALA D 44 18.54 73.56 7.32
C ALA D 44 17.25 72.77 7.06
N LEU D 45 16.12 73.48 6.98
CA LEU D 45 14.86 72.82 6.64
C LEU D 45 14.91 72.22 5.25
N ALA D 46 15.53 72.93 4.30
CA ALA D 46 15.71 72.39 2.96
C ALA D 46 16.53 71.10 2.98
N GLU D 47 17.64 71.11 3.73
CA GLU D 47 18.44 69.89 3.83
C GLU D 47 17.66 68.74 4.44
N LEU D 48 16.85 69.03 5.47
CA LEU D 48 16.07 67.97 6.10
C LEU D 48 15.05 67.39 5.13
N VAL D 49 14.39 68.24 4.34
CA VAL D 49 13.40 67.76 3.38
C VAL D 49 14.07 66.92 2.29
N ARG D 50 15.28 67.31 1.87
CA ARG D 50 16.01 66.50 0.90
C ARG D 50 16.34 65.13 1.44
N LYS D 51 16.80 65.06 2.70
CA LYS D 51 17.03 63.77 3.34
C LYS D 51 15.75 62.94 3.40
N LEU D 52 14.61 63.60 3.67
CA LEU D 52 13.34 62.88 3.73
C LEU D 52 12.98 62.27 2.38
N LYS D 53 13.20 63.02 1.29
CA LYS D 53 12.95 62.48 -0.04
C LYS D 53 13.81 61.24 -0.30
N GLU D 54 15.10 61.32 0.04
CA GLU D 54 15.96 60.15 -0.15
C GLU D 54 15.46 58.95 0.65
N LEU D 55 15.03 59.17 1.89
CA LEU D 55 14.52 58.07 2.71
C LEU D 55 13.26 57.45 2.12
N VAL D 56 12.37 58.28 1.59
CA VAL D 56 11.15 57.76 0.97
C VAL D 56 11.50 56.90 -0.24
N GLU D 57 12.47 57.35 -1.04
CA GLU D 57 12.90 56.53 -2.18
C GLU D 57 13.47 55.19 -1.73
N ASP D 58 14.25 55.19 -0.65
CA ASP D 58 14.77 53.92 -0.13
C ASP D 58 13.64 52.99 0.28
N MET D 59 12.63 53.54 0.97
CA MET D 59 11.45 52.76 1.34
C MET D 59 10.79 52.14 0.11
N GLU D 60 10.64 52.92 -0.96
CA GLU D 60 10.05 52.41 -2.18
C GLU D 60 10.85 51.25 -2.73
N ARG D 61 12.17 51.42 -2.83
CA ARG D 61 13.02 50.39 -3.41
C ARG D 61 13.01 49.11 -2.59
N SER D 62 12.77 49.21 -1.29
CA SER D 62 12.67 47.99 -0.49
C SER D 62 11.32 47.30 -0.63
N MET D 63 10.23 48.08 -0.64
CA MET D 63 8.93 47.41 -0.72
C MET D 63 8.66 46.88 -2.14
N LYS D 64 9.32 47.42 -3.16
CA LYS D 64 9.30 46.76 -4.47
C LYS D 64 9.81 45.32 -4.37
N GLU D 65 10.99 45.13 -3.75
CA GLU D 65 11.51 43.78 -3.59
C GLU D 65 10.56 42.90 -2.77
N GLN D 66 9.99 43.47 -1.71
CA GLN D 66 9.09 42.66 -0.88
C GLN D 66 7.85 42.23 -1.66
N LEU D 67 7.23 43.15 -2.40
CA LEU D 67 6.07 42.80 -3.21
C LEU D 67 6.44 41.77 -4.28
N TYR D 68 7.61 41.94 -4.90
CA TYR D 68 8.04 40.97 -5.91
C TYR D 68 8.17 39.57 -5.31
N ILE D 69 8.72 39.46 -4.10
CA ILE D 69 8.88 38.14 -3.49
C ILE D 69 7.53 37.57 -3.08
N ILE D 70 6.62 38.39 -2.55
CA ILE D 70 5.35 37.86 -2.07
C ILE D 70 4.54 37.26 -3.22
N LYS D 71 4.38 38.01 -4.31
CA LYS D 71 3.52 37.57 -5.40
C LYS D 71 4.15 36.40 -6.15
N MET E 3 -41.24 -55.14 -31.94
CA MET E 3 -40.48 -55.72 -30.85
C MET E 3 -40.31 -57.23 -31.10
N GLU E 4 -39.55 -57.90 -30.24
CA GLU E 4 -39.23 -59.31 -30.47
C GLU E 4 -40.46 -60.17 -30.60
N GLU E 5 -41.49 -59.91 -29.79
CA GLU E 5 -42.64 -60.80 -29.74
C GLU E 5 -43.52 -60.65 -30.96
N LEU E 6 -43.73 -59.42 -31.44
CA LEU E 6 -44.55 -59.22 -32.62
C LEU E 6 -43.90 -59.81 -33.87
N PHE E 7 -42.59 -59.60 -34.02
CA PHE E 7 -41.86 -60.22 -35.13
C PHE E 7 -41.91 -61.74 -35.05
N LYS E 8 -41.75 -62.29 -33.85
CA LYS E 8 -41.81 -63.73 -33.69
C LYS E 8 -43.20 -64.28 -34.02
N LYS E 9 -44.24 -63.51 -33.71
CA LYS E 9 -45.61 -63.97 -33.90
C LYS E 9 -46.06 -63.89 -35.35
N HIS E 10 -45.85 -62.73 -35.99
CA HIS E 10 -46.38 -62.51 -37.33
C HIS E 10 -45.45 -62.98 -38.43
N LYS E 11 -44.13 -62.88 -38.23
CA LYS E 11 -43.10 -63.49 -39.07
C LYS E 11 -42.99 -62.87 -40.46
N ILE E 12 -43.69 -61.79 -40.75
CA ILE E 12 -43.57 -61.15 -42.05
C ILE E 12 -43.86 -59.67 -41.90
N VAL E 13 -43.01 -58.84 -42.49
CA VAL E 13 -43.20 -57.39 -42.53
C VAL E 13 -43.32 -57.00 -43.99
N ALA E 14 -44.32 -56.17 -44.28
CA ALA E 14 -44.54 -55.71 -45.65
C ALA E 14 -43.86 -54.36 -45.81
N VAL E 15 -42.77 -54.32 -46.56
CA VAL E 15 -42.07 -53.08 -46.85
C VAL E 15 -42.75 -52.44 -48.06
N LEU E 16 -43.27 -51.23 -47.88
CA LEU E 16 -44.16 -50.62 -48.84
C LEU E 16 -43.47 -49.41 -49.47
N ARG E 17 -43.17 -49.53 -50.76
CA ARG E 17 -42.65 -48.47 -51.61
C ARG E 17 -43.74 -48.09 -52.59
N ALA E 18 -44.07 -46.80 -52.64
CA ALA E 18 -45.08 -46.32 -53.58
C ALA E 18 -44.59 -45.03 -54.21
N ASN E 19 -45.33 -44.56 -55.21
CA ASN E 19 -45.05 -43.28 -55.85
C ASN E 19 -46.06 -42.21 -55.46
N ASP E 20 -47.05 -42.56 -54.63
CA ASP E 20 -48.09 -41.65 -54.18
C ASP E 20 -48.44 -42.01 -52.75
N ALA E 21 -49.17 -41.12 -52.08
CA ALA E 21 -49.69 -41.43 -50.76
C ALA E 21 -50.98 -42.24 -50.84
N GLN E 22 -51.82 -41.99 -51.85
CA GLN E 22 -53.05 -42.75 -51.97
C GLN E 22 -52.78 -44.20 -52.34
N GLU E 23 -51.81 -44.43 -53.24
CA GLU E 23 -51.44 -45.80 -53.58
C GLU E 23 -50.86 -46.52 -52.37
N ALA E 24 -50.05 -45.81 -51.57
CA ALA E 24 -49.53 -46.38 -50.34
C ALA E 24 -50.65 -46.78 -49.40
N ARG E 25 -51.66 -45.92 -49.25
CA ARG E 25 -52.78 -46.25 -48.35
C ARG E 25 -53.58 -47.44 -48.86
N GLU E 26 -53.85 -47.46 -50.17
CA GLU E 26 -54.53 -48.60 -50.78
C GLU E 26 -53.78 -49.90 -50.53
N LYS E 27 -52.46 -49.90 -50.74
CA LYS E 27 -51.69 -51.13 -50.61
C LYS E 27 -51.54 -51.53 -49.15
N ALA E 28 -51.41 -50.57 -48.24
CA ALA E 28 -51.35 -50.92 -46.83
C ALA E 28 -52.64 -51.59 -46.39
N LEU E 29 -53.79 -51.06 -46.81
CA LEU E 29 -55.07 -51.70 -46.47
C LEU E 29 -55.17 -53.09 -47.10
N ALA E 30 -54.76 -53.22 -48.36
CA ALA E 30 -54.84 -54.52 -49.02
C ALA E 30 -53.94 -55.55 -48.36
N VAL E 31 -52.75 -55.13 -47.91
CA VAL E 31 -51.85 -56.04 -47.21
C VAL E 31 -52.44 -56.45 -45.87
N PHE E 32 -53.05 -55.50 -45.14
CA PHE E 32 -53.68 -55.87 -43.89
C PHE E 32 -54.85 -56.82 -44.10
N GLU E 33 -55.56 -56.72 -45.22
CA GLU E 33 -56.64 -57.65 -45.49
C GLU E 33 -56.12 -59.06 -45.74
N GLY E 34 -54.89 -59.19 -46.28
CA GLY E 34 -54.33 -60.51 -46.54
C GLY E 34 -53.86 -61.24 -45.31
N GLY E 35 -53.74 -60.56 -44.18
CA GLY E 35 -53.29 -61.17 -42.96
C GLY E 35 -51.90 -60.78 -42.50
N VAL E 36 -51.36 -59.69 -43.02
CA VAL E 36 -50.04 -59.19 -42.64
C VAL E 36 -50.25 -57.99 -41.73
N HIS E 37 -49.92 -58.14 -40.45
CA HIS E 37 -50.19 -57.12 -39.45
C HIS E 37 -48.99 -56.25 -39.13
N LEU E 38 -47.87 -56.41 -39.85
CA LEU E 38 -46.70 -55.56 -39.70
C LEU E 38 -46.41 -54.91 -41.04
N ILE E 39 -46.59 -53.58 -41.12
CA ILE E 39 -46.38 -52.84 -42.35
C ILE E 39 -45.37 -51.74 -42.08
N GLU E 40 -44.49 -51.49 -43.05
CA GLU E 40 -43.47 -50.47 -42.95
C GLU E 40 -43.54 -49.59 -44.18
N ILE E 41 -43.93 -48.34 -43.98
CA ILE E 41 -44.00 -47.36 -45.07
C ILE E 41 -42.59 -46.80 -45.23
N THR E 42 -42.03 -46.90 -46.43
CA THR E 42 -40.70 -46.36 -46.64
C THR E 42 -40.77 -44.86 -46.86
N PHE E 43 -39.73 -44.15 -46.42
CA PHE E 43 -39.67 -42.71 -46.60
C PHE E 43 -39.28 -42.27 -48.00
N THR E 44 -39.20 -43.20 -48.95
CA THR E 44 -39.13 -42.79 -50.34
C THR E 44 -40.51 -42.43 -50.88
N VAL E 45 -41.56 -42.90 -50.22
CA VAL E 45 -42.93 -42.54 -50.62
C VAL E 45 -43.16 -41.06 -50.38
N PRO E 46 -43.74 -40.32 -51.33
CA PRO E 46 -44.05 -38.91 -51.09
C PRO E 46 -45.07 -38.75 -49.96
N ASN E 47 -44.76 -37.85 -49.02
CA ASN E 47 -45.62 -37.55 -47.88
C ASN E 47 -45.91 -38.81 -47.07
N ALA E 48 -44.83 -39.40 -46.55
CA ALA E 48 -44.93 -40.69 -45.88
C ALA E 48 -45.40 -40.55 -44.45
N ALA E 49 -44.98 -39.49 -43.76
CA ALA E 49 -45.47 -39.28 -42.39
C ALA E 49 -46.97 -39.06 -42.38
N ALA E 50 -47.50 -38.40 -43.41
CA ALA E 50 -48.95 -38.27 -43.55
C ALA E 50 -49.62 -39.62 -43.73
N VAL E 51 -49.00 -40.51 -44.50
CA VAL E 51 -49.57 -41.85 -44.69
C VAL E 51 -49.59 -42.61 -43.38
N ILE E 52 -48.50 -42.51 -42.60
CA ILE E 52 -48.47 -43.16 -41.29
C ILE E 52 -49.54 -42.57 -40.37
N LEU E 53 -49.77 -41.26 -40.47
CA LEU E 53 -50.77 -40.61 -39.63
C LEU E 53 -52.18 -41.04 -40.00
N LEU E 54 -52.47 -41.15 -41.29
CA LEU E 54 -53.82 -41.44 -41.75
C LEU E 54 -54.14 -42.93 -41.77
N LEU E 55 -53.20 -43.80 -41.40
CA LEU E 55 -53.49 -45.22 -41.24
C LEU E 55 -53.70 -45.60 -39.78
N SER E 56 -54.09 -44.63 -38.95
CA SER E 56 -54.40 -44.92 -37.56
C SER E 56 -55.67 -45.73 -37.38
N PHE E 57 -56.52 -45.80 -38.42
CA PHE E 57 -57.73 -46.61 -38.32
C PHE E 57 -57.41 -48.10 -38.39
N LEU E 58 -56.32 -48.48 -39.07
CA LEU E 58 -55.84 -49.85 -39.04
C LEU E 58 -55.18 -50.20 -37.72
N LYS E 59 -54.75 -49.20 -36.97
CA LYS E 59 -54.03 -49.44 -35.73
C LYS E 59 -54.89 -50.14 -34.68
N GLU E 60 -56.21 -49.91 -34.70
CA GLU E 60 -57.09 -50.57 -33.76
C GLU E 60 -57.64 -51.89 -34.30
N LYS E 61 -57.61 -52.09 -35.61
CA LYS E 61 -57.91 -53.41 -36.16
C LYS E 61 -56.83 -54.42 -35.81
N GLY E 62 -55.63 -53.98 -35.46
CA GLY E 62 -54.57 -54.86 -35.03
C GLY E 62 -53.24 -54.67 -35.75
N ALA E 63 -53.18 -53.72 -36.68
CA ALA E 63 -51.97 -53.50 -37.45
C ALA E 63 -50.90 -52.81 -36.62
N ILE E 64 -49.65 -53.08 -36.97
CA ILE E 64 -48.49 -52.35 -36.47
C ILE E 64 -47.85 -51.66 -37.67
N ILE E 65 -47.68 -50.35 -37.58
CA ILE E 65 -47.16 -49.53 -38.66
C ILE E 65 -45.83 -48.95 -38.24
N GLY E 66 -44.87 -48.95 -39.16
CA GLY E 66 -43.55 -48.41 -38.90
C GLY E 66 -43.01 -47.67 -40.10
N ALA E 67 -41.85 -47.04 -39.90
CA ALA E 67 -41.20 -46.23 -40.91
C ALA E 67 -39.88 -46.87 -41.32
N GLY E 68 -39.62 -46.86 -42.63
CA GLY E 68 -38.40 -47.41 -43.18
C GLY E 68 -37.60 -46.36 -43.93
N THR E 69 -36.39 -46.74 -44.31
CA THR E 69 -35.46 -45.89 -45.06
C THR E 69 -35.17 -44.59 -44.31
N VAL E 70 -35.14 -44.67 -42.97
CA VAL E 70 -34.78 -43.50 -42.18
C VAL E 70 -33.26 -43.34 -42.19
N THR E 71 -32.80 -42.17 -42.60
CA THR E 71 -31.37 -41.87 -42.68
C THR E 71 -31.01 -40.61 -41.93
N SER E 72 -31.91 -40.09 -41.10
CA SER E 72 -31.68 -38.86 -40.36
C SER E 72 -32.38 -38.95 -39.02
N GLU E 73 -32.00 -38.06 -38.11
CA GLU E 73 -32.68 -38.00 -36.81
C GLU E 73 -33.97 -37.19 -36.90
N GLU E 74 -34.01 -36.21 -37.79
CA GLU E 74 -35.25 -35.47 -38.03
C GLU E 74 -36.32 -36.36 -38.63
N GLN E 75 -35.93 -37.29 -39.50
CA GLN E 75 -36.89 -38.25 -40.05
C GLN E 75 -37.44 -39.15 -38.95
N CYS E 76 -36.59 -39.56 -38.01
CA CYS E 76 -37.06 -40.37 -36.89
C CYS E 76 -38.02 -39.57 -36.01
N ALA E 77 -37.71 -38.30 -35.76
CA ALA E 77 -38.62 -37.45 -35.00
C ALA E 77 -39.97 -37.32 -35.70
N LEU E 78 -39.95 -37.08 -37.01
CA LEU E 78 -41.17 -36.93 -37.78
C LEU E 78 -42.00 -38.22 -37.77
N ALA E 79 -41.33 -39.36 -37.87
CA ALA E 79 -42.04 -40.64 -37.93
C ALA E 79 -42.61 -41.02 -36.58
N VAL E 80 -41.91 -40.66 -35.49
CA VAL E 80 -42.45 -40.94 -34.16
C VAL E 80 -43.59 -40.00 -33.84
N LEU E 81 -43.52 -38.74 -34.31
CA LEU E 81 -44.65 -37.83 -34.15
C LEU E 81 -45.87 -38.34 -34.90
N SER E 82 -45.68 -38.81 -36.13
CA SER E 82 -46.80 -39.27 -36.93
C SER E 82 -47.43 -40.55 -36.41
N GLY E 83 -46.77 -41.30 -35.53
CA GLY E 83 -47.38 -42.46 -34.93
C GLY E 83 -46.73 -43.79 -35.24
N ALA E 84 -45.49 -43.79 -35.73
CA ALA E 84 -44.82 -45.03 -36.08
C ALA E 84 -44.43 -45.81 -34.84
N GLU E 85 -44.62 -47.13 -34.91
CA GLU E 85 -44.27 -48.02 -33.81
C GLU E 85 -42.80 -48.43 -33.81
N PHE E 86 -42.17 -48.52 -34.98
CA PHE E 86 -40.77 -48.91 -35.06
C PHE E 86 -40.10 -48.17 -36.21
N ILE E 87 -38.77 -48.05 -36.11
CA ILE E 87 -37.96 -47.35 -37.09
C ILE E 87 -36.98 -48.36 -37.69
N VAL E 88 -36.76 -48.25 -39.01
CA VAL E 88 -35.88 -49.16 -39.73
C VAL E 88 -34.95 -48.33 -40.60
N SER E 89 -33.72 -48.84 -40.79
CA SER E 89 -32.70 -48.20 -41.60
C SER E 89 -32.02 -49.26 -42.47
N PRO E 90 -31.65 -48.93 -43.71
CA PRO E 90 -30.86 -49.88 -44.52
C PRO E 90 -29.40 -49.90 -44.13
N HIS E 91 -28.98 -49.01 -43.24
CA HIS E 91 -27.60 -48.86 -42.81
C HIS E 91 -27.57 -48.85 -41.29
N LEU E 92 -26.36 -48.82 -40.74
CA LEU E 92 -26.16 -48.60 -39.32
C LEU E 92 -25.69 -47.17 -39.10
N ASP E 93 -26.42 -46.44 -38.26
CA ASP E 93 -26.02 -45.09 -37.91
C ASP E 93 -25.90 -45.00 -36.40
N GLU E 94 -24.77 -44.49 -35.93
CA GLU E 94 -24.54 -44.42 -34.49
C GLU E 94 -25.43 -43.38 -33.84
N GLU E 95 -25.57 -42.20 -34.47
CA GLU E 95 -26.29 -41.11 -33.84
C GLU E 95 -27.79 -41.36 -33.80
N ILE E 96 -28.36 -41.92 -34.87
CA ILE E 96 -29.77 -42.26 -34.85
C ILE E 96 -30.06 -43.25 -33.73
N SER E 97 -29.16 -44.21 -33.53
CA SER E 97 -29.34 -45.19 -32.45
C SER E 97 -29.23 -44.53 -31.09
N GLN E 98 -28.21 -43.70 -30.90
CA GLN E 98 -28.02 -43.01 -29.61
C GLN E 98 -29.23 -42.18 -29.25
N PHE E 99 -29.80 -41.46 -30.21
CA PHE E 99 -30.90 -40.56 -29.94
C PHE E 99 -32.27 -41.21 -30.05
N CYS E 100 -32.36 -42.47 -30.41
CA CYS E 100 -33.62 -43.22 -30.45
C CYS E 100 -33.67 -44.11 -29.26
N LYS E 101 -32.51 -44.37 -28.67
CA LYS E 101 -32.48 -45.15 -27.44
C LYS E 101 -33.01 -44.35 -26.26
N GLU E 102 -32.69 -43.07 -26.20
CA GLU E 102 -33.14 -42.21 -25.12
C GLU E 102 -34.60 -41.80 -25.26
N LYS E 103 -35.22 -42.07 -26.40
CA LYS E 103 -36.63 -41.77 -26.62
C LYS E 103 -37.53 -42.98 -26.39
N GLY E 104 -36.96 -44.18 -26.31
CA GLY E 104 -37.74 -45.37 -26.06
C GLY E 104 -38.41 -45.98 -27.28
N VAL E 105 -37.94 -45.65 -28.48
CA VAL E 105 -38.52 -46.18 -29.71
C VAL E 105 -37.68 -47.37 -30.17
N PHE E 106 -38.34 -48.33 -30.83
CA PHE E 106 -37.66 -49.52 -31.32
C PHE E 106 -36.98 -49.22 -32.65
N TYR E 107 -35.66 -49.38 -32.68
CA TYR E 107 -34.83 -49.14 -33.85
C TYR E 107 -34.24 -50.46 -34.33
N MET E 108 -34.39 -50.74 -35.63
CA MET E 108 -33.80 -51.93 -36.24
C MET E 108 -32.88 -51.53 -37.38
N PRO E 109 -31.57 -51.38 -37.14
CA PRO E 109 -30.66 -50.97 -38.21
C PRO E 109 -30.31 -52.13 -39.12
N GLY E 110 -29.67 -51.80 -40.23
CA GLY E 110 -29.31 -52.76 -41.26
C GLY E 110 -27.81 -52.99 -41.27
N VAL E 111 -27.42 -54.26 -41.33
CA VAL E 111 -26.02 -54.66 -41.34
C VAL E 111 -25.80 -55.57 -42.54
N MET E 112 -24.54 -55.70 -42.94
CA MET E 112 -24.17 -56.60 -44.01
C MET E 112 -22.89 -57.37 -43.74
N THR E 113 -22.00 -56.86 -42.88
CA THR E 113 -20.75 -57.48 -42.49
C THR E 113 -20.71 -57.73 -40.99
N PRO E 114 -19.82 -58.62 -40.51
CA PRO E 114 -19.73 -58.84 -39.06
C PRO E 114 -19.16 -57.67 -38.27
N THR E 115 -18.39 -56.77 -38.88
CA THR E 115 -17.91 -55.61 -38.16
C THR E 115 -19.05 -54.65 -37.84
N GLU E 116 -19.91 -54.37 -38.83
CA GLU E 116 -21.13 -53.61 -38.61
C GLU E 116 -22.02 -54.29 -37.58
N LEU E 117 -22.07 -55.62 -37.62
CA LEU E 117 -22.89 -56.37 -36.68
C LEU E 117 -22.40 -56.19 -35.25
N VAL E 118 -21.10 -56.31 -35.04
CA VAL E 118 -20.54 -56.15 -33.71
C VAL E 118 -20.72 -54.71 -33.23
N LYS E 119 -20.64 -53.74 -34.13
CA LYS E 119 -20.85 -52.35 -33.72
C LYS E 119 -22.29 -52.10 -33.31
N ALA E 120 -23.24 -52.68 -34.05
CA ALA E 120 -24.65 -52.59 -33.66
C ALA E 120 -24.90 -53.26 -32.30
N MET E 121 -24.30 -54.43 -32.08
CA MET E 121 -24.39 -55.09 -30.79
C MET E 121 -23.81 -54.23 -29.67
N LYS E 122 -22.68 -53.59 -29.93
CA LYS E 122 -22.07 -52.70 -28.95
C LYS E 122 -22.95 -51.49 -28.67
N LEU E 123 -23.81 -51.11 -29.61
CA LEU E 123 -24.79 -50.07 -29.36
C LEU E 123 -26.06 -50.60 -28.72
N GLY E 124 -26.15 -51.91 -28.50
CA GLY E 124 -27.23 -52.49 -27.76
C GLY E 124 -28.30 -53.20 -28.57
N HIS E 125 -28.03 -53.52 -29.82
CA HIS E 125 -29.04 -54.07 -30.71
C HIS E 125 -28.92 -55.58 -30.78
N THR E 126 -30.05 -56.25 -30.83
CA THR E 126 -30.12 -57.71 -30.88
C THR E 126 -30.85 -58.22 -32.10
N ILE E 127 -31.87 -57.49 -32.55
CA ILE E 127 -32.57 -57.81 -33.79
C ILE E 127 -32.05 -56.87 -34.86
N LEU E 128 -31.45 -57.45 -35.90
CA LEU E 128 -30.88 -56.66 -36.97
C LEU E 128 -31.64 -56.91 -38.26
N LYS E 129 -31.52 -55.95 -39.17
CA LYS E 129 -32.00 -56.08 -40.53
C LYS E 129 -30.85 -56.52 -41.42
N LEU E 130 -31.09 -57.56 -42.22
CA LEU E 130 -30.07 -58.11 -43.11
C LEU E 130 -30.38 -57.62 -44.51
N PHE E 131 -29.60 -56.65 -44.99
CA PHE E 131 -29.85 -56.01 -46.27
C PHE E 131 -28.54 -55.69 -46.96
N PRO E 132 -28.42 -55.98 -48.26
CA PRO E 132 -29.38 -56.78 -49.05
C PRO E 132 -29.25 -58.27 -48.82
N GLY E 133 -30.37 -58.93 -48.54
CA GLY E 133 -30.34 -60.35 -48.20
C GLY E 133 -30.10 -61.27 -49.38
N GLU E 134 -30.29 -60.79 -50.61
CA GLU E 134 -30.03 -61.61 -51.77
C GLU E 134 -28.55 -61.65 -52.14
N VAL E 135 -27.77 -60.69 -51.64
CA VAL E 135 -26.34 -60.69 -51.92
C VAL E 135 -25.62 -61.68 -51.00
N VAL E 136 -25.99 -61.72 -49.73
CA VAL E 136 -25.33 -62.59 -48.77
C VAL E 136 -25.97 -63.97 -48.69
N GLY E 137 -27.30 -64.05 -48.69
CA GLY E 137 -27.99 -65.32 -48.64
C GLY E 137 -28.15 -65.86 -47.24
N PRO E 138 -28.90 -66.95 -47.10
CA PRO E 138 -29.06 -67.56 -45.76
C PRO E 138 -27.81 -68.23 -45.23
N GLN E 139 -26.79 -68.43 -46.07
CA GLN E 139 -25.51 -68.90 -45.58
C GLN E 139 -24.88 -67.90 -44.62
N PHE E 140 -25.14 -66.61 -44.81
CA PHE E 140 -24.65 -65.61 -43.87
C PHE E 140 -25.29 -65.79 -42.50
N VAL E 141 -26.59 -66.09 -42.46
CA VAL E 141 -27.27 -66.31 -41.19
C VAL E 141 -26.77 -67.59 -40.53
N LYS E 142 -26.53 -68.64 -41.32
CA LYS E 142 -25.96 -69.86 -40.76
C LYS E 142 -24.57 -69.61 -40.18
N ALA E 143 -23.74 -68.85 -40.89
CA ALA E 143 -22.38 -68.62 -40.43
C ALA E 143 -22.32 -67.69 -39.22
N MET E 144 -23.29 -66.80 -39.07
CA MET E 144 -23.28 -65.92 -37.91
C MET E 144 -23.75 -66.61 -36.63
N LYS E 145 -24.30 -67.82 -36.73
CA LYS E 145 -24.79 -68.52 -35.54
C LYS E 145 -23.66 -68.81 -34.56
N GLY E 146 -22.53 -69.31 -35.04
CA GLY E 146 -21.43 -69.72 -34.20
C GLY E 146 -20.92 -68.64 -33.27
N PRO E 147 -20.30 -67.60 -33.83
CA PRO E 147 -19.74 -66.54 -32.97
C PRO E 147 -20.78 -65.69 -32.27
N PHE E 148 -21.95 -65.47 -32.87
CA PHE E 148 -22.99 -64.60 -32.33
C PHE E 148 -24.29 -65.37 -32.27
N PRO E 149 -24.50 -66.15 -31.19
CA PRO E 149 -25.74 -66.94 -31.10
C PRO E 149 -26.98 -66.13 -30.76
N ASN E 150 -26.83 -64.99 -30.08
CA ASN E 150 -27.99 -64.24 -29.60
C ASN E 150 -28.61 -63.31 -30.63
N VAL E 151 -28.00 -63.13 -31.79
CA VAL E 151 -28.46 -62.15 -32.76
C VAL E 151 -29.52 -62.78 -33.66
N LYS E 152 -30.64 -62.08 -33.82
CA LYS E 152 -31.71 -62.47 -34.73
C LYS E 152 -31.73 -61.53 -35.93
N PHE E 153 -32.08 -62.08 -37.09
CA PHE E 153 -32.06 -61.34 -38.35
C PHE E 153 -33.44 -61.29 -38.98
N VAL E 154 -33.76 -60.15 -39.56
CA VAL E 154 -34.90 -59.99 -40.46
C VAL E 154 -34.32 -59.70 -41.84
N PRO E 155 -34.25 -60.68 -42.74
CA PRO E 155 -33.72 -60.40 -44.08
C PRO E 155 -34.68 -59.59 -44.93
N THR E 156 -34.12 -58.65 -45.69
CA THR E 156 -34.87 -57.85 -46.63
C THR E 156 -34.14 -57.81 -47.97
N GLY E 157 -34.89 -57.94 -49.04
CA GLY E 157 -34.34 -58.00 -50.38
C GLY E 157 -34.32 -59.39 -50.97
N GLY E 158 -35.00 -59.57 -52.10
CA GLY E 158 -34.95 -60.81 -52.84
C GLY E 158 -35.68 -61.98 -52.24
N VAL E 159 -36.64 -61.74 -51.33
CA VAL E 159 -37.39 -62.82 -50.71
C VAL E 159 -38.58 -63.14 -51.59
N ASN E 160 -38.82 -64.43 -51.84
CA ASN E 160 -39.86 -64.89 -52.74
C ASN E 160 -40.66 -65.97 -52.04
N LEU E 161 -41.70 -66.47 -52.71
CA LEU E 161 -42.41 -67.63 -52.22
C LEU E 161 -41.52 -68.86 -52.23
N ASP E 162 -40.57 -68.92 -53.16
CA ASP E 162 -39.73 -70.10 -53.31
C ASP E 162 -38.69 -70.18 -52.19
N ASN E 163 -37.96 -69.09 -51.96
CA ASN E 163 -36.82 -69.14 -51.05
C ASN E 163 -37.15 -68.68 -49.63
N VAL E 164 -38.42 -68.57 -49.26
CA VAL E 164 -38.73 -68.11 -47.90
C VAL E 164 -38.57 -69.26 -46.90
N CYS E 165 -38.87 -70.49 -47.31
CA CYS E 165 -38.62 -71.62 -46.42
C CYS E 165 -37.13 -71.80 -46.18
N GLU E 166 -36.31 -71.53 -47.20
CA GLU E 166 -34.85 -71.55 -47.01
C GLU E 166 -34.42 -70.53 -45.97
N TRP E 167 -35.01 -69.34 -46.00
CA TRP E 167 -34.67 -68.30 -45.04
C TRP E 167 -35.09 -68.71 -43.63
N PHE E 168 -36.24 -69.37 -43.50
CA PHE E 168 -36.69 -69.74 -42.16
C PHE E 168 -35.96 -70.95 -41.62
N LYS E 169 -35.47 -71.84 -42.49
CA LYS E 169 -34.63 -72.94 -42.03
C LYS E 169 -33.30 -72.43 -41.48
N ALA E 170 -32.73 -71.41 -42.11
CA ALA E 170 -31.51 -70.80 -41.57
C ALA E 170 -31.74 -70.21 -40.18
N GLY E 171 -32.99 -70.00 -39.80
CA GLY E 171 -33.32 -69.49 -38.49
C GLY E 171 -33.39 -67.98 -38.41
N VAL E 172 -34.17 -67.37 -39.27
CA VAL E 172 -34.41 -65.94 -39.20
C VAL E 172 -35.65 -65.69 -38.37
N LEU E 173 -35.74 -64.49 -37.80
CA LEU E 173 -36.88 -64.16 -36.95
C LEU E 173 -38.11 -63.78 -37.77
N ALA E 174 -37.92 -63.07 -38.87
CA ALA E 174 -38.99 -62.65 -39.76
C ALA E 174 -38.35 -62.31 -41.09
N VAL E 175 -39.19 -62.01 -42.08
CA VAL E 175 -38.72 -61.58 -43.39
C VAL E 175 -39.46 -60.31 -43.79
N GLY E 176 -38.74 -59.38 -44.42
CA GLY E 176 -39.36 -58.22 -45.01
C GLY E 176 -39.49 -58.42 -46.51
N VAL E 177 -40.71 -58.37 -47.01
CA VAL E 177 -41.01 -58.63 -48.41
C VAL E 177 -41.46 -57.33 -49.07
N GLY E 178 -40.82 -57.00 -50.18
CA GLY E 178 -41.13 -55.80 -50.95
C GLY E 178 -41.79 -56.06 -52.29
N SER E 179 -40.98 -56.01 -53.35
CA SER E 179 -41.52 -55.98 -54.71
C SER E 179 -42.32 -57.22 -55.05
N ALA E 180 -42.06 -58.35 -54.39
CA ALA E 180 -42.82 -59.56 -54.64
C ALA E 180 -44.12 -59.60 -53.87
N LEU E 181 -44.39 -58.60 -53.04
CA LEU E 181 -45.64 -58.51 -52.29
C LEU E 181 -46.47 -57.31 -52.71
N VAL E 182 -45.87 -56.11 -52.72
CA VAL E 182 -46.64 -54.88 -52.85
C VAL E 182 -46.71 -54.34 -54.27
N LYS E 183 -46.21 -55.05 -55.26
CA LYS E 183 -46.37 -54.55 -56.62
C LYS E 183 -47.63 -55.11 -57.25
N GLY E 184 -48.09 -54.44 -58.31
CA GLY E 184 -49.33 -54.77 -58.97
C GLY E 184 -50.49 -53.91 -58.52
N THR E 185 -51.70 -54.42 -58.66
CA THR E 185 -52.94 -53.73 -58.28
C THR E 185 -53.34 -54.12 -56.88
N PRO E 186 -54.15 -53.28 -56.20
CA PRO E 186 -54.46 -53.54 -54.78
C PRO E 186 -55.23 -54.82 -54.50
N ASP E 187 -55.60 -55.59 -55.51
CA ASP E 187 -56.16 -56.92 -55.28
C ASP E 187 -55.15 -58.03 -55.56
N GLU E 188 -54.27 -57.82 -56.54
CA GLU E 188 -53.11 -58.70 -56.67
C GLU E 188 -52.27 -58.68 -55.40
N VAL E 189 -52.17 -57.51 -54.75
CA VAL E 189 -51.42 -57.40 -53.51
C VAL E 189 -52.08 -58.22 -52.41
N ARG E 190 -53.41 -58.21 -52.35
CA ARG E 190 -54.10 -59.00 -51.34
C ARG E 190 -53.92 -60.48 -51.58
N GLU E 191 -53.98 -60.91 -52.85
CA GLU E 191 -53.75 -62.31 -53.15
C GLU E 191 -52.32 -62.74 -52.84
N LYS E 192 -51.34 -61.88 -53.13
CA LYS E 192 -49.96 -62.16 -52.79
C LYS E 192 -49.76 -62.26 -51.29
N ALA E 193 -50.40 -61.38 -50.52
CA ALA E 193 -50.28 -61.45 -49.07
C ALA E 193 -50.88 -62.74 -48.54
N LYS E 194 -52.03 -63.16 -49.09
CA LYS E 194 -52.62 -64.43 -48.69
C LYS E 194 -51.67 -65.58 -48.98
N ALA E 195 -51.09 -65.58 -50.18
CA ALA E 195 -50.15 -66.64 -50.57
C ALA E 195 -48.95 -66.69 -49.65
N PHE E 196 -48.37 -65.53 -49.35
CA PHE E 196 -47.20 -65.48 -48.47
C PHE E 196 -47.53 -65.98 -47.07
N VAL E 197 -48.67 -65.55 -46.51
CA VAL E 197 -49.02 -65.98 -45.17
C VAL E 197 -49.22 -67.49 -45.13
N GLU E 198 -49.93 -68.04 -46.12
CA GLU E 198 -50.16 -69.48 -46.15
C GLU E 198 -48.85 -70.24 -46.35
N LYS E 199 -47.95 -69.74 -47.20
CA LYS E 199 -46.66 -70.38 -47.41
C LYS E 199 -45.83 -70.39 -46.14
N ILE E 200 -45.76 -69.25 -45.43
CA ILE E 200 -44.96 -69.18 -44.23
C ILE E 200 -45.52 -70.07 -43.14
N ARG E 201 -46.84 -70.19 -43.06
CA ARG E 201 -47.41 -71.06 -42.04
C ARG E 201 -47.32 -72.53 -42.42
N GLY E 202 -47.27 -72.83 -43.72
CA GLY E 202 -47.06 -74.19 -44.15
C GLY E 202 -45.67 -74.68 -43.83
N CYS E 203 -44.66 -74.12 -44.49
CA CYS E 203 -43.28 -74.52 -44.27
C CYS E 203 -42.68 -73.78 -43.08
N MET F 3 25.02 8.71 -70.03
CA MET F 3 24.29 7.93 -71.02
C MET F 3 25.26 7.15 -71.89
N GLU F 4 25.07 5.82 -71.96
CA GLU F 4 25.91 5.01 -72.83
C GLU F 4 25.75 5.39 -74.29
N GLU F 5 24.53 5.76 -74.70
CA GLU F 5 24.28 6.06 -76.11
C GLU F 5 25.06 7.28 -76.57
N LEU F 6 25.20 8.28 -75.70
CA LEU F 6 25.97 9.47 -76.09
C LEU F 6 27.45 9.15 -76.27
N PHE F 7 28.04 8.38 -75.36
CA PHE F 7 29.44 7.98 -75.52
C PHE F 7 29.61 7.12 -76.77
N LYS F 8 28.70 6.20 -77.01
CA LYS F 8 28.84 5.30 -78.17
C LYS F 8 28.67 6.06 -79.47
N LYS F 9 27.87 7.14 -79.46
CA LYS F 9 27.65 7.91 -80.67
C LYS F 9 28.80 8.87 -80.95
N HIS F 10 29.21 9.64 -79.94
CA HIS F 10 30.20 10.70 -80.17
C HIS F 10 31.63 10.20 -80.05
N LYS F 11 31.92 9.34 -79.09
CA LYS F 11 33.16 8.58 -78.94
C LYS F 11 34.35 9.42 -78.49
N ILE F 12 34.17 10.71 -78.19
CA ILE F 12 35.25 11.55 -77.71
C ILE F 12 34.70 12.39 -76.57
N VAL F 13 35.50 12.57 -75.53
CA VAL F 13 35.20 13.48 -74.43
C VAL F 13 36.42 14.36 -74.23
N ALA F 14 36.22 15.67 -74.26
CA ALA F 14 37.31 16.62 -74.10
C ALA F 14 37.45 16.94 -72.62
N VAL F 15 38.50 16.40 -72.01
CA VAL F 15 38.85 16.76 -70.64
C VAL F 15 39.58 18.08 -70.67
N LEU F 16 39.05 19.07 -69.98
CA LEU F 16 39.50 20.46 -70.12
C LEU F 16 40.03 20.96 -68.78
N ARG F 17 41.34 21.15 -68.70
CA ARG F 17 41.98 21.83 -67.59
C ARG F 17 42.57 23.15 -68.08
N ALA F 18 42.49 24.16 -67.22
CA ALA F 18 42.94 25.50 -67.58
C ALA F 18 43.38 26.23 -66.34
N ASN F 19 43.97 27.40 -66.53
CA ASN F 19 44.45 28.22 -65.42
C ASN F 19 43.43 29.23 -64.93
N ASP F 20 42.47 29.61 -65.77
CA ASP F 20 41.40 30.52 -65.40
C ASP F 20 40.14 30.16 -66.17
N ALA F 21 39.05 30.88 -65.91
CA ALA F 21 37.74 30.53 -66.45
C ALA F 21 37.51 31.05 -67.87
N GLN F 22 38.11 32.17 -68.24
CA GLN F 22 37.94 32.68 -69.60
C GLN F 22 38.58 31.75 -70.61
N GLU F 23 39.80 31.26 -70.30
CA GLU F 23 40.44 30.28 -71.16
C GLU F 23 39.62 29.02 -71.28
N ALA F 24 39.04 28.56 -70.17
CA ALA F 24 38.20 27.37 -70.20
C ALA F 24 37.00 27.57 -71.11
N ARG F 25 36.33 28.71 -71.02
CA ARG F 25 35.16 28.96 -71.86
C ARG F 25 35.55 29.06 -73.33
N GLU F 26 36.66 29.75 -73.63
CA GLU F 26 37.11 29.84 -75.01
C GLU F 26 37.43 28.47 -75.58
N LYS F 27 38.15 27.63 -74.83
CA LYS F 27 38.52 26.33 -75.34
C LYS F 27 37.31 25.39 -75.46
N ALA F 28 36.36 25.48 -74.54
CA ALA F 28 35.16 24.66 -74.66
C ALA F 28 34.40 25.03 -75.93
N LEU F 29 34.24 26.33 -76.19
CA LEU F 29 33.58 26.74 -77.43
C LEU F 29 34.35 26.27 -78.66
N ALA F 30 35.68 26.39 -78.63
CA ALA F 30 36.48 25.99 -79.79
C ALA F 30 36.39 24.49 -80.05
N VAL F 31 36.46 23.68 -78.99
CA VAL F 31 36.43 22.24 -79.19
C VAL F 31 35.03 21.78 -79.60
N PHE F 32 33.99 22.51 -79.19
CA PHE F 32 32.66 22.21 -79.73
C PHE F 32 32.55 22.57 -81.21
N GLU F 33 33.16 23.69 -81.60
CA GLU F 33 33.15 24.08 -83.01
C GLU F 33 33.94 23.08 -83.85
N GLY F 34 34.97 22.46 -83.27
CA GLY F 34 35.75 21.46 -83.98
C GLY F 34 35.03 20.16 -84.21
N GLY F 35 33.94 19.90 -83.50
CA GLY F 35 33.14 18.71 -83.70
C GLY F 35 32.93 17.85 -82.47
N VAL F 36 33.54 18.17 -81.33
CA VAL F 36 33.38 17.38 -80.12
C VAL F 36 32.14 17.86 -79.38
N HIS F 37 31.19 16.94 -79.16
CA HIS F 37 29.94 17.27 -78.49
C HIS F 37 29.90 16.87 -77.02
N LEU F 38 30.89 16.13 -76.54
CA LEU F 38 30.99 15.75 -75.13
C LEU F 38 32.18 16.50 -74.54
N ILE F 39 31.90 17.41 -73.61
CA ILE F 39 32.93 18.23 -72.99
C ILE F 39 32.87 18.04 -71.49
N GLU F 40 34.04 18.03 -70.85
CA GLU F 40 34.15 17.87 -69.42
C GLU F 40 35.00 19.00 -68.86
N ILE F 41 34.44 19.77 -67.94
CA ILE F 41 35.16 20.82 -67.23
C ILE F 41 35.66 20.21 -65.93
N THR F 42 36.97 20.27 -65.71
CA THR F 42 37.54 19.67 -64.51
C THR F 42 37.54 20.66 -63.37
N PHE F 43 37.37 20.14 -62.16
CA PHE F 43 37.26 20.97 -60.98
C PHE F 43 38.59 21.52 -60.52
N THR F 44 39.66 21.36 -61.30
CA THR F 44 40.90 22.07 -61.06
C THR F 44 40.92 23.43 -61.72
N VAL F 45 39.99 23.71 -62.63
CA VAL F 45 39.83 25.04 -63.20
C VAL F 45 39.19 25.95 -62.14
N PRO F 46 39.72 27.14 -61.92
CA PRO F 46 39.12 28.01 -60.89
C PRO F 46 37.78 28.57 -61.33
N ASN F 47 36.79 28.52 -60.44
CA ASN F 47 35.42 28.92 -60.76
C ASN F 47 34.86 28.04 -61.89
N ALA F 48 34.86 26.74 -61.64
CA ALA F 48 34.49 25.77 -62.66
C ALA F 48 32.98 25.57 -62.77
N ALA F 49 32.27 25.60 -61.65
CA ALA F 49 30.81 25.52 -61.72
C ALA F 49 30.24 26.74 -62.44
N ALA F 50 30.88 27.89 -62.29
CA ALA F 50 30.47 29.08 -63.05
C ALA F 50 30.69 28.88 -64.55
N VAL F 51 31.79 28.23 -64.93
CA VAL F 51 32.03 27.93 -66.34
C VAL F 51 30.98 26.98 -66.87
N ILE F 52 30.62 25.96 -66.08
CA ILE F 52 29.57 25.04 -66.50
C ILE F 52 28.24 25.77 -66.66
N LEU F 53 27.95 26.70 -65.75
CA LEU F 53 26.68 27.41 -65.79
C LEU F 53 26.61 28.37 -66.98
N LEU F 54 27.72 29.02 -67.30
CA LEU F 54 27.75 30.01 -68.37
C LEU F 54 27.93 29.39 -69.75
N LEU F 55 28.08 28.07 -69.86
CA LEU F 55 28.12 27.39 -71.14
C LEU F 55 26.80 26.73 -71.47
N SER F 56 25.71 27.19 -70.87
CA SER F 56 24.41 26.55 -71.06
C SER F 56 23.87 26.74 -72.46
N PHE F 57 24.35 27.73 -73.21
CA PHE F 57 23.84 27.94 -74.57
C PHE F 57 24.32 26.86 -75.53
N LEU F 58 25.51 26.31 -75.31
CA LEU F 58 25.96 25.16 -76.09
C LEU F 58 25.03 23.97 -75.86
N LYS F 59 24.45 23.86 -74.67
CA LYS F 59 23.54 22.75 -74.40
C LYS F 59 22.35 22.77 -75.36
N GLU F 60 21.78 23.94 -75.61
CA GLU F 60 20.73 24.04 -76.62
C GLU F 60 21.30 23.94 -78.03
N LYS F 61 22.55 24.35 -78.23
CA LYS F 61 23.17 24.12 -79.53
C LYS F 61 23.56 22.67 -79.77
N GLY F 62 23.62 21.85 -78.72
CA GLY F 62 23.79 20.41 -78.90
C GLY F 62 24.89 19.74 -78.11
N ALA F 63 25.59 20.48 -77.25
CA ALA F 63 26.69 19.94 -76.49
C ALA F 63 26.20 19.25 -75.22
N ILE F 64 27.03 18.35 -74.69
CA ILE F 64 26.82 17.72 -73.40
C ILE F 64 28.00 18.08 -72.52
N ILE F 65 27.76 18.91 -71.49
CA ILE F 65 28.80 19.39 -70.59
C ILE F 65 28.69 18.62 -69.28
N GLY F 66 29.84 18.16 -68.78
CA GLY F 66 29.91 17.45 -67.52
C GLY F 66 31.04 17.97 -66.66
N ALA F 67 31.12 17.43 -65.45
CA ALA F 67 32.10 17.84 -64.46
C ALA F 67 33.05 16.69 -64.15
N GLY F 68 34.35 17.00 -64.08
CA GLY F 68 35.37 16.03 -63.78
C GLY F 68 36.19 16.41 -62.55
N THR F 69 37.03 15.46 -62.13
CA THR F 69 37.91 15.63 -60.97
C THR F 69 37.08 15.92 -59.72
N VAL F 70 35.94 15.26 -59.61
CA VAL F 70 35.07 15.43 -58.45
C VAL F 70 35.50 14.46 -57.37
N THR F 71 35.96 14.98 -56.24
CA THR F 71 36.47 14.16 -55.16
C THR F 71 35.66 14.32 -53.88
N SER F 72 34.47 14.90 -53.96
CA SER F 72 33.64 15.09 -52.78
C SER F 72 32.17 15.17 -53.18
N GLU F 73 31.31 15.16 -52.17
CA GLU F 73 29.87 15.20 -52.42
C GLU F 73 29.35 16.62 -52.60
N GLU F 74 29.93 17.60 -51.89
CA GLU F 74 29.51 18.98 -52.11
C GLU F 74 29.94 19.45 -53.49
N GLN F 75 31.02 18.92 -54.03
CA GLN F 75 31.40 19.23 -55.41
C GLN F 75 30.40 18.64 -56.40
N CYS F 76 29.89 17.44 -56.14
CA CYS F 76 28.86 16.87 -56.99
C CYS F 76 27.58 17.70 -56.92
N ALA F 77 27.23 18.17 -55.72
CA ALA F 77 26.06 19.03 -55.58
C ALA F 77 26.24 20.33 -56.35
N LEU F 78 27.40 20.97 -56.18
CA LEU F 78 27.69 22.22 -56.88
C LEU F 78 27.71 22.05 -58.39
N ALA F 79 28.12 20.88 -58.87
CA ALA F 79 28.17 20.65 -60.31
C ALA F 79 26.81 20.31 -60.88
N VAL F 80 25.98 19.60 -60.14
CA VAL F 80 24.63 19.31 -60.62
C VAL F 80 23.77 20.57 -60.58
N LEU F 81 23.99 21.43 -59.59
CA LEU F 81 23.25 22.69 -59.51
C LEU F 81 23.45 23.53 -60.76
N SER F 82 24.71 23.73 -61.17
CA SER F 82 25.01 24.53 -62.35
C SER F 82 24.64 23.82 -63.65
N GLY F 83 24.17 22.59 -63.61
CA GLY F 83 23.68 21.93 -64.81
C GLY F 83 24.63 20.98 -65.50
N ALA F 84 25.50 20.30 -64.76
CA ALA F 84 26.35 19.27 -65.34
C ALA F 84 25.53 18.04 -65.69
N GLU F 85 25.74 17.52 -66.91
CA GLU F 85 25.01 16.34 -67.34
C GLU F 85 25.56 15.05 -66.75
N PHE F 86 26.85 15.01 -66.40
CA PHE F 86 27.46 13.81 -65.85
C PHE F 86 28.63 14.19 -64.96
N ILE F 87 28.98 13.28 -64.05
CA ILE F 87 30.04 13.46 -63.08
C ILE F 87 31.11 12.41 -63.33
N VAL F 88 32.38 12.81 -63.16
CA VAL F 88 33.52 11.92 -63.35
C VAL F 88 34.47 12.08 -62.17
N SER F 89 35.21 11.02 -61.87
CA SER F 89 36.21 11.00 -60.81
C SER F 89 37.44 10.25 -61.28
N PRO F 90 38.63 10.65 -60.84
CA PRO F 90 39.84 9.86 -61.12
C PRO F 90 39.95 8.61 -60.26
N HIS F 91 39.05 8.44 -59.31
CA HIS F 91 39.08 7.36 -58.34
C HIS F 91 37.66 6.84 -58.16
N LEU F 92 37.54 5.74 -57.45
CA LEU F 92 36.24 5.23 -57.06
C LEU F 92 35.92 5.68 -55.65
N ASP F 93 34.76 6.30 -55.48
CA ASP F 93 34.31 6.73 -54.17
C ASP F 93 32.94 6.11 -53.90
N GLU F 94 32.86 5.33 -52.82
CA GLU F 94 31.62 4.63 -52.51
C GLU F 94 30.54 5.59 -52.03
N GLU F 95 30.93 6.66 -51.33
CA GLU F 95 29.94 7.61 -50.82
C GLU F 95 29.38 8.47 -51.95
N ILE F 96 30.22 8.92 -52.87
CA ILE F 96 29.71 9.68 -54.01
C ILE F 96 28.75 8.83 -54.83
N SER F 97 29.07 7.55 -55.01
CA SER F 97 28.16 6.65 -55.72
C SER F 97 26.86 6.48 -54.96
N GLN F 98 26.94 6.24 -53.66
CA GLN F 98 25.75 6.09 -52.82
C GLN F 98 24.83 7.30 -52.98
N PHE F 99 25.39 8.50 -52.92
CA PHE F 99 24.58 9.71 -52.94
C PHE F 99 24.27 10.23 -54.33
N CYS F 100 24.83 9.67 -55.37
CA CYS F 100 24.51 10.04 -56.76
C CYS F 100 23.53 9.06 -57.33
N LYS F 101 23.47 7.84 -56.79
CA LYS F 101 22.42 6.93 -57.22
C LYS F 101 21.05 7.43 -56.81
N GLU F 102 20.97 8.10 -55.66
CA GLU F 102 19.70 8.65 -55.18
C GLU F 102 19.24 9.84 -56.01
N LYS F 103 20.17 10.67 -56.46
CA LYS F 103 19.81 11.88 -57.18
C LYS F 103 19.48 11.59 -58.64
N GLY F 104 19.94 10.45 -59.16
CA GLY F 104 19.71 10.10 -60.55
C GLY F 104 20.62 10.83 -61.52
N VAL F 105 21.90 10.94 -61.19
CA VAL F 105 22.88 11.57 -62.06
C VAL F 105 23.86 10.49 -62.52
N PHE F 106 24.38 10.66 -63.74
CA PHE F 106 25.32 9.70 -64.29
C PHE F 106 26.70 9.94 -63.69
N TYR F 107 27.22 8.92 -63.01
CA TYR F 107 28.53 8.97 -62.37
C TYR F 107 29.42 7.92 -63.01
N MET F 108 30.60 8.35 -63.48
CA MET F 108 31.57 7.45 -64.09
C MET F 108 32.86 7.45 -63.30
N PRO F 109 33.06 6.52 -62.37
CA PRO F 109 34.26 6.56 -61.53
C PRO F 109 35.48 6.05 -62.28
N GLY F 110 36.64 6.11 -61.64
CA GLY F 110 37.89 5.72 -62.27
C GLY F 110 38.52 4.55 -61.54
N VAL F 111 38.97 3.56 -62.31
CA VAL F 111 39.56 2.35 -61.76
C VAL F 111 40.91 2.13 -62.43
N MET F 112 41.75 1.37 -61.74
CA MET F 112 43.03 0.96 -62.31
C MET F 112 43.34 -0.51 -62.11
N THR F 113 42.66 -1.21 -61.23
CA THR F 113 42.88 -2.62 -60.93
C THR F 113 41.55 -3.34 -60.94
N PRO F 114 41.55 -4.66 -61.09
CA PRO F 114 40.28 -5.40 -61.10
C PRO F 114 39.57 -5.49 -59.76
N THR F 115 40.25 -5.27 -58.64
CA THR F 115 39.55 -5.23 -57.34
C THR F 115 38.66 -3.99 -57.25
N GLU F 116 39.21 -2.83 -57.61
CA GLU F 116 38.41 -1.61 -57.72
C GLU F 116 37.30 -1.77 -58.76
N LEU F 117 37.59 -2.50 -59.84
CA LEU F 117 36.59 -2.76 -60.87
C LEU F 117 35.39 -3.53 -60.31
N VAL F 118 35.67 -4.60 -59.56
CA VAL F 118 34.58 -5.39 -58.98
C VAL F 118 33.83 -4.57 -57.94
N LYS F 119 34.53 -3.73 -57.18
CA LYS F 119 33.84 -2.86 -56.22
C LYS F 119 32.91 -1.89 -56.91
N ALA F 120 33.33 -1.34 -58.06
CA ALA F 120 32.48 -0.43 -58.81
C ALA F 120 31.29 -1.16 -59.43
N MET F 121 31.52 -2.38 -59.93
CA MET F 121 30.44 -3.18 -60.48
C MET F 121 29.40 -3.53 -59.42
N LYS F 122 29.85 -3.79 -58.19
CA LYS F 122 28.91 -4.10 -57.11
C LYS F 122 28.02 -2.92 -56.76
N LEU F 123 28.44 -1.71 -57.12
CA LEU F 123 27.65 -0.51 -56.90
C LEU F 123 26.81 -0.13 -58.12
N GLY F 124 26.94 -0.86 -59.21
CA GLY F 124 26.07 -0.70 -60.36
C GLY F 124 26.74 -0.15 -61.60
N HIS F 125 27.98 0.30 -61.52
CA HIS F 125 28.62 0.97 -62.65
C HIS F 125 29.06 -0.04 -63.70
N THR F 126 28.58 0.14 -64.93
CA THR F 126 28.98 -0.67 -66.05
C THR F 126 29.91 0.07 -67.01
N ILE F 127 29.91 1.39 -67.01
CA ILE F 127 30.86 2.19 -67.77
C ILE F 127 31.84 2.78 -66.76
N LEU F 128 33.12 2.48 -66.94
CA LEU F 128 34.15 2.93 -66.03
C LEU F 128 35.11 3.83 -66.77
N LYS F 129 35.83 4.66 -66.01
CA LYS F 129 36.95 5.45 -66.51
C LYS F 129 38.24 4.70 -66.21
N LEU F 130 39.09 4.57 -67.21
CA LEU F 130 40.36 3.88 -67.06
C LEU F 130 41.45 4.93 -66.97
N PHE F 131 41.94 5.15 -65.75
CA PHE F 131 42.90 6.20 -65.47
C PHE F 131 43.92 5.70 -64.46
N PRO F 132 45.22 5.93 -64.69
CA PRO F 132 45.78 6.47 -65.94
C PRO F 132 45.87 5.43 -67.05
N GLY F 133 45.42 5.79 -68.25
CA GLY F 133 45.33 4.84 -69.33
C GLY F 133 46.65 4.42 -69.95
N GLU F 134 47.67 5.27 -69.86
CA GLU F 134 48.97 4.93 -70.46
C GLU F 134 49.85 4.11 -69.54
N VAL F 135 49.49 4.02 -68.26
CA VAL F 135 50.21 3.12 -67.36
C VAL F 135 49.80 1.67 -67.60
N VAL F 136 48.51 1.43 -67.81
CA VAL F 136 48.01 0.07 -68.02
C VAL F 136 48.02 -0.31 -69.50
N GLY F 137 47.45 0.51 -70.37
CA GLY F 137 47.50 0.25 -71.80
C GLY F 137 46.28 -0.48 -72.32
N PRO F 138 46.20 -0.66 -73.64
CA PRO F 138 45.08 -1.42 -74.21
C PRO F 138 45.09 -2.89 -73.82
N GLN F 139 46.23 -3.39 -73.35
CA GLN F 139 46.33 -4.76 -72.88
C GLN F 139 45.47 -4.99 -71.64
N PHE F 140 45.29 -3.97 -70.80
CA PHE F 140 44.39 -4.09 -69.67
C PHE F 140 42.95 -4.30 -70.13
N VAL F 141 42.53 -3.57 -71.17
CA VAL F 141 41.17 -3.69 -71.66
C VAL F 141 40.96 -5.04 -72.33
N LYS F 142 41.95 -5.51 -73.10
CA LYS F 142 41.83 -6.83 -73.70
C LYS F 142 41.83 -7.94 -72.64
N ALA F 143 42.56 -7.75 -71.54
CA ALA F 143 42.57 -8.77 -70.49
C ALA F 143 41.31 -8.76 -69.65
N MET F 144 40.64 -7.61 -69.54
CA MET F 144 39.45 -7.57 -68.68
C MET F 144 38.20 -8.13 -69.35
N LYS F 145 38.19 -8.28 -70.68
CA LYS F 145 36.95 -8.69 -71.34
C LYS F 145 36.65 -10.16 -71.11
N GLY F 146 37.62 -10.94 -70.67
CA GLY F 146 37.40 -12.35 -70.41
C GLY F 146 36.53 -12.59 -69.19
N PRO F 147 37.00 -12.19 -68.01
CA PRO F 147 36.20 -12.39 -66.80
C PRO F 147 35.05 -11.40 -66.65
N PHE F 148 35.19 -10.21 -67.23
CA PHE F 148 34.22 -9.14 -67.09
C PHE F 148 33.75 -8.72 -68.48
N PRO F 149 32.87 -9.51 -69.11
CA PRO F 149 32.46 -9.19 -70.48
C PRO F 149 31.64 -7.93 -70.63
N ASN F 150 30.84 -7.56 -69.61
CA ASN F 150 29.90 -6.46 -69.76
C ASN F 150 30.51 -5.08 -69.48
N VAL F 151 31.66 -5.01 -68.82
CA VAL F 151 32.24 -3.73 -68.45
C VAL F 151 32.83 -3.04 -69.67
N LYS F 152 32.54 -1.75 -69.81
CA LYS F 152 33.04 -0.91 -70.89
C LYS F 152 33.88 0.23 -70.31
N PHE F 153 34.97 0.56 -71.00
CA PHE F 153 35.95 1.51 -70.49
C PHE F 153 36.01 2.76 -71.35
N VAL F 154 36.22 3.89 -70.69
CA VAL F 154 36.60 5.13 -71.34
C VAL F 154 38.01 5.44 -70.84
N PRO F 155 39.06 5.19 -71.62
CA PRO F 155 40.41 5.48 -71.16
C PRO F 155 40.72 6.96 -71.20
N THR F 156 41.40 7.43 -70.15
CA THR F 156 41.85 8.81 -70.04
C THR F 156 43.32 8.82 -69.66
N GLY F 157 44.10 9.64 -70.32
CA GLY F 157 45.52 9.71 -70.08
C GLY F 157 46.37 9.20 -71.23
N GLY F 158 47.21 10.07 -71.76
CA GLY F 158 48.15 9.71 -72.81
C GLY F 158 47.52 9.16 -74.08
N VAL F 159 46.34 9.64 -74.45
CA VAL F 159 45.73 9.24 -75.71
C VAL F 159 46.19 10.22 -76.79
N ASN F 160 46.98 9.73 -77.74
CA ASN F 160 47.49 10.52 -78.84
C ASN F 160 46.67 10.25 -80.10
N LEU F 161 46.96 11.01 -81.15
CA LEU F 161 46.43 10.66 -82.47
C LEU F 161 46.93 9.30 -82.93
N ASP F 162 48.19 8.98 -82.63
CA ASP F 162 48.78 7.73 -83.12
C ASP F 162 48.11 6.51 -82.50
N ASN F 163 47.92 6.53 -81.18
CA ASN F 163 47.53 5.33 -80.43
C ASN F 163 46.03 5.26 -80.14
N VAL F 164 45.20 6.06 -80.82
CA VAL F 164 43.77 6.00 -80.53
C VAL F 164 43.09 4.86 -81.29
N CYS F 165 43.58 4.54 -82.48
CA CYS F 165 43.04 3.39 -83.19
C CYS F 165 43.36 2.10 -82.43
N GLU F 166 44.50 2.04 -81.75
CA GLU F 166 44.81 0.89 -80.91
C GLU F 166 43.82 0.75 -79.77
N TRP F 167 43.51 1.86 -79.10
CA TRP F 167 42.52 1.84 -78.03
C TRP F 167 41.16 1.39 -78.53
N PHE F 168 40.80 1.80 -79.74
CA PHE F 168 39.48 1.42 -80.25
C PHE F 168 39.44 -0.02 -80.76
N LYS F 169 40.57 -0.54 -81.24
CA LYS F 169 40.65 -1.96 -81.56
C LYS F 169 40.55 -2.81 -80.29
N ALA F 170 41.14 -2.33 -79.19
CA ALA F 170 41.02 -3.06 -77.93
C ALA F 170 39.58 -3.17 -77.47
N GLY F 171 38.71 -2.27 -77.91
CA GLY F 171 37.30 -2.34 -77.61
C GLY F 171 36.77 -1.33 -76.62
N VAL F 172 37.36 -0.14 -76.53
CA VAL F 172 36.88 0.87 -75.60
C VAL F 172 35.60 1.52 -76.14
N LEU F 173 34.76 1.99 -75.22
CA LEU F 173 33.52 2.66 -75.61
C LEU F 173 33.79 4.05 -76.16
N ALA F 174 34.66 4.82 -75.52
CA ALA F 174 35.03 6.17 -75.93
C ALA F 174 36.39 6.46 -75.31
N VAL F 175 36.97 7.59 -75.68
CA VAL F 175 38.27 8.01 -75.14
C VAL F 175 38.15 9.44 -74.63
N GLY F 176 38.74 9.71 -73.47
CA GLY F 176 38.86 11.08 -72.99
C GLY F 176 40.22 11.66 -73.35
N VAL F 177 40.24 12.74 -74.11
CA VAL F 177 41.49 13.33 -74.58
C VAL F 177 41.69 14.68 -73.90
N GLY F 178 42.88 14.88 -73.34
CA GLY F 178 43.23 16.10 -72.66
C GLY F 178 44.28 16.93 -73.37
N SER F 179 45.54 16.82 -72.91
CA SER F 179 46.59 17.73 -73.35
C SER F 179 46.82 17.67 -74.86
N ALA F 180 46.56 16.53 -75.48
CA ALA F 180 46.71 16.42 -76.93
C ALA F 180 45.61 17.13 -77.68
N LEU F 181 44.54 17.53 -76.99
CA LEU F 181 43.40 18.19 -77.63
C LEU F 181 43.27 19.64 -77.17
N VAL F 182 43.14 19.87 -75.86
CA VAL F 182 42.77 21.19 -75.36
C VAL F 182 43.96 22.14 -75.39
N LYS F 183 45.17 21.64 -75.14
CA LYS F 183 46.31 22.53 -74.94
C LYS F 183 46.67 23.26 -76.22
N GLY F 184 47.15 24.48 -76.08
CA GLY F 184 47.45 25.37 -77.18
C GLY F 184 46.59 26.61 -77.17
N THR F 185 46.56 27.29 -78.32
CA THR F 185 45.73 28.48 -78.48
C THR F 185 44.31 28.08 -78.86
N PRO F 186 43.32 28.94 -78.61
CA PRO F 186 41.93 28.58 -78.88
C PRO F 186 41.62 28.25 -80.33
N ASP F 187 42.52 28.50 -81.28
CA ASP F 187 42.25 28.13 -82.66
C ASP F 187 43.01 26.88 -83.09
N GLU F 188 44.10 26.55 -82.41
CA GLU F 188 44.73 25.25 -82.63
C GLU F 188 43.84 24.12 -82.15
N VAL F 189 43.01 24.40 -81.14
CA VAL F 189 42.14 23.38 -80.57
C VAL F 189 41.09 22.95 -81.58
N ARG F 190 40.58 23.88 -82.39
CA ARG F 190 39.60 23.51 -83.41
C ARG F 190 40.19 22.51 -84.39
N GLU F 191 41.41 22.78 -84.87
CA GLU F 191 42.01 21.89 -85.86
C GLU F 191 42.38 20.55 -85.22
N LYS F 192 42.87 20.56 -83.98
CA LYS F 192 43.13 19.30 -83.29
C LYS F 192 41.86 18.49 -83.11
N ALA F 193 40.75 19.14 -82.78
CA ALA F 193 39.49 18.42 -82.61
C ALA F 193 39.01 17.83 -83.92
N LYS F 194 39.14 18.59 -85.01
CA LYS F 194 38.77 18.06 -86.32
C LYS F 194 39.66 16.87 -86.69
N ALA F 195 40.95 16.97 -86.41
CA ALA F 195 41.87 15.87 -86.69
C ALA F 195 41.49 14.63 -85.91
N PHE F 196 41.20 14.78 -84.62
CA PHE F 196 40.79 13.64 -83.80
C PHE F 196 39.50 13.03 -84.31
N VAL F 197 38.53 13.87 -84.69
CA VAL F 197 37.25 13.34 -85.15
C VAL F 197 37.44 12.53 -86.44
N GLU F 198 38.22 13.07 -87.38
CA GLU F 198 38.44 12.36 -88.63
C GLU F 198 39.27 11.10 -88.42
N LYS F 199 40.25 11.13 -87.51
CA LYS F 199 41.04 9.94 -87.22
C LYS F 199 40.18 8.84 -86.62
N ILE F 200 39.28 9.21 -85.70
CA ILE F 200 38.45 8.20 -85.04
C ILE F 200 37.39 7.67 -85.99
N ARG F 201 36.96 8.48 -86.96
CA ARG F 201 36.01 7.97 -87.94
C ARG F 201 36.71 7.17 -89.04
N GLY F 202 37.99 7.42 -89.27
CA GLY F 202 38.73 6.66 -90.26
C GLY F 202 38.89 5.21 -89.88
N CYS F 203 39.59 4.93 -88.79
CA CYS F 203 39.81 3.56 -88.36
C CYS F 203 38.60 3.02 -87.61
N MET G 3 -16.54 72.76 -13.61
CA MET G 3 -17.63 71.99 -14.18
C MET G 3 -18.28 72.78 -15.31
N GLU G 4 -19.28 72.18 -15.96
CA GLU G 4 -19.87 72.77 -17.14
C GLU G 4 -20.53 74.12 -16.84
N GLU G 5 -21.25 74.20 -15.73
CA GLU G 5 -21.96 75.44 -15.40
C GLU G 5 -21.01 76.59 -15.13
N LEU G 6 -19.84 76.32 -14.55
CA LEU G 6 -18.87 77.39 -14.33
C LEU G 6 -18.33 77.93 -15.65
N PHE G 7 -18.03 77.04 -16.60
CA PHE G 7 -17.61 77.50 -17.93
C PHE G 7 -18.72 78.28 -18.62
N LYS G 8 -19.97 77.82 -18.52
CA LYS G 8 -21.07 78.56 -19.13
C LYS G 8 -21.23 79.94 -18.51
N LYS G 9 -21.04 80.04 -17.20
CA LYS G 9 -21.23 81.29 -16.49
C LYS G 9 -20.13 82.28 -16.82
N HIS G 10 -18.88 81.88 -16.67
CA HIS G 10 -17.76 82.81 -16.74
C HIS G 10 -17.20 82.99 -18.15
N LYS G 11 -17.19 81.92 -18.95
CA LYS G 11 -16.90 81.97 -20.38
C LYS G 11 -15.46 82.35 -20.71
N ILE G 12 -14.57 82.39 -19.74
CA ILE G 12 -13.16 82.69 -20.00
C ILE G 12 -12.30 82.08 -18.90
N VAL G 13 -11.21 81.42 -19.31
CA VAL G 13 -10.26 80.81 -18.41
C VAL G 13 -8.90 81.40 -18.72
N ALA G 14 -8.23 81.91 -17.70
CA ALA G 14 -6.89 82.48 -17.89
C ALA G 14 -5.86 81.39 -17.67
N VAL G 15 -5.10 81.07 -18.71
CA VAL G 15 -4.04 80.09 -18.67
C VAL G 15 -2.76 80.83 -18.33
N LEU G 16 -2.15 80.52 -17.19
CA LEU G 16 -1.08 81.32 -16.62
C LEU G 16 0.23 80.56 -16.74
N ARG G 17 1.11 81.06 -17.60
CA ARG G 17 2.49 80.64 -17.76
C ARG G 17 3.37 81.71 -17.14
N ALA G 18 4.35 81.31 -16.34
CA ALA G 18 5.23 82.27 -15.71
C ALA G 18 6.60 81.63 -15.50
N ASN G 19 7.58 82.47 -15.20
CA ASN G 19 8.94 82.02 -14.96
C ASN G 19 9.26 81.88 -13.48
N ASP G 20 8.38 82.37 -12.59
CA ASP G 20 8.57 82.30 -11.16
C ASP G 20 7.24 82.00 -10.51
N ALA G 21 7.26 81.79 -9.20
CA ALA G 21 6.02 81.62 -8.44
C ALA G 21 5.43 82.95 -8.01
N GLN G 22 6.28 83.93 -7.71
CA GLN G 22 5.78 85.24 -7.31
C GLN G 22 5.09 85.95 -8.47
N GLU G 23 5.67 85.86 -9.67
CA GLU G 23 5.03 86.43 -10.85
C GLU G 23 3.68 85.77 -11.11
N ALA G 24 3.62 84.45 -10.96
CA ALA G 24 2.36 83.74 -11.15
C ALA G 24 1.32 84.20 -10.14
N ARG G 25 1.71 84.36 -8.88
CA ARG G 25 0.76 84.77 -7.85
C ARG G 25 0.26 86.20 -8.10
N GLU G 26 1.18 87.10 -8.46
CA GLU G 26 0.80 88.47 -8.79
C GLU G 26 -0.18 88.51 -9.96
N LYS G 27 0.12 87.75 -11.02
CA LYS G 27 -0.74 87.81 -12.20
C LYS G 27 -2.07 87.11 -11.96
N ALA G 28 -2.10 86.06 -11.14
CA ALA G 28 -3.37 85.44 -10.81
C ALA G 28 -4.26 86.40 -10.05
N LEU G 29 -3.70 87.15 -9.10
CA LEU G 29 -4.49 88.15 -8.40
C LEU G 29 -4.96 89.25 -9.35
N ALA G 30 -4.09 89.69 -10.25
CA ALA G 30 -4.45 90.75 -11.20
C ALA G 30 -5.56 90.29 -12.14
N VAL G 31 -5.51 89.02 -12.58
CA VAL G 31 -6.54 88.48 -13.43
C VAL G 31 -7.86 88.36 -12.69
N PHE G 32 -7.82 87.91 -11.42
CA PHE G 32 -9.06 87.80 -10.68
C PHE G 32 -9.69 89.17 -10.42
N GLU G 33 -8.87 90.20 -10.23
CA GLU G 33 -9.42 91.54 -10.05
C GLU G 33 -10.10 92.06 -11.31
N GLY G 34 -9.70 91.57 -12.49
CA GLY G 34 -10.34 92.02 -13.73
C GLY G 34 -11.70 91.41 -13.98
N GLY G 35 -12.01 90.29 -13.32
CA GLY G 35 -13.28 89.60 -13.52
C GLY G 35 -13.17 88.18 -13.97
N VAL G 36 -11.96 87.65 -14.15
CA VAL G 36 -11.77 86.29 -14.67
C VAL G 36 -11.72 85.35 -13.46
N HIS G 37 -12.88 84.80 -13.11
CA HIS G 37 -12.99 83.89 -11.99
C HIS G 37 -12.40 82.51 -12.25
N LEU G 38 -12.06 82.18 -13.49
CA LEU G 38 -11.51 80.87 -13.84
C LEU G 38 -10.04 81.05 -14.20
N ILE G 39 -9.15 80.46 -13.39
CA ILE G 39 -7.71 80.58 -13.59
C ILE G 39 -7.11 79.19 -13.56
N GLU G 40 -6.12 78.96 -14.43
CA GLU G 40 -5.39 77.71 -14.52
C GLU G 40 -3.92 78.05 -14.45
N ILE G 41 -3.19 77.36 -13.57
CA ILE G 41 -1.75 77.55 -13.40
C ILE G 41 -1.08 76.41 -14.14
N THR G 42 -0.28 76.71 -15.16
CA THR G 42 0.35 75.62 -15.89
C THR G 42 1.49 75.02 -15.09
N PHE G 43 1.71 73.71 -15.27
CA PHE G 43 2.78 73.06 -14.54
C PHE G 43 4.13 73.24 -15.21
N THR G 44 4.26 74.27 -16.02
CA THR G 44 5.57 74.74 -16.45
C THR G 44 6.08 75.88 -15.59
N VAL G 45 5.23 76.44 -14.73
CA VAL G 45 5.66 77.43 -13.74
C VAL G 45 6.46 76.72 -12.65
N PRO G 46 7.61 77.23 -12.23
CA PRO G 46 8.37 76.56 -11.16
C PRO G 46 7.60 76.59 -9.84
N ASN G 47 7.48 75.42 -9.21
CA ASN G 47 6.77 75.26 -7.95
C ASN G 47 5.30 75.69 -8.09
N ALA G 48 4.62 75.02 -9.03
CA ALA G 48 3.26 75.43 -9.37
C ALA G 48 2.23 74.90 -8.37
N ALA G 49 2.46 73.74 -7.79
CA ALA G 49 1.55 73.25 -6.77
C ALA G 49 1.58 74.17 -5.54
N ALA G 50 2.74 74.73 -5.24
CA ALA G 50 2.82 75.72 -4.16
C ALA G 50 2.03 76.97 -4.51
N VAL G 51 2.05 77.40 -5.78
CA VAL G 51 1.26 78.55 -6.19
C VAL G 51 -0.22 78.25 -6.04
N ILE G 52 -0.65 77.05 -6.42
CA ILE G 52 -2.05 76.67 -6.26
C ILE G 52 -2.43 76.65 -4.78
N LEU G 53 -1.52 76.19 -3.94
CA LEU G 53 -1.80 76.11 -2.51
C LEU G 53 -1.91 77.49 -1.87
N LEU G 54 -1.03 78.41 -2.25
CA LEU G 54 -0.99 79.73 -1.64
C LEU G 54 -1.96 80.71 -2.28
N LEU G 55 -2.74 80.29 -3.27
CA LEU G 55 -3.79 81.12 -3.84
C LEU G 55 -5.17 80.67 -3.36
N SER G 56 -5.22 79.99 -2.23
CA SER G 56 -6.48 79.49 -1.68
C SER G 56 -7.23 80.56 -0.90
N PHE G 57 -6.68 81.78 -0.79
CA PHE G 57 -7.44 82.88 -0.23
C PHE G 57 -8.40 83.47 -1.24
N LEU G 58 -8.06 83.36 -2.54
CA LEU G 58 -9.00 83.76 -3.59
C LEU G 58 -10.17 82.80 -3.71
N LYS G 59 -9.99 81.56 -3.25
CA LYS G 59 -11.06 80.56 -3.35
C LYS G 59 -12.30 81.01 -2.61
N GLU G 60 -12.13 81.65 -1.44
CA GLU G 60 -13.26 82.17 -0.70
C GLU G 60 -13.88 83.38 -1.40
N LYS G 61 -13.04 84.21 -2.04
CA LYS G 61 -13.56 85.34 -2.79
C LYS G 61 -14.41 84.91 -3.98
N GLY G 62 -14.19 83.70 -4.48
CA GLY G 62 -15.03 83.17 -5.54
C GLY G 62 -14.30 82.67 -6.77
N ALA G 63 -12.98 82.58 -6.71
CA ALA G 63 -12.19 82.12 -7.85
C ALA G 63 -12.15 80.60 -7.90
N ILE G 64 -11.96 80.08 -9.12
CA ILE G 64 -11.76 78.65 -9.36
C ILE G 64 -10.37 78.47 -9.93
N ILE G 65 -9.51 77.76 -9.19
CA ILE G 65 -8.13 77.54 -9.60
C ILE G 65 -7.99 76.10 -10.08
N GLY G 66 -7.22 75.91 -11.17
CA GLY G 66 -6.98 74.59 -11.71
C GLY G 66 -5.54 74.46 -12.19
N ALA G 67 -5.20 73.25 -12.62
CA ALA G 67 -3.85 72.92 -13.06
C ALA G 67 -3.85 72.53 -14.53
N GLY G 68 -2.89 73.05 -15.28
CA GLY G 68 -2.73 72.74 -16.68
C GLY G 68 -1.40 72.07 -16.98
N THR G 69 -1.26 71.63 -18.23
CA THR G 69 -0.08 70.95 -18.72
C THR G 69 0.26 69.72 -17.87
N VAL G 70 -0.78 68.98 -17.47
CA VAL G 70 -0.60 67.77 -16.69
C VAL G 70 -0.37 66.60 -17.65
N THR G 71 0.84 66.04 -17.62
CA THR G 71 1.20 64.94 -18.49
C THR G 71 1.58 63.69 -17.70
N SER G 72 1.09 63.57 -16.47
CA SER G 72 1.41 62.44 -15.62
C SER G 72 0.32 62.30 -14.57
N GLU G 73 0.17 61.10 -14.04
CA GLU G 73 -0.82 60.89 -12.99
C GLU G 73 -0.32 61.38 -11.63
N GLU G 74 1.00 61.39 -11.42
CA GLU G 74 1.55 62.01 -10.21
C GLU G 74 1.29 63.50 -10.18
N GLN G 75 1.20 64.14 -11.35
CA GLN G 75 0.85 65.55 -11.37
C GLN G 75 -0.62 65.78 -11.05
N CYS G 76 -1.48 64.86 -11.39
CA CYS G 76 -2.87 65.00 -11.01
C CYS G 76 -2.95 64.82 -9.50
N ALA G 77 -2.19 63.85 -8.95
CA ALA G 77 -2.17 63.67 -7.50
C ALA G 77 -1.70 64.92 -6.79
N LEU G 78 -0.58 65.50 -7.24
CA LEU G 78 -0.02 66.69 -6.62
C LEU G 78 -0.96 67.88 -6.73
N ALA G 79 -1.62 68.05 -7.88
CA ALA G 79 -2.51 69.18 -8.08
C ALA G 79 -3.79 69.04 -7.28
N VAL G 80 -4.29 67.81 -7.10
CA VAL G 80 -5.47 67.61 -6.29
C VAL G 80 -5.14 67.78 -4.81
N LEU G 81 -3.94 67.36 -4.40
CA LEU G 81 -3.50 67.62 -3.04
C LEU G 81 -3.42 69.12 -2.76
N SER G 82 -2.77 69.85 -3.66
CA SER G 82 -2.58 71.28 -3.46
C SER G 82 -3.90 72.05 -3.45
N GLY G 83 -4.96 71.51 -4.04
CA GLY G 83 -6.26 72.15 -3.98
C GLY G 83 -6.84 72.61 -5.29
N ALA G 84 -6.40 72.00 -6.40
CA ALA G 84 -6.93 72.35 -7.72
C ALA G 84 -8.31 71.73 -7.91
N GLU G 85 -9.20 72.49 -8.53
CA GLU G 85 -10.58 72.06 -8.74
C GLU G 85 -10.80 71.44 -10.12
N PHE G 86 -9.88 71.63 -11.06
CA PHE G 86 -9.96 70.96 -12.35
C PHE G 86 -8.56 70.75 -12.89
N ILE G 87 -8.44 69.77 -13.77
CA ILE G 87 -7.18 69.35 -14.37
C ILE G 87 -7.31 69.48 -15.88
N VAL G 88 -6.23 69.92 -16.53
CA VAL G 88 -6.22 70.12 -17.97
C VAL G 88 -4.94 69.54 -18.55
N SER G 89 -5.02 68.98 -19.75
CA SER G 89 -3.90 68.44 -20.49
C SER G 89 -3.91 68.98 -21.92
N PRO G 90 -2.73 69.19 -22.51
CA PRO G 90 -2.68 69.57 -23.94
C PRO G 90 -2.87 68.40 -24.88
N HIS G 91 -3.04 67.21 -24.35
CA HIS G 91 -3.17 65.98 -25.10
C HIS G 91 -4.28 65.15 -24.47
N LEU G 92 -4.53 63.98 -25.01
CA LEU G 92 -5.44 63.02 -24.40
C LEU G 92 -4.64 61.83 -23.91
N ASP G 93 -4.77 61.59 -22.59
CA ASP G 93 -4.08 60.47 -21.94
C ASP G 93 -5.07 59.57 -21.19
N GLU G 94 -5.32 58.39 -21.73
CA GLU G 94 -6.29 57.47 -21.15
C GLU G 94 -6.05 57.15 -19.68
N GLU G 95 -4.81 56.91 -19.29
CA GLU G 95 -4.53 56.55 -17.92
C GLU G 95 -4.92 57.68 -16.97
N ILE G 96 -4.45 58.88 -17.27
CA ILE G 96 -4.77 60.01 -16.43
C ILE G 96 -6.27 60.04 -16.33
N SER G 97 -6.95 59.96 -17.48
CA SER G 97 -8.40 60.08 -17.43
C SER G 97 -8.96 59.10 -16.43
N GLN G 98 -8.75 57.82 -16.67
CA GLN G 98 -9.26 56.78 -15.78
C GLN G 98 -9.02 57.10 -14.33
N PHE G 99 -7.79 57.36 -13.93
CA PHE G 99 -7.55 57.60 -12.51
C PHE G 99 -8.36 58.78 -11.96
N CYS G 100 -8.51 59.83 -12.75
CA CYS G 100 -9.28 60.99 -12.31
C CYS G 100 -10.75 60.66 -12.15
N LYS G 101 -11.25 59.72 -12.94
CA LYS G 101 -12.64 59.30 -12.83
C LYS G 101 -12.81 58.66 -11.48
N GLU G 102 -11.88 57.80 -11.13
CA GLU G 102 -11.91 57.16 -9.83
C GLU G 102 -11.87 58.22 -8.74
N LYS G 103 -11.01 59.21 -8.89
CA LYS G 103 -10.90 60.26 -7.87
C LYS G 103 -12.19 61.07 -7.74
N GLY G 104 -12.60 61.74 -8.81
CA GLY G 104 -13.88 62.48 -8.78
C GLY G 104 -13.59 63.90 -9.20
N VAL G 105 -12.49 64.11 -9.90
CA VAL G 105 -11.94 65.39 -10.30
C VAL G 105 -12.30 65.63 -11.75
N PHE G 106 -12.55 66.89 -12.09
CA PHE G 106 -12.95 67.25 -13.44
C PHE G 106 -11.72 67.35 -14.32
N TYR G 107 -11.62 66.46 -15.31
CA TYR G 107 -10.49 66.40 -16.23
C TYR G 107 -10.94 66.83 -17.61
N MET G 108 -10.22 67.78 -18.20
CA MET G 108 -10.52 68.28 -19.55
C MET G 108 -9.33 68.02 -20.46
N PRO G 109 -9.34 66.94 -21.25
CA PRO G 109 -8.20 66.65 -22.11
C PRO G 109 -8.21 67.47 -23.39
N GLY G 110 -7.15 67.41 -24.17
CA GLY G 110 -7.00 68.20 -25.38
C GLY G 110 -7.00 67.32 -26.61
N VAL G 111 -7.80 67.69 -27.61
CA VAL G 111 -7.92 66.93 -28.83
C VAL G 111 -7.63 67.87 -30.01
N MET G 112 -7.26 67.25 -31.14
CA MET G 112 -7.04 68.00 -32.37
C MET G 112 -7.71 67.38 -33.58
N THR G 113 -8.03 66.09 -33.56
CA THR G 113 -8.59 65.35 -34.68
C THR G 113 -9.84 64.61 -34.21
N PRO G 114 -10.71 64.21 -35.14
CA PRO G 114 -11.92 63.48 -34.74
C PRO G 114 -11.68 62.11 -34.14
N THR G 115 -10.56 61.46 -34.44
CA THR G 115 -10.28 60.16 -33.83
C THR G 115 -9.95 60.31 -32.34
N GLU G 116 -9.17 61.34 -32.01
CA GLU G 116 -8.90 61.67 -30.62
C GLU G 116 -10.18 62.09 -29.90
N LEU G 117 -11.05 62.82 -30.60
CA LEU G 117 -12.32 63.23 -30.02
C LEU G 117 -13.18 62.02 -29.68
N VAL G 118 -13.28 61.06 -30.58
CA VAL G 118 -14.09 59.88 -30.32
C VAL G 118 -13.47 59.03 -29.22
N LYS G 119 -12.14 58.98 -29.12
CA LYS G 119 -11.53 58.25 -28.01
C LYS G 119 -11.79 58.93 -26.67
N ALA G 120 -11.82 60.27 -26.65
CA ALA G 120 -12.16 60.99 -25.43
C ALA G 120 -13.62 60.74 -25.05
N MET G 121 -14.51 60.78 -26.04
CA MET G 121 -15.92 60.52 -25.79
C MET G 121 -16.16 59.11 -25.27
N LYS G 122 -15.40 58.14 -25.77
CA LYS G 122 -15.54 56.76 -25.31
C LYS G 122 -15.16 56.62 -23.84
N LEU G 123 -14.36 57.53 -23.31
CA LEU G 123 -13.99 57.55 -21.91
C LEU G 123 -14.88 58.46 -21.06
N GLY G 124 -15.86 59.12 -21.68
CA GLY G 124 -16.86 59.87 -20.95
C GLY G 124 -16.72 61.36 -20.98
N HIS G 125 -15.84 61.91 -21.81
CA HIS G 125 -15.55 63.34 -21.80
C HIS G 125 -16.46 64.06 -22.80
N THR G 126 -17.26 65.00 -22.31
CA THR G 126 -18.13 65.80 -23.14
C THR G 126 -17.62 67.21 -23.37
N ILE G 127 -16.79 67.73 -22.49
CA ILE G 127 -16.15 69.02 -22.65
C ILE G 127 -14.67 68.76 -22.93
N LEU G 128 -14.16 69.31 -24.02
CA LEU G 128 -12.80 69.06 -24.47
C LEU G 128 -12.09 70.37 -24.72
N LYS G 129 -10.77 70.34 -24.57
CA LYS G 129 -9.90 71.44 -24.93
C LYS G 129 -9.49 71.28 -26.40
N LEU G 130 -9.66 72.34 -27.18
CA LEU G 130 -9.29 72.34 -28.59
C LEU G 130 -7.96 73.07 -28.72
N PHE G 131 -6.89 72.31 -28.86
CA PHE G 131 -5.55 72.87 -28.83
C PHE G 131 -4.69 72.15 -29.88
N PRO G 132 -3.89 72.89 -30.65
CA PRO G 132 -3.87 74.35 -30.80
C PRO G 132 -5.05 74.88 -31.59
N GLY G 133 -5.74 75.89 -31.03
CA GLY G 133 -6.95 76.39 -31.66
C GLY G 133 -6.70 77.25 -32.88
N GLU G 134 -5.53 77.88 -32.97
CA GLU G 134 -5.20 78.71 -34.12
C GLU G 134 -4.81 77.89 -35.35
N VAL G 135 -4.45 76.62 -35.16
CA VAL G 135 -4.11 75.78 -36.30
C VAL G 135 -5.37 75.27 -36.98
N VAL G 136 -6.35 74.82 -36.21
CA VAL G 136 -7.58 74.27 -36.79
C VAL G 136 -8.65 75.34 -37.01
N GLY G 137 -8.68 76.39 -36.19
CA GLY G 137 -9.63 77.47 -36.38
C GLY G 137 -11.04 77.11 -35.95
N PRO G 138 -11.93 78.11 -35.94
CA PRO G 138 -13.32 77.86 -35.56
C PRO G 138 -14.11 77.06 -36.58
N GLN G 139 -13.56 76.86 -37.77
CA GLN G 139 -14.20 75.99 -38.74
C GLN G 139 -14.17 74.54 -38.31
N PHE G 140 -13.19 74.15 -37.49
CA PHE G 140 -13.21 72.82 -36.89
C PHE G 140 -14.42 72.66 -35.98
N VAL G 141 -14.73 73.68 -35.18
CA VAL G 141 -15.88 73.61 -34.29
C VAL G 141 -17.17 73.60 -35.10
N LYS G 142 -17.25 74.42 -36.14
CA LYS G 142 -18.42 74.39 -37.03
C LYS G 142 -18.60 73.01 -37.65
N ALA G 143 -17.52 72.39 -38.11
CA ALA G 143 -17.62 71.11 -38.80
C ALA G 143 -17.92 69.95 -37.85
N MET G 144 -17.55 70.05 -36.58
CA MET G 144 -17.85 68.93 -35.68
C MET G 144 -19.26 68.99 -35.11
N LYS G 145 -19.99 70.09 -35.31
CA LYS G 145 -21.36 70.18 -34.86
C LYS G 145 -22.20 69.03 -35.40
N GLY G 146 -22.11 68.78 -36.71
CA GLY G 146 -22.92 67.79 -37.38
C GLY G 146 -22.85 66.40 -36.78
N PRO G 147 -21.71 65.73 -36.95
CA PRO G 147 -21.59 64.35 -36.43
C PRO G 147 -21.59 64.25 -34.92
N PHE G 148 -21.12 65.26 -34.21
CA PHE G 148 -20.96 65.22 -32.75
C PHE G 148 -21.65 66.43 -32.13
N PRO G 149 -22.99 66.42 -32.05
CA PRO G 149 -23.69 67.60 -31.55
C PRO G 149 -23.57 67.83 -30.05
N ASN G 150 -23.14 66.84 -29.28
CA ASN G 150 -23.10 66.96 -27.82
C ASN G 150 -21.78 67.48 -27.27
N VAL G 151 -20.76 67.62 -28.09
CA VAL G 151 -19.43 67.98 -27.61
C VAL G 151 -19.28 69.50 -27.59
N LYS G 152 -18.73 70.03 -26.50
CA LYS G 152 -18.39 71.44 -26.38
C LYS G 152 -16.87 71.61 -26.29
N PHE G 153 -16.35 72.67 -26.89
CA PHE G 153 -14.93 72.93 -26.92
C PHE G 153 -14.57 74.18 -26.13
N VAL G 154 -13.40 74.14 -25.50
CA VAL G 154 -12.77 75.31 -24.89
C VAL G 154 -11.49 75.58 -25.66
N PRO G 155 -11.50 76.47 -26.65
CA PRO G 155 -10.30 76.70 -27.47
C PRO G 155 -9.16 77.29 -26.64
N THR G 156 -7.97 76.79 -26.89
CA THR G 156 -6.75 77.40 -26.37
C THR G 156 -5.75 77.56 -27.50
N GLY G 157 -5.14 78.73 -27.58
CA GLY G 157 -4.17 79.00 -28.62
C GLY G 157 -4.59 80.11 -29.56
N GLY G 158 -3.91 81.25 -29.47
CA GLY G 158 -4.10 82.32 -30.42
C GLY G 158 -5.38 83.11 -30.28
N VAL G 159 -6.11 82.97 -29.17
CA VAL G 159 -7.35 83.71 -29.00
C VAL G 159 -7.01 85.17 -28.69
N ASN G 160 -7.56 86.08 -29.48
CA ASN G 160 -7.29 87.51 -29.39
C ASN G 160 -8.58 88.25 -29.05
N LEU G 161 -8.45 89.56 -28.87
CA LEU G 161 -9.64 90.41 -28.78
C LEU G 161 -10.41 90.41 -30.07
N ASP G 162 -9.72 90.29 -31.21
CA ASP G 162 -10.38 90.40 -32.50
C ASP G 162 -11.15 89.14 -32.88
N ASN G 163 -10.62 87.95 -32.59
CA ASN G 163 -11.23 86.72 -33.08
C ASN G 163 -12.02 85.97 -32.01
N VAL G 164 -12.31 86.59 -30.87
CA VAL G 164 -13.03 85.85 -29.84
C VAL G 164 -14.53 85.84 -30.12
N CYS G 165 -15.06 86.91 -30.72
CA CYS G 165 -16.46 86.89 -31.13
C CYS G 165 -16.69 85.85 -32.21
N GLU G 166 -15.72 85.64 -33.09
CA GLU G 166 -15.82 84.57 -34.08
C GLU G 166 -15.86 83.21 -33.42
N TRP G 167 -15.02 83.01 -32.41
CA TRP G 167 -15.01 81.74 -31.68
C TRP G 167 -16.35 81.48 -31.00
N PHE G 168 -16.96 82.53 -30.43
CA PHE G 168 -18.25 82.33 -29.77
C PHE G 168 -19.39 82.17 -30.76
N LYS G 169 -19.30 82.79 -31.95
CA LYS G 169 -20.29 82.53 -32.99
C LYS G 169 -20.21 81.08 -33.47
N ALA G 170 -18.99 80.53 -33.55
CA ALA G 170 -18.86 79.13 -33.93
C ALA G 170 -19.49 78.19 -32.92
N GLY G 171 -19.70 78.62 -31.68
CA GLY G 171 -20.41 77.81 -30.71
C GLY G 171 -19.57 77.19 -29.62
N VAL G 172 -18.47 77.85 -29.25
CA VAL G 172 -17.60 77.31 -28.21
C VAL G 172 -18.20 77.57 -26.83
N LEU G 173 -17.89 76.69 -25.88
CA LEU G 173 -18.42 76.83 -24.53
C LEU G 173 -17.70 77.94 -23.77
N ALA G 174 -16.38 78.00 -23.88
CA ALA G 174 -15.57 79.03 -23.24
C ALA G 174 -14.29 79.17 -24.05
N VAL G 175 -13.45 80.12 -23.67
CA VAL G 175 -12.16 80.32 -24.32
C VAL G 175 -11.07 80.38 -23.26
N GLY G 176 -9.96 79.69 -23.50
CA GLY G 176 -8.77 79.84 -22.69
C GLY G 176 -7.79 80.81 -23.31
N VAL G 177 -7.49 81.90 -22.62
CA VAL G 177 -6.64 82.95 -23.15
C VAL G 177 -5.32 82.95 -22.39
N GLY G 178 -4.22 82.89 -23.12
CA GLY G 178 -2.90 82.89 -22.53
C GLY G 178 -2.13 84.19 -22.69
N SER G 179 -1.17 84.19 -23.63
CA SER G 179 -0.19 85.28 -23.71
C SER G 179 -0.79 86.59 -24.21
N ALA G 180 -2.01 86.58 -24.73
CA ALA G 180 -2.71 87.81 -25.04
C ALA G 180 -3.37 88.42 -23.83
N LEU G 181 -3.32 87.74 -22.68
CA LEU G 181 -3.96 88.18 -21.46
C LEU G 181 -2.97 88.41 -20.32
N VAL G 182 -2.06 87.45 -20.10
CA VAL G 182 -1.24 87.44 -18.89
C VAL G 182 0.14 88.03 -19.09
N LYS G 183 0.46 88.53 -20.27
CA LYS G 183 1.78 89.13 -20.47
C LYS G 183 1.79 90.60 -20.06
N GLY G 184 2.97 91.08 -19.69
CA GLY G 184 3.17 92.44 -19.24
C GLY G 184 3.18 92.62 -17.73
N THR G 185 3.03 93.85 -17.27
CA THR G 185 3.06 94.13 -15.85
C THR G 185 1.75 93.70 -15.21
N PRO G 186 1.75 93.44 -13.89
CA PRO G 186 0.52 93.00 -13.23
C PRO G 186 -0.61 94.02 -13.21
N ASP G 187 -0.42 95.21 -13.77
CA ASP G 187 -1.54 96.12 -13.95
C ASP G 187 -1.96 96.26 -15.40
N GLU G 188 -1.07 95.99 -16.35
CA GLU G 188 -1.48 95.81 -17.73
C GLU G 188 -2.35 94.56 -17.86
N VAL G 189 -2.01 93.51 -17.11
CA VAL G 189 -2.79 92.29 -17.11
C VAL G 189 -4.20 92.55 -16.60
N ARG G 190 -4.33 93.42 -15.60
CA ARG G 190 -5.64 93.69 -15.04
C ARG G 190 -6.52 94.44 -16.03
N GLU G 191 -5.94 95.37 -16.79
CA GLU G 191 -6.70 96.12 -17.78
C GLU G 191 -7.04 95.25 -18.99
N LYS G 192 -6.12 94.37 -19.39
CA LYS G 192 -6.40 93.42 -20.46
C LYS G 192 -7.48 92.43 -20.06
N ALA G 193 -7.52 92.01 -18.79
CA ALA G 193 -8.61 91.17 -18.32
C ALA G 193 -9.94 91.92 -18.34
N LYS G 194 -9.93 93.18 -17.94
CA LYS G 194 -11.14 94.00 -18.04
C LYS G 194 -11.63 94.06 -19.49
N ALA G 195 -10.71 94.27 -20.43
CA ALA G 195 -11.05 94.36 -21.85
C ALA G 195 -11.65 93.06 -22.36
N PHE G 196 -11.01 91.93 -22.05
CA PHE G 196 -11.54 90.64 -22.49
C PHE G 196 -12.93 90.37 -21.92
N VAL G 197 -13.13 90.64 -20.63
CA VAL G 197 -14.44 90.37 -20.05
C VAL G 197 -15.50 91.26 -20.69
N GLU G 198 -15.18 92.52 -20.92
CA GLU G 198 -16.13 93.43 -21.56
C GLU G 198 -16.44 92.99 -22.98
N LYS G 199 -15.43 92.57 -23.74
CA LYS G 199 -15.65 92.12 -25.11
C LYS G 199 -16.50 90.86 -25.16
N ILE G 200 -16.20 89.89 -24.29
CA ILE G 200 -16.95 88.65 -24.30
C ILE G 200 -18.40 88.86 -23.90
N ARG G 201 -18.67 89.79 -22.98
CA ARG G 201 -20.09 90.04 -22.66
C ARG G 201 -20.74 90.96 -23.69
N GLY G 202 -19.96 91.74 -24.44
CA GLY G 202 -20.55 92.55 -25.48
C GLY G 202 -21.01 91.73 -26.69
N CYS G 203 -20.17 90.81 -27.14
CA CYS G 203 -20.53 89.93 -28.25
C CYS G 203 -21.47 88.82 -27.81
N MET H 3 57.20 -17.74 46.52
CA MET H 3 57.14 -16.28 46.45
C MET H 3 58.44 -15.65 46.88
N GLU H 4 58.42 -14.33 47.05
CA GLU H 4 59.64 -13.59 47.34
C GLU H 4 60.27 -14.03 48.66
N GLU H 5 59.45 -14.28 49.68
CA GLU H 5 59.96 -14.59 51.00
C GLU H 5 60.68 -15.93 51.03
N LEU H 6 60.14 -16.92 50.31
CA LEU H 6 60.78 -18.24 50.30
C LEU H 6 62.14 -18.19 49.60
N PHE H 7 62.22 -17.48 48.47
CA PHE H 7 63.51 -17.30 47.81
C PHE H 7 64.48 -16.54 48.69
N LYS H 8 64.00 -15.49 49.35
CA LYS H 8 64.88 -14.69 50.20
C LYS H 8 65.36 -15.46 51.41
N LYS H 9 64.57 -16.42 51.89
CA LYS H 9 64.94 -17.17 53.07
C LYS H 9 65.86 -18.34 52.75
N HIS H 10 65.49 -19.16 51.76
CA HIS H 10 66.26 -20.37 51.50
C HIS H 10 67.46 -20.13 50.61
N LYS H 11 67.34 -19.23 49.63
CA LYS H 11 68.45 -18.70 48.84
C LYS H 11 69.05 -19.69 47.86
N ILE H 12 68.46 -20.87 47.69
CA ILE H 12 68.95 -21.84 46.73
C ILE H 12 67.78 -22.68 46.24
N VAL H 13 67.72 -22.86 44.93
CA VAL H 13 66.70 -23.69 44.29
C VAL H 13 67.42 -24.79 43.53
N ALA H 14 67.07 -26.03 43.81
CA ALA H 14 67.67 -27.18 43.13
C ALA H 14 66.89 -27.44 41.85
N VAL H 15 67.50 -27.11 40.71
CA VAL H 15 66.92 -27.42 39.41
C VAL H 15 67.30 -28.84 39.06
N LEU H 16 66.31 -29.68 38.75
CA LEU H 16 66.51 -31.12 38.67
C LEU H 16 66.09 -31.63 37.31
N ARG H 17 67.07 -32.09 36.54
CA ARG H 17 66.89 -32.82 35.29
C ARG H 17 67.38 -34.24 35.47
N ALA H 18 66.71 -35.17 34.79
CA ALA H 18 67.04 -36.59 34.89
C ALA H 18 66.52 -37.29 33.64
N ASN H 19 66.94 -38.55 33.48
CA ASN H 19 66.55 -39.33 32.31
C ASN H 19 65.45 -40.35 32.61
N ASP H 20 64.98 -40.40 33.86
CA ASP H 20 63.84 -41.22 34.24
C ASP H 20 63.22 -40.62 35.49
N ALA H 21 62.01 -41.07 35.79
CA ALA H 21 61.24 -40.51 36.89
C ALA H 21 61.63 -41.04 38.25
N GLN H 22 62.39 -42.14 38.32
CA GLN H 22 62.81 -42.66 39.62
C GLN H 22 64.05 -41.94 40.13
N GLU H 23 65.01 -41.66 39.24
CA GLU H 23 66.16 -40.84 39.62
C GLU H 23 65.74 -39.46 40.08
N ALA H 24 64.71 -38.89 39.45
CA ALA H 24 64.20 -37.59 39.89
C ALA H 24 63.75 -37.64 41.33
N ARG H 25 62.95 -38.64 41.70
CA ARG H 25 62.45 -38.75 43.06
C ARG H 25 63.58 -39.01 44.05
N GLU H 26 64.51 -39.89 43.68
CA GLU H 26 65.67 -40.16 44.53
C GLU H 26 66.45 -38.88 44.81
N LYS H 27 66.76 -38.10 43.77
CA LYS H 27 67.60 -36.92 43.94
C LYS H 27 66.84 -35.79 44.63
N ALA H 28 65.53 -35.67 44.40
CA ALA H 28 64.76 -34.68 45.13
C ALA H 28 64.78 -34.98 46.62
N LEU H 29 64.57 -36.24 47.00
CA LEU H 29 64.65 -36.60 48.41
C LEU H 29 66.06 -36.35 48.96
N ALA H 30 67.09 -36.70 48.19
CA ALA H 30 68.46 -36.52 48.67
C ALA H 30 68.79 -35.04 48.89
N VAL H 31 68.34 -34.17 47.98
CA VAL H 31 68.68 -32.76 48.11
C VAL H 31 67.83 -32.11 49.20
N PHE H 32 66.65 -32.64 49.48
CA PHE H 32 65.93 -32.18 50.67
C PHE H 32 66.63 -32.62 51.95
N GLU H 33 67.20 -33.83 51.94
CA GLU H 33 67.98 -34.28 53.09
C GLU H 33 69.21 -33.41 53.30
N GLY H 34 69.82 -32.95 52.21
CA GLY H 34 70.99 -32.11 52.32
C GLY H 34 70.73 -30.74 52.90
N GLY H 35 69.51 -30.24 52.75
CA GLY H 35 69.15 -28.97 53.35
C GLY H 35 68.40 -28.02 52.44
N VAL H 36 68.30 -28.37 51.16
CA VAL H 36 67.66 -27.50 50.18
C VAL H 36 66.15 -27.71 50.24
N HIS H 37 65.41 -26.61 50.42
CA HIS H 37 63.97 -26.68 50.60
C HIS H 37 63.18 -26.24 49.38
N LEU H 38 63.82 -25.64 48.38
CA LEU H 38 63.15 -25.25 47.14
C LEU H 38 63.67 -26.15 46.04
N ILE H 39 62.78 -26.88 45.38
CA ILE H 39 63.18 -27.80 44.31
C ILE H 39 62.34 -27.62 43.07
N GLU H 40 62.95 -27.77 41.89
CA GLU H 40 62.25 -27.61 40.64
C GLU H 40 62.45 -28.81 39.78
N ILE H 41 61.37 -29.36 39.27
CA ILE H 41 61.45 -30.51 38.43
C ILE H 41 61.24 -30.01 37.04
N THR H 42 62.21 -30.23 36.19
CA THR H 42 62.17 -29.72 34.87
C THR H 42 61.29 -30.58 34.02
N PHE H 43 60.55 -29.99 33.12
CA PHE H 43 59.63 -30.73 32.32
C PHE H 43 60.36 -31.34 31.18
N THR H 44 61.56 -31.82 31.43
CA THR H 44 62.36 -32.49 30.42
C THR H 44 62.49 -33.88 30.99
N VAL H 45 62.36 -34.01 32.29
CA VAL H 45 62.31 -35.32 32.96
C VAL H 45 61.09 -36.07 32.46
N PRO H 46 61.19 -37.36 32.15
CA PRO H 46 60.01 -38.10 31.67
C PRO H 46 58.99 -38.30 32.78
N ASN H 47 57.73 -38.00 32.49
CA ASN H 47 56.64 -38.11 33.46
C ASN H 47 56.90 -37.20 34.66
N ALA H 48 57.12 -35.91 34.39
CA ALA H 48 57.51 -34.99 35.44
C ALA H 48 56.33 -34.54 36.29
N ALA H 49 55.14 -34.42 35.70
CA ALA H 49 53.97 -34.09 36.50
C ALA H 49 53.67 -35.21 37.50
N ALA H 50 53.91 -36.46 37.11
CA ALA H 50 53.76 -37.57 38.06
C ALA H 50 54.78 -37.45 39.19
N VAL H 51 56.01 -37.06 38.88
CA VAL H 51 57.02 -36.88 39.91
C VAL H 51 56.63 -35.76 40.87
N ILE H 52 56.08 -34.67 40.34
CA ILE H 52 55.61 -33.59 41.21
C ILE H 52 54.45 -34.05 42.08
N LEU H 53 53.56 -34.88 41.53
CA LEU H 53 52.40 -35.35 42.28
C LEU H 53 52.81 -36.31 43.39
N LEU H 54 53.80 -37.16 43.12
CA LEU H 54 54.22 -38.15 44.09
C LEU H 54 55.15 -37.60 45.16
N LEU H 55 55.68 -36.39 44.96
CA LEU H 55 56.49 -35.71 45.97
C LEU H 55 55.64 -34.77 46.83
N SER H 56 54.53 -35.29 47.36
CA SER H 56 53.66 -34.53 48.23
C SER H 56 53.81 -34.92 49.69
N PHE H 57 54.57 -35.99 49.98
CA PHE H 57 54.95 -36.27 51.36
C PHE H 57 56.04 -35.33 51.83
N LEU H 58 56.81 -34.76 50.90
CA LEU H 58 57.80 -33.74 51.25
C LEU H 58 57.18 -32.36 51.43
N LYS H 59 56.03 -32.10 50.82
CA LYS H 59 55.33 -30.85 51.06
C LYS H 59 54.91 -30.70 52.51
N GLU H 60 54.75 -31.83 53.22
CA GLU H 60 54.43 -31.84 54.64
C GLU H 60 55.66 -31.64 55.51
N LYS H 61 56.82 -32.09 55.04
CA LYS H 61 58.07 -31.94 55.77
C LYS H 61 58.67 -30.56 55.65
N GLY H 62 58.28 -29.78 54.64
CA GLY H 62 58.75 -28.42 54.51
C GLY H 62 59.27 -28.00 53.15
N ALA H 63 59.13 -28.86 52.15
CA ALA H 63 59.67 -28.61 50.81
C ALA H 63 58.68 -27.82 49.98
N ILE H 64 59.22 -27.01 49.07
CA ILE H 64 58.43 -26.29 48.07
C ILE H 64 58.86 -26.82 46.70
N ILE H 65 57.93 -27.51 46.02
CA ILE H 65 58.21 -28.12 44.73
C ILE H 65 57.58 -27.27 43.64
N GLY H 66 58.31 -27.11 42.53
CA GLY H 66 57.83 -26.36 41.39
C GLY H 66 58.25 -27.01 40.09
N ALA H 67 57.75 -26.44 38.99
CA ALA H 67 57.98 -26.96 37.65
C ALA H 67 58.81 -25.98 36.84
N GLY H 68 59.78 -26.50 36.10
CA GLY H 68 60.64 -25.71 35.24
C GLY H 68 60.53 -26.14 33.79
N THR H 69 61.21 -25.36 32.94
CA THR H 69 61.24 -25.59 31.49
C THR H 69 59.82 -25.65 30.92
N VAL H 70 58.92 -24.84 31.44
CA VAL H 70 57.57 -24.78 30.92
C VAL H 70 57.53 -23.84 29.73
N THR H 71 57.11 -24.35 28.58
CA THR H 71 57.10 -23.60 27.33
C THR H 71 55.71 -23.58 26.69
N SER H 72 54.67 -23.89 27.46
CA SER H 72 53.31 -23.94 26.92
C SER H 72 52.34 -23.67 28.05
N GLU H 73 51.10 -23.33 27.68
CA GLU H 73 50.07 -23.10 28.68
C GLU H 73 49.48 -24.42 29.18
N GLU H 74 49.44 -25.43 28.33
CA GLU H 74 48.98 -26.76 28.75
C GLU H 74 49.94 -27.37 29.76
N GLN H 75 51.24 -27.12 29.61
CA GLN H 75 52.21 -27.59 30.60
C GLN H 75 52.01 -26.89 31.93
N CYS H 76 51.68 -25.60 31.90
CA CYS H 76 51.40 -24.89 33.14
C CYS H 76 50.15 -25.45 33.82
N ALA H 77 49.11 -25.74 33.03
CA ALA H 77 47.91 -26.36 33.59
C ALA H 77 48.23 -27.72 34.21
N LEU H 78 49.01 -28.54 33.50
CA LEU H 78 49.35 -29.88 33.98
C LEU H 78 50.21 -29.82 35.23
N ALA H 79 51.06 -28.79 35.35
CA ALA H 79 51.90 -28.65 36.53
C ALA H 79 51.14 -28.11 37.73
N VAL H 80 50.18 -27.20 37.50
CA VAL H 80 49.37 -26.71 38.61
C VAL H 80 48.42 -27.80 39.09
N LEU H 81 47.88 -28.61 38.17
CA LEU H 81 47.04 -29.74 38.58
C LEU H 81 47.81 -30.69 39.49
N SER H 82 49.03 -31.03 39.10
CA SER H 82 49.85 -31.97 39.87
C SER H 82 50.31 -31.41 41.21
N GLY H 83 50.06 -30.13 41.48
CA GLY H 83 50.42 -29.56 42.76
C GLY H 83 51.70 -28.75 42.82
N ALA H 84 52.14 -28.18 41.70
CA ALA H 84 53.33 -27.34 41.71
C ALA H 84 53.02 -25.97 42.32
N GLU H 85 53.93 -25.49 43.17
CA GLU H 85 53.74 -24.21 43.82
C GLU H 85 54.22 -23.03 42.99
N PHE H 86 55.16 -23.22 42.07
CA PHE H 86 55.62 -22.16 41.21
C PHE H 86 56.00 -22.73 39.85
N ILE H 87 55.96 -21.86 38.84
CA ILE H 87 56.28 -22.21 37.46
C ILE H 87 57.48 -21.38 37.03
N VAL H 88 58.37 -21.98 36.24
CA VAL H 88 59.57 -21.32 35.74
C VAL H 88 59.69 -21.58 34.24
N SER H 89 60.28 -20.63 33.53
CA SER H 89 60.53 -20.73 32.09
C SER H 89 61.93 -20.23 31.79
N PRO H 90 62.59 -20.80 30.78
CA PRO H 90 63.88 -20.28 30.34
C PRO H 90 63.76 -19.04 29.46
N HIS H 91 62.55 -18.67 29.09
CA HIS H 91 62.26 -17.57 28.19
C HIS H 91 61.14 -16.75 28.80
N LEU H 92 60.75 -15.69 28.10
CA LEU H 92 59.60 -14.88 28.47
C LEU H 92 58.46 -15.19 27.50
N ASP H 93 57.31 -15.56 28.04
CA ASP H 93 56.15 -15.81 27.22
C ASP H 93 55.01 -14.93 27.71
N GLU H 94 54.46 -14.12 26.81
CA GLU H 94 53.40 -13.20 27.20
C GLU H 94 52.09 -13.93 27.46
N GLU H 95 51.81 -14.99 26.70
CA GLU H 95 50.57 -15.73 26.89
C GLU H 95 50.62 -16.58 28.15
N ILE H 96 51.74 -17.24 28.42
CA ILE H 96 51.87 -18.01 29.65
C ILE H 96 51.69 -17.11 30.86
N SER H 97 52.26 -15.90 30.81
CA SER H 97 52.11 -14.98 31.93
C SER H 97 50.68 -14.45 32.03
N GLN H 98 50.07 -14.12 30.90
CA GLN H 98 48.68 -13.65 30.88
C GLN H 98 47.76 -14.67 31.53
N PHE H 99 47.95 -15.95 31.23
CA PHE H 99 47.04 -16.98 31.73
C PHE H 99 47.50 -17.61 33.04
N CYS H 100 48.63 -17.22 33.58
CA CYS H 100 49.09 -17.70 34.88
C CYS H 100 48.78 -16.64 35.88
N LYS H 101 48.55 -15.43 35.40
CA LYS H 101 48.11 -14.38 36.31
C LYS H 101 46.66 -14.56 36.71
N GLU H 102 45.83 -15.10 35.82
CA GLU H 102 44.45 -15.39 36.14
C GLU H 102 44.34 -16.57 37.11
N LYS H 103 45.24 -17.54 37.00
CA LYS H 103 45.21 -18.68 37.89
C LYS H 103 45.62 -18.29 39.31
N GLY H 104 46.41 -17.24 39.45
CA GLY H 104 46.98 -16.89 40.74
C GLY H 104 48.22 -17.66 41.12
N VAL H 105 48.95 -18.19 40.13
CA VAL H 105 50.14 -18.99 40.38
C VAL H 105 51.37 -18.12 40.19
N PHE H 106 52.44 -18.44 40.91
CA PHE H 106 53.69 -17.70 40.79
C PHE H 106 54.44 -18.15 39.53
N TYR H 107 54.74 -17.20 38.66
CA TYR H 107 55.45 -17.46 37.41
C TYR H 107 56.72 -16.62 37.38
N MET H 108 57.85 -17.28 37.10
CA MET H 108 59.16 -16.62 37.05
C MET H 108 59.77 -16.82 35.67
N PRO H 109 59.56 -15.90 34.74
CA PRO H 109 60.15 -16.05 33.41
C PRO H 109 61.64 -15.76 33.41
N GLY H 110 62.26 -16.00 32.27
CA GLY H 110 63.70 -15.86 32.11
C GLY H 110 64.05 -14.79 31.10
N VAL H 111 65.00 -13.93 31.44
CA VAL H 111 65.39 -12.82 30.60
C VAL H 111 66.90 -12.86 30.42
N MET H 112 67.36 -12.30 29.30
CA MET H 112 68.78 -12.18 29.04
C MET H 112 69.17 -10.72 28.83
N THR H 113 68.39 -10.00 28.03
CA THR H 113 68.59 -8.62 27.62
C THR H 113 67.69 -7.66 28.40
N PRO H 114 68.01 -6.37 28.40
CA PRO H 114 67.14 -5.39 29.08
C PRO H 114 65.79 -5.18 28.43
N THR H 115 65.65 -5.44 27.12
CA THR H 115 64.35 -5.26 26.47
C THR H 115 63.35 -6.32 26.95
N GLU H 116 63.80 -7.58 27.00
CA GLU H 116 63.02 -8.65 27.61
C GLU H 116 62.69 -8.32 29.06
N LEU H 117 63.64 -7.72 29.78
CA LEU H 117 63.43 -7.35 31.17
C LEU H 117 62.30 -6.33 31.30
N VAL H 118 62.31 -5.31 30.45
CA VAL H 118 61.27 -4.29 30.53
C VAL H 118 59.91 -4.87 30.15
N LYS H 119 59.88 -5.80 29.20
CA LYS H 119 58.60 -6.45 28.87
C LYS H 119 58.08 -7.27 30.05
N ALA H 120 58.97 -8.01 30.73
CA ALA H 120 58.53 -8.77 31.90
C ALA H 120 58.04 -7.85 33.01
N MET H 121 58.72 -6.74 33.23
CA MET H 121 58.28 -5.76 34.22
C MET H 121 56.92 -5.20 33.86
N LYS H 122 56.70 -4.89 32.57
CA LYS H 122 55.42 -4.33 32.16
C LYS H 122 54.30 -5.37 32.25
N LEU H 123 54.66 -6.66 32.25
CA LEU H 123 53.68 -7.69 32.54
C LEU H 123 53.50 -7.95 34.03
N GLY H 124 54.27 -7.28 34.88
CA GLY H 124 54.09 -7.35 36.32
C GLY H 124 55.12 -8.15 37.08
N HIS H 125 56.21 -8.55 36.45
CA HIS H 125 57.18 -9.44 37.07
C HIS H 125 58.34 -8.65 37.68
N THR H 126 58.59 -8.87 38.97
CA THR H 126 59.70 -8.22 39.64
C THR H 126 60.81 -9.17 40.04
N ILE H 127 60.54 -10.47 40.11
CA ILE H 127 61.57 -11.49 40.30
C ILE H 127 61.74 -12.20 38.98
N LEU H 128 62.94 -12.12 38.42
CA LEU H 128 63.22 -12.70 37.12
C LEU H 128 64.24 -13.81 37.27
N LYS H 129 64.26 -14.70 36.29
CA LYS H 129 65.30 -15.72 36.16
C LYS H 129 66.34 -15.21 35.16
N LEU H 130 67.60 -15.29 35.53
CA LEU H 130 68.69 -14.87 34.67
C LEU H 130 69.31 -16.12 34.07
N PHE H 131 69.03 -16.35 32.78
CA PHE H 131 69.44 -17.54 32.07
C PHE H 131 69.89 -17.14 30.67
N PRO H 132 71.08 -17.59 30.21
CA PRO H 132 72.07 -18.30 31.02
C PRO H 132 72.99 -17.36 31.80
N GLY H 133 73.15 -17.65 33.09
CA GLY H 133 73.86 -16.73 33.96
C GLY H 133 75.35 -16.64 33.69
N GLU H 134 75.96 -17.74 33.27
CA GLU H 134 77.40 -17.74 33.03
C GLU H 134 77.77 -16.91 31.81
N VAL H 135 76.88 -16.84 30.82
CA VAL H 135 77.15 -16.04 29.64
C VAL H 135 77.21 -14.55 29.99
N VAL H 136 76.31 -14.08 30.83
CA VAL H 136 76.27 -12.67 31.17
C VAL H 136 77.12 -12.36 32.41
N GLY H 137 76.95 -13.12 33.49
CA GLY H 137 77.78 -12.96 34.65
C GLY H 137 77.16 -12.04 35.69
N PRO H 138 77.77 -11.96 36.87
CA PRO H 138 77.24 -11.04 37.90
C PRO H 138 77.41 -9.58 37.53
N GLN H 139 78.26 -9.27 36.55
CA GLN H 139 78.39 -7.90 36.07
C GLN H 139 77.12 -7.41 35.42
N PHE H 140 76.35 -8.30 34.80
CA PHE H 140 75.05 -7.91 34.25
C PHE H 140 74.10 -7.50 35.38
N VAL H 141 74.11 -8.24 36.48
CA VAL H 141 73.26 -7.91 37.62
C VAL H 141 73.68 -6.59 38.24
N LYS H 142 75.00 -6.38 38.35
CA LYS H 142 75.50 -5.11 38.89
C LYS H 142 75.11 -3.95 38.00
N ALA H 143 75.17 -4.13 36.67
CA ALA H 143 74.84 -3.05 35.76
C ALA H 143 73.35 -2.78 35.69
N MET H 144 72.52 -3.79 35.97
CA MET H 144 71.08 -3.55 35.92
C MET H 144 70.55 -2.79 37.11
N LYS H 145 71.38 -2.57 38.14
CA LYS H 145 70.89 -1.94 39.37
C LYS H 145 70.44 -0.51 39.12
N GLY H 146 71.24 0.26 38.39
CA GLY H 146 70.98 1.66 38.17
C GLY H 146 69.61 1.98 37.62
N PRO H 147 69.33 1.57 36.39
CA PRO H 147 68.03 1.90 35.79
C PRO H 147 66.86 1.11 36.36
N PHE H 148 67.12 -0.07 36.92
CA PHE H 148 66.05 -0.97 37.39
C PHE H 148 66.39 -1.40 38.80
N PRO H 149 66.15 -0.53 39.79
CA PRO H 149 66.52 -0.90 41.17
C PRO H 149 65.58 -1.90 41.82
N ASN H 150 64.35 -2.02 41.35
CA ASN H 150 63.34 -2.83 42.00
C ASN H 150 63.22 -4.25 41.44
N VAL H 151 64.20 -4.69 40.64
CA VAL H 151 64.17 -5.99 39.99
C VAL H 151 65.25 -6.86 40.61
N LYS H 152 64.86 -8.08 40.99
CA LYS H 152 65.77 -9.06 41.59
C LYS H 152 65.86 -10.30 40.71
N PHE H 153 67.04 -10.92 40.70
CA PHE H 153 67.38 -11.99 39.78
C PHE H 153 67.67 -13.27 40.53
N VAL H 154 67.26 -14.38 39.92
CA VAL H 154 67.68 -15.72 40.35
C VAL H 154 68.53 -16.26 39.19
N PRO H 155 69.84 -16.30 39.32
CA PRO H 155 70.67 -16.79 38.21
C PRO H 155 70.65 -18.30 38.12
N THR H 156 70.46 -18.80 36.90
CA THR H 156 70.56 -20.22 36.60
C THR H 156 71.60 -20.42 35.51
N GLY H 157 72.43 -21.44 35.67
CA GLY H 157 73.47 -21.72 34.70
C GLY H 157 74.85 -21.35 35.18
N GLY H 158 75.71 -22.36 35.35
CA GLY H 158 77.09 -22.12 35.69
C GLY H 158 77.34 -21.57 37.08
N VAL H 159 76.49 -21.91 38.04
CA VAL H 159 76.69 -21.48 39.42
C VAL H 159 77.43 -22.58 40.16
N ASN H 160 78.63 -22.25 40.66
CA ASN H 160 79.49 -23.18 41.36
C ASN H 160 79.63 -22.77 42.81
N LEU H 161 80.37 -23.59 43.57
CA LEU H 161 80.78 -23.17 44.91
C LEU H 161 81.72 -21.98 44.84
N ASP H 162 82.54 -21.90 43.79
CA ASP H 162 83.50 -20.83 43.65
C ASP H 162 82.80 -19.48 43.47
N ASN H 163 81.85 -19.41 42.56
CA ASN H 163 81.29 -18.15 42.10
C ASN H 163 79.94 -17.81 42.74
N VAL H 164 79.52 -18.53 43.79
CA VAL H 164 78.22 -18.23 44.37
C VAL H 164 78.30 -17.00 45.27
N CYS H 165 79.41 -16.80 45.98
CA CYS H 165 79.55 -15.59 46.78
C CYS H 165 79.64 -14.36 45.89
N GLU H 166 80.24 -14.50 44.70
CA GLU H 166 80.24 -13.39 43.74
C GLU H 166 78.83 -13.02 43.32
N TRP H 167 78.02 -14.03 43.01
CA TRP H 167 76.64 -13.80 42.62
C TRP H 167 75.85 -13.13 43.74
N PHE H 168 76.14 -13.48 44.99
CA PHE H 168 75.41 -12.88 46.10
C PHE H 168 75.90 -11.47 46.41
N LYS H 169 77.20 -11.20 46.19
CA LYS H 169 77.68 -9.82 46.26
C LYS H 169 77.02 -8.96 45.20
N ALA H 170 76.80 -9.50 44.01
CA ALA H 170 76.12 -8.74 42.96
C ALA H 170 74.69 -8.37 43.34
N GLY H 171 74.08 -9.08 44.28
CA GLY H 171 72.77 -8.71 44.79
C GLY H 171 71.59 -9.58 44.37
N VAL H 172 71.80 -10.87 44.10
CA VAL H 172 70.70 -11.74 43.70
C VAL H 172 69.92 -12.21 44.93
N LEU H 173 68.65 -12.56 44.71
CA LEU H 173 67.87 -13.20 45.77
C LEU H 173 68.37 -14.61 46.06
N ALA H 174 68.40 -15.46 45.05
CA ALA H 174 68.73 -16.86 45.21
C ALA H 174 69.47 -17.29 43.96
N VAL H 175 69.98 -18.51 43.98
CA VAL H 175 70.66 -19.10 42.84
C VAL H 175 70.01 -20.45 42.53
N GLY H 176 69.84 -20.75 41.25
CA GLY H 176 69.41 -22.08 40.85
C GLY H 176 70.60 -22.91 40.42
N VAL H 177 70.88 -23.98 41.15
CA VAL H 177 72.01 -24.86 40.86
C VAL H 177 71.44 -26.18 40.36
N GLY H 178 71.96 -26.67 39.24
CA GLY H 178 71.40 -27.90 38.71
C GLY H 178 72.33 -28.88 38.03
N SER H 179 73.63 -28.62 38.02
CA SER H 179 74.57 -29.62 37.54
C SER H 179 75.56 -29.97 38.64
N ALA H 180 76.16 -28.95 39.23
CA ALA H 180 77.07 -29.16 40.36
C ALA H 180 76.33 -29.80 41.53
N LEU H 181 75.04 -29.51 41.67
CA LEU H 181 74.30 -29.97 42.84
C LEU H 181 73.80 -31.40 42.69
N VAL H 182 73.21 -31.72 41.54
CA VAL H 182 72.34 -32.91 41.42
C VAL H 182 72.93 -34.00 40.57
N LYS H 183 74.19 -33.90 40.14
CA LYS H 183 74.78 -35.04 39.46
C LYS H 183 75.50 -35.96 40.44
N GLY H 184 75.77 -37.18 39.98
CA GLY H 184 76.36 -38.20 40.81
C GLY H 184 75.34 -39.17 41.35
N THR H 185 75.79 -39.99 42.30
CA THR H 185 74.89 -40.92 42.97
C THR H 185 74.00 -40.16 43.94
N PRO H 186 72.85 -40.73 44.32
CA PRO H 186 71.92 -39.99 45.18
C PRO H 186 72.40 -39.79 46.60
N ASP H 187 73.64 -40.19 46.91
CA ASP H 187 74.23 -39.86 48.20
C ASP H 187 75.33 -38.80 48.08
N GLU H 188 75.95 -38.67 46.90
CA GLU H 188 76.84 -37.54 46.66
C GLU H 188 76.05 -36.24 46.56
N VAL H 189 74.82 -36.31 46.05
CA VAL H 189 73.96 -35.13 45.99
C VAL H 189 73.68 -34.60 47.39
N ARG H 190 73.56 -35.50 48.36
CA ARG H 190 73.29 -35.07 49.74
C ARG H 190 74.46 -34.26 50.28
N GLU H 191 75.69 -34.73 50.06
CA GLU H 191 76.86 -33.98 50.53
C GLU H 191 77.06 -32.70 49.74
N LYS H 192 76.76 -32.71 48.45
CA LYS H 192 76.84 -31.49 47.65
C LYS H 192 75.86 -30.45 48.16
N ALA H 193 74.65 -30.86 48.52
CA ALA H 193 73.68 -29.94 49.08
C ALA H 193 74.13 -29.41 50.44
N LYS H 194 74.68 -30.30 51.29
CA LYS H 194 75.30 -29.87 52.53
C LYS H 194 76.30 -28.74 52.28
N ALA H 195 77.22 -28.99 51.35
CA ALA H 195 78.29 -28.02 51.07
C ALA H 195 77.73 -26.72 50.54
N PHE H 196 76.77 -26.79 49.61
CA PHE H 196 76.20 -25.57 49.05
C PHE H 196 75.49 -24.76 50.12
N VAL H 197 74.72 -25.42 50.98
CA VAL H 197 73.97 -24.69 52.00
C VAL H 197 74.92 -24.03 52.99
N GLU H 198 75.96 -24.76 53.42
CA GLU H 198 76.89 -24.17 54.37
C GLU H 198 77.71 -23.05 53.74
N LYS H 199 78.05 -23.18 52.45
CA LYS H 199 78.77 -22.11 51.76
C LYS H 199 77.92 -20.86 51.62
N ILE H 200 76.65 -21.03 51.28
CA ILE H 200 75.78 -19.88 51.09
C ILE H 200 75.52 -19.19 52.43
N ARG H 201 75.33 -19.95 53.51
CA ARG H 201 75.14 -19.31 54.81
C ARG H 201 76.44 -18.79 55.38
N GLY H 202 77.59 -19.23 54.88
CA GLY H 202 78.86 -18.69 55.31
C GLY H 202 79.09 -17.26 54.82
N CYS H 203 79.22 -17.08 53.52
CA CYS H 203 79.45 -15.76 52.96
C CYS H 203 78.15 -14.99 52.82
N MET I 3 -65.95 34.87 -14.18
CA MET I 3 -66.02 34.30 -12.84
C MET I 3 -67.47 34.05 -12.46
N GLU I 4 -67.69 33.40 -11.31
CA GLU I 4 -69.03 33.03 -10.89
C GLU I 4 -69.97 34.23 -10.87
N GLU I 5 -69.51 35.36 -10.34
CA GLU I 5 -70.37 36.51 -10.15
C GLU I 5 -70.79 37.14 -11.48
N LEU I 6 -69.87 37.22 -12.44
CA LEU I 6 -70.20 37.82 -13.72
C LEU I 6 -71.19 36.97 -14.51
N PHE I 7 -71.02 35.65 -14.52
CA PHE I 7 -72.00 34.78 -15.16
C PHE I 7 -73.34 34.85 -14.46
N LYS I 8 -73.32 34.88 -13.13
CA LYS I 8 -74.57 34.95 -12.37
C LYS I 8 -75.31 36.26 -12.63
N LYS I 9 -74.57 37.35 -12.85
CA LYS I 9 -75.16 38.66 -13.05
C LYS I 9 -75.67 38.84 -14.47
N HIS I 10 -74.81 38.58 -15.46
CA HIS I 10 -75.14 38.91 -16.84
C HIS I 10 -75.95 37.82 -17.53
N LYS I 11 -75.72 36.56 -17.18
CA LYS I 11 -76.56 35.42 -17.55
C LYS I 11 -76.56 35.11 -19.05
N ILE I 12 -75.64 35.70 -19.82
CA ILE I 12 -75.53 35.38 -21.24
C ILE I 12 -74.14 35.73 -21.73
N VAL I 13 -73.53 34.82 -22.47
CA VAL I 13 -72.22 35.02 -23.09
C VAL I 13 -72.40 34.90 -24.59
N ALA I 14 -71.79 35.82 -25.32
CA ALA I 14 -71.88 35.83 -26.78
C ALA I 14 -70.64 35.15 -27.33
N VAL I 15 -70.80 33.93 -27.83
CA VAL I 15 -69.71 33.22 -28.51
C VAL I 15 -69.65 33.73 -29.94
N LEU I 16 -68.47 34.16 -30.37
CA LEU I 16 -68.33 34.91 -31.61
C LEU I 16 -67.35 34.19 -32.52
N ARG I 17 -67.87 33.71 -33.64
CA ARG I 17 -67.10 33.13 -34.74
C ARG I 17 -67.30 34.00 -35.96
N ALA I 18 -66.22 34.25 -36.69
CA ALA I 18 -66.27 35.12 -37.86
C ALA I 18 -65.25 34.63 -38.88
N ASN I 19 -65.38 35.12 -40.10
CA ASN I 19 -64.48 34.73 -41.19
C ASN I 19 -63.22 35.57 -41.23
N ASP I 20 -63.26 36.79 -40.69
CA ASP I 20 -62.09 37.66 -40.62
C ASP I 20 -62.14 38.42 -39.30
N ALA I 21 -61.16 39.30 -39.09
CA ALA I 21 -61.05 40.00 -37.81
C ALA I 21 -61.90 41.27 -37.75
N GLN I 22 -62.11 41.93 -38.88
CA GLN I 22 -62.90 43.16 -38.86
C GLN I 22 -64.37 42.88 -38.57
N GLU I 23 -64.92 41.82 -39.16
CA GLU I 23 -66.29 41.43 -38.82
C GLU I 23 -66.40 41.03 -37.36
N ALA I 24 -65.38 40.38 -36.83
CA ALA I 24 -65.38 40.02 -35.42
C ALA I 24 -65.45 41.26 -34.54
N ARG I 25 -64.63 42.27 -34.83
CA ARG I 25 -64.65 43.49 -34.02
C ARG I 25 -65.99 44.23 -34.16
N GLU I 26 -66.51 44.31 -35.39
CA GLU I 26 -67.81 44.95 -35.60
C GLU I 26 -68.91 44.26 -34.82
N LYS I 27 -68.94 42.92 -34.87
CA LYS I 27 -70.01 42.19 -34.20
C LYS I 27 -69.85 42.22 -32.69
N ALA I 28 -68.61 42.24 -32.18
CA ALA I 28 -68.42 42.39 -30.75
C ALA I 28 -68.95 43.74 -30.27
N LEU I 29 -68.66 44.80 -31.02
CA LEU I 29 -69.20 46.12 -30.67
C LEU I 29 -70.72 46.11 -30.70
N ALA I 30 -71.30 45.49 -31.73
CA ALA I 30 -72.75 45.46 -31.85
C ALA I 30 -73.40 44.68 -30.71
N VAL I 31 -72.82 43.53 -30.35
CA VAL I 31 -73.33 42.75 -29.23
C VAL I 31 -73.24 43.53 -27.94
N PHE I 32 -72.14 44.25 -27.72
CA PHE I 32 -72.04 45.06 -26.51
C PHE I 32 -73.06 46.19 -26.51
N GLU I 33 -73.38 46.75 -27.68
CA GLU I 33 -74.42 47.76 -27.77
C GLU I 33 -75.78 47.16 -27.42
N GLY I 34 -76.03 45.92 -27.85
CA GLY I 34 -77.29 45.27 -27.58
C GLY I 34 -77.54 44.99 -26.10
N GLY I 35 -76.51 45.00 -25.28
CA GLY I 35 -76.65 44.79 -23.86
C GLY I 35 -75.92 43.60 -23.29
N VAL I 36 -75.15 42.87 -24.10
CA VAL I 36 -74.44 41.68 -23.64
C VAL I 36 -73.03 42.11 -23.21
N HIS I 37 -72.72 41.92 -21.93
CA HIS I 37 -71.46 42.37 -21.37
C HIS I 37 -70.39 41.29 -21.36
N LEU I 38 -70.73 40.05 -21.68
CA LEU I 38 -69.79 38.93 -21.68
C LEU I 38 -69.63 38.44 -23.12
N ILE I 39 -68.43 38.53 -23.67
CA ILE I 39 -68.18 38.12 -25.06
C ILE I 39 -66.98 37.21 -25.19
N GLU I 40 -67.05 36.26 -26.11
CA GLU I 40 -65.97 35.31 -26.31
C GLU I 40 -65.57 35.28 -27.74
N ILE I 41 -64.28 35.42 -28.01
CA ILE I 41 -63.80 35.39 -29.35
C ILE I 41 -63.19 34.05 -29.54
N THR I 42 -63.70 33.30 -30.48
CA THR I 42 -63.24 31.97 -30.71
C THR I 42 -61.95 31.97 -31.45
N PHE I 43 -61.06 31.06 -31.13
CA PHE I 43 -59.77 31.07 -31.73
C PHE I 43 -59.87 30.37 -33.04
N THR I 44 -60.93 30.64 -33.77
CA THR I 44 -61.12 30.06 -35.08
C THR I 44 -61.26 31.25 -35.99
N VAL I 45 -61.38 32.44 -35.43
CA VAL I 45 -61.42 33.69 -36.19
C VAL I 45 -60.00 34.05 -36.49
N PRO I 46 -59.68 34.39 -37.76
CA PRO I 46 -58.30 34.74 -38.13
C PRO I 46 -57.77 35.93 -37.34
N ASN I 47 -56.60 35.76 -36.73
CA ASN I 47 -55.98 36.77 -35.88
C ASN I 47 -56.91 37.17 -34.73
N ALA I 48 -57.21 36.21 -33.87
CA ALA I 48 -58.17 36.44 -32.80
C ALA I 48 -57.53 37.09 -31.58
N ALA I 49 -56.26 36.80 -31.32
CA ALA I 49 -55.58 37.49 -30.22
C ALA I 49 -55.45 38.97 -30.52
N ALA I 50 -55.26 39.33 -31.80
CA ALA I 50 -55.27 40.75 -32.19
C ALA I 50 -56.63 41.37 -31.93
N VAL I 51 -57.71 40.64 -32.22
CA VAL I 51 -59.05 41.16 -31.95
C VAL I 51 -59.25 41.37 -30.46
N ILE I 52 -58.80 40.42 -29.65
CA ILE I 52 -58.92 40.55 -28.20
C ILE I 52 -58.12 41.75 -27.71
N LEU I 53 -56.96 41.99 -28.30
CA LEU I 53 -56.12 43.13 -27.90
C LEU I 53 -56.74 44.46 -28.31
N LEU I 54 -57.36 44.51 -29.48
CA LEU I 54 -57.88 45.76 -30.00
C LEU I 54 -59.29 46.10 -29.51
N LEU I 55 -59.90 45.24 -28.70
CA LEU I 55 -61.17 45.54 -28.06
C LEU I 55 -61.01 46.00 -26.62
N SER I 56 -59.82 46.45 -26.24
CA SER I 56 -59.60 46.89 -24.87
C SER I 56 -60.35 48.17 -24.54
N PHE I 57 -60.75 48.96 -25.56
CA PHE I 57 -61.56 50.14 -25.30
C PHE I 57 -62.92 49.79 -24.72
N LEU I 58 -63.47 48.64 -25.09
CA LEU I 58 -64.76 48.21 -24.53
C LEU I 58 -64.63 47.82 -23.06
N LYS I 59 -63.43 47.43 -22.61
CA LYS I 59 -63.27 46.97 -21.24
C LYS I 59 -63.59 48.09 -20.25
N GLU I 60 -63.22 49.34 -20.58
CA GLU I 60 -63.55 50.47 -19.72
C GLU I 60 -65.05 50.77 -19.73
N LYS I 61 -65.73 50.47 -20.83
CA LYS I 61 -67.17 50.64 -20.86
C LYS I 61 -67.88 49.62 -19.97
N GLY I 62 -67.26 48.47 -19.73
CA GLY I 62 -67.83 47.49 -18.83
C GLY I 62 -67.91 46.08 -19.38
N ALA I 63 -67.26 45.84 -20.52
CA ALA I 63 -67.32 44.54 -21.15
C ALA I 63 -66.28 43.60 -20.57
N ILE I 64 -66.59 42.31 -20.62
CA ILE I 64 -65.66 41.24 -20.25
C ILE I 64 -65.42 40.43 -21.50
N ILE I 65 -64.14 40.29 -21.88
CA ILE I 65 -63.74 39.64 -23.12
C ILE I 65 -62.96 38.38 -22.77
N GLY I 66 -63.25 37.29 -23.50
CA GLY I 66 -62.57 36.04 -23.26
C GLY I 66 -62.28 35.32 -24.56
N ALA I 67 -61.52 34.23 -24.45
CA ALA I 67 -61.09 33.43 -25.59
C ALA I 67 -61.71 32.05 -25.54
N GLY I 68 -62.18 31.57 -26.70
CA GLY I 68 -62.79 30.27 -26.80
C GLY I 68 -62.04 29.37 -27.78
N THR I 69 -62.46 28.10 -27.81
CA THR I 69 -61.88 27.08 -28.69
C THR I 69 -60.38 26.95 -28.46
N VAL I 70 -59.95 27.07 -27.21
CA VAL I 70 -58.54 26.97 -26.85
C VAL I 70 -58.22 25.48 -26.64
N THR I 71 -57.44 24.92 -27.54
CA THR I 71 -57.06 23.52 -27.48
C THR I 71 -55.57 23.31 -27.21
N SER I 72 -54.82 24.35 -26.90
CA SER I 72 -53.40 24.25 -26.63
C SER I 72 -53.04 25.14 -25.43
N GLU I 73 -51.85 24.91 -24.88
CA GLU I 73 -51.35 25.79 -23.83
C GLU I 73 -50.73 27.05 -24.41
N GLU I 74 -50.16 26.96 -25.61
CA GLU I 74 -49.65 28.14 -26.29
C GLU I 74 -50.77 29.11 -26.63
N GLN I 75 -51.94 28.58 -26.99
CA GLN I 75 -53.09 29.46 -27.25
C GLN I 75 -53.55 30.13 -25.97
N CYS I 76 -53.51 29.43 -24.84
CA CYS I 76 -53.86 30.06 -23.57
C CYS I 76 -52.88 31.18 -23.24
N ALA I 77 -51.59 30.94 -23.46
CA ALA I 77 -50.59 31.99 -23.24
C ALA I 77 -50.85 33.20 -24.15
N LEU I 78 -51.08 32.94 -25.44
CA LEU I 78 -51.33 34.00 -26.40
C LEU I 78 -52.59 34.78 -26.09
N ALA I 79 -53.59 34.13 -25.49
CA ALA I 79 -54.84 34.81 -25.17
C ALA I 79 -54.74 35.59 -23.87
N VAL I 80 -53.98 35.10 -22.90
CA VAL I 80 -53.77 35.87 -21.67
C VAL I 80 -52.87 37.07 -21.94
N LEU I 81 -51.94 36.96 -22.89
CA LEU I 81 -51.09 38.08 -23.24
C LEU I 81 -51.91 39.26 -23.75
N SER I 82 -52.79 39.01 -24.71
CA SER I 82 -53.61 40.07 -25.27
C SER I 82 -54.72 40.57 -24.34
N GLY I 83 -54.89 39.96 -23.16
CA GLY I 83 -55.81 40.47 -22.18
C GLY I 83 -57.16 39.78 -22.07
N ALA I 84 -57.22 38.47 -22.29
CA ALA I 84 -58.47 37.73 -22.14
C ALA I 84 -58.79 37.55 -20.66
N GLU I 85 -60.03 37.89 -20.28
CA GLU I 85 -60.44 37.74 -18.89
C GLU I 85 -60.62 36.27 -18.51
N PHE I 86 -61.10 35.43 -19.44
CA PHE I 86 -61.36 34.03 -19.16
C PHE I 86 -61.04 33.20 -20.39
N ILE I 87 -60.79 31.91 -20.15
CA ILE I 87 -60.47 30.96 -21.21
C ILE I 87 -61.57 29.90 -21.23
N VAL I 88 -61.99 29.51 -22.43
CA VAL I 88 -63.03 28.49 -22.63
C VAL I 88 -62.50 27.45 -23.61
N SER I 89 -62.98 26.23 -23.46
CA SER I 89 -62.53 25.10 -24.26
C SER I 89 -63.70 24.17 -24.54
N PRO I 90 -63.79 23.59 -25.75
CA PRO I 90 -64.93 22.71 -26.06
C PRO I 90 -64.76 21.30 -25.52
N HIS I 91 -63.73 21.11 -24.70
CA HIS I 91 -63.35 19.80 -24.22
C HIS I 91 -62.67 20.00 -22.88
N LEU I 92 -62.41 18.90 -22.19
CA LEU I 92 -61.66 18.92 -20.95
C LEU I 92 -60.22 18.50 -21.25
N ASP I 93 -59.27 19.37 -20.94
CA ASP I 93 -57.87 19.06 -21.08
C ASP I 93 -57.20 19.22 -19.72
N GLU I 94 -56.47 18.19 -19.30
CA GLU I 94 -55.90 18.21 -17.97
C GLU I 94 -54.66 19.09 -17.90
N GLU I 95 -53.86 19.13 -18.97
CA GLU I 95 -52.65 19.94 -18.93
C GLU I 95 -52.97 21.43 -19.01
N ILE I 96 -53.98 21.81 -19.78
CA ILE I 96 -54.39 23.20 -19.80
C ILE I 96 -54.85 23.64 -18.42
N SER I 97 -55.56 22.77 -17.71
CA SER I 97 -56.00 23.10 -16.35
C SER I 97 -54.81 23.21 -15.41
N GLN I 98 -53.92 22.21 -15.45
CA GLN I 98 -52.71 22.23 -14.62
C GLN I 98 -51.94 23.53 -14.79
N PHE I 99 -51.74 23.96 -16.04
CA PHE I 99 -50.89 25.10 -16.32
C PHE I 99 -51.63 26.43 -16.37
N CYS I 100 -52.92 26.44 -16.18
CA CYS I 100 -53.73 27.67 -16.14
C CYS I 100 -54.11 27.94 -14.73
N LYS I 101 -54.01 26.92 -13.88
CA LYS I 101 -54.22 27.14 -12.47
C LYS I 101 -53.02 27.81 -11.82
N GLU I 102 -51.84 27.62 -12.39
CA GLU I 102 -50.62 28.27 -11.91
C GLU I 102 -50.54 29.74 -12.32
N LYS I 103 -51.35 30.18 -13.28
CA LYS I 103 -51.38 31.57 -13.68
C LYS I 103 -52.48 32.36 -12.99
N GLY I 104 -53.48 31.70 -12.44
CA GLY I 104 -54.60 32.38 -11.84
C GLY I 104 -55.68 32.82 -12.81
N VAL I 105 -55.73 32.24 -14.01
CA VAL I 105 -56.70 32.61 -15.02
C VAL I 105 -57.92 31.69 -14.91
N PHE I 106 -59.10 32.24 -15.16
CA PHE I 106 -60.33 31.48 -15.10
C PHE I 106 -60.47 30.60 -16.34
N TYR I 107 -60.57 29.29 -16.14
CA TYR I 107 -60.70 28.30 -17.20
C TYR I 107 -62.02 27.57 -17.05
N MET I 108 -62.79 27.51 -18.14
CA MET I 108 -64.07 26.81 -18.16
C MET I 108 -64.03 25.70 -19.21
N PRO I 109 -63.74 24.46 -18.82
CA PRO I 109 -63.69 23.37 -19.80
C PRO I 109 -65.08 22.89 -20.17
N GLY I 110 -65.13 22.04 -21.20
CA GLY I 110 -66.38 21.53 -21.72
C GLY I 110 -66.50 20.03 -21.46
N VAL I 111 -67.67 19.63 -20.97
CA VAL I 111 -67.94 18.24 -20.64
C VAL I 111 -69.21 17.81 -21.34
N MET I 112 -69.37 16.50 -21.48
CA MET I 112 -70.58 15.94 -22.05
C MET I 112 -71.10 14.71 -21.31
N THR I 113 -70.29 14.08 -20.47
CA THR I 113 -70.63 12.86 -19.77
C THR I 113 -70.23 13.02 -18.31
N PRO I 114 -70.82 12.22 -17.40
CA PRO I 114 -70.45 12.35 -15.99
C PRO I 114 -69.02 11.97 -15.66
N THR I 115 -68.36 11.13 -16.47
CA THR I 115 -66.98 10.78 -16.17
C THR I 115 -66.06 11.98 -16.40
N GLU I 116 -66.25 12.68 -17.52
CA GLU I 116 -65.53 13.93 -17.76
C GLU I 116 -65.87 14.97 -16.69
N LEU I 117 -67.12 14.98 -16.23
CA LEU I 117 -67.51 15.91 -15.18
C LEU I 117 -66.74 15.65 -13.89
N VAL I 118 -66.64 14.38 -13.49
CA VAL I 118 -65.92 14.07 -12.27
C VAL I 118 -64.43 14.34 -12.43
N LYS I 119 -63.87 14.15 -13.63
CA LYS I 119 -62.47 14.51 -13.84
C LYS I 119 -62.25 16.02 -13.70
N ALA I 120 -63.15 16.82 -14.27
CA ALA I 120 -63.05 18.26 -14.14
C ALA I 120 -63.19 18.70 -12.67
N MET I 121 -64.11 18.06 -11.94
CA MET I 121 -64.27 18.35 -10.52
C MET I 121 -63.02 18.00 -9.74
N LYS I 122 -62.40 16.85 -10.03
CA LYS I 122 -61.13 16.50 -9.41
C LYS I 122 -60.03 17.48 -9.75
N LEU I 123 -60.12 18.13 -10.90
CA LEU I 123 -59.16 19.18 -11.25
C LEU I 123 -59.53 20.53 -10.66
N GLY I 124 -60.68 20.66 -10.03
CA GLY I 124 -61.06 21.87 -9.31
C GLY I 124 -62.13 22.73 -9.94
N HIS I 125 -62.83 22.24 -10.96
CA HIS I 125 -63.73 23.07 -11.76
C HIS I 125 -65.16 22.90 -11.28
N THR I 126 -65.76 23.99 -10.81
CA THR I 126 -67.15 23.98 -10.35
C THR I 126 -68.12 24.53 -11.39
N ILE I 127 -67.68 25.40 -12.29
CA ILE I 127 -68.50 25.87 -13.39
C ILE I 127 -68.00 25.20 -14.66
N LEU I 128 -68.88 24.45 -15.32
CA LEU I 128 -68.50 23.72 -16.51
C LEU I 128 -69.29 24.26 -17.69
N LYS I 129 -68.74 24.02 -18.89
CA LYS I 129 -69.42 24.30 -20.13
C LYS I 129 -70.07 23.01 -20.64
N LEU I 130 -71.33 23.09 -20.99
CA LEU I 130 -72.08 21.93 -21.49
C LEU I 130 -72.18 22.03 -22.99
N PHE I 131 -71.39 21.22 -23.69
CA PHE I 131 -71.27 21.26 -25.14
C PHE I 131 -71.18 19.83 -25.67
N PRO I 132 -71.94 19.49 -26.73
CA PRO I 132 -73.00 20.29 -27.33
C PRO I 132 -74.31 20.21 -26.56
N GLY I 133 -74.83 21.39 -26.19
CA GLY I 133 -76.00 21.42 -25.33
C GLY I 133 -77.26 20.86 -25.98
N GLU I 134 -77.39 21.04 -27.29
CA GLU I 134 -78.58 20.57 -28.00
C GLU I 134 -78.63 19.05 -28.12
N VAL I 135 -77.51 18.37 -27.93
CA VAL I 135 -77.51 16.91 -28.00
C VAL I 135 -78.02 16.31 -26.70
N VAL I 136 -77.70 16.92 -25.57
CA VAL I 136 -78.08 16.37 -24.27
C VAL I 136 -79.35 16.99 -23.70
N GLY I 137 -79.66 18.25 -24.01
CA GLY I 137 -80.89 18.86 -23.56
C GLY I 137 -80.85 19.29 -22.10
N PRO I 138 -81.87 20.02 -21.66
CA PRO I 138 -81.96 20.37 -20.23
C PRO I 138 -82.19 19.16 -19.34
N GLN I 139 -82.54 18.01 -19.92
CA GLN I 139 -82.68 16.78 -19.16
C GLN I 139 -81.35 16.38 -18.52
N PHE I 140 -80.23 16.63 -19.22
CA PHE I 140 -78.93 16.34 -18.64
C PHE I 140 -78.67 17.19 -17.42
N VAL I 141 -79.02 18.48 -17.47
CA VAL I 141 -78.76 19.36 -16.34
C VAL I 141 -79.65 19.00 -15.15
N LYS I 142 -80.92 18.70 -15.41
CA LYS I 142 -81.80 18.27 -14.33
C LYS I 142 -81.35 16.95 -13.72
N ALA I 143 -80.83 16.04 -14.55
CA ALA I 143 -80.44 14.72 -14.05
C ALA I 143 -79.15 14.75 -13.25
N MET I 144 -78.33 15.79 -13.40
CA MET I 144 -77.05 15.85 -12.71
C MET I 144 -77.14 16.55 -11.37
N LYS I 145 -78.31 17.09 -11.02
CA LYS I 145 -78.46 17.79 -9.75
C LYS I 145 -78.30 16.85 -8.57
N GLY I 146 -78.84 15.64 -8.68
CA GLY I 146 -78.82 14.69 -7.60
C GLY I 146 -77.43 14.36 -7.10
N PRO I 147 -76.64 13.66 -7.92
CA PRO I 147 -75.31 13.25 -7.47
C PRO I 147 -74.30 14.39 -7.38
N PHE I 148 -74.50 15.49 -8.09
CA PHE I 148 -73.55 16.60 -8.11
C PHE I 148 -74.31 17.90 -7.94
N PRO I 149 -74.62 18.27 -6.70
CA PRO I 149 -75.41 19.50 -6.48
C PRO I 149 -74.63 20.78 -6.73
N ASN I 150 -73.32 20.78 -6.53
CA ASN I 150 -72.55 22.02 -6.57
C ASN I 150 -72.11 22.44 -7.97
N VAL I 151 -72.26 21.58 -8.98
CA VAL I 151 -71.80 21.89 -10.33
C VAL I 151 -72.85 22.73 -11.05
N LYS I 152 -72.41 23.83 -11.65
CA LYS I 152 -73.26 24.70 -12.46
C LYS I 152 -72.77 24.70 -13.91
N PHE I 153 -73.71 24.78 -14.85
CA PHE I 153 -73.45 24.60 -16.26
C PHE I 153 -73.72 25.88 -17.04
N VAL I 154 -72.90 26.12 -18.05
CA VAL I 154 -73.14 27.12 -19.09
C VAL I 154 -73.37 26.34 -20.39
N PRO I 155 -74.61 26.17 -20.83
CA PRO I 155 -74.85 25.43 -22.07
C PRO I 155 -74.44 26.23 -23.30
N THR I 156 -73.75 25.56 -24.22
CA THR I 156 -73.42 26.13 -25.52
C THR I 156 -73.81 25.15 -26.60
N GLY I 157 -74.55 25.62 -27.59
CA GLY I 157 -75.02 24.76 -28.65
C GLY I 157 -76.52 24.77 -28.78
N GLY I 158 -77.02 25.29 -29.90
CA GLY I 158 -78.43 25.35 -30.18
C GLY I 158 -79.29 25.94 -29.08
N VAL I 159 -78.93 27.12 -28.59
CA VAL I 159 -79.77 27.88 -27.67
C VAL I 159 -80.51 28.94 -28.48
N ASN I 160 -81.82 28.95 -28.38
CA ASN I 160 -82.66 29.81 -29.18
C ASN I 160 -83.43 30.75 -28.26
N LEU I 161 -84.26 31.61 -28.88
CA LEU I 161 -85.15 32.44 -28.08
C LEU I 161 -86.28 31.60 -27.50
N ASP I 162 -86.69 30.54 -28.20
CA ASP I 162 -87.75 29.67 -27.71
C ASP I 162 -87.30 28.87 -26.49
N ASN I 163 -86.15 28.21 -26.59
CA ASN I 163 -85.74 27.20 -25.63
C ASN I 163 -84.79 27.73 -24.55
N VAL I 164 -84.66 29.04 -24.40
CA VAL I 164 -83.75 29.57 -23.38
C VAL I 164 -84.42 29.55 -22.01
N CYS I 165 -85.74 29.76 -21.97
CA CYS I 165 -86.45 29.68 -20.70
C CYS I 165 -86.45 28.25 -20.15
N GLU I 166 -86.49 27.25 -21.03
CA GLU I 166 -86.32 25.86 -20.61
C GLU I 166 -84.96 25.66 -19.93
N TRP I 167 -83.91 26.14 -20.57
CA TRP I 167 -82.57 25.98 -20.01
C TRP I 167 -82.44 26.68 -18.66
N PHE I 168 -83.14 27.80 -18.49
CA PHE I 168 -83.02 28.51 -17.23
C PHE I 168 -83.89 27.92 -16.13
N LYS I 169 -85.02 27.30 -16.49
CA LYS I 169 -85.78 26.52 -15.53
C LYS I 169 -84.99 25.30 -15.07
N ALA I 170 -84.21 24.70 -15.97
CA ALA I 170 -83.39 23.56 -15.58
C ALA I 170 -82.33 23.93 -14.55
N GLY I 171 -81.92 25.19 -14.47
CA GLY I 171 -81.00 25.61 -13.44
C GLY I 171 -79.57 25.85 -13.87
N VAL I 172 -79.39 26.57 -14.97
CA VAL I 172 -78.07 26.89 -15.51
C VAL I 172 -77.66 28.29 -15.09
N LEU I 173 -76.36 28.53 -14.88
CA LEU I 173 -75.88 29.88 -14.62
C LEU I 173 -76.20 30.83 -15.76
N ALA I 174 -75.71 30.50 -16.96
CA ALA I 174 -75.78 31.37 -18.11
C ALA I 174 -75.86 30.50 -19.34
N VAL I 175 -76.05 31.12 -20.50
CA VAL I 175 -76.10 30.42 -21.77
C VAL I 175 -75.13 31.09 -22.73
N GLY I 176 -74.36 30.29 -23.47
CA GLY I 176 -73.56 30.84 -24.54
C GLY I 176 -74.29 30.74 -25.86
N VAL I 177 -74.60 31.88 -26.47
CA VAL I 177 -75.40 31.91 -27.70
C VAL I 177 -74.49 32.25 -28.86
N GLY I 178 -74.50 31.41 -29.89
CA GLY I 178 -73.72 31.60 -31.08
C GLY I 178 -74.51 32.04 -32.30
N SER I 179 -74.78 31.09 -33.21
CA SER I 179 -75.32 31.43 -34.52
C SER I 179 -76.64 32.18 -34.40
N ALA I 180 -77.47 31.83 -33.41
CA ALA I 180 -78.74 32.51 -33.22
C ALA I 180 -78.54 33.99 -32.94
N LEU I 181 -77.39 34.35 -32.35
CA LEU I 181 -77.14 35.72 -31.93
C LEU I 181 -76.30 36.50 -32.95
N VAL I 182 -75.15 35.95 -33.34
CA VAL I 182 -74.11 36.76 -33.99
C VAL I 182 -74.13 36.67 -35.51
N LYS I 183 -75.08 35.99 -36.13
CA LYS I 183 -75.12 36.06 -37.59
C LYS I 183 -75.99 37.22 -38.06
N GLY I 184 -75.80 37.59 -39.32
CA GLY I 184 -76.47 38.74 -39.90
C GLY I 184 -75.65 40.00 -39.85
N THR I 185 -76.23 41.07 -40.40
CA THR I 185 -75.56 42.37 -40.41
C THR I 185 -75.47 42.94 -39.00
N PRO I 186 -74.47 43.78 -38.73
CA PRO I 186 -74.22 44.21 -37.35
C PRO I 186 -75.34 44.95 -36.66
N ASP I 187 -76.40 45.38 -37.36
CA ASP I 187 -77.54 45.96 -36.67
C ASP I 187 -78.62 44.94 -36.35
N GLU I 188 -78.78 43.93 -37.20
CA GLU I 188 -79.61 42.80 -36.84
C GLU I 188 -79.03 42.08 -35.63
N VAL I 189 -77.70 42.07 -35.51
CA VAL I 189 -77.06 41.48 -34.34
C VAL I 189 -77.40 42.27 -33.08
N ARG I 190 -77.44 43.60 -33.18
CA ARG I 190 -77.82 44.42 -32.03
C ARG I 190 -79.27 44.16 -31.64
N GLU I 191 -80.15 44.05 -32.63
CA GLU I 191 -81.55 43.75 -32.34
C GLU I 191 -81.71 42.38 -31.70
N LYS I 192 -80.97 41.39 -32.19
CA LYS I 192 -81.00 40.05 -31.61
C LYS I 192 -80.52 40.06 -30.16
N ALA I 193 -79.44 40.80 -29.90
CA ALA I 193 -78.93 40.90 -28.54
C ALA I 193 -79.96 41.54 -27.61
N LYS I 194 -80.62 42.59 -28.08
CA LYS I 194 -81.68 43.22 -27.29
C LYS I 194 -82.80 42.22 -27.01
N ALA I 195 -83.22 41.47 -28.02
CA ALA I 195 -84.28 40.48 -27.85
C ALA I 195 -83.88 39.42 -26.85
N PHE I 196 -82.65 38.93 -26.93
CA PHE I 196 -82.19 37.90 -26.00
C PHE I 196 -82.13 38.41 -24.58
N VAL I 197 -81.61 39.61 -24.37
CA VAL I 197 -81.53 40.17 -23.03
C VAL I 197 -82.93 40.35 -22.45
N GLU I 198 -83.85 40.89 -23.26
CA GLU I 198 -85.22 41.09 -22.80
C GLU I 198 -85.89 39.77 -22.45
N LYS I 199 -85.69 38.74 -23.28
CA LYS I 199 -86.28 37.43 -23.01
C LYS I 199 -85.71 36.82 -21.74
N ILE I 200 -84.38 36.87 -21.57
CA ILE I 200 -83.77 36.27 -20.39
C ILE I 200 -84.19 36.98 -19.13
N ARG I 201 -84.44 38.29 -19.20
CA ARG I 201 -84.92 38.98 -18.01
C ARG I 201 -86.41 38.79 -17.80
N GLY I 202 -87.16 38.46 -18.85
CA GLY I 202 -88.55 38.10 -18.72
C GLY I 202 -88.76 36.82 -17.94
N CYS I 203 -88.38 35.69 -18.52
CA CYS I 203 -88.47 34.40 -17.85
C CYS I 203 -87.68 34.37 -16.55
N MET J 3 -52.95 -23.02 48.81
CA MET J 3 -53.74 -22.18 47.93
C MET J 3 -55.06 -21.81 48.56
N GLU J 4 -55.85 -20.98 47.85
CA GLU J 4 -57.02 -20.36 48.46
C GLU J 4 -58.00 -21.40 49.00
N GLU J 5 -58.16 -22.50 48.28
CA GLU J 5 -59.17 -23.49 48.66
C GLU J 5 -58.82 -24.14 49.99
N LEU J 6 -57.55 -24.40 50.26
CA LEU J 6 -57.16 -25.01 51.53
C LEU J 6 -57.42 -24.07 52.70
N PHE J 7 -57.01 -22.80 52.57
CA PHE J 7 -57.28 -21.81 53.62
C PHE J 7 -58.77 -21.64 53.83
N LYS J 8 -59.54 -21.57 52.74
CA LYS J 8 -60.97 -21.35 52.83
C LYS J 8 -61.69 -22.55 53.45
N LYS J 9 -61.16 -23.75 53.25
CA LYS J 9 -61.79 -24.94 53.82
C LYS J 9 -61.43 -25.11 55.30
N HIS J 10 -60.14 -25.06 55.62
CA HIS J 10 -59.71 -25.38 56.97
C HIS J 10 -59.78 -24.19 57.91
N LYS J 11 -59.51 -22.98 57.41
CA LYS J 11 -59.74 -21.71 58.08
C LYS J 11 -58.80 -21.44 59.25
N ILE J 12 -57.82 -22.30 59.51
CA ILE J 12 -56.91 -22.08 60.61
C ILE J 12 -55.56 -22.71 60.31
N VAL J 13 -54.50 -21.94 60.53
CA VAL J 13 -53.13 -22.39 60.33
C VAL J 13 -52.42 -22.33 61.66
N ALA J 14 -51.80 -23.43 62.08
CA ALA J 14 -51.07 -23.48 63.34
C ALA J 14 -49.64 -23.06 63.07
N VAL J 15 -49.28 -21.86 63.53
CA VAL J 15 -47.90 -21.39 63.46
C VAL J 15 -47.14 -21.96 64.65
N LEU J 16 -46.03 -22.65 64.38
CA LEU J 16 -45.37 -23.45 65.39
C LEU J 16 -43.94 -22.95 65.57
N ARG J 17 -43.66 -22.42 66.76
CA ARG J 17 -42.33 -22.05 67.23
C ARG J 17 -41.98 -22.93 68.42
N ALA J 18 -40.73 -23.35 68.50
CA ALA J 18 -40.32 -24.27 69.55
C ALA J 18 -38.83 -24.11 69.82
N ASN J 19 -38.40 -24.65 70.97
CA ASN J 19 -36.99 -24.57 71.35
C ASN J 19 -36.13 -25.62 70.69
N ASP J 20 -36.70 -26.73 70.25
CA ASP J 20 -35.95 -27.80 69.62
C ASP J 20 -36.87 -28.53 68.64
N ALA J 21 -36.34 -29.58 68.01
CA ALA J 21 -37.08 -30.25 66.93
C ALA J 21 -38.03 -31.32 67.45
N GLN J 22 -37.69 -31.99 68.55
CA GLN J 22 -38.59 -33.00 69.09
C GLN J 22 -39.88 -32.37 69.60
N GLU J 23 -39.77 -31.24 70.29
CA GLU J 23 -40.96 -30.52 70.75
C GLU J 23 -41.80 -30.05 69.57
N ALA J 24 -41.14 -29.58 68.51
CA ALA J 24 -41.85 -29.16 67.30
C ALA J 24 -42.64 -30.32 66.70
N ARG J 25 -42.01 -31.48 66.60
CA ARG J 25 -42.69 -32.64 66.02
C ARG J 25 -43.84 -33.12 66.90
N GLU J 26 -43.66 -33.12 68.22
CA GLU J 26 -44.73 -33.49 69.12
C GLU J 26 -45.91 -32.55 69.01
N LYS J 27 -45.64 -31.24 68.98
CA LYS J 27 -46.74 -30.27 68.88
C LYS J 27 -47.42 -30.34 67.53
N ALA J 28 -46.67 -30.57 66.45
CA ALA J 28 -47.31 -30.71 65.14
C ALA J 28 -48.23 -31.91 65.11
N LEU J 29 -47.79 -33.04 65.68
CA LEU J 29 -48.64 -34.23 65.71
C LEU J 29 -49.89 -33.97 66.56
N ALA J 30 -49.74 -33.32 67.71
CA ALA J 30 -50.89 -33.03 68.56
C ALA J 30 -51.88 -32.09 67.89
N VAL J 31 -51.37 -31.06 67.22
CA VAL J 31 -52.23 -30.12 66.50
C VAL J 31 -52.98 -30.84 65.38
N PHE J 32 -52.31 -31.74 64.67
CA PHE J 32 -53.01 -32.48 63.62
C PHE J 32 -54.07 -33.39 64.19
N GLU J 33 -53.81 -34.03 65.34
CA GLU J 33 -54.85 -34.82 65.99
C GLU J 33 -56.04 -33.96 66.40
N GLY J 34 -55.78 -32.74 66.88
CA GLY J 34 -56.85 -31.84 67.26
C GLY J 34 -57.78 -31.43 66.13
N GLY J 35 -57.36 -31.64 64.88
CA GLY J 35 -58.18 -31.32 63.73
C GLY J 35 -57.72 -30.14 62.90
N VAL J 36 -56.45 -29.76 62.98
CA VAL J 36 -55.90 -28.64 62.23
C VAL J 36 -55.02 -29.22 61.13
N HIS J 37 -55.47 -29.10 59.88
CA HIS J 37 -54.78 -29.69 58.74
C HIS J 37 -53.72 -28.80 58.13
N LEU J 38 -53.63 -27.54 58.54
CA LEU J 38 -52.61 -26.63 58.05
C LEU J 38 -51.66 -26.29 59.18
N ILE J 39 -50.41 -26.72 59.05
CA ILE J 39 -49.38 -26.43 60.04
C ILE J 39 -48.25 -25.70 59.33
N GLU J 40 -47.70 -24.68 59.98
CA GLU J 40 -46.52 -23.99 59.52
C GLU J 40 -45.46 -24.12 60.60
N ILE J 41 -44.27 -24.53 60.21
CA ILE J 41 -43.12 -24.65 61.09
C ILE J 41 -42.28 -23.41 60.85
N THR J 42 -42.00 -22.65 61.91
CA THR J 42 -41.24 -21.43 61.73
C THR J 42 -39.75 -21.74 61.66
N PHE J 43 -39.03 -20.98 60.83
CA PHE J 43 -37.61 -21.23 60.68
C PHE J 43 -36.79 -20.63 61.79
N THR J 44 -37.41 -20.29 62.92
CA THR J 44 -36.70 -20.02 64.15
C THR J 44 -36.54 -21.27 65.00
N VAL J 45 -37.25 -22.34 64.68
CA VAL J 45 -37.06 -23.65 65.30
C VAL J 45 -35.74 -24.21 64.76
N PRO J 46 -34.85 -24.70 65.61
CA PRO J 46 -33.57 -25.22 65.11
C PRO J 46 -33.77 -26.55 64.41
N ASN J 47 -33.14 -26.69 63.24
CA ASN J 47 -33.32 -27.85 62.36
C ASN J 47 -34.77 -27.98 61.93
N ALA J 48 -35.26 -26.92 61.28
CA ALA J 48 -36.67 -26.86 60.88
C ALA J 48 -36.94 -27.56 59.57
N ALA J 49 -36.01 -27.51 58.62
CA ALA J 49 -36.18 -28.28 57.39
C ALA J 49 -36.20 -29.77 57.68
N ALA J 50 -35.43 -30.22 58.69
CA ALA J 50 -35.49 -31.61 59.10
C ALA J 50 -36.86 -31.97 59.67
N VAL J 51 -37.47 -31.04 60.43
CA VAL J 51 -38.80 -31.30 60.97
C VAL J 51 -39.82 -31.39 59.85
N ILE J 52 -39.72 -30.51 58.85
CA ILE J 52 -40.63 -30.57 57.71
C ILE J 52 -40.43 -31.88 56.95
N LEU J 53 -39.19 -32.35 56.84
CA LEU J 53 -38.93 -33.60 56.12
C LEU J 53 -39.47 -34.80 56.88
N LEU J 54 -39.31 -34.83 58.19
CA LEU J 54 -39.71 -35.97 58.99
C LEU J 54 -41.19 -35.96 59.36
N LEU J 55 -41.94 -34.94 58.94
CA LEU J 55 -43.38 -34.89 59.15
C LEU J 55 -44.15 -35.30 57.91
N SER J 56 -43.48 -35.77 56.88
CA SER J 56 -44.12 -36.17 55.64
C SER J 56 -44.93 -37.46 55.78
N PHE J 57 -45.09 -37.99 56.98
CA PHE J 57 -45.99 -39.10 57.22
C PHE J 57 -47.41 -38.63 57.52
N LEU J 58 -47.54 -37.44 58.12
CA LEU J 58 -48.85 -36.78 58.21
C LEU J 58 -49.31 -36.30 56.85
N LYS J 59 -48.37 -36.06 55.93
CA LYS J 59 -48.72 -35.57 54.60
C LYS J 59 -49.65 -36.54 53.88
N GLU J 60 -49.53 -37.84 54.15
CA GLU J 60 -50.44 -38.81 53.56
C GLU J 60 -51.75 -38.94 54.33
N LYS J 61 -51.81 -38.45 55.55
CA LYS J 61 -53.04 -38.46 56.33
C LYS J 61 -53.91 -37.24 56.05
N GLY J 62 -53.39 -36.22 55.37
CA GLY J 62 -54.18 -35.08 54.96
C GLY J 62 -53.68 -33.73 55.41
N ALA J 63 -52.56 -33.69 56.12
CA ALA J 63 -52.03 -32.44 56.62
C ALA J 63 -51.26 -31.70 55.53
N ILE J 64 -51.24 -30.38 55.64
CA ILE J 64 -50.47 -29.51 54.75
C ILE J 64 -49.44 -28.77 55.60
N ILE J 65 -48.16 -29.05 55.37
CA ILE J 65 -47.06 -28.48 56.13
C ILE J 65 -46.40 -27.40 55.30
N GLY J 66 -46.08 -26.28 55.95
CA GLY J 66 -45.41 -25.17 55.29
C GLY J 66 -44.33 -24.59 56.19
N ALA J 67 -43.59 -23.64 55.62
CA ALA J 67 -42.47 -23.00 56.31
C ALA J 67 -42.76 -21.52 56.52
N GLY J 68 -42.45 -21.04 57.73
CA GLY J 68 -42.64 -19.64 58.07
C GLY J 68 -41.34 -18.97 58.44
N THR J 69 -41.44 -17.66 58.68
CA THR J 69 -40.32 -16.81 59.05
C THR J 69 -39.17 -16.96 58.06
N VAL J 70 -39.52 -17.02 56.78
CA VAL J 70 -38.55 -17.13 55.70
C VAL J 70 -38.13 -15.73 55.28
N THR J 71 -36.86 -15.40 55.49
CA THR J 71 -36.34 -14.08 55.21
C THR J 71 -35.23 -14.10 54.17
N SER J 72 -35.10 -15.19 53.41
CA SER J 72 -34.04 -15.30 52.42
C SER J 72 -34.45 -16.31 51.35
N GLU J 73 -33.73 -16.29 50.24
CA GLU J 73 -34.05 -17.16 49.11
C GLU J 73 -33.49 -18.55 49.28
N GLU J 74 -32.30 -18.69 49.89
CA GLU J 74 -31.79 -20.02 50.19
C GLU J 74 -32.62 -20.71 51.27
N GLN J 75 -33.23 -19.96 52.18
CA GLN J 75 -34.18 -20.57 53.10
C GLN J 75 -35.41 -21.10 52.37
N CYS J 76 -35.89 -20.38 51.36
CA CYS J 76 -36.99 -20.89 50.56
C CYS J 76 -36.58 -22.14 49.80
N ALA J 77 -35.37 -22.16 49.26
CA ALA J 77 -34.87 -23.36 48.59
C ALA J 77 -34.79 -24.54 49.54
N LEU J 78 -34.24 -24.32 50.74
CA LEU J 78 -34.11 -25.37 51.74
C LEU J 78 -35.46 -25.87 52.21
N ALA J 79 -36.47 -25.00 52.26
CA ALA J 79 -37.80 -25.42 52.69
C ALA J 79 -38.55 -26.15 51.59
N VAL J 80 -38.37 -25.75 50.33
CA VAL J 80 -39.04 -26.44 49.24
C VAL J 80 -38.41 -27.80 48.99
N LEU J 81 -37.08 -27.90 49.15
CA LEU J 81 -36.41 -29.19 49.04
C LEU J 81 -36.99 -30.19 50.04
N SER J 82 -37.09 -29.78 51.30
CA SER J 82 -37.59 -30.65 52.35
C SER J 82 -39.08 -30.95 52.23
N GLY J 83 -39.78 -30.40 51.24
CA GLY J 83 -41.16 -30.75 51.00
C GLY J 83 -42.20 -29.83 51.62
N ALA J 84 -41.92 -28.54 51.72
CA ALA J 84 -42.93 -27.58 52.19
C ALA J 84 -43.89 -27.23 51.06
N GLU J 85 -45.18 -27.22 51.38
CA GLU J 85 -46.19 -26.92 50.36
C GLU J 85 -46.42 -25.42 50.20
N PHE J 86 -46.13 -24.61 51.21
CA PHE J 86 -46.30 -23.16 51.11
C PHE J 86 -45.23 -22.46 51.94
N ILE J 87 -44.92 -21.23 51.54
CA ILE J 87 -43.92 -20.39 52.19
C ILE J 87 -44.61 -19.15 52.74
N VAL J 88 -44.25 -18.78 53.97
CA VAL J 88 -44.79 -17.59 54.62
C VAL J 88 -43.62 -16.71 55.06
N SER J 89 -43.87 -15.40 55.16
CA SER J 89 -42.85 -14.44 55.53
C SER J 89 -43.49 -13.33 56.34
N PRO J 90 -42.82 -12.82 57.38
CA PRO J 90 -43.42 -11.77 58.21
C PRO J 90 -43.33 -10.39 57.57
N HIS J 91 -42.90 -10.36 56.32
CA HIS J 91 -42.56 -9.13 55.63
C HIS J 91 -42.66 -9.42 54.13
N LEU J 92 -42.70 -8.34 53.35
CA LEU J 92 -42.73 -8.47 51.90
C LEU J 92 -41.31 -8.39 51.36
N ASP J 93 -40.89 -9.44 50.66
CA ASP J 93 -39.60 -9.46 49.99
C ASP J 93 -39.83 -9.59 48.50
N GLU J 94 -39.30 -8.62 47.74
CA GLU J 94 -39.51 -8.63 46.30
C GLU J 94 -38.70 -9.75 45.64
N GLU J 95 -37.53 -10.08 46.18
CA GLU J 95 -36.72 -11.14 45.59
C GLU J 95 -37.31 -12.53 45.86
N ILE J 96 -37.78 -12.80 47.08
CA ILE J 96 -38.38 -14.10 47.34
C ILE J 96 -39.62 -14.29 46.47
N SER J 97 -40.36 -13.21 46.22
CA SER J 97 -41.53 -13.30 45.36
C SER J 97 -41.14 -13.50 43.90
N GLN J 98 -40.13 -12.76 43.43
CA GLN J 98 -39.64 -12.91 42.07
C GLN J 98 -39.11 -14.32 41.83
N PHE J 99 -38.56 -14.96 42.86
CA PHE J 99 -38.02 -16.31 42.72
C PHE J 99 -39.01 -17.42 43.06
N CYS J 100 -40.15 -17.12 43.68
CA CYS J 100 -41.16 -18.15 43.87
C CYS J 100 -42.17 -18.23 42.74
N LYS J 101 -42.14 -17.29 41.79
CA LYS J 101 -42.89 -17.47 40.55
C LYS J 101 -42.15 -18.40 39.61
N GLU J 102 -40.82 -18.36 39.64
CA GLU J 102 -39.96 -19.22 38.84
C GLU J 102 -40.10 -20.69 39.19
N LYS J 103 -40.65 -21.01 40.35
CA LYS J 103 -40.68 -22.38 40.86
C LYS J 103 -42.09 -22.87 41.15
N GLY J 104 -43.11 -22.03 40.94
CA GLY J 104 -44.48 -22.40 41.22
C GLY J 104 -44.73 -22.84 42.64
N VAL J 105 -44.20 -22.10 43.61
CA VAL J 105 -44.41 -22.35 45.03
C VAL J 105 -45.31 -21.24 45.56
N PHE J 106 -46.21 -21.58 46.48
CA PHE J 106 -47.13 -20.61 47.03
C PHE J 106 -46.46 -19.78 48.11
N TYR J 107 -46.35 -18.48 47.86
CA TYR J 107 -45.72 -17.52 48.76
C TYR J 107 -46.78 -16.58 49.33
N MET J 108 -46.80 -16.44 50.65
CA MET J 108 -47.70 -15.52 51.33
C MET J 108 -46.91 -14.50 52.13
N PRO J 109 -46.63 -13.32 51.59
CA PRO J 109 -45.87 -12.31 52.33
C PRO J 109 -46.75 -11.62 53.35
N GLY J 110 -46.11 -10.81 54.19
CA GLY J 110 -46.76 -10.11 55.28
C GLY J 110 -46.74 -8.61 55.03
N VAL J 111 -47.87 -7.96 55.30
CA VAL J 111 -48.01 -6.52 55.09
C VAL J 111 -48.59 -5.91 56.35
N MET J 112 -48.36 -4.62 56.52
CA MET J 112 -48.97 -3.86 57.62
C MET J 112 -49.58 -2.54 57.19
N THR J 113 -49.17 -1.98 56.06
CA THR J 113 -49.63 -0.70 55.53
C THR J 113 -50.16 -0.89 54.11
N PRO J 114 -50.96 0.06 53.60
CA PRO J 114 -51.48 -0.08 52.22
C PRO J 114 -50.43 0.08 51.14
N THR J 115 -49.30 0.71 51.41
CA THR J 115 -48.26 0.83 50.39
C THR J 115 -47.58 -0.52 50.14
N GLU J 116 -47.24 -1.22 51.22
CA GLU J 116 -46.77 -2.60 51.11
C GLU J 116 -47.81 -3.48 50.45
N LEU J 117 -49.09 -3.25 50.76
CA LEU J 117 -50.18 -4.00 50.15
C LEU J 117 -50.18 -3.84 48.65
N VAL J 118 -50.07 -2.60 48.17
CA VAL J 118 -50.11 -2.36 46.73
C VAL J 118 -48.86 -2.94 46.07
N LYS J 119 -47.71 -2.87 46.73
CA LYS J 119 -46.51 -3.50 46.16
C LYS J 119 -46.65 -5.01 46.07
N ALA J 120 -47.30 -5.63 47.05
CA ALA J 120 -47.53 -7.07 46.99
C ALA J 120 -48.52 -7.43 45.89
N MET J 121 -49.59 -6.64 45.73
CA MET J 121 -50.54 -6.87 44.66
C MET J 121 -49.89 -6.73 43.28
N LYS J 122 -49.02 -5.73 43.12
CA LYS J 122 -48.35 -5.54 41.83
C LYS J 122 -47.35 -6.65 41.51
N LEU J 123 -47.00 -7.48 42.49
CA LEU J 123 -46.22 -8.69 42.26
C LEU J 123 -47.10 -9.91 42.09
N GLY J 124 -48.42 -9.76 42.18
CA GLY J 124 -49.34 -10.86 41.94
C GLY J 124 -49.78 -11.61 43.17
N HIS J 125 -49.91 -10.95 44.30
CA HIS J 125 -50.28 -11.59 45.56
C HIS J 125 -51.68 -11.17 45.95
N THR J 126 -52.62 -12.10 45.90
CA THR J 126 -54.00 -11.83 46.30
C THR J 126 -54.26 -12.18 47.77
N ILE J 127 -53.64 -13.23 48.29
CA ILE J 127 -53.76 -13.59 49.69
C ILE J 127 -52.54 -13.07 50.42
N LEU J 128 -52.75 -12.20 51.38
CA LEU J 128 -51.68 -11.60 52.16
C LEU J 128 -51.79 -12.04 53.60
N LYS J 129 -50.66 -11.97 54.30
CA LYS J 129 -50.63 -12.18 55.73
C LYS J 129 -50.64 -10.82 56.43
N LEU J 130 -51.50 -10.69 57.43
CA LEU J 130 -51.63 -9.45 58.19
C LEU J 130 -50.90 -9.63 59.51
N PHE J 131 -49.74 -8.97 59.65
CA PHE J 131 -48.90 -9.14 60.80
C PHE J 131 -48.22 -7.81 61.11
N PRO J 132 -48.18 -7.39 62.39
CA PRO J 132 -48.88 -8.00 63.53
C PRO J 132 -50.37 -7.65 63.58
N GLY J 133 -51.21 -8.66 63.81
CA GLY J 133 -52.64 -8.49 63.71
C GLY J 133 -53.27 -7.74 64.87
N GLU J 134 -52.65 -7.77 66.04
CA GLU J 134 -53.24 -7.07 67.18
C GLU J 134 -52.88 -5.59 67.21
N VAL J 135 -51.93 -5.17 66.38
CA VAL J 135 -51.62 -3.75 66.27
C VAL J 135 -52.65 -3.03 65.39
N VAL J 136 -53.06 -3.67 64.30
CA VAL J 136 -54.00 -3.05 63.37
C VAL J 136 -55.45 -3.41 63.70
N GLY J 137 -55.75 -4.67 63.99
CA GLY J 137 -57.10 -5.07 64.35
C GLY J 137 -57.99 -5.33 63.14
N PRO J 138 -59.21 -5.83 63.40
CA PRO J 138 -60.14 -6.11 62.30
C PRO J 138 -60.57 -4.87 61.55
N GLN J 139 -60.39 -3.68 62.13
CA GLN J 139 -60.74 -2.45 61.47
C GLN J 139 -59.84 -2.17 60.28
N PHE J 140 -58.60 -2.64 60.29
CA PHE J 140 -57.75 -2.53 59.11
C PHE J 140 -58.34 -3.32 57.95
N VAL J 141 -58.86 -4.52 58.20
CA VAL J 141 -59.44 -5.32 57.13
C VAL J 141 -60.72 -4.67 56.61
N LYS J 142 -61.59 -4.23 57.53
CA LYS J 142 -62.81 -3.56 57.10
C LYS J 142 -62.52 -2.29 56.32
N ALA J 143 -61.44 -1.57 56.67
CA ALA J 143 -61.08 -0.38 55.91
C ALA J 143 -60.41 -0.70 54.58
N MET J 144 -59.75 -1.85 54.46
CA MET J 144 -59.15 -2.22 53.20
C MET J 144 -60.14 -2.83 52.22
N LYS J 145 -61.33 -3.22 52.70
CA LYS J 145 -62.34 -3.73 51.78
C LYS J 145 -62.65 -2.75 50.65
N GLY J 146 -62.79 -1.47 50.98
CA GLY J 146 -63.25 -0.48 50.05
C GLY J 146 -62.40 -0.32 48.81
N PRO J 147 -61.17 0.18 48.97
CA PRO J 147 -60.32 0.39 47.79
C PRO J 147 -59.82 -0.91 47.17
N PHE J 148 -59.55 -1.92 47.97
CA PHE J 148 -59.01 -3.19 47.49
C PHE J 148 -59.98 -4.31 47.79
N PRO J 149 -60.97 -4.55 46.93
CA PRO J 149 -61.99 -5.57 47.24
C PRO J 149 -61.51 -7.01 47.05
N ASN J 150 -60.51 -7.24 46.20
CA ASN J 150 -60.07 -8.60 45.89
C ASN J 150 -59.07 -9.17 46.89
N VAL J 151 -58.43 -8.34 47.71
CA VAL J 151 -57.38 -8.82 48.60
C VAL J 151 -57.98 -9.54 49.79
N LYS J 152 -57.46 -10.71 50.10
CA LYS J 152 -57.88 -11.53 51.23
C LYS J 152 -56.74 -11.64 52.23
N PHE J 153 -57.08 -11.65 53.52
CA PHE J 153 -56.11 -11.56 54.60
C PHE J 153 -56.13 -12.79 55.49
N VAL J 154 -54.95 -13.21 55.92
CA VAL J 154 -54.79 -14.19 56.99
C VAL J 154 -54.11 -13.46 58.15
N PRO J 155 -54.83 -13.11 59.21
CA PRO J 155 -54.18 -12.42 60.33
C PRO J 155 -53.35 -13.36 61.18
N THR J 156 -52.15 -12.91 61.53
CA THR J 156 -51.29 -13.61 62.47
C THR J 156 -50.90 -12.66 63.58
N GLY J 157 -50.84 -13.19 64.80
CA GLY J 157 -50.53 -12.39 65.97
C GLY J 157 -51.75 -11.91 66.70
N GLY J 158 -51.83 -12.20 67.99
CA GLY J 158 -52.93 -11.74 68.81
C GLY J 158 -54.30 -12.24 68.40
N VAL J 159 -54.44 -13.56 68.25
CA VAL J 159 -55.72 -14.20 67.96
C VAL J 159 -56.02 -15.16 69.09
N ASN J 160 -57.16 -14.96 69.75
CA ASN J 160 -57.54 -15.74 70.92
C ASN J 160 -58.86 -16.43 70.62
N LEU J 161 -59.24 -17.34 71.52
CA LEU J 161 -60.59 -17.88 71.49
C LEU J 161 -61.64 -16.78 71.52
N ASP J 162 -61.34 -15.68 72.21
CA ASP J 162 -62.31 -14.63 72.43
C ASP J 162 -62.54 -13.78 71.19
N ASN J 163 -61.47 -13.35 70.53
CA ASN J 163 -61.55 -12.37 69.45
C ASN J 163 -61.48 -12.99 68.06
N VAL J 164 -61.64 -14.31 67.93
CA VAL J 164 -61.55 -14.91 66.61
C VAL J 164 -62.86 -14.74 65.84
N CYS J 165 -63.99 -14.73 66.55
CA CYS J 165 -65.26 -14.48 65.89
C CYS J 165 -65.30 -13.09 65.27
N GLU J 166 -64.74 -12.11 65.98
CA GLU J 166 -64.66 -10.75 65.43
C GLU J 166 -63.78 -10.71 64.18
N TRP J 167 -62.68 -11.46 64.20
CA TRP J 167 -61.81 -11.50 63.04
C TRP J 167 -62.52 -12.10 61.83
N PHE J 168 -63.31 -13.15 62.05
CA PHE J 168 -64.02 -13.75 60.92
C PHE J 168 -65.20 -12.92 60.47
N LYS J 169 -65.84 -12.17 61.38
CA LYS J 169 -66.86 -11.22 60.96
C LYS J 169 -66.26 -10.10 60.12
N ALA J 170 -65.03 -9.70 60.43
CA ALA J 170 -64.37 -8.65 59.65
C ALA J 170 -64.16 -9.07 58.20
N GLY J 171 -64.06 -10.37 57.92
CA GLY J 171 -63.97 -10.80 56.54
C GLY J 171 -62.71 -11.56 56.16
N VAL J 172 -61.97 -12.07 57.14
CA VAL J 172 -60.69 -12.70 56.85
C VAL J 172 -60.90 -14.09 56.25
N LEU J 173 -59.88 -14.58 55.54
CA LEU J 173 -59.97 -15.90 54.92
C LEU J 173 -59.65 -17.02 55.89
N ALA J 174 -58.61 -16.84 56.71
CA ALA J 174 -58.19 -17.81 57.71
C ALA J 174 -57.42 -17.03 58.76
N VAL J 175 -57.09 -17.71 59.87
CA VAL J 175 -56.33 -17.08 60.94
C VAL J 175 -55.15 -17.98 61.29
N GLY J 176 -53.97 -17.38 61.46
CA GLY J 176 -52.84 -18.11 61.97
C GLY J 176 -52.72 -17.94 63.47
N VAL J 177 -52.81 -19.04 64.21
CA VAL J 177 -52.82 -18.97 65.68
C VAL J 177 -51.51 -19.57 66.19
N GLY J 178 -50.82 -18.82 67.03
CA GLY J 178 -49.56 -19.24 67.62
C GLY J 178 -49.64 -19.55 69.10
N SER J 179 -49.19 -18.60 69.93
CA SER J 179 -48.98 -18.87 71.35
C SER J 179 -50.23 -19.38 72.05
N ALA J 180 -51.40 -18.93 71.62
CA ALA J 180 -52.65 -19.37 72.23
C ALA J 180 -53.02 -20.79 71.86
N LEU J 181 -52.28 -21.41 70.93
CA LEU J 181 -52.57 -22.77 70.49
C LEU J 181 -51.47 -23.74 70.87
N VAL J 182 -50.21 -23.41 70.56
CA VAL J 182 -49.14 -24.41 70.67
C VAL J 182 -48.46 -24.45 72.03
N LYS J 183 -48.58 -23.43 72.86
CA LYS J 183 -47.93 -23.48 74.17
C LYS J 183 -48.60 -24.50 75.08
N GLY J 184 -47.79 -25.12 75.94
CA GLY J 184 -48.25 -26.12 76.89
C GLY J 184 -47.71 -27.50 76.55
N THR J 185 -48.15 -28.47 77.35
CA THR J 185 -47.80 -29.85 77.11
C THR J 185 -48.47 -30.33 75.82
N PRO J 186 -47.92 -31.35 75.16
CA PRO J 186 -48.51 -31.82 73.90
C PRO J 186 -49.92 -32.36 74.02
N ASP J 187 -50.46 -32.54 75.22
CA ASP J 187 -51.85 -32.93 75.37
C ASP J 187 -52.78 -31.75 75.64
N GLU J 188 -52.27 -30.68 76.25
CA GLU J 188 -53.03 -29.45 76.34
C GLU J 188 -53.21 -28.81 74.97
N VAL J 189 -52.22 -28.97 74.11
CA VAL J 189 -52.31 -28.41 72.76
C VAL J 189 -53.42 -29.11 71.97
N ARG J 190 -53.58 -30.42 72.18
CA ARG J 190 -54.64 -31.15 71.50
C ARG J 190 -56.02 -30.60 71.87
N GLU J 191 -56.24 -30.36 73.16
CA GLU J 191 -57.52 -29.82 73.60
C GLU J 191 -57.71 -28.37 73.14
N LYS J 192 -56.63 -27.58 73.13
CA LYS J 192 -56.71 -26.22 72.61
C LYS J 192 -57.10 -26.22 71.13
N ALA J 193 -56.55 -27.15 70.35
CA ALA J 193 -56.91 -27.24 68.94
C ALA J 193 -58.37 -27.67 68.78
N LYS J 194 -58.82 -28.62 69.60
CA LYS J 194 -60.24 -28.98 69.62
C LYS J 194 -61.10 -27.74 69.82
N ALA J 195 -60.74 -26.94 70.83
CA ALA J 195 -61.52 -25.76 71.19
C ALA J 195 -61.54 -24.74 70.06
N PHE J 196 -60.37 -24.46 69.48
CA PHE J 196 -60.32 -23.51 68.36
C PHE J 196 -61.14 -23.97 67.18
N VAL J 197 -61.04 -25.26 66.82
CA VAL J 197 -61.78 -25.74 65.65
C VAL J 197 -63.27 -25.66 65.90
N GLU J 198 -63.72 -26.10 67.08
CA GLU J 198 -65.16 -26.05 67.38
C GLU J 198 -65.67 -24.63 67.49
N LYS J 199 -64.86 -23.71 68.01
CA LYS J 199 -65.28 -22.31 68.09
C LYS J 199 -65.38 -21.67 66.71
N ILE J 200 -64.40 -21.93 65.84
CA ILE J 200 -64.44 -21.39 64.49
C ILE J 200 -65.63 -21.96 63.73
N ARG J 201 -66.00 -23.20 64.01
CA ARG J 201 -67.19 -23.76 63.37
C ARG J 201 -68.47 -23.22 63.98
N GLY J 202 -68.45 -22.83 65.24
CA GLY J 202 -69.60 -22.23 65.87
C GLY J 202 -69.95 -20.88 65.30
N CYS J 203 -69.13 -19.88 65.54
CA CYS J 203 -69.38 -18.54 65.02
C CYS J 203 -68.89 -18.43 63.58
N MET K 3 -6.84 59.55 45.98
CA MET K 3 -6.63 60.25 44.71
C MET K 3 -6.04 61.63 44.90
N GLU K 4 -5.62 62.25 43.80
CA GLU K 4 -4.86 63.50 43.88
C GLU K 4 -5.67 64.62 44.51
N GLU K 5 -6.97 64.66 44.26
CA GLU K 5 -7.79 65.75 44.77
C GLU K 5 -7.91 65.71 46.28
N LEU K 6 -8.03 64.51 46.86
CA LEU K 6 -8.13 64.41 48.31
C LEU K 6 -6.83 64.81 48.99
N PHE K 7 -5.69 64.37 48.45
CA PHE K 7 -4.39 64.81 48.97
C PHE K 7 -4.24 66.31 48.86
N LYS K 8 -4.67 66.89 47.73
CA LYS K 8 -4.50 68.33 47.52
C LYS K 8 -5.40 69.13 48.45
N LYS K 9 -6.58 68.59 48.80
CA LYS K 9 -7.46 69.28 49.73
C LYS K 9 -6.97 69.19 51.16
N HIS K 10 -6.70 67.97 51.63
CA HIS K 10 -6.43 67.79 53.05
C HIS K 10 -4.97 68.06 53.41
N LYS K 11 -4.04 67.70 52.53
CA LYS K 11 -2.64 68.08 52.63
C LYS K 11 -1.93 67.44 53.81
N ILE K 12 -2.51 66.44 54.44
CA ILE K 12 -1.86 65.74 55.55
C ILE K 12 -2.44 64.34 55.65
N VAL K 13 -1.56 63.35 55.77
CA VAL K 13 -1.94 61.95 55.96
C VAL K 13 -1.33 61.49 57.27
N ALA K 14 -2.16 60.89 58.11
CA ALA K 14 -1.70 60.38 59.40
C ALA K 14 -1.31 58.92 59.23
N VAL K 15 -0.01 58.64 59.22
CA VAL K 15 0.49 57.27 59.19
C VAL K 15 0.45 56.73 60.61
N LEU K 16 -0.14 55.54 60.79
CA LEU K 16 -0.47 55.05 62.12
C LEU K 16 0.14 53.67 62.31
N ARG K 17 1.11 53.61 63.22
CA ARG K 17 1.73 52.38 63.70
C ARG K 17 1.38 52.21 65.18
N ALA K 18 1.06 50.98 65.59
CA ALA K 18 0.64 50.73 66.96
C ALA K 18 1.06 49.32 67.36
N ASN K 19 1.12 49.09 68.68
CA ASN K 19 1.42 47.77 69.21
C ASN K 19 0.19 46.88 69.31
N ASP K 20 -1.01 47.44 69.27
CA ASP K 20 -2.25 46.69 69.41
C ASP K 20 -3.24 47.16 68.35
N ALA K 21 -4.35 46.43 68.24
CA ALA K 21 -5.40 46.83 67.31
C ALA K 21 -6.38 47.80 67.94
N GLN K 22 -6.56 47.75 69.26
CA GLN K 22 -7.44 48.71 69.93
C GLN K 22 -6.82 50.11 69.96
N GLU K 23 -5.51 50.19 70.24
CA GLU K 23 -4.83 51.48 70.25
C GLU K 23 -4.87 52.13 68.88
N ALA K 24 -4.76 51.32 67.82
CA ALA K 24 -4.88 51.85 66.47
C ALA K 24 -6.23 52.51 66.24
N ARG K 25 -7.31 51.85 66.67
CA ARG K 25 -8.65 52.40 66.48
C ARG K 25 -8.84 53.67 67.32
N GLU K 26 -8.34 53.66 68.55
CA GLU K 26 -8.40 54.84 69.39
C GLU K 26 -7.72 56.03 68.74
N LYS K 27 -6.49 55.82 68.23
CA LYS K 27 -5.74 56.94 67.66
C LYS K 27 -6.28 57.36 66.30
N ALA K 28 -6.84 56.44 65.52
CA ALA K 28 -7.51 56.85 64.28
C ALA K 28 -8.69 57.76 64.58
N LEU K 29 -9.52 57.36 65.56
CA LEU K 29 -10.63 58.23 65.96
C LEU K 29 -10.12 59.58 66.46
N ALA K 30 -9.02 59.58 67.21
CA ALA K 30 -8.48 60.83 67.74
C ALA K 30 -7.98 61.75 66.64
N VAL K 31 -7.25 61.22 65.66
CA VAL K 31 -6.75 62.07 64.58
C VAL K 31 -7.90 62.58 63.73
N PHE K 32 -8.95 61.77 63.55
CA PHE K 32 -10.10 62.29 62.81
C PHE K 32 -10.81 63.38 63.59
N GLU K 33 -10.87 63.27 64.92
CA GLU K 33 -11.42 64.34 65.73
C GLU K 33 -10.58 65.60 65.65
N GLY K 34 -9.26 65.44 65.48
CA GLY K 34 -8.37 66.60 65.37
C GLY K 34 -8.49 67.35 64.08
N GLY K 35 -9.07 66.74 63.04
CA GLY K 35 -9.23 67.38 61.75
C GLY K 35 -8.53 66.70 60.60
N VAL K 36 -7.80 65.62 60.83
CA VAL K 36 -7.13 64.89 59.77
C VAL K 36 -8.10 63.88 59.16
N HIS K 37 -8.40 64.03 57.87
CA HIS K 37 -9.36 63.17 57.19
C HIS K 37 -8.69 62.06 56.39
N LEU K 38 -7.38 62.08 56.21
CA LEU K 38 -6.65 61.03 55.51
C LEU K 38 -5.85 60.24 56.54
N ILE K 39 -6.21 58.98 56.73
CA ILE K 39 -5.55 58.13 57.72
C ILE K 39 -5.04 56.88 57.00
N GLU K 40 -3.85 56.44 57.39
CA GLU K 40 -3.27 55.21 56.85
C GLU K 40 -2.90 54.32 58.03
N ILE K 41 -3.39 53.10 58.00
CA ILE K 41 -3.05 52.09 59.00
C ILE K 41 -1.92 51.26 58.41
N THR K 42 -0.83 51.09 59.14
CA THR K 42 0.27 50.32 58.59
C THR K 42 0.09 48.84 58.92
N PHE K 43 0.53 47.99 57.98
CA PHE K 43 0.41 46.55 58.21
C PHE K 43 1.45 46.00 59.18
N THR K 44 2.16 46.86 59.91
CA THR K 44 2.89 46.38 61.07
C THR K 44 1.97 46.26 62.28
N VAL K 45 0.87 47.01 62.28
CA VAL K 45 -0.13 46.90 63.36
C VAL K 45 -0.73 45.50 63.35
N PRO K 46 -0.78 44.80 64.49
CA PRO K 46 -1.42 43.49 64.52
C PRO K 46 -2.90 43.56 64.15
N ASN K 47 -3.32 42.70 63.24
CA ASN K 47 -4.71 42.63 62.76
C ASN K 47 -5.14 43.97 62.18
N ALA K 48 -4.45 44.39 61.12
CA ALA K 48 -4.67 45.71 60.57
C ALA K 48 -5.83 45.75 59.60
N ALA K 49 -6.06 44.67 58.85
CA ALA K 49 -7.24 44.62 57.99
C ALA K 49 -8.52 44.67 58.80
N ALA K 50 -8.52 44.06 59.99
CA ALA K 50 -9.67 44.15 60.89
C ALA K 50 -9.87 45.59 61.36
N VAL K 51 -8.79 46.30 61.66
CA VAL K 51 -8.89 47.70 62.08
C VAL K 51 -9.46 48.54 60.95
N ILE K 52 -9.04 48.28 59.71
CA ILE K 52 -9.59 49.01 58.57
C ILE K 52 -11.08 48.69 58.40
N LEU K 53 -11.45 47.43 58.61
CA LEU K 53 -12.85 47.02 58.43
C LEU K 53 -13.75 47.66 59.49
N LEU K 54 -13.27 47.77 60.71
CA LEU K 54 -14.09 48.27 61.81
C LEU K 54 -14.10 49.80 61.91
N LEU K 55 -13.43 50.50 60.99
CA LEU K 55 -13.39 51.95 61.00
C LEU K 55 -14.33 52.59 59.99
N SER K 56 -15.33 51.86 59.50
CA SER K 56 -16.25 52.39 58.50
C SER K 56 -17.21 53.44 59.06
N PHE K 57 -17.35 53.53 60.38
CA PHE K 57 -18.14 54.61 60.94
C PHE K 57 -17.47 55.96 60.74
N LEU K 58 -16.13 55.96 60.63
CA LEU K 58 -15.43 57.15 60.18
C LEU K 58 -15.55 57.32 58.66
N LYS K 59 -15.61 56.22 57.92
CA LYS K 59 -15.76 56.30 56.48
C LYS K 59 -17.07 56.99 56.10
N GLU K 60 -18.08 56.86 56.94
CA GLU K 60 -19.35 57.53 56.68
C GLU K 60 -19.33 59.00 57.10
N LYS K 61 -18.47 59.37 58.05
CA LYS K 61 -18.33 60.76 58.46
C LYS K 61 -17.48 61.58 57.50
N GLY K 62 -16.70 60.93 56.63
CA GLY K 62 -15.92 61.66 55.65
C GLY K 62 -14.43 61.36 55.65
N ALA K 63 -14.00 60.40 56.47
CA ALA K 63 -12.60 60.02 56.51
C ALA K 63 -12.25 59.14 55.31
N ILE K 64 -10.98 59.14 54.94
CA ILE K 64 -10.44 58.28 53.89
C ILE K 64 -9.36 57.42 54.54
N ILE K 65 -9.63 56.12 54.65
CA ILE K 65 -8.74 55.18 55.31
C ILE K 65 -7.98 54.38 54.25
N GLY K 66 -6.69 54.17 54.48
CA GLY K 66 -5.86 53.42 53.56
C GLY K 66 -4.90 52.52 54.30
N ALA K 67 -4.19 51.71 53.53
CA ALA K 67 -3.25 50.73 54.05
C ALA K 67 -1.83 51.08 53.64
N GLY K 68 -0.90 50.99 54.60
CA GLY K 68 0.49 51.27 54.35
C GLY K 68 1.37 50.05 54.63
N THR K 69 2.64 50.19 54.29
CA THR K 69 3.65 49.14 54.48
C THR K 69 3.20 47.83 53.84
N VAL K 70 2.73 47.94 52.60
CA VAL K 70 2.24 46.79 51.85
C VAL K 70 3.37 46.32 50.97
N THR K 71 3.93 45.15 51.29
CA THR K 71 5.07 44.58 50.59
C THR K 71 4.70 43.30 49.85
N SER K 72 3.41 43.10 49.55
CA SER K 72 2.97 41.88 48.88
C SER K 72 1.68 42.16 48.15
N GLU K 73 1.34 41.27 47.22
CA GLU K 73 0.06 41.35 46.51
C GLU K 73 -1.08 40.76 47.33
N GLU K 74 -0.78 39.79 48.20
CA GLU K 74 -1.80 39.24 49.08
C GLU K 74 -2.22 40.26 50.13
N GLN K 75 -1.29 41.08 50.61
CA GLN K 75 -1.66 42.16 51.53
C GLN K 75 -2.50 43.21 50.83
N CYS K 76 -2.21 43.50 49.56
CA CYS K 76 -3.05 44.42 48.80
C CYS K 76 -4.46 43.87 48.64
N ALA K 77 -4.58 42.58 48.35
CA ALA K 77 -5.90 41.96 48.25
C ALA K 77 -6.64 42.01 49.59
N LEU K 78 -5.94 41.69 50.68
CA LEU K 78 -6.54 41.69 52.01
C LEU K 78 -6.96 43.09 52.44
N ALA K 79 -6.24 44.11 52.00
CA ALA K 79 -6.57 45.48 52.37
C ALA K 79 -7.68 46.05 51.51
N VAL K 80 -7.76 45.65 50.23
CA VAL K 80 -8.86 46.11 49.39
C VAL K 80 -10.15 45.40 49.77
N LEU K 81 -10.07 44.13 50.19
CA LEU K 81 -11.24 43.44 50.72
C LEU K 81 -11.81 44.17 51.93
N SER K 82 -10.94 44.51 52.88
CA SER K 82 -11.36 45.17 54.11
C SER K 82 -11.84 46.59 53.90
N GLY K 83 -11.75 47.14 52.68
CA GLY K 83 -12.28 48.46 52.40
C GLY K 83 -11.29 49.60 52.44
N ALA K 84 -10.01 49.33 52.20
CA ALA K 84 -9.02 50.40 52.07
C ALA K 84 -9.21 51.12 50.74
N GLU K 85 -9.11 52.45 50.78
CA GLU K 85 -9.30 53.26 49.59
C GLU K 85 -8.00 53.61 48.87
N PHE K 86 -6.85 53.46 49.51
CA PHE K 86 -5.57 53.63 48.83
C PHE K 86 -4.54 52.71 49.47
N ILE K 87 -3.53 52.36 48.67
CA ILE K 87 -2.45 51.46 49.07
C ILE K 87 -1.14 52.22 49.00
N VAL K 88 -0.26 51.99 49.96
CA VAL K 88 1.02 52.68 50.05
C VAL K 88 2.11 51.66 50.34
N SER K 89 3.31 51.92 49.81
CA SER K 89 4.48 51.08 50.02
C SER K 89 5.68 51.97 50.33
N PRO K 90 6.63 51.49 51.14
CA PRO K 90 7.88 52.22 51.35
C PRO K 90 8.90 52.00 50.26
N HIS K 91 8.57 51.15 49.30
CA HIS K 91 9.42 50.73 48.19
C HIS K 91 8.59 50.77 46.92
N LEU K 92 9.20 50.44 45.80
CA LEU K 92 8.50 50.32 44.53
C LEU K 92 8.55 48.88 44.08
N ASP K 93 7.38 48.30 43.84
CA ASP K 93 7.29 46.94 43.34
C ASP K 93 6.53 46.94 42.03
N GLU K 94 7.11 46.27 41.02
CA GLU K 94 6.47 46.24 39.70
C GLU K 94 5.23 45.36 39.70
N GLU K 95 5.24 44.27 40.47
CA GLU K 95 4.10 43.36 40.47
C GLU K 95 2.90 43.93 41.22
N ILE K 96 3.12 44.53 42.40
CA ILE K 96 2.01 45.16 43.10
C ILE K 96 1.41 46.27 42.24
N SER K 97 2.26 47.04 41.56
CA SER K 97 1.77 48.09 40.68
C SER K 97 0.96 47.51 39.53
N GLN K 98 1.49 46.46 38.89
CA GLN K 98 0.82 45.84 37.76
C GLN K 98 -0.53 45.27 38.14
N PHE K 99 -0.65 44.73 39.35
CA PHE K 99 -1.90 44.10 39.77
C PHE K 99 -2.88 45.08 40.40
N CYS K 100 -2.43 46.22 40.86
CA CYS K 100 -3.32 47.23 41.42
C CYS K 100 -3.80 48.14 40.31
N LYS K 101 -3.06 48.20 39.22
CA LYS K 101 -3.51 48.99 38.08
C LYS K 101 -4.78 48.40 37.47
N GLU K 102 -4.82 47.09 37.30
CA GLU K 102 -5.94 46.39 36.67
C GLU K 102 -7.14 46.25 37.58
N LYS K 103 -6.96 46.35 38.90
CA LYS K 103 -8.07 46.30 39.84
C LYS K 103 -8.67 47.68 40.10
N GLY K 104 -8.04 48.74 39.62
CA GLY K 104 -8.56 50.08 39.79
C GLY K 104 -8.47 50.63 41.20
N VAL K 105 -7.34 50.41 41.85
CA VAL K 105 -7.10 50.90 43.21
C VAL K 105 -5.91 51.84 43.15
N PHE K 106 -5.94 52.89 43.96
CA PHE K 106 -4.89 53.90 43.94
C PHE K 106 -3.69 53.41 44.75
N TYR K 107 -2.56 53.25 44.07
CA TYR K 107 -1.32 52.78 44.66
C TYR K 107 -0.28 53.90 44.61
N MET K 108 0.36 54.17 45.75
CA MET K 108 1.37 55.22 45.86
C MET K 108 2.67 54.59 46.34
N PRO K 109 3.56 54.22 45.43
CA PRO K 109 4.83 53.59 45.83
C PRO K 109 5.81 54.61 46.38
N GLY K 110 6.90 54.10 46.92
CA GLY K 110 7.90 54.95 47.53
C GLY K 110 9.23 54.91 46.81
N VAL K 111 9.80 56.08 46.53
CA VAL K 111 11.04 56.19 45.79
C VAL K 111 12.04 56.98 46.63
N MET K 112 13.32 56.82 46.30
CA MET K 112 14.38 57.57 46.93
C MET K 112 15.41 58.11 45.96
N THR K 113 15.55 57.53 44.78
CA THR K 113 16.51 57.92 43.76
C THR K 113 15.78 58.24 42.46
N PRO K 114 16.42 58.98 41.54
CA PRO K 114 15.76 59.27 40.26
C PRO K 114 15.54 58.06 39.37
N THR K 115 16.35 57.01 39.49
CA THR K 115 16.14 55.82 38.67
C THR K 115 14.86 55.11 39.09
N GLU K 116 14.65 54.97 40.40
CA GLU K 116 13.40 54.43 40.92
C GLU K 116 12.22 55.28 40.50
N LEU K 117 12.40 56.61 40.49
CA LEU K 117 11.35 57.52 40.08
C LEU K 117 10.95 57.30 38.62
N VAL K 118 11.95 57.17 37.74
CA VAL K 118 11.65 56.97 36.33
C VAL K 118 10.98 55.63 36.11
N LYS K 119 11.40 54.59 36.85
CA LYS K 119 10.74 53.30 36.70
C LYS K 119 9.30 53.33 37.20
N ALA K 120 9.02 54.12 38.24
CA ALA K 120 7.64 54.28 38.71
C ALA K 120 6.81 55.05 37.70
N MET K 121 7.37 56.11 37.11
CA MET K 121 6.67 56.89 36.11
C MET K 121 6.37 56.07 34.86
N LYS K 122 7.27 55.16 34.49
CA LYS K 122 7.00 54.29 33.35
C LYS K 122 5.87 53.30 33.61
N LEU K 123 5.46 53.13 34.87
CA LEU K 123 4.32 52.30 35.23
C LEU K 123 3.06 53.12 35.43
N GLY K 124 3.13 54.45 35.33
CA GLY K 124 1.96 55.29 35.36
C GLY K 124 1.83 56.19 36.56
N HIS K 125 2.74 56.12 37.53
CA HIS K 125 2.58 56.82 38.79
C HIS K 125 3.14 58.23 38.69
N THR K 126 2.29 59.22 38.97
CA THR K 126 2.71 60.62 39.03
C THR K 126 2.71 61.18 40.44
N ILE K 127 2.04 60.53 41.39
CA ILE K 127 2.13 60.89 42.80
C ILE K 127 2.96 59.81 43.48
N LEU K 128 4.11 60.21 44.01
CA LEU K 128 5.03 59.28 44.63
C LEU K 128 5.16 59.59 46.11
N LYS K 129 5.53 58.58 46.87
CA LYS K 129 5.89 58.74 48.28
C LYS K 129 7.39 58.90 48.39
N LEU K 130 7.83 59.91 49.12
CA LEU K 130 9.25 60.19 49.29
C LEU K 130 9.68 59.69 50.66
N PHE K 131 10.36 58.55 50.68
CA PHE K 131 10.76 57.87 51.90
C PHE K 131 12.18 57.35 51.76
N PRO K 132 13.04 57.56 52.77
CA PRO K 132 12.81 58.44 53.92
C PRO K 132 13.09 59.90 53.64
N GLY K 133 12.11 60.76 53.88
CA GLY K 133 12.22 62.16 53.51
C GLY K 133 13.19 62.95 54.36
N GLU K 134 13.51 62.46 55.56
CA GLU K 134 14.49 63.12 56.41
C GLU K 134 15.92 62.87 55.96
N VAL K 135 16.14 61.90 55.08
CA VAL K 135 17.49 61.63 54.58
C VAL K 135 17.80 62.46 53.33
N VAL K 136 16.83 62.66 52.45
CA VAL K 136 17.05 63.44 51.24
C VAL K 136 16.70 64.92 51.45
N GLY K 137 15.57 65.21 52.08
CA GLY K 137 15.22 66.57 52.40
C GLY K 137 14.42 67.25 51.30
N PRO K 138 13.93 68.46 51.58
CA PRO K 138 13.23 69.22 50.53
C PRO K 138 14.12 69.64 49.38
N GLN K 139 15.44 69.62 49.60
CA GLN K 139 16.39 69.88 48.52
C GLN K 139 16.21 68.87 47.39
N PHE K 140 15.87 67.62 47.71
CA PHE K 140 15.65 66.61 46.69
C PHE K 140 14.45 66.97 45.82
N VAL K 141 13.37 67.46 46.43
CA VAL K 141 12.19 67.84 45.67
C VAL K 141 12.49 69.05 44.78
N LYS K 142 13.15 70.07 45.35
CA LYS K 142 13.53 71.22 44.54
C LYS K 142 14.42 70.83 43.37
N ALA K 143 15.35 69.90 43.59
CA ALA K 143 16.23 69.47 42.51
C ALA K 143 15.51 68.62 41.49
N MET K 144 14.48 67.90 41.89
CA MET K 144 13.78 67.04 40.95
C MET K 144 12.72 67.77 40.16
N LYS K 145 12.36 68.99 40.57
CA LYS K 145 11.44 69.78 39.76
C LYS K 145 11.88 69.89 38.31
N GLY K 146 13.16 70.22 38.09
CA GLY K 146 13.66 70.54 36.77
C GLY K 146 13.38 69.51 35.71
N PRO K 147 14.02 68.34 35.81
CA PRO K 147 13.79 67.31 34.77
C PRO K 147 12.41 66.71 34.80
N PHE K 148 11.81 66.57 35.98
CA PHE K 148 10.53 65.91 36.17
C PHE K 148 9.51 66.89 36.75
N PRO K 149 8.92 67.77 35.94
CA PRO K 149 8.01 68.79 36.49
C PRO K 149 6.58 68.34 36.72
N ASN K 150 6.22 67.11 36.33
CA ASN K 150 4.85 66.64 36.44
C ASN K 150 4.66 65.65 37.59
N VAL K 151 5.67 65.50 38.45
CA VAL K 151 5.65 64.52 39.53
C VAL K 151 5.42 65.25 40.84
N LYS K 152 4.48 64.76 41.64
CA LYS K 152 4.20 65.28 42.96
C LYS K 152 4.67 64.29 44.02
N PHE K 153 5.11 64.81 45.16
CA PHE K 153 5.68 64.01 46.23
C PHE K 153 4.87 64.16 47.50
N VAL K 154 4.71 63.05 48.21
CA VAL K 154 4.21 63.06 49.58
C VAL K 154 5.37 62.59 50.44
N PRO K 155 6.12 63.48 51.09
CA PRO K 155 7.23 63.04 51.92
C PRO K 155 6.76 62.41 53.22
N THR K 156 7.43 61.33 53.60
CA THR K 156 7.17 60.64 54.86
C THR K 156 8.49 60.41 55.57
N GLY K 157 8.54 60.72 56.86
CA GLY K 157 9.74 60.56 57.64
C GLY K 157 10.32 61.87 58.12
N GLY K 158 10.28 62.08 59.44
CA GLY K 158 10.92 63.22 60.04
C GLY K 158 10.17 64.53 59.96
N VAL K 159 8.95 64.54 59.42
CA VAL K 159 8.19 65.78 59.32
C VAL K 159 7.75 66.23 60.70
N ASN K 160 8.04 67.49 61.02
CA ASN K 160 7.78 68.07 62.33
C ASN K 160 6.95 69.33 62.15
N LEU K 161 6.56 69.93 63.28
CA LEU K 161 5.93 71.25 63.24
C LEU K 161 6.86 72.29 62.63
N ASP K 162 8.17 72.16 62.88
CA ASP K 162 9.12 73.18 62.46
C ASP K 162 9.37 73.15 60.96
N ASN K 163 9.57 71.96 60.40
CA ASN K 163 10.05 71.80 59.03
C ASN K 163 8.93 71.50 58.04
N VAL K 164 7.67 71.64 58.42
CA VAL K 164 6.60 71.33 57.48
C VAL K 164 6.37 72.48 56.50
N CYS K 165 6.55 73.73 56.96
CA CYS K 165 6.46 74.85 56.05
C CYS K 165 7.59 74.82 55.02
N GLU K 166 8.77 74.33 55.42
CA GLU K 166 9.86 74.15 54.47
C GLU K 166 9.47 73.15 53.38
N TRP K 167 8.85 72.04 53.77
CA TRP K 167 8.43 71.04 52.81
C TRP K 167 7.38 71.60 51.85
N PHE K 168 6.45 72.41 52.35
CA PHE K 168 5.44 72.95 51.45
C PHE K 168 6.00 74.06 50.56
N LYS K 169 6.99 74.80 51.03
CA LYS K 169 7.68 75.74 50.14
C LYS K 169 8.46 75.01 49.06
N ALA K 170 9.02 73.85 49.40
CA ALA K 170 9.74 73.06 48.40
C ALA K 170 8.83 72.60 47.27
N GLY K 171 7.54 72.43 47.55
CA GLY K 171 6.61 72.11 46.48
C GLY K 171 5.84 70.81 46.63
N VAL K 172 5.85 70.22 47.83
CA VAL K 172 5.24 68.90 48.00
C VAL K 172 3.72 69.00 47.98
N LEU K 173 3.08 67.91 47.57
CA LEU K 173 1.63 67.88 47.47
C LEU K 173 1.00 67.78 48.87
N ALA K 174 1.51 66.88 49.69
CA ALA K 174 1.02 66.63 51.04
C ALA K 174 2.18 66.01 51.81
N VAL K 175 1.98 65.81 53.11
CA VAL K 175 2.98 65.21 53.98
C VAL K 175 2.35 64.07 54.75
N GLY K 176 3.09 62.97 54.91
CA GLY K 176 2.67 61.92 55.80
C GLY K 176 3.37 62.05 57.14
N VAL K 177 2.63 62.26 58.22
CA VAL K 177 3.22 62.52 59.53
C VAL K 177 2.96 61.30 60.41
N GLY K 178 4.02 60.78 61.01
CA GLY K 178 3.95 59.60 61.85
C GLY K 178 4.22 59.85 63.32
N SER K 179 5.43 59.51 63.75
CA SER K 179 5.79 59.50 65.16
C SER K 179 5.47 60.82 65.84
N ALA K 180 5.60 61.93 65.13
CA ALA K 180 5.35 63.25 65.70
C ALA K 180 3.87 63.60 65.74
N LEU K 181 3.01 62.67 65.39
CA LEU K 181 1.56 62.87 65.44
C LEU K 181 0.86 61.88 66.35
N VAL K 182 1.19 60.60 66.24
CA VAL K 182 0.41 59.55 66.89
C VAL K 182 1.03 59.03 68.18
N LYS K 183 2.21 59.49 68.56
CA LYS K 183 2.76 59.06 69.85
C LYS K 183 2.06 59.79 70.99
N GLY K 184 1.80 59.04 72.07
CA GLY K 184 1.21 59.59 73.27
C GLY K 184 -0.13 58.97 73.60
N THR K 185 -0.92 59.67 74.40
CA THR K 185 -2.26 59.20 74.73
C THR K 185 -3.23 59.61 73.63
N PRO K 186 -4.39 58.95 73.52
CA PRO K 186 -5.34 59.30 72.45
C PRO K 186 -5.92 60.71 72.58
N ASP K 187 -5.61 61.40 73.66
CA ASP K 187 -6.03 62.80 73.81
C ASP K 187 -4.93 63.78 73.44
N GLU K 188 -3.67 63.44 73.72
CA GLU K 188 -2.56 64.26 73.25
C GLU K 188 -2.49 64.23 71.72
N VAL K 189 -2.82 63.08 71.13
CA VAL K 189 -2.81 62.94 69.68
C VAL K 189 -3.81 63.91 69.05
N ARG K 190 -4.95 64.13 69.69
CA ARG K 190 -5.96 65.02 69.14
C ARG K 190 -5.44 66.46 69.09
N GLU K 191 -4.75 66.90 70.13
CA GLU K 191 -4.19 68.25 70.12
C GLU K 191 -3.02 68.36 69.15
N LYS K 192 -2.18 67.31 69.05
CA LYS K 192 -1.14 67.31 68.03
C LYS K 192 -1.73 67.45 66.63
N ALA K 193 -2.83 66.75 66.36
CA ALA K 193 -3.46 66.84 65.05
C ALA K 193 -4.04 68.23 64.81
N LYS K 194 -4.67 68.82 65.82
CA LYS K 194 -5.17 70.19 65.66
C LYS K 194 -4.03 71.16 65.38
N ALA K 195 -2.91 71.01 66.08
CA ALA K 195 -1.76 71.88 65.87
C ALA K 195 -1.22 71.73 64.45
N PHE K 196 -1.04 70.48 64.00
CA PHE K 196 -0.57 70.26 62.63
C PHE K 196 -1.52 70.87 61.61
N VAL K 197 -2.82 70.70 61.78
CA VAL K 197 -3.78 71.21 60.79
C VAL K 197 -3.73 72.72 60.74
N GLU K 198 -3.72 73.38 61.91
CA GLU K 198 -3.70 74.84 61.91
C GLU K 198 -2.37 75.37 61.37
N LYS K 199 -1.26 74.71 61.67
CA LYS K 199 0.03 75.13 61.12
C LYS K 199 0.07 74.99 59.61
N ILE K 200 -0.47 73.88 59.10
CA ILE K 200 -0.41 73.65 57.66
C ILE K 200 -1.30 74.63 56.91
N ARG K 201 -2.48 74.92 57.45
CA ARG K 201 -3.32 75.90 56.77
C ARG K 201 -2.86 77.34 57.00
N GLY K 202 -2.06 77.58 58.03
CA GLY K 202 -1.46 78.88 58.20
C GLY K 202 -0.37 79.17 57.19
N CYS K 203 0.75 78.45 57.30
CA CYS K 203 1.87 78.62 56.39
C CYS K 203 1.65 77.87 55.09
N THR L 2 -26.24 -17.62 -15.10
CA THR L 2 -25.99 -18.00 -16.48
C THR L 2 -26.49 -19.42 -16.76
N ASP L 3 -26.41 -20.29 -15.76
CA ASP L 3 -26.94 -21.63 -15.93
C ASP L 3 -28.47 -21.62 -15.97
N GLU L 4 -29.12 -20.75 -15.21
CA GLU L 4 -30.53 -20.44 -15.45
C GLU L 4 -30.75 -20.05 -16.91
N LEU L 5 -29.91 -19.16 -17.42
CA LEU L 5 -30.08 -18.61 -18.76
C LEU L 5 -29.86 -19.68 -19.82
N LEU L 6 -28.82 -20.49 -19.66
CA LEU L 6 -28.55 -21.52 -20.66
C LEU L 6 -29.49 -22.71 -20.54
N ARG L 7 -30.02 -22.99 -19.34
CA ARG L 7 -31.07 -24.00 -19.22
C ARG L 7 -32.33 -23.55 -19.96
N LEU L 8 -32.69 -22.28 -19.83
CA LEU L 8 -33.83 -21.77 -20.60
C LEU L 8 -33.54 -21.82 -22.10
N ALA L 9 -32.30 -21.57 -22.50
CA ALA L 9 -31.94 -21.71 -23.90
C ALA L 9 -32.11 -23.15 -24.40
N LYS L 10 -31.70 -24.13 -23.58
CA LYS L 10 -31.91 -25.53 -23.93
C LYS L 10 -33.40 -25.84 -24.10
N GLU L 11 -34.21 -25.39 -23.14
CA GLU L 11 -35.66 -25.55 -23.22
C GLU L 11 -36.21 -25.01 -24.54
N GLN L 12 -35.77 -23.81 -24.91
CA GLN L 12 -36.28 -23.17 -26.12
C GLN L 12 -35.83 -23.92 -27.37
N ALA L 13 -34.61 -24.44 -27.38
CA ALA L 13 -34.12 -25.19 -28.55
C ALA L 13 -34.91 -26.48 -28.74
N GLU L 14 -35.18 -27.19 -27.64
CA GLU L 14 -36.02 -28.39 -27.73
C GLU L 14 -37.39 -28.06 -28.29
N LEU L 15 -38.00 -26.99 -27.78
CA LEU L 15 -39.33 -26.60 -28.24
C LEU L 15 -39.30 -26.22 -29.72
N LEU L 16 -38.24 -25.55 -30.17
CA LEU L 16 -38.18 -25.15 -31.58
C LEU L 16 -38.03 -26.35 -32.50
N LYS L 17 -37.26 -27.37 -32.08
CA LYS L 17 -37.20 -28.59 -32.89
C LYS L 17 -38.57 -29.25 -33.00
N GLU L 18 -39.28 -29.34 -31.86
CA GLU L 18 -40.63 -29.90 -31.89
C GLU L 18 -41.53 -29.15 -32.87
N ILE L 19 -41.48 -27.82 -32.81
CA ILE L 19 -42.36 -26.99 -33.63
C ILE L 19 -42.06 -27.17 -35.11
N LYS L 20 -40.77 -27.24 -35.47
CA LYS L 20 -40.41 -27.41 -36.88
C LYS L 20 -40.88 -28.76 -37.40
N ILE L 21 -40.71 -29.82 -36.61
CA ILE L 21 -41.18 -31.14 -37.03
C ILE L 21 -42.69 -31.13 -37.24
N LEU L 22 -43.43 -30.49 -36.32
CA LEU L 22 -44.88 -30.47 -36.43
C LEU L 22 -45.33 -29.68 -37.65
N VAL L 23 -44.64 -28.59 -37.95
CA VAL L 23 -45.01 -27.77 -39.11
C VAL L 23 -44.77 -28.55 -40.40
N GLU L 24 -43.67 -29.31 -40.48
CA GLU L 24 -43.43 -30.13 -41.66
C GLU L 24 -44.51 -31.19 -41.84
N LEU L 25 -44.91 -31.84 -40.75
CA LEU L 25 -45.98 -32.82 -40.85
C LEU L 25 -47.30 -32.17 -41.30
N ILE L 26 -47.57 -30.95 -40.82
CA ILE L 26 -48.80 -30.26 -41.23
C ILE L 26 -48.77 -29.94 -42.72
N ALA L 27 -47.62 -29.50 -43.22
CA ALA L 27 -47.49 -29.23 -44.66
C ALA L 27 -47.73 -30.48 -45.50
N MET L 28 -47.14 -31.61 -45.07
CA MET L 28 -47.35 -32.86 -45.78
C MET L 28 -48.83 -33.26 -45.80
N LEU L 29 -49.50 -33.14 -44.65
CA LEU L 29 -50.90 -33.52 -44.58
C LEU L 29 -51.77 -32.60 -45.44
N VAL L 30 -51.42 -31.31 -45.51
CA VAL L 30 -52.15 -30.39 -46.36
C VAL L 30 -52.01 -30.78 -47.83
N LYS L 31 -50.82 -31.18 -48.25
CA LYS L 31 -50.64 -31.63 -49.64
C LYS L 31 -51.47 -32.89 -49.92
N VAL L 32 -51.46 -33.84 -48.98
CA VAL L 32 -52.24 -35.06 -49.15
C VAL L 32 -53.74 -34.73 -49.24
N ILE L 33 -54.20 -33.74 -48.45
CA ILE L 33 -55.60 -33.35 -48.50
C ILE L 33 -55.92 -32.65 -49.82
N GLN L 34 -54.99 -31.83 -50.32
CA GLN L 34 -55.19 -31.21 -51.64
C GLN L 34 -55.41 -32.26 -52.71
N LYS L 35 -54.75 -33.40 -52.71
CA LYS L 35 -54.99 -34.35 -53.79
C LYS L 35 -56.19 -35.23 -53.49
N ASP L 36 -56.33 -35.67 -52.26
CA ASP L 36 -57.52 -36.44 -51.90
C ASP L 36 -58.12 -35.93 -50.60
N PRO L 37 -59.19 -35.14 -50.66
CA PRO L 37 -59.79 -34.62 -49.43
C PRO L 37 -60.63 -35.66 -48.70
N SER L 38 -60.75 -35.46 -47.39
CA SER L 38 -61.51 -36.36 -46.52
C SER L 38 -61.76 -35.66 -45.20
N ASP L 39 -62.66 -36.22 -44.41
CA ASP L 39 -63.02 -35.62 -43.13
C ASP L 39 -62.09 -36.05 -42.01
N GLU L 40 -61.62 -37.31 -42.02
CA GLU L 40 -60.65 -37.74 -41.02
C GLU L 40 -59.34 -36.99 -41.18
N ALA L 41 -58.95 -36.72 -42.42
CA ALA L 41 -57.75 -35.92 -42.66
C ALA L 41 -57.89 -34.53 -42.08
N LEU L 42 -59.08 -33.93 -42.20
CA LEU L 42 -59.28 -32.58 -41.67
C LEU L 42 -59.35 -32.58 -40.14
N LYS L 43 -59.90 -33.62 -39.53
CA LYS L 43 -59.86 -33.72 -38.08
C LYS L 43 -58.44 -33.89 -37.56
N ALA L 44 -57.62 -34.68 -38.27
CA ALA L 44 -56.23 -34.83 -37.88
C ALA L 44 -55.46 -33.51 -38.06
N LEU L 45 -55.76 -32.77 -39.13
CA LEU L 45 -55.16 -31.46 -39.32
C LEU L 45 -55.53 -30.51 -38.18
N ALA L 46 -56.79 -30.52 -37.78
CA ALA L 46 -57.24 -29.69 -36.67
C ALA L 46 -56.49 -30.04 -35.38
N GLU L 47 -56.31 -31.33 -35.12
CA GLU L 47 -55.58 -31.75 -33.92
C GLU L 47 -54.12 -31.31 -33.98
N LEU L 48 -53.50 -31.41 -35.16
CA LEU L 48 -52.12 -30.97 -35.28
C LEU L 48 -51.98 -29.47 -35.06
N VAL L 49 -52.92 -28.68 -35.58
CA VAL L 49 -52.87 -27.23 -35.36
C VAL L 49 -53.09 -26.89 -33.89
N ARG L 50 -53.96 -27.64 -33.20
CA ARG L 50 -54.15 -27.40 -31.77
C ARG L 50 -52.86 -27.69 -30.98
N LYS L 51 -52.18 -28.79 -31.31
CA LYS L 51 -50.91 -29.07 -30.66
C LYS L 51 -49.86 -28.02 -30.98
N LEU L 52 -49.89 -27.48 -32.21
CA LEU L 52 -48.96 -26.42 -32.58
C LEU L 52 -49.20 -25.17 -31.75
N LYS L 53 -50.47 -24.81 -31.53
CA LYS L 53 -50.78 -23.67 -30.67
C LYS L 53 -50.25 -23.88 -29.25
N GLU L 54 -50.47 -25.08 -28.70
CA GLU L 54 -49.94 -25.38 -27.37
C GLU L 54 -48.42 -25.24 -27.31
N LEU L 55 -47.73 -25.74 -28.33
CA LEU L 55 -46.27 -25.65 -28.36
C LEU L 55 -45.80 -24.20 -28.45
N VAL L 56 -46.51 -23.38 -29.23
CA VAL L 56 -46.13 -21.98 -29.35
C VAL L 56 -46.31 -21.27 -28.01
N GLU L 57 -47.40 -21.55 -27.29
CA GLU L 57 -47.59 -20.95 -25.97
C GLU L 57 -46.48 -21.36 -25.01
N ASP L 58 -46.11 -22.65 -25.01
CA ASP L 58 -45.02 -23.09 -24.15
C ASP L 58 -43.72 -22.34 -24.47
N MET L 59 -43.41 -22.21 -25.75
CA MET L 59 -42.22 -21.48 -26.18
C MET L 59 -42.27 -20.03 -25.71
N GLU L 60 -43.44 -19.42 -25.73
CA GLU L 60 -43.57 -18.01 -25.37
C GLU L 60 -43.32 -17.79 -23.92
N ARG L 61 -43.90 -18.65 -23.10
CA ARG L 61 -43.63 -18.55 -21.67
C ARG L 61 -42.14 -18.67 -21.46
N SER L 62 -41.55 -19.74 -21.98
CA SER L 62 -40.12 -19.93 -21.72
C SER L 62 -39.30 -18.72 -22.15
N MET L 63 -39.64 -18.14 -23.29
CA MET L 63 -38.88 -16.99 -23.77
C MET L 63 -39.09 -15.77 -22.89
N LYS L 64 -40.31 -15.55 -22.38
CA LYS L 64 -40.49 -14.40 -21.51
C LYS L 64 -39.81 -14.59 -20.16
N GLU L 65 -39.77 -15.83 -19.65
CA GLU L 65 -39.00 -16.05 -18.42
C GLU L 65 -37.51 -15.82 -18.66
N GLN L 66 -37.00 -16.26 -19.81
CA GLN L 66 -35.59 -16.02 -20.13
C GLN L 66 -35.30 -14.53 -20.24
N LEU L 67 -36.21 -13.77 -20.85
CA LEU L 67 -36.02 -12.34 -20.99
C LEU L 67 -36.12 -11.63 -19.64
N TYR L 68 -36.99 -12.11 -18.76
CA TYR L 68 -37.07 -11.56 -17.42
C TYR L 68 -35.77 -11.79 -16.65
N ILE L 69 -35.20 -12.99 -16.78
CA ILE L 69 -33.95 -13.29 -16.08
C ILE L 69 -32.81 -12.45 -16.62
N ILE L 70 -32.72 -12.32 -17.95
CA ILE L 70 -31.62 -11.54 -18.54
C ILE L 70 -31.77 -10.06 -18.20
N LYS L 71 -32.96 -9.60 -17.87
CA LYS L 71 -33.17 -8.20 -17.50
C LYS L 71 -32.63 -7.90 -16.12
N THR M 2 6.41 13.52 -30.83
CA THR M 2 7.70 14.13 -30.53
C THR M 2 8.70 13.85 -31.67
N ASP M 3 8.31 12.99 -32.60
CA ASP M 3 9.16 12.71 -33.75
C ASP M 3 9.03 13.74 -34.86
N GLU M 4 7.98 14.57 -34.81
CA GLU M 4 7.89 15.71 -35.72
C GLU M 4 9.14 16.58 -35.65
N LEU M 5 9.73 16.71 -34.45
CA LEU M 5 10.86 17.61 -34.26
C LEU M 5 12.06 17.20 -35.10
N LEU M 6 12.37 15.91 -35.11
CA LEU M 6 13.55 15.46 -35.85
C LEU M 6 13.28 15.49 -37.33
N ARG M 7 12.09 15.12 -37.75
CA ARG M 7 11.73 15.27 -39.16
C ARG M 7 11.93 16.71 -39.63
N LEU M 8 11.50 17.67 -38.81
CA LEU M 8 11.64 19.08 -39.18
C LEU M 8 13.10 19.49 -39.20
N ALA M 9 13.90 18.96 -38.27
CA ALA M 9 15.32 19.23 -38.27
C ALA M 9 16.00 18.66 -39.52
N LYS M 10 15.59 17.47 -39.94
CA LYS M 10 16.12 16.87 -41.17
C LYS M 10 15.81 17.76 -42.38
N GLU M 11 14.56 18.20 -42.48
CA GLU M 11 14.16 19.08 -43.58
C GLU M 11 14.98 20.37 -43.57
N GLN M 12 15.20 20.93 -42.39
CA GLN M 12 15.98 22.16 -42.29
C GLN M 12 17.43 21.94 -42.68
N ALA M 13 18.01 20.80 -42.33
CA ALA M 13 19.40 20.52 -42.72
C ALA M 13 19.52 20.37 -44.24
N GLU M 14 18.53 19.71 -44.85
CA GLU M 14 18.49 19.64 -46.31
C GLU M 14 18.49 21.04 -46.93
N LEU M 15 17.58 21.90 -46.48
CA LEU M 15 17.50 23.25 -47.02
C LEU M 15 18.79 24.02 -46.78
N LEU M 16 19.43 23.81 -45.63
CA LEU M 16 20.63 24.57 -45.31
C LEU M 16 21.79 24.18 -46.22
N LYS M 17 21.95 22.89 -46.51
CA LYS M 17 23.02 22.50 -47.42
C LYS M 17 22.73 22.99 -48.84
N GLU M 18 21.46 22.96 -49.26
CA GLU M 18 21.12 23.57 -50.56
C GLU M 18 21.52 25.04 -50.61
N ILE M 19 21.23 25.79 -49.53
CA ILE M 19 21.51 27.21 -49.52
C ILE M 19 23.01 27.47 -49.55
N LYS M 20 23.79 26.66 -48.83
CA LYS M 20 25.24 26.84 -48.83
C LYS M 20 25.84 26.57 -50.21
N ILE M 21 25.36 25.52 -50.89
CA ILE M 21 25.84 25.24 -52.24
C ILE M 21 25.50 26.39 -53.18
N LEU M 22 24.30 26.94 -53.05
CA LEU M 22 23.89 28.02 -53.96
C LEU M 22 24.68 29.29 -53.68
N VAL M 23 25.01 29.56 -52.41
CA VAL M 23 25.83 30.73 -52.11
C VAL M 23 27.24 30.56 -52.67
N GLU M 24 27.79 29.34 -52.60
CA GLU M 24 29.09 29.09 -53.23
C GLU M 24 29.07 29.37 -54.72
N LEU M 25 28.02 28.88 -55.41
CA LEU M 25 27.91 29.14 -56.84
C LEU M 25 27.76 30.63 -57.13
N ILE M 26 27.02 31.35 -56.29
CA ILE M 26 26.84 32.79 -56.49
C ILE M 26 28.16 33.52 -56.34
N ALA M 27 28.95 33.16 -55.33
CA ALA M 27 30.26 33.77 -55.14
C ALA M 27 31.18 33.52 -56.33
N MET M 28 31.18 32.28 -56.84
CA MET M 28 31.99 31.97 -58.01
C MET M 28 31.55 32.79 -59.23
N LEU M 29 30.25 32.90 -59.45
CA LEU M 29 29.76 33.67 -60.59
C LEU M 29 30.13 35.14 -60.46
N VAL M 30 30.10 35.69 -59.25
CA VAL M 30 30.47 37.08 -59.05
C VAL M 30 31.96 37.28 -59.35
N LYS M 31 32.81 36.35 -58.91
CA LYS M 31 34.24 36.42 -59.24
C LYS M 31 34.49 36.34 -60.74
N VAL M 32 33.68 35.54 -61.45
CA VAL M 32 33.84 35.46 -62.90
C VAL M 32 33.38 36.75 -63.57
N ILE M 33 32.28 37.34 -63.08
CA ILE M 33 31.77 38.57 -63.69
C ILE M 33 32.70 39.75 -63.43
N GLN M 34 33.37 39.78 -62.28
CA GLN M 34 34.31 40.87 -62.00
C GLN M 34 35.37 40.99 -63.07
N LYS M 35 35.75 39.87 -63.69
CA LYS M 35 36.83 39.86 -64.67
C LYS M 35 36.35 40.01 -66.10
N ASP M 36 35.20 39.43 -66.45
CA ASP M 36 34.63 39.55 -67.79
C ASP M 36 33.15 39.85 -67.67
N PRO M 37 32.77 41.12 -67.53
CA PRO M 37 31.36 41.47 -67.40
C PRO M 37 30.58 41.12 -68.65
N SER M 38 29.33 40.71 -68.45
CA SER M 38 28.46 40.35 -69.55
C SER M 38 27.01 40.44 -69.08
N ASP M 39 26.09 40.46 -70.04
CA ASP M 39 24.68 40.54 -69.72
C ASP M 39 24.08 39.18 -69.37
N GLU M 40 24.54 38.12 -70.03
CA GLU M 40 24.06 36.79 -69.71
C GLU M 40 24.54 36.34 -68.34
N ALA M 41 25.71 36.76 -67.94
CA ALA M 41 26.19 36.46 -66.59
C ALA M 41 25.32 37.15 -65.54
N LEU M 42 24.91 38.40 -65.80
CA LEU M 42 24.09 39.11 -64.83
C LEU M 42 22.67 38.53 -64.79
N LYS M 43 22.14 38.09 -65.92
CA LYS M 43 20.84 37.41 -65.92
C LYS M 43 20.90 36.11 -65.13
N ALA M 44 21.99 35.35 -65.29
CA ALA M 44 22.15 34.12 -64.51
C ALA M 44 22.31 34.41 -63.02
N LEU M 45 23.03 35.49 -62.68
CA LEU M 45 23.16 35.88 -61.28
C LEU M 45 21.81 36.26 -60.68
N ALA M 46 20.99 36.98 -61.45
CA ALA M 46 19.65 37.32 -61.00
C ALA M 46 18.82 36.07 -60.74
N GLU M 47 18.89 35.10 -61.66
CA GLU M 47 18.16 33.85 -61.49
C GLU M 47 18.60 33.13 -60.22
N LEU M 48 19.90 33.10 -59.95
CA LEU M 48 20.40 32.41 -58.77
C LEU M 48 19.96 33.12 -57.49
N VAL M 49 19.96 34.45 -57.49
CA VAL M 49 19.54 35.19 -56.30
C VAL M 49 18.05 34.99 -56.04
N ARG M 50 17.24 34.89 -57.10
CA ARG M 50 15.82 34.63 -56.91
C ARG M 50 15.59 33.24 -56.30
N LYS M 51 16.32 32.25 -56.80
CA LYS M 51 16.24 30.91 -56.22
C LYS M 51 16.67 30.92 -54.74
N LEU M 52 17.69 31.72 -54.41
CA LEU M 52 18.14 31.81 -53.02
C LEU M 52 17.07 32.41 -52.12
N LYS M 53 16.37 33.45 -52.61
CA LYS M 53 15.26 34.02 -51.85
C LYS M 53 14.19 32.98 -51.57
N GLU M 54 13.82 32.21 -52.59
CA GLU M 54 12.81 31.18 -52.41
C GLU M 54 13.25 30.12 -51.39
N LEU M 55 14.53 29.73 -51.44
CA LEU M 55 15.03 28.75 -50.48
C LEU M 55 15.00 29.31 -49.06
N VAL M 56 15.33 30.58 -48.91
CA VAL M 56 15.34 31.19 -47.58
C VAL M 56 13.93 31.22 -47.00
N GLU M 57 12.93 31.54 -47.83
CA GLU M 57 11.56 31.58 -47.30
C GLU M 57 11.06 30.18 -46.96
N ASP M 58 11.43 29.17 -47.76
CA ASP M 58 11.12 27.79 -47.38
C ASP M 58 11.69 27.45 -46.01
N MET M 59 12.98 27.77 -45.82
CA MET M 59 13.63 27.51 -44.54
C MET M 59 12.93 28.22 -43.39
N GLU M 60 12.50 29.46 -43.61
CA GLU M 60 11.94 30.24 -42.51
C GLU M 60 10.58 29.69 -42.11
N ARG M 61 9.76 29.27 -43.08
CA ARG M 61 8.47 28.69 -42.69
C ARG M 61 8.67 27.36 -41.97
N SER M 62 9.63 26.54 -42.42
CA SER M 62 9.88 25.29 -41.72
C SER M 62 10.37 25.54 -40.29
N MET M 63 11.24 26.55 -40.12
CA MET M 63 11.79 26.81 -38.79
C MET M 63 10.73 27.36 -37.85
N LYS M 64 9.82 28.21 -38.34
CA LYS M 64 8.79 28.71 -37.43
C LYS M 64 7.78 27.61 -37.10
N GLU M 65 7.50 26.68 -38.02
CA GLU M 65 6.69 25.53 -37.64
C GLU M 65 7.36 24.69 -36.56
N GLN M 66 8.66 24.45 -36.67
CA GLN M 66 9.31 23.63 -35.64
C GLN M 66 9.36 24.36 -34.31
N LEU M 67 9.55 25.68 -34.32
CA LEU M 67 9.52 26.45 -33.08
C LEU M 67 8.13 26.48 -32.47
N TYR M 68 7.09 26.51 -33.30
CA TYR M 68 5.72 26.42 -32.79
C TYR M 68 5.46 25.06 -32.14
N ILE M 69 5.94 23.98 -32.78
CA ILE M 69 5.72 22.65 -32.22
C ILE M 69 6.52 22.47 -30.93
N ILE M 70 7.72 23.03 -30.84
CA ILE M 70 8.57 22.80 -29.68
C ILE M 70 8.00 23.51 -28.44
N LYS M 71 7.21 24.55 -28.63
CA LYS M 71 6.58 25.24 -27.51
C LYS M 71 5.41 24.44 -26.96
N THR N 2 -0.69 34.49 -0.09
CA THR N 2 -1.81 34.72 0.81
C THR N 2 -2.40 36.10 0.58
N ASP N 3 -3.72 36.18 0.48
CA ASP N 3 -4.38 37.42 0.10
C ASP N 3 -4.33 38.49 1.19
N GLU N 4 -4.24 38.10 2.45
CA GLU N 4 -4.05 39.09 3.51
C GLU N 4 -2.76 39.86 3.30
N LEU N 5 -1.67 39.15 2.96
CA LEU N 5 -0.39 39.79 2.77
C LEU N 5 -0.43 40.74 1.56
N LEU N 6 -1.08 40.30 0.47
CA LEU N 6 -1.14 41.16 -0.71
C LEU N 6 -2.02 42.38 -0.49
N ARG N 7 -3.12 42.26 0.27
CA ARG N 7 -3.92 43.46 0.54
C ARG N 7 -3.18 44.42 1.46
N LEU N 8 -2.40 43.89 2.41
CA LEU N 8 -1.58 44.77 3.24
C LEU N 8 -0.54 45.48 2.40
N ALA N 9 0.05 44.77 1.42
CA ALA N 9 1.01 45.41 0.52
C ALA N 9 0.34 46.49 -0.33
N LYS N 10 -0.88 46.22 -0.81
CA LYS N 10 -1.63 47.24 -1.55
C LYS N 10 -1.82 48.50 -0.73
N GLU N 11 -2.27 48.34 0.52
CA GLU N 11 -2.53 49.49 1.37
C GLU N 11 -1.23 50.25 1.68
N GLN N 12 -0.15 49.51 1.92
CA GLN N 12 1.14 50.16 2.17
C GLN N 12 1.60 50.97 0.97
N ALA N 13 1.42 50.44 -0.24
CA ALA N 13 1.86 51.17 -1.44
C ALA N 13 1.00 52.41 -1.66
N GLU N 14 -0.31 52.30 -1.41
CA GLU N 14 -1.18 53.47 -1.45
C GLU N 14 -0.70 54.57 -0.50
N LEU N 15 -0.41 54.21 0.75
CA LEU N 15 0.08 55.20 1.71
C LEU N 15 1.42 55.77 1.29
N LEU N 16 2.29 54.93 0.73
CA LEU N 16 3.61 55.40 0.29
C LEU N 16 3.48 56.43 -0.83
N LYS N 17 2.54 56.21 -1.75
CA LYS N 17 2.34 57.20 -2.81
C LYS N 17 1.83 58.52 -2.24
N GLU N 18 0.88 58.45 -1.30
CA GLU N 18 0.43 59.69 -0.65
C GLU N 18 1.59 60.43 0.00
N ILE N 19 2.46 59.69 0.70
CA ILE N 19 3.56 60.30 1.42
C ILE N 19 4.56 60.94 0.45
N LYS N 20 4.84 60.27 -0.67
CA LYS N 20 5.74 60.83 -1.68
C LYS N 20 5.18 62.14 -2.24
N ILE N 21 3.89 62.16 -2.58
CA ILE N 21 3.29 63.37 -3.13
C ILE N 21 3.37 64.52 -2.11
N LEU N 22 3.10 64.21 -0.84
CA LEU N 22 3.09 65.25 0.18
C LEU N 22 4.50 65.79 0.45
N VAL N 23 5.51 64.92 0.44
CA VAL N 23 6.88 65.39 0.62
C VAL N 23 7.31 66.27 -0.55
N GLU N 24 6.90 65.92 -1.77
CA GLU N 24 7.19 66.76 -2.93
C GLU N 24 6.56 68.14 -2.79
N LEU N 25 5.30 68.20 -2.35
CA LEU N 25 4.65 69.49 -2.15
C LEU N 25 5.35 70.30 -1.05
N ILE N 26 5.78 69.64 0.03
CA ILE N 26 6.47 70.35 1.11
C ILE N 26 7.79 70.94 0.62
N ALA N 27 8.53 70.18 -0.20
CA ALA N 27 9.77 70.69 -0.75
C ALA N 27 9.53 71.91 -1.63
N MET N 28 8.51 71.84 -2.49
CA MET N 28 8.17 72.99 -3.32
C MET N 28 7.84 74.21 -2.47
N LEU N 29 7.06 74.01 -1.41
CA LEU N 29 6.63 75.13 -0.58
C LEU N 29 7.81 75.74 0.17
N VAL N 30 8.77 74.92 0.58
CA VAL N 30 9.97 75.47 1.22
C VAL N 30 10.80 76.28 0.22
N LYS N 31 10.93 75.79 -1.02
CA LYS N 31 11.63 76.57 -2.04
C LYS N 31 10.92 77.91 -2.30
N VAL N 32 9.60 77.91 -2.27
CA VAL N 32 8.86 79.16 -2.46
C VAL N 32 9.07 80.11 -1.27
N ILE N 33 9.09 79.56 -0.06
CA ILE N 33 9.20 80.39 1.14
C ILE N 33 10.59 81.02 1.25
N GLN N 34 11.63 80.28 0.84
CA GLN N 34 12.98 80.82 0.90
C GLN N 34 13.11 82.14 0.14
N LYS N 35 12.29 82.36 -0.88
CA LYS N 35 12.34 83.58 -1.67
C LYS N 35 11.39 84.66 -1.18
N ASP N 36 10.18 84.30 -0.74
CA ASP N 36 9.22 85.27 -0.21
C ASP N 36 8.51 84.68 1.00
N PRO N 37 9.08 84.88 2.20
CA PRO N 37 8.51 84.27 3.41
C PRO N 37 7.30 85.01 3.95
N SER N 38 6.14 84.36 3.96
CA SER N 38 4.92 84.90 4.53
C SER N 38 4.52 84.09 5.76
N ASP N 39 3.48 84.53 6.45
CA ASP N 39 2.99 83.82 7.63
C ASP N 39 1.91 82.83 7.25
N GLU N 40 1.11 83.11 6.23
CA GLU N 40 0.19 82.10 5.72
C GLU N 40 0.93 80.94 5.09
N ALA N 41 2.06 81.20 4.44
CA ALA N 41 2.87 80.13 3.89
C ALA N 41 3.39 79.22 5.00
N LEU N 42 3.78 79.80 6.14
CA LEU N 42 4.29 79.00 7.25
C LEU N 42 3.17 78.21 7.92
N LYS N 43 1.97 78.79 8.02
CA LYS N 43 0.83 78.04 8.55
C LYS N 43 0.46 76.87 7.63
N ALA N 44 0.52 77.08 6.31
CA ALA N 44 0.26 75.99 5.38
C ALA N 44 1.33 74.91 5.47
N LEU N 45 2.59 75.32 5.65
CA LEU N 45 3.67 74.34 5.85
C LEU N 45 3.45 73.52 7.11
N ALA N 46 3.01 74.17 8.19
CA ALA N 46 2.70 73.46 9.43
C ALA N 46 1.58 72.45 9.23
N GLU N 47 0.52 72.85 8.51
CA GLU N 47 -0.57 71.92 8.23
C GLU N 47 -0.09 70.73 7.41
N LEU N 48 0.77 70.97 6.43
CA LEU N 48 1.26 69.87 5.61
C LEU N 48 2.12 68.91 6.42
N VAL N 49 2.93 69.45 7.33
CA VAL N 49 3.77 68.59 8.17
C VAL N 49 2.90 67.77 9.13
N ARG N 50 1.82 68.36 9.64
CA ARG N 50 0.91 67.61 10.50
C ARG N 50 0.27 66.44 9.74
N LYS N 51 -0.18 66.71 8.51
CA LYS N 51 -0.74 65.62 7.70
C LYS N 51 0.30 64.55 7.39
N LEU N 52 1.56 64.95 7.21
CA LEU N 52 2.63 63.98 7.01
C LEU N 52 2.81 63.08 8.22
N LYS N 53 2.76 63.66 9.42
CA LYS N 53 2.85 62.85 10.64
C LYS N 53 1.71 61.85 10.72
N GLU N 54 0.50 62.28 10.39
CA GLU N 54 -0.64 61.38 10.40
C GLU N 54 -0.45 60.23 9.41
N LEU N 55 0.07 60.54 8.22
CA LEU N 55 0.30 59.49 7.22
C LEU N 55 1.35 58.50 7.68
N VAL N 56 2.41 58.97 8.32
CA VAL N 56 3.43 58.06 8.83
C VAL N 56 2.85 57.14 9.91
N GLU N 57 1.99 57.70 10.76
CA GLU N 57 1.34 56.87 11.78
C GLU N 57 0.51 55.77 11.15
N ASP N 58 -0.28 56.12 10.13
CA ASP N 58 -1.09 55.12 9.43
C ASP N 58 -0.22 54.03 8.82
N MET N 59 0.85 54.43 8.14
CA MET N 59 1.82 53.47 7.59
C MET N 59 2.34 52.53 8.67
N GLU N 60 2.66 53.06 9.83
CA GLU N 60 3.25 52.24 10.89
C GLU N 60 2.28 51.22 11.37
N ARG N 61 1.06 51.65 11.61
CA ARG N 61 0.02 50.71 12.02
C ARG N 61 -0.11 49.56 11.01
N SER N 62 -0.23 49.91 9.73
CA SER N 62 -0.40 48.88 8.71
C SER N 62 0.79 47.94 8.67
N MET N 63 1.99 48.47 8.84
CA MET N 63 3.17 47.61 8.76
C MET N 63 3.32 46.72 9.99
N LYS N 64 2.94 47.21 11.17
CA LYS N 64 2.89 46.33 12.32
C LYS N 64 1.93 45.17 12.10
N GLU N 65 0.74 45.45 11.55
CA GLU N 65 -0.20 44.37 11.31
C GLU N 65 0.34 43.39 10.28
N GLN N 66 0.98 43.90 9.22
CA GLN N 66 1.55 43.02 8.21
C GLN N 66 2.65 42.14 8.80
N LEU N 67 3.55 42.72 9.61
CA LEU N 67 4.63 41.93 10.18
C LEU N 67 4.09 40.88 11.15
N TYR N 68 3.07 41.25 11.93
CA TYR N 68 2.42 40.26 12.79
C TYR N 68 1.89 39.10 11.98
N ILE N 69 1.21 39.38 10.87
CA ILE N 69 0.67 38.30 10.05
C ILE N 69 1.79 37.46 9.44
N ILE N 70 2.91 38.08 9.07
CA ILE N 70 4.00 37.33 8.44
C ILE N 70 4.60 36.33 9.41
N LYS N 71 5.06 36.81 10.57
CA LYS N 71 5.79 35.98 11.52
C LYS N 71 4.92 34.85 12.09
N THR O 2 21.65 -15.82 21.40
CA THR O 2 22.81 -16.65 21.09
C THR O 2 23.79 -16.68 22.26
N ASP O 3 23.51 -15.87 23.29
CA ASP O 3 24.43 -15.77 24.42
C ASP O 3 24.33 -16.97 25.35
N GLU O 4 23.14 -17.55 25.49
CA GLU O 4 23.00 -18.79 26.26
C GLU O 4 23.89 -19.89 25.69
N LEU O 5 23.84 -20.06 24.36
CA LEU O 5 24.57 -21.15 23.73
C LEU O 5 26.07 -20.94 23.83
N LEU O 6 26.53 -19.70 23.64
CA LEU O 6 27.97 -19.43 23.74
C LEU O 6 28.46 -19.52 25.19
N ARG O 7 27.62 -19.14 26.15
CA ARG O 7 27.99 -19.33 27.56
C ARG O 7 28.17 -20.80 27.89
N LEU O 8 27.21 -21.63 27.45
CA LEU O 8 27.34 -23.06 27.68
C LEU O 8 28.52 -23.66 26.92
N ALA O 9 28.84 -23.11 25.75
CA ALA O 9 30.03 -23.55 25.03
C ALA O 9 31.31 -23.21 25.80
N LYS O 10 31.36 -22.01 26.39
CA LYS O 10 32.49 -21.65 27.26
C LYS O 10 32.63 -22.65 28.39
N GLU O 11 31.53 -22.94 29.07
CA GLU O 11 31.54 -23.90 30.18
C GLU O 11 32.07 -25.25 29.72
N GLN O 12 31.58 -25.74 28.58
CA GLN O 12 31.98 -27.04 28.09
C GLN O 12 33.44 -27.07 27.66
N ALA O 13 33.94 -25.98 27.08
CA ALA O 13 35.34 -25.94 26.67
C ALA O 13 36.27 -25.93 27.88
N GLU O 14 35.91 -25.17 28.91
CA GLU O 14 36.66 -25.22 30.17
C GLU O 14 36.70 -26.64 30.72
N LEU O 15 35.54 -27.30 30.78
CA LEU O 15 35.49 -28.65 31.34
C LEU O 15 36.32 -29.62 30.50
N LEU O 16 36.25 -29.50 29.17
CA LEU O 16 36.99 -30.42 28.32
C LEU O 16 38.49 -30.23 28.46
N LYS O 17 38.95 -28.99 28.61
CA LYS O 17 40.38 -28.77 28.85
C LYS O 17 40.83 -29.40 30.17
N GLU O 18 40.02 -29.21 31.22
CA GLU O 18 40.36 -29.87 32.49
C GLU O 18 40.44 -31.38 32.33
N ILE O 19 39.48 -31.96 31.61
CA ILE O 19 39.44 -33.42 31.46
C ILE O 19 40.66 -33.91 30.68
N LYS O 20 41.05 -33.19 29.63
CA LYS O 20 42.21 -33.59 28.85
C LYS O 20 43.50 -33.53 29.67
N ILE O 21 43.67 -32.47 30.45
CA ILE O 21 44.85 -32.36 31.31
C ILE O 21 44.88 -33.50 32.33
N LEU O 22 43.72 -33.83 32.90
CA LEU O 22 43.68 -34.86 33.93
C LEU O 22 43.95 -36.24 33.33
N VAL O 23 43.48 -36.49 32.11
CA VAL O 23 43.79 -37.76 31.45
C VAL O 23 45.29 -37.87 31.15
N GLU O 24 45.92 -36.76 30.74
CA GLU O 24 47.37 -36.78 30.54
C GLU O 24 48.10 -37.14 31.83
N LEU O 25 47.70 -36.52 32.94
CA LEU O 25 48.33 -36.83 34.23
C LEU O 25 48.11 -38.28 34.62
N ILE O 26 46.91 -38.81 34.36
CA ILE O 26 46.61 -40.20 34.71
C ILE O 26 47.47 -41.16 33.90
N ALA O 27 47.66 -40.88 32.61
CA ALA O 27 48.52 -41.72 31.77
C ALA O 27 49.96 -41.71 32.26
N MET O 28 50.47 -40.53 32.61
CA MET O 28 51.84 -40.43 33.13
C MET O 28 51.98 -41.23 34.43
N LEU O 29 51.01 -41.10 35.33
CA LEU O 29 51.08 -41.80 36.60
C LEU O 29 50.98 -43.31 36.41
N VAL O 30 50.19 -43.75 35.42
CA VAL O 30 50.10 -45.18 35.13
C VAL O 30 51.44 -45.71 34.64
N LYS O 31 52.13 -44.95 33.79
CA LYS O 31 53.47 -45.37 33.36
C LYS O 31 54.45 -45.46 34.53
N VAL O 32 54.44 -44.46 35.40
CA VAL O 32 55.32 -44.48 36.57
C VAL O 32 55.02 -45.68 37.46
N ILE O 33 53.73 -46.01 37.64
CA ILE O 33 53.35 -47.16 38.46
C ILE O 33 53.79 -48.46 37.78
N GLN O 34 53.62 -48.55 36.47
CA GLN O 34 54.11 -49.69 35.72
C GLN O 34 55.58 -49.95 36.00
N LYS O 35 56.38 -48.89 35.99
CA LYS O 35 57.82 -49.11 36.18
C LYS O 35 58.18 -49.36 37.65
N ASP O 36 57.47 -48.73 38.59
CA ASP O 36 57.77 -48.86 40.02
C ASP O 36 56.47 -48.85 40.82
N PRO O 37 55.83 -49.99 40.98
CA PRO O 37 54.54 -50.04 41.70
C PRO O 37 54.68 -49.61 43.16
N SER O 38 53.64 -48.95 43.66
CA SER O 38 53.59 -48.50 45.04
C SER O 38 52.13 -48.31 45.47
N ASP O 39 51.90 -48.35 46.78
CA ASP O 39 50.56 -48.16 47.32
C ASP O 39 50.13 -46.70 47.30
N GLU O 40 51.07 -45.79 47.61
CA GLU O 40 50.78 -44.36 47.55
C GLU O 40 50.41 -43.93 46.13
N ALA O 41 51.11 -44.47 45.14
CA ALA O 41 50.83 -44.16 43.75
C ALA O 41 49.43 -44.64 43.34
N LEU O 42 49.05 -45.84 43.79
CA LEU O 42 47.73 -46.36 43.45
C LEU O 42 46.62 -45.56 44.15
N LYS O 43 46.88 -45.09 45.37
CA LYS O 43 45.90 -44.25 46.05
C LYS O 43 45.73 -42.90 45.33
N ALA O 44 46.85 -42.33 44.85
CA ALA O 44 46.75 -41.10 44.07
C ALA O 44 46.03 -41.31 42.75
N LEU O 45 46.28 -42.46 42.11
CA LEU O 45 45.57 -42.80 40.88
C LEU O 45 44.06 -42.89 41.12
N ALA O 46 43.67 -43.52 42.23
CA ALA O 46 42.27 -43.59 42.58
C ALA O 46 41.66 -42.20 42.76
N GLU O 47 42.37 -41.32 43.45
CA GLU O 47 41.88 -39.95 43.63
C GLU O 47 41.70 -39.24 42.29
N LEU O 48 42.67 -39.41 41.38
CA LEU O 48 42.56 -38.76 40.07
C LEU O 48 41.39 -39.30 39.25
N VAL O 49 41.14 -40.62 39.33
CA VAL O 49 40.01 -41.19 38.60
C VAL O 49 38.69 -40.70 39.16
N ARG O 50 38.61 -40.53 40.49
CA ARG O 50 37.40 -39.96 41.08
C ARG O 50 37.15 -38.54 40.59
N LYS O 51 38.21 -37.72 40.54
CA LYS O 51 38.06 -36.36 40.02
C LYS O 51 37.61 -36.38 38.56
N LEU O 52 38.13 -37.32 37.77
CA LEU O 52 37.73 -37.43 36.38
C LEU O 52 36.24 -37.77 36.25
N LYS O 53 35.76 -38.68 37.10
CA LYS O 53 34.34 -39.01 37.13
C LYS O 53 33.49 -37.76 37.39
N GLU O 54 33.89 -36.98 38.39
CA GLU O 54 33.13 -35.79 38.73
C GLU O 54 33.11 -34.78 37.57
N LEU O 55 34.24 -34.61 36.89
CA LEU O 55 34.27 -33.68 35.76
C LEU O 55 33.39 -34.17 34.63
N VAL O 56 33.36 -35.48 34.38
CA VAL O 56 32.50 -36.01 33.33
C VAL O 56 31.03 -35.73 33.66
N GLU O 57 30.65 -35.90 34.93
CA GLU O 57 29.27 -35.60 35.32
C GLU O 57 28.92 -34.14 35.10
N ASP O 58 29.83 -33.24 35.48
CA ASP O 58 29.61 -31.81 35.25
C ASP O 58 29.38 -31.51 33.77
N MET O 59 30.24 -32.05 32.91
CA MET O 59 30.10 -31.80 31.48
C MET O 59 28.79 -32.37 30.96
N GLU O 60 28.36 -33.51 31.49
CA GLU O 60 27.14 -34.14 31.00
C GLU O 60 25.93 -33.28 31.35
N ARG O 61 25.90 -32.72 32.57
CA ARG O 61 24.84 -31.78 32.93
C ARG O 61 24.82 -30.58 31.99
N SER O 62 25.98 -29.97 31.76
CA SER O 62 26.02 -28.78 30.91
C SER O 62 25.54 -29.10 29.49
N MET O 63 25.91 -30.27 28.97
CA MET O 63 25.49 -30.63 27.62
C MET O 63 23.99 -30.89 27.57
N LYS O 64 23.42 -31.50 28.62
CA LYS O 64 21.97 -31.66 28.66
C LYS O 64 21.25 -30.32 28.65
N GLU O 65 21.74 -29.36 29.44
CA GLU O 65 21.09 -28.05 29.46
C GLU O 65 21.15 -27.37 28.09
N GLN O 66 22.29 -27.40 27.42
CA GLN O 66 22.38 -26.80 26.11
C GLN O 66 21.48 -27.51 25.11
N LEU O 67 21.40 -28.82 25.17
CA LEU O 67 20.54 -29.57 24.26
C LEU O 67 19.08 -29.20 24.49
N TYR O 68 18.68 -29.05 25.75
CA TYR O 68 17.34 -28.55 26.06
C TYR O 68 17.11 -27.18 25.44
N ILE O 69 18.12 -26.31 25.51
CA ILE O 69 17.95 -24.95 24.98
C ILE O 69 17.78 -24.98 23.46
N ILE O 70 18.61 -25.76 22.75
CA ILE O 70 18.56 -25.75 21.30
C ILE O 70 17.25 -26.33 20.79
N LYS O 71 16.79 -27.42 21.42
CA LYS O 71 15.59 -28.13 20.96
C LYS O 71 14.36 -27.22 20.89
N THR P 2 -23.51 24.15 -10.16
CA THR P 2 -24.15 23.16 -11.01
C THR P 2 -25.67 23.36 -10.96
N ASP P 3 -26.15 23.90 -9.86
CA ASP P 3 -27.58 24.18 -9.68
C ASP P 3 -27.98 25.58 -10.11
N GLU P 4 -27.06 26.55 -10.02
CA GLU P 4 -27.30 27.83 -10.69
C GLU P 4 -27.45 27.64 -12.19
N LEU P 5 -26.75 26.66 -12.75
CA LEU P 5 -26.81 26.42 -14.18
C LEU P 5 -28.21 26.03 -14.63
N LEU P 6 -28.83 25.07 -13.96
CA LEU P 6 -30.19 24.68 -14.34
C LEU P 6 -31.20 25.76 -13.99
N ARG P 7 -30.96 26.52 -12.92
CA ARG P 7 -31.80 27.68 -12.63
C ARG P 7 -31.81 28.66 -13.80
N LEU P 8 -30.62 28.97 -14.33
CA LEU P 8 -30.54 29.90 -15.45
C LEU P 8 -31.12 29.29 -16.72
N ALA P 9 -30.97 27.98 -16.90
CA ALA P 9 -31.58 27.33 -18.05
C ALA P 9 -33.10 27.43 -18.02
N LYS P 10 -33.71 27.19 -16.85
CA LYS P 10 -35.15 27.35 -16.73
C LYS P 10 -35.57 28.80 -16.96
N GLU P 11 -34.81 29.75 -16.38
CA GLU P 11 -35.07 31.16 -16.63
C GLU P 11 -35.09 31.47 -18.12
N GLN P 12 -34.11 30.94 -18.84
CA GLN P 12 -34.01 31.20 -20.27
C GLN P 12 -35.17 30.56 -21.04
N ALA P 13 -35.57 29.35 -20.65
CA ALA P 13 -36.69 28.71 -21.33
C ALA P 13 -37.99 29.48 -21.13
N GLU P 14 -38.22 29.97 -19.90
CA GLU P 14 -39.35 30.85 -19.64
C GLU P 14 -39.33 32.07 -20.55
N LEU P 15 -38.19 32.77 -20.57
CA LEU P 15 -38.07 33.98 -21.38
C LEU P 15 -38.31 33.70 -22.85
N LEU P 16 -37.81 32.56 -23.34
CA LEU P 16 -37.94 32.27 -24.76
C LEU P 16 -39.38 31.94 -25.13
N LYS P 17 -40.10 31.24 -24.26
CA LYS P 17 -41.53 31.03 -24.52
C LYS P 17 -42.29 32.35 -24.55
N GLU P 18 -41.99 33.23 -23.60
CA GLU P 18 -42.62 34.55 -23.60
C GLU P 18 -42.34 35.29 -24.90
N ILE P 19 -41.08 35.23 -25.37
CA ILE P 19 -40.68 35.98 -26.56
C ILE P 19 -41.37 35.43 -27.80
N LYS P 20 -41.48 34.10 -27.90
CA LYS P 20 -42.14 33.51 -29.06
C LYS P 20 -43.63 33.84 -29.10
N ILE P 21 -44.29 33.80 -27.94
CA ILE P 21 -45.71 34.18 -27.89
C ILE P 21 -45.89 35.64 -28.30
N LEU P 22 -45.02 36.52 -27.81
CA LEU P 22 -45.15 37.93 -28.13
C LEU P 22 -44.88 38.20 -29.60
N VAL P 23 -43.96 37.44 -30.21
CA VAL P 23 -43.71 37.60 -31.64
C VAL P 23 -44.92 37.14 -32.45
N GLU P 24 -45.57 36.05 -32.02
CA GLU P 24 -46.81 35.61 -32.69
C GLU P 24 -47.86 36.71 -32.65
N LEU P 25 -48.04 37.32 -31.48
CA LEU P 25 -49.06 38.36 -31.36
C LEU P 25 -48.71 39.59 -32.21
N ILE P 26 -47.43 39.95 -32.28
CA ILE P 26 -47.01 41.08 -33.10
C ILE P 26 -47.28 40.80 -34.57
N ALA P 27 -47.03 39.57 -35.02
CA ALA P 27 -47.30 39.21 -36.41
C ALA P 27 -48.78 39.29 -36.73
N MET P 28 -49.63 38.76 -35.83
CA MET P 28 -51.07 38.86 -36.03
C MET P 28 -51.53 40.31 -36.10
N LEU P 29 -51.00 41.16 -35.23
CA LEU P 29 -51.42 42.56 -35.22
C LEU P 29 -50.97 43.27 -36.50
N VAL P 30 -49.80 42.91 -37.02
CA VAL P 30 -49.35 43.50 -38.29
C VAL P 30 -50.26 43.06 -39.44
N LYS P 31 -50.66 41.79 -39.46
CA LYS P 31 -51.60 41.33 -40.49
C LYS P 31 -52.93 42.06 -40.38
N VAL P 32 -53.38 42.34 -39.16
CA VAL P 32 -54.64 43.07 -38.99
C VAL P 32 -54.51 44.51 -39.45
N ILE P 33 -53.35 45.15 -39.17
CA ILE P 33 -53.15 46.55 -39.55
C ILE P 33 -53.02 46.69 -41.06
N GLN P 34 -52.40 45.72 -41.73
CA GLN P 34 -52.25 45.82 -43.19
C GLN P 34 -53.59 45.99 -43.90
N LYS P 35 -54.67 45.48 -43.30
CA LYS P 35 -56.00 45.54 -43.90
C LYS P 35 -56.82 46.74 -43.42
N ASP P 36 -56.84 46.98 -42.12
CA ASP P 36 -57.54 48.15 -41.57
C ASP P 36 -56.57 49.00 -40.75
N PRO P 37 -56.02 50.07 -41.31
CA PRO P 37 -55.07 50.90 -40.57
C PRO P 37 -55.76 51.80 -39.56
N SER P 38 -55.09 52.02 -38.43
CA SER P 38 -55.63 52.85 -37.37
C SER P 38 -54.50 53.28 -36.44
N ASP P 39 -54.74 54.35 -35.69
CA ASP P 39 -53.74 54.89 -34.78
C ASP P 39 -53.66 54.09 -33.49
N GLU P 40 -54.78 53.56 -33.01
CA GLU P 40 -54.77 52.75 -31.79
C GLU P 40 -54.04 51.43 -32.03
N ALA P 41 -54.19 50.86 -33.22
CA ALA P 41 -53.45 49.64 -33.55
C ALA P 41 -51.95 49.90 -33.56
N LEU P 42 -51.53 51.05 -34.07
CA LEU P 42 -50.11 51.37 -34.12
C LEU P 42 -49.55 51.66 -32.73
N LYS P 43 -50.35 52.30 -31.87
CA LYS P 43 -49.92 52.49 -30.49
C LYS P 43 -49.78 51.16 -29.75
N ALA P 44 -50.72 50.23 -29.99
CA ALA P 44 -50.62 48.90 -29.38
C ALA P 44 -49.40 48.15 -29.91
N LEU P 45 -49.11 48.28 -31.20
CA LEU P 45 -47.93 47.66 -31.77
C LEU P 45 -46.65 48.22 -31.15
N ALA P 46 -46.61 49.53 -30.93
CA ALA P 46 -45.47 50.15 -30.25
C ALA P 46 -45.28 49.60 -28.85
N GLU P 47 -46.37 49.47 -28.08
CA GLU P 47 -46.26 48.89 -26.74
C GLU P 47 -45.75 47.46 -26.78
N LEU P 48 -46.22 46.68 -27.77
CA LEU P 48 -45.76 45.29 -27.87
C LEU P 48 -44.27 45.22 -28.21
N VAL P 49 -43.80 46.10 -29.08
CA VAL P 49 -42.38 46.13 -29.44
C VAL P 49 -41.53 46.55 -28.24
N ARG P 50 -42.04 47.48 -27.43
CA ARG P 50 -41.32 47.87 -26.22
C ARG P 50 -41.20 46.70 -25.23
N LYS P 51 -42.28 45.95 -25.04
CA LYS P 51 -42.21 44.75 -24.20
C LYS P 51 -41.22 43.75 -24.76
N LEU P 52 -41.19 43.60 -26.09
CA LEU P 52 -40.25 42.65 -26.70
C LEU P 52 -38.80 43.06 -26.45
N LYS P 53 -38.51 44.36 -26.53
CA LYS P 53 -37.17 44.85 -26.21
C LYS P 53 -36.78 44.53 -24.76
N GLU P 54 -37.71 44.78 -23.83
CA GLU P 54 -37.43 44.44 -22.43
C GLU P 54 -37.14 42.95 -22.25
N LEU P 55 -37.92 42.09 -22.91
CA LEU P 55 -37.71 40.65 -22.79
C LEU P 55 -36.37 40.23 -23.37
N VAL P 56 -35.97 40.85 -24.48
CA VAL P 56 -34.68 40.50 -25.08
C VAL P 56 -33.53 40.90 -24.16
N GLU P 57 -33.64 42.06 -23.53
CA GLU P 57 -32.59 42.47 -22.58
C GLU P 57 -32.51 41.51 -21.39
N ASP P 58 -33.66 41.09 -20.86
CA ASP P 58 -33.65 40.13 -19.77
C ASP P 58 -32.97 38.82 -20.18
N MET P 59 -33.33 38.31 -21.36
CA MET P 59 -32.71 37.09 -21.88
C MET P 59 -31.20 37.26 -21.99
N GLU P 60 -30.75 38.42 -22.47
CA GLU P 60 -29.34 38.64 -22.71
C GLU P 60 -28.56 38.70 -21.40
N ARG P 61 -29.11 39.35 -20.38
CA ARG P 61 -28.49 39.33 -19.06
C ARG P 61 -28.37 37.91 -18.53
N SER P 62 -29.45 37.13 -18.63
CA SER P 62 -29.39 35.77 -18.08
C SER P 62 -28.38 34.91 -18.83
N MET P 63 -28.29 35.09 -20.14
CA MET P 63 -27.34 34.28 -20.90
C MET P 63 -25.90 34.67 -20.59
N LYS P 64 -25.63 35.96 -20.40
CA LYS P 64 -24.26 36.34 -20.02
C LYS P 64 -23.91 35.80 -18.64
N GLU P 65 -24.85 35.79 -17.70
CA GLU P 65 -24.56 35.20 -16.40
C GLU P 65 -24.28 33.70 -16.51
N GLN P 66 -25.05 32.99 -17.34
CA GLN P 66 -24.77 31.56 -17.48
C GLN P 66 -23.43 31.33 -18.17
N LEU P 67 -23.08 32.17 -19.14
CA LEU P 67 -21.77 32.05 -19.79
C LEU P 67 -20.64 32.33 -18.82
N TYR P 68 -20.85 33.24 -17.87
CA TYR P 68 -19.84 33.44 -16.84
C TYR P 68 -19.72 32.22 -15.95
N ILE P 69 -20.86 31.62 -15.57
CA ILE P 69 -20.81 30.44 -14.71
C ILE P 69 -20.11 29.29 -15.41
N ILE P 70 -20.37 29.08 -16.71
CA ILE P 70 -19.70 28.00 -17.43
C ILE P 70 -18.21 28.29 -17.57
N LYS P 71 -17.82 29.56 -17.52
CA LYS P 71 -16.41 29.94 -17.54
C LYS P 71 -15.73 29.56 -16.23
N MET Q 3 -19.18 -69.06 24.33
CA MET Q 3 -19.85 -68.19 25.28
C MET Q 3 -19.98 -68.90 26.62
N GLU Q 4 -20.37 -68.15 27.66
CA GLU Q 4 -20.34 -68.68 29.02
C GLU Q 4 -21.30 -69.84 29.20
N GLU Q 5 -22.50 -69.75 28.61
CA GLU Q 5 -23.51 -70.78 28.79
C GLU Q 5 -23.10 -72.10 28.17
N LEU Q 6 -22.50 -72.08 26.97
CA LEU Q 6 -22.05 -73.32 26.34
C LEU Q 6 -20.93 -73.96 27.15
N PHE Q 7 -20.00 -73.16 27.65
CA PHE Q 7 -18.92 -73.69 28.48
C PHE Q 7 -19.46 -74.30 29.77
N LYS Q 8 -20.43 -73.62 30.39
CA LYS Q 8 -21.02 -74.11 31.63
C LYS Q 8 -21.84 -75.37 31.42
N LYS Q 9 -22.45 -75.51 30.23
CA LYS Q 9 -23.26 -76.69 29.94
C LYS Q 9 -22.40 -77.89 29.59
N HIS Q 10 -21.46 -77.72 28.67
CA HIS Q 10 -20.71 -78.84 28.12
C HIS Q 10 -19.52 -79.23 28.99
N LYS Q 11 -18.84 -78.25 29.59
CA LYS Q 11 -17.87 -78.43 30.66
C LYS Q 11 -16.60 -79.13 30.21
N ILE Q 12 -16.36 -79.24 28.91
CA ILE Q 12 -15.13 -79.82 28.38
C ILE Q 12 -14.88 -79.30 26.97
N VAL Q 13 -13.65 -78.91 26.69
CA VAL Q 13 -13.23 -78.47 25.38
C VAL Q 13 -12.08 -79.36 24.94
N ALA Q 14 -12.13 -79.86 23.72
CA ALA Q 14 -11.07 -80.71 23.19
C ALA Q 14 -10.12 -79.84 22.39
N VAL Q 15 -8.93 -79.61 22.94
CA VAL Q 15 -7.88 -78.87 22.25
C VAL Q 15 -7.17 -79.84 21.32
N LEU Q 16 -7.24 -79.59 20.01
CA LEU Q 16 -6.81 -80.53 19.00
C LEU Q 16 -5.59 -79.99 18.28
N ARG Q 17 -4.46 -80.65 18.50
CA ARG Q 17 -3.22 -80.46 17.77
C ARG Q 17 -2.94 -81.71 16.94
N ALA Q 18 -2.42 -81.50 15.73
CA ALA Q 18 -2.10 -82.61 14.84
C ALA Q 18 -1.01 -82.17 13.88
N ASN Q 19 -0.42 -83.16 13.21
CA ASN Q 19 0.59 -82.91 12.19
C ASN Q 19 0.03 -82.92 10.78
N ASP Q 20 -1.29 -83.04 10.64
CA ASP Q 20 -1.97 -83.10 9.34
C ASP Q 20 -3.33 -82.45 9.48
N ALA Q 21 -3.92 -82.12 8.32
CA ALA Q 21 -5.29 -81.62 8.32
C ALA Q 21 -6.29 -82.76 8.30
N GLN Q 22 -5.98 -83.85 7.59
CA GLN Q 22 -6.90 -84.97 7.57
C GLN Q 22 -6.97 -85.65 8.93
N GLU Q 23 -5.83 -85.78 9.61
CA GLU Q 23 -5.81 -86.34 10.96
C GLU Q 23 -6.60 -85.47 11.92
N ALA Q 24 -6.47 -84.15 11.77
CA ALA Q 24 -7.28 -83.22 12.56
C ALA Q 24 -8.76 -83.44 12.34
N ARG Q 25 -9.17 -83.64 11.08
CA ARG Q 25 -10.59 -83.82 10.79
C ARG Q 25 -11.12 -85.16 11.33
N GLU Q 26 -10.34 -86.23 11.19
CA GLU Q 26 -10.74 -87.50 11.79
C GLU Q 26 -10.88 -87.38 13.30
N LYS Q 27 -9.90 -86.75 13.96
CA LYS Q 27 -9.98 -86.65 15.41
C LYS Q 27 -11.10 -85.74 15.88
N ALA Q 28 -11.39 -84.66 15.15
CA ALA Q 28 -12.51 -83.82 15.52
C ALA Q 28 -13.82 -84.59 15.41
N LEU Q 29 -13.99 -85.37 14.34
CA LEU Q 29 -15.19 -86.19 14.21
C LEU Q 29 -15.28 -87.22 15.34
N ALA Q 30 -14.17 -87.87 15.66
CA ALA Q 30 -14.17 -88.90 16.70
C ALA Q 30 -14.47 -88.31 18.07
N VAL Q 31 -13.94 -87.12 18.36
CA VAL Q 31 -14.24 -86.43 19.61
C VAL Q 31 -15.72 -86.07 19.66
N PHE Q 32 -16.29 -85.60 18.55
CA PHE Q 32 -17.71 -85.24 18.58
C PHE Q 32 -18.58 -86.47 18.79
N GLU Q 33 -18.18 -87.61 18.23
CA GLU Q 33 -18.98 -88.82 18.44
C GLU Q 33 -18.96 -89.27 19.89
N GLY Q 34 -17.84 -89.03 20.60
CA GLY Q 34 -17.73 -89.43 21.98
C GLY Q 34 -18.59 -88.63 22.94
N GLY Q 35 -19.10 -87.48 22.51
CA GLY Q 35 -19.95 -86.65 23.34
C GLY Q 35 -19.41 -85.27 23.64
N VAL Q 36 -18.25 -84.89 23.12
CA VAL Q 36 -17.68 -83.57 23.37
C VAL Q 36 -18.16 -82.63 22.27
N HIS Q 37 -18.83 -81.56 22.67
CA HIS Q 37 -19.45 -80.63 21.73
C HIS Q 37 -18.66 -79.34 21.54
N LEU Q 38 -17.53 -79.18 22.22
CA LEU Q 38 -16.66 -78.02 22.06
C LEU Q 38 -15.29 -78.51 21.60
N ILE Q 39 -14.86 -78.05 20.44
CA ILE Q 39 -13.58 -78.45 19.90
C ILE Q 39 -12.80 -77.23 19.48
N GLU Q 40 -11.48 -77.26 19.67
CA GLU Q 40 -10.64 -76.16 19.29
C GLU Q 40 -9.57 -76.68 18.41
N ILE Q 41 -9.38 -76.04 17.27
CA ILE Q 41 -8.37 -76.44 16.35
C ILE Q 41 -7.25 -75.47 16.53
N THR Q 42 -6.11 -75.96 16.91
CA THR Q 42 -5.00 -75.12 17.19
C THR Q 42 -4.36 -74.67 15.92
N PHE Q 43 -3.89 -73.44 15.87
CA PHE Q 43 -3.34 -72.93 14.67
C PHE Q 43 -1.92 -73.37 14.56
N THR Q 44 -1.65 -74.61 14.93
CA THR Q 44 -0.33 -75.17 14.83
C THR Q 44 -0.53 -76.31 13.86
N VAL Q 45 -1.77 -76.77 13.72
CA VAL Q 45 -2.13 -77.76 12.70
C VAL Q 45 -1.95 -77.14 11.33
N PRO Q 46 -1.29 -77.82 10.39
CA PRO Q 46 -1.14 -77.26 9.04
C PRO Q 46 -2.50 -77.11 8.37
N ASN Q 47 -2.72 -75.93 7.77
CA ASN Q 47 -3.95 -75.62 7.04
C ASN Q 47 -5.15 -75.75 7.99
N ALA Q 48 -5.13 -74.93 9.03
CA ALA Q 48 -6.08 -75.07 10.13
C ALA Q 48 -7.39 -74.34 9.85
N ALA Q 49 -7.33 -73.16 9.23
CA ALA Q 49 -8.57 -72.49 8.85
C ALA Q 49 -9.35 -73.32 7.84
N ALA Q 50 -8.65 -74.08 6.99
CA ALA Q 50 -9.33 -75.01 6.08
C ALA Q 50 -10.03 -76.11 6.86
N VAL Q 51 -9.39 -76.63 7.92
CA VAL Q 51 -10.03 -77.64 8.75
C VAL Q 51 -11.28 -77.08 9.42
N ILE Q 52 -11.20 -75.85 9.92
CA ILE Q 52 -12.37 -75.22 10.54
C ILE Q 52 -13.48 -75.03 9.52
N LEU Q 53 -13.13 -74.66 8.29
CA LEU Q 53 -14.13 -74.44 7.25
C LEU Q 53 -14.79 -75.75 6.83
N LEU Q 54 -14.02 -76.83 6.76
CA LEU Q 54 -14.53 -78.10 6.27
C LEU Q 54 -15.25 -78.92 7.35
N LEU Q 55 -15.30 -78.45 8.59
CA LEU Q 55 -16.07 -79.11 9.64
C LEU Q 55 -17.37 -78.39 9.95
N SER Q 56 -17.83 -77.52 9.06
CA SER Q 56 -19.09 -76.83 9.24
C SER Q 56 -20.29 -77.74 9.01
N PHE Q 57 -20.07 -79.02 8.74
CA PHE Q 57 -21.16 -79.99 8.74
C PHE Q 57 -21.46 -80.53 10.12
N LEU Q 58 -20.47 -80.53 11.03
CA LEU Q 58 -20.73 -80.82 12.43
C LEU Q 58 -21.38 -79.64 13.14
N LYS Q 59 -21.24 -78.44 12.59
CA LYS Q 59 -21.92 -77.28 13.14
C LYS Q 59 -23.43 -77.44 13.13
N GLU Q 60 -23.92 -78.36 12.31
CA GLU Q 60 -25.36 -78.59 12.20
C GLU Q 60 -25.78 -79.67 13.17
N LYS Q 61 -24.93 -80.65 13.38
CA LYS Q 61 -25.24 -81.67 14.38
C LYS Q 61 -25.21 -81.11 15.79
N GLY Q 62 -24.53 -79.98 15.99
CA GLY Q 62 -24.55 -79.29 17.27
C GLY Q 62 -23.19 -79.03 17.89
N ALA Q 63 -22.11 -79.20 17.11
CA ALA Q 63 -20.78 -78.88 17.58
C ALA Q 63 -20.51 -77.39 17.56
N ILE Q 64 -19.61 -76.95 18.44
CA ILE Q 64 -19.11 -75.58 18.44
C ILE Q 64 -17.62 -75.66 18.19
N ILE Q 65 -17.16 -75.05 17.09
CA ILE Q 65 -15.78 -75.12 16.66
C ILE Q 65 -15.13 -73.77 16.89
N GLY Q 66 -13.88 -73.79 17.38
CA GLY Q 66 -13.14 -72.56 17.62
C GLY Q 66 -11.68 -72.74 17.29
N ALA Q 67 -10.94 -71.63 17.35
CA ALA Q 67 -9.53 -71.58 16.99
C ALA Q 67 -8.69 -71.28 18.22
N GLY Q 68 -7.56 -72.00 18.34
CA GLY Q 68 -6.63 -71.81 19.42
C GLY Q 68 -5.24 -71.42 18.93
N THR Q 69 -4.37 -71.14 19.90
CA THR Q 69 -2.99 -70.73 19.64
C THR Q 69 -2.93 -69.55 18.67
N VAL Q 70 -3.84 -68.61 18.85
CA VAL Q 70 -3.89 -67.42 18.01
C VAL Q 70 -3.00 -66.35 18.65
N THR Q 71 -1.95 -65.96 17.94
CA THR Q 71 -0.98 -64.99 18.44
C THR Q 71 -0.90 -63.77 17.54
N SER Q 72 -1.89 -63.55 16.69
CA SER Q 72 -1.87 -62.44 15.76
C SER Q 72 -3.30 -62.01 15.46
N GLU Q 73 -3.44 -60.81 14.92
CA GLU Q 73 -4.75 -60.32 14.51
C GLU Q 73 -5.15 -60.85 13.14
N GLU Q 74 -4.17 -61.11 12.26
CA GLU Q 74 -4.46 -61.72 10.97
C GLU Q 74 -4.93 -63.16 11.14
N GLN Q 75 -4.38 -63.88 12.12
CA GLN Q 75 -4.88 -65.21 12.43
C GLN Q 75 -6.32 -65.17 12.95
N CYS Q 76 -6.65 -64.15 13.73
CA CYS Q 76 -8.02 -63.99 14.19
C CYS Q 76 -8.96 -63.70 13.03
N ALA Q 77 -8.54 -62.82 12.12
CA ALA Q 77 -9.36 -62.55 10.93
C ALA Q 77 -9.57 -63.81 10.10
N LEU Q 78 -8.49 -64.57 9.88
CA LEU Q 78 -8.58 -65.81 9.12
C LEU Q 78 -9.50 -66.83 9.77
N ALA Q 79 -9.45 -66.93 11.10
CA ALA Q 79 -10.26 -67.92 11.80
C ALA Q 79 -11.72 -67.50 11.88
N VAL Q 80 -12.00 -66.20 11.96
CA VAL Q 80 -13.39 -65.75 11.94
C VAL Q 80 -13.97 -65.89 10.54
N LEU Q 81 -13.15 -65.65 9.51
CA LEU Q 81 -13.60 -65.87 8.13
C LEU Q 81 -13.94 -67.34 7.90
N SER Q 82 -13.06 -68.23 8.36
CA SER Q 82 -13.29 -69.66 8.17
C SER Q 82 -14.48 -70.18 8.97
N GLY Q 83 -15.02 -69.41 9.91
CA GLY Q 83 -16.21 -69.80 10.63
C GLY Q 83 -16.01 -70.23 12.07
N ALA Q 84 -14.97 -69.76 12.74
CA ALA Q 84 -14.75 -70.12 14.14
C ALA Q 84 -15.69 -69.35 15.06
N GLU Q 85 -16.23 -70.05 16.06
CA GLU Q 85 -17.17 -69.44 16.99
C GLU Q 85 -16.49 -68.76 18.16
N PHE Q 86 -15.27 -69.16 18.51
CA PHE Q 86 -14.52 -68.52 19.59
C PHE Q 86 -13.04 -68.58 19.27
N ILE Q 87 -12.28 -67.66 19.87
CA ILE Q 87 -10.84 -67.53 19.69
C ILE Q 87 -10.17 -67.70 21.03
N VAL Q 88 -9.02 -68.37 21.04
CA VAL Q 88 -8.26 -68.65 22.26
C VAL Q 88 -6.78 -68.35 22.01
N SER Q 89 -6.11 -67.82 23.04
CA SER Q 89 -4.69 -67.53 23.02
C SER Q 89 -4.03 -68.14 24.26
N PRO Q 90 -2.77 -68.56 24.15
CA PRO Q 90 -2.05 -69.04 25.34
C PRO Q 90 -1.48 -67.88 26.16
N HIS Q 91 -1.82 -66.66 25.78
CA HIS Q 91 -1.28 -65.47 26.39
C HIS Q 91 -2.36 -64.39 26.33
N LEU Q 92 -2.09 -63.26 26.94
CA LEU Q 92 -2.96 -62.10 26.85
C LEU Q 92 -2.36 -61.11 25.86
N ASP Q 93 -3.10 -60.83 24.79
CA ASP Q 93 -2.71 -59.83 23.81
C ASP Q 93 -3.73 -58.71 23.81
N GLU Q 94 -3.26 -57.48 24.05
CA GLU Q 94 -4.17 -56.35 24.19
C GLU Q 94 -4.75 -55.95 22.85
N GLU Q 95 -3.98 -56.09 21.77
CA GLU Q 95 -4.49 -55.70 20.45
C GLU Q 95 -5.52 -56.70 19.93
N ILE Q 96 -5.26 -58.00 20.10
CA ILE Q 96 -6.26 -58.99 19.72
C ILE Q 96 -7.55 -58.76 20.49
N SER Q 97 -7.44 -58.40 21.77
CA SER Q 97 -8.61 -58.14 22.59
C SER Q 97 -9.36 -56.91 22.11
N GLN Q 98 -8.63 -55.82 21.85
CA GLN Q 98 -9.22 -54.61 21.28
C GLN Q 98 -10.01 -54.93 20.02
N PHE Q 99 -9.40 -55.66 19.09
CA PHE Q 99 -10.03 -55.89 17.81
C PHE Q 99 -11.18 -56.89 17.89
N CYS Q 100 -11.10 -57.88 18.78
CA CYS Q 100 -12.23 -58.78 18.95
C CYS Q 100 -13.38 -58.11 19.68
N LYS Q 101 -13.08 -57.11 20.52
CA LYS Q 101 -14.15 -56.30 21.11
C LYS Q 101 -14.81 -55.44 20.06
N GLU Q 102 -14.02 -54.89 19.13
CA GLU Q 102 -14.58 -54.08 18.05
C GLU Q 102 -15.47 -54.91 17.15
N LYS Q 103 -14.97 -56.06 16.66
CA LYS Q 103 -15.73 -56.87 15.72
C LYS Q 103 -16.72 -57.82 16.40
N GLY Q 104 -16.69 -57.90 17.72
CA GLY Q 104 -17.67 -58.68 18.46
C GLY Q 104 -17.54 -60.19 18.35
N VAL Q 105 -16.38 -60.72 18.71
CA VAL Q 105 -16.11 -62.15 18.68
C VAL Q 105 -15.62 -62.55 20.07
N PHE Q 106 -16.00 -63.74 20.52
CA PHE Q 106 -15.63 -64.19 21.86
C PHE Q 106 -14.15 -64.59 21.90
N TYR Q 107 -13.40 -63.90 22.76
CA TYR Q 107 -11.97 -64.10 22.92
C TYR Q 107 -11.69 -64.51 24.37
N MET Q 108 -10.90 -65.56 24.55
CA MET Q 108 -10.57 -66.08 25.87
C MET Q 108 -9.05 -66.09 26.05
N PRO Q 109 -8.46 -65.04 26.62
CA PRO Q 109 -7.01 -64.98 26.79
C PRO Q 109 -6.52 -66.04 27.75
N GLY Q 110 -5.19 -66.15 27.83
CA GLY Q 110 -4.53 -67.04 28.77
C GLY Q 110 -3.70 -66.24 29.75
N VAL Q 111 -3.86 -66.55 31.04
CA VAL Q 111 -3.16 -65.85 32.11
C VAL Q 111 -2.47 -66.87 32.99
N MET Q 112 -1.45 -66.42 33.71
CA MET Q 112 -0.79 -67.26 34.68
C MET Q 112 -0.47 -66.56 36.00
N THR Q 113 -0.69 -65.25 36.10
CA THR Q 113 -0.38 -64.44 37.27
C THR Q 113 -1.52 -63.48 37.54
N PRO Q 114 -1.61 -62.93 38.75
CA PRO Q 114 -2.69 -61.97 39.03
C PRO Q 114 -2.56 -60.63 38.31
N THR Q 115 -1.35 -60.23 37.91
CA THR Q 115 -1.21 -58.98 37.17
C THR Q 115 -1.80 -59.10 35.78
N GLU Q 116 -1.48 -60.21 35.09
CA GLU Q 116 -2.10 -60.51 33.80
C GLU Q 116 -3.61 -60.64 33.95
N LEU Q 117 -4.07 -61.22 35.06
CA LEU Q 117 -5.50 -61.35 35.32
C LEU Q 117 -6.17 -59.99 35.42
N VAL Q 118 -5.56 -59.07 36.16
CA VAL Q 118 -6.17 -57.75 36.32
C VAL Q 118 -6.15 -56.99 35.00
N LYS Q 119 -5.13 -57.20 34.17
CA LYS Q 119 -5.13 -56.57 32.86
C LYS Q 119 -6.25 -57.11 31.97
N ALA Q 120 -6.42 -58.44 31.96
CA ALA Q 120 -7.50 -59.05 31.19
C ALA Q 120 -8.86 -58.56 31.68
N MET Q 121 -9.01 -58.40 33.00
CA MET Q 121 -10.24 -57.88 33.57
C MET Q 121 -10.48 -56.44 33.15
N LYS Q 122 -9.44 -55.60 33.17
CA LYS Q 122 -9.55 -54.24 32.70
C LYS Q 122 -9.97 -54.19 31.24
N LEU Q 123 -9.55 -55.16 30.44
CA LEU Q 123 -9.97 -55.24 29.06
C LEU Q 123 -11.37 -55.82 28.89
N GLY Q 124 -11.97 -56.35 29.96
CA GLY Q 124 -13.34 -56.80 29.93
C GLY Q 124 -13.55 -58.29 30.04
N HIS Q 125 -12.50 -59.08 30.27
CA HIS Q 125 -12.56 -60.53 30.17
C HIS Q 125 -12.91 -61.12 31.54
N THR Q 126 -14.02 -61.84 31.61
CA THR Q 126 -14.46 -62.51 32.83
C THR Q 126 -14.16 -64.00 32.82
N ILE Q 127 -14.01 -64.61 31.66
CA ILE Q 127 -13.66 -66.02 31.52
C ILE Q 127 -12.24 -66.08 30.97
N LEU Q 128 -11.34 -66.72 31.70
CA LEU Q 128 -9.94 -66.77 31.32
C LEU Q 128 -9.49 -68.20 31.13
N LYS Q 129 -8.48 -68.38 30.30
CA LYS Q 129 -7.78 -69.65 30.18
C LYS Q 129 -6.59 -69.66 31.14
N LEU Q 130 -6.48 -70.72 31.92
CA LEU Q 130 -5.38 -70.86 32.88
C LEU Q 130 -4.34 -71.80 32.28
N PHE Q 131 -3.28 -71.22 31.74
CA PHE Q 131 -2.22 -71.94 31.05
C PHE Q 131 -0.86 -71.50 31.57
N PRO Q 132 0.04 -72.45 31.86
CA PRO Q 132 -0.26 -73.88 31.99
C PRO Q 132 -0.84 -74.25 33.34
N GLY Q 133 -1.82 -75.16 33.33
CA GLY Q 133 -2.56 -75.46 34.55
C GLY Q 133 -1.85 -76.42 35.49
N GLU Q 134 -0.98 -77.28 34.96
CA GLU Q 134 -0.26 -78.20 35.82
C GLU Q 134 0.84 -77.52 36.61
N VAL Q 135 1.34 -76.38 36.10
CA VAL Q 135 2.34 -75.62 36.83
C VAL Q 135 1.73 -74.98 38.07
N VAL Q 136 0.56 -74.36 37.91
CA VAL Q 136 -0.07 -73.64 39.01
C VAL Q 136 -0.96 -74.55 39.86
N GLY Q 137 -1.84 -75.32 39.25
CA GLY Q 137 -2.65 -76.26 39.98
C GLY Q 137 -3.98 -75.69 40.41
N PRO Q 138 -4.85 -76.54 40.98
CA PRO Q 138 -6.15 -76.05 41.47
C PRO Q 138 -6.01 -75.11 42.65
N GLN Q 139 -4.86 -75.11 43.31
CA GLN Q 139 -4.61 -74.20 44.42
C GLN Q 139 -4.56 -72.74 43.94
N PHE Q 140 -4.10 -72.50 42.71
CA PHE Q 140 -4.19 -71.16 42.14
C PHE Q 140 -5.64 -70.70 42.03
N VAL Q 141 -6.52 -71.58 41.56
CA VAL Q 141 -7.92 -71.23 41.39
C VAL Q 141 -8.58 -70.99 42.74
N LYS Q 142 -8.27 -71.85 43.73
CA LYS Q 142 -8.82 -71.64 45.07
C LYS Q 142 -8.31 -70.35 45.70
N ALA Q 143 -7.04 -70.00 45.47
CA ALA Q 143 -6.49 -68.79 46.06
C ALA Q 143 -7.00 -67.53 45.38
N MET Q 144 -7.41 -67.64 44.12
CA MET Q 144 -7.80 -66.43 43.39
C MET Q 144 -9.26 -66.05 43.58
N LYS Q 145 -10.09 -66.92 44.17
CA LYS Q 145 -11.50 -66.59 44.31
C LYS Q 145 -11.72 -65.49 45.35
N GLY Q 146 -10.86 -65.41 46.36
CA GLY Q 146 -10.95 -64.39 47.37
C GLY Q 146 -11.01 -62.98 46.85
N PRO Q 147 -9.91 -62.48 46.30
CA PRO Q 147 -9.88 -61.11 45.77
C PRO Q 147 -10.69 -60.94 44.50
N PHE Q 148 -10.76 -61.99 43.68
CA PHE Q 148 -11.36 -61.94 42.35
C PHE Q 148 -12.51 -62.93 42.26
N PRO Q 149 -13.64 -62.66 42.94
CA PRO Q 149 -14.70 -63.67 43.00
C PRO Q 149 -15.51 -63.83 41.73
N ASN Q 150 -15.42 -62.89 40.79
CA ASN Q 150 -16.25 -62.95 39.59
C ASN Q 150 -15.58 -63.61 38.39
N VAL Q 151 -14.32 -64.02 38.51
CA VAL Q 151 -13.56 -64.57 37.39
C VAL Q 151 -13.67 -66.08 37.38
N LYS Q 152 -13.92 -66.65 36.20
CA LYS Q 152 -13.97 -68.10 36.00
C LYS Q 152 -12.82 -68.53 35.11
N PHE Q 153 -12.29 -69.73 35.37
CA PHE Q 153 -11.11 -70.25 34.69
C PHE Q 153 -11.46 -71.50 33.89
N VAL Q 154 -10.84 -71.62 32.73
CA VAL Q 154 -10.85 -72.86 31.95
C VAL Q 154 -9.41 -73.37 31.91
N PRO Q 155 -9.01 -74.27 32.81
CA PRO Q 155 -7.62 -74.71 32.84
C PRO Q 155 -7.25 -75.56 31.63
N THR Q 156 -6.05 -75.33 31.11
CA THR Q 156 -5.54 -76.09 29.98
C THR Q 156 -4.14 -76.57 30.28
N GLY Q 157 -3.86 -77.81 29.92
CA GLY Q 157 -2.57 -78.42 30.17
C GLY Q 157 -2.53 -79.21 31.45
N GLY Q 158 -2.22 -80.51 31.34
CA GLY Q 158 -2.04 -81.38 32.47
C GLY Q 158 -3.29 -82.14 32.88
N VAL Q 159 -4.47 -81.73 32.44
CA VAL Q 159 -5.72 -82.30 32.94
C VAL Q 159 -5.81 -83.76 32.54
N ASN Q 160 -6.08 -84.64 33.51
CA ASN Q 160 -6.23 -86.07 33.32
C ASN Q 160 -7.58 -86.50 33.84
N LEU Q 161 -7.86 -87.80 33.76
CA LEU Q 161 -9.05 -88.34 34.42
C LEU Q 161 -8.95 -88.23 35.93
N ASP Q 162 -7.75 -88.40 36.48
CA ASP Q 162 -7.57 -88.39 37.92
C ASP Q 162 -7.86 -87.02 38.52
N ASN Q 163 -7.27 -85.97 37.95
CA ASN Q 163 -7.31 -84.64 38.54
C ASN Q 163 -8.43 -83.76 38.02
N VAL Q 164 -9.30 -84.28 37.15
CA VAL Q 164 -10.38 -83.44 36.64
C VAL Q 164 -11.43 -83.19 37.71
N CYS Q 165 -11.67 -84.16 38.61
CA CYS Q 165 -12.59 -83.89 39.71
C CYS Q 165 -12.00 -82.90 40.69
N GLU Q 166 -10.68 -82.92 40.89
CA GLU Q 166 -10.02 -81.90 41.71
C GLU Q 166 -10.19 -80.51 41.09
N TRP Q 167 -9.94 -80.42 39.78
CA TRP Q 167 -10.11 -79.15 39.08
C TRP Q 167 -11.53 -78.63 39.21
N PHE Q 168 -12.52 -79.50 39.16
CA PHE Q 168 -13.91 -79.07 39.27
C PHE Q 168 -14.30 -78.73 40.71
N LYS Q 169 -13.69 -79.39 41.69
CA LYS Q 169 -13.87 -78.98 43.08
C LYS Q 169 -13.33 -77.58 43.31
N ALA Q 170 -12.23 -77.24 42.64
CA ALA Q 170 -11.66 -75.90 42.83
C ALA Q 170 -12.59 -74.81 42.31
N GLY Q 171 -13.42 -75.10 41.31
CA GLY Q 171 -14.44 -74.13 40.91
C GLY Q 171 -14.38 -73.64 39.48
N VAL Q 172 -13.81 -74.43 38.57
CA VAL Q 172 -13.65 -74.01 37.18
C VAL Q 172 -14.96 -74.20 36.41
N LEU Q 173 -15.12 -73.45 35.31
CA LEU Q 173 -16.23 -73.71 34.40
C LEU Q 173 -16.05 -75.01 33.65
N ALA Q 174 -14.89 -75.20 33.04
CA ALA Q 174 -14.67 -76.29 32.11
C ALA Q 174 -13.18 -76.60 32.12
N VAL Q 175 -12.82 -77.67 31.44
CA VAL Q 175 -11.42 -78.06 31.30
C VAL Q 175 -11.12 -78.24 29.82
N GLY Q 176 -9.97 -77.73 29.39
CA GLY Q 176 -9.48 -78.02 28.06
C GLY Q 176 -8.52 -79.20 28.11
N VAL Q 177 -8.84 -80.28 27.42
CA VAL Q 177 -8.06 -81.51 27.49
C VAL Q 177 -7.40 -81.73 26.14
N GLY Q 178 -6.10 -82.02 26.15
CA GLY Q 178 -5.35 -82.26 24.95
C GLY Q 178 -4.83 -83.68 24.83
N SER Q 179 -3.53 -83.86 25.12
CA SER Q 179 -2.87 -85.13 24.86
C SER Q 179 -3.56 -86.30 25.53
N ALA Q 180 -4.22 -86.08 26.68
CA ALA Q 180 -4.91 -87.17 27.36
C ALA Q 180 -6.15 -87.61 26.60
N LEU Q 181 -6.67 -86.76 25.71
CA LEU Q 181 -7.90 -87.04 24.98
C LEU Q 181 -7.67 -87.35 23.51
N VAL Q 182 -6.93 -86.49 22.79
CA VAL Q 182 -6.89 -86.53 21.34
C VAL Q 182 -5.71 -87.32 20.78
N LYS Q 183 -4.93 -88.00 21.60
CA LYS Q 183 -3.74 -88.71 21.14
C LYS Q 183 -4.01 -90.22 21.08
N GLY Q 184 -3.75 -90.81 19.92
CA GLY Q 184 -3.97 -92.22 19.68
C GLY Q 184 -4.61 -92.41 18.32
N THR Q 185 -5.03 -93.64 18.04
CA THR Q 185 -5.76 -93.91 16.81
C THR Q 185 -7.15 -93.29 16.89
N PRO Q 186 -7.72 -92.89 15.75
CA PRO Q 186 -9.00 -92.16 15.78
C PRO Q 186 -10.16 -92.88 16.45
N ASP Q 187 -10.00 -94.15 16.80
CA ASP Q 187 -11.05 -94.86 17.50
C ASP Q 187 -10.81 -94.92 19.01
N GLU Q 188 -9.56 -94.90 19.45
CA GLU Q 188 -9.28 -94.77 20.87
C GLU Q 188 -9.69 -93.40 21.39
N VAL Q 189 -9.64 -92.38 20.54
CA VAL Q 189 -10.04 -91.03 20.93
C VAL Q 189 -11.52 -91.01 21.29
N ARG Q 190 -12.34 -91.79 20.58
CA ARG Q 190 -13.77 -91.80 20.86
C ARG Q 190 -14.05 -92.41 22.24
N GLU Q 191 -13.34 -93.49 22.60
CA GLU Q 191 -13.53 -94.07 23.91
C GLU Q 191 -12.96 -93.19 25.02
N LYS Q 192 -11.85 -92.50 24.73
CA LYS Q 192 -11.32 -91.53 25.69
C LYS Q 192 -12.34 -90.43 25.96
N ALA Q 193 -13.02 -89.95 24.90
CA ALA Q 193 -14.05 -88.94 25.09
C ALA Q 193 -15.22 -89.48 25.89
N LYS Q 194 -15.64 -90.72 25.60
CA LYS Q 194 -16.64 -91.40 26.42
C LYS Q 194 -16.26 -91.34 27.90
N ALA Q 195 -15.03 -91.75 28.20
CA ALA Q 195 -14.56 -91.85 29.57
C ALA Q 195 -14.53 -90.47 30.23
N PHE Q 196 -14.04 -89.47 29.52
CA PHE Q 196 -13.96 -88.12 30.09
C PHE Q 196 -15.35 -87.57 30.39
N VAL Q 197 -16.30 -87.77 29.46
CA VAL Q 197 -17.64 -87.25 29.68
C VAL Q 197 -18.28 -87.95 30.88
N GLU Q 198 -18.14 -89.27 30.97
CA GLU Q 198 -18.71 -89.99 32.10
C GLU Q 198 -18.05 -89.59 33.41
N LYS Q 199 -16.72 -89.36 33.40
CA LYS Q 199 -16.03 -88.89 34.59
C LYS Q 199 -16.54 -87.54 35.03
N ILE Q 200 -16.69 -86.60 34.10
CA ILE Q 200 -17.09 -85.25 34.47
C ILE Q 200 -18.52 -85.24 34.98
N ARG Q 201 -19.38 -86.10 34.42
CA ARG Q 201 -20.75 -86.16 34.93
C ARG Q 201 -20.86 -86.95 36.23
N GLY Q 202 -19.91 -87.85 36.50
CA GLY Q 202 -19.87 -88.54 37.76
C GLY Q 202 -19.70 -87.63 38.96
N CYS Q 203 -18.54 -87.00 39.06
CA CYS Q 203 -18.27 -86.11 40.19
C CYS Q 203 -18.90 -84.73 39.95
N THR R 2 -7.71 -33.92 1.56
CA THR R 2 -7.19 -34.97 2.42
C THR R 2 -8.30 -35.71 3.17
N ASP R 3 -9.49 -35.11 3.20
CA ASP R 3 -10.61 -35.74 3.89
C ASP R 3 -11.18 -36.89 3.06
N GLU R 4 -11.64 -36.59 1.85
CA GLU R 4 -12.22 -37.64 1.00
C GLU R 4 -11.18 -38.69 0.64
N LEU R 5 -9.95 -38.27 0.37
CA LEU R 5 -8.90 -39.22 -0.01
C LEU R 5 -8.59 -40.17 1.13
N LEU R 6 -8.47 -39.66 2.36
CA LEU R 6 -8.20 -40.54 3.50
C LEU R 6 -9.41 -41.41 3.83
N ARG R 7 -10.62 -40.91 3.63
CA ARG R 7 -11.79 -41.76 3.84
C ARG R 7 -11.79 -42.95 2.86
N LEU R 8 -11.52 -42.67 1.58
CA LEU R 8 -11.44 -43.75 0.61
C LEU R 8 -10.22 -44.63 0.85
N ALA R 9 -9.14 -44.07 1.40
CA ALA R 9 -7.98 -44.90 1.75
C ALA R 9 -8.32 -45.87 2.87
N LYS R 10 -9.08 -45.43 3.86
CA LYS R 10 -9.58 -46.34 4.90
C LYS R 10 -10.38 -47.47 4.27
N GLU R 11 -11.28 -47.10 3.37
CA GLU R 11 -12.13 -48.07 2.71
C GLU R 11 -11.37 -49.07 1.88
N GLN R 12 -10.30 -48.63 1.24
CA GLN R 12 -9.47 -49.50 0.41
C GLN R 12 -8.56 -50.38 1.24
N ALA R 13 -8.05 -49.86 2.36
CA ALA R 13 -7.21 -50.68 3.23
C ALA R 13 -8.02 -51.81 3.86
N GLU R 14 -9.26 -51.50 4.29
CA GLU R 14 -10.13 -52.55 4.80
C GLU R 14 -10.36 -53.64 3.74
N LEU R 15 -10.68 -53.21 2.51
CA LEU R 15 -10.92 -54.19 1.44
C LEU R 15 -9.68 -55.01 1.14
N LEU R 16 -8.50 -54.39 1.17
CA LEU R 16 -7.28 -55.13 0.86
C LEU R 16 -6.98 -56.16 1.95
N LYS R 17 -7.20 -55.81 3.21
CA LYS R 17 -7.04 -56.79 4.28
C LYS R 17 -7.98 -57.97 4.10
N GLU R 18 -9.25 -57.69 3.79
CA GLU R 18 -10.20 -58.77 3.53
C GLU R 18 -9.74 -59.67 2.39
N ILE R 19 -9.26 -59.06 1.30
CA ILE R 19 -8.85 -59.83 0.13
C ILE R 19 -7.65 -60.71 0.45
N LYS R 20 -6.69 -60.18 1.21
CA LYS R 20 -5.52 -60.98 1.57
C LYS R 20 -5.90 -62.17 2.44
N ILE R 21 -6.78 -61.95 3.42
CA ILE R 21 -7.22 -63.05 4.28
C ILE R 21 -7.92 -64.13 3.45
N LEU R 22 -8.77 -63.70 2.51
CA LEU R 22 -9.51 -64.66 1.69
C LEU R 22 -8.59 -65.44 0.77
N VAL R 23 -7.56 -64.78 0.22
CA VAL R 23 -6.63 -65.49 -0.65
C VAL R 23 -5.82 -66.52 0.15
N GLU R 24 -5.43 -66.19 1.38
CA GLU R 24 -4.75 -67.18 2.21
C GLU R 24 -5.64 -68.38 2.50
N LEU R 25 -6.92 -68.13 2.80
CA LEU R 25 -7.85 -69.24 3.03
C LEU R 25 -7.99 -70.10 1.78
N ILE R 26 -8.04 -69.48 0.60
CA ILE R 26 -8.19 -70.24 -0.65
C ILE R 26 -6.95 -71.09 -0.90
N ALA R 27 -5.76 -70.54 -0.66
CA ALA R 27 -4.53 -71.31 -0.82
C ALA R 27 -4.49 -72.51 0.11
N MET R 28 -4.90 -72.30 1.37
CA MET R 28 -4.95 -73.42 2.33
C MET R 28 -5.93 -74.50 1.87
N LEU R 29 -7.10 -74.09 1.39
CA LEU R 29 -8.11 -75.06 0.97
C LEU R 29 -7.64 -75.85 -0.24
N VAL R 30 -6.90 -75.20 -1.15
CA VAL R 30 -6.32 -75.93 -2.28
C VAL R 30 -5.27 -76.94 -1.81
N LYS R 31 -4.42 -76.53 -0.86
CA LYS R 31 -3.47 -77.48 -0.27
C LYS R 31 -4.20 -78.70 0.31
N VAL R 32 -5.31 -78.48 0.99
CA VAL R 32 -6.04 -79.59 1.59
C VAL R 32 -6.68 -80.47 0.52
N ILE R 33 -7.20 -79.85 -0.55
CA ILE R 33 -7.88 -80.61 -1.60
C ILE R 33 -6.89 -81.46 -2.40
N GLN R 34 -5.68 -80.95 -2.61
CA GLN R 34 -4.70 -81.70 -3.39
C GLN R 34 -4.45 -83.10 -2.82
N LYS R 35 -4.51 -83.25 -1.50
CA LYS R 35 -4.31 -84.55 -0.87
C LYS R 35 -5.60 -85.33 -0.71
N ASP R 36 -6.69 -84.68 -0.28
CA ASP R 36 -7.95 -85.37 -0.13
C ASP R 36 -9.06 -84.58 -0.82
N PRO R 37 -9.39 -84.90 -2.07
CA PRO R 37 -10.44 -84.17 -2.79
C PRO R 37 -11.83 -84.66 -2.41
N SER R 38 -12.78 -83.73 -2.50
CA SER R 38 -14.18 -84.02 -2.20
C SER R 38 -15.05 -83.03 -2.93
N ASP R 39 -16.36 -83.33 -2.95
CA ASP R 39 -17.31 -82.40 -3.55
C ASP R 39 -17.62 -81.23 -2.63
N GLU R 40 -17.70 -81.49 -1.32
CA GLU R 40 -17.94 -80.42 -0.35
C GLU R 40 -16.80 -79.42 -0.34
N ALA R 41 -15.57 -79.91 -0.47
CA ALA R 41 -14.41 -79.02 -0.53
C ALA R 41 -14.45 -78.14 -1.76
N LEU R 42 -14.81 -78.71 -2.92
CA LEU R 42 -14.89 -77.91 -4.15
C LEU R 42 -16.04 -76.91 -4.11
N LYS R 43 -17.17 -77.28 -3.50
CA LYS R 43 -18.25 -76.31 -3.35
C LYS R 43 -17.84 -75.16 -2.44
N ALA R 44 -17.12 -75.45 -1.35
CA ALA R 44 -16.62 -74.39 -0.48
C ALA R 44 -15.61 -73.51 -1.21
N LEU R 45 -14.77 -74.11 -2.04
CA LEU R 45 -13.81 -73.34 -2.82
C LEU R 45 -14.51 -72.41 -3.81
N ALA R 46 -15.56 -72.90 -4.46
CA ALA R 46 -16.35 -72.06 -5.36
C ALA R 46 -16.99 -70.90 -4.60
N GLU R 47 -17.53 -71.17 -3.42
CA GLU R 47 -18.10 -70.11 -2.59
C GLU R 47 -17.05 -69.04 -2.26
N LEU R 48 -15.83 -69.48 -1.91
CA LEU R 48 -14.77 -68.54 -1.58
C LEU R 48 -14.38 -67.70 -2.78
N VAL R 49 -14.32 -68.32 -3.96
CA VAL R 49 -13.95 -67.58 -5.16
C VAL R 49 -15.02 -66.55 -5.52
N ARG R 50 -16.30 -66.89 -5.31
CA ARG R 50 -17.36 -65.91 -5.54
C ARG R 50 -17.24 -64.72 -4.58
N LYS R 51 -16.95 -65.00 -3.31
CA LYS R 51 -16.70 -63.92 -2.36
C LYS R 51 -15.56 -63.03 -2.83
N LEU R 52 -14.50 -63.64 -3.35
CA LEU R 52 -13.34 -62.88 -3.81
C LEU R 52 -13.70 -61.97 -4.98
N LYS R 53 -14.50 -62.49 -5.91
CA LYS R 53 -14.98 -61.68 -7.04
C LYS R 53 -15.76 -60.47 -6.55
N GLU R 54 -16.68 -60.69 -5.62
CA GLU R 54 -17.46 -59.56 -5.08
C GLU R 54 -16.56 -58.53 -4.39
N LEU R 55 -15.56 -59.00 -3.65
CA LEU R 55 -14.66 -58.07 -2.96
C LEU R 55 -13.84 -57.26 -3.97
N VAL R 56 -13.41 -57.89 -5.06
CA VAL R 56 -12.65 -57.17 -6.08
C VAL R 56 -13.51 -56.11 -6.74
N GLU R 57 -14.79 -56.42 -7.00
CA GLU R 57 -15.69 -55.42 -7.56
C GLU R 57 -15.86 -54.23 -6.62
N ASP R 58 -16.06 -54.51 -5.33
CA ASP R 58 -16.17 -53.43 -4.35
C ASP R 58 -14.92 -52.55 -4.36
N MET R 59 -13.76 -53.18 -4.36
CA MET R 59 -12.49 -52.44 -4.37
C MET R 59 -12.39 -51.55 -5.59
N GLU R 60 -12.77 -52.06 -6.77
CA GLU R 60 -12.60 -51.27 -7.99
C GLU R 60 -13.58 -50.11 -8.04
N ARG R 61 -14.80 -50.31 -7.52
CA ARG R 61 -15.73 -49.19 -7.41
C ARG R 61 -15.15 -48.08 -6.53
N SER R 62 -14.65 -48.46 -5.34
CA SER R 62 -14.08 -47.45 -4.45
C SER R 62 -12.88 -46.75 -5.08
N MET R 63 -12.05 -47.50 -5.79
CA MET R 63 -10.85 -46.91 -6.38
C MET R 63 -11.20 -45.96 -7.51
N LYS R 64 -12.21 -46.29 -8.32
CA LYS R 64 -12.61 -45.37 -9.37
C LYS R 64 -13.24 -44.10 -8.80
N GLU R 65 -14.00 -44.22 -7.71
CA GLU R 65 -14.50 -43.01 -7.05
C GLU R 65 -13.35 -42.13 -6.58
N GLN R 66 -12.35 -42.73 -5.93
CA GLN R 66 -11.22 -41.93 -5.46
C GLN R 66 -10.46 -41.30 -6.61
N LEU R 67 -10.28 -42.04 -7.72
CA LEU R 67 -9.55 -41.49 -8.85
C LEU R 67 -10.31 -40.34 -9.49
N TYR R 68 -11.63 -40.49 -9.65
CA TYR R 68 -12.43 -39.39 -10.17
C TYR R 68 -12.28 -38.15 -9.30
N ILE R 69 -12.27 -38.33 -7.97
CA ILE R 69 -12.09 -37.16 -7.11
C ILE R 69 -10.69 -36.57 -7.29
N ILE R 70 -9.66 -37.42 -7.40
CA ILE R 70 -8.29 -36.92 -7.49
C ILE R 70 -8.09 -36.14 -8.78
N LYS R 71 -8.49 -36.71 -9.91
CA LYS R 71 -8.20 -36.13 -11.21
C LYS R 71 -8.93 -34.79 -11.39
N THR S 2 -16.86 -19.32 23.05
CA THR S 2 -18.15 -18.81 22.60
C THR S 2 -19.04 -18.70 23.84
N ASP S 3 -20.36 -18.56 23.65
CA ASP S 3 -21.28 -18.48 24.77
C ASP S 3 -21.64 -19.86 25.33
N GLU S 4 -21.26 -20.93 24.63
CA GLU S 4 -21.33 -22.27 25.22
C GLU S 4 -20.64 -22.30 26.58
N LEU S 5 -19.51 -21.61 26.68
CA LEU S 5 -18.75 -21.56 27.93
C LEU S 5 -19.58 -20.95 29.06
N LEU S 6 -20.22 -19.82 28.80
CA LEU S 6 -20.98 -19.17 29.86
C LEU S 6 -22.28 -19.91 30.16
N ARG S 7 -22.86 -20.59 29.16
CA ARG S 7 -24.00 -21.47 29.44
C ARG S 7 -23.61 -22.60 30.37
N LEU S 8 -22.44 -23.20 30.15
CA LEU S 8 -21.97 -24.25 31.04
C LEU S 8 -21.67 -23.70 32.44
N ALA S 9 -21.17 -22.46 32.51
CA ALA S 9 -20.99 -21.81 33.80
C ALA S 9 -22.32 -21.66 34.53
N LYS S 10 -23.37 -21.24 33.83
CA LYS S 10 -24.71 -21.17 34.40
C LYS S 10 -25.15 -22.53 34.94
N GLU S 11 -25.00 -23.56 34.11
CA GLU S 11 -25.37 -24.92 34.52
C GLU S 11 -24.67 -25.32 35.81
N GLN S 12 -23.36 -25.07 35.88
CA GLN S 12 -22.58 -25.47 37.04
C GLN S 12 -22.98 -24.68 38.28
N ALA S 13 -23.27 -23.38 38.13
CA ALA S 13 -23.66 -22.59 39.29
C ALA S 13 -25.00 -23.06 39.86
N GLU S 14 -25.95 -23.38 38.97
CA GLU S 14 -27.21 -23.96 39.42
C GLU S 14 -26.98 -25.25 40.20
N LEU S 15 -26.17 -26.15 39.64
CA LEU S 15 -25.90 -27.42 40.30
C LEU S 15 -25.23 -27.23 41.65
N LEU S 16 -24.32 -26.26 41.74
CA LEU S 16 -23.59 -26.05 42.99
C LEU S 16 -24.51 -25.52 44.07
N LYS S 17 -25.44 -24.62 43.72
CA LYS S 17 -26.40 -24.16 44.72
C LYS S 17 -27.30 -25.29 45.18
N GLU S 18 -27.74 -26.15 44.26
CA GLU S 18 -28.53 -27.31 44.68
C GLU S 18 -27.76 -28.19 45.66
N ILE S 19 -26.48 -28.45 45.35
CA ILE S 19 -25.67 -29.32 46.19
C ILE S 19 -25.48 -28.71 47.57
N LYS S 20 -25.27 -27.39 47.63
CA LYS S 20 -25.08 -26.74 48.92
C LYS S 20 -26.34 -26.81 49.78
N ILE S 21 -27.51 -26.58 49.18
CA ILE S 21 -28.76 -26.70 49.93
C ILE S 21 -28.93 -28.12 50.46
N LEU S 22 -28.62 -29.12 49.63
CA LEU S 22 -28.80 -30.50 50.06
C LEU S 22 -27.84 -30.88 51.18
N VAL S 23 -26.61 -30.36 51.14
CA VAL S 23 -25.66 -30.63 52.22
C VAL S 23 -26.14 -30.02 53.52
N GLU S 24 -26.70 -28.80 53.46
CA GLU S 24 -27.26 -28.19 54.67
C GLU S 24 -28.40 -29.03 55.25
N LEU S 25 -29.29 -29.52 54.39
CA LEU S 25 -30.37 -30.37 54.88
C LEU S 25 -29.86 -31.66 55.49
N ILE S 26 -28.83 -32.26 54.89
CA ILE S 26 -28.26 -33.49 55.42
C ILE S 26 -27.64 -33.26 56.79
N ALA S 27 -26.94 -32.14 56.95
CA ALA S 27 -26.35 -31.80 58.25
C ALA S 27 -27.41 -31.62 59.32
N MET S 28 -28.49 -30.89 59.00
CA MET S 28 -29.58 -30.72 59.96
C MET S 28 -30.19 -32.05 60.35
N LEU S 29 -30.41 -32.93 59.36
CA LEU S 29 -31.04 -34.21 59.66
C LEU S 29 -30.12 -35.08 60.52
N VAL S 30 -28.81 -35.01 60.30
CA VAL S 30 -27.88 -35.76 61.12
C VAL S 30 -27.90 -35.25 62.56
N LYS S 31 -27.95 -33.93 62.75
CA LYS S 31 -28.04 -33.38 64.11
C LYS S 31 -29.35 -33.75 64.79
N VAL S 32 -30.44 -33.87 64.02
CA VAL S 32 -31.69 -34.32 64.60
C VAL S 32 -31.62 -35.78 65.01
N ILE S 33 -30.97 -36.61 64.20
CA ILE S 33 -30.86 -38.04 64.49
C ILE S 33 -29.99 -38.27 65.72
N GLN S 34 -28.95 -37.44 65.91
CA GLN S 34 -28.04 -37.63 67.03
C GLN S 34 -28.76 -37.62 68.37
N LYS S 35 -29.74 -36.74 68.55
CA LYS S 35 -30.44 -36.63 69.82
C LYS S 35 -31.67 -37.54 69.90
N ASP S 36 -32.28 -37.88 68.77
CA ASP S 36 -33.36 -38.85 68.76
C ASP S 36 -33.23 -39.78 67.56
N PRO S 37 -32.67 -40.98 67.76
CA PRO S 37 -32.46 -41.89 66.63
C PRO S 37 -33.77 -42.54 66.20
N SER S 38 -33.87 -42.79 64.89
CA SER S 38 -35.05 -43.41 64.32
C SER S 38 -34.67 -44.10 63.01
N ASP S 39 -35.50 -45.05 62.60
CA ASP S 39 -35.32 -45.75 61.34
C ASP S 39 -35.83 -44.95 60.15
N GLU S 40 -36.92 -44.21 60.34
CA GLU S 40 -37.44 -43.34 59.29
C GLU S 40 -36.44 -42.25 58.95
N ALA S 41 -35.80 -41.69 59.96
CA ALA S 41 -34.80 -40.65 59.73
C ALA S 41 -33.60 -41.19 58.98
N LEU S 42 -33.21 -42.45 59.25
CA LEU S 42 -32.07 -43.02 58.56
C LEU S 42 -32.41 -43.36 57.11
N LYS S 43 -33.65 -43.81 56.85
CA LYS S 43 -34.07 -44.00 55.46
C LYS S 43 -34.10 -42.68 54.70
N ALA S 44 -34.57 -41.60 55.35
CA ALA S 44 -34.57 -40.29 54.71
C ALA S 44 -33.14 -39.81 54.44
N LEU S 45 -32.23 -40.05 55.38
CA LEU S 45 -30.82 -39.72 55.16
C LEU S 45 -30.25 -40.47 53.96
N ALA S 46 -30.59 -41.75 53.83
CA ALA S 46 -30.16 -42.53 52.68
C ALA S 46 -30.67 -41.93 51.38
N GLU S 47 -31.95 -41.57 51.32
CA GLU S 47 -32.49 -40.93 50.12
C GLU S 47 -31.76 -39.64 49.79
N LEU S 48 -31.47 -38.82 50.81
CA LEU S 48 -30.78 -37.56 50.54
C LEU S 48 -29.37 -37.80 50.02
N VAL S 49 -28.67 -38.80 50.56
CA VAL S 49 -27.31 -39.08 50.10
C VAL S 49 -27.33 -39.58 48.65
N ARG S 50 -28.35 -40.37 48.29
CA ARG S 50 -28.48 -40.82 46.90
C ARG S 50 -28.70 -39.63 45.95
N LYS S 51 -29.56 -38.70 46.36
CA LYS S 51 -29.74 -37.46 45.58
C LYS S 51 -28.43 -36.71 45.43
N LEU S 52 -27.65 -36.62 46.50
CA LEU S 52 -26.39 -35.89 46.46
C LEU S 52 -25.41 -36.53 45.49
N LYS S 53 -25.34 -37.86 45.49
CA LYS S 53 -24.50 -38.57 44.53
C LYS S 53 -24.91 -38.25 43.08
N GLU S 54 -26.21 -38.27 42.82
CA GLU S 54 -26.68 -37.95 41.47
C GLU S 54 -26.27 -36.54 41.05
N LEU S 55 -26.41 -35.57 41.97
CA LEU S 55 -26.06 -34.20 41.64
C LEU S 55 -24.55 -34.05 41.41
N VAL S 56 -23.74 -34.77 42.18
CA VAL S 56 -22.29 -34.71 41.96
C VAL S 56 -21.94 -35.26 40.59
N GLU S 57 -22.57 -36.36 40.18
CA GLU S 57 -22.32 -36.90 38.84
C GLU S 57 -22.71 -35.90 37.75
N ASP S 58 -23.85 -35.22 37.92
CA ASP S 58 -24.25 -34.22 36.94
C ASP S 58 -23.25 -33.08 36.84
N MET S 59 -22.78 -32.60 37.99
CA MET S 59 -21.75 -31.56 38.02
C MET S 59 -20.50 -32.02 37.29
N GLU S 60 -20.11 -33.28 37.50
CA GLU S 60 -18.89 -33.82 36.91
C GLU S 60 -19.01 -33.85 35.39
N ARG S 61 -20.16 -34.29 34.89
CA ARG S 61 -20.42 -34.27 33.44
C ARG S 61 -20.29 -32.86 32.88
N SER S 62 -20.98 -31.89 33.50
CA SER S 62 -20.93 -30.52 33.00
C SER S 62 -19.51 -29.98 33.02
N MET S 63 -18.74 -30.29 34.07
CA MET S 63 -17.41 -29.73 34.19
C MET S 63 -16.45 -30.33 33.16
N LYS S 64 -16.57 -31.63 32.88
CA LYS S 64 -15.75 -32.21 31.82
C LYS S 64 -16.11 -31.62 30.45
N GLU S 65 -17.39 -31.42 30.17
CA GLU S 65 -17.73 -30.81 28.89
C GLU S 65 -17.20 -29.39 28.77
N GLN S 66 -17.25 -28.63 29.87
CA GLN S 66 -16.71 -27.27 29.81
C GLN S 66 -15.20 -27.28 29.62
N LEU S 67 -14.49 -28.16 30.34
CA LEU S 67 -13.05 -28.24 30.17
C LEU S 67 -12.68 -28.65 28.75
N TYR S 68 -13.48 -29.54 28.16
CA TYR S 68 -13.25 -29.92 26.77
C TYR S 68 -13.44 -28.73 25.84
N ILE S 69 -14.47 -27.92 26.08
CA ILE S 69 -14.70 -26.75 25.23
C ILE S 69 -13.61 -25.71 25.41
N ILE S 70 -13.00 -25.64 26.59
CA ILE S 70 -11.97 -24.63 26.87
C ILE S 70 -10.82 -24.69 25.87
N LYS S 71 -10.47 -25.87 25.39
CA LYS S 71 -9.38 -25.99 24.41
C LYS S 71 -9.91 -25.86 22.99
N THR T 2 -9.80 22.28 24.20
CA THR T 2 -9.69 21.94 25.61
C THR T 2 -9.53 23.19 26.46
N ASP T 3 -9.89 24.35 25.89
CA ASP T 3 -9.78 25.60 26.63
C ASP T 3 -10.88 25.75 27.66
N GLU T 4 -12.04 25.11 27.46
CA GLU T 4 -13.06 25.07 28.51
C GLU T 4 -12.47 24.57 29.82
N LEU T 5 -11.64 23.53 29.74
CA LEU T 5 -11.08 22.90 30.93
C LEU T 5 -10.15 23.84 31.69
N LEU T 6 -9.16 24.42 31.02
CA LEU T 6 -8.23 25.26 31.74
C LEU T 6 -8.84 26.62 32.07
N ARG T 7 -9.87 27.04 31.34
CA ARG T 7 -10.61 28.23 31.74
C ARG T 7 -11.35 27.99 33.06
N LEU T 8 -11.98 26.82 33.20
CA LEU T 8 -12.61 26.48 34.47
C LEU T 8 -11.58 26.35 35.58
N ALA T 9 -10.39 25.84 35.26
CA ALA T 9 -9.32 25.78 36.26
C ALA T 9 -8.89 27.18 36.69
N LYS T 10 -8.78 28.11 35.73
CA LYS T 10 -8.47 29.51 36.04
C LYS T 10 -9.52 30.11 36.98
N GLU T 11 -10.79 29.88 36.66
CA GLU T 11 -11.87 30.42 37.49
C GLU T 11 -11.80 29.83 38.90
N GLN T 12 -11.52 28.54 39.01
CA GLN T 12 -11.39 27.91 40.32
C GLN T 12 -10.23 28.49 41.11
N ALA T 13 -9.10 28.77 40.45
CA ALA T 13 -7.96 29.34 41.15
C ALA T 13 -8.24 30.75 41.64
N GLU T 14 -8.92 31.56 40.81
CA GLU T 14 -9.33 32.88 41.26
C GLU T 14 -10.25 32.80 42.47
N LEU T 15 -11.23 31.89 42.42
CA LEU T 15 -12.15 31.73 43.53
C LEU T 15 -11.42 31.29 44.80
N LEU T 16 -10.43 30.41 44.66
CA LEU T 16 -9.71 29.93 45.83
C LEU T 16 -8.87 31.03 46.46
N LYS T 17 -8.27 31.90 45.64
CA LYS T 17 -7.54 33.02 46.23
C LYS T 17 -8.47 33.96 46.97
N GLU T 18 -9.64 34.26 46.39
CA GLU T 18 -10.63 35.08 47.10
C GLU T 18 -11.00 34.44 48.43
N ILE T 19 -11.22 33.13 48.43
CA ILE T 19 -11.65 32.42 49.63
C ILE T 19 -10.58 32.47 50.71
N LYS T 20 -9.31 32.31 50.31
CA LYS T 20 -8.23 32.35 51.29
C LYS T 20 -8.07 33.74 51.90
N ILE T 21 -8.17 34.79 51.08
CA ILE T 21 -8.11 36.14 51.61
C ILE T 21 -9.24 36.39 52.61
N LEU T 22 -10.45 35.94 52.28
CA LEU T 22 -11.58 36.18 53.15
C LEU T 22 -11.46 35.41 54.46
N VAL T 23 -10.92 34.18 54.39
CA VAL T 23 -10.73 33.40 55.61
C VAL T 23 -9.68 34.06 56.52
N GLU T 24 -8.62 34.60 55.94
CA GLU T 24 -7.62 35.31 56.75
C GLU T 24 -8.22 36.54 57.42
N LEU T 25 -9.05 37.29 56.69
CA LEU T 25 -9.72 38.43 57.30
C LEU T 25 -10.65 38.01 58.43
N ILE T 26 -11.34 36.88 58.26
CA ILE T 26 -12.25 36.40 59.31
C ILE T 26 -11.46 36.00 60.56
N ALA T 27 -10.32 35.35 60.36
CA ALA T 27 -9.48 34.97 61.50
C ALA T 27 -8.97 36.19 62.26
N MET T 28 -8.52 37.22 61.53
CA MET T 28 -8.08 38.45 62.18
C MET T 28 -9.22 39.10 62.95
N LEU T 29 -10.41 39.14 62.36
CA LEU T 29 -11.55 39.75 63.06
C LEU T 29 -11.93 38.98 64.32
N VAL T 30 -11.80 37.65 64.29
CA VAL T 30 -12.09 36.86 65.48
C VAL T 30 -11.06 37.15 66.57
N LYS T 31 -9.78 37.25 66.21
CA LYS T 31 -8.76 37.62 67.20
C LYS T 31 -9.04 38.99 67.79
N VAL T 32 -9.51 39.93 66.98
CA VAL T 32 -9.82 41.27 67.49
C VAL T 32 -11.03 41.20 68.43
N ILE T 33 -12.03 40.39 68.09
CA ILE T 33 -13.25 40.32 68.91
C ILE T 33 -12.96 39.64 70.25
N GLN T 34 -12.07 38.63 70.26
CA GLN T 34 -11.77 37.94 71.52
C GLN T 34 -11.29 38.92 72.58
N LYS T 35 -10.56 39.96 72.18
CA LYS T 35 -9.97 40.89 73.13
C LYS T 35 -10.90 42.04 73.50
N ASP T 36 -11.55 42.64 72.52
CA ASP T 36 -12.55 43.69 72.78
C ASP T 36 -13.82 43.37 72.00
N PRO T 37 -14.87 42.87 72.64
CA PRO T 37 -16.06 42.47 71.87
C PRO T 37 -17.05 43.61 71.69
N SER T 38 -17.84 43.55 70.63
CA SER T 38 -18.86 44.56 70.36
C SER T 38 -19.87 43.98 69.38
N ASP T 39 -20.95 44.73 69.16
CA ASP T 39 -22.01 44.28 68.26
C ASP T 39 -21.71 44.56 66.80
N GLU T 40 -21.10 45.70 66.50
CA GLU T 40 -20.69 46.01 65.14
C GLU T 40 -19.66 45.00 64.63
N ALA T 41 -18.75 44.58 65.50
CA ALA T 41 -17.78 43.55 65.13
C ALA T 41 -18.47 42.24 64.76
N LEU T 42 -19.49 41.84 65.53
CA LEU T 42 -20.17 40.58 65.23
C LEU T 42 -21.05 40.68 63.99
N LYS T 43 -21.65 41.85 63.73
CA LYS T 43 -22.38 42.03 62.48
C LYS T 43 -21.45 41.96 61.27
N ALA T 44 -20.25 42.55 61.39
CA ALA T 44 -19.28 42.44 60.30
C ALA T 44 -18.80 41.00 60.12
N LEU T 45 -18.61 40.27 61.21
CA LEU T 45 -18.26 38.85 61.11
C LEU T 45 -19.35 38.06 60.40
N ALA T 46 -20.62 38.35 60.73
CA ALA T 46 -21.74 37.69 60.07
C ALA T 46 -21.73 37.96 58.57
N GLU T 47 -21.52 39.22 58.19
CA GLU T 47 -21.45 39.57 56.77
C GLU T 47 -20.31 38.83 56.06
N LEU T 48 -19.16 38.72 56.71
CA LEU T 48 -18.04 38.05 56.09
C LEU T 48 -18.31 36.56 55.91
N VAL T 49 -18.94 35.93 56.90
CA VAL T 49 -19.28 34.51 56.78
C VAL T 49 -20.31 34.29 55.68
N ARG T 50 -21.25 35.22 55.52
CA ARG T 50 -22.22 35.12 54.44
C ARG T 50 -21.55 35.17 53.07
N LYS T 51 -20.61 36.09 52.90
CA LYS T 51 -19.87 36.16 51.63
C LYS T 51 -19.04 34.90 51.41
N LEU T 52 -18.47 34.35 52.48
CA LEU T 52 -17.74 33.08 52.36
C LEU T 52 -18.63 31.96 51.87
N LYS T 53 -19.84 31.85 52.42
CA LYS T 53 -20.79 30.84 51.98
C LYS T 53 -21.09 30.98 50.49
N GLU T 54 -21.33 32.22 50.04
CA GLU T 54 -21.60 32.42 48.62
C GLU T 54 -20.41 32.03 47.75
N LEU T 55 -19.20 32.35 48.20
CA LEU T 55 -18.02 31.99 47.41
C LEU T 55 -17.84 30.49 47.33
N VAL T 56 -18.12 29.77 48.42
CA VAL T 56 -18.02 28.31 48.40
C VAL T 56 -19.06 27.72 47.44
N GLU T 57 -20.27 28.29 47.42
CA GLU T 57 -21.28 27.83 46.47
C GLU T 57 -20.80 27.99 45.03
N ASP T 58 -20.26 29.17 44.71
CA ASP T 58 -19.74 29.40 43.36
C ASP T 58 -18.64 28.40 43.01
N MET T 59 -17.72 28.18 43.95
CA MET T 59 -16.63 27.24 43.74
C MET T 59 -17.15 25.85 43.43
N GLU T 60 -18.15 25.38 44.19
CA GLU T 60 -18.61 24.00 44.00
C GLU T 60 -19.35 23.85 42.68
N ARG T 61 -20.15 24.85 42.30
CA ARG T 61 -20.79 24.82 40.98
C ARG T 61 -19.75 24.68 39.87
N SER T 62 -18.74 25.57 39.88
CA SER T 62 -17.74 25.53 38.83
C SER T 62 -16.96 24.22 38.84
N MET T 63 -16.65 23.69 40.03
CA MET T 63 -15.84 22.49 40.09
C MET T 63 -16.61 21.28 39.57
N LYS T 64 -17.91 21.19 39.89
CA LYS T 64 -18.65 20.04 39.39
C LYS T 64 -18.87 20.13 37.88
N GLU T 65 -19.06 21.33 37.33
CA GLU T 65 -19.18 21.41 35.88
C GLU T 65 -17.86 21.04 35.21
N GLN T 66 -16.73 21.44 35.81
CA GLN T 66 -15.44 21.05 35.25
C GLN T 66 -15.22 19.55 35.34
N LEU T 67 -15.65 18.93 36.44
CA LEU T 67 -15.51 17.48 36.58
C LEU T 67 -16.36 16.74 35.55
N TYR T 68 -17.56 17.24 35.28
CA TYR T 68 -18.38 16.62 34.24
C TYR T 68 -17.73 16.76 32.87
N ILE T 69 -17.16 17.94 32.58
CA ILE T 69 -16.54 18.17 31.28
C ILE T 69 -15.34 17.23 31.09
N ILE T 70 -14.54 17.03 32.14
CA ILE T 70 -13.38 16.16 31.98
C ILE T 70 -13.75 14.68 32.03
N LYS T 71 -14.81 14.30 32.73
CA LYS T 71 -15.18 12.89 32.82
C LYS T 71 -15.86 12.42 31.55
N MET U 3 -16.16 -35.93 -63.82
CA MET U 3 -17.31 -35.32 -64.46
C MET U 3 -18.34 -36.38 -64.79
N GLU U 4 -19.57 -36.20 -64.30
CA GLU U 4 -20.62 -37.18 -64.58
C GLU U 4 -20.91 -37.26 -66.08
N GLU U 5 -20.81 -36.13 -66.78
CA GLU U 5 -21.14 -36.10 -68.20
C GLU U 5 -20.17 -36.95 -69.02
N LEU U 6 -18.87 -36.92 -68.68
CA LEU U 6 -17.90 -37.73 -69.40
C LEU U 6 -18.13 -39.22 -69.18
N PHE U 7 -18.45 -39.63 -67.94
CA PHE U 7 -18.75 -41.03 -67.68
C PHE U 7 -20.03 -41.46 -68.39
N LYS U 8 -21.03 -40.57 -68.41
CA LYS U 8 -22.28 -40.86 -69.10
C LYS U 8 -22.08 -41.00 -70.61
N LYS U 9 -21.13 -40.22 -71.16
CA LYS U 9 -20.90 -40.21 -72.58
C LYS U 9 -20.06 -41.40 -73.04
N HIS U 10 -18.93 -41.63 -72.37
CA HIS U 10 -17.99 -42.66 -72.85
C HIS U 10 -18.33 -44.04 -72.32
N LYS U 11 -18.79 -44.12 -71.07
CA LYS U 11 -19.38 -45.33 -70.48
C LYS U 11 -18.38 -46.46 -70.30
N ILE U 12 -17.09 -46.18 -70.34
CA ILE U 12 -16.07 -47.19 -70.08
C ILE U 12 -14.80 -46.50 -69.62
N VAL U 13 -14.17 -47.07 -68.61
CA VAL U 13 -12.91 -46.58 -68.08
C VAL U 13 -11.92 -47.74 -68.09
N ALA U 14 -10.79 -47.54 -68.76
CA ALA U 14 -9.77 -48.58 -68.83
C ALA U 14 -8.84 -48.42 -67.64
N VAL U 15 -8.82 -49.41 -66.76
CA VAL U 15 -7.99 -49.41 -65.56
C VAL U 15 -6.69 -50.14 -65.88
N LEU U 16 -5.56 -49.42 -65.81
CA LEU U 16 -4.26 -49.94 -66.20
C LEU U 16 -3.43 -50.25 -64.96
N ARG U 17 -3.15 -51.53 -64.77
CA ARG U 17 -2.10 -52.03 -63.89
C ARG U 17 -1.01 -52.65 -64.77
N ALA U 18 0.25 -52.41 -64.42
CA ALA U 18 1.35 -52.85 -65.27
C ALA U 18 2.59 -53.08 -64.42
N ASN U 19 3.52 -53.87 -64.97
CA ASN U 19 4.76 -54.18 -64.26
C ASN U 19 5.78 -53.05 -64.33
N ASP U 20 5.70 -52.20 -65.36
CA ASP U 20 6.63 -51.10 -65.52
C ASP U 20 5.93 -49.94 -66.23
N ALA U 21 6.61 -48.80 -66.27
CA ALA U 21 6.00 -47.58 -66.80
C ALA U 21 5.90 -47.57 -68.32
N GLN U 22 6.85 -48.19 -69.01
CA GLN U 22 6.81 -48.21 -70.47
C GLN U 22 5.62 -49.04 -70.97
N GLU U 23 5.36 -50.18 -70.34
CA GLU U 23 4.19 -50.97 -70.69
C GLU U 23 2.91 -50.20 -70.42
N ALA U 24 2.87 -49.44 -69.34
CA ALA U 24 1.71 -48.62 -69.03
C ALA U 24 1.46 -47.60 -70.14
N ARG U 25 2.52 -46.91 -70.58
CA ARG U 25 2.36 -45.92 -71.63
C ARG U 25 1.93 -46.57 -72.95
N GLU U 26 2.54 -47.71 -73.28
CA GLU U 26 2.17 -48.44 -74.49
C GLU U 26 0.70 -48.83 -74.48
N LYS U 27 0.23 -49.41 -73.36
CA LYS U 27 -1.15 -49.86 -73.31
C LYS U 27 -2.14 -48.71 -73.20
N ALA U 28 -1.77 -47.60 -72.57
CA ALA U 28 -2.65 -46.44 -72.56
C ALA U 28 -2.84 -45.91 -73.97
N LEU U 29 -1.75 -45.80 -74.74
CA LEU U 29 -1.88 -45.40 -76.13
C LEU U 29 -2.74 -46.39 -76.92
N ALA U 30 -2.47 -47.69 -76.75
CA ALA U 30 -3.19 -48.70 -77.52
C ALA U 30 -4.68 -48.69 -77.22
N VAL U 31 -5.06 -48.47 -75.95
CA VAL U 31 -6.47 -48.49 -75.61
C VAL U 31 -7.15 -47.17 -75.93
N PHE U 32 -6.41 -46.07 -76.03
CA PHE U 32 -7.01 -44.85 -76.56
C PHE U 32 -7.26 -44.98 -78.06
N GLU U 33 -6.35 -45.66 -78.76
CA GLU U 33 -6.54 -45.88 -80.20
C GLU U 33 -7.70 -46.81 -80.50
N GLY U 34 -8.05 -47.69 -79.56
CA GLY U 34 -9.22 -48.55 -79.73
C GLY U 34 -10.54 -47.84 -79.56
N GLY U 35 -10.52 -46.64 -78.99
CA GLY U 35 -11.71 -45.84 -78.82
C GLY U 35 -12.13 -45.58 -77.38
N VAL U 36 -11.29 -45.90 -76.40
CA VAL U 36 -11.59 -45.62 -75.01
C VAL U 36 -10.96 -44.29 -74.62
N HIS U 37 -11.78 -43.33 -74.20
CA HIS U 37 -11.31 -42.00 -73.88
C HIS U 37 -11.13 -41.74 -72.39
N LEU U 38 -11.54 -42.64 -71.52
CA LEU U 38 -11.32 -42.54 -70.08
C LEU U 38 -10.31 -43.59 -69.68
N ILE U 39 -9.18 -43.18 -69.12
CA ILE U 39 -8.15 -44.12 -68.70
C ILE U 39 -7.67 -43.83 -67.29
N GLU U 40 -7.37 -44.87 -66.52
CA GLU U 40 -6.92 -44.70 -65.16
C GLU U 40 -5.65 -45.45 -64.95
N ILE U 41 -4.65 -44.77 -64.39
CA ILE U 41 -3.39 -45.39 -64.15
C ILE U 41 -3.35 -45.66 -62.68
N THR U 42 -3.20 -46.90 -62.32
CA THR U 42 -3.23 -47.30 -60.95
C THR U 42 -1.92 -46.99 -60.29
N PHE U 43 -1.96 -46.58 -59.04
CA PHE U 43 -0.76 -46.20 -58.39
C PHE U 43 -0.10 -47.42 -57.87
N THR U 44 -0.09 -48.47 -58.67
CA THR U 44 0.58 -49.70 -58.31
C THR U 44 1.58 -49.90 -59.42
N VAL U 45 1.46 -49.15 -60.49
CA VAL U 45 2.42 -49.17 -61.58
C VAL U 45 3.56 -48.29 -61.13
N PRO U 46 4.81 -48.78 -61.21
CA PRO U 46 5.94 -47.99 -60.68
C PRO U 46 6.18 -46.74 -61.50
N ASN U 47 6.42 -45.64 -60.79
CA ASN U 47 6.52 -44.30 -61.38
C ASN U 47 5.26 -43.99 -62.19
N ALA U 48 4.14 -43.93 -61.49
CA ALA U 48 2.84 -43.74 -62.13
C ALA U 48 2.50 -42.27 -62.34
N ALA U 49 2.93 -41.40 -61.43
CA ALA U 49 2.74 -39.97 -61.68
C ALA U 49 3.54 -39.52 -62.89
N ALA U 50 4.71 -40.13 -63.12
CA ALA U 50 5.46 -39.82 -64.33
C ALA U 50 4.72 -40.28 -65.57
N VAL U 51 4.07 -41.44 -65.52
CA VAL U 51 3.28 -41.91 -66.65
C VAL U 51 2.12 -40.96 -66.93
N ILE U 52 1.45 -40.51 -65.87
CA ILE U 52 0.36 -39.56 -66.03
C ILE U 52 0.87 -38.27 -66.64
N LEU U 53 2.07 -37.83 -66.23
CA LEU U 53 2.61 -36.56 -66.72
C LEU U 53 3.02 -36.67 -68.18
N LEU U 54 3.56 -37.81 -68.59
CA LEU U 54 4.05 -37.99 -69.95
C LEU U 54 2.96 -38.39 -70.94
N LEU U 55 1.70 -38.49 -70.52
CA LEU U 55 0.60 -38.80 -71.41
C LEU U 55 -0.25 -37.58 -71.76
N SER U 56 0.23 -36.37 -71.43
CA SER U 56 -0.53 -35.16 -71.69
C SER U 56 -0.85 -34.94 -73.16
N PHE U 57 -0.04 -35.49 -74.07
CA PHE U 57 -0.31 -35.31 -75.48
C PHE U 57 -1.65 -35.94 -75.88
N LEU U 58 -2.00 -37.07 -75.29
CA LEU U 58 -3.35 -37.60 -75.47
C LEU U 58 -4.38 -36.68 -74.83
N LYS U 59 -4.06 -36.12 -73.66
CA LYS U 59 -4.97 -35.17 -73.01
C LYS U 59 -5.38 -34.07 -73.97
N GLU U 60 -4.42 -33.51 -74.72
CA GLU U 60 -4.78 -32.53 -75.73
C GLU U 60 -5.35 -33.17 -76.98
N LYS U 61 -5.15 -34.47 -77.19
CA LYS U 61 -5.80 -35.18 -78.27
C LYS U 61 -7.23 -35.62 -77.95
N GLY U 62 -7.61 -35.61 -76.67
CA GLY U 62 -9.00 -35.83 -76.30
C GLY U 62 -9.28 -36.88 -75.24
N ALA U 63 -8.22 -37.46 -74.68
CA ALA U 63 -8.38 -38.45 -73.62
C ALA U 63 -8.53 -37.78 -72.25
N ILE U 64 -9.06 -38.54 -71.30
CA ILE U 64 -9.17 -38.10 -69.91
C ILE U 64 -8.41 -39.10 -69.06
N ILE U 65 -7.30 -38.66 -68.45
CA ILE U 65 -6.41 -39.50 -67.67
C ILE U 65 -6.67 -39.26 -66.19
N GLY U 66 -6.69 -40.34 -65.41
CA GLY U 66 -6.92 -40.24 -63.98
C GLY U 66 -6.06 -41.24 -63.23
N ALA U 67 -6.08 -41.10 -61.90
CA ALA U 67 -5.26 -41.91 -61.01
C ALA U 67 -6.15 -42.80 -60.16
N GLY U 68 -5.77 -44.08 -60.03
CA GLY U 68 -6.49 -45.04 -59.23
C GLY U 68 -5.62 -45.64 -58.14
N THR U 69 -6.28 -46.45 -57.31
CA THR U 69 -5.64 -47.11 -56.17
C THR U 69 -4.93 -46.09 -55.28
N VAL U 70 -5.60 -44.98 -55.02
CA VAL U 70 -5.06 -43.92 -54.19
C VAL U 70 -5.53 -44.17 -52.76
N THR U 71 -4.58 -44.40 -51.86
CA THR U 71 -4.91 -44.71 -50.47
C THR U 71 -4.34 -43.70 -49.49
N SER U 72 -3.79 -42.59 -49.96
CA SER U 72 -3.21 -41.58 -49.09
C SER U 72 -3.50 -40.20 -49.67
N GLU U 73 -3.22 -39.17 -48.86
CA GLU U 73 -3.43 -37.79 -49.31
C GLU U 73 -2.26 -37.26 -50.11
N GLU U 74 -1.04 -37.73 -49.84
CA GLU U 74 0.10 -37.28 -50.64
C GLU U 74 0.09 -37.91 -52.02
N GLN U 75 -0.48 -39.12 -52.17
CA GLN U 75 -0.66 -39.64 -53.52
C GLN U 75 -1.70 -38.85 -54.29
N CYS U 76 -2.72 -38.30 -53.62
CA CYS U 76 -3.65 -37.42 -54.30
C CYS U 76 -2.98 -36.12 -54.71
N ALA U 77 -2.14 -35.57 -53.82
CA ALA U 77 -1.37 -34.37 -54.16
C ALA U 77 -0.49 -34.62 -55.37
N LEU U 78 0.22 -35.75 -55.37
CA LEU U 78 1.14 -36.07 -56.47
C LEU U 78 0.40 -36.30 -57.77
N ALA U 79 -0.76 -36.97 -57.72
CA ALA U 79 -1.52 -37.22 -58.93
C ALA U 79 -2.14 -35.95 -59.49
N VAL U 80 -2.57 -35.03 -58.63
CA VAL U 80 -3.09 -33.75 -59.13
C VAL U 80 -1.96 -32.90 -59.68
N LEU U 81 -0.77 -32.99 -59.08
CA LEU U 81 0.38 -32.28 -59.64
C LEU U 81 0.70 -32.77 -61.04
N SER U 82 0.84 -34.09 -61.21
CA SER U 82 1.22 -34.62 -62.51
C SER U 82 0.17 -34.35 -63.57
N GLY U 83 -1.10 -34.19 -63.19
CA GLY U 83 -2.10 -33.81 -64.16
C GLY U 83 -3.32 -34.69 -64.23
N ALA U 84 -3.58 -35.48 -63.19
CA ALA U 84 -4.74 -36.37 -63.16
C ALA U 84 -6.03 -35.57 -63.06
N GLU U 85 -6.95 -35.82 -63.98
CA GLU U 85 -8.23 -35.12 -63.98
C GLU U 85 -9.24 -35.69 -62.99
N PHE U 86 -9.07 -36.94 -62.57
CA PHE U 86 -9.94 -37.50 -61.54
C PHE U 86 -9.14 -38.48 -60.69
N ILE U 87 -9.65 -38.74 -59.49
CA ILE U 87 -9.02 -39.62 -58.52
C ILE U 87 -10.00 -40.73 -58.17
N VAL U 88 -9.49 -41.96 -58.07
CA VAL U 88 -10.30 -43.14 -57.78
C VAL U 88 -9.62 -43.91 -56.66
N SER U 89 -10.43 -44.51 -55.79
CA SER U 89 -9.93 -45.24 -54.64
C SER U 89 -10.72 -46.53 -54.46
N PRO U 90 -10.09 -47.62 -54.05
CA PRO U 90 -10.81 -48.88 -53.84
C PRO U 90 -11.57 -48.97 -52.53
N HIS U 91 -11.61 -47.88 -51.78
CA HIS U 91 -12.24 -47.84 -50.47
C HIS U 91 -12.79 -46.44 -50.28
N LEU U 92 -13.50 -46.24 -49.18
CA LEU U 92 -13.95 -44.92 -48.78
C LEU U 92 -13.02 -44.40 -47.70
N ASP U 93 -12.34 -43.31 -47.99
CA ASP U 93 -11.46 -42.65 -47.02
C ASP U 93 -12.01 -41.26 -46.78
N GLU U 94 -12.35 -40.97 -45.53
CA GLU U 94 -12.98 -39.69 -45.21
C GLU U 94 -12.02 -38.52 -45.36
N GLU U 95 -10.72 -38.72 -45.13
CA GLU U 95 -9.77 -37.63 -45.21
C GLU U 95 -9.44 -37.27 -46.66
N ILE U 96 -9.27 -38.26 -47.53
CA ILE U 96 -9.07 -37.97 -48.95
C ILE U 96 -10.29 -37.27 -49.53
N SER U 97 -11.44 -37.37 -48.87
CA SER U 97 -12.63 -36.68 -49.34
C SER U 97 -12.73 -35.27 -48.78
N GLN U 98 -12.43 -35.08 -47.49
CA GLN U 98 -12.41 -33.74 -46.93
C GLN U 98 -11.37 -32.87 -47.59
N PHE U 99 -10.20 -33.43 -47.92
CA PHE U 99 -9.11 -32.68 -48.50
C PHE U 99 -9.06 -32.79 -50.02
N CYS U 100 -10.19 -33.03 -50.66
CA CYS U 100 -10.29 -33.07 -52.12
C CYS U 100 -11.54 -32.30 -52.45
N LYS U 101 -12.50 -32.22 -51.51
CA LYS U 101 -13.67 -31.37 -51.70
C LYS U 101 -13.31 -29.89 -51.65
N GLU U 102 -12.12 -29.55 -51.15
CA GLU U 102 -11.71 -28.18 -50.97
C GLU U 102 -10.69 -27.72 -52.01
N LYS U 103 -10.16 -28.64 -52.83
CA LYS U 103 -9.29 -28.26 -53.93
C LYS U 103 -9.89 -28.63 -55.29
N GLY U 104 -11.18 -28.94 -55.31
CA GLY U 104 -11.91 -29.06 -56.57
C GLY U 104 -11.46 -30.15 -57.50
N VAL U 105 -11.20 -31.34 -56.99
CA VAL U 105 -10.83 -32.48 -57.83
C VAL U 105 -11.91 -33.54 -57.67
N PHE U 106 -12.24 -34.21 -58.78
CA PHE U 106 -13.29 -35.21 -58.76
C PHE U 106 -12.76 -36.50 -58.13
N TYR U 107 -13.37 -36.90 -57.01
CA TYR U 107 -12.98 -38.07 -56.26
C TYR U 107 -14.10 -39.10 -56.30
N MET U 108 -13.78 -40.34 -56.64
CA MET U 108 -14.76 -41.42 -56.71
C MET U 108 -14.35 -42.56 -55.79
N PRO U 109 -14.86 -42.61 -54.57
CA PRO U 109 -14.49 -43.68 -53.64
C PRO U 109 -15.20 -44.98 -53.98
N GLY U 110 -14.81 -46.03 -53.27
CA GLY U 110 -15.32 -47.38 -53.50
C GLY U 110 -16.10 -47.87 -52.30
N VAL U 111 -17.23 -48.52 -52.56
CA VAL U 111 -18.10 -49.02 -51.50
C VAL U 111 -18.47 -50.46 -51.83
N MET U 112 -18.87 -51.20 -50.80
CA MET U 112 -19.36 -52.56 -51.03
C MET U 112 -20.63 -52.84 -50.24
N THR U 113 -20.92 -52.00 -49.25
CA THR U 113 -22.07 -52.15 -48.36
C THR U 113 -22.89 -50.87 -48.31
N PRO U 114 -24.15 -50.95 -47.87
CA PRO U 114 -24.97 -49.74 -47.76
C PRO U 114 -24.52 -48.76 -46.68
N THR U 115 -23.85 -49.21 -45.63
CA THR U 115 -23.37 -48.28 -44.59
C THR U 115 -22.26 -47.39 -45.14
N GLU U 116 -21.33 -47.99 -45.88
CA GLU U 116 -20.29 -47.23 -46.56
C GLU U 116 -20.90 -46.30 -47.60
N LEU U 117 -21.95 -46.75 -48.29
CA LEU U 117 -22.64 -45.92 -49.26
C LEU U 117 -23.24 -44.69 -48.60
N VAL U 118 -23.89 -44.87 -47.45
CA VAL U 118 -24.51 -43.73 -46.79
C VAL U 118 -23.45 -42.77 -46.25
N LYS U 119 -22.30 -43.30 -45.81
CA LYS U 119 -21.21 -42.40 -45.40
C LYS U 119 -20.68 -41.59 -46.57
N ALA U 120 -20.52 -42.22 -47.73
CA ALA U 120 -20.06 -41.50 -48.91
C ALA U 120 -21.07 -40.45 -49.34
N MET U 121 -22.36 -40.78 -49.27
CA MET U 121 -23.41 -39.82 -49.58
C MET U 121 -23.38 -38.64 -48.62
N LYS U 122 -23.20 -38.91 -47.32
CA LYS U 122 -23.11 -37.85 -46.32
C LYS U 122 -21.85 -37.02 -46.48
N LEU U 123 -20.84 -37.52 -47.18
CA LEU U 123 -19.69 -36.71 -47.54
C LEU U 123 -19.86 -35.99 -48.87
N GLY U 124 -20.95 -36.24 -49.58
CA GLY U 124 -21.28 -35.52 -50.79
C GLY U 124 -21.07 -36.25 -52.10
N HIS U 125 -20.93 -37.57 -52.07
CA HIS U 125 -20.62 -38.34 -53.26
C HIS U 125 -21.88 -38.97 -53.83
N THR U 126 -22.11 -38.76 -55.12
CA THR U 126 -23.26 -39.31 -55.83
C THR U 126 -22.87 -40.39 -56.82
N ILE U 127 -21.65 -40.35 -57.36
CA ILE U 127 -21.13 -41.40 -58.22
C ILE U 127 -20.12 -42.18 -57.41
N LEU U 128 -20.37 -43.48 -57.26
CA LEU U 128 -19.54 -44.33 -56.45
C LEU U 128 -18.91 -45.41 -57.32
N LYS U 129 -17.81 -45.98 -56.82
CA LYS U 129 -17.19 -47.15 -57.41
C LYS U 129 -17.69 -48.39 -56.68
N LEU U 130 -18.14 -49.38 -57.44
CA LEU U 130 -18.60 -50.65 -56.87
C LEU U 130 -17.47 -51.66 -57.02
N PHE U 131 -16.82 -52.00 -55.91
CA PHE U 131 -15.67 -52.86 -55.90
C PHE U 131 -15.67 -53.70 -54.63
N PRO U 132 -15.45 -55.03 -54.74
CA PRO U 132 -15.40 -55.83 -55.96
C PRO U 132 -16.77 -55.99 -56.62
N GLY U 133 -16.85 -55.70 -57.91
CA GLY U 133 -18.13 -55.79 -58.59
C GLY U 133 -18.60 -57.22 -58.77
N GLU U 134 -17.66 -58.15 -58.98
CA GLU U 134 -18.00 -59.54 -59.20
C GLU U 134 -18.59 -60.18 -57.95
N VAL U 135 -18.10 -59.79 -56.78
CA VAL U 135 -18.57 -60.36 -55.52
C VAL U 135 -20.05 -60.05 -55.29
N VAL U 136 -20.49 -58.84 -55.65
CA VAL U 136 -21.85 -58.42 -55.35
C VAL U 136 -22.82 -58.56 -56.52
N GLY U 137 -22.35 -58.47 -57.75
CA GLY U 137 -23.19 -58.66 -58.91
C GLY U 137 -24.13 -57.50 -59.20
N PRO U 138 -24.85 -57.58 -60.32
CA PRO U 138 -25.82 -56.53 -60.66
C PRO U 138 -27.03 -56.50 -59.72
N GLN U 139 -27.24 -57.55 -58.93
CA GLN U 139 -28.33 -57.56 -57.97
C GLN U 139 -28.13 -56.53 -56.88
N PHE U 140 -26.88 -56.21 -56.55
CA PHE U 140 -26.61 -55.15 -55.60
C PHE U 140 -27.03 -53.80 -56.16
N VAL U 141 -26.74 -53.55 -57.44
CA VAL U 141 -27.13 -52.28 -58.05
C VAL U 141 -28.64 -52.18 -58.16
N LYS U 142 -29.30 -53.27 -58.54
CA LYS U 142 -30.75 -53.26 -58.65
C LYS U 142 -31.41 -53.08 -57.29
N ALA U 143 -30.81 -53.62 -56.23
CA ALA U 143 -31.40 -53.52 -54.89
C ALA U 143 -31.21 -52.15 -54.26
N MET U 144 -30.21 -51.37 -54.68
CA MET U 144 -30.02 -50.05 -54.07
C MET U 144 -30.88 -48.97 -54.71
N LYS U 145 -31.60 -49.28 -55.78
CA LYS U 145 -32.42 -48.26 -56.44
C LYS U 145 -33.52 -47.76 -55.52
N GLY U 146 -34.18 -48.67 -54.81
CA GLY U 146 -35.31 -48.33 -53.99
C GLY U 146 -35.01 -47.30 -52.93
N PRO U 147 -34.08 -47.59 -52.03
CA PRO U 147 -33.81 -46.65 -50.94
C PRO U 147 -32.91 -45.49 -51.34
N PHE U 148 -32.06 -45.70 -52.35
CA PHE U 148 -31.11 -44.68 -52.81
C PHE U 148 -31.25 -44.54 -54.31
N PRO U 149 -32.26 -43.80 -54.80
CA PRO U 149 -32.46 -43.71 -56.26
C PRO U 149 -31.52 -42.73 -56.96
N ASN U 150 -30.83 -41.86 -56.23
CA ASN U 150 -29.98 -40.86 -56.87
C ASN U 150 -28.55 -41.33 -57.10
N VAL U 151 -28.14 -42.43 -56.46
CA VAL U 151 -26.74 -42.87 -56.50
C VAL U 151 -26.49 -43.63 -57.79
N LYS U 152 -25.35 -43.35 -58.42
CA LYS U 152 -24.91 -44.02 -59.64
C LYS U 152 -23.64 -44.79 -59.37
N PHE U 153 -23.48 -45.92 -60.05
CA PHE U 153 -22.39 -46.85 -59.78
C PHE U 153 -21.53 -47.05 -61.02
N VAL U 154 -20.22 -47.10 -60.82
CA VAL U 154 -19.27 -47.57 -61.81
C VAL U 154 -18.71 -48.88 -61.26
N PRO U 155 -19.16 -50.03 -61.76
CA PRO U 155 -18.61 -51.30 -61.25
C PRO U 155 -17.23 -51.57 -61.79
N THR U 156 -16.34 -52.03 -60.90
CA THR U 156 -15.00 -52.44 -61.26
C THR U 156 -14.74 -53.80 -60.63
N GLY U 157 -14.19 -54.71 -61.41
CA GLY U 157 -13.92 -56.05 -60.94
C GLY U 157 -14.74 -57.11 -61.65
N GLY U 158 -14.10 -57.89 -62.50
CA GLY U 158 -14.75 -59.02 -63.15
C GLY U 158 -15.74 -58.66 -64.22
N VAL U 159 -15.61 -57.50 -64.85
CA VAL U 159 -16.48 -57.14 -65.96
C VAL U 159 -15.93 -57.72 -67.25
N ASN U 160 -16.78 -58.42 -67.99
CA ASN U 160 -16.40 -59.15 -69.18
C ASN U 160 -17.25 -58.68 -70.35
N LEU U 161 -16.90 -59.15 -71.54
CA LEU U 161 -17.75 -58.92 -72.71
C LEU U 161 -19.13 -59.52 -72.51
N ASP U 162 -19.21 -60.66 -71.82
CA ASP U 162 -20.48 -61.35 -71.67
C ASP U 162 -21.42 -60.62 -70.71
N ASN U 163 -20.93 -60.26 -69.53
CA ASN U 163 -21.79 -59.70 -68.50
C ASN U 163 -21.89 -58.18 -68.53
N VAL U 164 -21.41 -57.52 -69.58
CA VAL U 164 -21.43 -56.05 -69.58
C VAL U 164 -22.83 -55.53 -69.85
N CYS U 165 -23.57 -56.16 -70.78
CA CYS U 165 -24.96 -55.77 -70.96
C CYS U 165 -25.79 -56.02 -69.72
N GLU U 166 -25.46 -57.07 -68.95
CA GLU U 166 -26.13 -57.29 -67.66
C GLU U 166 -25.94 -56.10 -66.73
N TRP U 167 -24.70 -55.61 -66.62
CA TRP U 167 -24.43 -54.47 -65.75
C TRP U 167 -25.13 -53.21 -66.25
N PHE U 168 -25.25 -53.05 -67.57
CA PHE U 168 -25.88 -51.84 -68.07
C PHE U 168 -27.40 -51.89 -67.99
N LYS U 169 -27.99 -53.08 -68.08
CA LYS U 169 -29.40 -53.24 -67.79
C LYS U 169 -29.70 -53.02 -66.32
N ALA U 170 -28.78 -53.44 -65.44
CA ALA U 170 -28.94 -53.18 -64.02
C ALA U 170 -29.03 -51.69 -63.72
N GLY U 171 -28.36 -50.85 -64.50
CA GLY U 171 -28.53 -49.42 -64.33
C GLY U 171 -27.26 -48.63 -64.07
N VAL U 172 -26.10 -49.24 -64.28
CA VAL U 172 -24.85 -48.60 -63.93
C VAL U 172 -24.57 -47.42 -64.85
N LEU U 173 -23.81 -46.45 -64.35
CA LEU U 173 -23.46 -45.28 -65.14
C LEU U 173 -22.35 -45.59 -66.14
N ALA U 174 -21.30 -46.28 -65.70
CA ALA U 174 -20.21 -46.73 -66.54
C ALA U 174 -19.65 -48.01 -65.93
N VAL U 175 -18.65 -48.58 -66.59
CA VAL U 175 -17.95 -49.76 -66.10
C VAL U 175 -16.45 -49.51 -66.18
N GLY U 176 -15.70 -50.03 -65.23
CA GLY U 176 -14.25 -50.02 -65.30
C GLY U 176 -13.75 -51.41 -65.60
N VAL U 177 -13.04 -51.55 -66.71
CA VAL U 177 -12.57 -52.84 -67.19
C VAL U 177 -11.05 -52.90 -67.06
N GLY U 178 -10.56 -53.96 -66.44
CA GLY U 178 -9.14 -54.17 -66.28
C GLY U 178 -8.60 -55.35 -67.06
N SER U 179 -8.35 -56.46 -66.37
CA SER U 179 -7.72 -57.66 -66.93
C SER U 179 -8.30 -58.07 -68.28
N ALA U 180 -9.61 -57.92 -68.46
CA ALA U 180 -10.24 -58.31 -69.71
C ALA U 180 -10.03 -57.30 -70.83
N LEU U 181 -9.36 -56.18 -70.55
CA LEU U 181 -9.08 -55.16 -71.56
C LEU U 181 -7.59 -54.99 -71.78
N VAL U 182 -6.81 -54.82 -70.72
CA VAL U 182 -5.42 -54.41 -70.85
C VAL U 182 -4.43 -55.57 -70.91
N LYS U 183 -4.85 -56.79 -70.57
CA LYS U 183 -3.93 -57.93 -70.62
C LYS U 183 -3.47 -58.18 -72.05
N GLY U 184 -2.30 -58.82 -72.17
CA GLY U 184 -1.77 -59.19 -73.47
C GLY U 184 -0.80 -58.19 -74.04
N THR U 185 -0.41 -58.45 -75.29
CA THR U 185 0.50 -57.58 -76.00
C THR U 185 -0.20 -56.25 -76.33
N PRO U 186 0.58 -55.18 -76.58
CA PRO U 186 -0.04 -53.86 -76.75
C PRO U 186 -0.79 -53.68 -78.06
N ASP U 187 -0.97 -54.76 -78.83
CA ASP U 187 -1.81 -54.68 -80.02
C ASP U 187 -3.09 -55.49 -79.86
N GLU U 188 -3.09 -56.52 -79.03
CA GLU U 188 -4.34 -57.20 -78.68
C GLU U 188 -5.25 -56.30 -77.87
N VAL U 189 -4.66 -55.42 -77.05
CA VAL U 189 -5.45 -54.45 -76.30
C VAL U 189 -6.20 -53.53 -77.26
N ARG U 190 -5.59 -53.21 -78.40
CA ARG U 190 -6.22 -52.30 -79.34
C ARG U 190 -7.48 -52.92 -79.94
N GLU U 191 -7.54 -54.24 -80.04
CA GLU U 191 -8.71 -54.94 -80.55
C GLU U 191 -9.72 -55.23 -79.45
N LYS U 192 -9.26 -55.52 -78.24
CA LYS U 192 -10.18 -55.68 -77.12
C LYS U 192 -10.94 -54.38 -76.85
N ALA U 193 -10.27 -53.23 -76.99
CA ALA U 193 -10.95 -51.96 -76.84
C ALA U 193 -12.04 -51.79 -77.91
N LYS U 194 -11.73 -52.16 -79.16
CA LYS U 194 -12.74 -52.11 -80.20
C LYS U 194 -13.94 -52.99 -79.86
N ALA U 195 -13.66 -54.21 -79.40
CA ALA U 195 -14.73 -55.13 -79.04
C ALA U 195 -15.61 -54.56 -77.94
N PHE U 196 -15.00 -54.00 -76.89
CA PHE U 196 -15.78 -53.45 -75.80
C PHE U 196 -16.59 -52.24 -76.24
N VAL U 197 -15.99 -51.34 -77.03
CA VAL U 197 -16.71 -50.14 -77.46
C VAL U 197 -17.85 -50.51 -78.39
N GLU U 198 -17.69 -51.56 -79.19
CA GLU U 198 -18.80 -52.02 -80.03
C GLU U 198 -19.88 -52.69 -79.20
N LYS U 199 -19.51 -53.52 -78.24
CA LYS U 199 -20.51 -54.23 -77.44
C LYS U 199 -21.33 -53.27 -76.58
N ILE U 200 -20.67 -52.29 -75.96
CA ILE U 200 -21.39 -51.37 -75.08
C ILE U 200 -22.41 -50.55 -75.86
N ARG U 201 -22.15 -50.29 -77.14
CA ARG U 201 -23.14 -49.65 -77.98
C ARG U 201 -24.17 -50.63 -78.51
N GLY U 202 -23.80 -51.91 -78.59
CA GLY U 202 -24.79 -52.94 -78.90
C GLY U 202 -25.79 -53.15 -77.77
N CYS U 203 -25.32 -53.15 -76.52
CA CYS U 203 -26.20 -53.37 -75.38
C CYS U 203 -27.29 -52.32 -75.36
N MET V 3 59.85 15.79 -42.02
CA MET V 3 59.63 17.08 -42.65
C MET V 3 59.85 17.00 -44.16
N GLU V 4 59.06 17.79 -44.91
CA GLU V 4 59.30 17.92 -46.34
C GLU V 4 60.62 18.58 -46.64
N GLU V 5 61.15 19.37 -45.71
CA GLU V 5 62.37 20.14 -45.95
C GLU V 5 63.59 19.23 -46.11
N LEU V 6 63.65 18.13 -45.34
CA LEU V 6 64.81 17.25 -45.44
C LEU V 6 64.83 16.48 -46.76
N PHE V 7 63.67 15.98 -47.20
CA PHE V 7 63.61 15.36 -48.54
C PHE V 7 63.90 16.38 -49.62
N LYS V 8 63.39 17.60 -49.46
CA LYS V 8 63.63 18.66 -50.42
C LYS V 8 65.12 18.97 -50.54
N LYS V 9 65.83 18.96 -49.40
CA LYS V 9 67.24 19.33 -49.38
C LYS V 9 68.13 18.19 -49.88
N HIS V 10 67.97 16.99 -49.32
CA HIS V 10 68.93 15.92 -49.55
C HIS V 10 68.60 15.13 -50.81
N LYS V 11 67.32 14.93 -51.12
CA LYS V 11 66.84 14.41 -52.40
C LYS V 11 67.20 12.95 -52.62
N ILE V 12 67.60 12.23 -51.58
CA ILE V 12 67.93 10.82 -51.72
C ILE V 12 67.79 10.16 -50.36
N VAL V 13 67.20 8.97 -50.35
CA VAL V 13 67.02 8.18 -49.15
C VAL V 13 67.57 6.80 -49.43
N ALA V 14 68.57 6.38 -48.67
CA ALA V 14 69.08 5.02 -48.79
C ALA V 14 68.11 4.08 -48.09
N VAL V 15 67.83 2.94 -48.73
CA VAL V 15 66.97 1.90 -48.17
C VAL V 15 67.83 0.68 -47.91
N LEU V 16 68.05 0.36 -46.63
CA LEU V 16 68.93 -0.72 -46.24
C LEU V 16 68.12 -1.96 -45.94
N ARG V 17 68.26 -2.98 -46.79
CA ARG V 17 67.95 -4.35 -46.47
C ARG V 17 69.26 -5.12 -46.36
N ALA V 18 69.32 -6.04 -45.40
CA ALA V 18 70.56 -6.75 -45.12
C ALA V 18 70.25 -8.08 -44.47
N ASN V 19 71.18 -9.01 -44.58
CA ASN V 19 71.01 -10.34 -44.00
C ASN V 19 71.41 -10.37 -42.53
N ASP V 20 72.29 -9.45 -42.11
CA ASP V 20 72.77 -9.36 -40.74
C ASP V 20 72.51 -7.94 -40.22
N ALA V 21 72.67 -7.77 -38.91
CA ALA V 21 72.58 -6.44 -38.33
C ALA V 21 73.93 -5.71 -38.36
N GLN V 22 75.04 -6.46 -38.27
CA GLN V 22 76.34 -5.83 -38.38
C GLN V 22 76.59 -5.32 -39.79
N GLU V 23 76.20 -6.09 -40.80
CA GLU V 23 76.31 -5.64 -42.18
C GLU V 23 75.43 -4.41 -42.42
N ALA V 24 74.26 -4.38 -41.79
CA ALA V 24 73.41 -3.20 -41.88
C ALA V 24 74.08 -1.97 -41.29
N ARG V 25 74.72 -2.12 -40.12
CA ARG V 25 75.40 -0.97 -39.51
C ARG V 25 76.59 -0.52 -40.35
N GLU V 26 77.36 -1.47 -40.89
CA GLU V 26 78.49 -1.14 -41.75
C GLU V 26 78.03 -0.36 -42.97
N LYS V 27 76.99 -0.84 -43.65
CA LYS V 27 76.53 -0.17 -44.86
C LYS V 27 75.86 1.17 -44.56
N ALA V 28 75.16 1.28 -43.42
CA ALA V 28 74.61 2.59 -43.06
C ALA V 28 75.72 3.60 -42.85
N LEU V 29 76.80 3.21 -42.17
CA LEU V 29 77.93 4.12 -42.01
C LEU V 29 78.57 4.47 -43.34
N ALA V 30 78.76 3.49 -44.22
CA ALA V 30 79.38 3.77 -45.52
C ALA V 30 78.51 4.71 -46.36
N VAL V 31 77.19 4.51 -46.31
CA VAL V 31 76.28 5.38 -47.05
C VAL V 31 76.34 6.80 -46.51
N PHE V 32 76.38 6.97 -45.18
CA PHE V 32 76.47 8.31 -44.63
C PHE V 32 77.81 8.96 -44.98
N GLU V 33 78.87 8.16 -45.05
CA GLU V 33 80.16 8.69 -45.49
C GLU V 33 80.12 9.11 -46.96
N GLY V 34 79.32 8.43 -47.77
CA GLY V 34 79.22 8.79 -49.18
C GLY V 34 78.50 10.10 -49.43
N GLY V 35 77.74 10.59 -48.46
CA GLY V 35 77.03 11.84 -48.60
C GLY V 35 75.52 11.75 -48.51
N VAL V 36 74.97 10.59 -48.21
CA VAL V 36 73.52 10.42 -48.06
C VAL V 36 73.18 10.60 -46.58
N HIS V 37 72.40 11.62 -46.28
CA HIS V 37 72.03 11.93 -44.90
C HIS V 37 70.68 11.39 -44.50
N LEU V 38 69.92 10.82 -45.43
CA LEU V 38 68.63 10.19 -45.13
C LEU V 38 68.78 8.69 -45.31
N ILE V 39 68.65 7.94 -44.21
CA ILE V 39 68.84 6.50 -44.24
C ILE V 39 67.60 5.86 -43.63
N GLU V 40 67.18 4.74 -44.22
CA GLU V 40 66.03 3.98 -43.76
C GLU V 40 66.47 2.54 -43.58
N ILE V 41 66.21 1.98 -42.41
CA ILE V 41 66.50 0.59 -42.11
C ILE V 41 65.20 -0.17 -42.27
N THR V 42 65.18 -1.21 -43.11
CA THR V 42 63.94 -1.92 -43.30
C THR V 42 63.75 -2.95 -42.18
N PHE V 43 62.49 -3.17 -41.82
CA PHE V 43 62.17 -4.12 -40.76
C PHE V 43 62.21 -5.56 -41.22
N THR V 44 62.78 -5.83 -42.39
CA THR V 44 63.17 -7.17 -42.77
C THR V 44 64.59 -7.50 -42.37
N VAL V 45 65.37 -6.50 -41.95
CA VAL V 45 66.68 -6.74 -41.37
C VAL V 45 66.50 -7.34 -39.98
N PRO V 46 67.14 -8.46 -39.66
CA PRO V 46 66.97 -9.05 -38.32
C PRO V 46 67.54 -8.12 -37.25
N ASN V 47 66.74 -7.89 -36.20
CA ASN V 47 67.10 -7.01 -35.10
C ASN V 47 67.31 -5.58 -35.61
N ALA V 48 66.25 -5.02 -36.20
CA ALA V 48 66.36 -3.73 -36.86
C ALA V 48 66.21 -2.56 -35.91
N ALA V 49 65.36 -2.69 -34.89
CA ALA V 49 65.25 -1.61 -33.90
C ALA V 49 66.55 -1.44 -33.13
N ALA V 50 67.27 -2.53 -32.88
CA ALA V 50 68.59 -2.43 -32.27
C ALA V 50 69.56 -1.67 -33.17
N VAL V 51 69.49 -1.91 -34.48
CA VAL V 51 70.35 -1.19 -35.41
C VAL V 51 70.02 0.31 -35.40
N ILE V 52 68.73 0.64 -35.38
CA ILE V 52 68.34 2.05 -35.30
C ILE V 52 68.82 2.67 -34.00
N LEU V 53 68.79 1.90 -32.90
CA LEU V 53 69.24 2.41 -31.61
C LEU V 53 70.74 2.67 -31.59
N LEU V 54 71.52 1.77 -32.17
CA LEU V 54 72.98 1.88 -32.11
C LEU V 54 73.54 2.83 -33.16
N LEU V 55 72.71 3.36 -34.05
CA LEU V 55 73.11 4.37 -35.03
C LEU V 55 72.83 5.78 -34.56
N SER V 56 72.80 6.01 -33.24
CA SER V 56 72.47 7.31 -32.70
C SER V 56 73.66 8.25 -32.61
N PHE V 57 74.87 7.77 -32.91
CA PHE V 57 76.01 8.66 -33.03
C PHE V 57 76.06 9.35 -34.38
N LEU V 58 75.44 8.75 -35.41
CA LEU V 58 75.23 9.44 -36.67
C LEU V 58 74.14 10.50 -36.55
N LYS V 59 73.16 10.25 -35.69
CA LYS V 59 72.14 11.25 -35.41
C LYS V 59 72.76 12.54 -34.89
N GLU V 60 73.92 12.45 -34.26
CA GLU V 60 74.66 13.60 -33.76
C GLU V 60 75.48 14.26 -34.85
N LYS V 61 75.85 13.51 -35.88
CA LYS V 61 76.70 13.99 -36.97
C LYS V 61 75.90 14.58 -38.12
N GLY V 62 74.59 14.38 -38.16
CA GLY V 62 73.75 15.02 -39.17
C GLY V 62 72.85 14.10 -39.95
N ALA V 63 72.87 12.80 -39.65
CA ALA V 63 72.06 11.84 -40.37
C ALA V 63 70.64 11.80 -39.82
N ILE V 64 69.71 11.38 -40.66
CA ILE V 64 68.31 11.16 -40.28
C ILE V 64 67.97 9.71 -40.56
N ILE V 65 67.73 8.94 -39.49
CA ILE V 65 67.47 7.51 -39.57
C ILE V 65 65.98 7.27 -39.43
N GLY V 66 65.44 6.36 -40.24
CA GLY V 66 64.04 6.02 -40.19
C GLY V 66 63.83 4.53 -40.37
N ALA V 67 62.59 4.11 -40.21
CA ALA V 67 62.21 2.71 -40.31
C ALA V 67 61.33 2.47 -41.52
N GLY V 68 61.58 1.38 -42.24
CA GLY V 68 60.81 1.01 -43.40
C GLY V 68 60.18 -0.37 -43.27
N THR V 69 59.33 -0.70 -44.22
CA THR V 69 58.60 -1.97 -44.26
C THR V 69 57.78 -2.19 -42.99
N VAL V 70 57.23 -1.11 -42.44
CA VAL V 70 56.42 -1.21 -41.23
C VAL V 70 55.00 -1.57 -41.63
N THR V 71 54.56 -2.77 -41.26
CA THR V 71 53.24 -3.27 -41.61
C THR V 71 52.36 -3.47 -40.39
N SER V 72 52.74 -2.92 -39.23
CA SER V 72 51.98 -3.12 -38.01
C SER V 72 52.09 -1.87 -37.14
N GLU V 73 51.27 -1.82 -36.09
CA GLU V 73 51.32 -0.71 -35.15
C GLU V 73 52.35 -0.94 -34.06
N GLU V 74 52.56 -2.20 -33.67
CA GLU V 74 53.61 -2.53 -32.72
C GLU V 74 54.99 -2.26 -33.31
N GLN V 75 55.15 -2.47 -34.62
CA GLN V 75 56.43 -2.14 -35.25
C GLN V 75 56.67 -0.64 -35.25
N CYS V 76 55.61 0.15 -35.45
CA CYS V 76 55.74 1.60 -35.37
C CYS V 76 56.13 2.02 -33.96
N ALA V 77 55.51 1.42 -32.95
CA ALA V 77 55.87 1.73 -31.57
C ALA V 77 57.32 1.38 -31.27
N LEU V 78 57.75 0.19 -31.70
CA LEU V 78 59.13 -0.24 -31.49
C LEU V 78 60.12 0.68 -32.18
N ALA V 79 59.80 1.11 -33.40
CA ALA V 79 60.72 1.95 -34.16
C ALA V 79 60.78 3.36 -33.60
N VAL V 80 59.66 3.88 -33.08
CA VAL V 80 59.70 5.20 -32.47
C VAL V 80 60.40 5.15 -31.12
N LEU V 81 60.28 4.02 -30.39
CA LEU V 81 61.07 3.84 -29.18
C LEU V 81 62.56 3.83 -29.48
N SER V 82 62.96 3.08 -30.51
CA SER V 82 64.37 2.94 -30.81
C SER V 82 65.00 4.24 -31.31
N GLY V 83 64.19 5.23 -31.69
CA GLY V 83 64.70 6.53 -32.10
C GLY V 83 64.53 6.89 -33.57
N ALA V 84 63.60 6.27 -34.27
CA ALA V 84 63.40 6.57 -35.69
C ALA V 84 62.75 7.93 -35.87
N GLU V 85 63.25 8.68 -36.87
CA GLU V 85 62.71 10.01 -37.16
C GLU V 85 61.52 9.97 -38.10
N PHE V 86 61.39 8.94 -38.94
CA PHE V 86 60.24 8.81 -39.82
C PHE V 86 59.92 7.32 -39.98
N ILE V 87 58.67 7.05 -40.31
CA ILE V 87 58.17 5.70 -40.57
C ILE V 87 57.74 5.62 -42.02
N VAL V 88 58.12 4.53 -42.69
CA VAL V 88 57.74 4.29 -44.08
C VAL V 88 57.05 2.93 -44.14
N SER V 89 56.15 2.78 -45.11
CA SER V 89 55.37 1.57 -45.30
C SER V 89 55.21 1.32 -46.79
N PRO V 90 55.27 0.06 -47.24
CA PRO V 90 55.15 -0.24 -48.67
C PRO V 90 53.70 -0.24 -49.16
N HIS V 91 52.80 0.23 -48.32
CA HIS V 91 51.37 0.11 -48.54
C HIS V 91 50.69 1.17 -47.69
N LEU V 92 49.43 1.41 -47.99
CA LEU V 92 48.64 2.37 -47.23
C LEU V 92 47.89 1.64 -46.13
N ASP V 93 48.15 1.99 -44.87
CA ASP V 93 47.46 1.42 -43.74
C ASP V 93 46.74 2.54 -43.00
N GLU V 94 45.42 2.41 -42.87
CA GLU V 94 44.62 3.46 -42.22
C GLU V 94 44.90 3.55 -40.73
N GLU V 95 45.09 2.40 -40.07
CA GLU V 95 45.27 2.41 -38.62
C GLU V 95 46.64 2.94 -38.23
N ILE V 96 47.69 2.61 -38.99
CA ILE V 96 48.99 3.19 -38.71
C ILE V 96 48.94 4.71 -38.81
N SER V 97 48.18 5.23 -39.78
CA SER V 97 48.04 6.68 -39.89
C SER V 97 47.26 7.25 -38.72
N GLN V 98 46.13 6.61 -38.38
CA GLN V 98 45.31 7.05 -37.26
C GLN V 98 46.13 7.16 -35.98
N PHE V 99 46.96 6.15 -35.71
CA PHE V 99 47.71 6.09 -34.46
C PHE V 99 49.11 6.67 -34.56
N CYS V 100 49.50 7.19 -35.71
CA CYS V 100 50.78 7.89 -35.88
C CYS V 100 50.49 9.35 -35.80
N LYS V 101 49.28 9.78 -36.17
CA LYS V 101 48.92 11.17 -35.91
C LYS V 101 48.90 11.46 -34.42
N GLU V 102 48.48 10.47 -33.61
CA GLU V 102 48.46 10.65 -32.16
C GLU V 102 49.88 10.74 -31.59
N LYS V 103 50.82 9.98 -32.15
CA LYS V 103 52.21 10.02 -31.71
C LYS V 103 52.91 11.29 -32.18
N GLY V 104 52.40 11.93 -33.22
CA GLY V 104 53.10 13.05 -33.83
C GLY V 104 54.36 12.67 -34.56
N VAL V 105 54.37 11.51 -35.22
CA VAL V 105 55.52 11.03 -35.98
C VAL V 105 55.19 11.13 -37.45
N PHE V 106 56.23 11.34 -38.27
CA PHE V 106 56.05 11.51 -39.70
C PHE V 106 55.92 10.13 -40.36
N TYR V 107 54.80 9.90 -41.03
CA TYR V 107 54.49 8.64 -41.68
C TYR V 107 54.33 8.86 -43.17
N MET V 108 55.02 8.06 -43.97
CA MET V 108 54.91 8.11 -45.43
C MET V 108 54.39 6.78 -45.98
N PRO V 109 53.10 6.65 -46.25
CA PRO V 109 52.59 5.39 -46.79
C PRO V 109 52.97 5.21 -48.25
N GLY V 110 52.60 4.08 -48.84
CA GLY V 110 52.92 3.78 -50.22
C GLY V 110 51.67 3.53 -51.04
N VAL V 111 51.60 4.15 -52.21
CA VAL V 111 50.43 4.04 -53.07
C VAL V 111 50.90 3.59 -54.45
N MET V 112 49.97 3.01 -55.20
CA MET V 112 50.24 2.67 -56.58
C MET V 112 49.11 3.03 -57.54
N THR V 113 47.89 3.29 -57.04
CA THR V 113 46.73 3.68 -57.83
C THR V 113 46.18 5.00 -57.31
N PRO V 114 45.38 5.70 -58.12
CA PRO V 114 44.78 6.96 -57.64
C PRO V 114 43.76 6.81 -56.53
N THR V 115 43.10 5.65 -56.39
CA THR V 115 42.16 5.46 -55.30
C THR V 115 42.89 5.42 -53.95
N GLU V 116 44.01 4.69 -53.90
CA GLU V 116 44.87 4.72 -52.71
C GLU V 116 45.36 6.13 -52.44
N LEU V 117 45.69 6.87 -53.50
CA LEU V 117 46.18 8.23 -53.33
C LEU V 117 45.13 9.10 -52.67
N VAL V 118 43.88 9.01 -53.13
CA VAL V 118 42.84 9.84 -52.54
C VAL V 118 42.54 9.40 -51.11
N LYS V 119 42.67 8.12 -50.80
CA LYS V 119 42.49 7.68 -49.42
C LYS V 119 43.58 8.24 -48.51
N ALA V 120 44.82 8.23 -49.00
CA ALA V 120 45.93 8.79 -48.22
C ALA V 120 45.76 10.29 -48.04
N MET V 121 45.28 11.00 -49.06
CA MET V 121 45.03 12.42 -48.92
C MET V 121 43.90 12.71 -47.96
N LYS V 122 42.84 11.89 -47.97
CA LYS V 122 41.79 12.02 -46.97
C LYS V 122 42.27 11.70 -45.56
N LEU V 123 43.36 10.95 -45.44
CA LEU V 123 43.96 10.73 -44.13
C LEU V 123 45.00 11.79 -43.76
N GLY V 124 45.35 12.68 -44.69
CA GLY V 124 46.20 13.81 -44.39
C GLY V 124 47.54 13.84 -45.10
N HIS V 125 47.89 12.84 -45.90
CA HIS V 125 49.25 12.71 -46.41
C HIS V 125 49.38 13.43 -47.74
N THR V 126 50.36 14.33 -47.85
CA THR V 126 50.68 14.99 -49.10
C THR V 126 51.99 14.50 -49.72
N ILE V 127 52.85 13.85 -48.94
CA ILE V 127 54.06 13.23 -49.45
C ILE V 127 53.83 11.72 -49.41
N LEU V 128 53.90 11.07 -50.56
CA LEU V 128 53.61 9.66 -50.66
C LEU V 128 54.83 8.94 -51.19
N LYS V 129 54.92 7.65 -50.86
CA LYS V 129 55.91 6.77 -51.44
C LYS V 129 55.28 6.07 -52.66
N LEU V 130 55.99 6.08 -53.78
CA LEU V 130 55.48 5.48 -55.00
C LEU V 130 56.21 4.16 -55.20
N PHE V 131 55.50 3.06 -54.96
CA PHE V 131 56.09 1.73 -54.95
C PHE V 131 55.11 0.73 -55.53
N PRO V 132 55.54 -0.13 -56.46
CA PRO V 132 56.87 -0.13 -57.07
C PRO V 132 57.01 0.85 -58.23
N GLY V 133 58.11 1.60 -58.22
CA GLY V 133 58.24 2.72 -59.14
C GLY V 133 58.44 2.32 -60.58
N GLU V 134 59.24 1.28 -60.82
CA GLU V 134 59.54 0.88 -62.20
C GLU V 134 58.32 0.28 -62.89
N VAL V 135 57.40 -0.31 -62.12
CA VAL V 135 56.16 -0.82 -62.70
C VAL V 135 55.35 0.30 -63.32
N VAL V 136 55.21 1.41 -62.59
CA VAL V 136 54.39 2.54 -63.07
C VAL V 136 55.23 3.52 -63.88
N GLY V 137 56.38 3.93 -63.37
CA GLY V 137 57.28 4.79 -64.12
C GLY V 137 57.03 6.26 -63.87
N PRO V 138 57.90 7.12 -64.40
CA PRO V 138 57.69 8.57 -64.26
C PRO V 138 56.47 9.08 -64.99
N GLN V 139 55.94 8.31 -65.94
CA GLN V 139 54.70 8.68 -66.61
C GLN V 139 53.54 8.75 -65.63
N PHE V 140 53.54 7.91 -64.59
CA PHE V 140 52.52 8.00 -63.55
C PHE V 140 52.60 9.33 -62.84
N VAL V 141 53.82 9.78 -62.50
CA VAL V 141 53.98 11.04 -61.79
C VAL V 141 53.57 12.21 -62.67
N LYS V 142 53.92 12.15 -63.96
CA LYS V 142 53.48 13.20 -64.88
C LYS V 142 51.96 13.23 -65.02
N ALA V 143 51.33 12.06 -65.14
CA ALA V 143 49.89 12.00 -65.32
C ALA V 143 49.13 12.42 -64.08
N MET V 144 49.73 12.27 -62.91
CA MET V 144 48.98 12.61 -61.71
C MET V 144 49.08 14.07 -61.33
N LYS V 145 49.87 14.88 -62.06
CA LYS V 145 50.00 16.29 -61.74
C LYS V 145 48.68 17.04 -61.90
N GLY V 146 47.97 16.77 -62.99
CA GLY V 146 46.77 17.51 -63.33
C GLY V 146 45.73 17.52 -62.25
N PRO V 147 45.14 16.37 -61.93
CA PRO V 147 44.10 16.35 -60.89
C PRO V 147 44.62 16.61 -59.49
N PHE V 148 45.79 16.07 -59.15
CA PHE V 148 46.35 16.20 -57.82
C PHE V 148 47.65 17.00 -57.85
N PRO V 149 47.60 18.34 -57.84
CA PRO V 149 48.82 19.13 -57.95
C PRO V 149 49.60 19.31 -56.65
N ASN V 150 49.03 18.94 -55.50
CA ASN V 150 49.65 19.19 -54.20
C ASN V 150 50.29 17.96 -53.60
N VAL V 151 50.53 16.93 -54.40
CA VAL V 151 51.06 15.65 -53.93
C VAL V 151 52.48 15.49 -54.45
N LYS V 152 53.42 15.19 -53.56
CA LYS V 152 54.80 14.90 -53.91
C LYS V 152 55.05 13.41 -53.75
N PHE V 153 55.90 12.85 -54.61
CA PHE V 153 56.21 11.43 -54.60
C PHE V 153 57.67 11.18 -54.32
N VAL V 154 57.95 10.15 -53.53
CA VAL V 154 59.28 9.57 -53.39
C VAL V 154 59.22 8.21 -54.06
N PRO V 155 59.75 8.04 -55.27
CA PRO V 155 59.71 6.74 -55.92
C PRO V 155 60.71 5.78 -55.27
N THR V 156 60.26 4.54 -55.07
CA THR V 156 61.12 3.48 -54.56
C THR V 156 60.97 2.26 -55.46
N GLY V 157 62.09 1.71 -55.89
CA GLY V 157 62.10 0.56 -56.77
C GLY V 157 62.58 0.87 -58.16
N GLY V 158 63.65 0.19 -58.58
CA GLY V 158 64.16 0.32 -59.93
C GLY V 158 64.74 1.67 -60.28
N VAL V 159 65.31 2.39 -59.32
CA VAL V 159 65.97 3.66 -59.58
C VAL V 159 67.45 3.40 -59.80
N ASN V 160 67.94 3.69 -61.00
CA ASN V 160 69.31 3.44 -61.40
C ASN V 160 70.05 4.77 -61.54
N LEU V 161 71.33 4.68 -61.89
CA LEU V 161 72.06 5.88 -62.28
C LEU V 161 71.53 6.43 -63.60
N ASP V 162 71.12 5.55 -64.51
CA ASP V 162 70.68 6.00 -65.83
C ASP V 162 69.36 6.75 -65.76
N ASN V 163 68.36 6.17 -65.10
CA ASN V 163 67.01 6.72 -65.09
C ASN V 163 66.73 7.67 -63.92
N VAL V 164 67.76 8.09 -63.19
CA VAL V 164 67.49 8.94 -62.03
C VAL V 164 67.17 10.36 -62.45
N CYS V 165 67.65 10.80 -63.61
CA CYS V 165 67.39 12.17 -64.03
C CYS V 165 65.97 12.35 -64.55
N GLU V 166 65.44 11.35 -65.25
CA GLU V 166 64.07 11.45 -65.75
C GLU V 166 63.05 11.35 -64.63
N TRP V 167 63.43 10.81 -63.47
CA TRP V 167 62.54 10.85 -62.32
C TRP V 167 62.40 12.25 -61.76
N PHE V 168 63.48 13.03 -61.77
CA PHE V 168 63.44 14.41 -61.30
C PHE V 168 62.88 15.36 -62.34
N LYS V 169 63.02 15.04 -63.64
CA LYS V 169 62.33 15.82 -64.66
C LYS V 169 60.82 15.70 -64.50
N ALA V 170 60.34 14.53 -64.09
CA ALA V 170 58.92 14.34 -63.84
C ALA V 170 58.44 15.01 -62.56
N GLY V 171 59.34 15.55 -61.74
CA GLY V 171 58.93 16.34 -60.61
C GLY V 171 58.76 15.61 -59.30
N VAL V 172 59.57 14.59 -59.03
CA VAL V 172 59.50 13.91 -57.75
C VAL V 172 60.22 14.73 -56.68
N LEU V 173 59.91 14.46 -55.42
CA LEU V 173 60.51 15.17 -54.30
C LEU V 173 61.87 14.59 -53.91
N ALA V 174 61.99 13.27 -53.92
CA ALA V 174 63.23 12.57 -53.61
C ALA V 174 63.14 11.22 -54.28
N VAL V 175 64.18 10.40 -54.10
CA VAL V 175 64.17 9.02 -54.57
C VAL V 175 64.69 8.12 -53.47
N GLY V 176 64.13 6.93 -53.33
CA GLY V 176 64.66 5.91 -52.47
C GLY V 176 65.38 4.86 -53.30
N VAL V 177 66.67 4.69 -53.04
CA VAL V 177 67.51 3.79 -53.81
C VAL V 177 67.89 2.61 -52.93
N GLY V 178 67.69 1.41 -53.44
CA GLY V 178 68.01 0.17 -52.75
C GLY V 178 69.20 -0.56 -53.35
N SER V 179 68.92 -1.64 -54.08
CA SER V 179 69.97 -2.55 -54.53
C SER V 179 70.98 -1.91 -55.46
N ALA V 180 70.65 -0.78 -56.09
CA ALA V 180 71.62 -0.09 -56.92
C ALA V 180 72.62 0.68 -56.09
N LEU V 181 72.39 0.81 -54.78
CA LEU V 181 73.20 1.63 -53.91
C LEU V 181 73.91 0.86 -52.80
N VAL V 182 73.26 -0.16 -52.23
CA VAL V 182 73.76 -0.79 -51.00
C VAL V 182 74.15 -2.25 -51.22
N LYS V 183 74.42 -2.65 -52.46
CA LYS V 183 74.92 -3.99 -52.74
C LYS V 183 76.44 -3.96 -52.84
N GLY V 184 77.07 -5.06 -52.45
CA GLY V 184 78.51 -5.17 -52.48
C GLY V 184 79.17 -4.86 -51.17
N THR V 185 80.50 -4.77 -51.21
CA THR V 185 81.28 -4.46 -50.02
C THR V 185 81.06 -3.00 -49.62
N PRO V 186 81.28 -2.67 -48.34
CA PRO V 186 81.01 -1.30 -47.88
C PRO V 186 81.76 -0.21 -48.63
N ASP V 187 82.94 -0.50 -49.19
CA ASP V 187 83.65 0.53 -49.95
C ASP V 187 82.99 0.77 -51.32
N GLU V 188 82.52 -0.31 -51.95
CA GLU V 188 81.71 -0.14 -53.15
C GLU V 188 80.46 0.67 -52.87
N VAL V 189 79.85 0.45 -51.70
CA VAL V 189 78.67 1.21 -51.32
C VAL V 189 79.00 2.68 -51.12
N ARG V 190 80.16 2.95 -50.53
CA ARG V 190 80.64 4.33 -50.38
C ARG V 190 80.77 5.01 -51.74
N GLU V 191 81.38 4.31 -52.69
CA GLU V 191 81.57 4.89 -54.02
C GLU V 191 80.25 5.05 -54.76
N LYS V 192 79.33 4.09 -54.61
CA LYS V 192 78.02 4.20 -55.22
C LYS V 192 77.26 5.41 -54.68
N ALA V 193 77.36 5.64 -53.37
CA ALA V 193 76.70 6.81 -52.78
C ALA V 193 77.32 8.10 -53.30
N LYS V 194 78.65 8.15 -53.40
CA LYS V 194 79.32 9.30 -54.01
C LYS V 194 78.76 9.57 -55.41
N ALA V 195 78.66 8.50 -56.21
CA ALA V 195 78.22 8.64 -57.60
C ALA V 195 76.78 9.13 -57.67
N PHE V 196 75.89 8.56 -56.86
CA PHE V 196 74.50 8.97 -56.86
C PHE V 196 74.36 10.44 -56.44
N VAL V 197 75.05 10.85 -55.38
CA VAL V 197 74.94 12.24 -54.93
C VAL V 197 75.44 13.18 -56.02
N GLU V 198 76.58 12.85 -56.64
CA GLU V 198 77.12 13.71 -57.69
C GLU V 198 76.19 13.78 -58.89
N LYS V 199 75.57 12.65 -59.25
CA LYS V 199 74.66 12.62 -60.38
C LYS V 199 73.42 13.46 -60.11
N ILE V 200 72.84 13.32 -58.92
CA ILE V 200 71.66 14.10 -58.56
C ILE V 200 72.00 15.59 -58.51
N ARG V 201 73.22 15.93 -58.10
CA ARG V 201 73.62 17.33 -58.12
C ARG V 201 73.83 17.83 -59.54
N GLY V 202 74.33 16.98 -60.43
CA GLY V 202 74.54 17.34 -61.81
C GLY V 202 73.26 17.64 -62.56
N CYS V 203 72.45 16.62 -62.84
CA CYS V 203 71.22 16.82 -63.60
C CYS V 203 70.11 17.36 -62.70
N MET W 3 22.71 62.39 -34.50
CA MET W 3 23.11 63.41 -33.56
C MET W 3 22.34 64.71 -33.76
N GLU W 4 21.91 65.31 -32.65
CA GLU W 4 21.37 66.67 -32.71
C GLU W 4 22.42 67.66 -33.18
N GLU W 5 23.70 67.38 -32.89
CA GLU W 5 24.78 68.27 -33.30
C GLU W 5 24.80 68.49 -34.81
N LEU W 6 24.59 67.41 -35.58
CA LEU W 6 24.67 67.53 -37.04
C LEU W 6 23.51 68.33 -37.60
N PHE W 7 22.30 68.14 -37.08
CA PHE W 7 21.17 68.95 -37.52
C PHE W 7 21.37 70.41 -37.13
N LYS W 8 21.87 70.64 -35.91
CA LYS W 8 22.09 72.01 -35.43
C LYS W 8 23.17 72.70 -36.23
N LYS W 9 24.15 71.95 -36.75
CA LYS W 9 25.27 72.53 -37.49
C LYS W 9 24.93 72.76 -38.96
N HIS W 10 24.34 71.77 -39.62
CA HIS W 10 24.11 71.86 -41.05
C HIS W 10 22.79 72.53 -41.40
N LYS W 11 21.74 72.26 -40.62
CA LYS W 11 20.48 72.99 -40.62
C LYS W 11 19.65 72.79 -41.89
N ILE W 12 20.01 71.87 -42.76
CA ILE W 12 19.18 71.56 -43.92
C ILE W 12 19.39 70.11 -44.33
N VAL W 13 18.31 69.40 -44.57
CA VAL W 13 18.34 68.00 -44.98
C VAL W 13 17.65 67.90 -46.34
N ALA W 14 18.34 67.32 -47.30
CA ALA W 14 17.72 67.06 -48.60
C ALA W 14 16.93 65.77 -48.54
N VAL W 15 15.71 65.79 -49.04
CA VAL W 15 14.86 64.61 -49.09
C VAL W 15 14.77 64.17 -50.54
N LEU W 16 15.42 63.06 -50.88
CA LEU W 16 15.49 62.57 -52.25
C LEU W 16 14.37 61.57 -52.51
N ARG W 17 13.46 61.95 -53.40
CA ARG W 17 12.55 61.03 -54.07
C ARG W 17 12.86 61.02 -55.55
N ALA W 18 12.67 59.87 -56.19
CA ALA W 18 13.06 59.73 -57.58
C ALA W 18 12.34 58.53 -58.18
N ASN W 19 12.42 58.42 -59.50
CA ASN W 19 11.87 57.29 -60.23
C ASN W 19 12.91 56.24 -60.57
N ASP W 20 14.18 56.50 -60.26
CA ASP W 20 15.29 55.64 -60.63
C ASP W 20 16.33 55.66 -59.52
N ALA W 21 17.19 54.65 -59.51
CA ALA W 21 18.31 54.64 -58.57
C ALA W 21 19.47 55.49 -59.07
N GLN W 22 19.66 55.57 -60.40
CA GLN W 22 20.76 56.36 -60.93
C GLN W 22 20.45 57.86 -60.84
N GLU W 23 19.20 58.24 -61.08
CA GLU W 23 18.80 59.63 -60.86
C GLU W 23 18.96 60.03 -59.41
N ALA W 24 18.62 59.12 -58.49
CA ALA W 24 18.83 59.37 -57.07
C ALA W 24 20.30 59.57 -56.75
N ARG W 25 21.18 58.75 -57.32
CA ARG W 25 22.61 58.90 -57.05
C ARG W 25 23.15 60.21 -57.62
N GLU W 26 22.73 60.56 -58.84
CA GLU W 26 23.14 61.81 -59.46
C GLU W 26 22.69 63.02 -58.63
N LYS W 27 21.44 63.01 -58.15
CA LYS W 27 20.95 64.15 -57.39
C LYS W 27 21.55 64.21 -55.99
N ALA W 28 21.86 63.06 -55.39
CA ALA W 28 22.55 63.09 -54.11
C ALA W 28 23.95 63.69 -54.27
N LEU W 29 24.64 63.35 -55.35
CA LEU W 29 25.94 63.98 -55.60
C LEU W 29 25.77 65.48 -55.89
N ALA W 30 24.69 65.85 -56.58
CA ALA W 30 24.47 67.25 -56.91
C ALA W 30 24.18 68.09 -55.66
N VAL W 31 23.38 67.55 -54.73
CA VAL W 31 23.09 68.31 -53.51
C VAL W 31 24.33 68.35 -52.62
N PHE W 32 25.19 67.34 -52.69
CA PHE W 32 26.42 67.44 -51.90
C PHE W 32 27.38 68.48 -52.47
N GLU W 33 27.21 68.88 -53.72
CA GLU W 33 28.04 69.89 -54.36
C GLU W 33 27.57 71.31 -54.10
N GLY W 34 26.47 71.48 -53.37
CA GLY W 34 25.95 72.79 -53.04
C GLY W 34 26.23 73.17 -51.61
N GLY W 35 26.66 72.19 -50.81
CA GLY W 35 26.91 72.39 -49.40
C GLY W 35 25.95 71.70 -48.47
N VAL W 36 25.08 70.85 -48.99
CA VAL W 36 24.14 70.09 -48.16
C VAL W 36 24.83 68.79 -47.77
N HIS W 37 25.20 68.67 -46.50
CA HIS W 37 25.88 67.48 -46.00
C HIS W 37 24.93 66.47 -45.39
N LEU W 38 23.64 66.79 -45.29
CA LEU W 38 22.63 65.88 -44.77
C LEU W 38 21.71 65.49 -45.93
N ILE W 39 21.75 64.22 -46.33
CA ILE W 39 20.92 63.70 -47.40
C ILE W 39 20.14 62.52 -46.86
N GLU W 40 18.86 62.44 -47.23
CA GLU W 40 17.99 61.34 -46.88
C GLU W 40 17.46 60.76 -48.18
N ILE W 41 17.64 59.45 -48.37
CA ILE W 41 17.08 58.75 -49.52
C ILE W 41 15.78 58.13 -49.07
N THR W 42 14.69 58.46 -49.74
CA THR W 42 13.40 57.91 -49.31
C THR W 42 13.26 56.49 -49.85
N PHE W 43 12.47 55.68 -49.13
CA PHE W 43 12.26 54.30 -49.55
C PHE W 43 11.09 54.15 -50.49
N THR W 44 10.76 55.21 -51.22
CA THR W 44 9.92 55.11 -52.39
C THR W 44 10.73 55.11 -53.68
N VAL W 45 11.99 55.47 -53.60
CA VAL W 45 12.92 55.27 -54.72
C VAL W 45 13.14 53.78 -54.92
N PRO W 46 13.11 53.28 -56.16
CA PRO W 46 13.29 51.83 -56.35
C PRO W 46 14.73 51.42 -56.12
N ASN W 47 14.93 50.35 -55.34
CA ASN W 47 16.26 49.86 -55.01
C ASN W 47 17.02 50.91 -54.23
N ALA W 48 16.48 51.35 -53.09
CA ALA W 48 17.01 52.50 -52.37
C ALA W 48 18.13 52.13 -51.40
N ALA W 49 18.08 50.94 -50.80
CA ALA W 49 19.17 50.52 -49.95
C ALA W 49 20.45 50.33 -50.75
N ALA W 50 20.32 49.97 -52.03
CA ALA W 50 21.47 49.93 -52.93
C ALA W 50 22.04 51.33 -53.14
N VAL W 51 21.17 52.32 -53.34
CA VAL W 51 21.63 53.71 -53.47
C VAL W 51 22.37 54.15 -52.21
N ILE W 52 21.86 53.77 -51.03
CA ILE W 52 22.53 54.13 -49.79
C ILE W 52 23.87 53.42 -49.68
N LEU W 53 23.98 52.21 -50.23
CA LEU W 53 25.23 51.45 -50.14
C LEU W 53 26.30 52.04 -51.04
N LEU W 54 25.92 52.49 -52.24
CA LEU W 54 26.85 52.94 -53.24
C LEU W 54 27.20 54.42 -53.10
N LEU W 55 26.87 55.06 -51.99
CA LEU W 55 27.22 56.45 -51.73
C LEU W 55 28.25 56.59 -50.62
N SER W 56 28.89 55.50 -50.21
CA SER W 56 29.94 55.52 -49.20
C SER W 56 31.07 56.48 -49.55
N PHE W 57 31.30 56.72 -50.84
CA PHE W 57 32.37 57.64 -51.23
C PHE W 57 32.08 59.06 -50.77
N LEU W 58 30.81 59.46 -50.74
CA LEU W 58 30.46 60.71 -50.10
C LEU W 58 30.61 60.63 -48.59
N LYS W 59 30.25 59.49 -48.00
CA LYS W 59 30.35 59.33 -46.56
C LYS W 59 31.79 59.51 -46.08
N GLU W 60 32.76 59.09 -46.90
CA GLU W 60 34.16 59.36 -46.60
C GLU W 60 34.47 60.85 -46.70
N LYS W 61 33.84 61.54 -47.64
CA LYS W 61 34.05 62.97 -47.84
C LYS W 61 33.30 63.85 -46.84
N GLY W 62 32.58 63.26 -45.90
CA GLY W 62 31.92 64.04 -44.87
C GLY W 62 30.43 64.27 -45.03
N ALA W 63 29.75 63.45 -45.83
CA ALA W 63 28.31 63.53 -45.97
C ALA W 63 27.63 62.55 -45.02
N ILE W 64 26.43 62.92 -44.58
CA ILE W 64 25.61 62.07 -43.71
C ILE W 64 24.39 61.63 -44.49
N ILE W 65 24.27 60.32 -44.73
CA ILE W 65 23.20 59.73 -45.51
C ILE W 65 22.27 58.97 -44.57
N GLY W 66 20.97 59.12 -44.78
CA GLY W 66 19.97 58.43 -44.00
C GLY W 66 18.85 57.92 -44.87
N ALA W 67 17.89 57.24 -44.24
CA ALA W 67 16.79 56.60 -44.95
C ALA W 67 15.47 57.17 -44.46
N GLY W 68 14.60 57.51 -45.40
CA GLY W 68 13.28 58.05 -45.11
C GLY W 68 12.15 57.13 -45.54
N THR W 69 10.95 57.53 -45.15
CA THR W 69 9.70 56.81 -45.46
C THR W 69 9.80 55.34 -45.02
N VAL W 70 10.26 55.14 -43.80
CA VAL W 70 10.43 53.79 -43.24
C VAL W 70 9.15 53.46 -42.47
N THR W 71 8.31 52.62 -43.07
CA THR W 71 7.03 52.27 -42.48
C THR W 71 6.99 50.87 -41.90
N SER W 72 8.10 50.15 -41.88
CA SER W 72 8.15 48.82 -41.30
C SER W 72 9.51 48.63 -40.63
N GLU W 73 9.62 47.55 -39.85
CA GLU W 73 10.80 47.32 -39.04
C GLU W 73 11.86 46.51 -39.79
N GLU W 74 11.51 45.90 -40.92
CA GLU W 74 12.48 45.29 -41.82
C GLU W 74 13.10 46.30 -42.76
N GLN W 75 12.39 47.37 -43.09
CA GLN W 75 12.95 48.50 -43.84
C GLN W 75 13.97 49.28 -43.03
N CYS W 76 13.97 49.12 -41.71
CA CYS W 76 14.98 49.71 -40.85
C CYS W 76 16.20 48.81 -40.75
N ALA W 77 16.00 47.49 -40.68
CA ALA W 77 17.12 46.56 -40.71
C ALA W 77 17.86 46.64 -42.04
N LEU W 78 17.12 46.72 -43.14
CA LEU W 78 17.75 46.78 -44.46
C LEU W 78 18.54 48.06 -44.65
N ALA W 79 18.06 49.17 -44.07
CA ALA W 79 18.71 50.46 -44.21
C ALA W 79 19.90 50.63 -43.29
N VAL W 80 19.86 49.99 -42.11
CA VAL W 80 21.03 50.00 -41.25
C VAL W 80 22.10 49.08 -41.81
N LEU W 81 21.72 47.93 -42.37
CA LEU W 81 22.65 47.10 -43.11
C LEU W 81 23.33 47.89 -44.22
N SER W 82 22.54 48.50 -45.09
CA SER W 82 23.11 49.26 -46.21
C SER W 82 24.01 50.40 -45.74
N GLY W 83 23.88 50.85 -44.50
CA GLY W 83 24.78 51.85 -43.95
C GLY W 83 24.19 53.22 -43.71
N ALA W 84 22.87 53.30 -43.53
CA ALA W 84 22.24 54.57 -43.18
C ALA W 84 22.60 54.99 -41.77
N GLU W 85 22.79 56.29 -41.58
CA GLU W 85 23.19 56.81 -40.28
C GLU W 85 22.02 57.32 -39.45
N PHE W 86 20.91 57.71 -40.08
CA PHE W 86 19.70 58.02 -39.35
C PHE W 86 18.50 57.46 -40.10
N ILE W 87 17.42 57.22 -39.37
CA ILE W 87 16.17 56.71 -39.90
C ILE W 87 15.10 57.76 -39.69
N VAL W 88 14.28 58.00 -40.70
CA VAL W 88 13.18 58.96 -40.63
C VAL W 88 11.89 58.25 -41.05
N SER W 89 10.77 58.71 -40.51
CA SER W 89 9.48 58.12 -40.78
C SER W 89 8.45 59.23 -40.84
N PRO W 90 7.44 59.11 -41.70
CA PRO W 90 6.40 60.15 -41.81
C PRO W 90 5.31 60.06 -40.75
N HIS W 91 5.39 59.08 -39.86
CA HIS W 91 4.43 58.83 -38.82
C HIS W 91 5.18 58.44 -37.56
N LEU W 92 4.44 58.01 -36.54
CA LEU W 92 5.02 57.49 -35.31
C LEU W 92 4.61 56.03 -35.17
N ASP W 93 5.59 55.17 -34.95
CA ASP W 93 5.30 53.78 -34.64
C ASP W 93 6.11 53.39 -33.41
N GLU W 94 5.46 52.71 -32.47
CA GLU W 94 6.14 52.37 -31.23
C GLU W 94 7.05 51.17 -31.36
N GLU W 95 6.78 50.29 -32.33
CA GLU W 95 7.61 49.11 -32.53
C GLU W 95 8.88 49.42 -33.33
N ILE W 96 8.80 50.32 -34.29
CA ILE W 96 10.03 50.79 -34.94
C ILE W 96 10.90 51.54 -33.96
N SER W 97 10.32 52.00 -32.84
CA SER W 97 11.04 52.67 -31.77
C SER W 97 11.66 51.69 -30.79
N GLN W 98 10.89 50.70 -30.31
CA GLN W 98 11.50 49.64 -29.50
C GLN W 98 12.65 48.99 -30.24
N PHE W 99 12.42 48.56 -31.49
CA PHE W 99 13.50 47.93 -32.23
C PHE W 99 14.29 48.94 -33.05
N CYS W 100 14.83 49.94 -32.35
CA CYS W 100 15.72 50.95 -32.96
C CYS W 100 16.41 51.52 -31.75
N LYS W 101 15.75 51.52 -30.59
CA LYS W 101 16.41 51.87 -29.33
C LYS W 101 17.47 50.83 -28.97
N GLU W 102 17.12 49.55 -29.13
CA GLU W 102 18.04 48.47 -28.83
C GLU W 102 19.22 48.47 -29.80
N LYS W 103 18.94 48.65 -31.09
CA LYS W 103 20.01 48.63 -32.10
C LYS W 103 20.97 49.80 -31.90
N GLY W 104 20.47 50.94 -31.43
CA GLY W 104 21.29 52.10 -31.21
C GLY W 104 21.26 53.14 -32.32
N VAL W 105 20.33 53.04 -33.26
CA VAL W 105 20.26 53.93 -34.41
C VAL W 105 19.41 55.15 -34.04
N PHE W 106 19.72 56.28 -34.66
CA PHE W 106 18.95 57.50 -34.46
C PHE W 106 17.68 57.46 -35.32
N TYR W 107 16.53 57.48 -34.66
CA TYR W 107 15.23 57.41 -35.32
C TYR W 107 14.47 58.71 -35.05
N MET W 108 13.97 59.34 -36.11
CA MET W 108 13.25 60.61 -36.02
C MET W 108 11.84 60.43 -36.56
N PRO W 109 10.87 60.10 -35.71
CA PRO W 109 9.50 59.92 -36.19
C PRO W 109 8.85 61.23 -36.59
N GLY W 110 7.65 61.12 -37.13
CA GLY W 110 6.90 62.28 -37.59
C GLY W 110 5.60 62.42 -36.82
N VAL W 111 5.27 63.66 -36.48
CA VAL W 111 4.08 63.96 -35.68
C VAL W 111 3.35 65.12 -36.33
N MET W 112 2.06 65.23 -36.02
CA MET W 112 1.27 66.35 -36.50
C MET W 112 0.36 66.94 -35.44
N THR W 113 0.09 66.23 -34.35
CA THR W 113 -0.73 66.69 -33.23
C THR W 113 0.06 66.59 -31.93
N PRO W 114 -0.34 67.33 -30.89
CA PRO W 114 0.34 67.19 -29.60
C PRO W 114 0.08 65.87 -28.88
N THR W 115 -0.96 65.12 -29.24
CA THR W 115 -1.16 63.81 -28.64
C THR W 115 -0.17 62.80 -29.18
N GLU W 116 0.20 62.92 -30.46
CA GLU W 116 1.28 62.12 -31.02
C GLU W 116 2.63 62.57 -30.47
N LEU W 117 2.77 63.87 -30.25
CA LEU W 117 3.99 64.43 -29.68
C LEU W 117 4.27 63.86 -28.30
N VAL W 118 3.24 63.80 -27.44
CA VAL W 118 3.48 63.31 -26.09
C VAL W 118 3.78 61.82 -26.08
N LYS W 119 3.27 61.08 -27.06
CA LYS W 119 3.62 59.66 -27.18
C LYS W 119 5.03 59.46 -27.70
N ALA W 120 5.50 60.33 -28.57
CA ALA W 120 6.89 60.29 -29.01
C ALA W 120 7.84 60.63 -27.85
N MET W 121 7.51 61.68 -27.10
CA MET W 121 8.32 62.06 -25.96
C MET W 121 8.38 60.98 -24.88
N LYS W 122 7.30 60.22 -24.71
CA LYS W 122 7.31 59.13 -23.75
C LYS W 122 8.12 57.94 -24.21
N LEU W 123 8.56 57.94 -25.46
CA LEU W 123 9.44 56.92 -25.98
C LEU W 123 10.88 57.38 -26.07
N GLY W 124 11.16 58.64 -25.74
CA GLY W 124 12.49 59.17 -25.67
C GLY W 124 12.87 60.15 -26.76
N HIS W 125 11.95 60.51 -27.65
CA HIS W 125 12.29 61.31 -28.82
C HIS W 125 12.19 62.79 -28.49
N THR W 126 13.32 63.49 -28.54
CA THR W 126 13.37 64.92 -28.31
C THR W 126 13.39 65.73 -29.61
N ILE W 127 13.86 65.15 -30.72
CA ILE W 127 13.79 65.78 -32.02
C ILE W 127 12.72 65.08 -32.82
N LEU W 128 11.77 65.83 -33.35
CA LEU W 128 10.65 65.27 -34.07
C LEU W 128 10.62 65.85 -35.48
N LYS W 129 10.02 65.11 -36.39
CA LYS W 129 9.76 65.60 -37.73
C LYS W 129 8.34 66.14 -37.80
N LEU W 130 8.17 67.34 -38.32
CA LEU W 130 6.88 67.98 -38.44
C LEU W 130 6.39 67.82 -39.87
N PHE W 131 5.40 66.96 -40.05
CA PHE W 131 4.89 66.60 -41.38
C PHE W 131 3.39 66.37 -41.28
N PRO W 132 2.59 66.91 -42.21
CA PRO W 132 2.94 67.91 -43.25
C PRO W 132 3.18 69.30 -42.69
N GLY W 133 4.37 69.85 -42.94
CA GLY W 133 4.72 71.14 -42.37
C GLY W 133 3.82 72.27 -42.84
N GLU W 134 3.40 72.25 -44.09
CA GLU W 134 2.63 73.36 -44.65
C GLU W 134 1.19 73.35 -44.14
N VAL W 135 0.66 72.17 -43.79
CA VAL W 135 -0.69 72.09 -43.26
C VAL W 135 -0.78 72.81 -41.91
N VAL W 136 0.20 72.60 -41.03
CA VAL W 136 0.16 73.20 -39.70
C VAL W 136 0.90 74.53 -39.62
N GLY W 137 1.86 74.79 -40.50
CA GLY W 137 2.54 76.07 -40.54
C GLY W 137 3.46 76.32 -39.35
N PRO W 138 4.22 77.41 -39.41
CA PRO W 138 5.14 77.72 -38.29
C PRO W 138 4.42 78.17 -37.02
N GLN W 139 3.11 78.39 -37.06
CA GLN W 139 2.35 78.69 -35.86
C GLN W 139 2.18 77.48 -34.96
N PHE W 140 2.35 76.27 -35.49
CA PHE W 140 2.34 75.07 -34.66
C PHE W 140 3.58 74.98 -33.79
N VAL W 141 4.71 75.49 -34.30
CA VAL W 141 5.96 75.41 -33.54
C VAL W 141 5.99 76.45 -32.45
N LYS W 142 5.51 77.67 -32.74
CA LYS W 142 5.41 78.70 -31.72
C LYS W 142 4.47 78.30 -30.59
N ALA W 143 3.40 77.57 -30.92
CA ALA W 143 2.40 77.19 -29.93
C ALA W 143 2.82 75.99 -29.09
N MET W 144 3.91 75.32 -29.44
CA MET W 144 4.37 74.16 -28.69
C MET W 144 5.49 74.50 -27.73
N LYS W 145 6.06 75.70 -27.84
CA LYS W 145 7.13 76.12 -26.94
C LYS W 145 6.65 76.12 -25.49
N GLY W 146 5.43 76.59 -25.25
CA GLY W 146 4.92 76.74 -23.91
C GLY W 146 4.85 75.45 -23.13
N PRO W 147 4.01 74.51 -23.58
CA PRO W 147 3.90 73.24 -22.84
C PRO W 147 5.14 72.38 -22.95
N PHE W 148 5.75 72.32 -24.14
CA PHE W 148 6.87 71.44 -24.44
C PHE W 148 8.05 72.30 -24.88
N PRO W 149 8.81 72.86 -23.93
CA PRO W 149 9.94 73.71 -24.32
C PRO W 149 11.11 72.95 -24.94
N ASN W 150 11.37 71.74 -24.45
CA ASN W 150 12.57 70.98 -24.79
C ASN W 150 12.50 70.28 -26.14
N VAL W 151 11.43 70.41 -26.91
CA VAL W 151 11.23 69.66 -28.15
C VAL W 151 11.65 70.51 -29.34
N LYS W 152 12.43 69.91 -30.25
CA LYS W 152 12.86 70.57 -31.47
C LYS W 152 12.21 69.89 -32.67
N PHE W 153 11.88 70.68 -33.69
CA PHE W 153 11.18 70.19 -34.87
C PHE W 153 12.03 70.35 -36.12
N VAL W 154 11.91 69.38 -37.02
CA VAL W 154 12.43 69.47 -38.38
C VAL W 154 11.24 69.45 -39.32
N PRO W 155 10.82 70.60 -39.85
CA PRO W 155 9.65 70.64 -40.74
C PRO W 155 9.97 70.05 -42.10
N THR W 156 9.11 69.15 -42.55
CA THR W 156 9.15 68.63 -43.91
C THR W 156 7.81 68.92 -44.59
N GLY W 157 7.88 69.46 -45.81
CA GLY W 157 6.69 69.77 -46.56
C GLY W 157 6.50 71.25 -46.79
N GLY W 158 6.53 71.65 -48.06
CA GLY W 158 6.25 73.04 -48.42
C GLY W 158 7.22 74.05 -47.85
N VAL W 159 8.52 73.74 -47.85
CA VAL W 159 9.54 74.68 -47.41
C VAL W 159 10.17 75.29 -48.64
N ASN W 160 9.90 76.57 -48.87
CA ASN W 160 10.40 77.29 -50.04
C ASN W 160 11.58 78.16 -49.64
N LEU W 161 12.15 78.85 -50.63
CA LEU W 161 13.14 79.88 -50.33
C LEU W 161 12.51 81.06 -49.62
N ASP W 162 11.23 81.32 -49.89
CA ASP W 162 10.57 82.48 -49.32
C ASP W 162 10.28 82.28 -47.83
N ASN W 163 9.70 81.13 -47.48
CA ASN W 163 9.20 80.88 -46.13
C ASN W 163 10.20 80.17 -45.21
N VAL W 164 11.46 80.05 -45.61
CA VAL W 164 12.40 79.34 -44.75
C VAL W 164 12.86 80.21 -43.58
N CYS W 165 12.95 81.53 -43.77
CA CYS W 165 13.30 82.40 -42.66
C CYS W 165 12.16 82.47 -41.64
N GLU W 166 10.91 82.38 -42.11
CA GLU W 166 9.78 82.28 -41.19
C GLU W 166 9.89 81.04 -40.31
N TRP W 167 10.24 79.91 -40.92
CA TRP W 167 10.39 78.67 -40.18
C TRP W 167 11.53 78.78 -39.17
N PHE W 168 12.62 79.45 -39.54
CA PHE W 168 13.75 79.54 -38.62
C PHE W 168 13.55 80.55 -37.51
N LYS W 169 12.80 81.63 -37.76
CA LYS W 169 12.46 82.54 -36.67
C LYS W 169 11.39 81.94 -35.76
N ALA W 170 10.58 81.02 -36.28
CA ALA W 170 9.66 80.29 -35.43
C ALA W 170 10.38 79.38 -34.43
N GLY W 171 11.63 79.00 -34.69
CA GLY W 171 12.41 78.25 -33.74
C GLY W 171 12.73 76.82 -34.08
N VAL W 172 12.66 76.44 -35.37
CA VAL W 172 12.94 75.06 -35.74
C VAL W 172 14.43 74.78 -35.70
N LEU W 173 14.78 73.49 -35.62
CA LEU W 173 16.17 73.08 -35.56
C LEU W 173 16.81 72.92 -36.93
N ALA W 174 16.08 72.35 -37.88
CA ALA W 174 16.52 72.23 -39.27
C ALA W 174 15.28 72.11 -40.12
N VAL W 175 15.45 72.16 -41.44
CA VAL W 175 14.36 72.00 -42.38
C VAL W 175 14.71 70.88 -43.35
N GLY W 176 13.72 70.03 -43.65
CA GLY W 176 13.87 69.05 -44.71
C GLY W 176 13.21 69.56 -45.98
N VAL W 177 14.00 69.77 -47.03
CA VAL W 177 13.50 70.36 -48.27
C VAL W 177 13.46 69.27 -49.33
N GLY W 178 12.35 69.19 -50.05
CA GLY W 178 12.15 68.20 -51.09
C GLY W 178 12.07 68.79 -52.48
N SER W 179 10.85 68.96 -52.99
CA SER W 179 10.65 69.31 -54.40
C SER W 179 11.19 70.67 -54.78
N ALA W 180 11.42 71.56 -53.81
CA ALA W 180 12.05 72.85 -54.09
C ALA W 180 13.56 72.74 -54.18
N LEU W 181 14.11 71.56 -53.91
CA LEU W 181 15.55 71.32 -53.96
C LEU W 181 15.93 70.32 -55.04
N VAL W 182 15.28 69.15 -55.08
CA VAL W 182 15.76 68.03 -55.87
C VAL W 182 15.13 67.92 -57.26
N LYS W 183 14.02 68.60 -57.53
CA LYS W 183 13.45 68.52 -58.87
C LYS W 183 14.29 69.31 -59.87
N GLY W 184 14.31 68.84 -61.11
CA GLY W 184 15.11 69.44 -62.16
C GLY W 184 16.27 68.56 -62.57
N THR W 185 17.06 69.08 -63.51
CA THR W 185 18.27 68.39 -63.93
C THR W 185 19.28 68.39 -62.79
N PRO W 186 20.24 67.46 -62.80
CA PRO W 186 21.18 67.38 -61.67
C PRO W 186 22.16 68.55 -61.61
N ASP W 187 21.99 69.54 -62.48
CA ASP W 187 22.79 70.75 -62.38
C ASP W 187 21.99 71.96 -61.90
N GLU W 188 20.68 71.99 -62.17
CA GLU W 188 19.82 72.96 -61.51
C GLU W 188 19.75 72.69 -60.01
N VAL W 189 19.79 71.43 -59.63
CA VAL W 189 19.79 71.05 -58.22
C VAL W 189 21.04 71.56 -57.53
N ARG W 190 22.17 71.56 -58.22
CA ARG W 190 23.41 72.05 -57.65
C ARG W 190 23.33 73.55 -57.36
N GLU W 191 22.49 74.28 -58.10
CA GLU W 191 22.32 75.71 -57.86
C GLU W 191 21.24 75.98 -56.82
N LYS W 192 20.16 75.18 -56.83
CA LYS W 192 19.15 75.29 -55.78
C LYS W 192 19.75 75.04 -54.41
N ALA W 193 20.64 74.05 -54.30
CA ALA W 193 21.27 73.76 -53.02
C ALA W 193 22.13 74.93 -52.56
N LYS W 194 22.83 75.58 -53.49
CA LYS W 194 23.64 76.73 -53.14
C LYS W 194 22.76 77.89 -52.70
N ALA W 195 21.66 78.12 -53.40
CA ALA W 195 20.70 79.16 -53.00
C ALA W 195 20.18 78.93 -51.60
N PHE W 196 19.76 77.69 -51.29
CA PHE W 196 19.25 77.39 -49.96
C PHE W 196 20.33 77.58 -48.89
N VAL W 197 21.54 77.06 -49.14
CA VAL W 197 22.60 77.16 -48.15
C VAL W 197 22.96 78.61 -47.88
N GLU W 198 22.92 79.45 -48.93
CA GLU W 198 23.21 80.86 -48.74
C GLU W 198 22.07 81.59 -48.03
N LYS W 199 20.83 81.23 -48.31
CA LYS W 199 19.69 81.84 -47.64
C LYS W 199 19.67 81.53 -46.15
N ILE W 200 19.86 80.25 -45.80
CA ILE W 200 19.78 79.86 -44.40
C ILE W 200 20.86 80.53 -43.56
N ARG W 201 21.97 80.92 -44.17
CA ARG W 201 23.06 81.57 -43.46
C ARG W 201 23.01 83.09 -43.57
N GLY W 202 21.93 83.63 -44.14
CA GLY W 202 21.76 85.06 -44.24
C GLY W 202 20.58 85.54 -43.43
N CYS W 203 19.72 84.62 -43.03
CA CYS W 203 18.61 84.94 -42.13
C CYS W 203 18.56 83.94 -40.98
N MET X 3 69.44 -28.50 3.84
CA MET X 3 69.19 -29.77 4.52
C MET X 3 70.13 -29.96 5.69
N GLU X 4 69.68 -30.69 6.71
CA GLU X 4 70.54 -30.99 7.85
C GLU X 4 71.67 -31.92 7.45
N GLU X 5 71.44 -32.78 6.45
CA GLU X 5 72.44 -33.77 6.06
C GLU X 5 73.67 -33.13 5.44
N LEU X 6 73.49 -32.04 4.68
CA LEU X 6 74.64 -31.36 4.09
C LEU X 6 75.51 -30.69 5.15
N PHE X 7 74.89 -30.08 6.16
CA PHE X 7 75.64 -29.54 7.28
C PHE X 7 76.35 -30.64 8.05
N LYS X 8 75.64 -31.75 8.33
CA LYS X 8 76.26 -32.88 9.02
C LYS X 8 77.48 -33.40 8.27
N LYS X 9 77.38 -33.50 6.95
CA LYS X 9 78.47 -34.05 6.14
C LYS X 9 79.63 -33.07 6.04
N HIS X 10 79.38 -31.86 5.58
CA HIS X 10 80.47 -30.96 5.23
C HIS X 10 81.02 -30.20 6.44
N LYS X 11 80.15 -29.78 7.36
CA LYS X 11 80.49 -29.21 8.66
C LYS X 11 81.16 -27.84 8.58
N ILE X 12 81.22 -27.21 7.42
CA ILE X 12 81.79 -25.88 7.30
C ILE X 12 81.07 -25.12 6.19
N VAL X 13 80.70 -23.89 6.47
CA VAL X 13 80.06 -22.99 5.51
C VAL X 13 80.92 -21.74 5.40
N ALA X 14 81.34 -21.41 4.19
CA ALA X 14 82.07 -20.17 3.98
C ALA X 14 81.09 -19.01 3.85
N VAL X 15 81.42 -17.89 4.49
CA VAL X 15 80.61 -16.68 4.47
C VAL X 15 81.41 -15.64 3.71
N LEU X 16 80.98 -15.34 2.49
CA LEU X 16 81.70 -14.43 1.60
C LEU X 16 81.24 -13.00 1.84
N ARG X 17 82.12 -12.19 2.44
CA ARG X 17 82.03 -10.74 2.43
C ARG X 17 83.03 -10.25 1.40
N ALA X 18 82.61 -9.33 0.54
CA ALA X 18 83.46 -8.87 -0.55
C ALA X 18 83.09 -7.43 -0.88
N ASN X 19 84.02 -6.75 -1.53
CA ASN X 19 83.86 -5.34 -1.88
C ASN X 19 83.39 -5.15 -3.32
N ASP X 20 83.29 -6.24 -4.07
CA ASP X 20 82.85 -6.22 -5.46
C ASP X 20 82.52 -7.66 -5.86
N ALA X 21 81.92 -7.82 -7.04
CA ALA X 21 81.41 -9.11 -7.47
C ALA X 21 82.47 -10.02 -8.08
N GLN X 22 83.45 -9.46 -8.76
CA GLN X 22 84.51 -10.30 -9.35
C GLN X 22 85.34 -10.98 -8.28
N GLU X 23 85.71 -10.24 -7.24
CA GLU X 23 86.46 -10.83 -6.13
C GLU X 23 85.62 -11.86 -5.39
N ALA X 24 84.32 -11.62 -5.26
CA ALA X 24 83.44 -12.61 -4.68
C ALA X 24 83.46 -13.90 -5.48
N ARG X 25 83.38 -13.81 -6.81
CA ARG X 25 83.39 -15.01 -7.63
C ARG X 25 84.73 -15.73 -7.57
N GLU X 26 85.83 -14.98 -7.56
CA GLU X 26 87.15 -15.59 -7.47
C GLU X 26 87.34 -16.30 -6.13
N LYS X 27 86.95 -15.66 -5.02
CA LYS X 27 87.12 -16.28 -3.72
C LYS X 27 86.17 -17.46 -3.53
N ALA X 28 84.96 -17.38 -4.06
CA ALA X 28 84.08 -18.54 -4.01
C ALA X 28 84.68 -19.72 -4.74
N LEU X 29 85.26 -19.47 -5.92
CA LEU X 29 85.90 -20.56 -6.66
C LEU X 29 87.09 -21.12 -5.88
N ALA X 30 87.91 -20.25 -5.28
CA ALA X 30 89.07 -20.71 -4.53
C ALA X 30 88.67 -21.52 -3.31
N VAL X 31 87.60 -21.09 -2.62
CA VAL X 31 87.09 -21.86 -1.49
C VAL X 31 86.59 -23.22 -1.94
N PHE X 32 85.94 -23.28 -3.11
CA PHE X 32 85.53 -24.58 -3.62
C PHE X 32 86.72 -25.48 -3.95
N GLU X 33 87.80 -24.92 -4.52
CA GLU X 33 88.97 -25.76 -4.74
C GLU X 33 89.62 -26.18 -3.43
N GLY X 34 89.49 -25.36 -2.38
CA GLY X 34 90.07 -25.72 -1.09
C GLY X 34 89.38 -26.89 -0.40
N GLY X 35 88.20 -27.29 -0.85
CA GLY X 35 87.48 -28.39 -0.26
C GLY X 35 86.24 -28.04 0.52
N VAL X 36 85.74 -26.81 0.42
CA VAL X 36 84.53 -26.38 1.11
C VAL X 36 83.39 -26.39 0.10
N HIS X 37 82.37 -27.21 0.36
CA HIS X 37 81.28 -27.39 -0.58
C HIS X 37 80.03 -26.60 -0.22
N LEU X 38 80.06 -25.86 0.88
CA LEU X 38 78.95 -25.00 1.29
C LEU X 38 79.45 -23.56 1.26
N ILE X 39 78.92 -22.75 0.33
CA ILE X 39 79.31 -21.36 0.20
C ILE X 39 78.08 -20.49 0.39
N GLU X 40 78.26 -19.36 1.07
CA GLU X 40 77.19 -18.40 1.31
C GLU X 40 77.64 -17.03 0.81
N ILE X 41 76.96 -16.52 -0.20
CA ILE X 41 77.20 -15.16 -0.68
C ILE X 41 76.29 -14.22 0.11
N THR X 42 76.89 -13.25 0.78
CA THR X 42 76.14 -12.31 1.59
C THR X 42 75.61 -11.17 0.73
N PHE X 43 74.42 -10.66 1.06
CA PHE X 43 73.85 -9.61 0.24
C PHE X 43 74.35 -8.24 0.66
N THR X 44 75.52 -8.18 1.26
CA THR X 44 76.26 -6.93 1.36
C THR X 44 77.30 -6.80 0.26
N VAL X 45 77.57 -7.87 -0.48
CA VAL X 45 78.37 -7.83 -1.70
C VAL X 45 77.55 -7.16 -2.79
N PRO X 46 78.08 -6.13 -3.45
CA PRO X 46 77.33 -5.48 -4.53
C PRO X 46 77.06 -6.45 -5.68
N ASN X 47 75.80 -6.49 -6.11
CA ASN X 47 75.34 -7.36 -7.19
C ASN X 47 75.55 -8.83 -6.81
N ALA X 48 74.89 -9.23 -5.72
CA ALA X 48 75.14 -10.54 -5.15
C ALA X 48 74.27 -11.61 -5.79
N ALA X 49 73.05 -11.26 -6.16
CA ALA X 49 72.21 -12.24 -6.86
C ALA X 49 72.79 -12.60 -8.21
N ALA X 50 73.48 -11.65 -8.86
CA ALA X 50 74.20 -11.96 -10.08
C ALA X 50 75.36 -12.93 -9.82
N VAL X 51 76.07 -12.75 -8.70
CA VAL X 51 77.13 -13.68 -8.33
C VAL X 51 76.56 -15.08 -8.11
N ILE X 52 75.42 -15.17 -7.45
CA ILE X 52 74.79 -16.48 -7.23
C ILE X 52 74.36 -17.09 -8.55
N LEU X 53 73.86 -16.27 -9.48
CA LEU X 53 73.42 -16.78 -10.78
C LEU X 53 74.60 -17.27 -11.60
N LEU X 54 75.72 -16.56 -11.55
CA LEU X 54 76.87 -16.90 -12.38
C LEU X 54 77.72 -18.00 -11.77
N LEU X 55 77.56 -18.29 -10.49
CA LEU X 55 78.23 -19.43 -9.86
C LEU X 55 77.34 -20.66 -9.89
N SER X 56 76.74 -20.92 -11.05
CA SER X 56 75.87 -22.07 -11.24
C SER X 56 76.55 -23.19 -12.00
N PHE X 57 77.80 -22.99 -12.44
CA PHE X 57 78.58 -24.09 -12.97
C PHE X 57 79.18 -24.93 -11.86
N LEU X 58 79.45 -24.30 -10.71
CA LEU X 58 79.93 -25.05 -9.55
C LEU X 58 78.86 -26.00 -9.03
N LYS X 59 77.60 -25.61 -9.17
CA LYS X 59 76.49 -26.45 -8.70
C LYS X 59 76.59 -27.87 -9.21
N GLU X 60 77.03 -28.04 -10.46
CA GLU X 60 77.19 -29.38 -11.02
C GLU X 60 78.41 -30.09 -10.46
N LYS X 61 79.41 -29.34 -10.01
CA LYS X 61 80.63 -29.94 -9.47
C LYS X 61 80.48 -30.37 -8.01
N GLY X 62 79.39 -29.99 -7.35
CA GLY X 62 79.11 -30.48 -6.02
C GLY X 62 78.99 -29.43 -4.94
N ALA X 63 78.93 -28.15 -5.35
CA ALA X 63 78.86 -27.05 -4.40
C ALA X 63 77.42 -26.66 -4.13
N ILE X 64 77.17 -26.17 -2.92
CA ILE X 64 75.86 -25.67 -2.52
C ILE X 64 76.01 -24.20 -2.20
N ILE X 65 75.36 -23.35 -2.99
CA ILE X 65 75.45 -21.89 -2.84
C ILE X 65 74.18 -21.39 -2.18
N GLY X 66 74.33 -20.47 -1.22
CA GLY X 66 73.20 -19.88 -0.56
C GLY X 66 73.41 -18.39 -0.37
N ALA X 67 72.37 -17.74 0.14
CA ALA X 67 72.37 -16.29 0.34
C ALA X 67 72.31 -15.96 1.82
N GLY X 68 73.14 -14.99 2.23
CA GLY X 68 73.19 -14.54 3.60
C GLY X 68 72.84 -13.07 3.74
N THR X 69 72.71 -12.63 4.99
CA THR X 69 72.40 -11.24 5.34
C THR X 69 71.10 -10.79 4.66
N VAL X 70 70.13 -11.68 4.61
CA VAL X 70 68.83 -11.37 4.02
C VAL X 70 67.94 -10.77 5.09
N THR X 71 67.48 -9.53 4.87
CA THR X 71 66.70 -8.81 5.87
C THR X 71 65.32 -8.39 5.36
N SER X 72 64.86 -8.94 4.24
CA SER X 72 63.52 -8.63 3.75
C SER X 72 63.04 -9.80 2.90
N GLU X 73 61.77 -9.73 2.49
CA GLU X 73 61.18 -10.79 1.70
C GLU X 73 61.52 -10.64 0.23
N GLU X 74 61.72 -9.40 -0.25
CA GLU X 74 62.15 -9.18 -1.62
C GLU X 74 63.55 -9.73 -1.87
N GLN X 75 64.43 -9.66 -0.87
CA GLN X 75 65.75 -10.25 -1.03
C GLN X 75 65.69 -11.77 -1.07
N CYS X 76 64.78 -12.37 -0.28
CA CYS X 76 64.58 -13.81 -0.37
C CYS X 76 64.05 -14.21 -1.74
N ALA X 77 63.13 -13.41 -2.28
CA ALA X 77 62.59 -13.68 -3.62
C ALA X 77 63.70 -13.59 -4.67
N LEU X 78 64.51 -12.54 -4.60
CA LEU X 78 65.59 -12.35 -5.56
C LEU X 78 66.63 -13.45 -5.46
N ALA X 79 66.90 -13.93 -4.25
CA ALA X 79 67.91 -14.97 -4.06
C ALA X 79 67.40 -16.33 -4.51
N VAL X 80 66.11 -16.62 -4.29
CA VAL X 80 65.55 -17.87 -4.78
C VAL X 80 65.45 -17.86 -6.29
N LEU X 81 65.09 -16.70 -6.87
CA LEU X 81 65.08 -16.59 -8.33
C LEU X 81 66.46 -16.82 -8.92
N SER X 82 67.48 -16.19 -8.33
CA SER X 82 68.84 -16.37 -8.80
C SER X 82 69.37 -17.79 -8.56
N GLY X 83 68.64 -18.62 -7.83
CA GLY X 83 69.02 -20.01 -7.65
C GLY X 83 69.79 -20.33 -6.37
N ALA X 84 69.40 -19.72 -5.26
CA ALA X 84 70.04 -19.99 -3.98
C ALA X 84 69.41 -21.20 -3.32
N GLU X 85 70.26 -22.12 -2.84
CA GLU X 85 69.78 -23.34 -2.19
C GLU X 85 69.18 -23.03 -0.81
N PHE X 86 69.78 -22.08 -0.08
CA PHE X 86 69.34 -21.80 1.28
C PHE X 86 69.50 -20.31 1.57
N ILE X 87 68.74 -19.85 2.57
CA ILE X 87 68.70 -18.45 2.97
C ILE X 87 69.13 -18.36 4.43
N VAL X 88 69.89 -17.30 4.76
CA VAL X 88 70.36 -17.07 6.11
C VAL X 88 70.09 -15.61 6.48
N SER X 89 69.86 -15.38 7.77
CA SER X 89 69.69 -14.05 8.33
C SER X 89 70.50 -13.94 9.61
N PRO X 90 71.01 -12.74 9.93
CA PRO X 90 71.66 -12.52 11.22
C PRO X 90 70.69 -12.33 12.36
N HIS X 91 69.41 -12.21 12.05
CA HIS X 91 68.33 -11.98 13.00
C HIS X 91 67.23 -13.00 12.74
N LEU X 92 66.22 -12.99 13.58
CA LEU X 92 65.02 -13.77 13.37
C LEU X 92 63.91 -12.86 12.90
N ASP X 93 63.35 -13.14 11.72
CA ASP X 93 62.24 -12.38 11.19
C ASP X 93 61.07 -13.32 10.98
N GLU X 94 59.91 -12.97 11.53
CA GLU X 94 58.74 -13.84 11.48
C GLU X 94 58.10 -13.85 10.11
N GLU X 95 58.19 -12.75 9.36
CA GLU X 95 57.58 -12.71 8.04
C GLU X 95 58.44 -13.40 6.99
N ILE X 96 59.76 -13.21 7.04
CA ILE X 96 60.63 -13.97 6.15
C ILE X 96 60.43 -15.45 6.36
N SER X 97 60.26 -15.89 7.61
CA SER X 97 60.02 -17.29 7.90
C SER X 97 58.66 -17.73 7.41
N GLN X 98 57.63 -16.92 7.68
CA GLN X 98 56.27 -17.26 7.31
C GLN X 98 56.11 -17.39 5.80
N PHE X 99 56.87 -16.62 5.02
CA PHE X 99 56.80 -16.70 3.57
C PHE X 99 57.83 -17.64 2.97
N CYS X 100 58.91 -17.97 3.62
CA CYS X 100 59.86 -18.95 3.11
C CYS X 100 59.36 -20.32 3.38
N LYS X 101 58.51 -20.46 4.38
CA LYS X 101 57.88 -21.76 4.62
C LYS X 101 56.92 -22.13 3.51
N GLU X 102 56.26 -21.13 2.92
CA GLU X 102 55.30 -21.35 1.85
C GLU X 102 55.96 -21.67 0.52
N LYS X 103 57.21 -21.26 0.33
CA LYS X 103 57.94 -21.54 -0.91
C LYS X 103 58.81 -22.78 -0.80
N GLY X 104 58.83 -23.44 0.34
CA GLY X 104 59.66 -24.64 0.50
C GLY X 104 61.14 -24.39 0.33
N VAL X 105 61.64 -23.29 0.88
CA VAL X 105 63.06 -22.96 0.84
C VAL X 105 63.61 -23.07 2.27
N PHE X 106 64.86 -23.51 2.37
CA PHE X 106 65.50 -23.65 3.68
C PHE X 106 65.92 -22.30 4.20
N TYR X 107 65.39 -21.91 5.36
CA TYR X 107 65.70 -20.66 6.01
C TYR X 107 66.34 -20.94 7.37
N MET X 108 67.49 -20.33 7.63
CA MET X 108 68.23 -20.48 8.88
C MET X 108 68.36 -19.13 9.56
N PRO X 109 67.43 -18.77 10.45
CA PRO X 109 67.54 -17.48 11.13
C PRO X 109 68.61 -17.49 12.19
N GLY X 110 68.90 -16.32 12.72
CA GLY X 110 69.95 -16.15 13.71
C GLY X 110 69.39 -15.70 15.04
N VAL X 111 69.86 -16.34 16.11
CA VAL X 111 69.38 -16.06 17.45
C VAL X 111 70.57 -15.76 18.35
N MET X 112 70.29 -15.09 19.46
CA MET X 112 71.30 -14.83 20.48
C MET X 112 70.83 -15.14 21.89
N THR X 113 69.53 -15.10 22.18
CA THR X 113 68.94 -15.36 23.49
C THR X 113 67.96 -16.51 23.42
N PRO X 114 67.62 -17.11 24.57
CA PRO X 114 66.64 -18.21 24.56
C PRO X 114 65.23 -17.79 24.18
N THR X 115 64.85 -16.52 24.35
CA THR X 115 63.53 -16.08 23.93
C THR X 115 63.40 -16.09 22.42
N GLU X 116 64.41 -15.55 21.72
CA GLU X 116 64.49 -15.69 20.27
C GLU X 116 64.50 -17.15 19.85
N LEU X 117 65.22 -17.98 20.60
CA LEU X 117 65.29 -19.41 20.31
C LEU X 117 63.90 -20.05 20.33
N VAL X 118 63.12 -19.74 21.37
CA VAL X 118 61.80 -20.34 21.49
C VAL X 118 60.87 -19.78 20.42
N LYS X 119 61.02 -18.51 20.04
CA LYS X 119 60.20 -17.98 18.95
C LYS X 119 60.54 -18.64 17.63
N ALA X 120 61.82 -18.92 17.38
CA ALA X 120 62.20 -19.62 16.16
C ALA X 120 61.70 -21.05 16.16
N MET X 121 61.78 -21.72 17.30
CA MET X 121 61.28 -23.09 17.41
C MET X 121 59.77 -23.14 17.19
N LYS X 122 59.03 -22.16 17.70
CA LYS X 122 57.59 -22.16 17.51
C LYS X 122 57.20 -21.88 16.07
N LEU X 123 58.11 -21.34 15.26
CA LEU X 123 57.93 -21.22 13.83
C LEU X 123 58.42 -22.43 13.06
N GLY X 124 59.00 -23.42 13.74
CA GLY X 124 59.39 -24.66 13.12
C GLY X 124 60.87 -24.87 12.89
N HIS X 125 61.72 -23.95 13.34
CA HIS X 125 63.14 -24.03 13.05
C HIS X 125 63.86 -24.85 14.11
N THR X 126 64.65 -25.83 13.68
CA THR X 126 65.48 -26.61 14.58
C THR X 126 66.97 -26.41 14.37
N ILE X 127 67.39 -25.93 13.21
CA ILE X 127 68.77 -25.54 12.98
C ILE X 127 68.82 -24.02 12.97
N LEU X 128 69.58 -23.46 13.90
CA LEU X 128 69.66 -22.02 14.05
C LEU X 128 71.08 -21.56 13.78
N LYS X 129 71.20 -20.29 13.43
CA LYS X 129 72.49 -19.60 13.35
C LYS X 129 72.76 -18.92 14.68
N LEU X 130 73.95 -19.12 15.22
CA LEU X 130 74.35 -18.51 16.48
C LEU X 130 75.25 -17.33 16.16
N PHE X 131 74.72 -16.12 16.27
CA PHE X 131 75.39 -14.89 15.88
C PHE X 131 75.09 -13.81 16.92
N PRO X 132 76.11 -13.07 17.38
CA PRO X 132 77.54 -13.34 17.17
C PRO X 132 78.08 -14.44 18.05
N GLY X 133 78.90 -15.31 17.48
CA GLY X 133 79.34 -16.50 18.20
C GLY X 133 80.40 -16.24 19.23
N GLU X 134 81.26 -15.25 19.00
CA GLU X 134 82.35 -14.98 19.94
C GLU X 134 81.89 -14.16 21.15
N VAL X 135 80.67 -13.65 21.14
CA VAL X 135 80.13 -12.95 22.29
C VAL X 135 79.58 -13.95 23.31
N VAL X 136 78.88 -14.97 22.86
CA VAL X 136 78.27 -15.95 23.75
C VAL X 136 79.24 -17.09 24.05
N GLY X 137 79.83 -17.69 23.01
CA GLY X 137 80.82 -18.71 23.20
C GLY X 137 80.23 -20.11 23.20
N PRO X 138 81.10 -21.13 23.30
CA PRO X 138 80.60 -22.51 23.36
C PRO X 138 79.79 -22.80 24.62
N GLN X 139 79.96 -21.98 25.66
CA GLN X 139 79.19 -22.13 26.89
C GLN X 139 77.70 -21.92 26.66
N PHE X 140 77.34 -21.06 25.70
CA PHE X 140 75.93 -20.89 25.37
C PHE X 140 75.36 -22.16 24.74
N VAL X 141 76.17 -22.88 23.96
CA VAL X 141 75.71 -24.10 23.33
C VAL X 141 75.62 -25.23 24.35
N LYS X 142 76.60 -25.33 25.24
CA LYS X 142 76.52 -26.33 26.30
C LYS X 142 75.33 -26.07 27.22
N ALA X 143 75.03 -24.81 27.50
CA ALA X 143 73.94 -24.48 28.40
C ALA X 143 72.57 -24.73 27.80
N MET X 144 72.45 -24.80 26.47
CA MET X 144 71.16 -25.03 25.84
C MET X 144 70.86 -26.50 25.60
N LYS X 145 71.82 -27.39 25.83
CA LYS X 145 71.58 -28.81 25.69
C LYS X 145 70.40 -29.25 26.54
N GLY X 146 70.39 -28.83 27.81
CA GLY X 146 69.42 -29.30 28.77
C GLY X 146 67.98 -29.01 28.43
N PRO X 147 67.58 -27.73 28.42
CA PRO X 147 66.17 -27.41 28.16
C PRO X 147 65.75 -27.60 26.72
N PHE X 148 66.67 -27.50 25.76
CA PHE X 148 66.35 -27.63 24.34
C PHE X 148 67.33 -28.61 23.72
N PRO X 149 67.00 -29.91 23.72
CA PRO X 149 67.95 -30.89 23.21
C PRO X 149 67.84 -31.15 21.70
N ASN X 150 66.75 -30.70 21.08
CA ASN X 150 66.53 -30.94 19.66
C ASN X 150 66.99 -29.80 18.77
N VAL X 151 67.76 -28.85 19.29
CA VAL X 151 68.17 -27.66 18.55
C VAL X 151 69.65 -27.78 18.21
N LYS X 152 69.98 -27.56 16.95
CA LYS X 152 71.36 -27.56 16.47
C LYS X 152 71.77 -26.14 16.10
N PHE X 153 73.02 -25.81 16.35
CA PHE X 153 73.54 -24.47 16.09
C PHE X 153 74.64 -24.50 15.04
N VAL X 154 74.65 -23.47 14.20
CA VAL X 154 75.77 -23.16 13.32
C VAL X 154 76.34 -21.83 13.79
N PRO X 155 77.45 -21.82 14.52
CA PRO X 155 78.01 -20.55 15.01
C PRO X 155 78.65 -19.75 13.89
N THR X 156 78.41 -18.44 13.91
CA THR X 156 79.05 -17.52 13.00
C THR X 156 79.64 -16.38 13.78
N GLY X 157 80.87 -16.02 13.47
CA GLY X 157 81.56 -14.95 14.14
C GLY X 157 82.66 -15.45 15.06
N GLY X 158 83.90 -15.11 14.74
CA GLY X 158 85.01 -15.42 15.61
C GLY X 158 85.41 -16.87 15.68
N VAL X 159 85.29 -17.61 14.59
CA VAL X 159 85.71 -19.00 14.53
C VAL X 159 87.07 -19.06 13.86
N ASN X 160 88.07 -19.57 14.58
CA ASN X 160 89.46 -19.61 14.13
C ASN X 160 89.89 -21.07 13.97
N LEU X 161 91.15 -21.25 13.59
CA LEU X 161 91.73 -22.58 13.64
C LEU X 161 91.94 -23.06 15.06
N ASP X 162 92.00 -22.14 16.03
CA ASP X 162 92.27 -22.52 17.40
C ASP X 162 91.02 -23.04 18.10
N ASN X 163 89.92 -22.29 18.01
CA ASN X 163 88.74 -22.59 18.82
C ASN X 163 87.69 -23.41 18.07
N VAL X 164 88.01 -23.98 16.92
CA VAL X 164 87.00 -24.72 16.17
C VAL X 164 86.77 -26.09 16.81
N CYS X 165 87.83 -26.72 17.34
CA CYS X 165 87.64 -27.94 18.09
C CYS X 165 86.85 -27.70 19.36
N GLU X 166 87.01 -26.52 19.97
CA GLU X 166 86.19 -26.16 21.12
C GLU X 166 84.72 -26.11 20.74
N TRP X 167 84.41 -25.52 19.59
CA TRP X 167 83.02 -25.46 19.13
C TRP X 167 82.46 -26.83 18.85
N PHE X 168 83.27 -27.72 18.27
CA PHE X 168 82.74 -29.04 17.93
C PHE X 168 82.63 -29.96 19.14
N LYS X 169 83.46 -29.75 20.17
CA LYS X 169 83.27 -30.49 21.42
C LYS X 169 81.99 -30.06 22.12
N ALA X 170 81.65 -28.77 22.04
CA ALA X 170 80.38 -28.30 22.59
C ALA X 170 79.17 -28.86 21.85
N GLY X 171 79.35 -29.45 20.68
CA GLY X 171 78.27 -30.10 19.99
C GLY X 171 77.53 -29.26 18.97
N VAL X 172 78.24 -28.44 18.21
CA VAL X 172 77.61 -27.67 17.13
C VAL X 172 77.47 -28.56 15.89
N LEU X 173 76.53 -28.19 15.02
CA LEU X 173 76.30 -28.95 13.80
C LEU X 173 77.32 -28.63 12.72
N ALA X 174 77.50 -27.34 12.43
CA ALA X 174 78.51 -26.86 11.50
C ALA X 174 79.03 -25.54 12.03
N VAL X 175 79.99 -24.95 11.32
CA VAL X 175 80.51 -23.62 11.65
C VAL X 175 80.53 -22.77 10.38
N GLY X 176 80.26 -21.49 10.53
CA GLY X 176 80.43 -20.53 9.46
C GLY X 176 81.66 -19.68 9.70
N VAL X 177 82.59 -19.72 8.75
CA VAL X 177 83.86 -19.01 8.86
C VAL X 177 83.88 -17.87 7.85
N GLY X 178 84.20 -16.67 8.33
CA GLY X 178 84.28 -15.49 7.49
C GLY X 178 85.68 -14.93 7.34
N SER X 179 85.97 -13.88 8.11
CA SER X 179 87.19 -13.10 7.90
C SER X 179 88.44 -13.96 7.95
N ALA X 180 88.50 -14.90 8.89
CA ALA X 180 89.59 -15.86 8.93
C ALA X 180 89.81 -16.54 7.58
N LEU X 181 88.74 -17.09 7.01
CA LEU X 181 88.86 -17.92 5.82
C LEU X 181 89.14 -17.09 4.58
N VAL X 182 88.35 -16.04 4.33
CA VAL X 182 88.24 -15.44 3.00
C VAL X 182 89.04 -14.16 2.83
N LYS X 183 89.83 -13.76 3.83
CA LYS X 183 90.67 -12.58 3.62
C LYS X 183 91.91 -12.95 2.79
N GLY X 184 92.54 -11.92 2.22
CA GLY X 184 93.74 -12.11 1.43
C GLY X 184 93.48 -12.49 -0.01
N THR X 185 94.57 -12.77 -0.72
CA THR X 185 94.51 -13.17 -2.12
C THR X 185 93.83 -14.53 -2.26
N PRO X 186 93.27 -14.83 -3.43
CA PRO X 186 92.51 -16.09 -3.59
C PRO X 186 93.34 -17.35 -3.38
N ASP X 187 94.64 -17.31 -3.58
CA ASP X 187 95.44 -18.52 -3.31
C ASP X 187 95.66 -18.72 -1.82
N GLU X 188 95.86 -17.62 -1.08
CA GLU X 188 95.84 -17.69 0.37
C GLU X 188 94.51 -18.24 0.87
N VAL X 189 93.42 -17.85 0.21
CA VAL X 189 92.10 -18.33 0.59
C VAL X 189 91.97 -19.82 0.33
N ARG X 190 92.49 -20.29 -0.79
CA ARG X 190 92.44 -21.73 -1.08
C ARG X 190 93.22 -22.52 -0.02
N GLU X 191 94.42 -22.05 0.33
CA GLU X 191 95.21 -22.81 1.28
C GLU X 191 94.66 -22.73 2.69
N LYS X 192 94.07 -21.58 3.08
CA LYS X 192 93.39 -21.51 4.37
C LYS X 192 92.17 -22.41 4.41
N ALA X 193 91.45 -22.54 3.29
CA ALA X 193 90.35 -23.48 3.24
C ALA X 193 90.84 -24.91 3.41
N LYS X 194 91.98 -25.24 2.80
CA LYS X 194 92.58 -26.55 3.02
C LYS X 194 92.90 -26.76 4.49
N ALA X 195 93.48 -25.75 5.14
CA ALA X 195 93.82 -25.85 6.56
C ALA X 195 92.58 -26.11 7.41
N PHE X 196 91.53 -25.31 7.19
CA PHE X 196 90.30 -25.48 7.95
C PHE X 196 89.68 -26.86 7.74
N VAL X 197 89.64 -27.32 6.50
CA VAL X 197 89.02 -28.61 6.22
C VAL X 197 89.81 -29.73 6.89
N GLU X 198 91.14 -29.69 6.81
CA GLU X 198 91.93 -30.74 7.43
C GLU X 198 91.84 -30.67 8.95
N LYS X 199 91.78 -29.47 9.51
CA LYS X 199 91.61 -29.30 10.95
C LYS X 199 90.30 -29.89 11.43
N ILE X 200 89.20 -29.58 10.75
CA ILE X 200 87.90 -30.11 11.13
C ILE X 200 87.87 -31.62 10.97
N ARG X 201 88.55 -32.14 9.94
CA ARG X 201 88.66 -33.58 9.78
C ARG X 201 89.43 -34.20 10.93
N GLY X 202 90.42 -33.49 11.45
CA GLY X 202 91.18 -33.97 12.59
C GLY X 202 90.33 -34.16 13.83
N CYS X 203 89.91 -33.06 14.45
CA CYS X 203 89.10 -33.14 15.67
C CYS X 203 87.62 -33.29 15.34
N MET Y 3 -58.22 5.26 -47.66
CA MET Y 3 -57.90 6.64 -47.30
C MET Y 3 -59.06 7.57 -47.61
N GLU Y 4 -58.78 8.89 -47.64
CA GLU Y 4 -59.83 9.88 -47.82
C GLU Y 4 -60.68 9.60 -49.06
N GLU Y 5 -60.02 9.27 -50.17
CA GLU Y 5 -60.69 9.29 -51.47
C GLU Y 5 -61.63 8.11 -51.69
N LEU Y 6 -61.32 6.95 -51.12
CA LEU Y 6 -62.23 5.81 -51.28
C LEU Y 6 -63.56 6.07 -50.59
N PHE Y 7 -63.52 6.52 -49.33
CA PHE Y 7 -64.74 6.93 -48.65
C PHE Y 7 -65.43 8.08 -49.40
N LYS Y 8 -64.64 9.04 -49.87
CA LYS Y 8 -65.22 10.21 -50.53
C LYS Y 8 -65.92 9.85 -51.83
N LYS Y 9 -65.45 8.80 -52.52
CA LYS Y 9 -66.00 8.39 -53.79
C LYS Y 9 -67.16 7.40 -53.66
N HIS Y 10 -67.03 6.42 -52.77
CA HIS Y 10 -68.04 5.36 -52.71
C HIS Y 10 -69.20 5.74 -51.79
N LYS Y 11 -68.90 6.45 -50.70
CA LYS Y 11 -69.89 7.09 -49.82
C LYS Y 11 -70.78 6.12 -49.06
N ILE Y 12 -70.43 4.84 -49.04
CA ILE Y 12 -71.20 3.84 -48.30
C ILE Y 12 -70.29 2.68 -47.94
N VAL Y 13 -70.39 2.22 -46.69
CA VAL Y 13 -69.62 1.08 -46.20
C VAL Y 13 -70.61 0.10 -45.60
N ALA Y 14 -70.50 -1.16 -45.99
CA ALA Y 14 -71.35 -2.20 -45.43
C ALA Y 14 -70.68 -2.80 -44.20
N VAL Y 15 -71.42 -2.86 -43.10
CA VAL Y 15 -70.94 -3.45 -41.86
C VAL Y 15 -71.59 -4.83 -41.74
N LEU Y 16 -70.78 -5.88 -41.86
CA LEU Y 16 -71.27 -7.25 -41.85
C LEU Y 16 -71.26 -7.81 -40.44
N ARG Y 17 -72.45 -8.08 -39.90
CA ARG Y 17 -72.64 -8.98 -38.77
C ARG Y 17 -73.22 -10.28 -39.30
N ALA Y 18 -72.72 -11.40 -38.78
CA ALA Y 18 -73.19 -12.70 -39.24
C ALA Y 18 -73.01 -13.73 -38.14
N ASN Y 19 -73.87 -14.76 -38.17
CA ASN Y 19 -73.78 -15.86 -37.22
C ASN Y 19 -72.68 -16.87 -37.58
N ASP Y 20 -72.27 -16.91 -38.83
CA ASP Y 20 -71.25 -17.85 -39.30
C ASP Y 20 -70.52 -17.23 -40.49
N ALA Y 21 -69.50 -17.94 -40.99
CA ALA Y 21 -68.63 -17.37 -42.01
C ALA Y 21 -69.20 -17.49 -43.42
N GLN Y 22 -70.02 -18.50 -43.68
CA GLN Y 22 -70.55 -18.67 -45.04
C GLN Y 22 -71.61 -17.63 -45.34
N GLU Y 23 -72.46 -17.31 -44.36
CA GLU Y 23 -73.38 -16.18 -44.52
C GLU Y 23 -72.62 -14.88 -44.76
N ALA Y 24 -71.53 -14.67 -44.04
CA ALA Y 24 -70.73 -13.47 -44.22
C ALA Y 24 -70.17 -13.39 -45.63
N ARG Y 25 -69.68 -14.51 -46.17
CA ARG Y 25 -69.10 -14.48 -47.52
C ARG Y 25 -70.17 -14.27 -48.58
N GLU Y 26 -71.31 -14.96 -48.44
CA GLU Y 26 -72.41 -14.77 -49.40
C GLU Y 26 -72.92 -13.34 -49.38
N LYS Y 27 -73.05 -12.74 -48.19
CA LYS Y 27 -73.56 -11.37 -48.13
C LYS Y 27 -72.52 -10.34 -48.55
N ALA Y 28 -71.22 -10.59 -48.32
CA ALA Y 28 -70.22 -9.71 -48.89
C ALA Y 28 -70.30 -9.71 -50.41
N LEU Y 29 -70.48 -10.90 -51.01
CA LEU Y 29 -70.65 -10.97 -52.45
C LEU Y 29 -71.90 -10.24 -52.91
N ALA Y 30 -73.03 -10.43 -52.20
CA ALA Y 30 -74.28 -9.80 -52.61
C ALA Y 30 -74.21 -8.28 -52.46
N VAL Y 31 -73.54 -7.78 -51.42
CA VAL Y 31 -73.35 -6.34 -51.26
C VAL Y 31 -72.47 -5.80 -52.36
N PHE Y 32 -71.42 -6.52 -52.74
CA PHE Y 32 -70.59 -6.03 -53.84
C PHE Y 32 -71.32 -6.08 -55.17
N GLU Y 33 -72.33 -6.93 -55.31
CA GLU Y 33 -73.12 -7.02 -56.53
C GLU Y 33 -74.26 -6.02 -56.56
N GLY Y 34 -74.28 -5.05 -55.65
CA GLY Y 34 -75.28 -4.00 -55.68
C GLY Y 34 -74.67 -2.63 -55.90
N GLY Y 35 -73.35 -2.56 -55.89
CA GLY Y 35 -72.63 -1.32 -56.11
C GLY Y 35 -71.79 -0.85 -54.96
N VAL Y 36 -71.89 -1.49 -53.79
CA VAL Y 36 -71.15 -1.10 -52.60
C VAL Y 36 -69.76 -1.73 -52.70
N HIS Y 37 -68.74 -0.91 -52.91
CA HIS Y 37 -67.37 -1.38 -53.07
C HIS Y 37 -66.54 -1.29 -51.79
N LEU Y 38 -67.08 -0.74 -50.71
CA LEU Y 38 -66.42 -0.73 -49.41
C LEU Y 38 -67.18 -1.69 -48.50
N ILE Y 39 -66.49 -2.70 -48.00
CA ILE Y 39 -67.12 -3.72 -47.17
C ILE Y 39 -66.27 -3.91 -45.92
N GLU Y 40 -66.95 -4.10 -44.78
CA GLU Y 40 -66.30 -4.25 -43.49
C GLU Y 40 -66.79 -5.53 -42.84
N ILE Y 41 -65.86 -6.42 -42.49
CA ILE Y 41 -66.16 -7.65 -41.78
C ILE Y 41 -65.87 -7.39 -40.32
N THR Y 42 -66.90 -7.43 -39.48
CA THR Y 42 -66.71 -7.23 -38.06
C THR Y 42 -66.13 -8.48 -37.41
N PHE Y 43 -65.33 -8.28 -36.37
CA PHE Y 43 -64.72 -9.42 -35.69
C PHE Y 43 -65.62 -10.03 -34.63
N THR Y 44 -66.92 -9.76 -34.68
CA THR Y 44 -67.86 -10.61 -33.97
C THR Y 44 -68.27 -11.82 -34.79
N VAL Y 45 -68.07 -11.78 -36.10
CA VAL Y 45 -68.30 -12.95 -36.96
C VAL Y 45 -67.27 -14.03 -36.62
N PRO Y 46 -67.67 -15.28 -36.38
CA PRO Y 46 -66.68 -16.31 -36.09
C PRO Y 46 -65.83 -16.63 -37.31
N ASN Y 47 -64.53 -16.74 -37.08
CA ASN Y 47 -63.53 -16.96 -38.13
C ASN Y 47 -63.62 -15.84 -39.17
N ALA Y 48 -63.36 -14.61 -38.70
CA ALA Y 48 -63.56 -13.44 -39.55
C ALA Y 48 -62.32 -13.14 -40.39
N ALA Y 49 -61.13 -13.35 -39.84
CA ALA Y 49 -59.93 -13.18 -40.64
C ALA Y 49 -59.88 -14.17 -41.79
N ALA Y 50 -60.44 -15.37 -41.58
CA ALA Y 50 -60.57 -16.31 -42.68
C ALA Y 50 -61.49 -15.78 -43.76
N VAL Y 51 -62.57 -15.12 -43.36
CA VAL Y 51 -63.49 -14.53 -44.34
C VAL Y 51 -62.79 -13.42 -45.12
N ILE Y 52 -62.00 -12.60 -44.44
CA ILE Y 52 -61.25 -11.55 -45.13
C ILE Y 52 -60.23 -12.16 -46.09
N LEU Y 53 -59.63 -13.29 -45.72
CA LEU Y 53 -58.61 -13.91 -46.55
C LEU Y 53 -59.23 -14.50 -47.82
N LEU Y 54 -60.42 -15.09 -47.73
CA LEU Y 54 -61.04 -15.77 -48.85
C LEU Y 54 -61.93 -14.86 -49.70
N LEU Y 55 -61.78 -13.54 -49.57
CA LEU Y 55 -62.49 -12.60 -50.44
C LEU Y 55 -61.54 -11.81 -51.33
N SER Y 56 -60.36 -12.35 -51.61
CA SER Y 56 -59.39 -11.65 -52.44
C SER Y 56 -59.80 -11.59 -53.91
N PHE Y 57 -60.68 -12.48 -54.36
CA PHE Y 57 -61.19 -12.39 -55.72
C PHE Y 57 -62.01 -11.12 -55.91
N LEU Y 58 -62.85 -10.79 -54.92
CA LEU Y 58 -63.55 -9.51 -54.94
C LEU Y 58 -62.56 -8.36 -54.88
N LYS Y 59 -61.48 -8.52 -54.10
CA LYS Y 59 -60.46 -7.49 -54.02
C LYS Y 59 -59.85 -7.24 -55.40
N GLU Y 60 -59.77 -8.28 -56.23
CA GLU Y 60 -59.28 -8.12 -57.59
C GLU Y 60 -60.35 -7.56 -58.52
N LYS Y 61 -61.63 -7.77 -58.21
CA LYS Y 61 -62.69 -7.19 -59.02
C LYS Y 61 -62.90 -5.70 -58.74
N GLY Y 62 -62.47 -5.22 -57.57
CA GLY Y 62 -62.57 -3.81 -57.28
C GLY Y 62 -63.05 -3.43 -55.88
N ALA Y 63 -63.27 -4.43 -55.02
CA ALA Y 63 -63.78 -4.16 -53.67
C ALA Y 63 -62.65 -3.81 -52.72
N ILE Y 64 -62.99 -3.06 -51.68
CA ILE Y 64 -62.08 -2.75 -50.58
C ILE Y 64 -62.65 -3.38 -49.31
N ILE Y 65 -61.92 -4.34 -48.76
CA ILE Y 65 -62.36 -5.08 -47.57
C ILE Y 65 -61.59 -4.57 -46.37
N GLY Y 66 -62.28 -4.44 -45.23
CA GLY Y 66 -61.67 -4.00 -44.00
C GLY Y 66 -62.22 -4.77 -42.82
N ALA Y 67 -61.63 -4.52 -41.66
CA ALA Y 67 -61.97 -5.22 -40.42
C ALA Y 67 -62.55 -4.25 -39.42
N GLY Y 68 -63.68 -4.62 -38.82
CA GLY Y 68 -64.35 -3.82 -37.81
C GLY Y 68 -64.35 -4.47 -36.44
N THR Y 69 -64.91 -3.73 -35.48
CA THR Y 69 -65.02 -4.17 -34.08
C THR Y 69 -63.68 -4.68 -33.55
N VAL Y 70 -62.61 -3.95 -33.86
CA VAL Y 70 -61.28 -4.32 -33.39
C VAL Y 70 -61.04 -3.63 -32.06
N THR Y 71 -60.75 -4.43 -31.02
CA THR Y 71 -60.58 -3.92 -29.67
C THR Y 71 -59.29 -4.44 -29.05
N SER Y 72 -58.30 -4.76 -29.89
CA SER Y 72 -57.05 -5.31 -29.40
C SER Y 72 -55.97 -5.07 -30.44
N GLU Y 73 -54.71 -5.14 -30.00
CA GLU Y 73 -53.60 -4.95 -30.91
C GLU Y 73 -53.28 -6.25 -31.65
N GLU Y 74 -53.65 -7.40 -31.08
CA GLU Y 74 -53.47 -8.67 -31.76
C GLU Y 74 -54.53 -8.92 -32.81
N GLN Y 75 -55.73 -8.37 -32.62
CA GLN Y 75 -56.76 -8.44 -33.65
C GLN Y 75 -56.42 -7.59 -34.86
N CYS Y 76 -55.68 -6.50 -34.66
CA CYS Y 76 -55.23 -5.69 -35.78
C CYS Y 76 -54.12 -6.40 -36.54
N ALA Y 77 -53.22 -7.07 -35.83
CA ALA Y 77 -52.21 -7.89 -36.49
C ALA Y 77 -52.85 -9.01 -37.31
N LEU Y 78 -53.83 -9.70 -36.72
CA LEU Y 78 -54.52 -10.76 -37.44
C LEU Y 78 -55.25 -10.25 -38.66
N ALA Y 79 -55.86 -9.07 -38.55
CA ALA Y 79 -56.62 -8.51 -39.67
C ALA Y 79 -55.72 -8.00 -40.78
N VAL Y 80 -54.56 -7.43 -40.44
CA VAL Y 80 -53.63 -6.98 -41.47
C VAL Y 80 -52.95 -8.17 -42.14
N LEU Y 81 -52.67 -9.23 -41.38
CA LEU Y 81 -52.16 -10.46 -41.98
C LEU Y 81 -53.15 -11.02 -42.98
N SER Y 82 -54.41 -11.15 -42.58
CA SER Y 82 -55.42 -11.71 -43.47
C SER Y 82 -55.64 -10.90 -44.73
N GLY Y 83 -55.26 -9.61 -44.74
CA GLY Y 83 -55.35 -8.81 -45.93
C GLY Y 83 -56.33 -7.65 -45.88
N ALA Y 84 -56.65 -7.18 -44.67
CA ALA Y 84 -57.56 -6.05 -44.53
C ALA Y 84 -56.86 -4.75 -44.90
N GLU Y 85 -57.58 -3.87 -45.59
CA GLU Y 85 -57.02 -2.61 -46.04
C GLU Y 85 -57.30 -1.45 -45.08
N PHE Y 86 -58.28 -1.58 -44.20
CA PHE Y 86 -58.53 -0.57 -43.17
C PHE Y 86 -59.07 -1.24 -41.92
N ILE Y 87 -58.84 -0.59 -40.77
CA ILE Y 87 -59.23 -1.09 -39.46
C ILE Y 87 -60.19 -0.09 -38.84
N VAL Y 88 -61.20 -0.59 -38.15
CA VAL Y 88 -62.22 0.24 -37.52
C VAL Y 88 -62.47 -0.25 -36.10
N SER Y 89 -62.70 0.68 -35.18
CA SER Y 89 -63.02 0.41 -33.79
C SER Y 89 -64.27 1.17 -33.38
N PRO Y 90 -65.09 0.62 -32.49
CA PRO Y 90 -66.22 1.38 -31.94
C PRO Y 90 -65.84 2.34 -30.83
N HIS Y 91 -64.55 2.50 -30.57
CA HIS Y 91 -64.04 3.34 -29.48
C HIS Y 91 -62.74 3.96 -29.96
N LEU Y 92 -62.05 4.62 -29.04
CA LEU Y 92 -60.72 5.14 -29.29
C LEU Y 92 -59.74 4.45 -28.36
N ASP Y 93 -58.68 3.89 -28.93
CA ASP Y 93 -57.60 3.30 -28.15
C ASP Y 93 -56.28 3.91 -28.60
N GLU Y 94 -55.45 4.28 -27.62
CA GLU Y 94 -54.19 4.92 -27.93
C GLU Y 94 -53.13 3.92 -28.39
N GLU Y 95 -53.20 2.68 -27.94
CA GLU Y 95 -52.23 1.68 -28.37
C GLU Y 95 -52.58 1.05 -29.71
N ILE Y 96 -53.86 0.76 -29.96
CA ILE Y 96 -54.26 0.28 -31.28
C ILE Y 96 -53.97 1.33 -32.33
N SER Y 97 -53.80 2.59 -31.92
CA SER Y 97 -53.50 3.67 -32.85
C SER Y 97 -52.00 3.91 -33.00
N GLN Y 98 -51.25 3.85 -31.90
CA GLN Y 98 -49.81 4.06 -32.00
C GLN Y 98 -49.10 2.86 -32.61
N PHE Y 99 -49.65 1.65 -32.45
CA PHE Y 99 -49.09 0.47 -33.11
C PHE Y 99 -49.84 0.13 -34.39
N CYS Y 100 -50.32 1.16 -35.07
CA CYS Y 100 -51.00 1.03 -36.36
C CYS Y 100 -50.42 2.14 -37.18
N LYS Y 101 -50.16 3.30 -36.57
CA LYS Y 101 -49.41 4.34 -37.27
C LYS Y 101 -48.09 3.79 -37.81
N GLU Y 102 -47.42 2.95 -37.02
CA GLU Y 102 -46.14 2.36 -37.45
C GLU Y 102 -46.35 1.30 -38.53
N LYS Y 103 -47.46 0.58 -38.49
CA LYS Y 103 -47.75 -0.40 -39.53
C LYS Y 103 -47.95 0.26 -40.88
N GLY Y 104 -48.43 1.50 -40.90
CA GLY Y 104 -48.86 2.15 -42.11
C GLY Y 104 -50.25 1.79 -42.56
N VAL Y 105 -51.11 1.33 -41.66
CA VAL Y 105 -52.46 0.91 -41.97
C VAL Y 105 -53.43 2.02 -41.58
N PHE Y 106 -54.52 2.13 -42.33
CA PHE Y 106 -55.55 3.11 -42.05
C PHE Y 106 -56.42 2.65 -40.88
N TYR Y 107 -56.45 3.47 -39.82
CA TYR Y 107 -57.23 3.18 -38.63
C TYR Y 107 -58.27 4.28 -38.44
N MET Y 108 -59.53 3.90 -38.27
CA MET Y 108 -60.62 4.85 -38.08
C MET Y 108 -61.29 4.59 -36.74
N PRO Y 109 -60.95 5.31 -35.69
CA PRO Y 109 -61.56 5.07 -34.38
C PRO Y 109 -62.94 5.70 -34.28
N GLY Y 110 -63.63 5.37 -33.20
CA GLY Y 110 -65.00 5.82 -32.95
C GLY Y 110 -65.05 6.77 -31.77
N VAL Y 111 -65.81 7.85 -31.93
CA VAL Y 111 -65.96 8.87 -30.91
C VAL Y 111 -67.44 9.15 -30.73
N MET Y 112 -67.79 9.69 -29.56
CA MET Y 112 -69.15 10.19 -29.34
C MET Y 112 -69.18 11.57 -28.70
N THR Y 113 -68.12 11.98 -28.01
CA THR Y 113 -68.00 13.28 -27.34
C THR Y 113 -66.83 14.06 -27.96
N PRO Y 114 -66.82 15.40 -27.83
CA PRO Y 114 -65.70 16.19 -28.35
C PRO Y 114 -64.40 16.06 -27.57
N THR Y 115 -64.41 15.48 -26.37
CA THR Y 115 -63.14 15.23 -25.69
C THR Y 115 -62.40 14.06 -26.33
N GLU Y 116 -63.14 12.99 -26.66
CA GLU Y 116 -62.56 11.90 -27.45
C GLU Y 116 -62.16 12.38 -28.82
N LEU Y 117 -62.93 13.31 -29.40
CA LEU Y 117 -62.61 13.88 -30.69
C LEU Y 117 -61.26 14.59 -30.64
N VAL Y 118 -61.02 15.39 -29.60
CA VAL Y 118 -59.75 16.09 -29.51
C VAL Y 118 -58.61 15.11 -29.22
N LYS Y 119 -58.85 14.07 -28.42
CA LYS Y 119 -57.78 13.09 -28.20
C LYS Y 119 -57.45 12.32 -29.47
N ALA Y 120 -58.43 12.08 -30.34
CA ALA Y 120 -58.15 11.42 -31.62
C ALA Y 120 -57.44 12.36 -32.58
N MET Y 121 -57.81 13.63 -32.60
CA MET Y 121 -57.09 14.61 -33.41
C MET Y 121 -55.64 14.75 -32.96
N LYS Y 122 -55.39 14.69 -31.65
CA LYS Y 122 -54.02 14.78 -31.16
C LYS Y 122 -53.18 13.57 -31.57
N LEU Y 123 -53.82 12.49 -32.00
CA LEU Y 123 -53.11 11.30 -32.46
C LEU Y 123 -53.01 11.25 -33.97
N GLY Y 124 -53.58 12.22 -34.67
CA GLY Y 124 -53.44 12.32 -36.11
C GLY Y 124 -54.66 11.91 -36.92
N HIS Y 125 -55.80 11.71 -36.28
CA HIS Y 125 -56.97 11.17 -36.95
C HIS Y 125 -57.87 12.30 -37.43
N THR Y 126 -58.14 12.33 -38.74
CA THR Y 126 -59.01 13.33 -39.34
C THR Y 126 -60.35 12.76 -39.78
N ILE Y 127 -60.41 11.49 -40.14
CA ILE Y 127 -61.65 10.80 -40.42
C ILE Y 127 -61.99 9.97 -39.20
N LEU Y 128 -63.16 10.24 -38.61
CA LEU Y 128 -63.58 9.58 -37.40
C LEU Y 128 -64.89 8.86 -37.65
N LYS Y 129 -65.12 7.80 -36.90
CA LYS Y 129 -66.37 7.07 -36.91
C LYS Y 129 -67.28 7.64 -35.83
N LEU Y 130 -68.51 7.97 -36.20
CA LEU Y 130 -69.49 8.51 -35.26
C LEU Y 130 -70.43 7.38 -34.85
N PHE Y 131 -70.24 6.87 -33.63
CA PHE Y 131 -71.00 5.73 -33.17
C PHE Y 131 -71.30 5.90 -31.69
N PRO Y 132 -72.55 5.66 -31.26
CA PRO Y 132 -73.71 5.38 -32.12
C PRO Y 132 -74.33 6.64 -32.71
N GLY Y 133 -74.52 6.65 -34.03
CA GLY Y 133 -74.95 7.85 -34.71
C GLY Y 133 -76.39 8.25 -34.48
N GLU Y 134 -77.25 7.29 -34.11
CA GLU Y 134 -78.64 7.61 -33.85
C GLU Y 134 -78.87 8.18 -32.46
N VAL Y 135 -77.90 8.06 -31.56
CA VAL Y 135 -78.00 8.68 -30.24
C VAL Y 135 -77.70 10.17 -30.35
N VAL Y 136 -76.75 10.56 -31.19
CA VAL Y 136 -76.33 11.94 -31.31
C VAL Y 136 -77.02 12.65 -32.47
N GLY Y 137 -77.18 11.99 -33.62
CA GLY Y 137 -77.89 12.56 -34.74
C GLY Y 137 -77.05 13.49 -35.58
N PRO Y 138 -77.62 14.00 -36.68
CA PRO Y 138 -76.86 14.90 -37.55
C PRO Y 138 -76.56 16.24 -36.89
N GLN Y 139 -77.28 16.58 -35.83
CA GLN Y 139 -77.04 17.84 -35.13
C GLN Y 139 -75.69 17.85 -34.44
N PHE Y 140 -75.18 16.69 -34.04
CA PHE Y 140 -73.83 16.62 -33.51
C PHE Y 140 -72.79 16.97 -34.58
N VAL Y 141 -73.02 16.50 -35.81
CA VAL Y 141 -72.10 16.79 -36.90
C VAL Y 141 -72.14 18.26 -37.26
N LYS Y 142 -73.35 18.84 -37.34
CA LYS Y 142 -73.45 20.27 -37.62
C LYS Y 142 -72.84 21.10 -36.49
N ALA Y 143 -72.98 20.66 -35.24
CA ALA Y 143 -72.42 21.41 -34.13
C ALA Y 143 -70.91 21.28 -34.02
N MET Y 144 -70.31 20.24 -34.61
CA MET Y 144 -68.86 20.12 -34.58
C MET Y 144 -68.18 20.89 -35.69
N LYS Y 145 -68.95 21.50 -36.60
CA LYS Y 145 -68.36 22.22 -37.73
C LYS Y 145 -67.53 23.40 -37.25
N GLY Y 146 -68.08 24.19 -36.33
CA GLY Y 146 -67.47 25.42 -35.90
C GLY Y 146 -66.09 25.27 -35.30
N PRO Y 147 -65.99 24.60 -34.15
CA PRO Y 147 -64.68 24.49 -33.49
C PRO Y 147 -63.71 23.57 -34.21
N PHE Y 148 -64.22 22.54 -34.88
CA PHE Y 148 -63.39 21.50 -35.50
C PHE Y 148 -63.76 21.41 -36.98
N PRO Y 149 -63.29 22.35 -37.80
CA PRO Y 149 -63.75 22.39 -39.20
C PRO Y 149 -63.10 21.36 -40.11
N ASN Y 150 -62.01 20.71 -39.71
CA ASN Y 150 -61.30 19.80 -40.59
C ASN Y 150 -61.69 18.34 -40.40
N VAL Y 151 -62.49 18.02 -39.39
CA VAL Y 151 -62.81 16.63 -39.06
C VAL Y 151 -63.98 16.16 -39.91
N LYS Y 152 -63.84 14.97 -40.52
CA LYS Y 152 -64.89 14.32 -41.28
C LYS Y 152 -65.41 13.12 -40.51
N PHE Y 153 -66.71 12.87 -40.60
CA PHE Y 153 -67.36 11.79 -39.87
C PHE Y 153 -67.95 10.75 -40.81
N VAL Y 154 -67.83 9.50 -40.41
CA VAL Y 154 -68.56 8.39 -41.02
C VAL Y 154 -69.53 7.90 -39.93
N PRO Y 155 -70.80 8.28 -39.97
CA PRO Y 155 -71.73 7.82 -38.94
C PRO Y 155 -72.12 6.36 -39.14
N THR Y 156 -72.13 5.62 -38.04
CA THR Y 156 -72.58 4.23 -38.02
C THR Y 156 -73.63 4.09 -36.93
N GLY Y 157 -74.71 3.36 -37.25
CA GLY Y 157 -75.80 3.16 -36.31
C GLY Y 157 -77.05 3.89 -36.70
N GLY Y 158 -78.11 3.14 -37.00
CA GLY Y 158 -79.40 3.74 -37.28
C GLY Y 158 -79.46 4.59 -38.53
N VAL Y 159 -78.85 4.14 -39.62
CA VAL Y 159 -78.90 4.83 -40.90
C VAL Y 159 -79.85 4.07 -41.80
N ASN Y 160 -80.95 4.72 -42.19
CA ASN Y 160 -81.98 4.13 -43.03
C ASN Y 160 -82.06 4.90 -44.32
N LEU Y 161 -82.90 4.40 -45.24
CA LEU Y 161 -83.18 5.14 -46.47
C LEU Y 161 -83.80 6.50 -46.17
N ASP Y 162 -84.68 6.57 -45.17
CA ASP Y 162 -85.39 7.81 -44.88
C ASP Y 162 -84.44 8.90 -44.38
N ASN Y 163 -83.46 8.54 -43.57
CA ASN Y 163 -82.61 9.52 -42.92
C ASN Y 163 -81.19 9.54 -43.46
N VAL Y 164 -80.94 8.95 -44.63
CA VAL Y 164 -79.59 8.96 -45.18
C VAL Y 164 -79.28 10.27 -45.88
N CYS Y 165 -80.30 10.96 -46.41
CA CYS Y 165 -80.06 12.26 -47.03
C CYS Y 165 -79.80 13.34 -45.99
N GLU Y 166 -80.42 13.21 -44.81
CA GLU Y 166 -80.17 14.13 -43.72
C GLU Y 166 -78.72 14.09 -43.27
N TRP Y 167 -78.11 12.92 -43.28
CA TRP Y 167 -76.73 12.78 -42.84
C TRP Y 167 -75.76 13.42 -43.82
N PHE Y 168 -76.06 13.36 -45.12
CA PHE Y 168 -75.21 14.01 -46.12
C PHE Y 168 -75.46 15.51 -46.21
N LYS Y 169 -76.68 15.95 -45.89
CA LYS Y 169 -76.92 17.39 -45.75
C LYS Y 169 -76.16 17.94 -44.54
N ALA Y 170 -76.04 17.16 -43.47
CA ALA Y 170 -75.25 17.60 -42.32
C ALA Y 170 -73.77 17.71 -42.67
N GLY Y 171 -73.29 16.93 -43.64
CA GLY Y 171 -71.92 17.08 -44.10
C GLY Y 171 -71.00 15.93 -43.80
N VAL Y 172 -71.53 14.70 -43.74
CA VAL Y 172 -70.68 13.55 -43.45
C VAL Y 172 -69.92 13.12 -44.70
N LEU Y 173 -68.83 12.39 -44.48
CA LEU Y 173 -68.02 11.89 -45.59
C LEU Y 173 -68.66 10.65 -46.23
N ALA Y 174 -68.97 9.66 -45.42
CA ALA Y 174 -69.66 8.46 -45.86
C ALA Y 174 -70.55 8.00 -44.71
N VAL Y 175 -71.37 6.98 -44.97
CA VAL Y 175 -72.21 6.37 -43.96
C VAL Y 175 -71.91 4.88 -43.89
N GLY Y 176 -71.81 4.35 -42.67
CA GLY Y 176 -71.71 2.92 -42.50
C GLY Y 176 -73.07 2.31 -42.19
N VAL Y 177 -73.59 1.49 -43.10
CA VAL Y 177 -74.93 0.94 -42.95
C VAL Y 177 -74.82 -0.53 -42.56
N GLY Y 178 -75.60 -0.92 -41.55
CA GLY Y 178 -75.59 -2.28 -41.05
C GLY Y 178 -76.88 -3.04 -41.27
N SER Y 179 -77.69 -3.12 -40.22
CA SER Y 179 -78.89 -3.95 -40.23
C SER Y 179 -79.87 -3.61 -41.34
N ALA Y 180 -79.76 -2.42 -41.94
CA ALA Y 180 -80.62 -2.02 -43.03
C ALA Y 180 -80.08 -2.43 -44.39
N LEU Y 181 -78.91 -3.06 -44.43
CA LEU Y 181 -78.40 -3.67 -45.65
C LEU Y 181 -78.36 -5.18 -45.55
N VAL Y 182 -77.72 -5.72 -44.50
CA VAL Y 182 -77.23 -7.09 -44.51
C VAL Y 182 -78.18 -8.08 -43.86
N LYS Y 183 -79.33 -7.64 -43.35
CA LYS Y 183 -80.28 -8.63 -42.88
C LYS Y 183 -81.15 -9.15 -44.01
N GLY Y 184 -81.76 -10.31 -43.78
CA GLY Y 184 -82.56 -10.98 -44.77
C GLY Y 184 -81.77 -12.00 -45.56
N THR Y 185 -82.41 -12.53 -46.60
CA THR Y 185 -81.80 -13.51 -47.47
C THR Y 185 -80.76 -12.85 -48.37
N PRO Y 186 -79.74 -13.59 -48.82
CA PRO Y 186 -78.63 -12.95 -49.56
C PRO Y 186 -79.02 -12.39 -50.92
N ASP Y 187 -80.30 -12.50 -51.30
CA ASP Y 187 -80.76 -11.84 -52.52
C ASP Y 187 -81.60 -10.60 -52.21
N GLU Y 188 -82.21 -10.53 -51.02
CA GLU Y 188 -82.82 -9.28 -50.59
C GLU Y 188 -81.77 -8.23 -50.32
N VAL Y 189 -80.60 -8.66 -49.83
CA VAL Y 189 -79.48 -7.76 -49.61
C VAL Y 189 -79.01 -7.16 -50.94
N ARG Y 190 -79.07 -7.95 -52.00
CA ARG Y 190 -78.64 -7.46 -53.31
C ARG Y 190 -79.53 -6.34 -53.81
N GLU Y 191 -80.79 -6.30 -53.38
CA GLU Y 191 -81.71 -5.23 -53.73
C GLU Y 191 -81.63 -4.06 -52.77
N LYS Y 192 -81.43 -4.33 -51.48
CA LYS Y 192 -81.22 -3.26 -50.51
C LYS Y 192 -79.99 -2.44 -50.88
N ALA Y 193 -78.92 -3.10 -51.32
CA ALA Y 193 -77.71 -2.40 -51.72
C ALA Y 193 -77.97 -1.46 -52.89
N LYS Y 194 -78.74 -1.94 -53.88
CA LYS Y 194 -79.05 -1.09 -55.03
C LYS Y 194 -79.92 0.08 -54.62
N ALA Y 195 -80.90 -0.15 -53.76
CA ALA Y 195 -81.74 0.92 -53.26
C ALA Y 195 -80.90 1.99 -52.58
N PHE Y 196 -80.00 1.57 -51.68
CA PHE Y 196 -79.15 2.52 -50.97
C PHE Y 196 -78.25 3.27 -51.92
N VAL Y 197 -77.62 2.58 -52.86
CA VAL Y 197 -76.67 3.23 -53.76
C VAL Y 197 -77.36 4.24 -54.65
N GLU Y 198 -78.58 3.95 -55.11
CA GLU Y 198 -79.29 4.92 -55.93
C GLU Y 198 -79.84 6.06 -55.10
N LYS Y 199 -80.33 5.78 -53.90
CA LYS Y 199 -80.82 6.84 -53.03
C LYS Y 199 -79.73 7.83 -52.67
N ILE Y 200 -78.52 7.34 -52.38
CA ILE Y 200 -77.41 8.23 -52.03
C ILE Y 200 -77.00 9.10 -53.21
N ARG Y 201 -77.29 8.68 -54.44
CA ARG Y 201 -77.01 9.48 -55.61
C ARG Y 201 -78.19 10.34 -56.03
N GLY Y 202 -79.21 10.42 -55.18
CA GLY Y 202 -80.34 11.30 -55.43
C GLY Y 202 -80.66 12.14 -54.22
N CYS Y 203 -79.72 12.23 -53.28
CA CYS Y 203 -79.86 13.16 -52.16
C CYS Y 203 -79.44 14.54 -52.63
N MET Z 3 -23.93 3.30 72.02
CA MET Z 3 -23.84 1.85 71.82
C MET Z 3 -24.64 1.11 72.87
N GLU Z 4 -24.68 -0.22 72.76
CA GLU Z 4 -25.50 -1.03 73.67
C GLU Z 4 -25.11 -0.84 75.12
N GLU Z 5 -23.82 -0.62 75.37
CA GLU Z 5 -23.34 -0.47 76.74
C GLU Z 5 -24.05 0.68 77.44
N LEU Z 6 -24.08 1.85 76.80
CA LEU Z 6 -24.64 3.03 77.44
C LEU Z 6 -26.17 2.96 77.52
N PHE Z 7 -26.82 2.38 76.52
CA PHE Z 7 -28.28 2.21 76.59
C PHE Z 7 -28.66 1.23 77.69
N LYS Z 8 -27.92 0.13 77.82
CA LYS Z 8 -28.19 -0.81 78.92
C LYS Z 8 -27.91 -0.19 80.27
N LYS Z 9 -26.85 0.63 80.37
CA LYS Z 9 -26.48 1.20 81.66
C LYS Z 9 -27.46 2.28 82.10
N HIS Z 10 -27.77 3.22 81.21
CA HIS Z 10 -28.54 4.41 81.58
C HIS Z 10 -30.03 4.25 81.36
N LYS Z 11 -30.42 3.58 80.27
CA LYS Z 11 -31.79 3.15 79.98
C LYS Z 11 -32.75 4.29 79.68
N ILE Z 12 -32.27 5.52 79.50
CA ILE Z 12 -33.15 6.64 79.18
C ILE Z 12 -32.35 7.67 78.40
N VAL Z 13 -32.91 8.11 77.29
CA VAL Z 13 -32.33 9.15 76.45
C VAL Z 13 -33.29 10.34 76.47
N ALA Z 14 -32.76 11.52 76.73
CA ALA Z 14 -33.58 12.73 76.74
C ALA Z 14 -33.54 13.35 75.36
N VAL Z 15 -34.72 13.54 74.76
CA VAL Z 15 -34.86 14.08 73.41
C VAL Z 15 -35.22 15.55 73.55
N LEU Z 16 -34.32 16.43 73.10
CA LEU Z 16 -34.47 17.87 73.29
C LEU Z 16 -35.06 18.50 72.04
N ARG Z 17 -36.25 19.08 72.21
CA ARG Z 17 -36.90 19.97 71.25
C ARG Z 17 -36.91 21.35 71.88
N ALA Z 18 -36.61 22.38 71.10
CA ALA Z 18 -36.60 23.73 71.65
C ALA Z 18 -36.79 24.74 70.52
N ASN Z 19 -37.26 25.93 70.90
CA ASN Z 19 -37.39 27.04 69.98
C ASN Z 19 -36.14 27.90 69.90
N ASP Z 20 -35.12 27.63 70.72
CA ASP Z 20 -33.94 28.46 70.81
C ASP Z 20 -32.78 27.57 71.22
N ALA Z 21 -31.56 28.09 71.08
CA ALA Z 21 -30.37 27.34 71.47
C ALA Z 21 -29.99 27.53 72.92
N GLN Z 22 -30.30 28.69 73.51
CA GLN Z 22 -30.03 28.88 74.93
C GLN Z 22 -30.95 28.01 75.77
N GLU Z 23 -32.21 27.91 75.38
CA GLU Z 23 -33.14 27.01 76.06
C GLU Z 23 -32.67 25.57 75.97
N ALA Z 24 -32.16 25.17 74.80
CA ALA Z 24 -31.65 23.83 74.63
C ALA Z 24 -30.47 23.56 75.56
N ARG Z 25 -29.55 24.52 75.65
CA ARG Z 25 -28.39 24.33 76.53
C ARG Z 25 -28.80 24.27 78.00
N GLU Z 26 -29.74 25.12 78.40
CA GLU Z 26 -30.23 25.11 79.78
C GLU Z 26 -30.88 23.78 80.12
N LYS Z 27 -31.75 23.28 79.24
CA LYS Z 27 -32.45 22.04 79.54
C LYS Z 27 -31.53 20.83 79.45
N ALA Z 28 -30.56 20.85 78.54
CA ALA Z 28 -29.58 19.77 78.51
C ALA Z 28 -28.79 19.72 79.81
N LEU Z 29 -28.37 20.88 80.32
CA LEU Z 29 -27.65 20.90 81.59
C LEU Z 29 -28.55 20.42 82.72
N ALA Z 30 -29.81 20.85 82.74
CA ALA Z 30 -30.71 20.47 83.83
C ALA Z 30 -31.00 18.97 83.81
N VAL Z 31 -31.20 18.39 82.64
CA VAL Z 31 -31.51 16.97 82.57
C VAL Z 31 -30.26 16.14 82.86
N PHE Z 32 -29.06 16.67 82.57
CA PHE Z 32 -27.86 15.97 83.01
C PHE Z 32 -27.71 16.04 84.52
N GLU Z 33 -28.09 17.17 85.13
CA GLU Z 33 -28.06 17.27 86.58
C GLU Z 33 -29.06 16.31 87.23
N GLY Z 34 -30.23 16.15 86.61
CA GLY Z 34 -31.23 15.24 87.14
C GLY Z 34 -30.82 13.79 87.16
N GLY Z 35 -29.83 13.41 86.35
CA GLY Z 35 -29.30 12.06 86.34
C GLY Z 35 -29.29 11.39 84.99
N VAL Z 36 -29.81 12.03 83.93
CA VAL Z 36 -29.81 11.45 82.60
C VAL Z 36 -28.46 11.74 81.93
N HIS Z 37 -27.79 10.69 81.47
CA HIS Z 37 -26.47 10.83 80.88
C HIS Z 37 -26.47 10.67 79.37
N LEU Z 38 -27.60 10.35 78.77
CA LEU Z 38 -27.74 10.30 77.31
C LEU Z 38 -28.68 11.41 76.88
N ILE Z 39 -28.23 12.30 76.01
CA ILE Z 39 -29.06 13.39 75.54
C ILE Z 39 -29.00 13.51 74.03
N GLU Z 40 -30.13 13.87 73.41
CA GLU Z 40 -30.19 14.02 71.98
C GLU Z 40 -30.73 15.36 71.64
N ILE Z 41 -30.04 16.08 70.77
CA ILE Z 41 -30.47 17.38 70.37
C ILE Z 41 -31.05 17.21 69.01
N THR Z 42 -32.31 17.54 68.86
CA THR Z 42 -32.98 17.34 67.62
C THR Z 42 -32.62 18.42 66.65
N PHE Z 43 -32.50 18.09 65.40
CA PHE Z 43 -32.08 19.04 64.44
C PHE Z 43 -33.25 19.84 64.01
N THR Z 44 -34.08 20.21 64.95
CA THR Z 44 -35.24 21.04 64.69
C THR Z 44 -35.04 22.23 65.57
N VAL Z 45 -34.08 22.16 66.49
CA VAL Z 45 -33.73 23.29 67.33
C VAL Z 45 -32.83 24.16 66.50
N PRO Z 46 -33.13 25.46 66.36
CA PRO Z 46 -32.33 26.34 65.52
C PRO Z 46 -30.90 26.45 66.02
N ASN Z 47 -29.96 26.30 65.10
CA ASN Z 47 -28.52 26.25 65.42
C ASN Z 47 -28.25 25.12 66.42
N ALA Z 48 -28.42 23.89 65.96
CA ALA Z 48 -28.31 22.73 66.84
C ALA Z 48 -26.92 22.11 66.84
N ALA Z 49 -26.21 22.17 65.72
CA ALA Z 49 -24.83 21.73 65.74
C ALA Z 49 -23.97 22.62 66.62
N ALA Z 50 -24.33 23.90 66.72
CA ALA Z 50 -23.67 24.78 67.68
C ALA Z 50 -23.94 24.35 69.11
N VAL Z 51 -25.17 23.95 69.41
CA VAL Z 51 -25.50 23.44 70.74
C VAL Z 51 -24.71 22.18 71.05
N ILE Z 52 -24.57 21.29 70.07
CA ILE Z 52 -23.76 20.09 70.28
C ILE Z 52 -22.30 20.45 70.47
N LEU Z 53 -21.83 21.52 69.82
CA LEU Z 53 -20.44 21.93 69.96
C LEU Z 53 -20.18 22.60 71.30
N LEU Z 54 -21.10 23.45 71.75
CA LEU Z 54 -20.96 24.16 73.01
C LEU Z 54 -21.46 23.35 74.20
N LEU Z 55 -21.59 22.04 74.03
CA LEU Z 55 -21.86 21.09 75.12
C LEU Z 55 -20.75 20.06 75.03
N SER Z 56 -19.61 20.41 75.60
CA SER Z 56 -18.46 19.54 75.70
C SER Z 56 -17.83 19.56 77.08
N PHE Z 57 -18.19 20.54 77.91
CA PHE Z 57 -17.85 20.49 79.32
C PHE Z 57 -18.63 19.41 80.04
N LEU Z 58 -19.81 19.04 79.52
CA LEU Z 58 -20.55 17.89 80.04
C LEU Z 58 -19.93 16.58 79.60
N LYS Z 59 -19.23 16.56 78.47
CA LYS Z 59 -18.66 15.31 77.97
C LYS Z 59 -17.66 14.73 78.96
N GLU Z 60 -16.90 15.58 79.65
CA GLU Z 60 -16.01 15.10 80.70
C GLU Z 60 -16.79 14.68 81.94
N LYS Z 61 -17.86 15.41 82.26
CA LYS Z 61 -18.67 15.06 83.42
C LYS Z 61 -19.38 13.74 83.27
N GLY Z 62 -19.53 13.25 82.03
CA GLY Z 62 -20.06 11.91 81.81
C GLY Z 62 -21.19 11.79 80.81
N ALA Z 63 -21.64 12.92 80.27
CA ALA Z 63 -22.78 12.90 79.36
C ALA Z 63 -22.38 12.41 77.98
N ILE Z 64 -23.32 11.75 77.31
CA ILE Z 64 -23.18 11.33 75.92
C ILE Z 64 -24.19 12.12 75.10
N ILE Z 65 -23.70 12.92 74.16
CA ILE Z 65 -24.53 13.83 73.37
C ILE Z 65 -24.63 13.31 71.95
N GLY Z 66 -25.84 13.34 71.39
CA GLY Z 66 -26.08 12.89 70.04
C GLY Z 66 -27.06 13.81 69.34
N ALA Z 67 -27.28 13.51 68.06
CA ALA Z 67 -28.11 14.33 67.19
C ALA Z 67 -29.30 13.50 66.71
N GLY Z 68 -30.49 14.11 66.74
CA GLY Z 68 -31.70 13.45 66.28
C GLY Z 68 -32.34 14.20 65.11
N THR Z 69 -33.42 13.62 64.61
CA THR Z 69 -34.17 14.16 63.47
C THR Z 69 -33.24 14.48 62.30
N VAL Z 70 -32.41 13.52 61.96
CA VAL Z 70 -31.47 13.66 60.85
C VAL Z 70 -32.08 13.02 59.62
N THR Z 71 -32.36 13.83 58.60
CA THR Z 71 -33.03 13.38 57.40
C THR Z 71 -32.19 13.64 56.16
N SER Z 72 -30.88 13.77 56.31
CA SER Z 72 -30.00 14.14 55.22
C SER Z 72 -28.60 13.63 55.52
N GLU Z 73 -27.80 13.43 54.48
CA GLU Z 73 -26.42 13.02 54.67
C GLU Z 73 -25.51 14.19 55.03
N GLU Z 74 -25.93 15.43 54.73
CA GLU Z 74 -25.17 16.61 55.12
C GLU Z 74 -25.39 16.98 56.58
N GLN Z 75 -26.56 16.64 57.14
CA GLN Z 75 -26.79 16.85 58.56
C GLN Z 75 -26.01 15.88 59.42
N CYS Z 76 -25.74 14.68 58.91
CA CYS Z 76 -24.90 13.74 59.62
C CYS Z 76 -23.44 14.17 59.60
N ALA Z 77 -22.98 14.72 58.48
CA ALA Z 77 -21.65 15.30 58.43
C ALA Z 77 -21.52 16.48 59.40
N LEU Z 78 -22.52 17.36 59.39
CA LEU Z 78 -22.49 18.53 60.28
C LEU Z 78 -22.53 18.13 61.75
N ALA Z 79 -23.25 17.05 62.07
CA ALA Z 79 -23.36 16.61 63.45
C ALA Z 79 -22.16 15.82 63.93
N VAL Z 80 -21.52 15.05 63.04
CA VAL Z 80 -20.28 14.38 63.42
C VAL Z 80 -19.14 15.38 63.54
N LEU Z 81 -19.15 16.43 62.71
CA LEU Z 81 -18.21 17.53 62.89
C LEU Z 81 -18.41 18.18 64.24
N SER Z 82 -19.64 18.62 64.53
CA SER Z 82 -19.92 19.31 65.78
C SER Z 82 -19.62 18.48 67.02
N GLY Z 83 -19.45 17.17 66.90
CA GLY Z 83 -19.08 16.34 68.02
C GLY Z 83 -20.12 15.35 68.51
N ALA Z 84 -21.20 15.12 67.77
CA ALA Z 84 -22.21 14.15 68.17
C ALA Z 84 -21.63 12.74 68.17
N GLU Z 85 -21.96 11.97 69.21
CA GLU Z 85 -21.48 10.61 69.33
C GLU Z 85 -22.41 9.57 68.75
N PHE Z 86 -23.70 9.87 68.58
CA PHE Z 86 -24.61 8.98 67.88
C PHE Z 86 -25.58 9.79 67.05
N ILE Z 87 -26.15 9.14 66.04
CA ILE Z 87 -27.09 9.75 65.11
C ILE Z 87 -28.40 8.98 65.20
N VAL Z 88 -29.52 9.70 65.23
CA VAL Z 88 -30.84 9.11 65.31
C VAL Z 88 -31.69 9.71 64.19
N SER Z 89 -32.65 8.93 63.71
CA SER Z 89 -33.51 9.34 62.61
C SER Z 89 -34.92 8.79 62.85
N PRO Z 90 -35.96 9.55 62.50
CA PRO Z 90 -37.32 9.07 62.75
C PRO Z 90 -37.81 8.11 61.68
N HIS Z 91 -36.89 7.65 60.85
CA HIS Z 91 -37.19 6.93 59.63
C HIS Z 91 -35.96 6.17 59.20
N LEU Z 92 -36.14 5.18 58.34
CA LEU Z 92 -35.03 4.45 57.78
C LEU Z 92 -34.63 5.05 56.44
N ASP Z 93 -33.33 5.25 56.26
CA ASP Z 93 -32.80 5.72 55.00
C ASP Z 93 -31.56 4.90 54.67
N GLU Z 94 -31.47 4.45 53.42
CA GLU Z 94 -30.38 3.57 53.03
C GLU Z 94 -29.10 4.32 52.72
N GLU Z 95 -29.19 5.61 52.42
CA GLU Z 95 -27.98 6.39 52.14
C GLU Z 95 -27.38 6.96 53.41
N ILE Z 96 -28.21 7.47 54.33
CA ILE Z 96 -27.71 7.93 55.62
C ILE Z 96 -27.13 6.79 56.44
N SER Z 97 -27.40 5.55 56.06
CA SER Z 97 -26.86 4.34 56.68
C SER Z 97 -25.72 3.75 55.89
N GLN Z 98 -25.77 3.84 54.56
CA GLN Z 98 -24.63 3.44 53.74
C GLN Z 98 -23.41 4.29 54.05
N PHE Z 99 -23.58 5.61 54.08
CA PHE Z 99 -22.47 6.51 54.40
C PHE Z 99 -22.46 6.86 55.88
N CYS Z 100 -22.49 5.87 56.75
CA CYS Z 100 -22.37 6.07 58.19
C CYS Z 100 -21.64 4.83 58.61
N LYS Z 101 -21.81 3.72 57.88
CA LYS Z 101 -20.99 2.55 58.09
C LYS Z 101 -19.53 2.85 57.77
N GLU Z 102 -19.30 3.72 56.80
CA GLU Z 102 -17.95 4.11 56.43
C GLU Z 102 -17.34 5.04 57.47
N LYS Z 103 -18.09 6.07 57.88
CA LYS Z 103 -17.60 7.01 58.88
C LYS Z 103 -17.26 6.31 60.19
N GLY Z 104 -17.98 5.24 60.52
CA GLY Z 104 -17.81 4.58 61.79
C GLY Z 104 -18.60 5.20 62.92
N VAL Z 105 -19.81 5.69 62.63
CA VAL Z 105 -20.64 6.38 63.60
C VAL Z 105 -21.87 5.54 63.87
N PHE Z 106 -22.34 5.56 65.12
CA PHE Z 106 -23.51 4.78 65.50
C PHE Z 106 -24.78 5.46 64.99
N TYR Z 107 -25.52 4.75 64.15
CA TYR Z 107 -26.75 5.23 63.55
C TYR Z 107 -27.90 4.36 64.03
N MET Z 108 -28.94 4.99 64.56
CA MET Z 108 -30.14 4.29 65.07
C MET Z 108 -31.35 4.75 64.29
N PRO Z 109 -31.72 4.06 63.21
CA PRO Z 109 -32.89 4.46 62.43
C PRO Z 109 -34.19 4.09 63.13
N GLY Z 110 -35.28 4.61 62.59
CA GLY Z 110 -36.60 4.40 63.15
C GLY Z 110 -37.45 3.55 62.24
N VAL Z 111 -38.21 2.63 62.83
CA VAL Z 111 -39.06 1.70 62.09
C VAL Z 111 -40.44 1.70 62.74
N MET Z 112 -41.42 1.23 61.97
CA MET Z 112 -42.78 1.13 62.49
C MET Z 112 -43.41 -0.20 62.11
N THR Z 113 -42.93 -0.81 61.03
CA THR Z 113 -43.46 -2.05 60.47
C THR Z 113 -42.37 -3.09 60.37
N PRO Z 114 -42.73 -4.38 60.24
CA PRO Z 114 -41.70 -5.42 60.09
C PRO Z 114 -40.97 -5.42 58.76
N THR Z 115 -41.54 -4.83 57.72
CA THR Z 115 -40.84 -4.76 56.44
C THR Z 115 -39.74 -3.72 56.46
N GLU Z 116 -39.94 -2.63 57.20
CA GLU Z 116 -38.88 -1.67 57.47
C GLU Z 116 -37.81 -2.28 58.37
N LEU Z 117 -38.25 -3.09 59.36
CA LEU Z 117 -37.32 -3.72 60.28
C LEU Z 117 -36.37 -4.66 59.55
N VAL Z 118 -36.91 -5.47 58.63
CA VAL Z 118 -36.04 -6.41 57.93
C VAL Z 118 -35.05 -5.70 57.02
N LYS Z 119 -35.40 -4.52 56.50
CA LYS Z 119 -34.44 -3.75 55.71
C LYS Z 119 -33.36 -3.14 56.59
N ALA Z 120 -33.74 -2.66 57.78
CA ALA Z 120 -32.75 -2.15 58.71
C ALA Z 120 -31.77 -3.25 59.13
N MET Z 121 -32.29 -4.45 59.41
CA MET Z 121 -31.42 -5.57 59.73
C MET Z 121 -30.57 -5.99 58.54
N LYS Z 122 -31.10 -5.89 57.32
CA LYS Z 122 -30.31 -6.22 56.14
C LYS Z 122 -29.25 -5.18 55.84
N LEU Z 123 -29.35 -4.00 56.46
CA LEU Z 123 -28.27 -3.02 56.41
C LEU Z 123 -27.34 -3.09 57.61
N GLY Z 124 -27.70 -3.88 58.63
CA GLY Z 124 -26.78 -4.17 59.72
C GLY Z 124 -27.23 -3.71 61.08
N HIS Z 125 -28.43 -3.17 61.19
CA HIS Z 125 -28.85 -2.48 62.41
C HIS Z 125 -29.53 -3.46 63.35
N THR Z 126 -29.01 -3.57 64.57
CA THR Z 126 -29.58 -4.45 65.58
C THR Z 126 -30.33 -3.70 66.67
N ILE Z 127 -30.03 -2.42 66.89
CA ILE Z 127 -30.80 -1.57 67.78
C ILE Z 127 -31.58 -0.60 66.92
N LEU Z 128 -32.89 -0.56 67.12
CA LEU Z 128 -33.77 0.25 66.29
C LEU Z 128 -34.53 1.23 67.17
N LYS Z 129 -34.99 2.30 66.56
CA LYS Z 129 -35.89 3.27 67.19
C LYS Z 129 -37.32 2.89 66.84
N LEU Z 130 -38.18 2.83 67.84
CA LEU Z 130 -39.59 2.50 67.63
C LEU Z 130 -40.38 3.80 67.72
N PHE Z 131 -40.80 4.32 66.58
CA PHE Z 131 -41.46 5.60 66.49
C PHE Z 131 -42.50 5.57 65.38
N PRO Z 132 -43.72 6.07 65.64
CA PRO Z 132 -44.29 6.50 66.92
C PRO Z 132 -44.56 5.36 67.88
N GLY Z 133 -43.91 5.37 69.05
CA GLY Z 133 -44.04 4.25 69.97
C GLY Z 133 -45.43 4.11 70.56
N GLU Z 134 -46.16 5.22 70.70
CA GLU Z 134 -47.48 5.16 71.31
C GLU Z 134 -48.54 4.67 70.34
N VAL Z 135 -48.27 4.75 69.03
CA VAL Z 135 -49.21 4.23 68.05
C VAL Z 135 -49.20 2.71 68.05
N VAL Z 136 -48.01 2.10 68.07
CA VAL Z 136 -47.92 0.65 68.01
C VAL Z 136 -48.02 0.02 69.40
N GLY Z 137 -47.43 0.66 70.42
CA GLY Z 137 -47.54 0.17 71.77
C GLY Z 137 -46.56 -0.94 72.08
N PRO Z 138 -46.46 -1.32 73.37
CA PRO Z 138 -45.56 -2.42 73.74
C PRO Z 138 -45.99 -3.77 73.20
N GLN Z 139 -47.24 -3.88 72.73
CA GLN Z 139 -47.68 -5.10 72.08
C GLN Z 139 -46.96 -5.34 70.77
N PHE Z 140 -46.40 -4.30 70.15
CA PHE Z 140 -45.57 -4.49 68.97
C PHE Z 140 -44.22 -5.07 69.34
N VAL Z 141 -43.69 -4.72 70.50
CA VAL Z 141 -42.40 -5.25 70.93
C VAL Z 141 -42.53 -6.67 71.42
N LYS Z 142 -43.61 -6.98 72.15
CA LYS Z 142 -43.86 -8.36 72.55
C LYS Z 142 -44.07 -9.28 71.35
N ALA Z 143 -44.66 -8.76 70.27
CA ALA Z 143 -44.99 -9.57 69.11
C ALA Z 143 -43.84 -9.76 68.14
N MET Z 144 -42.71 -9.08 68.33
CA MET Z 144 -41.59 -9.21 67.41
C MET Z 144 -40.49 -10.09 67.95
N LYS Z 145 -40.58 -10.50 69.23
CA LYS Z 145 -39.57 -11.36 69.81
C LYS Z 145 -39.49 -12.70 69.09
N GLY Z 146 -40.64 -13.22 68.66
CA GLY Z 146 -40.69 -14.53 68.04
C GLY Z 146 -39.88 -14.61 66.78
N PRO Z 147 -40.29 -13.90 65.73
CA PRO Z 147 -39.55 -13.98 64.46
C PRO Z 147 -38.17 -13.35 64.53
N PHE Z 148 -38.02 -12.24 65.25
CA PHE Z 148 -36.76 -11.49 65.32
C PHE Z 148 -36.32 -11.41 66.77
N PRO Z 149 -35.65 -12.45 67.28
CA PRO Z 149 -35.28 -12.46 68.70
C PRO Z 149 -34.04 -11.67 69.05
N ASN Z 150 -33.33 -11.09 68.08
CA ASN Z 150 -32.08 -10.41 68.33
C ASN Z 150 -32.16 -8.89 68.22
N VAL Z 151 -33.34 -8.34 67.95
CA VAL Z 151 -33.52 -6.90 67.77
C VAL Z 151 -33.98 -6.29 69.08
N LYS Z 152 -33.37 -5.15 69.44
CA LYS Z 152 -33.79 -4.36 70.59
C LYS Z 152 -34.31 -3.01 70.11
N PHE Z 153 -35.30 -2.48 70.84
CA PHE Z 153 -35.98 -1.25 70.47
C PHE Z 153 -35.77 -0.18 71.53
N VAL Z 154 -35.66 1.06 71.07
CA VAL Z 154 -35.75 2.24 71.91
C VAL Z 154 -37.04 2.97 71.53
N PRO Z 155 -38.11 2.85 72.31
CA PRO Z 155 -39.37 3.52 71.97
C PRO Z 155 -39.27 5.02 72.17
N THR Z 156 -39.83 5.77 71.23
CA THR Z 156 -39.97 7.21 71.36
C THR Z 156 -41.40 7.61 71.04
N GLY Z 157 -42.00 8.44 71.90
CA GLY Z 157 -43.36 8.85 71.74
C GLY Z 157 -44.29 8.27 72.78
N GLY Z 158 -44.85 9.14 73.63
CA GLY Z 158 -45.84 8.71 74.58
C GLY Z 158 -45.32 7.90 75.75
N VAL Z 159 -44.07 8.10 76.15
CA VAL Z 159 -43.50 7.38 77.29
C VAL Z 159 -43.72 8.25 78.53
N ASN Z 160 -44.71 7.88 79.33
CA ASN Z 160 -45.02 8.61 80.55
C ASN Z 160 -44.30 7.96 81.74
N LEU Z 161 -44.47 8.58 82.92
CA LEU Z 161 -44.09 7.92 84.15
C LEU Z 161 -44.87 6.63 84.37
N ASP Z 162 -46.14 6.63 83.95
CA ASP Z 162 -47.02 5.49 84.22
C ASP Z 162 -46.64 4.28 83.39
N ASN Z 163 -46.48 4.46 82.09
CA ASN Z 163 -46.34 3.35 81.16
C ASN Z 163 -44.89 2.94 80.90
N VAL Z 164 -43.92 3.50 81.64
CA VAL Z 164 -42.53 3.15 81.37
C VAL Z 164 -42.19 1.76 81.89
N CYS Z 165 -42.77 1.37 83.03
CA CYS Z 165 -42.54 0.01 83.52
C CYS Z 165 -43.15 -1.02 82.59
N GLU Z 166 -44.30 -0.71 81.97
CA GLU Z 166 -44.86 -1.62 80.97
C GLU Z 166 -43.96 -1.75 79.75
N TRP Z 167 -43.29 -0.66 79.37
CA TRP Z 167 -42.35 -0.73 78.26
C TRP Z 167 -41.13 -1.57 78.60
N PHE Z 168 -40.65 -1.51 79.83
CA PHE Z 168 -39.50 -2.34 80.18
C PHE Z 168 -39.89 -3.80 80.43
N LYS Z 169 -41.13 -4.04 80.90
CA LYS Z 169 -41.63 -5.41 80.98
C LYS Z 169 -41.80 -6.02 79.60
N ALA Z 170 -42.12 -5.20 78.59
CA ALA Z 170 -42.19 -5.69 77.24
C ALA Z 170 -40.82 -6.05 76.66
N GLY Z 171 -39.73 -5.57 77.26
CA GLY Z 171 -38.40 -5.97 76.87
C GLY Z 171 -37.60 -4.97 76.07
N VAL Z 172 -37.85 -3.67 76.21
CA VAL Z 172 -37.13 -2.67 75.44
C VAL Z 172 -35.74 -2.45 76.01
N LEU Z 173 -34.81 -2.02 75.15
CA LEU Z 173 -33.44 -1.76 75.58
C LEU Z 173 -33.34 -0.48 76.39
N ALA Z 174 -34.00 0.58 75.94
CA ALA Z 174 -34.02 1.87 76.61
C ALA Z 174 -35.27 2.59 76.13
N VAL Z 175 -35.50 3.79 76.65
CA VAL Z 175 -36.64 4.62 76.22
C VAL Z 175 -36.14 6.03 75.94
N GLY Z 176 -36.70 6.66 74.90
CA GLY Z 176 -36.45 8.06 74.65
C GLY Z 176 -37.63 8.90 75.08
N VAL Z 177 -37.43 9.77 76.08
CA VAL Z 177 -38.51 10.57 76.62
C VAL Z 177 -38.36 12.01 76.14
N GLY Z 178 -39.47 12.60 75.69
CA GLY Z 178 -39.50 13.95 75.20
C GLY Z 178 -40.32 14.90 76.05
N SER Z 179 -41.53 15.21 75.58
CA SER Z 179 -42.34 16.27 76.18
C SER Z 179 -42.54 16.07 77.67
N ALA Z 180 -42.71 14.82 78.11
CA ALA Z 180 -42.91 14.56 79.53
C ALA Z 180 -41.71 15.02 80.36
N LEU Z 181 -40.51 14.77 79.86
CA LEU Z 181 -39.28 15.13 80.53
C LEU Z 181 -38.98 16.63 80.49
N VAL Z 182 -38.85 17.19 79.29
CA VAL Z 182 -38.18 18.47 79.10
C VAL Z 182 -39.13 19.66 78.98
N LYS Z 183 -40.40 19.50 79.33
CA LYS Z 183 -41.30 20.64 79.28
C LYS Z 183 -41.17 21.50 80.54
N GLY Z 184 -41.54 22.77 80.42
CA GLY Z 184 -41.55 23.68 81.55
C GLY Z 184 -40.22 24.38 81.76
N THR Z 185 -40.04 24.92 82.98
CA THR Z 185 -38.85 25.68 83.32
C THR Z 185 -37.67 24.75 83.56
N PRO Z 186 -36.43 25.24 83.39
CA PRO Z 186 -35.26 24.36 83.51
C PRO Z 186 -35.04 23.80 84.91
N ASP Z 187 -35.90 24.14 85.86
CA ASP Z 187 -35.82 23.49 87.17
C ASP Z 187 -36.88 22.42 87.35
N GLU Z 188 -38.00 22.51 86.64
CA GLU Z 188 -38.94 21.39 86.59
C GLU Z 188 -38.33 20.20 85.86
N VAL Z 189 -37.52 20.48 84.85
CA VAL Z 189 -36.88 19.41 84.08
C VAL Z 189 -35.97 18.56 84.95
N ARG Z 190 -35.28 19.19 85.89
CA ARG Z 190 -34.37 18.45 86.76
C ARG Z 190 -35.13 17.54 87.71
N GLU Z 191 -36.27 18.00 88.21
CA GLU Z 191 -37.11 17.17 89.08
C GLU Z 191 -37.77 16.04 88.31
N LYS Z 192 -38.23 16.32 87.09
CA LYS Z 192 -38.79 15.28 86.23
C LYS Z 192 -37.74 14.23 85.88
N ALA Z 193 -36.51 14.66 85.61
CA ALA Z 193 -35.45 13.69 85.31
C ALA Z 193 -35.12 12.83 86.51
N LYS Z 194 -35.12 13.42 87.72
CA LYS Z 194 -34.91 12.60 88.91
C LYS Z 194 -36.05 11.61 89.09
N ALA Z 195 -37.29 12.05 88.85
CA ALA Z 195 -38.44 11.16 88.95
C ALA Z 195 -38.31 9.98 88.00
N PHE Z 196 -37.98 10.25 86.73
CA PHE Z 196 -37.81 9.19 85.75
C PHE Z 196 -36.68 8.24 86.14
N VAL Z 197 -35.55 8.79 86.58
CA VAL Z 197 -34.40 7.96 86.93
C VAL Z 197 -34.74 7.04 88.09
N GLU Z 198 -35.50 7.54 89.06
CA GLU Z 198 -35.91 6.70 90.18
C GLU Z 198 -36.94 5.67 89.77
N LYS Z 199 -37.88 6.07 88.90
CA LYS Z 199 -38.92 5.14 88.46
C LYS Z 199 -38.35 3.97 87.66
N ILE Z 200 -37.39 4.24 86.78
CA ILE Z 200 -36.80 3.18 85.97
C ILE Z 200 -36.05 2.16 86.83
N ARG Z 201 -35.71 2.50 88.07
CA ARG Z 201 -35.06 1.58 88.99
C ARG Z 201 -36.02 1.04 90.04
N GLY Z 202 -37.33 1.17 89.80
CA GLY Z 202 -38.32 0.55 90.64
C GLY Z 202 -39.24 -0.33 89.82
N CYS Z 203 -38.94 -0.46 88.53
CA CYS Z 203 -39.70 -1.35 87.67
C CYS Z 203 -39.20 -2.78 87.88
N MET AA 3 28.05 34.63 60.49
CA MET AA 3 27.12 34.27 61.54
C MET AA 3 26.64 35.53 62.27
N GLU AA 4 25.34 35.57 62.58
CA GLU AA 4 24.80 36.66 63.38
C GLU AA 4 25.46 36.71 64.76
N GLU AA 5 25.76 35.55 65.34
CA GLU AA 5 26.31 35.49 66.68
C GLU AA 5 27.65 36.21 66.77
N LEU AA 6 28.50 36.05 65.76
CA LEU AA 6 29.82 36.68 65.79
C LEU AA 6 29.72 38.19 65.68
N PHE AA 7 28.79 38.69 64.85
CA PHE AA 7 28.60 40.13 64.77
C PHE AA 7 28.03 40.68 66.07
N LYS AA 8 27.06 39.97 66.67
CA LYS AA 8 26.51 40.40 67.95
C LYS AA 8 27.58 40.44 69.03
N LYS AA 9 28.48 39.47 69.01
CA LYS AA 9 29.46 39.32 70.09
C LYS AA 9 30.62 40.29 69.95
N HIS AA 10 31.20 40.39 68.75
CA HIS AA 10 32.43 41.15 68.59
C HIS AA 10 32.16 42.63 68.30
N LYS AA 11 31.11 42.93 67.53
CA LYS AA 11 30.53 44.26 67.37
C LYS AA 11 31.40 45.19 66.52
N ILE AA 12 32.47 44.70 65.91
CA ILE AA 12 33.33 45.52 65.07
C ILE AA 12 34.02 44.64 64.03
N VAL AA 13 34.00 45.08 62.78
CA VAL AA 13 34.69 44.42 61.69
C VAL AA 13 35.72 45.38 61.13
N ALA AA 14 36.92 44.88 60.88
CA ALA AA 14 37.97 45.70 60.26
C ALA AA 14 37.91 45.48 58.76
N VAL AA 15 37.98 46.58 58.00
CA VAL AA 15 37.96 46.53 56.55
C VAL AA 15 39.36 46.90 56.06
N LEU AA 16 40.07 45.93 55.50
CA LEU AA 16 41.44 46.12 55.06
C LEU AA 16 41.48 46.49 53.59
N ARG AA 17 41.84 47.75 53.33
CA ARG AA 17 42.34 48.21 52.04
C ARG AA 17 43.85 48.34 52.17
N ALA AA 18 44.59 47.79 51.21
CA ALA AA 18 46.03 47.88 51.26
C ALA AA 18 46.58 47.99 49.85
N ASN AA 19 47.76 48.59 49.73
CA ASN AA 19 48.44 48.69 48.45
C ASN AA 19 49.33 47.49 48.16
N ASP AA 20 49.44 46.57 49.11
CA ASP AA 20 50.34 45.43 49.00
C ASP AA 20 49.72 44.28 49.79
N ALA AA 21 50.23 43.07 49.57
CA ALA AA 21 49.80 41.93 50.36
C ALA AA 21 50.56 41.80 51.67
N GLN AA 22 51.80 42.27 51.72
CA GLN AA 22 52.54 42.23 52.98
C GLN AA 22 52.02 43.27 53.96
N GLU AA 23 51.68 44.46 53.46
CA GLU AA 23 51.00 45.45 54.27
C GLU AA 23 49.68 44.92 54.80
N ALA AA 24 48.93 44.22 53.95
CA ALA AA 24 47.66 43.66 54.37
C ALA AA 24 47.85 42.63 55.48
N ARG AA 25 48.86 41.77 55.36
CA ARG AA 25 49.07 40.75 56.39
C ARG AA 25 49.57 41.37 57.69
N GLU AA 26 50.46 42.36 57.60
CA GLU AA 26 50.93 43.08 58.78
C GLU AA 26 49.76 43.74 59.52
N LYS AA 27 48.90 44.44 58.78
CA LYS AA 27 47.80 45.17 59.43
C LYS AA 27 46.72 44.22 59.94
N ALA AA 28 46.46 43.11 59.25
CA ALA AA 28 45.52 42.14 59.79
C ALA AA 28 46.02 41.55 61.09
N LEU AA 29 47.33 41.29 61.18
CA LEU AA 29 47.87 40.76 62.43
C LEU AA 29 47.84 41.82 63.54
N ALA AA 30 48.16 43.07 63.20
CA ALA AA 30 48.10 44.14 64.18
C ALA AA 30 46.68 44.40 64.67
N VAL AA 31 45.70 44.22 63.80
CA VAL AA 31 44.30 44.40 64.18
C VAL AA 31 43.84 43.26 65.07
N PHE AA 32 44.29 42.04 64.81
CA PHE AA 32 43.95 40.95 65.72
C PHE AA 32 44.59 41.14 67.09
N GLU AA 33 45.66 41.92 67.18
CA GLU AA 33 46.35 42.18 68.44
C GLU AA 33 45.86 43.45 69.14
N GLY AA 34 44.65 43.89 68.82
CA GLY AA 34 44.06 45.02 69.51
C GLY AA 34 42.69 44.66 70.02
N GLY AA 35 42.26 43.43 69.76
CA GLY AA 35 40.99 42.94 70.23
C GLY AA 35 39.90 42.85 69.19
N VAL AA 36 40.26 42.79 67.91
CA VAL AA 36 39.30 42.72 66.81
C VAL AA 36 39.42 41.35 66.17
N HIS AA 37 38.35 40.57 66.25
CA HIS AA 37 38.37 39.19 65.79
C HIS AA 37 37.67 38.99 64.46
N LEU AA 38 37.06 40.03 63.90
CA LEU AA 38 36.46 39.98 62.58
C LEU AA 38 37.26 40.88 61.64
N ILE AA 39 37.94 40.27 60.68
CA ILE AA 39 38.73 40.99 59.70
C ILE AA 39 38.19 40.66 58.31
N GLU AA 40 38.17 41.67 57.45
CA GLU AA 40 37.72 41.51 56.08
C GLU AA 40 38.75 42.05 55.16
N ILE AA 41 39.15 41.27 54.17
CA ILE AA 41 40.17 41.68 53.24
C ILE AA 41 39.47 42.03 51.96
N THR AA 42 39.64 43.24 51.50
CA THR AA 42 38.96 43.70 50.34
C THR AA 42 39.62 43.20 49.10
N PHE AA 43 38.85 42.87 48.09
CA PHE AA 43 39.39 42.31 46.91
C PHE AA 43 39.89 43.42 46.04
N THR AA 44 40.51 44.40 46.64
CA THR AA 44 41.10 45.51 45.92
C THR AA 44 42.53 45.48 46.34
N VAL AA 45 42.85 44.72 47.38
CA VAL AA 45 44.22 44.53 47.83
C VAL AA 45 44.82 43.53 46.89
N PRO AA 46 46.02 43.80 46.38
CA PRO AA 46 46.63 42.91 45.39
C PRO AA 46 46.88 41.50 45.94
N ASN AA 47 46.50 40.46 45.21
CA ASN AA 47 46.63 39.06 45.63
C ASN AA 47 46.00 38.87 47.02
N ALA AA 48 44.70 39.09 47.06
CA ALA AA 48 43.97 39.08 48.33
C ALA AA 48 43.54 37.69 48.75
N ALA AA 49 43.23 36.81 47.80
CA ALA AA 49 42.93 35.44 48.17
C ALA AA 49 44.15 34.74 48.75
N ALA AA 50 45.35 35.16 48.34
CA ALA AA 50 46.57 34.65 48.94
C ALA AA 50 46.68 35.10 50.39
N VAL AA 51 46.32 36.36 50.68
CA VAL AA 51 46.32 36.84 52.06
C VAL AA 51 45.32 36.04 52.91
N ILE AA 52 44.12 35.81 52.38
CA ILE AA 52 43.14 35.03 53.12
C ILE AA 52 43.63 33.60 53.34
N LEU AA 53 44.38 33.05 52.38
CA LEU AA 53 44.92 31.70 52.53
C LEU AA 53 46.03 31.66 53.57
N LEU AA 54 46.88 32.68 53.61
CA LEU AA 54 48.02 32.71 54.50
C LEU AA 54 47.70 33.27 55.88
N LEU AA 55 46.45 33.66 56.12
CA LEU AA 55 46.03 34.07 57.46
C LEU AA 55 45.34 32.93 58.22
N SER AA 56 45.50 31.70 57.76
CA SER AA 56 44.96 30.54 58.46
C SER AA 56 45.66 30.28 59.78
N PHE AA 57 46.78 30.93 60.06
CA PHE AA 57 47.40 30.79 61.37
C PHE AA 57 46.66 31.60 62.42
N LEU AA 58 46.05 32.72 62.00
CA LEU AA 58 45.13 33.45 62.87
C LEU AA 58 43.74 32.82 62.84
N LYS AA 59 43.37 32.15 61.75
CA LYS AA 59 42.07 31.50 61.70
C LYS AA 59 41.94 30.44 62.78
N GLU AA 60 43.04 29.77 63.13
CA GLU AA 60 43.03 28.74 64.17
C GLU AA 60 43.34 29.31 65.55
N LYS AA 61 43.41 30.63 65.68
CA LYS AA 61 43.71 31.30 66.94
C LYS AA 61 42.51 32.01 67.52
N GLY AA 62 41.42 32.17 66.76
CA GLY AA 62 40.21 32.77 67.28
C GLY AA 62 39.65 33.90 66.44
N ALA AA 63 40.18 34.08 65.23
CA ALA AA 63 39.78 35.16 64.36
C ALA AA 63 38.89 34.64 63.23
N ILE AA 64 38.08 35.55 62.69
CA ILE AA 64 37.20 35.26 61.57
C ILE AA 64 37.60 36.17 60.41
N ILE AA 65 38.06 35.57 59.31
CA ILE AA 65 38.51 36.30 58.13
C ILE AA 65 37.46 36.15 57.04
N GLY AA 66 37.19 37.25 56.33
CA GLY AA 66 36.25 37.26 55.24
C GLY AA 66 36.75 38.11 54.10
N ALA AA 67 35.99 38.11 53.01
CA ALA AA 67 36.34 38.82 51.79
C ALA AA 67 35.33 39.92 51.50
N GLY AA 68 35.84 41.09 51.12
CA GLY AA 68 35.00 42.22 50.81
C GLY AA 68 35.17 42.67 49.36
N THR AA 69 34.34 43.64 48.99
CA THR AA 69 34.33 44.24 47.65
C THR AA 69 34.18 43.17 46.56
N VAL AA 70 33.42 42.12 46.86
CA VAL AA 70 33.19 41.07 45.87
C VAL AA 70 32.11 41.55 44.91
N THR AA 71 32.42 41.57 43.62
CA THR AA 71 31.49 42.06 42.62
C THR AA 71 31.22 41.05 41.53
N SER AA 72 31.70 39.81 41.67
CA SER AA 72 31.48 38.78 40.68
C SER AA 72 31.34 37.44 41.36
N GLU AA 73 30.90 36.44 40.60
CA GLU AA 73 30.65 35.12 41.18
C GLU AA 73 31.91 34.27 41.24
N GLU AA 74 32.89 34.50 40.36
CA GLU AA 74 34.15 33.78 40.46
C GLU AA 74 35.07 34.37 41.51
N GLN AA 75 34.87 35.62 41.92
CA GLN AA 75 35.59 36.11 43.10
C GLN AA 75 35.05 35.50 44.38
N CYS AA 76 33.77 35.11 44.41
CA CYS AA 76 33.24 34.41 45.56
C CYS AA 76 33.77 32.99 45.60
N ALA AA 77 33.91 32.34 44.44
CA ALA AA 77 34.53 31.02 44.39
C ALA AA 77 35.99 31.09 44.84
N LEU AA 78 36.74 32.07 44.34
CA LEU AA 78 38.13 32.22 44.74
C LEU AA 78 38.26 32.48 46.24
N ALA AA 79 37.35 33.27 46.81
CA ALA AA 79 37.44 33.62 48.22
C ALA AA 79 37.01 32.48 49.12
N VAL AA 80 36.03 31.68 48.69
CA VAL AA 80 35.65 30.51 49.48
C VAL AA 80 36.70 29.42 49.36
N LEU AA 81 37.37 29.30 48.21
CA LEU AA 81 38.51 28.41 48.09
C LEU AA 81 39.61 28.78 49.07
N SER AA 82 40.06 30.04 49.00
CA SER AA 82 41.14 30.50 49.87
C SER AA 82 40.81 30.38 51.35
N GLY AA 83 39.54 30.19 51.69
CA GLY AA 83 39.13 29.98 53.06
C GLY AA 83 38.38 31.11 53.76
N ALA AA 84 37.78 32.03 53.00
CA ALA AA 84 36.99 33.09 53.61
C ALA AA 84 35.71 32.53 54.23
N GLU AA 85 35.39 33.00 55.43
CA GLU AA 85 34.20 32.54 56.13
C GLU AA 85 32.96 33.37 55.83
N PHE AA 86 33.11 34.59 55.33
CA PHE AA 86 31.95 35.38 54.92
C PHE AA 86 32.33 36.24 53.73
N ILE AA 87 31.31 36.62 52.96
CA ILE AA 87 31.45 37.39 51.73
C ILE AA 87 30.67 38.68 51.89
N VAL AA 88 31.24 39.79 51.43
CA VAL AA 88 30.61 41.10 51.51
C VAL AA 88 30.67 41.76 50.14
N SER AA 89 29.68 42.60 49.85
CA SER AA 89 29.60 43.38 48.63
C SER AA 89 29.14 44.79 48.97
N PRO AA 90 29.60 45.79 48.22
CA PRO AA 90 29.09 47.15 48.41
C PRO AA 90 27.77 47.41 47.70
N HIS AA 91 27.27 46.45 46.93
CA HIS AA 91 26.03 46.54 46.20
C HIS AA 91 25.19 45.31 46.52
N LEU AA 92 24.03 45.23 45.90
CA LEU AA 92 23.19 44.04 45.93
C LEU AA 92 23.24 43.36 44.57
N ASP AA 93 23.58 42.08 44.55
CA ASP AA 93 23.53 41.31 43.32
C ASP AA 93 22.70 40.05 43.57
N GLU AA 94 21.92 39.68 42.55
CA GLU AA 94 21.07 38.50 42.69
C GLU AA 94 21.81 37.21 42.42
N GLU AA 95 22.75 37.22 41.47
CA GLU AA 95 23.46 35.99 41.13
C GLU AA 95 24.51 35.63 42.17
N ILE AA 96 25.17 36.62 42.78
CA ILE AA 96 26.04 36.32 43.91
C ILE AA 96 25.26 35.85 45.13
N SER AA 97 23.93 35.96 45.09
CA SER AA 97 23.04 35.43 46.12
C SER AA 97 22.36 34.14 45.70
N GLN AA 98 21.95 34.04 44.44
CA GLN AA 98 21.39 32.79 43.93
C GLN AA 98 22.39 31.66 44.05
N PHE AA 99 23.68 31.95 43.86
CA PHE AA 99 24.74 30.94 43.88
C PHE AA 99 25.66 31.14 45.07
N CYS AA 100 25.09 31.44 46.23
CA CYS AA 100 25.84 31.55 47.49
C CYS AA 100 25.03 30.84 48.54
N LYS AA 101 23.69 30.93 48.55
CA LYS AA 101 22.90 30.09 49.43
C LYS AA 101 23.05 28.62 49.06
N GLU AA 102 23.36 28.33 47.78
CA GLU AA 102 23.57 26.95 47.35
C GLU AA 102 24.81 26.34 47.95
N LYS AA 103 25.83 27.14 48.24
CA LYS AA 103 27.04 26.67 48.88
C LYS AA 103 27.05 26.89 50.38
N GLY AA 104 26.00 27.49 50.93
CA GLY AA 104 25.92 27.70 52.36
C GLY AA 104 26.95 28.66 52.90
N VAL AA 105 27.32 29.67 52.12
CA VAL AA 105 28.29 30.69 52.54
C VAL AA 105 27.50 31.92 52.95
N PHE AA 106 27.93 32.57 54.03
CA PHE AA 106 27.25 33.75 54.52
C PHE AA 106 27.62 34.95 53.64
N TYR AA 107 26.60 35.56 53.04
CA TYR AA 107 26.76 36.70 52.15
C TYR AA 107 26.02 37.90 52.72
N MET AA 108 26.70 39.03 52.83
CA MET AA 108 26.13 40.26 53.38
C MET AA 108 26.16 41.34 52.32
N PRO AA 109 25.08 41.52 51.55
CA PRO AA 109 25.07 42.55 50.51
C PRO AA 109 24.96 43.94 51.11
N GLY AA 110 25.12 44.94 50.26
CA GLY AA 110 25.06 46.34 50.67
C GLY AA 110 23.87 47.03 50.03
N VAL AA 111 23.19 47.86 50.82
CA VAL AA 111 21.99 48.56 50.38
C VAL AA 111 22.12 50.02 50.77
N MET AA 112 21.35 50.86 50.08
CA MET AA 112 21.30 52.28 50.39
C MET AA 112 19.88 52.85 50.42
N THR AA 113 18.93 52.21 49.76
CA THR AA 113 17.55 52.66 49.67
C THR AA 113 16.62 51.54 50.12
N PRO AA 114 15.37 51.88 50.48
CA PRO AA 114 14.43 50.83 50.90
C PRO AA 114 14.01 49.88 49.80
N THR AA 115 14.11 50.26 48.53
CA THR AA 115 13.76 49.33 47.46
C THR AA 115 14.79 48.22 47.35
N GLU AA 116 16.08 48.59 47.38
CA GLU AA 116 17.15 47.60 47.48
C GLU AA 116 17.02 46.76 48.75
N LEU AA 117 16.57 47.38 49.84
CA LEU AA 117 16.39 46.65 51.10
C LEU AA 117 15.33 45.57 50.96
N VAL AA 118 14.15 45.91 50.45
CA VAL AA 118 13.11 44.93 50.26
C VAL AA 118 13.53 43.87 49.26
N LYS AA 119 14.35 44.23 48.27
CA LYS AA 119 14.78 43.25 47.29
C LYS AA 119 15.80 42.28 47.86
N ALA AA 120 16.59 42.72 48.84
CA ALA AA 120 17.48 41.81 49.56
C ALA AA 120 16.71 40.93 50.53
N MET AA 121 15.75 41.50 51.25
CA MET AA 121 14.90 40.71 52.15
C MET AA 121 14.12 39.65 51.40
N LYS AA 122 13.72 39.92 50.16
CA LYS AA 122 13.02 38.92 49.36
C LYS AA 122 13.94 37.84 48.84
N LEU AA 123 15.24 37.94 49.11
CA LEU AA 123 16.21 36.90 48.78
C LEU AA 123 16.72 36.18 50.01
N GLY AA 124 16.26 36.58 51.21
CA GLY AA 124 16.60 35.90 52.43
C GLY AA 124 17.55 36.64 53.35
N HIS AA 125 18.03 37.81 52.96
CA HIS AA 125 19.04 38.52 53.73
C HIS AA 125 18.40 39.32 54.85
N THR AA 126 18.73 38.98 56.09
CA THR AA 126 18.25 39.69 57.27
C THR AA 126 19.30 40.65 57.82
N ILE AA 127 20.58 40.42 57.55
CA ILE AA 127 21.66 41.30 57.97
C ILE AA 127 22.21 41.95 56.71
N LEU AA 128 22.21 43.27 56.69
CA LEU AA 128 22.61 44.02 55.50
C LEU AA 128 23.77 44.94 55.85
N LYS AA 129 24.57 45.26 54.84
CA LYS AA 129 25.58 46.29 54.95
C LYS AA 129 25.00 47.63 54.54
N LEU AA 130 25.21 48.65 55.36
CA LEU AA 130 24.72 49.99 55.07
C LEU AA 130 25.89 50.81 54.55
N PHE AA 131 25.90 51.07 53.24
CA PHE AA 131 27.01 51.73 52.58
C PHE AA 131 26.50 52.60 51.45
N PRO AA 132 27.00 53.84 51.33
CA PRO AA 132 27.87 54.53 52.29
C PRO AA 132 27.10 55.01 53.52
N GLY AA 133 27.60 54.66 54.71
CA GLY AA 133 26.87 54.99 55.93
C GLY AA 133 26.93 56.46 56.30
N GLU AA 134 27.96 57.17 55.84
CA GLU AA 134 28.10 58.59 56.15
C GLU AA 134 27.13 59.43 55.35
N VAL AA 135 26.72 58.96 54.17
CA VAL AA 135 25.77 59.71 53.35
C VAL AA 135 24.38 59.69 53.98
N VAL AA 136 23.97 58.55 54.54
CA VAL AA 136 22.62 58.40 55.06
C VAL AA 136 22.53 58.59 56.57
N GLY AA 137 23.63 58.43 57.30
CA GLY AA 137 23.65 58.71 58.72
C GLY AA 137 22.88 57.73 59.57
N PRO AA 138 22.97 57.89 60.90
CA PRO AA 138 22.26 56.97 61.79
C PRO AA 138 20.75 57.08 61.73
N GLN AA 139 20.22 58.12 61.09
CA GLN AA 139 18.78 58.33 61.02
C GLN AA 139 18.10 57.48 59.96
N PHE AA 140 18.86 56.94 59.01
CA PHE AA 140 18.29 55.94 58.10
C PHE AA 140 17.96 54.66 58.85
N VAL AA 141 18.74 54.32 59.86
CA VAL AA 141 18.51 53.10 60.62
C VAL AA 141 17.33 53.29 61.57
N LYS AA 142 17.22 54.45 62.21
CA LYS AA 142 16.05 54.73 63.04
C LYS AA 142 14.78 54.86 62.20
N ALA AA 143 14.90 55.34 60.97
CA ALA AA 143 13.74 55.44 60.10
C ALA AA 143 13.37 54.13 59.45
N MET AA 144 14.26 53.14 59.46
CA MET AA 144 13.94 51.83 58.89
C MET AA 144 13.31 50.88 59.90
N LYS AA 145 13.29 51.24 61.18
CA LYS AA 145 12.79 50.33 62.21
C LYS AA 145 11.30 50.08 62.06
N GLY AA 146 10.54 51.12 61.75
CA GLY AA 146 9.10 51.04 61.70
C GLY AA 146 8.59 49.98 60.75
N PRO AA 147 8.83 50.17 59.44
CA PRO AA 147 8.30 49.21 58.46
C PRO AA 147 9.07 47.90 58.40
N PHE AA 148 10.35 47.88 58.79
CA PHE AA 148 11.21 46.71 58.69
C PHE AA 148 11.86 46.45 60.03
N PRO AA 149 11.11 45.91 60.99
CA PRO AA 149 11.66 45.75 62.35
C PRO AA 149 12.66 44.62 62.50
N ASN AA 150 12.76 43.69 61.55
CA ASN AA 150 13.55 42.48 61.72
C ASN AA 150 14.89 42.53 60.99
N VAL AA 151 15.31 43.68 60.48
CA VAL AA 151 16.55 43.80 59.72
C VAL AA 151 17.60 44.47 60.58
N LYS AA 152 18.85 44.00 60.47
CA LYS AA 152 19.99 44.55 61.18
C LYS AA 152 20.98 45.11 60.17
N PHE AA 153 21.63 46.22 60.52
CA PHE AA 153 22.59 46.88 59.63
C PHE AA 153 23.99 46.85 60.23
N VAL AA 154 24.97 46.68 59.35
CA VAL AA 154 26.38 46.92 59.66
C VAL AA 154 26.80 48.13 58.85
N PRO AA 155 26.86 49.31 59.44
CA PRO AA 155 27.29 50.51 58.70
C PRO AA 155 28.76 50.43 58.32
N THR AA 156 29.05 50.78 57.07
CA THR AA 156 30.41 50.91 56.60
C THR AA 156 30.58 52.27 55.94
N GLY AA 157 31.61 53.00 56.34
CA GLY AA 157 31.88 54.32 55.80
C GLY AA 157 31.68 55.44 56.80
N GLY AA 158 32.76 56.14 57.12
CA GLY AA 158 32.70 57.32 57.95
C GLY AA 158 32.60 57.07 59.45
N VAL AA 159 32.77 55.83 59.90
CA VAL AA 159 32.64 55.55 61.33
C VAL AA 159 33.91 55.99 62.04
N ASN AA 160 33.75 56.83 63.06
CA ASN AA 160 34.85 57.40 63.81
C ASN AA 160 34.74 56.97 65.26
N LEU AA 161 35.70 57.43 66.07
CA LEU AA 161 35.59 57.24 67.51
C LEU AA 161 34.55 58.15 68.15
N ASP AA 162 34.11 59.18 67.44
CA ASP AA 162 33.12 60.11 67.98
C ASP AA 162 31.70 59.61 67.70
N ASN AA 163 31.42 59.21 66.48
CA ASN AA 163 30.08 58.90 66.04
C ASN AA 163 29.71 57.42 66.15
N VAL AA 164 30.55 56.59 66.78
CA VAL AA 164 30.24 55.16 66.82
C VAL AA 164 29.18 54.87 67.89
N CYS AA 165 29.20 55.58 69.02
CA CYS AA 165 28.15 55.38 70.00
C CYS AA 165 26.81 55.89 69.51
N GLU AA 166 26.82 56.91 68.63
CA GLU AA 166 25.58 57.32 67.96
C GLU AA 166 25.03 56.19 67.10
N TRP AA 167 25.92 55.51 66.37
CA TRP AA 167 25.49 54.40 65.53
C TRP AA 167 24.92 53.25 66.34
N PHE AA 168 25.49 53.00 67.52
CA PHE AA 168 24.95 51.93 68.37
C PHE AA 168 23.68 52.38 69.09
N LYS AA 169 23.51 53.67 69.35
CA LYS AA 169 22.25 54.18 69.84
C LYS AA 169 21.14 54.01 68.81
N ALA AA 170 21.46 54.20 67.53
CA ALA AA 170 20.48 53.96 66.48
C ALA AA 170 20.11 52.48 66.36
N GLY AA 171 20.90 51.60 66.96
CA GLY AA 171 20.56 50.19 66.99
C GLY AA 171 21.13 49.37 65.85
N VAL AA 172 22.43 49.48 65.62
CA VAL AA 172 23.08 48.73 64.57
C VAL AA 172 23.63 47.42 65.15
N LEU AA 173 23.80 46.43 64.28
CA LEU AA 173 24.29 45.14 64.75
C LEU AA 173 25.79 45.19 65.03
N ALA AA 174 26.55 45.88 64.17
CA ALA AA 174 27.98 46.02 64.28
C ALA AA 174 28.39 47.15 63.35
N VAL AA 175 29.65 47.55 63.42
CA VAL AA 175 30.20 48.58 62.55
C VAL AA 175 31.41 48.04 61.82
N GLY AA 176 31.51 48.35 60.53
CA GLY AA 176 32.74 48.10 59.79
C GLY AA 176 33.57 49.35 59.71
N VAL AA 177 34.77 49.33 60.29
CA VAL AA 177 35.63 50.50 60.35
C VAL AA 177 36.80 50.30 59.38
N GLY AA 178 37.11 51.36 58.63
CA GLY AA 178 38.16 51.30 57.62
C GLY AA 178 39.30 52.26 57.86
N SER AA 179 39.29 53.40 57.16
CA SER AA 179 40.43 54.29 57.16
C SER AA 179 40.75 54.83 58.54
N ALA AA 180 39.75 54.92 59.42
CA ALA AA 180 40.01 55.40 60.77
C ALA AA 180 40.71 54.37 61.64
N LEU AA 181 40.72 53.11 61.21
CA LEU AA 181 41.31 52.02 61.97
C LEU AA 181 42.66 51.58 61.40
N VAL AA 182 42.70 51.27 60.09
CA VAL AA 182 43.82 50.55 59.51
C VAL AA 182 44.92 51.44 58.94
N LYS AA 183 44.76 52.75 58.92
CA LYS AA 183 45.82 53.56 58.35
C LYS AA 183 46.95 53.77 59.36
N GLY AA 184 48.10 54.21 58.85
CA GLY AA 184 49.29 54.40 59.65
C GLY AA 184 50.18 53.18 59.72
N THR AA 185 51.25 53.31 60.50
CA THR AA 185 52.20 52.22 60.67
C THR AA 185 51.50 51.05 61.37
N PRO AA 186 52.04 49.82 61.23
CA PRO AA 186 51.32 48.65 61.75
C PRO AA 186 51.36 48.51 63.26
N ASP AA 187 51.82 49.55 63.98
CA ASP AA 187 51.68 49.56 65.42
C ASP AA 187 50.74 50.66 65.90
N GLU AA 188 50.57 51.73 65.13
CA GLU AA 188 49.49 52.68 65.40
C GLU AA 188 48.13 52.04 65.19
N VAL AA 189 48.04 51.12 64.23
CA VAL AA 189 46.83 50.35 64.03
C VAL AA 189 46.54 49.49 65.26
N ARG AA 190 47.59 48.97 65.91
CA ARG AA 190 47.40 48.15 67.09
C ARG AA 190 46.81 48.96 68.23
N GLU AA 191 47.06 50.27 68.26
CA GLU AA 191 46.53 51.17 69.28
C GLU AA 191 45.15 51.70 68.92
N LYS AA 192 44.92 52.00 67.64
CA LYS AA 192 43.58 52.37 67.17
C LYS AA 192 42.58 51.25 67.46
N ALA AA 193 42.99 50.00 67.26
CA ALA AA 193 42.10 48.88 67.58
C ALA AA 193 41.77 48.85 69.06
N LYS AA 194 42.77 49.12 69.92
CA LYS AA 194 42.52 49.20 71.35
C LYS AA 194 41.50 50.29 71.66
N ALA AA 195 41.68 51.46 71.04
CA ALA AA 195 40.79 52.59 71.27
C ALA AA 195 39.36 52.25 70.87
N PHE AA 196 39.19 51.70 69.67
CA PHE AA 196 37.84 51.36 69.21
C PHE AA 196 37.21 50.29 70.09
N VAL AA 197 37.96 49.25 70.45
CA VAL AA 197 37.38 48.18 71.27
C VAL AA 197 36.97 48.71 72.63
N GLU AA 198 37.79 49.57 73.25
CA GLU AA 198 37.41 50.13 74.53
C GLU AA 198 36.20 51.06 74.40
N LYS AA 199 36.17 51.89 73.35
CA LYS AA 199 35.06 52.81 73.16
C LYS AA 199 33.74 52.07 72.96
N ILE AA 200 33.74 51.04 72.13
CA ILE AA 200 32.51 50.30 71.88
C ILE AA 200 32.05 49.56 73.12
N ARG AA 201 32.97 49.16 73.98
CA ARG AA 201 32.63 48.50 75.23
C ARG AA 201 32.46 49.49 76.39
N GLY AA 202 32.18 50.75 76.08
CA GLY AA 202 31.94 51.75 77.09
C GLY AA 202 30.59 52.41 76.91
N CYS AA 203 29.98 52.19 75.76
CA CYS AA 203 28.60 52.65 75.53
C CYS AA 203 27.74 51.48 75.08
N MET BA 3 5.31 -65.77 -36.57
CA MET BA 3 3.98 -66.34 -36.64
C MET BA 3 3.50 -66.45 -38.08
N GLU BA 4 4.00 -65.59 -38.95
CA GLU BA 4 3.78 -65.77 -40.38
C GLU BA 4 4.40 -67.08 -40.86
N GLU BA 5 5.57 -67.43 -40.31
CA GLU BA 5 6.24 -68.68 -40.64
C GLU BA 5 5.43 -69.88 -40.20
N LEU BA 6 4.76 -69.79 -39.04
CA LEU BA 6 3.95 -70.90 -38.58
C LEU BA 6 2.74 -71.13 -39.47
N PHE BA 7 2.04 -70.05 -39.85
CA PHE BA 7 0.91 -70.18 -40.76
C PHE BA 7 1.34 -70.70 -42.12
N LYS BA 8 2.42 -70.14 -42.65
CA LYS BA 8 2.90 -70.56 -43.97
C LYS BA 8 3.38 -72.01 -43.96
N LYS BA 9 3.84 -72.49 -42.80
CA LYS BA 9 4.35 -73.84 -42.70
C LYS BA 9 3.24 -74.87 -42.53
N HIS BA 10 2.35 -74.66 -41.55
CA HIS BA 10 1.35 -75.67 -41.23
C HIS BA 10 0.13 -75.59 -42.14
N LYS BA 11 -0.28 -74.40 -42.55
CA LYS BA 11 -1.24 -74.15 -43.61
C LYS BA 11 -2.66 -74.56 -43.27
N ILE BA 12 -2.96 -74.90 -42.01
CA ILE BA 12 -4.32 -75.23 -41.61
C ILE BA 12 -4.46 -74.93 -40.12
N VAL BA 13 -5.56 -74.27 -39.76
CA VAL BA 13 -5.89 -73.96 -38.37
C VAL BA 13 -7.23 -74.60 -38.07
N ALA BA 14 -7.30 -75.33 -36.95
CA ALA BA 14 -8.53 -75.98 -36.56
C ALA BA 14 -9.27 -75.09 -35.57
N VAL BA 15 -10.46 -74.63 -35.95
CA VAL BA 15 -11.29 -73.76 -35.13
C VAL BA 15 -12.26 -74.62 -34.35
N LEU BA 16 -12.17 -74.60 -33.01
CA LEU BA 16 -12.99 -75.42 -32.15
C LEU BA 16 -14.08 -74.61 -31.49
N ARG BA 17 -15.33 -74.99 -31.75
CA ARG BA 17 -16.51 -74.52 -31.03
C ARG BA 17 -17.19 -75.73 -30.43
N ALA BA 18 -17.46 -75.67 -29.13
CA ALA BA 18 -18.09 -76.78 -28.43
C ALA BA 18 -18.92 -76.21 -27.28
N ASN BA 19 -19.79 -77.05 -26.74
CA ASN BA 19 -20.62 -76.67 -25.60
C ASN BA 19 -20.14 -77.27 -24.29
N ASP BA 20 -19.00 -77.96 -24.30
CA ASP BA 20 -18.36 -78.51 -23.12
C ASP BA 20 -16.88 -78.16 -23.16
N ALA BA 21 -16.25 -78.07 -22.00
CA ALA BA 21 -14.81 -77.92 -21.95
C ALA BA 21 -14.08 -79.25 -22.11
N GLN BA 22 -14.68 -80.35 -21.63
CA GLN BA 22 -14.09 -81.66 -21.83
C GLN BA 22 -14.14 -82.05 -23.31
N GLU BA 23 -15.25 -81.73 -23.98
CA GLU BA 23 -15.34 -81.95 -25.42
C GLU BA 23 -14.27 -81.16 -26.16
N ALA BA 24 -14.08 -79.89 -25.77
CA ALA BA 24 -13.05 -79.07 -26.40
C ALA BA 24 -11.66 -79.67 -26.21
N ARG BA 25 -11.33 -80.11 -25.00
CA ARG BA 25 -10.00 -80.68 -24.75
C ARG BA 25 -9.81 -81.99 -25.52
N GLU BA 26 -10.82 -82.84 -25.52
CA GLU BA 26 -10.74 -84.11 -26.23
C GLU BA 26 -10.57 -83.90 -27.73
N LYS BA 27 -11.33 -82.96 -28.31
CA LYS BA 27 -11.23 -82.72 -29.75
C LYS BA 27 -9.94 -82.00 -30.12
N ALA BA 28 -9.42 -81.15 -29.24
CA ALA BA 28 -8.13 -80.53 -29.50
C ALA BA 28 -7.02 -81.58 -29.54
N LEU BA 29 -7.04 -82.51 -28.58
CA LEU BA 29 -6.11 -83.63 -28.66
C LEU BA 29 -6.30 -84.42 -29.94
N ALA BA 30 -7.54 -84.65 -30.35
CA ALA BA 30 -7.81 -85.43 -31.54
C ALA BA 30 -7.29 -84.76 -32.81
N VAL BA 31 -7.48 -83.45 -32.95
CA VAL BA 31 -6.98 -82.76 -34.14
C VAL BA 31 -5.47 -82.71 -34.13
N PHE BA 32 -4.86 -82.52 -32.95
CA PHE BA 32 -3.39 -82.55 -32.91
C PHE BA 32 -2.85 -83.91 -33.29
N GLU BA 33 -3.56 -84.98 -32.96
CA GLU BA 33 -3.07 -86.32 -33.30
C GLU BA 33 -3.20 -86.60 -34.79
N GLY BA 34 -4.09 -85.90 -35.48
CA GLY BA 34 -4.25 -86.04 -36.92
C GLY BA 34 -3.21 -85.32 -37.75
N GLY BA 35 -2.43 -84.46 -37.14
CA GLY BA 35 -1.40 -83.71 -37.83
C GLY BA 35 -1.61 -82.21 -37.91
N VAL BA 36 -2.55 -81.65 -37.15
CA VAL BA 36 -2.83 -80.22 -37.17
C VAL BA 36 -2.18 -79.59 -35.95
N HIS BA 37 -1.18 -78.74 -36.18
CA HIS BA 37 -0.43 -78.12 -35.09
C HIS BA 37 -0.92 -76.72 -34.74
N LEU BA 38 -1.86 -76.16 -35.49
CA LEU BA 38 -2.45 -74.86 -35.19
C LEU BA 38 -3.89 -75.08 -34.76
N ILE BA 39 -4.17 -74.80 -33.49
CA ILE BA 39 -5.49 -75.02 -32.92
C ILE BA 39 -5.98 -73.73 -32.29
N GLU BA 40 -7.25 -73.41 -32.51
CA GLU BA 40 -7.87 -72.22 -31.98
C GLU BA 40 -9.09 -72.64 -31.18
N ILE BA 41 -9.17 -72.21 -29.92
CA ILE BA 41 -10.32 -72.43 -29.07
C ILE BA 41 -11.17 -71.16 -29.11
N THR BA 42 -12.43 -71.29 -29.50
CA THR BA 42 -13.28 -70.11 -29.56
C THR BA 42 -13.86 -69.81 -28.19
N PHE BA 43 -13.97 -68.51 -27.88
CA PHE BA 43 -14.51 -68.12 -26.58
C PHE BA 43 -16.01 -68.33 -26.46
N THR BA 44 -16.67 -68.90 -27.46
CA THR BA 44 -18.02 -69.39 -27.24
C THR BA 44 -18.02 -70.64 -26.37
N VAL BA 45 -16.90 -71.38 -26.34
CA VAL BA 45 -16.79 -72.58 -25.51
C VAL BA 45 -16.81 -72.18 -24.04
N PRO BA 46 -17.61 -72.83 -23.20
CA PRO BA 46 -17.64 -72.48 -21.77
C PRO BA 46 -16.31 -72.81 -21.10
N ASN BA 47 -15.75 -71.82 -20.38
CA ASN BA 47 -14.48 -71.98 -19.67
C ASN BA 47 -13.34 -72.26 -20.65
N ALA BA 48 -13.20 -71.38 -21.65
CA ALA BA 48 -12.24 -71.61 -22.72
C ALA BA 48 -10.81 -71.27 -22.30
N ALA BA 49 -10.65 -70.26 -21.44
CA ALA BA 49 -9.32 -69.96 -20.94
C ALA BA 49 -8.76 -71.11 -20.12
N ALA BA 50 -9.63 -71.86 -19.43
CA ALA BA 50 -9.19 -73.05 -18.72
C ALA BA 50 -8.69 -74.11 -19.69
N VAL BA 51 -9.37 -74.27 -20.84
CA VAL BA 51 -8.91 -75.23 -21.84
C VAL BA 51 -7.55 -74.83 -22.40
N ILE BA 52 -7.39 -73.54 -22.70
CA ILE BA 52 -6.10 -73.05 -23.20
C ILE BA 52 -5.00 -73.26 -22.16
N LEU BA 53 -5.35 -73.10 -20.88
CA LEU BA 53 -4.36 -73.27 -19.82
C LEU BA 53 -3.98 -74.73 -19.66
N LEU BA 54 -4.94 -75.64 -19.77
CA LEU BA 54 -4.70 -77.06 -19.58
C LEU BA 54 -4.15 -77.76 -20.80
N LEU BA 55 -4.10 -77.11 -21.96
CA LEU BA 55 -3.45 -77.71 -23.13
C LEU BA 55 -1.94 -77.40 -23.22
N SER BA 56 -1.32 -77.03 -22.09
CA SER BA 56 0.09 -76.73 -22.08
C SER BA 56 0.96 -77.95 -22.37
N PHE BA 57 0.44 -79.16 -22.17
CA PHE BA 57 1.21 -80.34 -22.50
C PHE BA 57 1.32 -80.51 -24.02
N LEU BA 58 0.22 -80.31 -24.75
CA LEU BA 58 0.29 -80.26 -26.20
C LEU BA 58 1.18 -79.12 -26.66
N LYS BA 59 1.16 -77.99 -25.94
CA LYS BA 59 2.06 -76.90 -26.29
C LYS BA 59 3.51 -77.37 -26.33
N GLU BA 60 3.94 -78.07 -25.29
CA GLU BA 60 5.32 -78.55 -25.23
C GLU BA 60 5.57 -79.66 -26.24
N LYS BA 61 4.52 -80.42 -26.58
CA LYS BA 61 4.66 -81.44 -27.62
C LYS BA 61 4.79 -80.83 -29.02
N GLY BA 62 4.37 -79.59 -29.22
CA GLY BA 62 4.55 -78.95 -30.52
C GLY BA 62 3.41 -78.07 -31.00
N ALA BA 63 2.22 -78.22 -30.42
CA ALA BA 63 1.05 -77.49 -30.87
C ALA BA 63 1.19 -75.99 -30.64
N ILE BA 64 0.44 -75.22 -31.43
CA ILE BA 64 0.28 -73.78 -31.24
C ILE BA 64 -1.19 -73.54 -30.95
N ILE BA 65 -1.50 -73.13 -29.72
CA ILE BA 65 -2.87 -72.91 -29.28
C ILE BA 65 -3.16 -71.42 -29.25
N GLY BA 66 -4.34 -71.03 -29.73
CA GLY BA 66 -4.74 -69.63 -29.73
C GLY BA 66 -6.21 -69.49 -29.39
N ALA BA 67 -6.63 -68.25 -29.24
CA ALA BA 67 -7.99 -67.91 -28.83
C ALA BA 67 -8.72 -67.19 -29.96
N GLY BA 68 -9.99 -67.56 -30.15
CA GLY BA 68 -10.82 -66.97 -31.17
C GLY BA 68 -12.08 -66.32 -30.59
N THR BA 69 -12.84 -65.71 -31.48
CA THR BA 69 -14.08 -64.98 -31.15
C THR BA 69 -13.85 -64.01 -30.00
N VAL BA 70 -12.72 -63.31 -30.04
CA VAL BA 70 -12.40 -62.30 -29.04
C VAL BA 70 -13.01 -60.98 -29.47
N THR BA 71 -13.93 -60.45 -28.66
CA THR BA 71 -14.62 -59.21 -28.98
C THR BA 71 -14.45 -58.17 -27.87
N SER BA 72 -13.48 -58.36 -26.99
CA SER BA 72 -13.25 -57.44 -25.89
C SER BA 72 -11.76 -57.40 -25.58
N GLU BA 73 -11.35 -56.37 -24.85
CA GLU BA 73 -9.97 -56.27 -24.40
C GLU BA 73 -9.71 -57.15 -23.17
N GLU BA 74 -10.75 -57.33 -22.35
CA GLU BA 74 -10.63 -58.21 -21.19
C GLU BA 74 -10.50 -59.66 -21.60
N GLN BA 75 -11.16 -60.07 -22.70
CA GLN BA 75 -10.96 -61.41 -23.21
C GLN BA 75 -9.57 -61.60 -23.78
N CYS BA 76 -9.00 -60.56 -24.39
CA CYS BA 76 -7.62 -60.65 -24.83
C CYS BA 76 -6.67 -60.79 -23.66
N ALA BA 77 -6.89 -60.02 -22.60
CA ALA BA 77 -6.08 -60.14 -21.39
C ALA BA 77 -6.18 -61.55 -20.80
N LEU BA 78 -7.41 -62.07 -20.70
CA LEU BA 78 -7.63 -63.39 -20.12
C LEU BA 78 -7.02 -64.49 -20.97
N ALA BA 79 -7.04 -64.34 -22.29
CA ALA BA 79 -6.49 -65.36 -23.17
C ALA BA 79 -4.98 -65.33 -23.19
N VAL BA 80 -4.38 -64.14 -23.11
CA VAL BA 80 -2.92 -64.07 -23.02
C VAL BA 80 -2.44 -64.58 -21.67
N LEU BA 81 -3.18 -64.30 -20.60
CA LEU BA 81 -2.84 -64.86 -19.29
C LEU BA 81 -2.90 -66.38 -19.31
N SER BA 82 -3.96 -66.94 -19.87
CA SER BA 82 -4.11 -68.39 -19.90
C SER BA 82 -3.08 -69.07 -20.78
N GLY BA 83 -2.38 -68.35 -21.65
CA GLY BA 83 -1.30 -68.93 -22.41
C GLY BA 83 -1.52 -69.03 -23.91
N ALA BA 84 -2.39 -68.18 -24.46
CA ALA BA 84 -2.69 -68.23 -25.88
C ALA BA 84 -1.55 -67.62 -26.69
N GLU BA 85 -1.21 -68.26 -27.81
CA GLU BA 85 -0.13 -67.81 -28.67
C GLU BA 85 -0.58 -66.76 -29.68
N PHE BA 86 -1.85 -66.74 -30.06
CA PHE BA 86 -2.38 -65.74 -30.99
C PHE BA 86 -3.83 -65.48 -30.67
N ILE BA 87 -4.32 -64.31 -31.09
CA ILE BA 87 -5.68 -63.86 -30.88
C ILE BA 87 -6.34 -63.66 -32.23
N VAL BA 88 -7.62 -64.03 -32.34
CA VAL BA 88 -8.39 -63.90 -33.57
C VAL BA 88 -9.74 -63.28 -33.23
N SER BA 89 -10.26 -62.49 -34.16
CA SER BA 89 -11.59 -61.89 -34.06
C SER BA 89 -12.36 -62.11 -35.35
N PRO BA 90 -13.70 -62.20 -35.27
CA PRO BA 90 -14.51 -62.26 -36.49
C PRO BA 90 -14.74 -60.90 -37.12
N HIS BA 91 -14.16 -59.86 -36.54
CA HIS BA 91 -14.39 -58.48 -36.94
C HIS BA 91 -13.09 -57.74 -36.74
N LEU BA 92 -13.08 -56.48 -37.14
CA LEU BA 92 -11.93 -55.62 -36.87
C LEU BA 92 -12.29 -54.65 -35.76
N ASP BA 93 -11.43 -54.57 -34.75
CA ASP BA 93 -11.63 -53.65 -33.64
C ASP BA 93 -10.35 -52.85 -33.44
N GLU BA 94 -10.49 -51.52 -33.45
CA GLU BA 94 -9.32 -50.67 -33.40
C GLU BA 94 -8.69 -50.62 -32.01
N GLU BA 95 -9.49 -50.78 -30.96
CA GLU BA 95 -8.93 -50.74 -29.61
C GLU BA 95 -8.28 -52.07 -29.23
N ILE BA 96 -8.87 -53.21 -29.64
CA ILE BA 96 -8.22 -54.48 -29.39
C ILE BA 96 -6.87 -54.52 -30.08
N SER BA 97 -6.80 -54.02 -31.32
CA SER BA 97 -5.53 -53.94 -32.04
C SER BA 97 -4.58 -52.98 -31.35
N GLN BA 98 -5.09 -51.82 -30.96
CA GLN BA 98 -4.26 -50.81 -30.28
C GLN BA 98 -3.60 -51.37 -29.03
N PHE BA 99 -4.34 -52.14 -28.24
CA PHE BA 99 -3.86 -52.63 -26.97
C PHE BA 99 -3.18 -53.99 -27.06
N CYS BA 100 -3.24 -54.65 -28.19
CA CYS BA 100 -2.54 -55.92 -28.40
C CYS BA 100 -1.26 -55.63 -29.08
N LYS BA 101 -1.17 -54.47 -29.71
CA LYS BA 101 0.11 -54.07 -30.29
C LYS BA 101 1.14 -53.79 -29.21
N GLU BA 102 0.71 -53.24 -28.07
CA GLU BA 102 1.62 -52.96 -26.97
C GLU BA 102 2.13 -54.24 -26.32
N LYS BA 103 1.25 -55.22 -26.12
CA LYS BA 103 1.61 -56.46 -25.46
C LYS BA 103 2.51 -57.35 -26.31
N GLY BA 104 2.72 -56.99 -27.57
CA GLY BA 104 3.49 -57.84 -28.47
C GLY BA 104 2.86 -59.18 -28.77
N VAL BA 105 1.53 -59.25 -28.75
CA VAL BA 105 0.81 -60.50 -29.05
C VAL BA 105 0.33 -60.42 -30.50
N PHE BA 106 0.26 -61.57 -31.15
CA PHE BA 106 -0.18 -61.64 -32.53
C PHE BA 106 -1.70 -61.62 -32.61
N TYR BA 107 -2.24 -60.60 -33.28
CA TYR BA 107 -3.68 -60.42 -33.43
C TYR BA 107 -4.03 -60.47 -34.92
N MET BA 108 -5.04 -61.28 -35.25
CA MET BA 108 -5.47 -61.44 -36.64
C MET BA 108 -6.94 -61.09 -36.77
N PRO BA 109 -7.29 -59.87 -37.14
CA PRO BA 109 -8.69 -59.47 -37.22
C PRO BA 109 -9.36 -60.01 -38.48
N GLY BA 110 -10.67 -59.84 -38.53
CA GLY BA 110 -11.44 -60.33 -39.65
C GLY BA 110 -12.06 -59.23 -40.47
N VAL BA 111 -11.95 -59.33 -41.79
CA VAL BA 111 -12.45 -58.31 -42.70
C VAL BA 111 -13.37 -58.97 -43.72
N MET BA 112 -14.20 -58.16 -44.35
CA MET BA 112 -15.07 -58.62 -45.40
C MET BA 112 -15.12 -57.71 -46.60
N THR BA 113 -14.84 -56.41 -46.43
CA THR BA 113 -14.87 -55.38 -47.46
C THR BA 113 -13.51 -54.72 -47.59
N PRO BA 114 -13.21 -54.10 -48.74
CA PRO BA 114 -11.91 -53.42 -48.89
C PRO BA 114 -11.71 -52.24 -47.95
N THR BA 115 -12.77 -51.60 -47.47
CA THR BA 115 -12.62 -50.47 -46.55
C THR BA 115 -12.11 -50.95 -45.19
N GLU BA 116 -12.71 -52.02 -44.66
CA GLU BA 116 -12.21 -52.64 -43.44
C GLU BA 116 -10.78 -53.14 -43.62
N LEU BA 117 -10.46 -53.65 -44.81
CA LEU BA 117 -9.13 -54.13 -45.11
C LEU BA 117 -8.12 -52.99 -45.04
N VAL BA 118 -8.43 -51.86 -45.65
CA VAL BA 118 -7.52 -50.73 -45.64
C VAL BA 118 -7.36 -50.18 -44.23
N LYS BA 119 -8.42 -50.21 -43.43
CA LYS BA 119 -8.31 -49.75 -42.05
C LYS BA 119 -7.42 -50.67 -41.23
N ALA BA 120 -7.54 -51.98 -41.44
CA ALA BA 120 -6.65 -52.93 -40.76
C ALA BA 120 -5.20 -52.74 -41.18
N MET BA 121 -4.96 -52.53 -42.47
CA MET BA 121 -3.61 -52.23 -42.94
C MET BA 121 -3.08 -50.95 -42.32
N LYS BA 122 -3.92 -49.93 -42.18
CA LYS BA 122 -3.51 -48.68 -41.54
C LYS BA 122 -3.16 -48.91 -40.08
N LEU BA 123 -3.77 -49.90 -39.45
CA LEU BA 123 -3.40 -50.28 -38.09
C LEU BA 123 -2.19 -51.21 -38.05
N GLY BA 124 -1.74 -51.71 -39.18
CA GLY BA 124 -0.52 -52.50 -39.25
C GLY BA 124 -0.70 -53.99 -39.40
N HIS BA 125 -1.72 -54.45 -40.12
CA HIS BA 125 -2.02 -55.86 -40.24
C HIS BA 125 -1.86 -56.29 -41.69
N THR BA 126 -0.99 -57.26 -41.94
CA THR BA 126 -0.81 -57.80 -43.27
C THR BA 126 -1.39 -59.20 -43.45
N ILE BA 127 -1.67 -59.90 -42.37
CA ILE BA 127 -2.41 -61.17 -42.42
C ILE BA 127 -3.78 -60.92 -41.84
N LEU BA 128 -4.80 -61.12 -42.65
CA LEU BA 128 -6.17 -60.89 -42.23
C LEU BA 128 -6.94 -62.20 -42.29
N LYS BA 129 -8.00 -62.26 -41.51
CA LYS BA 129 -8.94 -63.37 -41.55
C LYS BA 129 -10.10 -62.98 -42.46
N LEU BA 130 -10.46 -63.87 -43.38
CA LEU BA 130 -11.54 -63.63 -44.32
C LEU BA 130 -12.77 -64.36 -43.82
N PHE BA 131 -13.73 -63.61 -43.27
CA PHE BA 131 -14.91 -64.18 -42.66
C PHE BA 131 -16.12 -63.30 -42.98
N PRO BA 132 -17.25 -63.90 -43.40
CA PRO BA 132 -17.39 -65.32 -43.77
C PRO BA 132 -16.87 -65.60 -45.18
N GLY BA 133 -16.00 -66.61 -45.28
CA GLY BA 133 -15.34 -66.86 -46.55
C GLY BA 133 -16.21 -67.48 -47.61
N GLU BA 134 -17.31 -68.14 -47.22
CA GLU BA 134 -18.21 -68.73 -48.19
C GLU BA 134 -19.14 -67.70 -48.83
N VAL BA 135 -19.24 -66.51 -48.27
CA VAL BA 135 -20.08 -65.47 -48.84
C VAL BA 135 -19.34 -64.70 -49.94
N VAL BA 136 -18.03 -64.49 -49.78
CA VAL BA 136 -17.25 -63.75 -50.76
C VAL BA 136 -16.57 -64.70 -51.76
N GLY BA 137 -16.09 -65.85 -51.30
CA GLY BA 137 -15.49 -66.81 -52.18
C GLY BA 137 -14.04 -66.50 -52.50
N PRO BA 138 -13.36 -67.41 -53.19
CA PRO BA 138 -11.95 -67.16 -53.54
C PRO BA 138 -11.78 -66.08 -54.60
N GLN BA 139 -12.86 -65.71 -55.30
CA GLN BA 139 -12.77 -64.61 -56.25
C GLN BA 139 -12.51 -63.29 -55.55
N PHE BA 140 -12.91 -63.15 -54.29
CA PHE BA 140 -12.54 -61.97 -53.52
C PHE BA 140 -11.04 -61.91 -53.32
N VAL BA 141 -10.42 -63.05 -53.03
CA VAL BA 141 -8.97 -63.08 -52.83
C VAL BA 141 -8.25 -62.80 -54.14
N LYS BA 142 -8.74 -63.37 -55.25
CA LYS BA 142 -8.17 -63.07 -56.55
C LYS BA 142 -8.31 -61.58 -56.88
N ALA BA 143 -9.45 -60.99 -56.57
CA ALA BA 143 -9.69 -59.59 -56.91
C ALA BA 143 -8.89 -58.63 -56.04
N MET BA 144 -8.53 -59.05 -54.83
CA MET BA 144 -7.77 -58.16 -53.96
C MET BA 144 -6.28 -58.20 -54.24
N LYS BA 145 -5.83 -59.07 -55.14
CA LYS BA 145 -4.40 -59.19 -55.42
C LYS BA 145 -3.83 -57.91 -56.01
N GLY BA 146 -4.58 -57.24 -56.89
CA GLY BA 146 -4.08 -56.14 -57.65
C GLY BA 146 -3.76 -54.90 -56.85
N PRO BA 147 -4.76 -54.35 -56.15
CA PRO BA 147 -4.51 -53.12 -55.39
C PRO BA 147 -3.76 -53.34 -54.10
N PHE BA 148 -3.80 -54.57 -53.57
CA PHE BA 148 -3.21 -54.92 -52.29
C PHE BA 148 -2.38 -56.18 -52.43
N PRO BA 149 -1.20 -56.09 -53.05
CA PRO BA 149 -0.40 -57.30 -53.28
C PRO BA 149 0.15 -57.92 -52.01
N ASN BA 150 0.39 -57.13 -50.97
CA ASN BA 150 1.11 -57.60 -49.80
C ASN BA 150 0.22 -58.30 -48.77
N VAL BA 151 -1.09 -58.21 -48.90
CA VAL BA 151 -2.01 -58.75 -47.90
C VAL BA 151 -2.24 -60.23 -48.15
N LYS BA 152 -2.24 -61.02 -47.07
CA LYS BA 152 -2.48 -62.45 -47.12
C LYS BA 152 -3.69 -62.79 -46.25
N PHE BA 153 -4.51 -63.73 -46.73
CA PHE BA 153 -5.78 -64.07 -46.10
C PHE BA 153 -5.77 -65.48 -45.54
N VAL BA 154 -6.45 -65.64 -44.41
CA VAL BA 154 -6.81 -66.94 -43.86
C VAL BA 154 -8.32 -67.05 -43.89
N PRO BA 155 -8.88 -67.77 -44.85
CA PRO BA 155 -10.34 -67.87 -44.95
C PRO BA 155 -10.93 -68.75 -43.87
N THR BA 156 -12.03 -68.29 -43.29
CA THR BA 156 -12.81 -69.09 -42.36
C THR BA 156 -14.26 -69.10 -42.80
N GLY BA 157 -14.88 -70.27 -42.78
CA GLY BA 157 -16.25 -70.42 -43.21
C GLY BA 157 -16.40 -71.22 -44.49
N GLY BA 158 -17.12 -72.34 -44.41
CA GLY BA 158 -17.41 -73.14 -45.58
C GLY BA 158 -16.20 -73.65 -46.33
N VAL BA 159 -15.13 -74.02 -45.63
CA VAL BA 159 -13.96 -74.63 -46.26
C VAL BA 159 -14.12 -76.14 -46.18
N ASN BA 160 -14.31 -76.77 -47.33
CA ASN BA 160 -14.54 -78.21 -47.42
C ASN BA 160 -13.28 -78.91 -47.91
N LEU BA 161 -13.37 -80.24 -48.02
CA LEU BA 161 -12.32 -80.97 -48.72
C LEU BA 161 -12.35 -80.70 -50.21
N ASP BA 162 -13.51 -80.34 -50.75
CA ASP BA 162 -13.63 -80.10 -52.18
C ASP BA 162 -13.06 -78.76 -52.59
N ASN BA 163 -13.36 -77.70 -51.85
CA ASN BA 163 -13.01 -76.34 -52.25
C ASN BA 163 -11.74 -75.80 -51.58
N VAL BA 164 -10.98 -76.65 -50.89
CA VAL BA 164 -9.76 -76.15 -50.25
C VAL BA 164 -8.67 -75.95 -51.28
N CYS BA 165 -8.61 -76.80 -52.32
CA CYS BA 165 -7.64 -76.61 -53.38
C CYS BA 165 -7.92 -75.34 -54.16
N GLU BA 166 -9.21 -75.00 -54.33
CA GLU BA 166 -9.58 -73.74 -54.96
C GLU BA 166 -9.10 -72.55 -54.14
N TRP BA 167 -9.29 -72.61 -52.83
CA TRP BA 167 -8.81 -71.55 -51.96
C TRP BA 167 -7.30 -71.41 -52.02
N PHE BA 168 -6.57 -72.52 -52.11
CA PHE BA 168 -5.12 -72.41 -52.15
C PHE BA 168 -4.59 -71.98 -53.50
N LYS BA 169 -5.26 -72.33 -54.60
CA LYS BA 169 -4.85 -71.81 -55.90
C LYS BA 169 -5.16 -70.33 -56.01
N ALA BA 170 -6.23 -69.87 -55.35
CA ALA BA 170 -6.49 -68.43 -55.29
C ALA BA 170 -5.38 -67.65 -54.59
N GLY BA 171 -4.61 -68.29 -53.71
CA GLY BA 171 -3.47 -67.61 -53.13
C GLY BA 171 -3.52 -67.36 -51.63
N VAL BA 172 -4.36 -68.08 -50.90
CA VAL BA 172 -4.50 -67.85 -49.47
C VAL BA 172 -3.28 -68.37 -48.73
N LEU BA 173 -3.01 -67.79 -47.55
CA LEU BA 173 -1.86 -68.21 -46.76
C LEU BA 173 -2.13 -69.51 -46.01
N ALA BA 174 -3.27 -69.59 -45.33
CA ALA BA 174 -3.71 -70.80 -44.66
C ALA BA 174 -5.23 -70.81 -44.69
N VAL BA 175 -5.83 -71.87 -44.19
CA VAL BA 175 -7.28 -71.96 -44.06
C VAL BA 175 -7.64 -72.31 -42.63
N GLY BA 176 -8.75 -71.74 -42.15
CA GLY BA 176 -9.30 -72.14 -40.88
C GLY BA 176 -10.53 -73.00 -41.07
N VAL BA 177 -10.46 -74.26 -40.64
CA VAL BA 177 -11.54 -75.22 -40.88
C VAL BA 177 -12.27 -75.47 -39.57
N GLY BA 178 -13.58 -75.34 -39.60
CA GLY BA 178 -14.42 -75.51 -38.42
C GLY BA 178 -15.33 -76.72 -38.47
N SER BA 179 -16.60 -76.48 -38.78
CA SER BA 179 -17.62 -77.52 -38.64
C SER BA 179 -17.28 -78.77 -39.42
N ALA BA 180 -16.68 -78.61 -40.60
CA ALA BA 180 -16.32 -79.75 -41.41
C ALA BA 180 -15.21 -80.60 -40.80
N LEU BA 181 -14.42 -80.03 -39.88
CA LEU BA 181 -13.31 -80.74 -39.28
C LEU BA 181 -13.67 -81.34 -37.92
N VAL BA 182 -14.19 -80.50 -37.00
CA VAL BA 182 -14.28 -80.87 -35.59
C VAL BA 182 -15.63 -81.46 -35.20
N LYS BA 183 -16.62 -81.49 -36.09
CA LYS BA 183 -17.89 -82.09 -35.73
C LYS BA 183 -17.80 -83.62 -35.76
N GLY BA 184 -18.59 -84.26 -34.93
CA GLY BA 184 -18.61 -85.70 -34.82
C GLY BA 184 -18.02 -86.19 -33.52
N THR BA 185 -17.70 -87.48 -33.49
CA THR BA 185 -17.06 -88.09 -32.34
C THR BA 185 -15.57 -87.77 -32.35
N PRO BA 186 -14.92 -87.82 -31.18
CA PRO BA 186 -13.50 -87.44 -31.12
C PRO BA 186 -12.56 -88.35 -31.90
N ASP BA 187 -13.05 -89.44 -32.48
CA ASP BA 187 -12.20 -90.28 -33.31
C ASP BA 187 -12.44 -90.10 -34.79
N GLU BA 188 -13.68 -89.78 -35.19
CA GLU BA 188 -13.92 -89.36 -36.57
C GLU BA 188 -13.17 -88.05 -36.85
N VAL BA 189 -13.03 -87.21 -35.84
CA VAL BA 189 -12.29 -85.97 -35.98
C VAL BA 189 -10.83 -86.25 -36.33
N ARG BA 190 -10.27 -87.31 -35.76
CA ARG BA 190 -8.88 -87.65 -36.05
C ARG BA 190 -8.71 -88.01 -37.52
N GLU BA 191 -9.64 -88.77 -38.08
CA GLU BA 191 -9.53 -89.15 -39.50
C GLU BA 191 -9.86 -87.97 -40.41
N LYS BA 192 -10.77 -87.08 -39.98
CA LYS BA 192 -11.01 -85.86 -40.75
C LYS BA 192 -9.76 -85.00 -40.81
N ALA BA 193 -9.03 -84.89 -39.70
CA ALA BA 193 -7.76 -84.16 -39.72
C ALA BA 193 -6.75 -84.83 -40.64
N LYS BA 194 -6.66 -86.17 -40.58
CA LYS BA 194 -5.83 -86.91 -41.52
C LYS BA 194 -6.16 -86.52 -42.96
N ALA BA 195 -7.45 -86.52 -43.29
CA ALA BA 195 -7.90 -86.25 -44.66
C ALA BA 195 -7.55 -84.83 -45.07
N PHE BA 196 -7.84 -83.85 -44.22
CA PHE BA 196 -7.52 -82.47 -44.57
C PHE BA 196 -6.03 -82.27 -44.77
N VAL BA 197 -5.21 -82.84 -43.89
CA VAL BA 197 -3.76 -82.63 -44.01
C VAL BA 197 -3.24 -83.24 -45.30
N GLU BA 198 -3.64 -84.49 -45.59
CA GLU BA 198 -3.14 -85.15 -46.80
C GLU BA 198 -3.71 -84.50 -48.06
N LYS BA 199 -4.94 -83.97 -47.99
CA LYS BA 199 -5.52 -83.27 -49.13
C LYS BA 199 -4.77 -81.97 -49.42
N ILE BA 200 -4.48 -81.20 -48.38
CA ILE BA 200 -3.77 -79.93 -48.55
C ILE BA 200 -2.36 -80.20 -49.06
N ARG BA 201 -1.73 -81.30 -48.63
CA ARG BA 201 -0.40 -81.61 -49.15
C ARG BA 201 -0.45 -82.17 -50.56
N GLY BA 202 -1.53 -82.86 -50.92
CA GLY BA 202 -1.65 -83.43 -52.24
C GLY BA 202 -1.79 -82.39 -53.33
N CYS BA 203 -2.92 -81.71 -53.38
CA CYS BA 203 -3.17 -80.75 -54.44
C CYS BA 203 -2.32 -79.50 -54.24
N MET CA 3 47.87 -28.13 -51.08
CA MET CA 3 47.56 -27.57 -52.38
C MET CA 3 48.71 -26.70 -52.88
N GLU CA 4 49.56 -26.23 -51.96
CA GLU CA 4 50.79 -25.58 -52.37
C GLU CA 4 51.73 -26.56 -53.05
N GLU CA 5 51.72 -27.81 -52.60
CA GLU CA 5 52.58 -28.85 -53.17
C GLU CA 5 52.12 -29.23 -54.58
N LEU CA 6 50.82 -29.19 -54.85
CA LEU CA 6 50.35 -29.46 -56.20
C LEU CA 6 50.80 -28.37 -57.18
N PHE CA 7 50.65 -27.10 -56.79
CA PHE CA 7 51.19 -26.01 -57.60
C PHE CA 7 52.69 -26.17 -57.78
N LYS CA 8 53.41 -26.52 -56.71
CA LYS CA 8 54.86 -26.63 -56.78
C LYS CA 8 55.29 -27.79 -57.68
N LYS CA 9 54.50 -28.86 -57.73
CA LYS CA 9 54.89 -30.06 -58.46
C LYS CA 9 54.51 -29.97 -59.93
N HIS CA 10 53.29 -29.52 -60.23
CA HIS CA 10 52.83 -29.48 -61.61
C HIS CA 10 53.15 -28.18 -62.31
N LYS CA 11 53.13 -27.05 -61.60
CA LYS CA 11 53.69 -25.77 -62.05
C LYS CA 11 52.95 -25.15 -63.22
N ILE CA 12 51.74 -25.62 -63.53
CA ILE CA 12 50.94 -25.01 -64.58
C ILE CA 12 49.47 -25.32 -64.34
N VAL CA 13 48.62 -24.29 -64.47
CA VAL CA 13 47.18 -24.42 -64.33
C VAL CA 13 46.55 -23.95 -65.62
N ALA CA 14 45.70 -24.77 -66.21
CA ALA CA 14 45.01 -24.41 -67.44
C ALA CA 14 43.72 -23.69 -67.10
N VAL CA 15 43.70 -22.38 -67.33
CA VAL CA 15 42.48 -21.59 -67.15
C VAL CA 15 41.64 -21.75 -68.40
N LEU CA 16 40.37 -22.13 -68.22
CA LEU CA 16 39.54 -22.56 -69.33
C LEU CA 16 38.31 -21.66 -69.42
N ARG CA 17 38.32 -20.78 -70.43
CA ARG CA 17 37.15 -20.08 -70.93
C ARG CA 17 36.55 -20.89 -72.07
N ALA CA 18 35.23 -20.84 -72.20
CA ALA CA 18 34.58 -21.52 -73.30
C ALA CA 18 33.26 -20.83 -73.60
N ASN CA 19 32.64 -21.22 -74.72
CA ASN CA 19 31.34 -20.73 -75.11
C ASN CA 19 30.26 -21.80 -74.97
N ASP CA 20 30.65 -23.01 -74.58
CA ASP CA 20 29.74 -24.14 -74.42
C ASP CA 20 30.26 -24.97 -73.24
N ALA CA 21 29.42 -25.90 -72.80
CA ALA CA 21 29.87 -26.87 -71.81
C ALA CA 21 30.54 -28.07 -72.48
N GLN CA 22 30.08 -28.46 -73.67
CA GLN CA 22 30.73 -29.55 -74.38
C GLN CA 22 32.14 -29.15 -74.83
N GLU CA 23 32.30 -27.90 -75.28
CA GLU CA 23 33.62 -27.39 -75.61
C GLU CA 23 34.53 -27.40 -74.39
N ALA CA 24 33.99 -27.00 -73.24
CA ALA CA 24 34.76 -27.01 -72.00
C ALA CA 24 35.22 -28.43 -71.66
N ARG CA 25 34.32 -29.40 -71.76
CA ARG CA 25 34.67 -30.78 -71.42
C ARG CA 25 35.70 -31.35 -72.39
N GLU CA 26 35.52 -31.08 -73.69
CA GLU CA 26 36.50 -31.51 -74.69
C GLU CA 26 37.88 -30.94 -74.41
N LYS CA 27 37.96 -29.63 -74.18
CA LYS CA 27 39.26 -28.98 -73.99
C LYS CA 27 39.89 -29.40 -72.67
N ALA CA 28 39.09 -29.59 -71.63
CA ALA CA 28 39.63 -30.06 -70.36
C ALA CA 28 40.25 -31.44 -70.51
N LEU CA 29 39.55 -32.36 -71.19
CA LEU CA 29 40.12 -33.69 -71.42
C LEU CA 29 41.39 -33.60 -72.25
N ALA CA 30 41.37 -32.78 -73.30
CA ALA CA 30 42.54 -32.67 -74.18
C ALA CA 30 43.75 -32.14 -73.42
N VAL CA 31 43.55 -31.09 -72.62
CA VAL CA 31 44.68 -30.49 -71.90
C VAL CA 31 45.19 -31.42 -70.81
N PHE CA 32 44.29 -32.21 -70.21
CA PHE CA 32 44.75 -33.21 -69.25
C PHE CA 32 45.56 -34.30 -69.94
N GLU CA 33 45.18 -34.67 -71.16
CA GLU CA 33 45.95 -35.67 -71.90
C GLU CA 33 47.29 -35.10 -72.37
N GLY CA 34 47.36 -33.80 -72.61
CA GLY CA 34 48.63 -33.19 -72.97
C GLY CA 34 49.65 -33.23 -71.86
N GLY CA 35 49.20 -33.31 -70.61
CA GLY CA 35 50.11 -33.45 -69.48
C GLY CA 35 49.87 -32.46 -68.36
N VAL CA 36 48.78 -31.71 -68.43
CA VAL CA 36 48.46 -30.68 -67.44
C VAL CA 36 47.43 -31.27 -66.48
N HIS CA 37 47.82 -31.42 -65.22
CA HIS CA 37 46.95 -32.04 -64.22
C HIS CA 37 46.20 -31.05 -63.33
N LEU CA 38 46.40 -29.74 -63.53
CA LEU CA 38 45.62 -28.74 -62.82
C LEU CA 38 44.81 -27.94 -63.84
N ILE CA 39 43.49 -28.07 -63.76
CA ILE CA 39 42.57 -27.40 -64.67
C ILE CA 39 41.62 -26.54 -63.87
N GLU CA 40 41.30 -25.36 -64.40
CA GLU CA 40 40.37 -24.43 -63.79
C GLU CA 40 39.29 -24.14 -64.82
N ILE CA 41 38.04 -24.36 -64.45
CA ILE CA 41 36.90 -24.02 -65.27
C ILE CA 41 36.43 -22.64 -64.83
N THR CA 42 36.45 -21.66 -65.73
CA THR CA 42 36.00 -20.35 -65.33
C THR CA 42 34.48 -20.30 -65.27
N PHE CA 43 33.95 -19.49 -64.36
CA PHE CA 43 32.52 -19.36 -64.18
C PHE CA 43 31.87 -18.44 -65.20
N THR CA 44 32.57 -18.10 -66.27
CA THR CA 44 31.97 -17.49 -67.44
C THR CA 44 31.52 -18.53 -68.46
N VAL CA 45 31.98 -19.77 -68.33
CA VAL CA 45 31.50 -20.89 -69.13
C VAL CA 45 30.07 -21.22 -68.70
N PRO CA 46 29.12 -21.33 -69.62
CA PRO CA 46 27.74 -21.64 -69.23
C PRO CA 46 27.66 -23.05 -68.64
N ASN CA 47 26.95 -23.16 -67.52
CA ASN CA 47 26.74 -24.45 -66.85
C ASN CA 47 28.07 -25.03 -66.37
N ALA CA 48 28.86 -24.19 -65.69
CA ALA CA 48 30.23 -24.55 -65.34
C ALA CA 48 30.28 -25.52 -64.17
N ALA CA 49 29.36 -25.38 -63.21
CA ALA CA 49 29.32 -26.34 -62.12
C ALA CA 49 28.97 -27.74 -62.62
N ALA CA 50 28.16 -27.83 -63.68
CA ALA CA 50 27.88 -29.12 -64.31
C ALA CA 50 29.13 -29.68 -64.96
N VAL CA 51 29.93 -28.83 -65.60
CA VAL CA 51 31.18 -29.29 -66.20
C VAL CA 51 32.13 -29.81 -65.13
N ILE CA 52 32.19 -29.14 -63.98
CA ILE CA 52 33.04 -29.60 -62.88
C ILE CA 52 32.52 -30.92 -62.33
N LEU CA 53 31.19 -31.08 -62.26
CA LEU CA 53 30.62 -32.31 -61.73
C LEU CA 53 30.88 -33.50 -62.66
N LEU CA 54 30.73 -33.30 -63.96
CA LEU CA 54 30.87 -34.38 -64.93
C LEU CA 54 32.31 -34.69 -65.29
N LEU CA 55 33.28 -34.07 -64.63
CA LEU CA 55 34.70 -34.36 -64.86
C LEU CA 55 35.30 -35.20 -63.74
N SER CA 56 34.47 -35.74 -62.84
CA SER CA 56 34.96 -36.54 -61.72
C SER CA 56 35.66 -37.82 -62.14
N PHE CA 57 35.58 -38.21 -63.42
CA PHE CA 57 36.33 -39.37 -63.87
C PHE CA 57 37.81 -39.05 -64.09
N LEU CA 58 38.12 -37.80 -64.44
CA LEU CA 58 39.50 -37.35 -64.45
C LEU CA 58 40.04 -37.18 -63.04
N LYS CA 59 39.17 -36.89 -62.08
CA LYS CA 59 39.59 -36.76 -60.69
C LYS CA 59 40.19 -38.06 -60.16
N GLU CA 60 39.86 -39.19 -60.78
CA GLU CA 60 40.40 -40.49 -60.40
C GLU CA 60 41.72 -40.80 -61.08
N LYS CA 61 41.96 -40.20 -62.25
CA LYS CA 61 43.21 -40.41 -62.98
C LYS CA 61 44.35 -39.53 -62.46
N GLY CA 62 44.04 -38.47 -61.72
CA GLY CA 62 45.08 -37.64 -61.16
C GLY CA 62 44.87 -36.14 -61.28
N ALA CA 63 43.92 -35.73 -62.11
CA ALA CA 63 43.69 -34.31 -62.37
C ALA CA 63 43.12 -33.60 -61.15
N ILE CA 64 43.45 -32.32 -61.02
CA ILE CA 64 42.91 -31.45 -59.98
C ILE CA 64 42.06 -30.39 -60.68
N ILE CA 65 40.76 -30.41 -60.40
CA ILE CA 65 39.80 -29.51 -61.05
C ILE CA 65 39.41 -28.43 -60.06
N GLY CA 66 39.34 -27.18 -60.54
CA GLY CA 66 38.96 -26.06 -59.70
C GLY CA 66 38.09 -25.09 -60.46
N ALA CA 67 37.58 -24.10 -59.72
CA ALA CA 67 36.66 -23.11 -60.26
C ALA CA 67 37.32 -21.73 -60.25
N GLY CA 68 37.14 -20.98 -61.34
CA GLY CA 68 37.71 -19.65 -61.47
C GLY CA 68 36.63 -18.60 -61.67
N THR CA 69 37.07 -17.34 -61.66
CA THR CA 69 36.19 -16.18 -61.84
C THR CA 69 35.00 -16.22 -60.88
N VAL CA 70 35.30 -16.46 -59.62
CA VAL CA 70 34.28 -16.56 -58.58
C VAL CA 70 34.19 -15.22 -57.89
N THR CA 71 33.06 -14.53 -58.07
CA THR CA 71 32.86 -13.19 -57.54
C THR CA 71 31.73 -13.15 -56.52
N SER CA 72 31.38 -14.30 -55.93
CA SER CA 72 30.27 -14.37 -55.00
C SER CA 72 30.48 -15.54 -54.05
N GLU CA 73 29.76 -15.51 -52.93
CA GLU CA 73 29.81 -16.63 -52.00
C GLU CA 73 28.90 -17.76 -52.45
N GLU CA 74 27.80 -17.43 -53.13
CA GLU CA 74 26.92 -18.45 -53.70
C GLU CA 74 27.61 -19.22 -54.81
N GLN CA 75 28.45 -18.56 -55.60
CA GLN CA 75 29.24 -19.28 -56.60
C GLN CA 75 30.26 -20.19 -55.95
N CYS CA 76 30.83 -19.79 -54.81
CA CYS CA 76 31.74 -20.67 -54.10
C CYS CA 76 31.02 -21.89 -53.55
N ALA CA 77 29.80 -21.70 -53.04
CA ALA CA 77 29.00 -22.83 -52.56
C ALA CA 77 28.66 -23.76 -53.72
N LEU CA 78 28.21 -23.20 -54.84
CA LEU CA 78 27.88 -24.00 -56.02
C LEU CA 78 29.08 -24.75 -56.55
N ALA CA 79 30.28 -24.17 -56.44
CA ALA CA 79 31.47 -24.81 -56.98
C ALA CA 79 31.99 -25.89 -56.03
N VAL CA 80 31.90 -25.67 -54.73
CA VAL CA 80 32.33 -26.71 -53.79
C VAL CA 80 31.34 -27.87 -53.78
N LEU CA 81 30.05 -27.60 -53.99
CA LEU CA 81 29.07 -28.67 -54.09
C LEU CA 81 29.42 -29.65 -55.21
N SER CA 82 29.65 -29.13 -56.42
CA SER CA 82 29.95 -29.97 -57.56
C SER CA 82 31.34 -30.60 -57.50
N GLY CA 83 32.13 -30.35 -56.47
CA GLY CA 83 33.39 -31.03 -56.29
C GLY CA 83 34.63 -30.29 -56.75
N ALA CA 84 34.62 -28.97 -56.76
CA ALA CA 84 35.84 -28.21 -57.03
C ALA CA 84 36.78 -28.29 -55.84
N GLU CA 85 38.07 -28.45 -56.13
CA GLU CA 85 39.07 -28.64 -55.08
C GLU CA 85 39.80 -27.35 -54.72
N PHE CA 86 39.75 -26.32 -55.56
CA PHE CA 86 40.25 -25.00 -55.21
C PHE CA 86 39.39 -23.94 -55.89
N ILE CA 87 39.37 -22.76 -55.27
CA ILE CA 87 38.59 -21.63 -55.75
C ILE CA 87 39.57 -20.52 -56.10
N VAL CA 88 39.37 -19.88 -57.25
CA VAL CA 88 40.19 -18.76 -57.69
C VAL CA 88 39.26 -17.58 -57.99
N SER CA 89 39.83 -16.38 -57.89
CA SER CA 89 39.09 -15.14 -58.07
C SER CA 89 40.02 -14.11 -58.70
N PRO CA 90 39.52 -13.25 -59.59
CA PRO CA 90 40.40 -12.25 -60.22
C PRO CA 90 40.65 -11.03 -59.36
N HIS CA 91 39.93 -10.89 -58.26
CA HIS CA 91 40.02 -9.80 -57.33
C HIS CA 91 40.23 -10.34 -55.92
N LEU CA 92 40.23 -9.45 -54.95
CA LEU CA 92 40.29 -9.80 -53.53
C LEU CA 92 38.98 -9.44 -52.87
N ASP CA 93 38.30 -10.43 -52.31
CA ASP CA 93 37.07 -10.18 -51.58
C ASP CA 93 37.23 -10.72 -50.17
N GLU CA 94 36.92 -9.87 -49.18
CA GLU CA 94 37.11 -10.25 -47.79
C GLU CA 94 36.06 -11.24 -47.32
N GLU CA 95 34.85 -11.17 -47.88
CA GLU CA 95 33.79 -12.07 -47.43
C GLU CA 95 33.94 -13.46 -48.03
N ILE CA 96 34.27 -13.57 -49.32
CA ILE CA 96 34.55 -14.88 -49.88
C ILE CA 96 35.71 -15.53 -49.12
N SER CA 97 36.73 -14.75 -48.78
CA SER CA 97 37.87 -15.28 -48.03
C SER CA 97 37.44 -15.75 -46.66
N GLN CA 98 36.67 -14.92 -45.94
CA GLN CA 98 36.14 -15.28 -44.63
C GLN CA 98 35.38 -16.60 -44.67
N PHE CA 99 34.39 -16.69 -45.56
CA PHE CA 99 33.52 -17.87 -45.57
C PHE CA 99 34.22 -19.09 -46.12
N CYS CA 100 35.17 -18.95 -47.01
CA CYS CA 100 35.93 -20.09 -47.53
C CYS CA 100 36.92 -20.57 -46.50
N LYS CA 101 37.36 -19.66 -45.64
CA LYS CA 101 38.24 -20.08 -44.55
C LYS CA 101 37.46 -20.81 -43.47
N GLU CA 102 36.23 -20.36 -43.20
CA GLU CA 102 35.36 -21.10 -42.28
C GLU CA 102 35.11 -22.52 -42.79
N LYS CA 103 34.80 -22.64 -44.09
CA LYS CA 103 34.47 -23.92 -44.71
C LYS CA 103 35.69 -24.79 -44.97
N GLY CA 104 36.90 -24.27 -44.78
CA GLY CA 104 38.12 -25.02 -45.04
C GLY CA 104 38.34 -25.43 -46.48
N VAL CA 105 38.15 -24.49 -47.41
CA VAL CA 105 38.38 -24.72 -48.84
C VAL CA 105 39.50 -23.78 -49.27
N PHE CA 106 40.32 -24.24 -50.22
CA PHE CA 106 41.47 -23.46 -50.65
C PHE CA 106 41.03 -22.33 -51.57
N TYR CA 107 41.39 -21.10 -51.21
CA TYR CA 107 41.04 -19.89 -51.94
C TYR CA 107 42.31 -19.17 -52.36
N MET CA 108 42.38 -18.78 -53.63
CA MET CA 108 43.53 -18.04 -54.16
C MET CA 108 43.03 -16.72 -54.76
N PRO CA 109 42.98 -15.66 -53.96
CA PRO CA 109 42.54 -14.36 -54.48
C PRO CA 109 43.54 -13.78 -55.47
N GLY CA 110 43.13 -12.70 -56.13
CA GLY CA 110 43.98 -12.05 -57.10
C GLY CA 110 44.33 -10.63 -56.71
N VAL CA 111 45.62 -10.27 -56.83
CA VAL CA 111 46.10 -8.96 -56.43
C VAL CA 111 46.86 -8.35 -57.60
N MET CA 112 46.95 -7.02 -57.57
CA MET CA 112 47.76 -6.31 -58.54
C MET CA 112 48.59 -5.20 -57.91
N THR CA 113 48.31 -4.84 -56.66
CA THR CA 113 48.88 -3.74 -55.89
C THR CA 113 49.35 -4.26 -54.54
N PRO CA 114 50.46 -3.73 -54.01
CA PRO CA 114 50.92 -4.20 -52.69
C PRO CA 114 49.99 -3.88 -51.53
N THR CA 115 49.07 -2.93 -51.65
CA THR CA 115 48.08 -2.72 -50.60
C THR CA 115 47.09 -3.88 -50.55
N GLU CA 116 46.61 -4.32 -51.73
CA GLU CA 116 45.80 -5.52 -51.81
C GLU CA 116 46.59 -6.73 -51.34
N LEU CA 117 47.88 -6.76 -51.64
CA LEU CA 117 48.77 -7.82 -51.17
C LEU CA 117 48.75 -7.93 -49.65
N VAL CA 118 48.95 -6.80 -48.98
CA VAL CA 118 48.96 -6.82 -47.52
C VAL CA 118 47.60 -7.16 -46.95
N LYS CA 119 46.51 -6.71 -47.60
CA LYS CA 119 45.18 -7.11 -47.14
C LYS CA 119 44.95 -8.60 -47.29
N ALA CA 120 45.48 -9.22 -48.35
CA ALA CA 120 45.34 -10.65 -48.52
C ALA CA 120 46.19 -11.42 -47.50
N MET CA 121 47.40 -10.93 -47.23
CA MET CA 121 48.24 -11.55 -46.22
C MET CA 121 47.63 -11.47 -44.83
N LYS CA 122 46.94 -10.36 -44.53
CA LYS CA 122 46.27 -10.23 -43.24
C LYS CA 122 45.11 -11.20 -43.07
N LEU CA 123 44.60 -11.76 -44.16
CA LEU CA 123 43.56 -12.77 -44.10
C LEU CA 123 44.11 -14.18 -44.16
N GLY CA 124 45.43 -14.33 -44.29
CA GLY CA 124 46.07 -15.63 -44.22
C GLY CA 124 46.60 -16.18 -45.54
N HIS CA 125 46.47 -15.44 -46.62
CA HIS CA 125 46.84 -15.94 -47.93
C HIS CA 125 48.32 -15.69 -48.20
N THR CA 126 49.06 -16.76 -48.50
CA THR CA 126 50.44 -16.64 -48.92
C THR CA 126 50.68 -17.01 -50.36
N ILE CA 127 49.76 -17.72 -51.00
CA ILE CA 127 49.81 -17.95 -52.43
C ILE CA 127 48.73 -17.09 -53.07
N LEU CA 128 49.13 -16.20 -53.95
CA LEU CA 128 48.20 -15.27 -54.54
C LEU CA 128 48.27 -15.32 -56.06
N LYS CA 129 47.15 -14.95 -56.68
CA LYS CA 129 47.07 -14.84 -58.13
C LYS CA 129 47.51 -13.43 -58.54
N LEU CA 130 48.42 -13.35 -59.50
CA LEU CA 130 48.89 -12.08 -60.00
C LEU CA 130 48.21 -11.82 -61.34
N PHE CA 131 47.21 -10.94 -61.33
CA PHE CA 131 46.39 -10.67 -62.49
C PHE CA 131 46.08 -9.19 -62.59
N PRO CA 132 46.20 -8.60 -63.79
CA PRO CA 132 46.80 -9.17 -64.99
C PRO CA 132 48.33 -9.14 -64.94
N GLY CA 133 48.96 -10.25 -65.33
CA GLY CA 133 50.40 -10.37 -65.18
C GLY CA 133 51.18 -9.72 -66.29
N GLU CA 134 50.52 -9.49 -67.43
CA GLU CA 134 51.17 -8.77 -68.52
C GLU CA 134 51.21 -7.26 -68.28
N VAL CA 135 50.36 -6.75 -67.40
CA VAL CA 135 50.41 -5.33 -67.06
C VAL CA 135 51.57 -5.04 -66.12
N VAL CA 136 51.75 -5.86 -65.09
CA VAL CA 136 52.79 -5.61 -64.10
C VAL CA 136 54.12 -6.23 -64.52
N GLY CA 137 54.11 -7.48 -64.97
CA GLY CA 137 55.32 -8.11 -65.46
C GLY CA 137 56.10 -8.85 -64.38
N PRO CA 138 57.16 -9.56 -64.77
CA PRO CA 138 57.98 -10.27 -63.77
C PRO CA 138 58.73 -9.32 -62.84
N GLN CA 139 58.84 -8.04 -63.20
CA GLN CA 139 59.50 -7.07 -62.34
C GLN CA 139 58.70 -6.77 -61.09
N PHE CA 140 57.38 -6.89 -61.14
CA PHE CA 140 56.57 -6.79 -59.93
C PHE CA 140 56.92 -7.92 -58.96
N VAL CA 141 57.14 -9.12 -59.48
CA VAL CA 141 57.46 -10.27 -58.63
C VAL CA 141 58.86 -10.13 -58.05
N LYS CA 142 59.82 -9.69 -58.87
CA LYS CA 142 61.16 -9.45 -58.34
C LYS CA 142 61.15 -8.33 -57.29
N ALA CA 143 60.33 -7.31 -57.49
CA ALA CA 143 60.30 -6.18 -56.57
C ALA CA 143 59.53 -6.48 -55.29
N MET CA 144 58.68 -7.51 -55.27
CA MET CA 144 57.99 -7.85 -54.04
C MET CA 144 58.77 -8.82 -53.17
N LYS CA 145 59.92 -9.30 -53.62
CA LYS CA 145 60.70 -10.26 -52.86
C LYS CA 145 61.20 -9.66 -51.56
N GLY CA 146 61.66 -8.42 -51.60
CA GLY CA 146 62.34 -7.82 -50.47
C GLY CA 146 61.47 -7.60 -49.25
N PRO CA 147 60.39 -6.85 -49.40
CA PRO CA 147 59.52 -6.59 -48.24
C PRO CA 147 58.58 -7.74 -47.91
N PHE CA 148 58.35 -8.64 -48.86
CA PHE CA 148 57.38 -9.72 -48.71
C PHE CA 148 58.01 -11.02 -49.19
N PRO CA 149 58.92 -11.60 -48.40
CA PRO CA 149 59.62 -12.80 -48.88
C PRO CA 149 58.77 -14.06 -48.86
N ASN CA 150 57.79 -14.17 -47.97
CA ASN CA 150 57.02 -15.40 -47.82
C ASN CA 150 55.90 -15.54 -48.85
N VAL CA 151 55.68 -14.57 -49.72
CA VAL CA 151 54.54 -14.55 -50.63
C VAL CA 151 54.96 -15.10 -51.99
N LYS CA 152 54.16 -16.03 -52.52
CA LYS CA 152 54.38 -16.62 -53.82
C LYS CA 152 53.21 -16.34 -54.75
N PHE CA 153 53.51 -16.20 -56.04
CA PHE CA 153 52.57 -15.71 -57.04
C PHE CA 153 52.33 -16.77 -58.10
N VAL CA 154 51.09 -16.83 -58.57
CA VAL CA 154 50.73 -17.54 -59.79
C VAL CA 154 50.29 -16.47 -60.80
N PRO CA 155 51.15 -16.07 -61.73
CA PRO CA 155 50.75 -15.07 -62.71
C PRO CA 155 49.74 -15.64 -63.71
N THR CA 156 48.69 -14.87 -63.96
CA THR CA 156 47.70 -15.20 -64.96
C THR CA 156 47.55 -14.02 -65.92
N GLY CA 157 47.40 -14.33 -67.20
CA GLY CA 157 47.27 -13.31 -68.22
C GLY CA 157 48.59 -12.99 -68.90
N GLY CA 158 48.65 -13.24 -70.21
CA GLY CA 158 49.79 -12.87 -71.00
C GLY CA 158 50.97 -13.81 -70.94
N VAL CA 159 50.79 -15.04 -70.47
CA VAL CA 159 51.88 -16.00 -70.39
C VAL CA 159 51.93 -16.79 -71.68
N ASN CA 160 53.11 -16.84 -72.30
CA ASN CA 160 53.33 -17.47 -73.59
C ASN CA 160 54.46 -18.49 -73.46
N LEU CA 161 54.79 -19.14 -74.58
CA LEU CA 161 55.94 -20.03 -74.61
C LEU CA 161 57.26 -19.27 -74.57
N ASP CA 162 57.26 -17.97 -74.85
CA ASP CA 162 58.48 -17.18 -74.87
C ASP CA 162 58.81 -16.59 -73.51
N ASN CA 163 57.82 -16.04 -72.82
CA ASN CA 163 58.04 -15.34 -71.56
C ASN CA 163 57.83 -16.23 -70.32
N VAL CA 164 57.68 -17.53 -70.49
CA VAL CA 164 57.40 -18.37 -69.33
C VAL CA 164 58.67 -18.65 -68.52
N CYS CA 165 59.82 -18.81 -69.19
CA CYS CA 165 61.06 -18.97 -68.45
C CYS CA 165 61.47 -17.68 -67.75
N GLU CA 166 61.09 -16.53 -68.30
CA GLU CA 166 61.29 -15.27 -67.61
C GLU CA 166 60.48 -15.22 -66.32
N TRP CA 167 59.22 -15.64 -66.39
CA TRP CA 167 58.38 -15.68 -65.20
C TRP CA 167 58.95 -16.63 -64.16
N PHE CA 168 59.51 -17.76 -64.60
CA PHE CA 168 60.03 -18.72 -63.63
C PHE CA 168 61.36 -18.30 -63.05
N LYS CA 169 62.19 -17.57 -63.81
CA LYS CA 169 63.38 -16.96 -63.23
C LYS CA 169 63.01 -15.88 -62.23
N ALA CA 170 61.89 -15.18 -62.47
CA ALA CA 170 61.46 -14.17 -61.51
C ALA CA 170 61.05 -14.78 -60.17
N GLY CA 171 60.71 -16.06 -60.11
CA GLY CA 171 60.46 -16.71 -58.84
C GLY CA 171 59.04 -17.16 -58.57
N VAL CA 172 58.22 -17.27 -59.62
CA VAL CA 172 56.83 -17.62 -59.43
C VAL CA 172 56.67 -19.09 -59.06
N LEU CA 173 55.61 -19.39 -58.30
CA LEU CA 173 55.32 -20.77 -57.93
C LEU CA 173 54.81 -21.57 -59.12
N ALA CA 174 53.82 -21.03 -59.83
CA ALA CA 174 53.26 -21.66 -61.01
C ALA CA 174 52.79 -20.56 -61.94
N VAL CA 175 52.24 -20.95 -63.09
CA VAL CA 175 51.67 -20.01 -64.03
C VAL CA 175 50.29 -20.51 -64.47
N GLY CA 176 49.36 -19.60 -64.65
CA GLY CA 176 48.07 -19.92 -65.23
C GLY CA 176 48.05 -19.46 -66.67
N VAL CA 177 47.87 -20.42 -67.59
CA VAL CA 177 47.91 -20.15 -69.01
C VAL CA 177 46.52 -20.32 -69.59
N GLY CA 178 46.05 -19.31 -70.32
CA GLY CA 178 44.74 -19.34 -70.91
C GLY CA 178 44.73 -19.41 -72.42
N SER CA 179 44.54 -18.27 -73.08
CA SER CA 179 44.30 -18.22 -74.51
C SER CA 179 45.47 -18.72 -75.33
N ALA CA 180 46.64 -18.94 -74.73
CA ALA CA 180 47.77 -19.50 -75.44
C ALA CA 180 47.83 -21.01 -75.33
N LEU CA 181 47.00 -21.60 -74.48
CA LEU CA 181 46.97 -23.04 -74.27
C LEU CA 181 45.70 -23.67 -74.82
N VAL CA 182 44.53 -23.14 -74.45
CA VAL CA 182 43.28 -23.87 -74.67
C VAL CA 182 42.60 -23.51 -75.98
N LYS CA 183 43.05 -22.49 -76.70
CA LYS CA 183 42.40 -22.15 -77.96
C LYS CA 183 42.71 -23.17 -79.04
N GLY CA 184 41.83 -23.25 -80.04
CA GLY CA 184 41.97 -24.18 -81.13
C GLY CA 184 41.15 -25.44 -80.97
N THR CA 185 41.40 -26.40 -81.85
CA THR CA 185 40.70 -27.67 -81.82
C THR CA 185 41.26 -28.53 -80.69
N PRO CA 186 40.44 -29.46 -80.17
CA PRO CA 186 40.89 -30.28 -79.04
C PRO CA 186 42.09 -31.16 -79.32
N ASP CA 187 42.61 -31.19 -80.55
CA ASP CA 187 43.88 -31.85 -80.80
C ASP CA 187 45.03 -30.87 -80.87
N GLU CA 188 44.77 -29.63 -81.26
CA GLU CA 188 45.79 -28.58 -81.15
C GLU CA 188 46.11 -28.26 -79.69
N VAL CA 189 45.10 -28.36 -78.81
CA VAL CA 189 45.33 -28.11 -77.40
C VAL CA 189 46.23 -29.18 -76.80
N ARG CA 190 46.15 -30.42 -77.29
CA ARG CA 190 47.06 -31.46 -76.80
C ARG CA 190 48.51 -31.11 -77.13
N GLU CA 191 48.77 -30.65 -78.35
CA GLU CA 191 50.13 -30.30 -78.75
C GLU CA 191 50.61 -29.05 -78.01
N LYS CA 192 49.70 -28.09 -77.80
CA LYS CA 192 50.04 -26.91 -77.02
C LYS CA 192 50.43 -27.29 -75.59
N ALA CA 193 49.69 -28.21 -74.98
CA ALA CA 193 50.03 -28.67 -73.63
C ALA CA 193 51.36 -29.41 -73.62
N LYS CA 194 51.61 -30.23 -74.65
CA LYS CA 194 52.91 -30.88 -74.79
C LYS CA 194 54.02 -29.84 -74.78
N ALA CA 195 53.86 -28.79 -75.59
CA ALA CA 195 54.87 -27.75 -75.72
C ALA CA 195 55.09 -27.03 -74.39
N PHE CA 196 54.01 -26.61 -73.74
CA PHE CA 196 54.15 -25.91 -72.46
C PHE CA 196 54.83 -26.78 -71.41
N VAL CA 197 54.43 -28.05 -71.30
CA VAL CA 197 55.02 -28.90 -70.28
C VAL CA 197 56.50 -29.11 -70.56
N GLU CA 198 56.87 -29.37 -71.81
CA GLU CA 198 58.28 -29.56 -72.14
C GLU CA 198 59.09 -28.28 -71.91
N LYS CA 199 58.51 -27.12 -72.23
CA LYS CA 199 59.21 -25.86 -72.02
C LYS CA 199 59.42 -25.59 -70.54
N ILE CA 200 58.39 -25.81 -69.72
CA ILE CA 200 58.49 -25.53 -68.29
C ILE CA 200 59.47 -26.48 -67.63
N ARG CA 201 59.51 -27.73 -68.08
CA ARG CA 201 60.45 -28.67 -67.48
C ARG CA 201 61.86 -28.49 -68.03
N GLY CA 202 62.01 -27.88 -69.20
CA GLY CA 202 63.32 -27.57 -69.73
C GLY CA 202 64.01 -26.49 -68.91
N CYS CA 203 63.48 -25.28 -68.94
CA CYS CA 203 64.08 -24.17 -68.22
C CYS CA 203 63.69 -24.19 -66.74
N MET DA 3 -16.64 48.79 -55.18
CA MET DA 3 -17.09 50.06 -54.63
C MET DA 3 -16.12 51.16 -55.03
N GLU DA 4 -14.86 50.77 -55.22
CA GLU DA 4 -13.88 51.67 -55.82
C GLU DA 4 -14.31 52.09 -57.23
N GLU DA 5 -14.89 51.14 -57.98
CA GLU DA 5 -15.38 51.43 -59.32
C GLU DA 5 -16.50 52.47 -59.29
N LEU DA 6 -17.38 52.40 -58.29
CA LEU DA 6 -18.51 53.31 -58.22
C LEU DA 6 -18.07 54.70 -57.80
N PHE DA 7 -17.12 54.80 -56.86
CA PHE DA 7 -16.54 56.11 -56.54
C PHE DA 7 -15.83 56.70 -57.73
N LYS DA 8 -15.06 55.89 -58.45
CA LYS DA 8 -14.31 56.41 -59.59
C LYS DA 8 -15.24 56.83 -60.72
N LYS DA 9 -16.40 56.17 -60.85
CA LYS DA 9 -17.32 56.50 -61.93
C LYS DA 9 -18.20 57.70 -61.60
N HIS DA 10 -18.86 57.69 -60.44
CA HIS DA 10 -19.84 58.72 -60.12
C HIS DA 10 -19.19 59.98 -59.56
N LYS DA 11 -18.11 59.83 -58.80
CA LYS DA 11 -17.23 60.93 -58.40
C LYS DA 11 -17.90 61.92 -57.45
N ILE DA 12 -19.04 61.57 -56.86
CA ILE DA 12 -19.71 62.42 -55.89
C ILE DA 12 -20.60 61.57 -54.99
N VAL DA 13 -20.54 61.82 -53.69
CA VAL DA 13 -21.38 61.16 -52.71
C VAL DA 13 -22.15 62.24 -51.97
N ALA DA 14 -23.45 62.05 -51.83
CA ALA DA 14 -24.30 63.02 -51.14
C ALA DA 14 -24.43 62.58 -49.69
N VAL DA 15 -23.80 63.34 -48.79
CA VAL DA 15 -23.91 63.09 -47.37
C VAL DA 15 -25.18 63.76 -46.86
N LEU DA 16 -26.08 62.98 -46.28
CA LEU DA 16 -27.43 63.43 -45.96
C LEU DA 16 -27.61 63.42 -44.45
N ARG DA 17 -27.68 64.61 -43.88
CA ARG DA 17 -28.09 64.86 -42.50
C ARG DA 17 -29.43 65.56 -42.54
N ALA DA 18 -30.35 65.16 -41.67
CA ALA DA 18 -31.67 65.74 -41.65
C ALA DA 18 -32.20 65.66 -40.22
N ASN DA 19 -33.30 66.36 -39.98
CA ASN DA 19 -33.94 66.37 -38.67
C ASN DA 19 -35.16 65.48 -38.63
N ASP DA 20 -35.56 64.91 -39.77
CA ASP DA 20 -36.70 64.01 -39.89
C ASP DA 20 -36.29 62.83 -40.75
N ALA DA 21 -37.09 61.77 -40.71
CA ALA DA 21 -36.89 60.66 -41.64
C ALA DA 21 -37.61 60.91 -42.96
N GLN DA 22 -38.76 61.57 -42.93
CA GLN DA 22 -39.46 61.91 -44.16
C GLN DA 22 -38.66 62.91 -44.97
N GLU DA 23 -38.05 63.90 -44.30
CA GLU DA 23 -37.19 64.86 -45.00
C GLU DA 23 -35.98 64.17 -45.60
N ALA DA 24 -35.40 63.21 -44.88
CA ALA DA 24 -34.30 62.44 -45.43
C ALA DA 24 -34.72 61.68 -46.68
N ARG DA 25 -35.91 61.08 -46.67
CA ARG DA 25 -36.39 60.35 -47.84
C ARG DA 25 -36.63 61.30 -49.02
N GLU DA 26 -37.25 62.45 -48.74
CA GLU DA 26 -37.46 63.46 -49.78
C GLU DA 26 -36.15 63.86 -50.43
N LYS DA 27 -35.15 64.20 -49.60
CA LYS DA 27 -33.88 64.68 -50.16
C LYS DA 27 -33.10 63.59 -50.85
N ALA DA 28 -33.14 62.35 -50.34
CA ALA DA 28 -32.48 61.26 -51.04
C ALA DA 28 -33.07 61.06 -52.43
N LEU DA 29 -34.41 61.04 -52.52
CA LEU DA 29 -35.05 60.91 -53.82
C LEU DA 29 -34.69 62.07 -54.73
N ALA DA 30 -34.72 63.30 -54.20
CA ALA DA 30 -34.44 64.47 -55.01
C ALA DA 30 -33.00 64.47 -55.52
N VAL DA 31 -32.05 64.05 -54.69
CA VAL DA 31 -30.66 64.09 -55.11
C VAL DA 31 -30.37 62.95 -56.08
N PHE DA 32 -31.09 61.83 -55.99
CA PHE DA 32 -30.96 60.82 -57.03
C PHE DA 32 -31.57 61.31 -58.34
N GLU DA 33 -32.63 62.10 -58.27
CA GLU DA 33 -33.23 62.66 -59.47
C GLU DA 33 -32.34 63.72 -60.10
N GLY DA 34 -31.55 64.42 -59.28
CA GLY DA 34 -30.64 65.43 -59.82
C GLY DA 34 -29.45 64.84 -60.56
N GLY DA 35 -29.07 63.61 -60.24
CA GLY DA 35 -27.97 62.97 -60.93
C GLY DA 35 -27.05 62.17 -60.04
N VAL DA 36 -27.10 62.42 -58.73
CA VAL DA 36 -26.19 61.77 -57.79
C VAL DA 36 -26.66 60.35 -57.52
N HIS DA 37 -25.77 59.37 -57.74
CA HIS DA 37 -26.09 57.97 -57.56
C HIS DA 37 -25.53 57.38 -56.27
N LEU DA 38 -24.62 58.06 -55.59
CA LEU DA 38 -24.07 57.60 -54.33
C LEU DA 38 -24.66 58.47 -53.22
N ILE DA 39 -25.40 57.86 -52.31
CA ILE DA 39 -26.05 58.58 -51.22
C ILE DA 39 -25.66 57.93 -49.90
N GLU DA 40 -25.45 58.76 -48.89
CA GLU DA 40 -25.05 58.32 -47.56
C GLU DA 40 -26.01 58.91 -46.54
N ILE DA 41 -26.78 58.06 -45.88
CA ILE DA 41 -27.67 58.50 -44.81
C ILE DA 41 -26.84 58.51 -43.54
N THR DA 42 -26.70 59.67 -42.90
CA THR DA 42 -25.92 59.72 -41.69
C THR DA 42 -26.76 59.23 -40.50
N PHE DA 43 -26.08 58.64 -39.53
CA PHE DA 43 -26.71 58.07 -38.36
C PHE DA 43 -27.05 59.09 -37.32
N THR DA 44 -27.10 60.37 -37.69
CA THR DA 44 -27.66 61.42 -36.86
C THR DA 44 -29.08 61.77 -37.28
N VAL DA 45 -29.55 61.22 -38.40
CA VAL DA 45 -30.97 61.29 -38.75
C VAL DA 45 -31.74 60.32 -37.86
N PRO DA 46 -32.86 60.72 -37.27
CA PRO DA 46 -33.59 59.78 -36.42
C PRO DA 46 -34.32 58.73 -37.24
N ASN DA 47 -34.17 57.48 -36.81
CA ASN DA 47 -34.65 56.31 -37.55
C ASN DA 47 -34.04 56.27 -38.95
N ALA DA 48 -32.72 56.15 -38.99
CA ALA DA 48 -31.98 56.15 -40.25
C ALA DA 48 -31.92 54.79 -40.90
N ALA DA 49 -31.84 53.73 -40.10
CA ALA DA 49 -31.91 52.39 -40.66
C ALA DA 49 -33.24 52.16 -41.36
N ALA DA 50 -34.31 52.78 -40.86
CA ALA DA 50 -35.61 52.71 -41.53
C ALA DA 50 -35.57 53.39 -42.90
N VAL DA 51 -34.90 54.53 -42.99
CA VAL DA 51 -34.76 55.22 -44.29
C VAL DA 51 -33.97 54.35 -45.27
N ILE DA 52 -32.88 53.75 -44.79
CA ILE DA 52 -32.07 52.90 -45.66
C ILE DA 52 -32.89 51.71 -46.12
N LEU DA 53 -33.74 51.15 -45.25
CA LEU DA 53 -34.59 50.04 -45.63
C LEU DA 53 -35.64 50.46 -46.65
N LEU DA 54 -36.24 51.63 -46.47
CA LEU DA 54 -37.32 52.09 -47.32
C LEU DA 54 -36.83 52.67 -48.64
N LEU DA 55 -35.52 52.87 -48.81
CA LEU DA 55 -34.98 53.30 -50.10
C LEU DA 55 -34.54 52.14 -50.98
N SER DA 56 -34.98 50.92 -50.68
CA SER DA 56 -34.62 49.77 -51.50
C SER DA 56 -35.14 49.90 -52.92
N PHE DA 57 -36.21 50.66 -53.13
CA PHE DA 57 -36.71 50.83 -54.49
C PHE DA 57 -35.74 51.64 -55.35
N LEU DA 58 -35.15 52.70 -54.78
CA LEU DA 58 -34.06 53.39 -55.47
C LEU DA 58 -32.83 52.50 -55.58
N LYS DA 59 -32.61 51.63 -54.60
CA LYS DA 59 -31.50 50.68 -54.70
C LYS DA 59 -31.68 49.76 -55.90
N GLU DA 60 -32.93 49.47 -56.25
CA GLU DA 60 -33.26 48.67 -57.43
C GLU DA 60 -33.31 49.48 -58.72
N LYS DA 61 -33.49 50.79 -58.63
CA LYS DA 61 -33.46 51.64 -59.81
C LYS DA 61 -32.05 52.13 -60.15
N GLY DA 62 -31.04 51.82 -59.33
CA GLY DA 62 -29.66 52.10 -59.68
C GLY DA 62 -28.87 52.91 -58.66
N ALA DA 63 -29.43 53.31 -57.53
CA ALA DA 63 -28.69 54.06 -56.53
C ALA DA 63 -27.85 53.14 -55.65
N ILE DA 64 -26.80 53.72 -55.07
CA ILE DA 64 -25.99 53.05 -54.06
C ILE DA 64 -26.17 53.81 -52.75
N ILE DA 65 -26.82 53.17 -51.78
CA ILE DA 65 -27.13 53.79 -50.50
C ILE DA 65 -26.19 53.21 -49.45
N GLY DA 66 -25.68 54.08 -48.57
CA GLY DA 66 -24.79 53.65 -47.51
C GLY DA 66 -25.08 54.42 -46.23
N ALA DA 67 -24.38 54.04 -45.18
CA ALA DA 67 -24.56 54.61 -43.85
C ALA DA 67 -23.32 55.37 -43.41
N GLY DA 68 -23.53 56.54 -42.80
CA GLY DA 68 -22.46 57.36 -42.31
C GLY DA 68 -22.54 57.60 -40.81
N THR DA 69 -21.51 58.26 -40.28
CA THR DA 69 -21.42 58.58 -38.86
C THR DA 69 -21.61 57.33 -37.99
N VAL DA 70 -20.99 56.23 -38.39
CA VAL DA 70 -21.07 54.98 -37.65
C VAL DA 70 -19.91 54.93 -36.67
N THR DA 71 -20.23 54.83 -35.38
CA THR DA 71 -19.24 54.89 -34.32
C THR DA 71 -19.24 53.67 -33.42
N SER DA 72 -19.92 52.60 -33.82
CA SER DA 72 -19.94 51.37 -33.02
C SER DA 72 -20.27 50.21 -33.93
N GLU DA 73 -20.07 49.00 -33.42
CA GLU DA 73 -20.27 47.80 -34.22
C GLU DA 73 -21.75 47.45 -34.36
N GLU DA 74 -22.55 47.75 -33.34
CA GLU DA 74 -23.98 47.48 -33.44
C GLU DA 74 -24.65 48.38 -34.48
N GLN DA 75 -24.16 49.61 -34.65
CA GLN DA 75 -24.67 50.45 -35.73
C GLN DA 75 -24.28 49.89 -37.10
N CYS DA 76 -23.09 49.32 -37.22
CA CYS DA 76 -22.71 48.66 -38.47
C CYS DA 76 -23.61 47.47 -38.75
N ALA DA 77 -23.92 46.67 -37.72
CA ALA DA 77 -24.82 45.54 -37.89
C ALA DA 77 -26.21 46.00 -38.31
N LEU DA 78 -26.74 47.02 -37.65
CA LEU DA 78 -28.06 47.53 -37.98
C LEU DA 78 -28.11 48.09 -39.39
N ALA DA 79 -27.05 48.79 -39.81
CA ALA DA 79 -27.04 49.38 -41.14
C ALA DA 79 -26.87 48.34 -42.22
N VAL DA 80 -26.11 47.28 -41.96
CA VAL DA 80 -25.98 46.21 -42.94
C VAL DA 80 -27.27 45.41 -43.03
N LEU DA 81 -27.95 45.23 -41.90
CA LEU DA 81 -29.27 44.60 -41.91
C LEU DA 81 -30.25 45.40 -42.77
N SER DA 82 -30.27 46.71 -42.60
CA SER DA 82 -31.22 47.53 -43.35
C SER DA 82 -30.98 47.52 -44.85
N GLY DA 83 -29.78 47.20 -45.30
CA GLY DA 83 -29.53 47.15 -46.73
C GLY DA 83 -28.42 48.06 -47.23
N ALA DA 84 -27.69 48.69 -46.31
CA ALA DA 84 -26.61 49.59 -46.71
C ALA DA 84 -25.51 48.83 -47.45
N GLU DA 85 -24.90 49.51 -48.42
CA GLU DA 85 -23.89 48.89 -49.26
C GLU DA 85 -22.47 49.32 -48.91
N PHE DA 86 -22.32 50.42 -48.17
CA PHE DA 86 -21.02 50.82 -47.65
C PHE DA 86 -21.22 51.52 -46.31
N ILE DA 87 -20.17 51.48 -45.49
CA ILE DA 87 -20.17 52.06 -44.15
C ILE DA 87 -19.09 53.15 -44.12
N VAL DA 88 -19.37 54.25 -43.42
CA VAL DA 88 -18.45 55.37 -43.32
C VAL DA 88 -18.40 55.85 -41.88
N SER DA 89 -17.19 56.25 -41.45
CA SER DA 89 -16.95 56.81 -40.12
C SER DA 89 -16.15 58.10 -40.24
N PRO DA 90 -16.38 59.05 -39.34
CA PRO DA 90 -15.53 60.25 -39.28
C PRO DA 90 -14.21 60.03 -38.57
N HIS DA 91 -13.86 58.79 -38.28
CA HIS DA 91 -12.73 58.43 -37.43
C HIS DA 91 -12.31 57.02 -37.81
N LEU DA 92 -11.10 56.66 -37.40
CA LEU DA 92 -10.63 55.30 -37.58
C LEU DA 92 -10.92 54.47 -36.33
N ASP DA 93 -11.61 53.35 -36.51
CA ASP DA 93 -11.88 52.42 -35.43
C ASP DA 93 -11.36 51.05 -35.81
N GLU DA 94 -10.65 50.40 -34.88
CA GLU DA 94 -10.07 49.09 -35.17
C GLU DA 94 -11.09 47.98 -35.11
N GLU DA 95 -12.11 48.10 -34.25
CA GLU DA 95 -13.11 47.03 -34.15
C GLU DA 95 -14.08 47.06 -35.32
N ILE DA 96 -14.51 48.24 -35.76
CA ILE DA 96 -15.37 48.28 -36.94
C ILE DA 96 -14.61 47.75 -38.16
N SER DA 97 -13.33 48.09 -38.28
CA SER DA 97 -12.52 47.55 -39.37
C SER DA 97 -12.41 46.04 -39.26
N GLN DA 98 -12.13 45.55 -38.05
CA GLN DA 98 -11.95 44.12 -37.83
C GLN DA 98 -13.20 43.33 -38.21
N PHE DA 99 -14.36 43.75 -37.73
CA PHE DA 99 -15.59 42.99 -37.89
C PHE DA 99 -16.42 43.39 -39.09
N CYS DA 100 -15.96 44.33 -39.90
CA CYS DA 100 -16.63 44.70 -41.14
C CYS DA 100 -15.90 43.98 -42.22
N LYS DA 101 -14.68 43.57 -41.94
CA LYS DA 101 -13.93 42.73 -42.86
C LYS DA 101 -14.62 41.40 -43.08
N GLU DA 102 -15.06 40.77 -42.00
CA GLU DA 102 -15.69 39.45 -42.07
C GLU DA 102 -17.08 39.53 -42.67
N LYS DA 103 -17.83 40.60 -42.40
CA LYS DA 103 -19.14 40.78 -43.01
C LYS DA 103 -19.05 40.94 -44.52
N GLY DA 104 -17.86 41.14 -45.06
CA GLY DA 104 -17.72 41.43 -46.48
C GLY DA 104 -18.32 42.76 -46.89
N VAL DA 105 -18.30 43.75 -46.02
CA VAL DA 105 -18.89 45.06 -46.31
C VAL DA 105 -17.77 46.07 -46.46
N PHE DA 106 -17.97 47.03 -47.37
CA PHE DA 106 -16.97 48.04 -47.64
C PHE DA 106 -17.03 49.14 -46.57
N TYR DA 107 -15.93 49.31 -45.86
CA TYR DA 107 -15.78 50.28 -44.79
C TYR DA 107 -14.78 51.34 -45.20
N MET DA 108 -15.15 52.61 -45.03
CA MET DA 108 -14.27 53.73 -45.38
C MET DA 108 -14.05 54.60 -44.16
N PRO DA 109 -12.98 54.40 -43.39
CA PRO DA 109 -12.76 55.21 -42.20
C PRO DA 109 -12.31 56.62 -42.55
N GLY DA 110 -12.24 57.46 -41.53
CA GLY DA 110 -11.82 58.83 -41.71
C GLY DA 110 -10.52 59.14 -41.02
N VAL DA 111 -9.59 59.79 -41.72
CA VAL DA 111 -8.28 60.10 -41.17
C VAL DA 111 -8.04 61.60 -41.32
N MET DA 112 -7.09 62.11 -40.55
CA MET DA 112 -6.69 63.50 -40.64
C MET DA 112 -5.19 63.71 -40.55
N THR DA 113 -4.44 62.75 -40.01
CA THR DA 113 -3.00 62.81 -39.84
C THR DA 113 -2.36 61.59 -40.48
N PRO DA 114 -1.06 61.66 -40.80
CA PRO DA 114 -0.40 60.49 -41.41
C PRO DA 114 -0.28 59.28 -40.51
N THR DA 115 -0.30 59.45 -39.18
CA THR DA 115 -0.22 58.29 -38.30
C THR DA 115 -1.51 57.48 -38.36
N GLU DA 116 -2.66 58.16 -38.32
CA GLU DA 116 -3.94 57.50 -38.54
C GLU DA 116 -4.00 56.86 -39.91
N LEU DA 117 -3.44 57.52 -40.92
CA LEU DA 117 -3.42 56.97 -42.27
C LEU DA 117 -2.65 55.66 -42.31
N VAL DA 118 -1.47 55.62 -41.69
CA VAL DA 118 -0.68 54.40 -41.69
C VAL DA 118 -1.37 53.30 -40.91
N LYS DA 119 -2.10 53.64 -39.84
CA LYS DA 119 -2.87 52.63 -39.13
C LYS DA 119 -3.97 52.05 -40.00
N ALA DA 120 -4.70 52.91 -40.73
CA ALA DA 120 -5.74 52.43 -41.62
C ALA DA 120 -5.17 51.55 -42.73
N MET DA 121 -4.01 51.93 -43.26
CA MET DA 121 -3.33 51.12 -44.26
C MET DA 121 -2.92 49.77 -43.69
N LYS DA 122 -2.43 49.74 -42.45
CA LYS DA 122 -2.07 48.49 -41.81
C LYS DA 122 -3.28 47.59 -41.60
N LEU DA 123 -4.45 48.18 -41.38
CA LEU DA 123 -5.67 47.39 -41.32
C LEU DA 123 -6.22 47.02 -42.68
N GLY DA 124 -5.68 47.59 -43.76
CA GLY DA 124 -6.01 47.16 -45.10
C GLY DA 124 -6.78 48.15 -45.95
N HIS DA 125 -6.84 49.42 -45.56
CA HIS DA 125 -7.72 50.39 -46.18
C HIS DA 125 -6.92 51.21 -47.19
N THR DA 126 -7.35 51.16 -48.46
CA THR DA 126 -6.74 51.92 -49.52
C THR DA 126 -7.50 53.20 -49.85
N ILE DA 127 -8.81 53.21 -49.64
CA ILE DA 127 -9.65 54.38 -49.87
C ILE DA 127 -10.03 54.95 -48.52
N LEU DA 128 -9.62 56.19 -48.26
CA LEU DA 128 -9.85 56.81 -46.98
C LEU DA 128 -10.77 58.01 -47.16
N LYS DA 129 -11.46 58.37 -46.09
CA LYS DA 129 -12.23 59.60 -46.00
C LYS DA 129 -11.37 60.68 -45.34
N LEU DA 130 -11.33 61.85 -45.95
CA LEU DA 130 -10.53 62.95 -45.43
C LEU DA 130 -11.47 63.95 -44.76
N PHE DA 131 -11.44 64.00 -43.43
CA PHE DA 131 -12.38 64.78 -42.67
C PHE DA 131 -11.68 65.31 -41.43
N PRO DA 132 -11.83 66.60 -41.09
CA PRO DA 132 -12.46 67.67 -41.88
C PRO DA 132 -11.60 68.09 -43.07
N GLY DA 133 -12.21 68.21 -44.25
CA GLY DA 133 -11.44 68.52 -45.44
C GLY DA 133 -11.07 69.96 -45.60
N GLU DA 134 -11.84 70.88 -45.02
CA GLU DA 134 -11.49 72.29 -45.11
C GLU DA 134 -10.40 72.68 -44.12
N VAL DA 135 -10.21 71.89 -43.07
CA VAL DA 135 -9.14 72.18 -42.12
C VAL DA 135 -7.78 71.90 -42.75
N VAL DA 136 -7.64 70.73 -43.38
CA VAL DA 136 -6.35 70.36 -43.97
C VAL DA 136 -6.20 70.93 -45.38
N GLY DA 137 -7.19 70.73 -46.24
CA GLY DA 137 -7.18 71.30 -47.57
C GLY DA 137 -6.63 70.36 -48.61
N PRO DA 138 -6.61 70.80 -49.88
CA PRO DA 138 -6.07 69.94 -50.94
C PRO DA 138 -4.55 69.85 -50.92
N GLN DA 139 -3.88 70.78 -50.23
CA GLN DA 139 -2.43 70.67 -50.08
C GLN DA 139 -2.05 69.47 -49.23
N PHE DA 140 -2.95 69.03 -48.33
CA PHE DA 140 -2.72 67.78 -47.62
C PHE DA 140 -2.75 66.59 -48.56
N VAL DA 141 -3.61 66.63 -49.58
CA VAL DA 141 -3.70 65.52 -50.52
C VAL DA 141 -2.50 65.52 -51.45
N LYS DA 142 -2.07 66.69 -51.91
CA LYS DA 142 -0.85 66.79 -52.71
C LYS DA 142 0.37 66.36 -51.92
N ALA DA 143 0.43 66.73 -50.63
CA ALA DA 143 1.60 66.40 -49.82
C ALA DA 143 1.70 64.91 -49.53
N MET DA 144 0.58 64.20 -49.57
CA MET DA 144 0.60 62.79 -49.21
C MET DA 144 0.93 61.89 -50.39
N LYS DA 145 1.04 62.45 -51.60
CA LYS DA 145 1.32 61.64 -52.78
C LYS DA 145 2.68 60.97 -52.68
N GLY DA 146 3.69 61.71 -52.22
CA GLY DA 146 5.05 61.24 -52.18
C GLY DA 146 5.25 59.96 -51.40
N PRO DA 147 5.06 60.03 -50.08
CA PRO DA 147 5.34 58.85 -49.24
C PRO DA 147 4.33 57.73 -49.42
N PHE DA 148 3.07 58.08 -49.67
CA PHE DA 148 2.02 57.09 -49.89
C PHE DA 148 1.41 57.36 -51.26
N PRO DA 149 1.79 56.64 -52.31
CA PRO DA 149 1.25 56.95 -53.64
C PRO DA 149 0.03 56.13 -53.99
N ASN DA 150 -0.29 55.13 -53.17
CA ASN DA 150 -1.36 54.19 -53.47
C ASN DA 150 -2.65 54.47 -52.70
N VAL DA 151 -2.71 55.58 -51.96
CA VAL DA 151 -3.85 55.91 -51.11
C VAL DA 151 -4.67 56.98 -51.79
N LYS DA 152 -5.99 56.79 -51.83
CA LYS DA 152 -6.92 57.73 -52.45
C LYS DA 152 -7.92 58.25 -51.43
N PHE DA 153 -8.25 59.53 -51.53
CA PHE DA 153 -9.04 60.23 -50.54
C PHE DA 153 -10.40 60.64 -51.11
N VAL DA 154 -11.41 60.56 -50.26
CA VAL DA 154 -12.71 61.17 -50.51
C VAL DA 154 -12.85 62.29 -49.48
N PRO DA 155 -12.62 63.55 -49.86
CA PRO DA 155 -12.73 64.63 -48.87
C PRO DA 155 -14.17 64.96 -48.54
N THR DA 156 -14.43 65.18 -47.26
CA THR DA 156 -15.74 65.60 -46.77
C THR DA 156 -15.54 66.79 -45.85
N GLY DA 157 -16.38 67.81 -46.02
CA GLY DA 157 -16.26 69.00 -45.22
C GLY DA 157 -15.86 70.21 -46.02
N GLY DA 158 -16.82 71.11 -46.26
CA GLY DA 158 -16.51 72.37 -46.91
C GLY DA 158 -16.23 72.29 -48.38
N VAL DA 159 -16.78 71.31 -49.07
CA VAL DA 159 -16.63 71.21 -50.53
C VAL DA 159 -17.72 72.06 -51.17
N ASN DA 160 -17.33 72.87 -52.14
CA ASN DA 160 -18.20 73.85 -52.75
C ASN DA 160 -18.14 73.69 -54.25
N LEU DA 161 -19.06 74.36 -54.95
CA LEU DA 161 -18.94 74.45 -56.40
C LEU DA 161 -17.64 75.14 -56.79
N ASP DA 162 -17.19 76.09 -55.97
CA ASP DA 162 -15.98 76.84 -56.28
C ASP DA 162 -14.73 75.95 -56.20
N ASN DA 163 -14.56 75.26 -55.08
CA ASN DA 163 -13.30 74.58 -54.80
C ASN DA 163 -13.33 73.08 -55.14
N VAL DA 164 -14.38 72.62 -55.82
CA VAL DA 164 -14.41 71.20 -56.16
C VAL DA 164 -13.45 70.89 -57.30
N CYS DA 165 -13.27 71.83 -58.24
CA CYS DA 165 -12.28 71.63 -59.29
C CYS DA 165 -10.87 71.64 -58.72
N GLU DA 166 -10.61 72.47 -57.71
CA GLU DA 166 -9.32 72.47 -57.04
C GLU DA 166 -9.09 71.15 -56.30
N TRP DA 167 -10.12 70.65 -55.62
CA TRP DA 167 -10.03 69.36 -54.96
C TRP DA 167 -9.73 68.25 -55.96
N PHE DA 168 -10.34 68.32 -57.15
CA PHE DA 168 -10.14 67.25 -58.13
C PHE DA 168 -8.80 67.34 -58.85
N LYS DA 169 -8.29 68.56 -59.09
CA LYS DA 169 -6.95 68.67 -59.64
C LYS DA 169 -5.91 68.24 -58.61
N ALA DA 170 -6.21 68.42 -57.32
CA ALA DA 170 -5.33 67.88 -56.28
C ALA DA 170 -5.16 66.38 -56.39
N GLY DA 171 -6.18 65.66 -56.87
CA GLY DA 171 -6.01 64.24 -57.11
C GLY DA 171 -6.96 63.30 -56.39
N VAL DA 172 -8.08 63.82 -55.88
CA VAL DA 172 -8.97 63.00 -55.05
C VAL DA 172 -9.77 62.03 -55.92
N LEU DA 173 -10.25 60.96 -55.28
CA LEU DA 173 -11.08 59.97 -55.96
C LEU DA 173 -12.50 60.47 -56.18
N ALA DA 174 -13.14 60.94 -55.11
CA ALA DA 174 -14.47 61.50 -55.16
C ALA DA 174 -14.55 62.58 -54.10
N VAL DA 175 -15.71 63.22 -54.00
CA VAL DA 175 -15.97 64.20 -52.95
C VAL DA 175 -17.28 63.85 -52.27
N GLY DA 176 -17.35 64.11 -50.95
CA GLY DA 176 -18.59 64.02 -50.22
C GLY DA 176 -19.10 65.41 -49.92
N VAL DA 177 -20.26 65.74 -50.48
CA VAL DA 177 -20.85 67.06 -50.34
C VAL DA 177 -22.05 66.98 -49.43
N GLY DA 178 -22.07 67.83 -48.42
CA GLY DA 178 -23.15 67.87 -47.45
C GLY DA 178 -23.98 69.14 -47.49
N SER DA 179 -23.70 70.04 -46.55
CA SER DA 179 -24.55 71.22 -46.33
C SER DA 179 -24.78 72.01 -47.60
N ALA DA 180 -23.75 72.09 -48.46
CA ALA DA 180 -23.91 72.82 -49.72
C ALA DA 180 -24.95 72.15 -50.60
N LEU DA 181 -24.99 70.82 -50.62
CA LEU DA 181 -25.84 70.11 -51.55
C LEU DA 181 -27.26 69.95 -51.02
N VAL DA 182 -27.40 69.54 -49.75
CA VAL DA 182 -28.66 68.99 -49.27
C VAL DA 182 -29.51 69.98 -48.47
N LYS DA 183 -29.07 71.22 -48.32
CA LYS DA 183 -29.92 72.19 -47.62
C LYS DA 183 -30.93 72.81 -48.58
N GLY DA 184 -32.06 73.22 -48.02
CA GLY DA 184 -33.12 73.85 -48.78
C GLY DA 184 -34.29 72.92 -49.05
N THR DA 185 -35.20 73.40 -49.89
CA THR DA 185 -36.37 72.62 -50.28
C THR DA 185 -35.93 71.44 -51.14
N PRO DA 186 -36.75 70.38 -51.22
CA PRO DA 186 -36.39 69.21 -52.02
C PRO DA 186 -36.24 69.46 -53.51
N ASP DA 187 -36.56 70.65 -54.02
CA ASP DA 187 -36.27 70.96 -55.42
C ASP DA 187 -35.01 71.81 -55.59
N GLU DA 188 -34.69 72.63 -54.59
CA GLU DA 188 -33.38 73.27 -54.56
C GLU DA 188 -32.28 72.22 -54.48
N VAL DA 189 -32.51 71.13 -53.75
CA VAL DA 189 -31.53 70.05 -53.70
C VAL DA 189 -31.37 69.42 -55.07
N ARG DA 190 -32.47 69.29 -55.82
CA ARG DA 190 -32.40 68.71 -57.16
C ARG DA 190 -31.57 69.60 -58.08
N GLU DA 191 -31.81 70.91 -58.02
CA GLU DA 191 -31.03 71.83 -58.86
C GLU DA 191 -29.56 71.88 -58.45
N LYS DA 192 -29.29 71.82 -57.15
CA LYS DA 192 -27.90 71.79 -56.70
C LYS DA 192 -27.19 70.52 -57.17
N ALA DA 193 -27.88 69.39 -57.15
CA ALA DA 193 -27.28 68.16 -57.69
C ALA DA 193 -27.01 68.30 -59.18
N LYS DA 194 -27.96 68.91 -59.92
CA LYS DA 194 -27.71 69.23 -61.32
C LYS DA 194 -26.40 69.99 -61.47
N ALA DA 195 -26.26 71.09 -60.71
CA ALA DA 195 -25.10 71.96 -60.83
C ALA DA 195 -23.82 71.23 -60.49
N PHE DA 196 -23.82 70.46 -59.40
CA PHE DA 196 -22.62 69.77 -58.98
C PHE DA 196 -22.19 68.72 -60.00
N VAL DA 197 -23.14 67.95 -60.53
CA VAL DA 197 -22.79 66.96 -61.54
C VAL DA 197 -22.21 67.65 -62.78
N GLU DA 198 -22.88 68.71 -63.23
CA GLU DA 198 -22.39 69.45 -64.40
C GLU DA 198 -20.99 70.00 -64.17
N LYS DA 199 -20.74 70.56 -62.99
CA LYS DA 199 -19.43 71.13 -62.69
C LYS DA 199 -18.35 70.07 -62.62
N ILE DA 200 -18.64 68.93 -62.00
CA ILE DA 200 -17.64 67.88 -61.87
C ILE DA 200 -17.31 67.29 -63.24
N ARG DA 201 -18.30 67.20 -64.13
CA ARG DA 201 -17.99 66.75 -65.48
C ARG DA 201 -17.32 67.82 -66.33
N GLY DA 202 -17.52 69.10 -66.00
CA GLY DA 202 -16.82 70.16 -66.69
C GLY DA 202 -15.32 70.11 -66.47
N CYS DA 203 -14.89 70.33 -65.24
CA CYS DA 203 -13.46 70.30 -64.92
C CYS DA 203 -12.99 68.90 -64.61
N MET EA 3 71.92 15.30 15.81
CA MET EA 3 72.61 14.84 17.00
C MET EA 3 73.86 14.04 16.65
N GLU EA 4 73.87 13.44 15.46
CA GLU EA 4 75.06 12.72 15.02
C GLU EA 4 76.27 13.63 14.99
N GLU EA 5 76.07 14.89 14.56
CA GLU EA 5 77.17 15.84 14.51
C GLU EA 5 77.67 16.17 15.90
N LEU EA 6 76.76 16.34 16.86
CA LEU EA 6 77.17 16.66 18.21
C LEU EA 6 77.88 15.48 18.88
N PHE EA 7 77.37 14.26 18.66
CA PHE EA 7 78.03 13.07 19.19
C PHE EA 7 79.41 12.90 18.59
N LYS EA 8 79.54 13.12 17.28
CA LYS EA 8 80.84 12.94 16.63
C LYS EA 8 81.82 14.03 17.02
N LYS EA 9 81.32 15.22 17.36
CA LYS EA 9 82.20 16.31 17.76
C LYS EA 9 82.65 16.20 19.21
N HIS EA 10 81.75 15.85 20.12
CA HIS EA 10 82.09 15.83 21.54
C HIS EA 10 82.59 14.46 22.01
N LYS EA 11 82.04 13.38 21.47
CA LYS EA 11 82.53 12.01 21.63
C LYS EA 11 82.43 11.50 23.07
N ILE EA 12 81.71 12.19 23.94
CA ILE EA 12 81.52 11.73 25.31
C ILE EA 12 80.21 12.30 25.83
N VAL EA 13 79.42 11.45 26.48
CA VAL EA 13 78.17 11.83 27.10
C VAL EA 13 78.25 11.45 28.57
N ALA EA 14 77.96 12.39 29.46
CA ALA EA 14 77.90 12.10 30.88
C ALA EA 14 76.52 11.58 31.21
N VAL EA 15 76.44 10.46 31.91
CA VAL EA 15 75.18 9.87 32.35
C VAL EA 15 75.09 10.09 33.86
N LEU EA 16 74.15 10.91 34.30
CA LEU EA 16 74.09 11.36 35.68
C LEU EA 16 72.96 10.65 36.41
N ARG EA 17 73.33 9.89 37.43
CA ARG EA 17 72.43 9.30 38.42
C ARG EA 17 72.81 9.85 39.79
N ALA EA 18 71.79 10.21 40.57
CA ALA EA 18 72.03 10.77 41.89
C ALA EA 18 70.79 10.57 42.74
N ASN EA 19 70.99 10.55 44.05
CA ASN EA 19 69.90 10.36 45.00
C ASN EA 19 69.25 11.68 45.43
N ASP EA 20 69.65 12.80 44.83
CA ASP EA 20 69.10 14.10 45.16
C ASP EA 20 69.02 14.91 43.87
N ALA EA 21 68.23 15.97 43.90
CA ALA EA 21 68.15 16.87 42.76
C ALA EA 21 69.16 18.00 42.83
N GLN EA 22 69.70 18.29 44.00
CA GLN EA 22 70.75 19.29 44.11
C GLN EA 22 72.10 18.70 43.76
N GLU EA 23 72.34 17.44 44.15
CA GLU EA 23 73.57 16.76 43.77
C GLU EA 23 73.67 16.61 42.25
N ALA EA 24 72.55 16.33 41.59
CA ALA EA 24 72.55 16.26 40.13
C ALA EA 24 72.96 17.59 39.52
N ARG EA 25 72.45 18.70 40.05
CA ARG EA 25 72.79 20.01 39.48
C ARG EA 25 74.25 20.34 39.72
N GLU EA 26 74.75 20.04 40.93
CA GLU EA 26 76.16 20.27 41.22
C GLU EA 26 77.06 19.46 40.31
N LYS EA 27 76.72 18.19 40.09
CA LYS EA 27 77.57 17.34 39.26
C LYS EA 27 77.46 17.70 37.79
N ALA EA 28 76.29 18.11 37.32
CA ALA EA 28 76.17 18.56 35.95
C ALA EA 28 77.03 19.81 35.71
N LEU EA 29 77.03 20.73 36.67
CA LEU EA 29 77.92 21.90 36.55
C LEU EA 29 79.38 21.46 36.56
N ALA EA 30 79.76 20.58 37.48
CA ALA EA 30 81.15 20.15 37.58
C ALA EA 30 81.62 19.44 36.32
N VAL EA 31 80.74 18.69 35.67
CA VAL EA 31 81.15 17.96 34.48
C VAL EA 31 81.13 18.84 33.24
N PHE EA 32 80.26 19.86 33.20
CA PHE EA 32 80.35 20.84 32.12
C PHE EA 32 81.62 21.68 32.25
N GLU EA 33 82.11 21.88 33.48
CA GLU EA 33 83.34 22.62 33.69
C GLU EA 33 84.59 21.75 33.57
N GLY EA 34 84.49 20.59 32.91
CA GLY EA 34 85.62 19.75 32.66
C GLY EA 34 85.82 19.53 31.17
N GLY EA 35 84.81 19.87 30.39
CA GLY EA 35 84.88 19.73 28.95
C GLY EA 35 83.70 18.98 28.37
N VAL EA 36 83.02 18.19 29.19
CA VAL EA 36 81.90 17.38 28.73
C VAL EA 36 80.72 18.31 28.45
N HIS EA 37 80.39 18.49 27.17
CA HIS EA 37 79.27 19.32 26.76
C HIS EA 37 77.97 18.55 26.59
N LEU EA 38 78.02 17.23 26.47
CA LEU EA 38 76.82 16.40 26.36
C LEU EA 38 76.52 15.79 27.72
N ILE EA 39 75.36 16.12 28.28
CA ILE EA 39 74.97 15.67 29.61
C ILE EA 39 73.59 15.05 29.51
N GLU EA 40 73.37 13.95 30.22
CA GLU EA 40 72.10 13.27 30.27
C GLU EA 40 71.76 13.03 31.73
N ILE EA 41 70.56 13.44 32.12
CA ILE EA 41 70.05 13.24 33.48
C ILE EA 41 69.15 12.02 33.44
N THR EA 42 69.45 11.01 34.25
CA THR EA 42 68.62 9.82 34.23
C THR EA 42 67.33 10.06 35.02
N PHE EA 43 66.24 9.47 34.55
CA PHE EA 43 64.96 9.63 35.22
C PHE EA 43 64.83 8.78 36.48
N THR EA 44 65.93 8.23 36.98
CA THR EA 44 65.93 7.67 38.32
C THR EA 44 66.21 8.74 39.37
N VAL EA 45 66.83 9.84 38.97
CA VAL EA 45 67.02 10.99 39.87
C VAL EA 45 65.64 11.54 40.25
N PRO EA 46 65.38 11.81 41.53
CA PRO EA 46 64.08 12.34 41.96
C PRO EA 46 63.90 13.80 41.56
N ASN EA 47 62.79 14.09 40.88
CA ASN EA 47 62.52 15.40 40.31
C ASN EA 47 63.53 15.74 39.23
N ALA EA 48 63.67 14.87 38.23
CA ALA EA 48 64.68 15.06 37.19
C ALA EA 48 64.23 16.01 36.10
N ALA EA 49 62.94 16.11 35.82
CA ALA EA 49 62.47 17.11 34.88
C ALA EA 49 62.73 18.51 35.41
N ALA EA 50 62.63 18.69 36.73
CA ALA EA 50 62.99 19.96 37.35
C ALA EA 50 64.47 20.26 37.17
N VAL EA 51 65.32 19.25 37.33
CA VAL EA 51 66.76 19.44 37.13
C VAL EA 51 67.04 19.84 35.69
N ILE EA 52 66.36 19.20 34.73
CA ILE EA 52 66.55 19.57 33.33
C ILE EA 52 66.07 20.99 33.08
N LEU EA 53 65.00 21.41 33.75
CA LEU EA 53 64.44 22.74 33.52
C LEU EA 53 65.34 23.82 34.12
N LEU EA 54 65.95 23.55 35.27
CA LEU EA 54 66.77 24.55 35.96
C LEU EA 54 68.22 24.53 35.51
N LEU EA 55 68.57 23.74 34.50
CA LEU EA 55 69.88 23.80 33.86
C LEU EA 55 69.83 24.46 32.49
N SER EA 56 68.71 25.12 32.17
CA SER EA 56 68.58 25.80 30.89
C SER EA 56 69.56 26.97 30.76
N PHE EA 57 70.12 27.42 31.88
CA PHE EA 57 71.17 28.44 31.80
C PHE EA 57 72.44 27.91 31.18
N LEU EA 58 72.64 26.58 31.17
CA LEU EA 58 73.84 26.00 30.56
C LEU EA 58 73.72 25.81 29.05
N LYS EA 59 72.51 25.72 28.51
CA LYS EA 59 72.42 25.57 27.06
C LYS EA 59 72.64 26.90 26.33
N GLU EA 60 72.85 27.98 27.07
CA GLU EA 60 73.31 29.25 26.53
C GLU EA 60 74.82 29.35 26.55
N LYS EA 61 75.50 28.42 27.22
CA LYS EA 61 76.95 28.35 27.25
C LYS EA 61 77.50 27.22 26.38
N GLY EA 62 76.62 26.39 25.80
CA GLY EA 62 77.02 25.37 24.86
C GLY EA 62 76.65 23.95 25.25
N ALA EA 63 76.12 23.71 26.44
CA ALA EA 63 75.80 22.35 26.85
C ALA EA 63 74.55 21.83 26.15
N ILE EA 64 74.54 20.53 25.90
CA ILE EA 64 73.38 19.82 25.37
C ILE EA 64 72.89 18.86 26.45
N ILE EA 65 71.67 19.11 26.94
CA ILE EA 65 71.10 18.36 28.06
C ILE EA 65 70.02 17.44 27.52
N GLY EA 66 69.99 16.20 28.03
CA GLY EA 66 69.01 15.23 27.60
C GLY EA 66 68.53 14.38 28.76
N ALA EA 67 67.55 13.54 28.48
CA ALA EA 67 66.90 12.71 29.48
C ALA EA 67 67.15 11.24 29.18
N GLY EA 68 67.49 10.47 30.22
CA GLY EA 68 67.75 9.06 30.09
C GLY EA 68 66.82 8.22 30.95
N THR EA 69 66.92 6.90 30.76
CA THR EA 69 66.13 5.91 31.50
C THR EA 69 64.64 6.20 31.33
N VAL EA 70 64.24 6.47 30.10
CA VAL EA 70 62.85 6.80 29.78
C VAL EA 70 62.19 5.51 29.32
N THR EA 71 61.22 5.04 30.11
CA THR EA 71 60.54 3.79 29.84
C THR EA 71 59.07 3.98 29.54
N SER EA 72 58.59 5.21 29.48
CA SER EA 72 57.20 5.50 29.16
C SER EA 72 57.14 6.65 28.16
N GLU EA 73 55.99 6.80 27.51
CA GLU EA 73 55.80 7.92 26.60
C GLU EA 73 55.44 9.20 27.34
N GLU EA 74 54.90 9.10 28.54
CA GLU EA 74 54.62 10.27 29.36
C GLU EA 74 55.88 10.84 29.98
N GLN EA 75 56.90 10.01 30.23
CA GLN EA 75 58.18 10.55 30.63
C GLN EA 75 58.85 11.28 29.48
N CYS EA 76 58.63 10.83 28.24
CA CYS EA 76 59.14 11.56 27.09
C CYS EA 76 58.42 12.90 26.94
N ALA EA 77 57.11 12.91 27.16
CA ALA EA 77 56.37 14.18 27.14
C ALA EA 77 56.90 15.13 28.21
N LEU EA 78 57.09 14.63 29.43
CA LEU EA 78 57.56 15.46 30.53
C LEU EA 78 58.96 16.01 30.25
N ALA EA 79 59.83 15.19 29.65
CA ALA EA 79 61.20 15.61 29.40
C ALA EA 79 61.31 16.56 28.22
N VAL EA 80 60.43 16.44 27.22
CA VAL EA 80 60.42 17.42 26.14
C VAL EA 80 59.83 18.73 26.63
N LEU EA 81 58.82 18.67 27.51
CA LEU EA 81 58.32 19.88 28.14
C LEU EA 81 59.42 20.60 28.90
N SER EA 82 60.08 19.90 29.81
CA SER EA 82 61.15 20.48 30.62
C SER EA 82 62.28 21.07 29.78
N GLY EA 83 62.43 20.64 28.53
CA GLY EA 83 63.44 21.18 27.64
C GLY EA 83 64.60 20.27 27.27
N ALA EA 84 64.40 18.96 27.24
CA ALA EA 84 65.47 18.04 26.88
C ALA EA 84 65.72 18.05 25.38
N GLU EA 85 67.00 18.05 25.00
CA GLU EA 85 67.40 18.04 23.60
C GLU EA 85 67.27 16.66 22.98
N PHE EA 86 67.55 15.61 23.76
CA PHE EA 86 67.48 14.24 23.26
C PHE EA 86 66.95 13.32 24.34
N ILE EA 87 66.43 12.18 23.90
CA ILE EA 87 65.84 11.17 24.77
C ILE EA 87 66.62 9.87 24.59
N VAL EA 88 66.96 9.22 25.70
CA VAL EA 88 67.67 7.95 25.69
C VAL EA 88 66.85 6.95 26.49
N SER EA 89 67.01 5.67 26.16
CA SER EA 89 66.28 4.59 26.81
C SER EA 89 67.17 3.36 26.83
N PRO EA 90 67.06 2.50 27.86
CA PRO EA 90 67.97 1.36 27.96
C PRO EA 90 67.44 0.13 27.26
N HIS EA 91 66.35 0.33 26.52
CA HIS EA 91 65.67 -0.74 25.81
C HIS EA 91 65.10 -0.13 24.53
N LEU EA 92 64.58 -0.99 23.68
CA LEU EA 92 63.86 -0.53 22.49
C LEU EA 92 62.38 -0.59 22.77
N ASP EA 93 61.71 0.56 22.69
CA ASP EA 93 60.26 0.63 22.83
C ASP EA 93 59.68 1.11 21.51
N GLU EA 94 58.73 0.34 20.98
CA GLU EA 94 58.16 0.67 19.67
C GLU EA 94 57.22 1.86 19.76
N GLU EA 95 56.50 2.02 20.89
CA GLU EA 95 55.57 3.14 20.98
C GLU EA 95 56.29 4.44 21.30
N ILE EA 96 57.32 4.40 22.13
CA ILE EA 96 58.11 5.61 22.37
C ILE EA 96 58.74 6.10 21.07
N SER EA 97 59.03 5.18 20.15
CA SER EA 97 59.60 5.57 18.86
C SER EA 97 58.53 6.08 17.91
N GLN EA 98 57.39 5.39 17.86
CA GLN EA 98 56.26 5.85 17.06
C GLN EA 98 55.86 7.27 17.44
N PHE EA 99 55.55 7.49 18.72
CA PHE EA 99 55.14 8.82 19.17
C PHE EA 99 56.34 9.63 19.67
N CYS EA 100 57.35 9.73 18.82
CA CYS EA 100 58.55 10.55 19.05
C CYS EA 100 58.97 10.90 17.64
N LYS EA 101 58.82 9.99 16.65
CA LYS EA 101 59.00 10.36 15.26
C LYS EA 101 57.98 11.42 14.86
N GLU EA 102 56.76 11.33 15.42
CA GLU EA 102 55.74 12.33 15.19
C GLU EA 102 56.08 13.66 15.84
N LYS EA 103 56.68 13.64 17.03
CA LYS EA 103 56.98 14.88 17.73
C LYS EA 103 58.17 15.60 17.12
N GLY EA 104 59.16 14.85 16.64
CA GLY EA 104 60.36 15.41 16.08
C GLY EA 104 61.53 15.52 17.02
N VAL EA 105 61.66 14.59 17.97
CA VAL EA 105 62.72 14.63 18.98
C VAL EA 105 63.66 13.47 18.70
N PHE EA 106 64.93 13.65 19.08
CA PHE EA 106 65.93 12.63 18.85
C PHE EA 106 65.84 11.54 19.92
N TYR EA 107 65.53 10.33 19.49
CA TYR EA 107 65.39 9.17 20.36
C TYR EA 107 66.51 8.19 20.07
N MET EA 108 67.26 7.82 21.11
CA MET EA 108 68.34 6.84 21.00
C MET EA 108 68.00 5.62 21.85
N PRO EA 109 67.42 4.57 21.28
CA PRO EA 109 67.08 3.38 22.05
C PRO EA 109 68.31 2.52 22.29
N GLY EA 110 68.13 1.51 23.13
CA GLY EA 110 69.20 0.61 23.54
C GLY EA 110 68.98 -0.79 23.02
N VAL EA 111 70.05 -1.41 22.54
CA VAL EA 111 69.99 -2.75 21.97
C VAL EA 111 71.13 -3.58 22.56
N MET EA 112 70.95 -4.90 22.52
CA MET EA 112 71.99 -5.82 22.95
C MET EA 112 72.13 -7.01 22.01
N THR EA 113 71.23 -7.15 21.04
CA THR EA 113 71.04 -8.34 20.23
C THR EA 113 70.78 -7.89 18.80
N PRO EA 114 71.26 -8.64 17.79
CA PRO EA 114 71.01 -8.24 16.39
C PRO EA 114 69.55 -8.19 16.00
N THR EA 115 68.68 -8.96 16.65
CA THR EA 115 67.25 -8.86 16.32
C THR EA 115 66.69 -7.54 16.78
N GLU EA 116 67.09 -7.07 17.98
CA GLU EA 116 66.70 -5.76 18.46
C GLU EA 116 67.26 -4.67 17.58
N LEU EA 117 68.49 -4.86 17.08
CA LEU EA 117 69.11 -3.89 16.18
C LEU EA 117 68.34 -3.78 14.88
N VAL EA 118 67.91 -4.90 14.31
CA VAL EA 118 67.16 -4.83 13.06
C VAL EA 118 65.78 -4.24 13.29
N LYS EA 119 65.19 -4.48 14.46
CA LYS EA 119 63.91 -3.85 14.77
C LYS EA 119 64.06 -2.33 14.91
N ALA EA 120 65.16 -1.88 15.50
CA ALA EA 120 65.41 -0.44 15.60
C ALA EA 120 65.65 0.16 14.23
N MET EA 121 66.47 -0.50 13.40
CA MET EA 121 66.72 -0.03 12.05
C MET EA 121 65.45 0.06 11.22
N LYS EA 122 64.53 -0.88 11.39
CA LYS EA 122 63.27 -0.83 10.65
C LYS EA 122 62.32 0.24 11.15
N LEU EA 123 62.63 0.85 12.29
CA LEU EA 123 61.88 1.99 12.80
C LEU EA 123 62.56 3.32 12.48
N GLY EA 124 63.77 3.29 11.91
CA GLY EA 124 64.45 4.47 11.45
C GLY EA 124 65.71 4.82 12.20
N HIS EA 125 66.11 4.06 13.19
CA HIS EA 125 67.21 4.44 14.07
C HIS EA 125 68.54 3.98 13.50
N THR EA 126 69.47 4.92 13.34
CA THR EA 126 70.81 4.65 12.85
C THR EA 126 71.86 4.74 13.93
N ILE EA 127 71.63 5.57 14.94
CA ILE EA 127 72.50 5.66 16.11
C ILE EA 127 71.80 4.96 17.26
N LEU EA 128 72.49 4.01 17.87
CA LEU EA 128 71.89 3.19 18.91
C LEU EA 128 72.78 3.18 20.13
N LYS EA 129 72.16 2.97 21.29
CA LYS EA 129 72.85 2.80 22.54
C LYS EA 129 73.15 1.33 22.75
N LEU EA 130 74.39 1.01 23.08
CA LEU EA 130 74.82 -0.36 23.34
C LEU EA 130 74.91 -0.54 24.85
N PHE EA 131 73.94 -1.25 25.42
CA PHE EA 131 73.82 -1.42 26.85
C PHE EA 131 73.34 -2.83 27.16
N PRO EA 132 73.94 -3.50 28.15
CA PRO EA 132 75.19 -3.11 28.82
C PRO EA 132 76.42 -3.40 27.99
N GLY EA 133 77.33 -2.42 27.89
CA GLY EA 133 78.45 -2.52 27.01
C GLY EA 133 79.56 -3.43 27.47
N GLU EA 134 79.69 -3.66 28.78
CA GLU EA 134 80.73 -4.56 29.27
C GLU EA 134 80.34 -6.02 29.15
N VAL EA 135 79.06 -6.34 29.02
CA VAL EA 135 78.65 -7.71 28.81
C VAL EA 135 79.00 -8.16 27.39
N VAL EA 136 78.82 -7.28 26.41
CA VAL EA 136 79.11 -7.63 25.03
C VAL EA 136 80.49 -7.16 24.57
N GLY EA 137 81.09 -6.18 25.24
CA GLY EA 137 82.44 -5.74 24.94
C GLY EA 137 82.61 -5.10 23.57
N PRO EA 138 83.81 -4.61 23.28
CA PRO EA 138 84.05 -3.96 21.98
C PRO EA 138 83.99 -4.93 20.83
N GLN EA 139 83.94 -6.23 21.10
CA GLN EA 139 83.96 -7.25 20.07
C GLN EA 139 82.60 -7.44 19.44
N PHE EA 140 81.53 -6.96 20.10
CA PHE EA 140 80.21 -6.92 19.48
C PHE EA 140 80.14 -5.86 18.40
N VAL EA 141 80.90 -4.77 18.54
CA VAL EA 141 80.85 -3.68 17.57
C VAL EA 141 81.61 -4.05 16.30
N LYS EA 142 82.77 -4.69 16.46
CA LYS EA 142 83.53 -5.15 15.30
C LYS EA 142 82.75 -6.20 14.52
N ALA EA 143 82.00 -7.05 15.22
CA ALA EA 143 81.29 -8.14 14.59
C ALA EA 143 80.01 -7.70 13.91
N MET EA 144 79.59 -6.46 14.10
CA MET EA 144 78.35 -5.96 13.50
C MET EA 144 78.60 -5.04 12.33
N LYS EA 145 79.87 -4.74 12.03
CA LYS EA 145 80.18 -3.90 10.89
C LYS EA 145 79.76 -4.56 9.59
N GLY EA 146 80.16 -5.83 9.40
CA GLY EA 146 79.90 -6.57 8.21
C GLY EA 146 78.46 -6.52 7.72
N PRO EA 147 77.53 -7.09 8.48
CA PRO EA 147 76.13 -7.13 8.04
C PRO EA 147 75.45 -5.78 8.08
N PHE EA 148 75.80 -4.95 9.06
CA PHE EA 148 75.15 -3.67 9.30
C PHE EA 148 76.21 -2.57 9.30
N PRO EA 149 76.65 -2.13 8.11
CA PRO EA 149 77.73 -1.13 8.06
C PRO EA 149 77.31 0.28 8.41
N ASN EA 150 76.02 0.62 8.37
CA ASN EA 150 75.58 1.99 8.57
C ASN EA 150 75.20 2.31 10.02
N VAL EA 151 75.27 1.34 10.92
CA VAL EA 151 74.82 1.52 12.30
C VAL EA 151 75.99 2.00 13.15
N LYS EA 152 75.74 2.97 14.02
CA LYS EA 152 76.74 3.54 14.91
C LYS EA 152 76.27 3.37 16.35
N PHE EA 153 77.23 3.11 17.25
CA PHE EA 153 76.93 2.75 18.63
C PHE EA 153 77.49 3.77 19.60
N VAL EA 154 76.71 4.04 20.65
CA VAL EA 154 77.18 4.74 21.85
C VAL EA 154 77.16 3.71 22.97
N PRO EA 155 78.30 3.14 23.37
CA PRO EA 155 78.31 2.17 24.46
C PRO EA 155 78.11 2.84 25.80
N THR EA 156 77.22 2.27 26.61
CA THR EA 156 77.05 2.67 28.00
C THR EA 156 77.21 1.45 28.89
N GLY EA 157 78.03 1.58 29.92
CA GLY EA 157 78.24 0.49 30.85
C GLY EA 157 79.68 0.03 30.89
N GLY EA 158 80.35 0.25 32.01
CA GLY EA 158 81.69 -0.26 32.20
C GLY EA 158 82.76 0.39 31.34
N VAL EA 159 82.60 1.66 30.99
CA VAL EA 159 83.63 2.38 30.25
C VAL EA 159 84.55 3.07 31.25
N ASN EA 160 85.84 2.80 31.14
CA ASN EA 160 86.84 3.32 32.06
C ASN EA 160 87.84 4.17 31.28
N LEU EA 161 88.84 4.68 31.99
CA LEU EA 161 89.96 5.32 31.32
C LEU EA 161 90.83 4.32 30.59
N ASP EA 162 90.83 3.06 31.03
CA ASP EA 162 91.68 2.04 30.41
C ASP EA 162 91.10 1.61 29.06
N ASN EA 163 89.83 1.20 29.05
CA ASN EA 163 89.22 0.55 27.90
C ASN EA 163 88.49 1.52 26.97
N VAL EA 164 88.68 2.83 27.11
CA VAL EA 164 87.95 3.73 26.22
C VAL EA 164 88.62 3.84 24.86
N CYS EA 165 89.95 3.77 24.80
CA CYS EA 165 90.62 3.75 23.50
C CYS EA 165 90.34 2.46 22.76
N GLU EA 166 90.16 1.36 23.48
CA GLU EA 166 89.73 0.11 22.86
C GLU EA 166 88.36 0.26 22.21
N TRP EA 167 87.43 0.91 22.92
CA TRP EA 167 86.11 1.15 22.36
C TRP EA 167 86.16 2.05 21.14
N PHE EA 168 87.06 3.03 21.13
CA PHE EA 168 87.11 3.94 19.99
C PHE EA 168 87.84 3.32 18.79
N LYS EA 169 88.83 2.47 19.02
CA LYS EA 169 89.44 1.76 17.91
C LYS EA 169 88.48 0.72 17.34
N ALA EA 170 87.58 0.20 18.17
CA ALA EA 170 86.53 -0.68 17.66
C ALA EA 170 85.56 0.03 16.73
N GLY EA 171 85.41 1.35 16.84
CA GLY EA 171 84.62 2.09 15.86
C GLY EA 171 83.38 2.81 16.36
N VAL EA 172 83.26 2.99 17.68
CA VAL EA 172 82.05 3.58 18.24
C VAL EA 172 81.97 5.07 17.93
N LEU EA 173 80.74 5.58 17.83
CA LEU EA 173 80.53 7.00 17.56
C LEU EA 173 80.89 7.86 18.75
N ALA EA 174 80.47 7.45 19.95
CA ALA EA 174 80.74 8.15 21.19
C ALA EA 174 80.56 7.13 22.31
N VAL EA 175 80.89 7.53 23.54
CA VAL EA 175 80.72 6.68 24.71
C VAL EA 175 79.92 7.44 25.77
N GLY EA 176 79.08 6.72 26.50
CA GLY EA 176 78.42 7.30 27.65
C GLY EA 176 79.04 6.81 28.93
N VAL EA 177 79.60 7.70 29.73
CA VAL EA 177 80.32 7.32 30.95
C VAL EA 177 79.48 7.69 32.15
N GLY EA 178 79.36 6.76 33.09
CA GLY EA 178 78.60 6.95 34.30
C GLY EA 178 79.42 6.95 35.58
N SER EA 179 79.40 5.83 36.30
CA SER EA 179 79.98 5.76 37.63
C SER EA 179 81.44 6.18 37.64
N ALA EA 180 82.18 5.79 36.61
CA ALA EA 180 83.60 6.16 36.53
C ALA EA 180 83.78 7.67 36.45
N LEU EA 181 82.80 8.37 35.87
CA LEU EA 181 82.96 9.80 35.63
C LEU EA 181 82.37 10.64 36.75
N VAL EA 182 81.15 10.32 37.19
CA VAL EA 182 80.34 11.25 37.97
C VAL EA 182 80.17 10.82 39.41
N LYS EA 183 80.89 9.79 39.87
CA LYS EA 183 80.85 9.46 41.28
C LYS EA 183 81.85 10.28 42.07
N GLY EA 184 81.63 10.35 43.38
CA GLY EA 184 82.48 11.12 44.27
C GLY EA 184 81.94 12.50 44.59
N THR EA 185 82.81 13.34 45.13
CA THR EA 185 82.42 14.68 45.52
C THR EA 185 82.32 15.56 44.27
N PRO EA 186 81.53 16.64 44.32
CA PRO EA 186 81.29 17.43 43.11
C PRO EA 186 82.50 18.20 42.59
N ASP EA 187 83.67 17.99 43.18
CA ASP EA 187 84.89 18.59 42.65
C ASP EA 187 85.83 17.56 42.03
N GLU EA 188 85.76 16.30 42.47
CA GLU EA 188 86.50 15.22 41.80
C GLU EA 188 85.92 14.94 40.42
N VAL EA 189 84.62 15.21 40.23
CA VAL EA 189 83.99 15.02 38.94
C VAL EA 189 84.62 15.91 37.88
N ARG EA 190 85.03 17.12 38.27
CA ARG EA 190 85.64 18.02 37.29
C ARG EA 190 87.00 17.50 36.82
N GLU EA 191 87.79 16.92 37.73
CA GLU EA 191 89.07 16.37 37.34
C GLU EA 191 88.90 15.07 36.54
N LYS EA 192 87.93 14.24 36.92
CA LYS EA 192 87.62 13.05 36.13
C LYS EA 192 87.18 13.41 34.71
N ALA EA 193 86.35 14.45 34.58
CA ALA EA 193 85.92 14.89 33.26
C ALA EA 193 87.09 15.41 32.46
N LYS EA 194 88.01 16.14 33.10
CA LYS EA 194 89.18 16.63 32.38
C LYS EA 194 90.05 15.47 31.91
N ALA EA 195 90.23 14.46 32.76
CA ALA EA 195 91.00 13.27 32.39
C ALA EA 195 90.39 12.57 31.19
N PHE EA 196 89.07 12.33 31.24
CA PHE EA 196 88.39 11.69 30.12
C PHE EA 196 88.54 12.50 28.85
N VAL EA 197 88.33 13.81 28.93
CA VAL EA 197 88.39 14.64 27.74
C VAL EA 197 89.79 14.62 27.14
N GLU EA 198 90.82 14.71 27.98
CA GLU EA 198 92.17 14.73 27.44
C GLU EA 198 92.56 13.37 26.85
N LYS EA 199 92.16 12.27 27.49
CA LYS EA 199 92.55 10.96 26.99
C LYS EA 199 91.79 10.59 25.71
N ILE EA 200 90.51 10.93 25.65
CA ILE EA 200 89.72 10.59 24.46
C ILE EA 200 90.25 11.29 23.22
N ARG EA 201 90.89 12.45 23.38
CA ARG EA 201 91.44 13.17 22.24
C ARG EA 201 92.87 12.76 21.93
N GLY EA 202 93.49 11.92 22.75
CA GLY EA 202 94.84 11.45 22.49
C GLY EA 202 94.85 10.12 21.77
N CYS EA 203 93.70 9.49 21.64
CA CYS EA 203 93.59 8.27 20.84
C CYS EA 203 92.40 8.35 19.89
N MET FA 3 -73.98 -11.73 -7.52
CA MET FA 3 -74.75 -10.51 -7.43
C MET FA 3 -75.48 -10.23 -8.74
N GLU FA 4 -74.94 -10.77 -9.84
CA GLU FA 4 -75.67 -10.71 -11.10
C GLU FA 4 -76.97 -11.50 -11.03
N GLU FA 5 -76.95 -12.61 -10.29
CA GLU FA 5 -78.17 -13.39 -10.08
C GLU FA 5 -79.23 -12.58 -9.34
N LEU FA 6 -78.82 -11.78 -8.36
CA LEU FA 6 -79.80 -10.98 -7.62
C LEU FA 6 -80.42 -9.90 -8.51
N PHE FA 7 -79.61 -9.23 -9.33
CA PHE FA 7 -80.16 -8.27 -10.28
C PHE FA 7 -81.10 -8.94 -11.27
N LYS FA 8 -80.72 -10.13 -11.75
CA LYS FA 8 -81.54 -10.84 -12.72
C LYS FA 8 -82.84 -11.32 -12.10
N LYS FA 9 -82.84 -11.61 -10.80
CA LYS FA 9 -84.03 -12.12 -10.12
C LYS FA 9 -84.98 -10.99 -9.74
N HIS FA 10 -84.48 -9.97 -9.06
CA HIS FA 10 -85.36 -8.93 -8.52
C HIS FA 10 -85.71 -7.88 -9.56
N LYS FA 11 -84.74 -7.51 -10.40
CA LYS FA 11 -84.95 -6.71 -11.61
C LYS FA 11 -85.36 -5.27 -11.33
N ILE FA 12 -85.19 -4.78 -10.11
CA ILE FA 12 -85.46 -3.39 -9.79
C ILE FA 12 -84.61 -2.99 -8.59
N VAL FA 13 -83.96 -1.83 -8.69
CA VAL FA 13 -83.15 -1.28 -7.60
C VAL FA 13 -83.68 0.11 -7.28
N ALA FA 14 -83.98 0.36 -6.02
CA ALA FA 14 -84.50 1.65 -5.59
C ALA FA 14 -83.33 2.55 -5.22
N VAL FA 15 -83.05 3.55 -6.04
CA VAL FA 15 -82.02 4.53 -5.75
C VAL FA 15 -82.65 5.59 -4.84
N LEU FA 16 -82.10 5.74 -3.64
CA LEU FA 16 -82.78 6.48 -2.58
C LEU FA 16 -81.98 7.72 -2.22
N ARG FA 17 -82.53 8.89 -2.53
CA ARG FA 17 -81.99 10.17 -2.11
C ARG FA 17 -82.96 10.83 -1.14
N ALA FA 18 -82.43 11.37 -0.04
CA ALA FA 18 -83.24 12.01 0.97
C ALA FA 18 -82.46 13.16 1.57
N ASN FA 19 -83.17 14.05 2.25
CA ASN FA 19 -82.56 15.18 2.92
C ASN FA 19 -82.22 14.88 4.37
N ASP FA 20 -82.51 13.69 4.86
CA ASP FA 20 -82.32 13.31 6.25
C ASP FA 20 -82.00 11.82 6.30
N ALA FA 21 -81.56 11.36 7.46
CA ALA FA 21 -81.34 9.93 7.64
C ALA FA 21 -82.60 9.21 8.09
N GLN FA 22 -83.45 9.87 8.87
CA GLN FA 22 -84.71 9.26 9.28
C GLN FA 22 -85.64 9.06 8.10
N GLU FA 23 -85.70 10.05 7.20
CA GLU FA 23 -86.49 9.89 5.98
C GLU FA 23 -85.94 8.77 5.11
N ALA FA 24 -84.61 8.66 5.04
CA ALA FA 24 -84.00 7.56 4.31
C ALA FA 24 -84.43 6.21 4.85
N ARG FA 25 -84.38 6.06 6.18
CA ARG FA 25 -84.76 4.78 6.79
C ARG FA 25 -86.25 4.49 6.59
N GLU FA 26 -87.09 5.52 6.73
CA GLU FA 26 -88.52 5.35 6.50
C GLU FA 26 -88.80 4.87 5.08
N LYS FA 27 -88.19 5.53 4.09
CA LYS FA 27 -88.45 5.18 2.70
C LYS FA 27 -87.83 3.83 2.33
N ALA FA 28 -86.69 3.48 2.91
CA ALA FA 28 -86.13 2.16 2.65
C ALA FA 28 -87.08 1.07 3.15
N LEU FA 29 -87.60 1.22 4.36
CA LEU FA 29 -88.56 0.24 4.86
C LEU FA 29 -89.83 0.22 4.01
N ALA FA 30 -90.32 1.41 3.61
CA ALA FA 30 -91.55 1.48 2.82
C ALA FA 30 -91.39 0.82 1.46
N VAL FA 31 -90.22 0.98 0.83
CA VAL FA 31 -90.02 0.39 -0.50
C VAL FA 31 -89.72 -1.09 -0.36
N PHE FA 32 -89.20 -1.53 0.79
CA PHE FA 32 -89.09 -2.97 1.01
C PHE FA 32 -90.46 -3.61 1.21
N GLU FA 33 -91.41 -2.88 1.81
CA GLU FA 33 -92.75 -3.44 1.96
C GLU FA 33 -93.46 -3.60 0.63
N GLY FA 34 -93.16 -2.74 -0.34
CA GLY FA 34 -93.77 -2.85 -1.66
C GLY FA 34 -93.29 -4.05 -2.47
N GLY FA 35 -92.17 -4.64 -2.08
CA GLY FA 35 -91.61 -5.78 -2.78
C GLY FA 35 -90.27 -5.56 -3.41
N VAL FA 36 -89.62 -4.43 -3.18
CA VAL FA 36 -88.32 -4.12 -3.77
C VAL FA 36 -87.24 -4.62 -2.81
N HIS FA 37 -86.52 -5.66 -3.23
CA HIS FA 37 -85.52 -6.28 -2.38
C HIS FA 37 -84.13 -5.67 -2.54
N LEU FA 38 -83.88 -4.93 -3.62
CA LEU FA 38 -82.60 -4.29 -3.86
C LEU FA 38 -82.77 -2.80 -3.60
N ILE FA 39 -81.99 -2.26 -2.67
CA ILE FA 39 -82.05 -0.83 -2.32
C ILE FA 39 -80.68 -0.21 -2.26
N GLU FA 40 -80.55 1.05 -2.68
CA GLU FA 40 -79.28 1.74 -2.69
C GLU FA 40 -79.39 3.06 -2.00
N ILE FA 41 -78.48 3.33 -1.08
CA ILE FA 41 -78.51 4.56 -0.36
C ILE FA 41 -77.42 5.40 -0.93
N THR FA 42 -77.79 6.55 -1.44
CA THR FA 42 -76.84 7.40 -2.10
C THR FA 42 -76.02 8.15 -1.09
N PHE FA 43 -74.76 8.35 -1.37
CA PHE FA 43 -73.91 8.97 -0.42
C PHE FA 43 -74.08 10.45 -0.53
N THR FA 44 -75.30 10.89 -0.71
CA THR FA 44 -75.61 12.31 -0.78
C THR FA 44 -76.59 12.52 0.33
N VAL FA 45 -77.10 11.44 0.92
CA VAL FA 45 -77.99 11.51 2.06
C VAL FA 45 -77.12 11.71 3.27
N PRO FA 46 -77.44 12.69 4.13
CA PRO FA 46 -76.61 12.98 5.31
C PRO FA 46 -76.50 11.76 6.22
N ASN FA 47 -75.27 11.41 6.57
CA ASN FA 47 -74.99 10.25 7.42
C ASN FA 47 -75.55 8.98 6.80
N ALA FA 48 -74.99 8.62 5.64
CA ALA FA 48 -75.50 7.49 4.88
C ALA FA 48 -74.93 6.16 5.33
N ALA FA 49 -73.67 6.14 5.74
CA ALA FA 49 -73.11 4.91 6.28
C ALA FA 49 -73.85 4.48 7.54
N ALA FA 50 -74.32 5.45 8.32
CA ALA FA 50 -75.14 5.13 9.49
C ALA FA 50 -76.44 4.46 9.10
N VAL FA 51 -77.08 4.95 8.03
CA VAL FA 51 -78.32 4.33 7.56
C VAL FA 51 -78.06 2.91 7.08
N ILE FA 52 -76.97 2.72 6.33
CA ILE FA 52 -76.61 1.38 5.87
C ILE FA 52 -76.35 0.45 7.04
N LEU FA 53 -75.73 0.98 8.11
CA LEU FA 53 -75.43 0.16 9.28
C LEU FA 53 -76.70 -0.22 10.04
N LEU FA 54 -77.62 0.72 10.17
CA LEU FA 54 -78.84 0.49 10.93
C LEU FA 54 -79.92 -0.26 10.16
N LEU FA 55 -79.75 -0.45 8.85
CA LEU FA 55 -80.76 -1.22 8.11
C LEU FA 55 -80.50 -2.73 8.08
N SER FA 56 -79.76 -3.27 9.05
CA SER FA 56 -79.49 -4.71 9.07
C SER FA 56 -80.71 -5.55 9.42
N PHE FA 57 -81.68 -4.96 10.12
CA PHE FA 57 -82.92 -5.69 10.41
C PHE FA 57 -83.66 -6.02 9.11
N LEU FA 58 -83.58 -5.14 8.11
CA LEU FA 58 -84.08 -5.47 6.79
C LEU FA 58 -83.21 -6.51 6.09
N LYS FA 59 -81.91 -6.49 6.35
CA LYS FA 59 -81.02 -7.48 5.73
C LYS FA 59 -81.40 -8.89 6.15
N GLU FA 60 -81.72 -9.06 7.43
CA GLU FA 60 -82.16 -10.37 7.90
C GLU FA 60 -83.51 -10.78 7.32
N LYS FA 61 -84.28 -9.84 6.77
CA LYS FA 61 -85.57 -10.17 6.17
C LYS FA 61 -85.47 -10.52 4.69
N GLY FA 62 -84.33 -10.28 4.06
CA GLY FA 62 -84.14 -10.65 2.66
C GLY FA 62 -83.79 -9.48 1.75
N ALA FA 63 -83.52 -8.32 2.33
CA ALA FA 63 -83.15 -7.15 1.55
C ALA FA 63 -81.66 -7.16 1.23
N ILE FA 64 -81.30 -6.46 0.14
CA ILE FA 64 -79.92 -6.26 -0.26
C ILE FA 64 -79.68 -4.76 -0.27
N ILE FA 65 -78.82 -4.27 0.62
CA ILE FA 65 -78.54 -2.85 0.76
C ILE FA 65 -77.17 -2.57 0.17
N GLY FA 66 -77.06 -1.49 -0.60
CA GLY FA 66 -75.80 -1.08 -1.19
C GLY FA 66 -75.67 0.44 -1.16
N ALA FA 67 -74.49 0.91 -1.59
CA ALA FA 67 -74.16 2.32 -1.54
C ALA FA 67 -73.97 2.87 -2.95
N GLY FA 68 -74.55 4.04 -3.20
CA GLY FA 68 -74.43 4.73 -4.46
C GLY FA 68 -73.72 6.06 -4.35
N THR FA 69 -73.53 6.68 -5.52
CA THR FA 69 -72.86 7.98 -5.64
C THR FA 69 -71.53 7.99 -4.91
N VAL FA 70 -70.76 6.93 -5.13
CA VAL FA 70 -69.45 6.80 -4.51
C VAL FA 70 -68.41 7.34 -5.48
N THR FA 71 -67.67 8.35 -5.05
CA THR FA 71 -66.70 9.04 -5.90
C THR FA 71 -65.32 9.04 -5.29
N SER FA 72 -65.07 8.16 -4.33
CA SER FA 72 -63.80 8.14 -3.60
C SER FA 72 -63.55 6.71 -3.10
N GLU FA 73 -62.28 6.43 -2.80
CA GLU FA 73 -61.94 5.13 -2.23
C GLU FA 73 -62.23 5.09 -0.73
N GLU FA 74 -62.14 6.24 -0.05
CA GLU FA 74 -62.51 6.32 1.35
C GLU FA 74 -64.00 6.07 1.53
N GLN FA 75 -64.82 6.55 0.61
CA GLN FA 75 -66.26 6.28 0.69
C GLN FA 75 -66.54 4.79 0.47
N CYS FA 76 -65.77 4.14 -0.40
CA CYS FA 76 -65.94 2.71 -0.59
C CYS FA 76 -65.56 1.95 0.68
N ALA FA 77 -64.46 2.35 1.32
CA ALA FA 77 -64.07 1.73 2.58
C ALA FA 77 -65.14 1.92 3.65
N LEU FA 78 -65.66 3.14 3.76
CA LEU FA 78 -66.68 3.44 4.78
C LEU FA 78 -67.96 2.66 4.52
N ALA FA 79 -68.36 2.53 3.26
CA ALA FA 79 -69.59 1.82 2.94
C ALA FA 79 -69.44 0.32 3.11
N VAL FA 80 -68.25 -0.23 2.86
CA VAL FA 80 -68.04 -1.65 3.08
C VAL FA 80 -67.96 -1.95 4.57
N LEU FA 81 -67.35 -1.04 5.35
CA LEU FA 81 -67.39 -1.16 6.80
C LEU FA 81 -68.83 -1.18 7.31
N SER FA 82 -69.64 -0.20 6.88
CA SER FA 82 -71.00 -0.09 7.38
C SER FA 82 -71.89 -1.25 6.96
N GLY FA 83 -71.45 -2.11 6.06
CA GLY FA 83 -72.19 -3.31 5.71
C GLY FA 83 -72.83 -3.33 4.33
N ALA FA 84 -72.38 -2.49 3.40
CA ALA FA 84 -72.98 -2.45 2.07
C ALA FA 84 -72.58 -3.70 1.27
N GLU FA 85 -73.55 -4.23 0.52
CA GLU FA 85 -73.32 -5.41 -0.32
C GLU FA 85 -72.77 -5.08 -1.70
N PHE FA 86 -73.09 -3.90 -2.24
CA PHE FA 86 -72.57 -3.50 -3.55
C PHE FA 86 -72.31 -2.00 -3.55
N ILE FA 87 -71.42 -1.59 -4.46
CA ILE FA 87 -71.01 -0.20 -4.62
C ILE FA 87 -71.38 0.25 -6.03
N VAL FA 88 -71.87 1.49 -6.15
CA VAL FA 88 -72.29 2.04 -7.43
C VAL FA 88 -71.68 3.44 -7.57
N SER FA 89 -71.36 3.81 -8.81
CA SER FA 89 -70.83 5.12 -9.15
C SER FA 89 -71.55 5.67 -10.38
N PRO FA 90 -71.75 6.99 -10.46
CA PRO FA 90 -72.31 7.57 -11.68
C PRO FA 90 -71.30 7.68 -12.81
N HIS FA 91 -70.02 7.52 -12.51
CA HIS FA 91 -68.91 7.63 -13.43
C HIS FA 91 -68.15 6.31 -13.45
N LEU FA 92 -66.97 6.32 -14.07
CA LEU FA 92 -66.05 5.20 -14.04
C LEU FA 92 -64.74 5.67 -13.46
N ASP FA 93 -64.23 4.96 -12.47
CA ASP FA 93 -62.97 5.34 -11.84
C ASP FA 93 -62.08 4.11 -11.78
N GLU FA 94 -60.87 4.23 -12.29
CA GLU FA 94 -59.97 3.08 -12.33
C GLU FA 94 -59.43 2.75 -10.95
N GLU FA 95 -59.14 3.77 -10.13
CA GLU FA 95 -58.62 3.52 -8.79
C GLU FA 95 -59.65 2.82 -7.91
N ILE FA 96 -60.90 3.30 -7.92
CA ILE FA 96 -61.93 2.65 -7.13
C ILE FA 96 -62.12 1.20 -7.58
N SER FA 97 -62.06 0.97 -8.89
CA SER FA 97 -62.23 -0.38 -9.41
C SER FA 97 -61.10 -1.30 -8.96
N GLN FA 98 -59.85 -0.85 -9.12
CA GLN FA 98 -58.73 -1.71 -8.80
C GLN FA 98 -58.55 -1.89 -7.29
N PHE FA 99 -59.07 -0.97 -6.49
CA PHE FA 99 -59.06 -1.13 -5.03
C PHE FA 99 -60.29 -1.86 -4.50
N CYS FA 100 -61.30 -2.08 -5.31
CA CYS FA 100 -62.51 -2.80 -4.89
C CYS FA 100 -62.44 -4.20 -5.40
N LYS FA 101 -61.61 -4.41 -6.40
CA LYS FA 101 -61.38 -5.77 -6.88
C LYS FA 101 -60.64 -6.61 -5.85
N GLU FA 102 -59.63 -6.03 -5.20
CA GLU FA 102 -58.91 -6.74 -4.15
C GLU FA 102 -59.76 -6.91 -2.90
N LYS FA 103 -60.65 -5.96 -2.63
CA LYS FA 103 -61.58 -6.11 -1.51
C LYS FA 103 -62.59 -7.22 -1.74
N GLY FA 104 -62.73 -7.72 -2.96
CA GLY FA 104 -63.76 -8.70 -3.27
C GLY FA 104 -65.18 -8.17 -3.20
N VAL FA 105 -65.38 -6.87 -3.35
CA VAL FA 105 -66.70 -6.25 -3.28
C VAL FA 105 -67.20 -6.00 -4.69
N PHE FA 106 -68.52 -6.07 -4.87
CA PHE FA 106 -69.14 -5.86 -6.17
C PHE FA 106 -69.20 -4.36 -6.48
N TYR FA 107 -68.62 -3.97 -7.62
CA TYR FA 107 -68.59 -2.58 -8.07
C TYR FA 107 -69.30 -2.49 -9.41
N MET FA 108 -70.23 -1.53 -9.53
CA MET FA 108 -70.97 -1.28 -10.77
C MET FA 108 -70.74 0.14 -11.23
N PRO FA 109 -69.72 0.41 -12.04
CA PRO FA 109 -69.48 1.76 -12.52
C PRO FA 109 -70.54 2.20 -13.53
N GLY FA 110 -70.53 3.49 -13.82
CA GLY FA 110 -71.49 4.07 -14.74
C GLY FA 110 -70.81 4.57 -16.01
N VAL FA 111 -71.41 4.27 -17.15
CA VAL FA 111 -70.85 4.63 -18.44
C VAL FA 111 -71.91 5.38 -19.24
N MET FA 112 -71.45 6.09 -20.27
CA MET FA 112 -72.33 6.77 -21.21
C MET FA 112 -71.91 6.58 -22.65
N THR FA 113 -70.67 6.19 -22.92
CA THR FA 113 -70.02 6.16 -24.22
C THR FA 113 -69.36 4.81 -24.43
N PRO FA 114 -69.26 4.33 -25.68
CA PRO FA 114 -68.54 3.08 -25.93
C PRO FA 114 -67.08 3.09 -25.51
N THR FA 115 -66.42 4.24 -25.47
CA THR FA 115 -65.03 4.28 -25.03
C THR FA 115 -64.92 3.98 -23.53
N GLU FA 116 -65.75 4.64 -22.72
CA GLU FA 116 -65.85 4.31 -21.31
C GLU FA 116 -66.27 2.87 -21.10
N LEU FA 117 -67.14 2.36 -21.97
CA LEU FA 117 -67.60 0.98 -21.87
C LEU FA 117 -66.45 0.00 -22.06
N VAL FA 118 -65.63 0.21 -23.09
CA VAL FA 118 -64.50 -0.67 -23.33
C VAL FA 118 -63.47 -0.53 -22.22
N LYS FA 119 -63.29 0.67 -21.68
CA LYS FA 119 -62.34 0.86 -20.58
C LYS FA 119 -62.81 0.13 -19.33
N ALA FA 120 -64.12 0.11 -19.07
CA ALA FA 120 -64.65 -0.64 -17.94
C ALA FA 120 -64.53 -2.15 -18.16
N MET FA 121 -64.82 -2.62 -19.38
CA MET FA 121 -64.66 -4.04 -19.68
C MET FA 121 -63.22 -4.49 -19.54
N LYS FA 122 -62.25 -3.65 -19.91
CA LYS FA 122 -60.86 -4.02 -19.74
C LYS FA 122 -60.47 -4.16 -18.28
N LEU FA 123 -61.24 -3.57 -17.37
CA LEU FA 123 -61.06 -3.73 -15.94
C LEU FA 123 -61.88 -4.88 -15.38
N GLY FA 124 -62.66 -5.56 -16.21
CA GLY FA 124 -63.38 -6.74 -15.81
C GLY FA 124 -64.85 -6.58 -15.53
N HIS FA 125 -65.42 -5.39 -15.73
CA HIS FA 125 -66.81 -5.15 -15.40
C HIS FA 125 -67.71 -5.61 -16.55
N THR FA 126 -68.61 -6.53 -16.24
CA THR FA 126 -69.58 -7.05 -17.21
C THR FA 126 -70.96 -6.42 -17.06
N ILE FA 127 -71.37 -6.08 -15.85
CA ILE FA 127 -72.62 -5.37 -15.60
C ILE FA 127 -72.28 -3.91 -15.38
N LEU FA 128 -72.81 -3.04 -16.22
CA LEU FA 128 -72.55 -1.62 -16.17
C LEU FA 128 -73.84 -0.87 -15.85
N LYS FA 129 -73.69 0.31 -15.26
CA LYS FA 129 -74.82 1.20 -15.03
C LYS FA 129 -74.87 2.23 -16.16
N LEU FA 130 -76.03 2.41 -16.76
CA LEU FA 130 -76.20 3.33 -17.88
C LEU FA 130 -76.82 4.62 -17.35
N PHE FA 131 -75.97 5.64 -17.16
CA PHE FA 131 -76.38 6.91 -16.59
C PHE FA 131 -75.81 8.05 -17.41
N PRO FA 132 -76.63 9.08 -17.73
CA PRO FA 132 -78.07 9.14 -17.52
C PRO FA 132 -78.87 8.42 -18.61
N GLY FA 133 -79.75 7.51 -18.19
CA GLY FA 133 -80.46 6.66 -19.12
C GLY FA 133 -81.46 7.38 -20.00
N GLU FA 134 -81.94 8.53 -19.56
CA GLU FA 134 -82.94 9.26 -20.34
C GLU FA 134 -82.31 10.15 -21.42
N VAL FA 135 -81.00 10.33 -21.39
CA VAL FA 135 -80.33 11.07 -22.45
C VAL FA 135 -80.01 10.16 -23.63
N VAL FA 136 -79.58 8.93 -23.36
CA VAL FA 136 -79.24 7.99 -24.43
C VAL FA 136 -80.44 7.17 -24.87
N GLY FA 137 -81.19 6.59 -23.93
CA GLY FA 137 -82.37 5.84 -24.27
C GLY FA 137 -82.10 4.37 -24.49
N PRO FA 138 -83.15 3.59 -24.69
CA PRO FA 138 -82.97 2.16 -24.97
C PRO FA 138 -82.36 1.88 -26.34
N GLN FA 139 -82.37 2.87 -27.23
CA GLN FA 139 -81.67 2.73 -28.51
C GLN FA 139 -80.18 2.53 -28.28
N PHE FA 140 -79.61 3.15 -27.24
CA PHE FA 140 -78.21 2.91 -26.92
C PHE FA 140 -77.94 1.46 -26.60
N VAL FA 141 -78.84 0.80 -25.85
CA VAL FA 141 -78.65 -0.59 -25.50
C VAL FA 141 -78.81 -1.49 -26.72
N LYS FA 142 -79.84 -1.21 -27.54
CA LYS FA 142 -80.00 -1.98 -28.78
C LYS FA 142 -78.78 -1.83 -29.68
N ALA FA 143 -78.17 -0.64 -29.71
CA ALA FA 143 -77.00 -0.44 -30.55
C ALA FA 143 -75.75 -1.10 -29.97
N MET FA 144 -75.64 -1.15 -28.65
CA MET FA 144 -74.48 -1.79 -28.03
C MET FA 144 -74.55 -3.30 -28.12
N LYS FA 145 -75.75 -3.87 -28.29
CA LYS FA 145 -75.87 -5.32 -28.43
C LYS FA 145 -74.87 -5.89 -29.43
N GLY FA 146 -74.82 -5.32 -30.63
CA GLY FA 146 -74.05 -5.85 -31.72
C GLY FA 146 -72.58 -6.08 -31.42
N PRO FA 147 -71.82 -5.00 -31.24
CA PRO FA 147 -70.37 -5.16 -31.00
C PRO FA 147 -70.03 -5.71 -29.64
N PHE FA 148 -70.87 -5.50 -28.63
CA PHE FA 148 -70.59 -5.87 -27.24
C PHE FA 148 -71.72 -6.76 -26.74
N PRO FA 149 -71.73 -8.04 -27.14
CA PRO FA 149 -72.87 -8.89 -26.79
C PRO FA 149 -72.90 -9.38 -25.35
N ASN FA 150 -71.79 -9.28 -24.61
CA ASN FA 150 -71.69 -9.87 -23.29
C ASN FA 150 -71.90 -8.86 -22.17
N VAL FA 151 -72.34 -7.64 -22.47
CA VAL FA 151 -72.47 -6.57 -21.49
C VAL FA 151 -73.95 -6.40 -21.14
N LYS FA 152 -74.25 -6.33 -19.84
CA LYS FA 152 -75.60 -6.08 -19.34
C LYS FA 152 -75.66 -4.69 -18.72
N PHE FA 153 -76.78 -4.00 -18.90
CA PHE FA 153 -76.95 -2.63 -18.46
C PHE FA 153 -78.03 -2.54 -17.39
N VAL FA 154 -77.78 -1.69 -16.40
CA VAL FA 154 -78.80 -1.31 -15.43
C VAL FA 154 -79.04 0.19 -15.60
N PRO FA 155 -80.00 0.59 -16.43
CA PRO FA 155 -80.19 2.03 -16.68
C PRO FA 155 -80.75 2.76 -15.47
N THR FA 156 -80.24 3.96 -15.24
CA THR FA 156 -80.69 4.81 -14.15
C THR FA 156 -80.91 6.21 -14.70
N GLY FA 157 -82.04 6.82 -14.33
CA GLY FA 157 -82.38 8.13 -14.83
C GLY FA 157 -83.60 8.15 -15.70
N GLY FA 158 -84.70 8.70 -15.19
CA GLY FA 158 -85.89 8.89 -15.99
C GLY FA 158 -86.65 7.63 -16.34
N VAL FA 159 -86.62 6.62 -15.48
CA VAL FA 159 -87.36 5.39 -15.70
C VAL FA 159 -88.73 5.54 -15.05
N ASN FA 160 -89.78 5.57 -15.86
CA ASN FA 160 -91.14 5.72 -15.39
C ASN FA 160 -91.89 4.41 -15.51
N LEU FA 161 -93.16 4.43 -15.08
CA LEU FA 161 -94.03 3.28 -15.32
C LEU FA 161 -94.25 3.07 -16.81
N ASP FA 162 -94.31 4.16 -17.59
CA ASP FA 162 -94.62 4.06 -19.01
C ASP FA 162 -93.49 3.39 -19.78
N ASN FA 163 -92.26 3.87 -19.59
CA ASN FA 163 -91.15 3.45 -20.42
C ASN FA 163 -90.31 2.33 -19.84
N VAL FA 164 -90.79 1.65 -18.79
CA VAL FA 164 -89.99 0.59 -18.20
C VAL FA 164 -90.08 -0.69 -19.04
N CYS FA 165 -91.24 -0.96 -19.66
CA CYS FA 165 -91.33 -2.12 -20.53
C CYS FA 165 -90.52 -1.90 -21.80
N GLU FA 166 -90.39 -0.65 -22.25
CA GLU FA 166 -89.48 -0.35 -23.37
C GLU FA 166 -88.05 -0.71 -23.01
N TRP FA 167 -87.61 -0.31 -21.82
CA TRP FA 167 -86.27 -0.65 -21.37
C TRP FA 167 -86.06 -2.15 -21.26
N PHE FA 168 -87.09 -2.89 -20.84
CA PHE FA 168 -86.91 -4.32 -20.71
C PHE FA 168 -86.96 -5.04 -22.05
N LYS FA 169 -87.75 -4.54 -23.01
CA LYS FA 169 -87.69 -5.07 -24.37
C LYS FA 169 -86.34 -4.80 -25.00
N ALA FA 170 -85.73 -3.64 -24.72
CA ALA FA 170 -84.39 -3.36 -25.20
C ALA FA 170 -83.35 -4.32 -24.64
N GLY FA 171 -83.66 -5.05 -23.58
CA GLY FA 171 -82.78 -6.09 -23.08
C GLY FA 171 -81.92 -5.72 -21.89
N VAL FA 172 -82.39 -4.83 -21.01
CA VAL FA 172 -81.62 -4.49 -19.82
C VAL FA 172 -81.75 -5.57 -18.76
N LEU FA 173 -80.74 -5.69 -17.90
CA LEU FA 173 -80.78 -6.67 -16.82
C LEU FA 173 -81.75 -6.25 -15.72
N ALA FA 174 -81.57 -5.04 -15.19
CA ALA FA 174 -82.47 -4.48 -14.20
C ALA FA 174 -82.61 -3.00 -14.49
N VAL FA 175 -83.47 -2.33 -13.74
CA VAL FA 175 -83.61 -0.88 -13.82
C VAL FA 175 -83.43 -0.28 -12.44
N GLY FA 176 -82.78 0.88 -12.38
CA GLY FA 176 -82.68 1.65 -11.16
C GLY FA 176 -83.68 2.79 -11.20
N VAL FA 177 -84.62 2.78 -10.27
CA VAL FA 177 -85.68 3.77 -10.22
C VAL FA 177 -85.44 4.69 -9.04
N GLY FA 178 -85.49 6.00 -9.28
CA GLY FA 178 -85.28 7.00 -8.27
C GLY FA 178 -86.51 7.82 -7.95
N SER FA 179 -86.60 9.02 -8.51
CA SER FA 179 -87.62 9.98 -8.11
C SER FA 179 -89.03 9.51 -8.41
N ALA FA 180 -89.22 8.69 -9.45
CA ALA FA 180 -90.54 8.12 -9.71
C ALA FA 180 -90.99 7.19 -8.61
N LEU FA 181 -90.06 6.67 -7.82
CA LEU FA 181 -90.37 5.67 -6.81
C LEU FA 181 -90.40 6.19 -5.38
N VAL FA 182 -89.53 7.13 -5.02
CA VAL FA 182 -89.29 7.49 -3.63
C VAL FA 182 -89.79 8.88 -3.27
N LYS FA 183 -90.45 9.58 -4.18
CA LYS FA 183 -91.06 10.86 -3.84
C LYS FA 183 -92.42 10.64 -3.16
N GLY FA 184 -92.63 11.30 -2.03
CA GLY FA 184 -93.90 11.31 -1.36
C GLY FA 184 -93.77 10.86 0.08
N THR FA 185 -94.91 10.51 0.66
CA THR FA 185 -94.96 10.01 2.03
C THR FA 185 -94.59 8.54 2.05
N PRO FA 186 -94.20 8.00 3.21
CA PRO FA 186 -93.81 6.59 3.27
C PRO FA 186 -94.92 5.59 3.00
N ASP FA 187 -96.14 6.04 2.72
CA ASP FA 187 -97.19 5.16 2.25
C ASP FA 187 -97.49 5.31 0.76
N GLU FA 188 -97.19 6.47 0.18
CA GLU FA 188 -97.22 6.57 -1.28
C GLU FA 188 -96.08 5.79 -1.91
N VAL FA 189 -94.92 5.79 -1.24
CA VAL FA 189 -93.77 5.04 -1.75
C VAL FA 189 -94.07 3.55 -1.78
N ARG FA 190 -94.79 3.04 -0.78
CA ARG FA 190 -95.14 1.63 -0.76
C ARG FA 190 -96.04 1.27 -1.94
N GLU FA 191 -97.03 2.13 -2.23
CA GLU FA 191 -97.93 1.86 -3.34
C GLU FA 191 -97.20 1.97 -4.67
N LYS FA 192 -96.30 2.95 -4.79
CA LYS FA 192 -95.51 3.09 -6.02
C LYS FA 192 -94.61 1.88 -6.23
N ALA FA 193 -94.00 1.36 -5.16
CA ALA FA 193 -93.17 0.18 -5.28
C ALA FA 193 -94.00 -1.04 -5.68
N LYS FA 194 -95.21 -1.16 -5.11
CA LYS FA 194 -96.09 -2.25 -5.51
C LYS FA 194 -96.43 -2.15 -7.00
N ALA FA 195 -96.78 -0.94 -7.46
CA ALA FA 195 -97.12 -0.75 -8.86
C ALA FA 195 -95.95 -1.10 -9.77
N PHE FA 196 -94.76 -0.62 -9.42
CA PHE FA 196 -93.57 -0.92 -10.23
C PHE FA 196 -93.29 -2.41 -10.28
N VAL FA 197 -93.32 -3.09 -9.15
CA VAL FA 197 -93.03 -4.52 -9.12
C VAL FA 197 -94.06 -5.29 -9.92
N GLU FA 198 -95.33 -4.92 -9.78
CA GLU FA 198 -96.40 -5.61 -10.49
C GLU FA 198 -96.27 -5.42 -11.99
N LYS FA 199 -95.94 -4.20 -12.44
CA LYS FA 199 -95.81 -3.98 -13.87
C LYS FA 199 -94.55 -4.64 -14.44
N ILE FA 200 -93.46 -4.67 -13.66
CA ILE FA 200 -92.24 -5.30 -14.14
C ILE FA 200 -92.45 -6.80 -14.30
N ARG FA 201 -93.14 -7.43 -13.35
CA ARG FA 201 -93.45 -8.85 -13.53
C ARG FA 201 -94.57 -9.06 -14.55
N GLY FA 202 -95.34 -8.02 -14.86
CA GLY FA 202 -96.34 -8.11 -15.89
C GLY FA 202 -95.77 -8.24 -17.29
N CYS FA 203 -95.17 -7.18 -17.81
CA CYS FA 203 -94.64 -7.22 -19.16
C CYS FA 203 -93.33 -8.01 -19.19
N MET GA 3 -54.45 23.92 45.74
CA MET GA 3 -55.49 23.14 46.38
C MET GA 3 -55.44 23.26 47.90
N GLU GA 4 -54.30 23.71 48.43
CA GLU GA 4 -54.21 23.96 49.86
C GLU GA 4 -55.24 24.98 50.29
N GLU GA 5 -55.49 25.98 49.45
CA GLU GA 5 -56.52 26.98 49.75
C GLU GA 5 -57.89 26.34 49.88
N LEU GA 6 -58.25 25.44 48.96
CA LEU GA 6 -59.59 24.87 48.97
C LEU GA 6 -59.77 23.89 50.13
N PHE GA 7 -58.75 23.09 50.45
CA PHE GA 7 -58.83 22.24 51.63
C PHE GA 7 -58.92 23.05 52.91
N LYS GA 8 -58.12 24.12 53.00
CA LYS GA 8 -58.11 24.94 54.20
C LYS GA 8 -59.41 25.70 54.37
N LYS GA 9 -60.09 26.02 53.26
CA LYS GA 9 -61.33 26.78 53.35
C LYS GA 9 -62.53 25.88 53.61
N HIS GA 10 -62.67 24.80 52.84
CA HIS GA 10 -63.86 23.96 52.93
C HIS GA 10 -63.78 22.93 54.04
N LYS GA 11 -62.60 22.36 54.29
CA LYS GA 11 -62.32 21.53 55.46
C LYS GA 11 -63.04 20.20 55.44
N ILE GA 12 -63.56 19.77 54.30
CA ILE GA 12 -64.23 18.48 54.20
C ILE GA 12 -64.21 18.05 52.74
N VAL GA 13 -63.89 16.77 52.53
CA VAL GA 13 -63.92 16.15 51.20
C VAL GA 13 -64.82 14.93 51.31
N ALA GA 14 -65.80 14.83 50.43
CA ALA GA 14 -66.64 13.64 50.37
C ALA GA 14 -65.94 12.62 49.49
N VAL GA 15 -65.94 11.37 49.93
CA VAL GA 15 -65.34 10.26 49.20
C VAL GA 15 -66.47 9.32 48.81
N LEU GA 16 -66.70 9.14 47.51
CA LEU GA 16 -67.88 8.42 47.04
C LEU GA 16 -67.53 7.01 46.62
N ARG GA 17 -68.17 6.04 47.26
CA ARG GA 17 -68.23 4.66 46.81
C ARG GA 17 -69.63 4.37 46.30
N ALA GA 18 -69.73 3.62 45.22
CA ALA GA 18 -71.03 3.26 44.67
C ALA GA 18 -70.86 2.06 43.75
N ASN GA 19 -71.96 1.33 43.56
CA ASN GA 19 -72.00 0.22 42.61
C ASN GA 19 -72.61 0.63 41.27
N ASP GA 20 -72.96 1.90 41.11
CA ASP GA 20 -73.57 2.42 39.89
C ASP GA 20 -72.95 3.79 39.60
N ALA GA 21 -73.04 4.22 38.35
CA ALA GA 21 -72.66 5.59 38.02
C ALA GA 21 -73.78 6.57 38.28
N GLN GA 22 -75.04 6.13 38.13
CA GLN GA 22 -76.16 7.03 38.39
C GLN GA 22 -76.30 7.30 39.88
N GLU GA 23 -76.09 6.28 40.71
CA GLU GA 23 -76.10 6.48 42.15
C GLU GA 23 -74.98 7.41 42.58
N ALA GA 24 -73.81 7.26 41.95
CA ALA GA 24 -72.70 8.15 42.23
C ALA GA 24 -73.05 9.60 41.89
N ARG GA 25 -73.68 9.82 40.73
CA ARG GA 25 -74.04 11.18 40.33
C ARG GA 25 -75.12 11.77 41.25
N GLU GA 26 -76.11 10.95 41.62
CA GLU GA 26 -77.13 11.39 42.56
C GLU GA 26 -76.52 11.78 43.90
N LYS GA 27 -75.60 10.96 44.42
CA LYS GA 27 -75.02 11.25 45.72
C LYS GA 27 -74.07 12.43 45.66
N ALA GA 28 -73.33 12.59 44.55
CA ALA GA 28 -72.48 13.77 44.41
C ALA GA 28 -73.32 15.04 44.43
N LEU GA 29 -74.45 15.03 43.71
CA LEU GA 29 -75.30 16.21 43.71
C LEU GA 29 -75.91 16.45 45.10
N ALA GA 30 -76.32 15.39 45.79
CA ALA GA 30 -76.89 15.54 47.13
C ALA GA 30 -75.85 16.06 48.13
N VAL GA 31 -74.60 15.65 47.99
CA VAL GA 31 -73.54 16.13 48.85
C VAL GA 31 -73.25 17.59 48.58
N PHE GA 32 -73.29 18.01 47.31
CA PHE GA 32 -73.07 19.42 47.00
C PHE GA 32 -74.16 20.31 47.57
N GLU GA 33 -75.35 19.75 47.84
CA GLU GA 33 -76.47 20.52 48.35
C GLU GA 33 -76.53 20.52 49.87
N GLY GA 34 -75.56 19.90 50.53
CA GLY GA 34 -75.45 19.99 51.98
C GLY GA 34 -74.44 21.05 52.37
N GLY GA 35 -73.67 21.49 51.39
CA GLY GA 35 -72.62 22.46 51.62
C GLY GA 35 -71.21 21.96 51.45
N VAL GA 36 -71.03 20.73 50.97
CA VAL GA 36 -69.72 20.15 50.76
C VAL GA 36 -69.32 20.41 49.31
N HIS GA 37 -68.24 21.17 49.11
CA HIS GA 37 -67.83 21.60 47.78
C HIS GA 37 -66.64 20.83 47.24
N LEU GA 38 -65.99 20.00 48.04
CA LEU GA 38 -64.94 19.10 47.56
C LEU GA 38 -65.48 17.68 47.53
N ILE GA 39 -65.52 17.09 46.34
CA ILE GA 39 -66.04 15.75 46.14
C ILE GA 39 -65.00 14.92 45.41
N GLU GA 40 -64.93 13.63 45.73
CA GLU GA 40 -63.98 12.71 45.15
C GLU GA 40 -64.75 11.48 44.69
N ILE GA 41 -64.60 11.14 43.41
CA ILE GA 41 -65.15 9.92 42.85
C ILE GA 41 -64.03 8.90 42.85
N THR GA 42 -64.26 7.78 43.55
CA THR GA 42 -63.24 6.75 43.59
C THR GA 42 -63.32 5.89 42.34
N PHE GA 43 -62.17 5.37 41.92
CA PHE GA 43 -62.16 4.57 40.70
C PHE GA 43 -62.46 3.11 40.99
N THR GA 44 -63.21 2.86 42.06
CA THR GA 44 -63.89 1.60 42.25
C THR GA 44 -65.36 1.69 41.85
N VAL GA 45 -65.84 2.89 41.56
CA VAL GA 45 -67.18 3.08 40.98
C VAL GA 45 -67.15 2.69 39.51
N PRO GA 46 -68.13 1.94 39.00
CA PRO GA 46 -68.15 1.59 37.58
C PRO GA 46 -68.30 2.81 36.68
N ASN GA 47 -67.37 2.97 35.73
CA ASN GA 47 -67.38 4.08 34.79
C ASN GA 47 -67.33 5.41 35.53
N ALA GA 48 -66.25 5.65 36.27
CA ALA GA 48 -66.12 6.83 37.12
C ALA GA 48 -65.58 8.05 36.39
N ALA GA 49 -64.76 7.85 35.36
CA ALA GA 49 -64.36 8.99 34.54
C ALA GA 49 -65.56 9.58 33.82
N ALA GA 50 -66.54 8.74 33.47
CA ALA GA 50 -67.79 9.25 32.90
C ALA GA 50 -68.54 10.12 33.91
N VAL GA 51 -68.58 9.70 35.18
CA VAL GA 51 -69.20 10.51 36.22
C VAL GA 51 -68.48 11.84 36.36
N ILE GA 52 -67.15 11.81 36.36
CA ILE GA 52 -66.39 13.05 36.50
C ILE GA 52 -66.64 13.96 35.31
N LEU GA 53 -66.83 13.37 34.12
CA LEU GA 53 -67.10 14.17 32.93
C LEU GA 53 -68.50 14.78 32.97
N LEU GA 54 -69.49 14.00 33.42
CA LEU GA 54 -70.87 14.45 33.41
C LEU GA 54 -71.25 15.23 34.67
N LEU GA 55 -70.31 15.45 35.59
CA LEU GA 55 -70.53 16.36 36.70
C LEU GA 55 -69.94 17.75 36.44
N SER GA 56 -69.63 18.05 35.18
CA SER GA 56 -69.10 19.35 34.81
C SER GA 56 -70.07 20.50 35.05
N PHE GA 57 -71.37 20.22 35.17
CA PHE GA 57 -72.32 21.29 35.47
C PHE GA 57 -72.21 21.79 36.90
N LEU GA 58 -71.64 20.99 37.80
CA LEU GA 58 -71.43 21.43 39.18
C LEU GA 58 -70.22 22.34 39.29
N LYS GA 59 -69.22 22.18 38.41
CA LYS GA 59 -68.06 23.06 38.43
C LYS GA 59 -68.47 24.50 38.13
N GLU GA 60 -69.48 24.68 37.28
CA GLU GA 60 -70.04 26.01 37.07
C GLU GA 60 -70.58 26.60 38.36
N LYS GA 61 -71.18 25.76 39.20
CA LYS GA 61 -71.74 26.22 40.47
C LYS GA 61 -70.66 26.44 41.52
N GLY GA 62 -69.54 25.74 41.42
CA GLY GA 62 -68.42 25.95 42.33
C GLY GA 62 -67.94 24.73 43.09
N ALA GA 63 -68.26 23.54 42.57
CA ALA GA 63 -67.75 22.31 43.16
C ALA GA 63 -66.33 22.03 42.66
N ILE GA 64 -65.58 21.29 43.46
CA ILE GA 64 -64.26 20.79 43.07
C ILE GA 64 -64.33 19.27 43.06
N ILE GA 65 -64.20 18.67 41.88
CA ILE GA 65 -64.32 17.22 41.71
C ILE GA 65 -62.93 16.64 41.48
N GLY GA 66 -62.65 15.51 42.13
CA GLY GA 66 -61.39 14.83 41.97
C GLY GA 66 -61.57 13.34 41.89
N ALA GA 67 -60.45 12.64 41.68
CA ALA GA 67 -60.44 11.19 41.48
C ALA GA 67 -59.65 10.53 42.59
N GLY GA 68 -60.20 9.44 43.14
CA GLY GA 68 -59.56 8.69 44.21
C GLY GA 68 -59.25 7.26 43.79
N THR GA 69 -58.56 6.55 44.68
CA THR GA 69 -58.14 5.17 44.46
C THR GA 69 -57.45 5.00 43.12
N VAL GA 70 -56.51 5.90 42.84
CA VAL GA 70 -55.76 5.87 41.60
C VAL GA 70 -54.47 5.11 41.87
N THR GA 71 -54.42 3.86 41.39
CA THR GA 71 -53.28 2.99 41.59
C THR GA 71 -52.46 2.80 40.32
N SER GA 72 -52.62 3.68 39.34
CA SER GA 72 -51.93 3.53 38.06
C SER GA 72 -51.75 4.90 37.42
N GLU GA 73 -50.83 4.98 36.48
CA GLU GA 73 -50.59 6.21 35.74
C GLU GA 73 -51.58 6.41 34.60
N GLU GA 74 -52.13 5.32 34.07
CA GLU GA 74 -53.16 5.41 33.05
C GLU GA 74 -54.49 5.85 33.64
N GLN GA 75 -54.77 5.47 34.88
CA GLN GA 75 -55.94 6.02 35.56
C GLN GA 75 -55.79 7.51 35.85
N CYS GA 76 -54.56 7.97 36.11
CA CYS GA 76 -54.34 9.39 36.28
C CYS GA 76 -54.53 10.14 34.97
N ALA GA 77 -54.04 9.57 33.86
CA ALA GA 77 -54.28 10.17 32.56
C ALA GA 77 -55.77 10.24 32.25
N LEU GA 78 -56.50 9.14 32.51
CA LEU GA 78 -57.92 9.09 32.23
C LEU GA 78 -58.70 10.09 33.09
N ALA GA 79 -58.32 10.24 34.35
CA ALA GA 79 -59.03 11.16 35.23
C ALA GA 79 -58.71 12.61 34.93
N VAL GA 80 -57.50 12.91 34.47
CA VAL GA 80 -57.18 14.28 34.08
C VAL GA 80 -57.87 14.63 32.77
N LEU GA 81 -57.96 13.67 31.84
CA LEU GA 81 -58.74 13.87 30.62
C LEU GA 81 -60.19 14.16 30.96
N SER GA 82 -60.80 13.31 31.78
CA SER GA 82 -62.21 13.48 32.13
C SER GA 82 -62.51 14.80 32.83
N GLY GA 83 -61.52 15.42 33.45
CA GLY GA 83 -61.74 16.74 34.05
C GLY GA 83 -61.53 16.84 35.56
N ALA GA 84 -60.87 15.85 36.16
CA ALA GA 84 -60.60 15.89 37.58
C ALA GA 84 -59.61 17.00 37.93
N GLU GA 85 -59.86 17.68 39.04
CA GLU GA 85 -59.00 18.76 39.49
C GLU GA 85 -57.88 18.30 40.42
N PHE GA 86 -58.07 17.20 41.14
CA PHE GA 86 -57.03 16.64 41.99
C PHE GA 86 -57.10 15.12 41.94
N ILE GA 87 -55.96 14.49 42.21
CA ILE GA 87 -55.80 13.05 42.22
C ILE GA 87 -55.44 12.61 43.62
N VAL GA 88 -56.06 11.54 44.09
CA VAL GA 88 -55.80 10.98 45.41
C VAL GA 88 -55.46 9.49 45.25
N SER GA 89 -54.73 8.96 46.22
CA SER GA 89 -54.29 7.58 46.19
C SER GA 89 -54.18 7.06 47.62
N PRO GA 90 -54.51 5.79 47.86
CA PRO GA 90 -54.40 5.25 49.22
C PRO GA 90 -53.00 4.85 49.61
N HIS GA 91 -52.08 4.85 48.66
CA HIS GA 91 -50.69 4.49 48.86
C HIS GA 91 -49.84 5.61 48.29
N LEU GA 92 -48.54 5.56 48.59
CA LEU GA 92 -47.58 6.41 47.91
C LEU GA 92 -46.98 5.63 46.75
N ASP GA 93 -46.98 6.23 45.57
CA ASP GA 93 -46.35 5.64 44.41
C ASP GA 93 -45.40 6.66 43.80
N GLU GA 94 -44.16 6.23 43.55
CA GLU GA 94 -43.17 7.15 43.04
C GLU GA 94 -43.40 7.49 41.58
N GLU GA 95 -43.95 6.57 40.79
CA GLU GA 95 -44.13 6.85 39.37
C GLU GA 95 -45.35 7.72 39.10
N ILE GA 96 -46.45 7.53 39.83
CA ILE GA 96 -47.58 8.44 39.66
C ILE GA 96 -47.20 9.84 40.07
N SER GA 97 -46.22 9.98 40.96
CA SER GA 97 -45.77 11.30 41.40
C SER GA 97 -44.76 11.91 40.44
N GLN GA 98 -43.84 11.10 39.91
CA GLN GA 98 -42.90 11.60 38.92
C GLN GA 98 -43.61 12.16 37.70
N PHE GA 99 -44.69 11.50 37.28
CA PHE GA 99 -45.39 11.83 36.05
C PHE GA 99 -46.76 12.44 36.34
N CYS GA 100 -46.80 13.30 37.35
CA CYS GA 100 -48.01 14.08 37.68
C CYS GA 100 -47.47 15.48 37.84
N LYS GA 101 -46.17 15.65 38.03
CA LYS GA 101 -45.55 16.97 37.98
C LYS GA 101 -45.68 17.58 36.59
N GLU GA 102 -45.34 16.81 35.55
CA GLU GA 102 -45.42 17.33 34.18
C GLU GA 102 -46.84 17.74 33.82
N LYS GA 103 -47.83 16.94 34.21
CA LYS GA 103 -49.22 17.33 33.98
C LYS GA 103 -49.52 18.64 34.68
N GLY GA 104 -48.97 18.85 35.86
CA GLY GA 104 -49.30 20.00 36.66
C GLY GA 104 -50.52 19.82 37.53
N VAL GA 105 -50.86 18.57 37.87
CA VAL GA 105 -52.07 18.26 38.61
C VAL GA 105 -51.69 18.03 40.07
N PHE GA 106 -52.63 18.34 40.96
CA PHE GA 106 -52.40 18.19 42.38
C PHE GA 106 -52.59 16.73 42.79
N TYR GA 107 -51.52 16.10 43.25
CA TYR GA 107 -51.50 14.72 43.69
C TYR GA 107 -51.37 14.66 45.20
N MET GA 108 -52.28 13.93 45.84
CA MET GA 108 -52.24 13.71 47.29
C MET GA 108 -52.05 12.24 47.60
N PRO GA 109 -50.83 11.77 47.81
CA PRO GA 109 -50.62 10.35 48.14
C PRO GA 109 -51.04 10.06 49.57
N GLY GA 110 -51.06 8.78 49.89
CA GLY GA 110 -51.45 8.32 51.22
C GLY GA 110 -50.27 7.67 51.92
N VAL GA 111 -50.16 7.94 53.22
CA VAL GA 111 -49.05 7.44 54.02
C VAL GA 111 -49.60 6.90 55.33
N MET GA 112 -48.84 6.00 55.94
CA MET GA 112 -49.19 5.45 57.24
C MET GA 112 -48.06 5.45 58.25
N THR GA 113 -46.79 5.44 57.82
CA THR GA 113 -45.62 5.41 58.65
C THR GA 113 -44.73 6.61 58.35
N PRO GA 114 -43.81 6.96 59.26
CA PRO GA 114 -42.91 8.09 59.00
C PRO GA 114 -41.93 7.86 57.85
N THR GA 115 -41.60 6.60 57.54
CA THR GA 115 -40.69 6.33 56.43
C THR GA 115 -41.34 6.61 55.09
N GLU GA 116 -42.64 6.33 54.95
CA GLU GA 116 -43.38 6.73 53.75
C GLU GA 116 -43.57 8.24 53.71
N LEU GA 117 -43.73 8.86 54.88
CA LEU GA 117 -43.90 10.30 54.94
C LEU GA 117 -42.66 11.04 54.45
N VAL GA 118 -41.48 10.61 54.90
CA VAL GA 118 -40.26 11.27 54.47
C VAL GA 118 -40.00 11.05 52.98
N LYS GA 119 -40.47 9.93 52.45
CA LYS GA 119 -40.29 9.62 51.04
C LYS GA 119 -41.24 10.40 50.16
N ALA GA 120 -42.44 10.70 50.67
CA ALA GA 120 -43.32 11.63 49.98
C ALA GA 120 -42.78 13.06 50.02
N MET GA 121 -42.27 13.48 51.19
CA MET GA 121 -41.66 14.80 51.31
C MET GA 121 -40.47 14.97 50.38
N LYS GA 122 -39.67 13.92 50.19
CA LYS GA 122 -38.55 14.01 49.25
C LYS GA 122 -39.01 14.18 47.81
N LEU GA 123 -40.26 13.88 47.51
CA LEU GA 123 -40.85 14.09 46.20
C LEU GA 123 -41.61 15.41 46.09
N GLY GA 124 -41.68 16.17 47.18
CA GLY GA 124 -42.29 17.47 47.15
C GLY GA 124 -43.69 17.56 47.70
N HIS GA 125 -44.17 16.53 48.40
CA HIS GA 125 -45.55 16.46 48.85
C HIS GA 125 -45.63 17.04 50.26
N THR GA 126 -46.26 18.19 50.38
CA THR GA 126 -46.47 18.84 51.67
C THR GA 126 -47.82 18.50 52.29
N ILE GA 127 -48.83 18.21 51.48
CA ILE GA 127 -50.13 17.79 51.97
C ILE GA 127 -50.28 16.31 51.68
N LEU GA 128 -50.63 15.54 52.71
CA LEU GA 128 -50.63 14.10 52.61
C LEU GA 128 -51.97 13.57 53.10
N LYS GA 129 -52.33 12.38 52.64
CA LYS GA 129 -53.53 11.70 53.09
C LYS GA 129 -53.14 10.67 54.15
N LEU GA 130 -53.86 10.67 55.27
CA LEU GA 130 -53.59 9.75 56.37
C LEU GA 130 -54.62 8.63 56.29
N PHE GA 131 -54.18 7.46 55.85
CA PHE GA 131 -55.05 6.32 55.61
C PHE GA 131 -54.33 5.04 56.00
N PRO GA 132 -55.00 4.13 56.72
CA PRO GA 132 -56.29 4.35 57.38
C PRO GA 132 -56.15 5.15 58.67
N GLY GA 133 -56.99 6.18 58.82
CA GLY GA 133 -56.85 7.08 59.94
C GLY GA 133 -57.42 6.54 61.24
N GLU GA 134 -58.36 5.60 61.17
CA GLU GA 134 -58.91 5.00 62.37
C GLU GA 134 -57.94 4.04 63.04
N VAL GA 135 -56.93 3.57 62.30
CA VAL GA 135 -55.92 2.70 62.87
C VAL GA 135 -54.89 3.50 63.65
N VAL GA 136 -54.49 4.66 63.15
CA VAL GA 136 -53.43 5.43 63.79
C VAL GA 136 -53.96 6.49 64.76
N GLY GA 137 -55.15 7.04 64.54
CA GLY GA 137 -55.71 8.04 65.43
C GLY GA 137 -55.05 9.40 65.30
N PRO GA 138 -55.64 10.41 65.93
CA PRO GA 138 -55.04 11.76 65.89
C PRO GA 138 -53.74 11.87 66.67
N GLN GA 139 -53.42 10.86 67.47
CA GLN GA 139 -52.13 10.86 68.15
C GLN GA 139 -50.97 10.69 67.19
N PHE GA 140 -51.20 10.07 66.02
CA PHE GA 140 -50.16 10.05 64.99
C PHE GA 140 -49.87 11.46 64.47
N VAL GA 141 -50.90 12.28 64.30
CA VAL GA 141 -50.69 13.64 63.83
C VAL GA 141 -50.00 14.47 64.91
N LYS GA 142 -50.45 14.33 66.15
CA LYS GA 142 -49.81 15.03 67.26
C LYS GA 142 -48.35 14.63 67.42
N ALA GA 143 -48.01 13.36 67.18
CA ALA GA 143 -46.63 12.91 67.32
C ALA GA 143 -45.78 13.23 66.10
N MET GA 144 -46.39 13.53 64.96
CA MET GA 144 -45.62 13.92 63.80
C MET GA 144 -45.48 15.42 63.66
N LYS GA 145 -46.19 16.20 64.48
CA LYS GA 145 -45.96 17.64 64.55
C LYS GA 145 -44.48 17.94 64.81
N GLY GA 146 -43.91 17.30 65.84
CA GLY GA 146 -42.57 17.58 66.30
C GLY GA 146 -41.48 17.54 65.23
N PRO GA 147 -41.16 16.36 64.71
CA PRO GA 147 -40.07 16.27 63.74
C PRO GA 147 -40.40 16.84 62.38
N PHE GA 148 -41.67 16.84 61.96
CA PHE GA 148 -42.08 17.33 60.65
C PHE GA 148 -43.11 18.42 60.87
N PRO GA 149 -42.67 19.66 61.08
CA PRO GA 149 -43.62 20.74 61.39
C PRO GA 149 -44.44 21.21 60.19
N ASN GA 150 -43.93 21.06 58.97
CA ASN GA 150 -44.53 21.68 57.80
C ASN GA 150 -45.48 20.76 57.03
N VAL GA 151 -45.83 19.61 57.59
CA VAL GA 151 -46.67 18.63 56.89
C VAL GA 151 -48.10 18.74 57.38
N LYS GA 152 -49.06 18.71 56.45
CA LYS GA 152 -50.48 18.74 56.76
C LYS GA 152 -51.12 17.43 56.33
N PHE GA 153 -52.10 16.97 57.12
CA PHE GA 153 -52.75 15.70 56.88
C PHE GA 153 -54.23 15.89 56.57
N VAL GA 154 -54.74 15.03 55.69
CA VAL GA 154 -56.18 14.86 55.47
C VAL GA 154 -56.50 13.43 55.90
N PRO GA 155 -57.05 13.22 57.09
CA PRO GA 155 -57.40 11.87 57.53
C PRO GA 155 -58.56 11.30 56.73
N THR GA 156 -58.41 10.07 56.27
CA THR GA 156 -59.49 9.33 55.63
C THR GA 156 -59.67 8.00 56.35
N GLY GA 157 -60.93 7.66 56.61
CA GLY GA 157 -61.28 6.44 57.32
C GLY GA 157 -61.66 6.67 58.76
N GLY GA 158 -62.81 6.11 59.16
CA GLY GA 158 -63.25 6.17 60.54
C GLY GA 158 -63.58 7.53 61.08
N VAL GA 159 -63.82 8.52 60.22
CA VAL GA 159 -64.24 9.84 60.67
C VAL GA 159 -65.77 9.88 60.73
N ASN GA 160 -66.30 10.28 61.88
CA ASN GA 160 -67.75 10.38 62.07
C ASN GA 160 -68.02 11.62 62.92
N LEU GA 161 -69.30 11.84 63.23
CA LEU GA 161 -69.69 13.08 63.88
C LEU GA 161 -69.12 13.21 65.29
N ASP GA 162 -68.85 12.09 65.96
CA ASP GA 162 -68.34 12.17 67.34
C ASP GA 162 -66.88 12.58 67.38
N ASN GA 163 -66.03 11.89 66.61
CA ASN GA 163 -64.59 12.10 66.67
C ASN GA 163 -64.08 13.13 65.66
N VAL GA 164 -64.95 14.00 65.16
CA VAL GA 164 -64.52 14.90 64.11
C VAL GA 164 -63.79 16.12 64.68
N CYS GA 165 -64.13 16.55 65.90
CA CYS GA 165 -63.40 17.64 66.52
C CYS GA 165 -62.08 17.18 67.12
N GLU GA 166 -61.98 15.90 67.51
CA GLU GA 166 -60.72 15.36 67.97
C GLU GA 166 -59.65 15.46 66.89
N TRP GA 167 -60.04 15.30 65.63
CA TRP GA 167 -59.10 15.39 64.53
C TRP GA 167 -58.65 16.82 64.28
N PHE GA 168 -59.54 17.79 64.48
CA PHE GA 168 -59.20 19.18 64.26
C PHE GA 168 -58.42 19.77 65.44
N LYS GA 169 -58.58 19.19 66.63
CA LYS GA 169 -57.73 19.57 67.75
C LYS GA 169 -56.29 19.11 67.58
N ALA GA 170 -56.00 18.33 66.53
CA ALA GA 170 -54.65 17.85 66.27
C ALA GA 170 -53.99 18.53 65.09
N GLY GA 171 -54.71 19.40 64.37
CA GLY GA 171 -54.10 20.17 63.32
C GLY GA 171 -54.20 19.58 61.93
N VAL GA 172 -55.23 18.77 61.66
CA VAL GA 172 -55.42 18.27 60.31
C VAL GA 172 -55.92 19.40 59.42
N LEU GA 173 -55.54 19.36 58.14
CA LEU GA 173 -55.96 20.39 57.21
C LEU GA 173 -57.43 20.24 56.84
N ALA GA 174 -57.86 19.01 56.58
CA ALA GA 174 -59.24 18.69 56.26
C ALA GA 174 -59.46 17.22 56.58
N VAL GA 175 -60.69 16.77 56.45
CA VAL GA 175 -61.04 15.37 56.68
C VAL GA 175 -61.80 14.84 55.46
N GLY GA 176 -61.44 13.63 55.02
CA GLY GA 176 -62.23 12.96 54.00
C GLY GA 176 -63.21 12.00 54.63
N VAL GA 177 -64.50 12.22 54.45
CA VAL GA 177 -65.53 11.42 55.09
C VAL GA 177 -66.18 10.53 54.04
N GLY GA 178 -66.38 9.26 54.37
CA GLY GA 178 -66.95 8.30 53.46
C GLY GA 178 -68.27 7.71 53.93
N SER GA 179 -68.22 6.46 54.41
CA SER GA 179 -69.43 5.71 54.73
C SER GA 179 -70.36 6.47 55.67
N ALA GA 180 -69.79 7.23 56.61
CA ALA GA 180 -70.62 8.01 57.53
C ALA GA 180 -71.41 9.07 56.78
N LEU GA 181 -70.91 9.52 55.64
CA LEU GA 181 -71.52 10.64 54.93
C LEU GA 181 -72.42 10.19 53.78
N VAL GA 182 -72.00 9.20 52.99
CA VAL GA 182 -72.58 8.98 51.67
C VAL GA 182 -73.46 7.75 51.59
N LYS GA 183 -73.64 7.00 52.67
CA LYS GA 183 -74.57 5.87 52.59
C LYS GA 183 -76.00 6.29 52.89
N GLY GA 184 -76.94 5.47 52.43
CA GLY GA 184 -78.36 5.76 52.53
C GLY GA 184 -78.93 6.39 51.27
N THR GA 185 -80.20 6.73 51.35
CA THR GA 185 -80.87 7.38 50.24
C THR GA 185 -80.25 8.76 49.99
N PRO GA 186 -80.35 9.29 48.76
CA PRO GA 186 -79.67 10.56 48.47
C PRO GA 186 -80.36 11.77 49.09
N ASP GA 187 -81.33 11.53 49.97
CA ASP GA 187 -81.87 12.60 50.80
C ASP GA 187 -81.41 12.51 52.25
N GLU GA 188 -81.08 11.31 52.72
CA GLU GA 188 -80.38 11.20 53.99
C GLU GA 188 -78.97 11.76 53.88
N VAL GA 189 -78.37 11.64 52.70
CA VAL GA 189 -77.03 12.18 52.47
C VAL GA 189 -77.05 13.69 52.55
N ARG GA 190 -78.12 14.32 52.08
CA ARG GA 190 -78.22 15.77 52.15
C ARG GA 190 -78.31 16.27 53.59
N GLU GA 191 -78.83 15.44 54.48
CA GLU GA 191 -78.89 15.80 55.90
C GLU GA 191 -77.57 15.49 56.60
N LYS GA 192 -76.93 14.38 56.22
CA LYS GA 192 -75.62 14.04 56.77
C LYS GA 192 -74.60 15.11 56.44
N ALA GA 193 -74.63 15.62 55.20
CA ALA GA 193 -73.69 16.66 54.81
C ALA GA 193 -73.92 17.94 55.61
N LYS GA 194 -75.18 18.28 55.86
CA LYS GA 194 -75.47 19.48 56.64
C LYS GA 194 -75.03 19.30 58.09
N ALA GA 195 -75.27 18.12 58.65
CA ALA GA 195 -74.79 17.81 59.99
C ALA GA 195 -73.29 18.00 60.09
N PHE GA 196 -72.54 17.43 59.14
CA PHE GA 196 -71.09 17.56 59.17
C PHE GA 196 -70.64 19.00 59.01
N VAL GA 197 -71.25 19.73 58.08
CA VAL GA 197 -70.80 21.09 57.82
C VAL GA 197 -71.05 21.99 59.03
N GLU GA 198 -72.19 21.82 59.71
CA GLU GA 198 -72.43 22.60 60.91
C GLU GA 198 -71.64 22.10 62.11
N LYS GA 199 -71.27 20.81 62.13
CA LYS GA 199 -70.43 20.34 63.22
C LYS GA 199 -69.00 20.87 63.11
N ILE GA 200 -68.46 20.90 61.90
CA ILE GA 200 -67.09 21.36 61.70
C ILE GA 200 -66.94 22.84 62.05
N ARG GA 201 -68.04 23.60 62.08
CA ARG GA 201 -67.98 24.99 62.53
C ARG GA 201 -68.25 25.14 64.02
N GLY GA 202 -68.51 24.04 64.72
CA GLY GA 202 -68.67 24.09 66.15
C GLY GA 202 -67.47 23.54 66.88
N CYS GA 203 -66.53 22.96 66.15
CA CYS GA 203 -65.31 22.42 66.75
C CYS GA 203 -64.41 23.59 67.12
N MET HA 3 35.79 61.93 24.27
CA MET HA 3 34.85 62.76 25.03
C MET HA 3 35.28 62.82 26.48
N GLU HA 4 35.98 61.77 26.93
CA GLU HA 4 36.58 61.78 28.26
C GLU HA 4 37.65 62.86 28.36
N GLU HA 5 38.49 62.97 27.32
CA GLU HA 5 39.53 63.99 27.31
C GLU HA 5 38.94 65.40 27.21
N LEU HA 6 37.84 65.58 26.50
CA LEU HA 6 37.20 66.89 26.45
C LEU HA 6 36.67 67.29 27.82
N PHE HA 7 36.11 66.33 28.56
CA PHE HA 7 35.64 66.62 29.92
C PHE HA 7 36.80 66.93 30.85
N LYS HA 8 37.89 66.18 30.73
CA LYS HA 8 39.06 66.47 31.57
C LYS HA 8 39.68 67.80 31.22
N LYS HA 9 39.55 68.24 29.97
CA LYS HA 9 40.18 69.49 29.53
C LYS HA 9 39.35 70.70 29.92
N HIS HA 10 38.05 70.71 29.58
CA HIS HA 10 37.24 71.90 29.83
C HIS HA 10 36.72 71.95 31.26
N LYS HA 11 36.42 70.79 31.85
CA LYS HA 11 36.15 70.67 33.29
C LYS HA 11 34.87 71.39 33.72
N ILE HA 12 33.99 71.73 32.79
CA ILE HA 12 32.71 72.35 33.14
C ILE HA 12 31.75 72.13 31.99
N VAL HA 13 30.53 71.74 32.34
CA VAL HA 13 29.44 71.56 31.38
C VAL HA 13 28.28 72.46 31.80
N ALA HA 14 27.69 73.17 30.84
CA ALA HA 14 26.55 74.01 31.12
C ALA HA 14 25.27 73.24 30.82
N VAL HA 15 24.40 73.13 31.81
CA VAL HA 15 23.10 72.49 31.67
C VAL HA 15 22.06 73.58 31.49
N LEU HA 16 21.47 73.64 30.30
CA LEU HA 16 20.52 74.70 29.96
C LEU HA 16 19.09 74.21 30.08
N ARG HA 17 18.29 74.90 30.87
CA ARG HA 17 16.85 74.70 30.96
C ARG HA 17 16.18 76.04 30.74
N ALA HA 18 15.28 76.09 29.77
CA ALA HA 18 14.63 77.34 29.38
C ALA HA 18 13.20 77.04 29.00
N ASN HA 19 12.38 78.09 28.96
CA ASN HA 19 10.96 77.94 28.66
C ASN HA 19 10.61 78.31 27.21
N ASP HA 20 11.60 78.69 26.41
CA ASP HA 20 11.43 78.91 24.99
C ASP HA 20 12.77 78.74 24.30
N ALA HA 21 12.74 78.37 23.02
CA ALA HA 21 13.95 78.00 22.30
C ALA HA 21 14.85 79.18 21.95
N GLN HA 22 14.31 80.40 21.87
CA GLN HA 22 15.17 81.52 21.54
C GLN HA 22 16.00 81.94 22.75
N GLU HA 23 15.41 81.86 23.95
CA GLU HA 23 16.18 82.04 25.18
C GLU HA 23 17.27 80.99 25.30
N ALA HA 24 16.96 79.75 24.92
CA ALA HA 24 17.95 78.70 24.96
C ALA HA 24 19.12 79.01 24.03
N ARG HA 25 18.84 79.46 22.81
CA ARG HA 25 19.92 79.78 21.88
C ARG HA 25 20.73 81.00 22.34
N GLU HA 26 20.06 82.00 22.93
CA GLU HA 26 20.76 83.16 23.45
C GLU HA 26 21.70 82.78 24.58
N LYS HA 27 21.23 81.94 25.52
CA LYS HA 27 22.08 81.55 26.64
C LYS HA 27 23.18 80.58 26.20
N ALA HA 28 22.91 79.72 25.22
CA ALA HA 28 23.97 78.85 24.71
C ALA HA 28 25.04 79.64 24.01
N LEU HA 29 24.70 80.79 23.43
CA LEU HA 29 25.72 81.68 22.90
C LEU HA 29 26.45 82.43 24.01
N ALA HA 30 25.71 82.85 25.04
CA ALA HA 30 26.32 83.62 26.11
C ALA HA 30 27.31 82.80 26.94
N VAL HA 31 27.03 81.51 27.16
CA VAL HA 31 27.95 80.70 27.95
C VAL HA 31 29.22 80.43 27.16
N PHE HA 32 29.12 80.32 25.84
CA PHE HA 32 30.30 80.07 25.03
C PHE HA 32 31.18 81.31 24.91
N GLU HA 33 30.62 82.49 25.15
CA GLU HA 33 31.36 83.74 25.16
C GLU HA 33 31.89 84.07 26.56
N GLY HA 34 31.96 83.07 27.44
CA GLY HA 34 32.55 83.23 28.75
C GLY HA 34 33.68 82.26 28.95
N GLY HA 35 33.65 81.17 28.19
CA GLY HA 35 34.71 80.18 28.22
C GLY HA 35 34.23 78.76 28.33
N VAL HA 36 32.91 78.56 28.41
CA VAL HA 36 32.32 77.24 28.61
C VAL HA 36 32.17 76.60 27.23
N HIS HA 37 33.03 75.63 26.93
CA HIS HA 37 33.03 74.98 25.63
C HIS HA 37 32.05 73.81 25.55
N LEU HA 38 31.66 73.23 26.68
CA LEU HA 38 30.76 72.08 26.72
C LEU HA 38 29.39 72.57 27.15
N ILE HA 39 28.39 72.34 26.31
CA ILE HA 39 27.04 72.85 26.54
C ILE HA 39 26.06 71.70 26.38
N GLU HA 40 25.06 71.67 27.26
CA GLU HA 40 24.02 70.64 27.26
C GLU HA 40 22.66 71.30 27.10
N ILE HA 41 21.91 70.87 26.09
CA ILE HA 41 20.55 71.34 25.86
C ILE HA 41 19.60 70.27 26.38
N THR HA 42 18.91 70.57 27.46
CA THR HA 42 18.03 69.58 28.07
C THR HA 42 16.74 69.45 27.27
N PHE HA 43 16.23 68.22 27.21
CA PHE HA 43 15.04 67.95 26.42
C PHE HA 43 13.75 68.38 27.11
N THR HA 44 13.83 69.19 28.16
CA THR HA 44 12.66 69.86 28.69
C THR HA 44 12.38 71.18 27.98
N VAL HA 45 13.39 71.78 27.37
CA VAL HA 45 13.23 72.96 26.52
C VAL HA 45 12.33 72.61 25.34
N PRO HA 46 11.33 73.43 25.01
CA PRO HA 46 10.48 73.12 23.86
C PRO HA 46 11.26 73.26 22.57
N ASN HA 47 11.12 72.27 21.69
CA ASN HA 47 11.84 72.22 20.42
C ASN HA 47 13.34 72.25 20.66
N ALA HA 48 13.84 71.24 21.37
CA ALA HA 48 15.24 71.21 21.77
C ALA HA 48 16.14 70.62 20.70
N ALA HA 49 15.66 69.65 19.92
CA ALA HA 49 16.46 69.15 18.82
C ALA HA 49 16.66 70.22 17.76
N ALA HA 50 15.68 71.10 17.59
CA ALA HA 50 15.83 72.25 16.71
C ALA HA 50 16.92 73.19 17.22
N VAL HA 51 16.95 73.43 18.53
CA VAL HA 51 18.01 74.27 19.11
C VAL HA 51 19.37 73.63 18.90
N ILE HA 52 19.47 72.32 19.11
CA ILE HA 52 20.74 71.62 18.87
C ILE HA 52 21.14 71.73 17.41
N LEU HA 53 20.18 71.70 16.50
CA LEU HA 53 20.50 71.73 15.07
C LEU HA 53 20.92 73.14 14.63
N LEU HA 54 20.32 74.17 15.21
CA LEU HA 54 20.59 75.55 14.85
C LEU HA 54 21.71 76.17 15.67
N LEU HA 55 22.59 75.36 16.26
CA LEU HA 55 23.77 75.85 16.97
C LEU HA 55 25.06 75.32 16.36
N SER HA 56 25.04 75.05 15.07
CA SER HA 56 26.22 74.50 14.40
C SER HA 56 27.30 75.55 14.16
N PHE HA 57 26.94 76.84 14.07
CA PHE HA 57 27.98 77.87 13.98
C PHE HA 57 28.93 77.78 15.16
N LEU HA 58 28.38 77.70 16.38
CA LEU HA 58 29.18 77.46 17.56
C LEU HA 58 30.01 76.18 17.43
N LYS HA 59 29.42 75.15 16.84
CA LYS HA 59 30.11 73.86 16.73
C LYS HA 59 31.35 73.96 15.85
N GLU HA 60 31.27 74.75 14.77
CA GLU HA 60 32.45 74.99 13.95
C GLU HA 60 33.49 75.84 14.66
N LYS HA 61 33.08 76.58 15.70
CA LYS HA 61 34.05 77.31 16.52
C LYS HA 61 34.69 76.45 17.59
N GLY HA 62 34.28 75.19 17.74
CA GLY HA 62 34.87 74.30 18.72
C GLY HA 62 34.04 73.99 19.95
N ALA HA 63 32.80 74.46 20.01
CA ALA HA 63 31.91 74.07 21.09
C ALA HA 63 31.44 72.63 20.92
N ILE HA 64 31.21 71.95 22.04
CA ILE HA 64 30.65 70.61 22.06
C ILE HA 64 29.22 70.74 22.58
N ILE HA 65 28.25 70.33 21.76
CA ILE HA 65 26.83 70.40 22.11
C ILE HA 65 26.31 68.99 22.34
N GLY HA 66 25.47 68.82 23.36
CA GLY HA 66 24.90 67.54 23.68
C GLY HA 66 23.49 67.70 24.20
N ALA HA 67 22.85 66.57 24.47
CA ALA HA 67 21.44 66.52 24.86
C ALA HA 67 21.31 65.89 26.24
N GLY HA 68 20.53 66.54 27.11
CA GLY HA 68 20.24 66.03 28.43
C GLY HA 68 18.78 65.68 28.63
N THR HA 69 18.51 65.12 29.81
CA THR HA 69 17.16 64.70 30.20
C THR HA 69 16.55 63.78 29.16
N VAL HA 70 17.31 62.78 28.74
CA VAL HA 70 16.88 61.82 27.73
C VAL HA 70 16.38 60.58 28.44
N THR HA 71 15.07 60.33 28.34
CA THR HA 71 14.41 59.23 29.05
C THR HA 71 13.76 58.25 28.10
N SER HA 72 14.22 58.21 26.84
CA SER HA 72 13.62 57.36 25.83
C SER HA 72 14.64 57.13 24.73
N GLU HA 73 14.47 56.02 24.00
CA GLU HA 73 15.38 55.72 22.90
C GLU HA 73 15.09 56.56 21.65
N GLU HA 74 13.87 57.08 21.52
CA GLU HA 74 13.55 57.97 20.41
C GLU HA 74 14.06 59.38 20.65
N GLN HA 75 14.19 59.81 21.91
CA GLN HA 75 14.82 61.08 22.19
C GLN HA 75 16.32 61.04 22.00
N CYS HA 76 16.90 59.85 21.94
CA CYS HA 76 18.31 59.70 21.60
C CYS HA 76 18.50 59.68 20.09
N ALA HA 77 17.58 59.03 19.37
CA ALA HA 77 17.62 59.07 17.92
C ALA HA 77 17.44 60.49 17.40
N LEU HA 78 16.45 61.20 17.94
CA LEU HA 78 16.20 62.58 17.51
C LEU HA 78 17.38 63.49 17.79
N ALA HA 79 18.09 63.26 18.89
CA ALA HA 79 19.21 64.11 19.29
C ALA HA 79 20.48 63.78 18.53
N VAL HA 80 20.70 62.51 18.18
CA VAL HA 80 21.84 62.18 17.31
C VAL HA 80 21.57 62.63 15.88
N LEU HA 81 20.31 62.60 15.44
CA LEU HA 81 19.98 63.15 14.13
C LEU HA 81 20.26 64.65 14.09
N SER HA 82 19.72 65.40 15.07
CA SER HA 82 19.98 66.82 15.16
C SER HA 82 21.45 67.17 15.32
N GLY HA 83 22.30 66.18 15.64
CA GLY HA 83 23.73 66.42 15.71
C GLY HA 83 24.31 66.61 17.09
N ALA HA 84 23.69 66.05 18.12
CA ALA HA 84 24.29 66.06 19.45
C ALA HA 84 25.50 65.15 19.50
N GLU HA 85 26.52 65.57 20.25
CA GLU HA 85 27.75 64.80 20.37
C GLU HA 85 27.82 63.92 21.61
N PHE HA 86 27.00 64.19 22.63
CA PHE HA 86 26.88 63.30 23.77
C PHE HA 86 25.44 63.33 24.28
N ILE HA 87 25.08 62.27 25.00
CA ILE HA 87 23.73 62.09 25.54
C ILE HA 87 23.85 61.91 27.04
N VAL HA 88 22.93 62.52 27.79
CA VAL HA 88 22.90 62.44 29.25
C VAL HA 88 21.51 62.05 29.70
N SER HA 89 21.43 61.39 30.86
CA SER HA 89 20.19 60.97 31.49
C SER HA 89 20.29 61.23 32.98
N PRO HA 90 19.20 61.63 33.65
CA PRO HA 90 19.24 61.77 35.11
C PRO HA 90 19.09 60.44 35.83
N HIS HA 91 19.10 59.36 35.07
CA HIS HA 91 18.87 58.02 35.58
C HIS HA 91 19.70 57.05 34.76
N LEU HA 92 19.57 55.77 35.08
CA LEU HA 92 20.25 54.71 34.35
C LEU HA 92 19.20 53.89 33.62
N ASP HA 93 19.25 53.89 32.30
CA ASP HA 93 18.38 53.07 31.49
C ASP HA 93 19.22 52.03 30.77
N GLU HA 94 18.88 50.76 30.98
CA GLU HA 94 19.67 49.70 30.36
C GLU HA 94 19.43 49.61 28.87
N GLU HA 95 18.24 50.01 28.41
CA GLU HA 95 17.94 49.93 26.98
C GLU HA 95 18.58 51.08 26.21
N ILE HA 96 18.57 52.30 26.75
CA ILE HA 96 19.28 53.39 26.09
C ILE HA 96 20.77 53.07 25.98
N SER HA 97 21.32 52.40 26.99
CA SER HA 97 22.73 52.02 26.95
C SER HA 97 22.96 50.87 25.98
N GLN HA 98 22.03 49.91 25.93
CA GLN HA 98 22.11 48.81 24.97
C GLN HA 98 22.09 49.32 23.54
N PHE HA 99 21.33 50.38 23.28
CA PHE HA 99 21.15 50.89 21.92
C PHE HA 99 22.05 52.09 21.62
N CYS HA 100 22.84 52.55 22.58
CA CYS HA 100 23.87 53.53 22.29
C CYS HA 100 25.23 52.90 22.01
N LYS HA 101 25.37 51.59 22.18
CA LYS HA 101 26.54 50.86 21.74
C LYS HA 101 26.43 50.42 20.29
N GLU HA 102 25.27 50.61 19.67
CA GLU HA 102 25.06 50.28 18.27
C GLU HA 102 25.01 51.53 17.41
N LYS HA 103 25.17 52.70 18.00
CA LYS HA 103 25.33 53.95 17.26
C LYS HA 103 26.70 54.57 17.46
N GLY HA 104 27.48 54.11 18.43
CA GLY HA 104 28.75 54.72 18.71
C GLY HA 104 28.68 56.08 19.36
N VAL HA 105 27.59 56.39 20.05
CA VAL HA 105 27.36 57.69 20.65
C VAL HA 105 27.73 57.62 22.13
N PHE HA 106 28.32 58.69 22.65
CA PHE HA 106 28.74 58.73 24.04
C PHE HA 106 27.54 58.99 24.95
N TYR HA 107 27.27 58.05 25.83
CA TYR HA 107 26.15 58.10 26.77
C TYR HA 107 26.69 58.18 28.20
N MET HA 108 26.22 59.16 28.95
CA MET HA 108 26.62 59.34 30.36
C MET HA 108 25.39 59.24 31.26
N PRO HA 109 25.08 58.08 31.81
CA PRO HA 109 23.89 57.94 32.65
C PRO HA 109 24.11 58.55 34.02
N GLY HA 110 23.05 58.57 34.81
CA GLY HA 110 23.07 59.16 36.14
C GLY HA 110 22.84 58.10 37.20
N VAL HA 111 23.58 58.19 38.30
CA VAL HA 111 23.51 57.21 39.38
C VAL HA 111 23.45 57.96 40.69
N MET HA 112 23.00 57.26 41.73
CA MET HA 112 22.96 57.85 43.06
C MET HA 112 23.31 56.86 44.16
N THR HA 113 23.42 55.58 43.85
CA THR HA 113 23.69 54.52 44.81
C THR HA 113 24.72 53.57 44.23
N PRO HA 114 25.46 52.85 45.08
CA PRO HA 114 26.48 51.91 44.56
C PRO HA 114 25.94 50.71 43.82
N THR HA 115 24.64 50.43 43.84
CA THR HA 115 24.08 49.35 43.03
C THR HA 115 23.81 49.80 41.60
N GLU HA 116 23.29 51.01 41.44
CA GLU HA 116 23.17 51.61 40.11
C GLU HA 116 24.54 51.82 39.48
N LEU HA 117 25.54 52.15 40.31
CA LEU HA 117 26.89 52.30 39.79
C LEU HA 117 27.42 50.99 39.23
N VAL HA 118 27.23 49.88 39.95
CA VAL HA 118 27.73 48.61 39.45
C VAL HA 118 26.97 48.15 38.23
N LYS HA 119 25.68 48.50 38.11
CA LYS HA 119 24.98 48.18 36.88
C LYS HA 119 25.51 48.99 35.70
N ALA HA 120 25.80 50.27 35.91
CA ALA HA 120 26.38 51.09 34.86
C ALA HA 120 27.74 50.55 34.44
N MET HA 121 28.58 50.17 35.41
CA MET HA 121 29.89 49.61 35.09
C MET HA 121 29.78 48.27 34.38
N LYS HA 122 28.79 47.45 34.72
CA LYS HA 122 28.58 46.21 33.98
C LYS HA 122 27.95 46.43 32.63
N LEU HA 123 27.48 47.65 32.34
CA LEU HA 123 27.12 48.03 30.98
C LEU HA 123 28.25 48.76 30.26
N GLY HA 124 29.39 48.95 30.91
CA GLY HA 124 30.54 49.54 30.27
C GLY HA 124 30.70 51.03 30.45
N HIS HA 125 30.23 51.59 31.57
CA HIS HA 125 30.25 53.03 31.80
C HIS HA 125 31.28 53.34 32.88
N THR HA 126 32.29 54.13 32.51
CA THR HA 126 33.35 54.54 33.44
C THR HA 126 33.18 55.98 33.89
N ILE HA 127 32.46 56.80 33.14
CA ILE HA 127 32.16 58.17 33.52
C ILE HA 127 30.68 58.26 33.79
N LEU HA 128 30.32 58.68 35.00
CA LEU HA 128 28.94 58.71 35.43
C LEU HA 128 28.54 60.11 35.82
N LYS HA 129 27.25 60.38 35.71
CA LYS HA 129 26.65 61.60 36.23
C LYS HA 129 26.17 61.32 37.66
N LEU HA 130 26.54 62.18 38.58
CA LEU HA 130 26.15 62.05 39.98
C LEU HA 130 25.03 63.04 40.27
N PHE HA 131 23.80 62.54 40.33
CA PHE HA 131 22.64 63.39 40.45
C PHE HA 131 21.60 62.72 41.35
N PRO HA 132 21.01 63.46 42.31
CA PRO HA 132 21.37 64.83 42.69
C PRO HA 132 22.67 64.89 43.48
N GLY HA 133 23.54 65.83 43.16
CA GLY HA 133 24.84 65.89 43.78
C GLY HA 133 24.86 66.66 45.08
N GLU HA 134 23.85 67.50 45.29
CA GLU HA 134 23.70 68.21 46.55
C GLU HA 134 23.10 67.34 47.64
N VAL HA 135 22.49 66.22 47.28
CA VAL HA 135 21.92 65.32 48.28
C VAL HA 135 23.00 64.41 48.86
N VAL HA 136 23.91 63.92 48.02
CA VAL HA 136 24.97 63.04 48.47
C VAL HA 136 26.27 63.76 48.82
N GLY HA 137 26.56 64.89 48.17
CA GLY HA 137 27.74 65.67 48.47
C GLY HA 137 29.03 65.04 47.97
N PRO HA 138 30.15 65.74 48.15
CA PRO HA 138 31.44 65.20 47.70
C PRO HA 138 31.95 64.05 48.53
N GLN HA 139 31.35 63.79 49.70
CA GLN HA 139 31.72 62.64 50.50
C GLN HA 139 31.18 61.34 49.92
N PHE HA 140 30.26 61.40 48.97
CA PHE HA 140 29.93 60.22 48.17
C PHE HA 140 31.02 59.94 47.16
N VAL HA 141 31.68 60.97 46.65
CA VAL HA 141 32.75 60.75 45.67
C VAL HA 141 34.00 60.24 46.36
N LYS HA 142 34.32 60.78 47.54
CA LYS HA 142 35.48 60.30 48.28
C LYS HA 142 35.27 58.90 48.84
N ALA HA 143 34.04 58.57 49.24
CA ALA HA 143 33.77 57.26 49.81
C ALA HA 143 33.67 56.15 48.80
N MET HA 144 33.66 56.46 47.51
CA MET HA 144 33.58 55.42 46.48
C MET HA 144 34.90 55.19 45.79
N LYS HA 145 35.95 55.93 46.14
CA LYS HA 145 37.28 55.71 45.57
C LYS HA 145 37.85 54.36 45.96
N GLY HA 146 37.48 53.82 47.10
CA GLY HA 146 38.07 52.60 47.61
C GLY HA 146 37.65 51.40 46.79
N PRO HA 147 36.36 51.06 46.81
CA PRO HA 147 35.93 49.88 46.03
C PRO HA 147 35.99 50.10 44.54
N PHE HA 148 35.68 51.30 44.07
CA PHE HA 148 35.57 51.57 42.65
C PHE HA 148 36.57 52.66 42.23
N PRO HA 149 37.86 52.33 42.12
CA PRO HA 149 38.83 53.38 41.78
C PRO HA 149 38.74 53.87 40.34
N ASN HA 150 38.15 53.08 39.43
CA ASN HA 150 38.11 53.46 38.02
C ASN HA 150 37.07 54.52 37.71
N VAL HA 151 35.98 54.55 38.46
CA VAL HA 151 34.82 55.38 38.11
C VAL HA 151 35.11 56.85 38.37
N LYS HA 152 34.69 57.71 37.43
CA LYS HA 152 34.82 59.15 37.54
C LYS HA 152 33.44 59.80 37.42
N PHE HA 153 33.19 60.83 38.23
CA PHE HA 153 31.87 61.44 38.33
C PHE HA 153 31.86 62.85 37.77
N VAL HA 154 30.74 63.21 37.15
CA VAL HA 154 30.43 64.58 36.75
C VAL HA 154 29.22 65.02 37.57
N PRO HA 155 29.41 65.68 38.70
CA PRO HA 155 28.28 66.05 39.55
C PRO HA 155 27.36 67.05 38.88
N THR HA 156 26.06 66.88 39.12
CA THR HA 156 25.06 67.83 38.67
C THR HA 156 24.06 68.06 39.80
N GLY HA 157 23.72 69.32 40.02
CA GLY HA 157 22.81 69.69 41.09
C GLY HA 157 23.50 70.35 42.26
N GLY HA 158 23.20 71.62 42.49
CA GLY HA 158 23.71 72.31 43.65
C GLY HA 158 25.17 72.65 43.63
N VAL HA 159 25.76 72.86 42.45
CA VAL HA 159 27.16 73.28 42.36
C VAL HA 159 27.19 74.80 42.29
N ASN HA 160 28.01 75.41 43.15
CA ASN HA 160 28.09 76.85 43.27
C ASN HA 160 29.54 77.28 43.10
N LEU HA 161 29.74 78.59 43.05
CA LEU HA 161 31.09 79.13 43.13
C LEU HA 161 31.73 78.85 44.47
N ASP HA 162 30.92 78.72 45.51
CA ASP HA 162 31.40 78.54 46.87
C ASP HA 162 31.72 77.09 47.21
N ASN HA 163 31.42 76.14 46.32
CA ASN HA 163 31.67 74.73 46.65
C ASN HA 163 32.25 73.94 45.48
N VAL HA 164 32.72 74.60 44.42
CA VAL HA 164 33.23 73.84 43.27
C VAL HA 164 34.68 73.38 43.52
N CYS HA 165 35.47 74.18 44.23
CA CYS HA 165 36.78 73.70 44.64
C CYS HA 165 36.68 72.50 45.57
N GLU HA 166 35.64 72.46 46.42
CA GLU HA 166 35.42 71.29 47.26
C GLU HA 166 35.13 70.05 46.44
N TRP HA 167 34.36 70.19 45.37
CA TRP HA 167 34.07 69.07 44.50
C TRP HA 167 35.31 68.61 43.74
N PHE HA 168 36.18 69.53 43.35
CA PHE HA 168 37.40 69.12 42.65
C PHE HA 168 38.43 68.55 43.61
N LYS HA 169 38.42 68.96 44.88
CA LYS HA 169 39.22 68.27 45.89
C LYS HA 169 38.74 66.84 46.08
N ALA HA 170 37.42 66.63 46.06
CA ALA HA 170 36.91 65.27 46.16
C ALA HA 170 37.35 64.39 45.00
N GLY HA 171 37.74 64.96 43.88
CA GLY HA 171 38.28 64.22 42.76
C GLY HA 171 37.37 64.03 41.57
N VAL HA 172 36.38 64.89 41.37
CA VAL HA 172 35.47 64.74 40.24
C VAL HA 172 36.18 65.08 38.92
N LEU HA 173 35.65 64.55 37.83
CA LEU HA 173 36.26 64.77 36.51
C LEU HA 173 35.87 66.14 35.95
N ALA HA 174 34.58 66.47 36.02
CA ALA HA 174 34.07 67.79 35.62
C ALA HA 174 32.89 68.10 36.52
N VAL HA 175 32.25 69.25 36.28
CA VAL HA 175 31.04 69.62 36.99
C VAL HA 175 30.02 70.12 35.99
N GLY HA 176 28.74 69.77 36.22
CA GLY HA 176 27.65 70.31 35.45
C GLY HA 176 26.92 71.36 36.26
N VAL HA 177 26.94 72.59 35.76
CA VAL HA 177 26.37 73.73 36.47
C VAL HA 177 25.11 74.18 35.73
N GLY HA 178 24.05 74.44 36.49
CA GLY HA 178 22.79 74.86 35.93
C GLY HA 178 22.30 76.22 36.41
N SER HA 179 21.33 76.20 37.32
CA SER HA 179 20.64 77.41 37.76
C SER HA 179 21.61 78.51 38.19
N ALA HA 180 22.72 78.13 38.81
CA ALA HA 180 23.69 79.12 39.26
C ALA HA 180 24.42 79.78 38.11
N LEU HA 181 24.43 79.17 36.94
CA LEU HA 181 25.18 79.68 35.80
C LEU HA 181 24.28 80.36 34.77
N VAL HA 182 23.14 79.73 34.42
CA VAL HA 182 22.38 80.12 33.24
C VAL HA 182 21.16 80.98 33.53
N LYS HA 183 20.88 81.30 34.79
CA LYS HA 183 19.72 82.14 35.07
C LYS HA 183 20.06 83.62 34.90
N GLY HA 184 19.03 84.41 34.64
CA GLY HA 184 19.16 85.84 34.44
C GLY HA 184 19.14 86.22 32.96
N THR HA 185 19.40 87.50 32.73
CA THR HA 185 19.56 87.99 31.36
C THR HA 185 20.79 87.36 30.72
N PRO HA 186 20.85 87.32 29.38
CA PRO HA 186 21.97 86.61 28.74
C PRO HA 186 23.27 87.40 28.76
N ASP HA 187 23.33 88.47 29.54
CA ASP HA 187 24.60 89.13 29.81
C ASP HA 187 25.09 88.90 31.23
N GLU HA 188 24.18 88.63 32.17
CA GLU HA 188 24.59 88.10 33.47
C GLU HA 188 25.19 86.72 33.31
N VAL HA 189 24.65 85.93 32.38
CA VAL HA 189 25.16 84.58 32.14
C VAL HA 189 26.60 84.64 31.65
N ARG HA 190 26.94 85.68 30.89
CA ARG HA 190 28.31 85.79 30.37
C ARG HA 190 29.31 86.02 31.51
N GLU HA 191 28.96 86.87 32.47
CA GLU HA 191 29.85 87.10 33.60
C GLU HA 191 29.86 85.93 34.58
N LYS HA 192 28.73 85.24 34.73
CA LYS HA 192 28.73 84.02 35.54
C LYS HA 192 29.66 82.97 34.96
N ALA HA 193 29.62 82.81 33.63
CA ALA HA 193 30.54 81.87 32.98
C ALA HA 193 31.99 82.32 33.15
N LYS HA 194 32.25 83.62 33.02
CA LYS HA 194 33.59 84.14 33.30
C LYS HA 194 34.05 83.74 34.69
N ALA HA 195 33.20 83.98 35.69
CA ALA HA 195 33.55 83.70 37.08
C ALA HA 195 33.81 82.22 37.30
N PHE HA 196 32.93 81.36 36.79
CA PHE HA 196 33.12 79.92 36.96
C PHE HA 196 34.39 79.44 36.29
N VAL HA 197 34.65 79.89 35.07
CA VAL HA 197 35.83 79.43 34.35
C VAL HA 197 37.10 79.90 35.05
N GLU HA 198 37.08 81.11 35.62
CA GLU HA 198 38.23 81.60 36.36
C GLU HA 198 38.43 80.85 37.67
N LYS HA 199 37.33 80.56 38.37
CA LYS HA 199 37.42 79.85 39.64
C LYS HA 199 37.92 78.43 39.47
N ILE HA 200 37.41 77.71 38.46
CA ILE HA 200 37.81 76.32 38.28
C ILE HA 200 39.29 76.20 37.95
N ARG HA 201 39.91 77.25 37.44
CA ARG HA 201 41.35 77.25 37.19
C ARG HA 201 42.14 77.76 38.38
N GLY HA 202 41.45 78.17 39.45
CA GLY HA 202 42.11 78.50 40.70
C GLY HA 202 42.14 77.32 41.65
N CYS HA 203 41.14 76.45 41.54
CA CYS HA 203 41.11 75.24 42.36
C CYS HA 203 42.28 74.34 41.99
N MET IA 3 25.95 -68.48 18.24
CA MET IA 3 25.93 -68.57 19.69
C MET IA 3 24.96 -69.66 20.15
N GLU IA 4 23.93 -69.93 19.34
CA GLU IA 4 23.10 -71.10 19.57
C GLU IA 4 23.92 -72.38 19.45
N GLU IA 5 24.86 -72.41 18.51
CA GLU IA 5 25.72 -73.57 18.34
C GLU IA 5 26.62 -73.79 19.55
N LEU IA 6 27.05 -72.70 20.20
CA LEU IA 6 27.88 -72.85 21.39
C LEU IA 6 27.11 -73.48 22.55
N PHE IA 7 25.87 -73.03 22.78
CA PHE IA 7 25.04 -73.66 23.81
C PHE IA 7 24.72 -75.10 23.44
N LYS IA 8 24.46 -75.36 22.16
CA LYS IA 8 24.14 -76.72 21.73
C LYS IA 8 25.33 -77.65 21.90
N LYS IA 9 26.55 -77.13 21.72
CA LYS IA 9 27.75 -77.95 21.79
C LYS IA 9 28.18 -78.19 23.25
N HIS IA 10 28.25 -77.12 24.04
CA HIS IA 10 28.82 -77.25 25.39
C HIS IA 10 27.77 -77.69 26.39
N LYS IA 11 26.54 -77.17 26.29
CA LYS IA 11 25.35 -77.64 26.98
C LYS IA 11 25.36 -77.34 28.47
N ILE IA 12 26.29 -76.53 28.95
CA ILE IA 12 26.31 -76.14 30.37
C ILE IA 12 26.98 -74.79 30.46
N VAL IA 13 26.39 -73.91 31.27
CA VAL IA 13 26.90 -72.57 31.51
C VAL IA 13 27.08 -72.41 33.01
N ALA IA 14 28.27 -71.99 33.42
CA ALA IA 14 28.52 -71.71 34.83
C ALA IA 14 28.10 -70.28 35.11
N VAL IA 15 27.35 -70.09 36.18
CA VAL IA 15 26.89 -68.77 36.61
C VAL IA 15 27.62 -68.44 37.90
N LEU IA 16 28.57 -67.50 37.84
CA LEU IA 16 29.41 -67.17 38.99
C LEU IA 16 28.87 -65.94 39.70
N ARG IA 17 28.48 -66.15 40.96
CA ARG IA 17 28.26 -65.09 41.95
C ARG IA 17 29.32 -65.25 43.03
N ALA IA 18 29.96 -64.15 43.39
CA ALA IA 18 31.05 -64.19 44.35
C ALA IA 18 31.08 -62.89 45.13
N ASN IA 19 31.64 -62.94 46.32
CA ASN IA 19 31.75 -61.76 47.18
C ASN IA 19 33.00 -60.94 46.90
N ASP IA 20 33.83 -61.37 45.95
CA ASP IA 20 35.08 -60.69 45.61
C ASP IA 20 35.29 -60.81 44.11
N ALA IA 21 36.32 -60.13 43.61
CA ALA IA 21 36.74 -60.32 42.24
C ALA IA 21 37.86 -61.35 42.09
N GLN IA 22 38.70 -61.50 43.09
CA GLN IA 22 39.75 -62.52 43.03
C GLN IA 22 39.14 -63.90 43.15
N GLU IA 23 38.14 -64.07 44.03
CA GLU IA 23 37.45 -65.35 44.13
C GLU IA 23 36.72 -65.68 42.84
N ALA IA 24 36.11 -64.67 42.22
CA ALA IA 24 35.46 -64.87 40.92
C ALA IA 24 36.46 -65.35 39.88
N ARG IA 25 37.64 -64.73 39.82
CA ARG IA 25 38.63 -65.14 38.82
C ARG IA 25 39.15 -66.54 39.10
N GLU IA 26 39.37 -66.87 40.38
CA GLU IA 26 39.78 -68.22 40.76
C GLU IA 26 38.76 -69.25 40.33
N LYS IA 27 37.48 -68.99 40.58
CA LYS IA 27 36.44 -69.97 40.25
C LYS IA 27 36.20 -70.07 38.76
N ALA IA 28 36.35 -68.96 38.03
CA ALA IA 28 36.25 -69.05 36.58
C ALA IA 28 37.37 -69.93 36.01
N LEU IA 29 38.59 -69.75 36.52
CA LEU IA 29 39.68 -70.62 36.08
C LEU IA 29 39.42 -72.07 36.47
N ALA IA 30 38.85 -72.31 37.65
CA ALA IA 30 38.58 -73.67 38.10
C ALA IA 30 37.52 -74.34 37.23
N VAL IA 31 36.45 -73.63 36.89
CA VAL IA 31 35.42 -74.25 36.05
C VAL IA 31 35.94 -74.45 34.63
N PHE IA 32 36.88 -73.61 34.17
CA PHE IA 32 37.46 -73.89 32.87
C PHE IA 32 38.36 -75.12 32.91
N GLU IA 33 39.09 -75.32 34.02
CA GLU IA 33 39.87 -76.54 34.16
C GLU IA 33 38.98 -77.77 34.30
N GLY IA 34 37.76 -77.60 34.83
CA GLY IA 34 36.85 -78.73 34.96
C GLY IA 34 36.23 -79.18 33.66
N GLY IA 35 36.17 -78.32 32.65
CA GLY IA 35 35.64 -78.70 31.36
C GLY IA 35 34.47 -77.85 30.91
N VAL IA 36 34.13 -76.83 31.69
CA VAL IA 36 33.04 -75.92 31.37
C VAL IA 36 33.62 -74.76 30.56
N HIS IA 37 33.19 -74.62 29.31
CA HIS IA 37 33.71 -73.60 28.41
C HIS IA 37 32.79 -72.40 28.26
N LEU IA 38 31.59 -72.42 28.85
CA LEU IA 38 30.71 -71.27 28.89
C LEU IA 38 30.61 -70.77 30.33
N ILE IA 39 31.07 -69.55 30.56
CA ILE IA 39 31.09 -68.96 31.88
C ILE IA 39 30.41 -67.61 31.82
N GLU IA 40 29.70 -67.27 32.88
CA GLU IA 40 29.00 -66.00 33.01
C GLU IA 40 29.30 -65.45 34.39
N ILE IA 41 29.71 -64.19 34.44
CA ILE IA 41 30.02 -63.49 35.67
C ILE IA 41 28.85 -62.57 35.96
N THR IA 42 28.15 -62.78 37.08
CA THR IA 42 26.99 -61.99 37.36
C THR IA 42 27.39 -60.60 37.81
N PHE IA 43 26.56 -59.61 37.47
CA PHE IA 43 26.84 -58.23 37.80
C PHE IA 43 26.48 -57.87 39.23
N THR IA 44 26.35 -58.87 40.09
CA THR IA 44 26.32 -58.67 41.53
C THR IA 44 27.68 -58.95 42.16
N VAL IA 45 28.63 -59.44 41.37
CA VAL IA 45 30.02 -59.57 41.83
C VAL IA 45 30.65 -58.18 41.83
N PRO IA 46 31.34 -57.77 42.90
CA PRO IA 46 31.93 -56.43 42.92
C PRO IA 46 33.07 -56.31 41.91
N ASN IA 47 33.02 -55.26 41.10
CA ASN IA 47 33.97 -55.04 40.02
C ASN IA 47 33.95 -56.21 39.05
N ALA IA 48 32.83 -56.43 38.38
CA ALA IA 48 32.66 -57.60 37.51
C ALA IA 48 33.12 -57.35 36.09
N ALA IA 49 32.99 -56.13 35.58
CA ALA IA 49 33.54 -55.83 34.27
C ALA IA 49 35.06 -55.94 34.29
N ALA IA 50 35.68 -55.63 35.42
CA ALA IA 50 37.13 -55.85 35.57
C ALA IA 50 37.47 -57.33 35.44
N VAL IA 51 36.67 -58.21 36.06
CA VAL IA 51 36.90 -59.65 35.94
C VAL IA 51 36.74 -60.11 34.50
N ILE IA 52 35.69 -59.61 33.83
CA ILE IA 52 35.48 -59.98 32.43
C ILE IA 52 36.65 -59.51 31.57
N LEU IA 53 37.22 -58.36 31.89
CA LEU IA 53 38.33 -57.83 31.11
C LEU IA 53 39.62 -58.61 31.39
N LEU IA 54 39.85 -59.00 32.64
CA LEU IA 54 41.06 -59.67 33.02
C LEU IA 54 40.99 -61.19 32.85
N LEU IA 55 39.87 -61.70 32.33
CA LEU IA 55 39.80 -63.12 31.97
C LEU IA 55 39.98 -63.34 30.47
N SER IA 56 40.55 -62.37 29.77
CA SER IA 56 40.82 -62.52 28.34
C SER IA 56 41.92 -63.53 28.03
N PHE IA 57 42.69 -63.96 29.04
CA PHE IA 57 43.68 -65.02 28.80
C PHE IA 57 43.03 -66.39 28.65
N LEU IA 58 41.84 -66.58 29.22
CA LEU IA 58 41.06 -67.80 29.02
C LEU IA 58 40.28 -67.77 27.72
N LYS IA 59 40.03 -66.58 27.15
CA LYS IA 59 39.31 -66.48 25.90
C LYS IA 59 40.07 -67.14 24.75
N GLU IA 60 41.39 -67.20 24.83
CA GLU IA 60 42.19 -67.76 23.75
C GLU IA 60 42.39 -69.27 23.91
N LYS IA 61 42.09 -69.83 25.08
CA LYS IA 61 42.11 -71.27 25.27
C LYS IA 61 40.77 -71.92 24.92
N GLY IA 62 39.72 -71.13 24.68
CA GLY IA 62 38.46 -71.67 24.22
C GLY IA 62 37.25 -71.30 25.05
N ALA IA 63 37.45 -70.50 26.09
CA ALA IA 63 36.36 -70.10 26.97
C ALA IA 63 35.51 -69.01 26.34
N ILE IA 64 34.21 -69.06 26.61
CA ILE IA 64 33.27 -67.99 26.25
C ILE IA 64 32.80 -67.34 27.54
N ILE IA 65 33.06 -66.05 27.69
CA ILE IA 65 32.71 -65.30 28.89
C ILE IA 65 31.56 -64.35 28.57
N GLY IA 66 30.62 -64.24 29.50
CA GLY IA 66 29.48 -63.37 29.34
C GLY IA 66 29.11 -62.72 30.67
N ALA IA 67 28.13 -61.82 30.59
CA ALA IA 67 27.68 -61.04 31.75
C ALA IA 67 26.23 -61.37 32.07
N GLY IA 68 25.94 -61.59 33.35
CA GLY IA 68 24.60 -61.85 33.83
C GLY IA 68 24.09 -60.75 34.75
N THR IA 69 22.83 -60.93 35.16
CA THR IA 69 22.13 -59.99 36.06
C THR IA 69 22.23 -58.56 35.55
N VAL IA 70 22.03 -58.40 34.24
CA VAL IA 70 22.11 -57.09 33.59
C VAL IA 70 20.70 -56.51 33.58
N THR IA 71 20.45 -55.56 34.49
CA THR IA 71 19.16 -54.91 34.62
C THR IA 71 19.17 -53.48 34.10
N SER IA 72 20.16 -53.11 33.30
CA SER IA 72 20.29 -51.74 32.83
C SER IA 72 20.92 -51.75 31.45
N GLU IA 73 20.85 -50.59 30.78
CA GLU IA 73 21.50 -50.44 29.48
C GLU IA 73 22.95 -49.98 29.62
N GLU IA 74 23.26 -49.22 30.67
CA GLU IA 74 24.64 -48.85 30.92
C GLU IA 74 25.46 -50.05 31.38
N GLN IA 75 24.83 -51.01 32.08
CA GLN IA 75 25.52 -52.22 32.42
C GLN IA 75 25.82 -53.08 31.21
N CYS IA 76 24.94 -53.05 30.21
CA CYS IA 76 25.21 -53.78 28.96
C CYS IA 76 26.32 -53.11 28.18
N ALA IA 77 26.33 -51.77 28.14
CA ALA IA 77 27.43 -51.06 27.49
C ALA IA 77 28.75 -51.36 28.17
N LEU IA 78 28.78 -51.33 29.51
CA LEU IA 78 30.00 -51.58 30.26
C LEU IA 78 30.49 -53.02 30.09
N ALA IA 79 29.57 -53.97 29.97
CA ALA IA 79 29.98 -55.36 29.80
C ALA IA 79 30.40 -55.69 28.39
N VAL IA 80 29.82 -55.02 27.38
CA VAL IA 80 30.30 -55.21 26.01
C VAL IA 80 31.65 -54.55 25.83
N LEU IA 81 31.89 -53.42 26.50
CA LEU IA 81 33.22 -52.82 26.51
C LEU IA 81 34.23 -53.76 27.13
N SER IA 82 33.96 -54.23 28.36
CA SER IA 82 34.89 -55.12 29.04
C SER IA 82 35.24 -56.36 28.22
N GLY IA 83 34.37 -56.79 27.31
CA GLY IA 83 34.68 -57.90 26.44
C GLY IA 83 33.75 -59.10 26.54
N ALA IA 84 32.54 -58.90 27.05
CA ALA IA 84 31.58 -59.99 27.18
C ALA IA 84 31.01 -60.36 25.83
N GLU IA 85 30.88 -61.66 25.57
CA GLU IA 85 30.37 -62.15 24.30
C GLU IA 85 28.86 -62.34 24.30
N PHE IA 86 28.25 -62.56 25.45
CA PHE IA 86 26.80 -62.62 25.55
C PHE IA 86 26.33 -61.92 26.81
N ILE IA 87 25.07 -61.51 26.79
CA ILE IA 87 24.42 -60.78 27.88
C ILE IA 87 23.23 -61.60 28.35
N VAL IA 88 23.09 -61.75 29.66
CA VAL IA 88 21.98 -62.50 30.25
C VAL IA 88 21.27 -61.61 31.25
N SER IA 89 19.97 -61.85 31.44
CA SER IA 89 19.12 -61.03 32.30
C SER IA 89 18.07 -61.91 32.97
N PRO IA 90 17.74 -61.67 34.24
CA PRO IA 90 16.73 -62.50 34.91
C PRO IA 90 15.29 -62.15 34.52
N HIS IA 91 15.11 -61.12 33.72
CA HIS IA 91 13.81 -60.59 33.35
C HIS IA 91 13.81 -60.27 31.87
N LEU IA 92 12.69 -59.80 31.38
CA LEU IA 92 12.60 -59.28 30.03
C LEU IA 92 12.47 -57.76 30.08
N ASP IA 93 13.30 -57.07 29.31
CA ASP IA 93 13.18 -55.63 29.13
C ASP IA 93 13.30 -55.34 27.64
N GLU IA 94 12.34 -54.61 27.11
CA GLU IA 94 12.35 -54.33 25.68
C GLU IA 94 13.34 -53.25 25.31
N GLU IA 95 13.78 -52.42 26.25
CA GLU IA 95 14.79 -51.41 25.96
C GLU IA 95 16.20 -51.96 26.00
N ILE IA 96 16.52 -52.80 27.00
CA ILE IA 96 17.82 -53.48 27.01
C ILE IA 96 17.96 -54.39 25.81
N SER IA 97 16.84 -54.74 25.17
CA SER IA 97 16.82 -55.59 23.99
C SER IA 97 16.89 -54.80 22.70
N GLN IA 98 16.20 -53.67 22.60
CA GLN IA 98 16.26 -52.88 21.38
C GLN IA 98 17.56 -52.07 21.30
N PHE IA 99 18.19 -51.75 22.44
CA PHE IA 99 19.59 -51.34 22.40
C PHE IA 99 20.52 -52.52 22.66
N CYS IA 100 20.25 -53.68 22.07
CA CYS IA 100 21.20 -54.78 22.03
C CYS IA 100 21.13 -55.37 20.63
N LYS IA 101 19.93 -55.27 20.04
CA LYS IA 101 19.72 -55.64 18.65
C LYS IA 101 20.52 -54.76 17.71
N GLU IA 102 20.69 -53.49 18.09
CA GLU IA 102 21.43 -52.52 17.29
C GLU IA 102 22.93 -52.71 17.39
N LYS IA 103 23.43 -53.18 18.53
CA LYS IA 103 24.86 -53.38 18.71
C LYS IA 103 25.36 -54.68 18.11
N GLY IA 104 24.45 -55.64 17.87
CA GLY IA 104 24.85 -56.93 17.38
C GLY IA 104 25.37 -57.88 18.45
N VAL IA 105 24.83 -57.80 19.66
CA VAL IA 105 25.30 -58.59 20.80
C VAL IA 105 24.19 -59.59 21.14
N PHE IA 106 24.59 -60.81 21.52
CA PHE IA 106 23.63 -61.86 21.82
C PHE IA 106 23.01 -61.60 23.20
N TYR IA 107 21.71 -61.38 23.23
CA TYR IA 107 20.97 -61.10 24.46
C TYR IA 107 20.02 -62.27 24.76
N MET IA 108 20.07 -62.76 25.99
CA MET IA 108 19.19 -63.84 26.45
C MET IA 108 18.30 -63.36 27.59
N PRO IA 109 17.06 -62.95 27.31
CA PRO IA 109 16.16 -62.54 28.40
C PRO IA 109 15.76 -63.73 29.25
N GLY IA 110 15.11 -63.43 30.36
CA GLY IA 110 14.55 -64.44 31.24
C GLY IA 110 13.04 -64.30 31.29
N VAL IA 111 12.35 -65.44 31.25
CA VAL IA 111 10.89 -65.46 31.23
C VAL IA 111 10.41 -66.50 32.23
N MET IA 112 9.15 -66.37 32.64
CA MET IA 112 8.56 -67.35 33.52
C MET IA 112 7.12 -67.69 33.15
N THR IA 113 6.45 -66.89 32.33
CA THR IA 113 5.08 -67.07 31.91
C THR IA 113 5.00 -67.01 30.39
N PRO IA 114 3.94 -67.57 29.78
CA PRO IA 114 3.83 -67.52 28.31
C PRO IA 114 3.59 -66.12 27.75
N THR IA 115 3.08 -65.17 28.54
CA THR IA 115 2.91 -63.83 28.01
C THR IA 115 4.25 -63.13 27.82
N GLU IA 116 5.14 -63.25 28.81
CA GLU IA 116 6.51 -62.76 28.65
C GLU IA 116 7.22 -63.51 27.53
N LEU IA 117 6.93 -64.80 27.39
CA LEU IA 117 7.51 -65.59 26.30
C LEU IA 117 7.13 -65.02 24.95
N VAL IA 118 5.85 -64.72 24.75
CA VAL IA 118 5.42 -64.19 23.47
C VAL IA 118 5.95 -62.78 23.24
N LYS IA 119 6.08 -61.97 24.29
CA LYS IA 119 6.65 -60.63 24.09
C LYS IA 119 8.13 -60.71 23.76
N ALA IA 120 8.84 -61.71 24.29
CA ALA IA 120 10.24 -61.91 23.91
C ALA IA 120 10.35 -62.38 22.47
N MET IA 121 9.51 -63.34 22.07
CA MET IA 121 9.51 -63.82 20.70
C MET IA 121 9.17 -62.72 19.70
N LYS IA 122 8.33 -61.76 20.11
CA LYS IA 122 8.02 -60.64 19.22
C LYS IA 122 9.16 -59.64 19.10
N LEU IA 123 10.25 -59.83 19.85
CA LEU IA 123 11.46 -59.03 19.69
C LEU IA 123 12.59 -59.85 19.07
N GLY IA 124 12.27 -61.00 18.51
CA GLY IA 124 13.25 -61.86 17.87
C GLY IA 124 14.13 -62.66 18.80
N HIS IA 125 13.55 -63.22 19.86
CA HIS IA 125 14.27 -64.09 20.79
C HIS IA 125 13.69 -65.49 20.67
N THR IA 126 14.53 -66.45 20.28
CA THR IA 126 14.12 -67.85 20.22
C THR IA 126 14.85 -68.70 21.23
N ILE IA 127 15.86 -68.16 21.90
CA ILE IA 127 16.53 -68.83 23.01
C ILE IA 127 16.26 -67.99 24.25
N LEU IA 128 15.64 -68.60 25.24
CA LEU IA 128 15.22 -67.90 26.43
C LEU IA 128 15.83 -68.58 27.65
N LYS IA 129 15.99 -67.80 28.71
CA LYS IA 129 16.41 -68.33 29.99
C LYS IA 129 15.16 -68.53 30.85
N LEU IA 130 15.03 -69.71 31.43
CA LEU IA 130 13.87 -70.06 32.22
C LEU IA 130 14.23 -69.91 33.69
N PHE IA 131 13.76 -68.83 34.30
CA PHE IA 131 14.15 -68.47 35.66
C PHE IA 131 12.93 -67.99 36.44
N PRO IA 132 12.74 -68.48 37.68
CA PRO IA 132 13.47 -69.59 38.30
C PRO IA 132 12.99 -70.97 37.86
N GLY IA 133 13.94 -71.78 37.36
CA GLY IA 133 13.58 -73.08 36.82
C GLY IA 133 12.94 -74.00 37.84
N GLU IA 134 13.45 -73.97 39.07
CA GLU IA 134 12.95 -74.88 40.11
C GLU IA 134 11.50 -74.62 40.48
N VAL IA 135 11.01 -73.41 40.26
CA VAL IA 135 9.62 -73.10 40.56
C VAL IA 135 8.69 -73.71 39.51
N VAL IA 136 9.06 -73.61 38.23
CA VAL IA 136 8.21 -74.12 37.17
C VAL IA 136 8.52 -75.56 36.78
N GLY IA 137 9.73 -76.05 37.04
CA GLY IA 137 10.09 -77.42 36.79
C GLY IA 137 10.17 -77.77 35.32
N PRO IA 138 10.57 -79.01 35.02
CA PRO IA 138 10.71 -79.43 33.61
C PRO IA 138 9.39 -79.56 32.87
N GLN IA 139 8.26 -79.52 33.58
CA GLN IA 139 6.97 -79.63 32.94
C GLN IA 139 6.56 -78.36 32.20
N PHE IA 140 7.15 -77.22 32.53
CA PHE IA 140 6.88 -75.99 31.79
C PHE IA 140 7.44 -76.08 30.38
N VAL IA 141 8.58 -76.73 30.19
CA VAL IA 141 9.16 -76.87 28.87
C VAL IA 141 8.35 -77.85 28.03
N LYS IA 142 7.93 -78.96 28.63
CA LYS IA 142 7.07 -79.92 27.95
C LYS IA 142 5.69 -79.34 27.63
N ALA IA 143 5.21 -78.37 28.41
CA ALA IA 143 3.94 -77.74 28.08
C ALA IA 143 4.08 -76.59 27.10
N MET IA 144 5.27 -76.02 26.96
CA MET IA 144 5.50 -74.99 25.95
C MET IA 144 5.86 -75.58 24.60
N LYS IA 145 6.31 -76.84 24.58
CA LYS IA 145 6.62 -77.49 23.30
C LYS IA 145 5.47 -77.37 22.31
N GLY IA 146 4.23 -77.58 22.78
CA GLY IA 146 3.07 -77.62 21.92
C GLY IA 146 2.82 -76.36 21.12
N PRO IA 147 2.42 -75.27 21.78
CA PRO IA 147 2.11 -74.04 21.03
C PRO IA 147 3.32 -73.32 20.48
N PHE IA 148 4.46 -73.40 21.15
CA PHE IA 148 5.69 -72.68 20.78
C PHE IA 148 6.80 -73.69 20.52
N PRO IA 149 6.78 -74.34 19.34
CA PRO IA 149 7.77 -75.41 19.10
C PRO IA 149 9.16 -74.90 18.71
N ASN IA 150 9.32 -73.63 18.38
CA ASN IA 150 10.61 -73.10 17.94
C ASN IA 150 11.42 -72.45 19.06
N VAL IA 151 10.93 -72.49 20.29
CA VAL IA 151 11.58 -71.83 21.42
C VAL IA 151 12.36 -72.87 22.21
N LYS IA 152 13.59 -72.54 22.58
CA LYS IA 152 14.47 -73.38 23.38
C LYS IA 152 14.86 -72.65 24.66
N PHE IA 153 14.93 -73.40 25.76
CA PHE IA 153 15.13 -72.82 27.07
C PHE IA 153 16.50 -73.20 27.64
N VAL IA 154 17.07 -72.29 28.41
CA VAL IA 154 18.26 -72.56 29.21
C VAL IA 154 17.85 -72.37 30.67
N PRO IA 155 17.38 -73.41 31.34
CA PRO IA 155 16.87 -73.24 32.71
C PRO IA 155 17.98 -72.90 33.70
N THR IA 156 17.73 -71.85 34.49
CA THR IA 156 18.61 -71.46 35.58
C THR IA 156 17.81 -71.48 36.88
N GLY IA 157 18.45 -71.90 37.95
CA GLY IA 157 17.79 -72.02 39.23
C GLY IA 157 17.49 -73.44 39.64
N GLY IA 158 18.17 -73.89 40.69
CA GLY IA 158 17.90 -75.21 41.26
C GLY IA 158 18.17 -76.37 40.34
N VAL IA 159 19.24 -76.30 39.54
CA VAL IA 159 19.70 -77.42 38.73
C VAL IA 159 20.87 -78.07 39.44
N ASN IA 160 20.84 -79.40 39.55
CA ASN IA 160 21.89 -80.14 40.22
C ASN IA 160 22.06 -81.48 39.51
N LEU IA 161 22.89 -82.34 40.09
CA LEU IA 161 23.24 -83.60 39.43
C LEU IA 161 22.02 -84.50 39.26
N ASP IA 162 21.09 -84.45 40.21
CA ASP IA 162 19.99 -85.41 40.20
C ASP IA 162 18.93 -85.09 39.14
N ASN IA 163 18.63 -83.82 38.90
CA ASN IA 163 17.55 -83.46 37.98
C ASN IA 163 18.04 -82.92 36.65
N VAL IA 164 19.35 -82.97 36.39
CA VAL IA 164 19.83 -82.47 35.12
C VAL IA 164 19.45 -83.43 33.98
N CYS IA 165 19.40 -84.72 34.26
CA CYS IA 165 18.96 -85.66 33.23
C CYS IA 165 17.47 -85.48 32.94
N GLU IA 166 16.68 -85.15 33.97
CA GLU IA 166 15.26 -84.86 33.77
C GLU IA 166 15.08 -83.59 32.95
N TRP IA 167 15.87 -82.56 33.23
CA TRP IA 167 15.81 -81.34 32.44
C TRP IA 167 16.18 -81.57 30.99
N PHE IA 168 17.15 -82.45 30.75
CA PHE IA 168 17.56 -82.70 29.36
C PHE IA 168 16.59 -83.61 28.63
N LYS IA 169 15.92 -84.52 29.35
CA LYS IA 169 14.83 -85.27 28.74
C LYS IA 169 13.67 -84.35 28.37
N ALA IA 170 13.41 -83.32 29.18
CA ALA IA 170 12.33 -82.41 28.87
C ALA IA 170 12.57 -81.64 27.58
N GLY IA 171 13.81 -81.46 27.15
CA GLY IA 171 14.08 -80.90 25.84
C GLY IA 171 14.83 -79.59 25.84
N VAL IA 172 15.46 -79.24 26.95
CA VAL IA 172 16.15 -77.95 27.07
C VAL IA 172 17.39 -77.94 26.19
N LEU IA 173 17.94 -76.76 25.91
CA LEU IA 173 19.11 -76.60 25.07
C LEU IA 173 20.41 -76.66 25.85
N ALA IA 174 20.46 -75.97 26.99
CA ALA IA 174 21.59 -76.03 27.90
C ALA IA 174 21.04 -75.80 29.29
N VAL IA 175 21.90 -75.90 30.30
CA VAL IA 175 21.52 -75.62 31.68
C VAL IA 175 22.51 -74.64 32.28
N GLY IA 176 22.01 -73.66 33.01
CA GLY IA 176 22.85 -72.78 33.79
C GLY IA 176 22.94 -73.23 35.23
N VAL IA 177 24.13 -73.60 35.69
CA VAL IA 177 24.30 -74.14 37.04
C VAL IA 177 25.05 -73.13 37.88
N GLY IA 178 24.50 -72.85 39.07
CA GLY IA 178 25.08 -71.90 40.00
C GLY IA 178 25.60 -72.50 41.29
N SER IA 179 24.80 -72.38 42.35
CA SER IA 179 25.25 -72.69 43.70
C SER IA 179 25.71 -74.13 43.84
N ALA IA 180 25.20 -75.04 43.02
CA ALA IA 180 25.59 -76.44 43.09
C ALA IA 180 26.89 -76.71 42.35
N LEU IA 181 27.41 -75.74 41.62
CA LEU IA 181 28.65 -75.89 40.88
C LEU IA 181 29.80 -75.06 41.45
N VAL IA 182 29.55 -73.78 41.72
CA VAL IA 182 30.65 -72.86 42.05
C VAL IA 182 30.91 -72.68 43.53
N LYS IA 183 30.00 -73.09 44.41
CA LYS IA 183 30.24 -72.90 45.84
C LYS IA 183 31.37 -73.80 46.33
N GLY IA 184 32.00 -73.37 47.42
CA GLY IA 184 33.13 -74.09 47.97
C GLY IA 184 34.47 -73.49 47.58
N THR IA 185 35.52 -74.26 47.87
CA THR IA 185 36.88 -73.85 47.52
C THR IA 185 37.10 -73.99 46.02
N PRO IA 186 38.10 -73.30 45.45
CA PRO IA 186 38.25 -73.32 43.99
C PRO IA 186 38.91 -74.59 43.48
N ASP IA 187 39.01 -75.60 44.33
CA ASP IA 187 39.39 -76.94 43.88
C ASP IA 187 38.26 -77.94 43.98
N GLU IA 188 37.36 -77.76 44.96
CA GLU IA 188 36.10 -78.51 44.95
C GLU IA 188 35.28 -78.17 43.72
N VAL IA 189 35.33 -76.91 43.28
CA VAL IA 189 34.63 -76.50 42.08
C VAL IA 189 35.20 -77.22 40.85
N ARG IA 190 36.50 -77.47 40.85
CA ARG IA 190 37.13 -78.14 39.71
C ARG IA 190 36.65 -79.58 39.58
N GLU IA 191 36.24 -80.19 40.68
CA GLU IA 191 35.71 -81.55 40.68
C GLU IA 191 34.20 -81.56 40.42
N LYS IA 192 33.49 -80.57 40.96
CA LYS IA 192 32.07 -80.43 40.65
C LYS IA 192 31.84 -80.22 39.17
N ALA IA 193 32.68 -79.41 38.52
CA ALA IA 193 32.54 -79.20 37.09
C ALA IA 193 32.80 -80.48 36.31
N LYS IA 194 33.77 -81.29 36.76
CA LYS IA 194 34.04 -82.56 36.11
C LYS IA 194 32.83 -83.49 36.24
N ALA IA 195 32.27 -83.57 37.44
CA ALA IA 195 31.08 -84.39 37.66
C ALA IA 195 29.94 -83.95 36.78
N PHE IA 196 29.67 -82.64 36.74
CA PHE IA 196 28.56 -82.13 35.92
C PHE IA 196 28.77 -82.45 34.45
N VAL IA 197 29.99 -82.22 33.93
CA VAL IA 197 30.24 -82.46 32.51
C VAL IA 197 30.11 -83.93 32.18
N GLU IA 198 30.64 -84.82 33.03
CA GLU IA 198 30.57 -86.24 32.74
C GLU IA 198 29.14 -86.74 32.80
N LYS IA 199 28.34 -86.23 33.75
CA LYS IA 199 26.94 -86.67 33.82
C LYS IA 199 26.13 -86.13 32.64
N ILE IA 200 26.36 -84.88 32.24
CA ILE IA 200 25.61 -84.33 31.12
C ILE IA 200 25.96 -85.07 29.83
N ARG IA 201 27.20 -85.55 29.71
CA ARG IA 201 27.56 -86.30 28.50
C ARG IA 201 27.17 -87.76 28.59
N GLY IA 202 27.04 -88.30 29.81
CA GLY IA 202 26.59 -89.66 29.99
C GLY IA 202 25.12 -89.85 29.69
N CYS IA 203 24.25 -89.30 30.53
CA CYS IA 203 22.82 -89.51 30.34
C CYS IA 203 22.30 -88.65 29.19
N MET JA 3 7.13 -47.87 57.39
CA MET JA 3 6.34 -49.07 57.53
C MET JA 3 7.22 -50.32 57.55
N GLU JA 4 8.43 -50.20 57.01
CA GLU JA 4 9.35 -51.34 57.06
C GLU JA 4 9.72 -51.68 58.49
N GLU JA 5 9.88 -50.67 59.35
CA GLU JA 5 10.20 -50.91 60.74
C GLU JA 5 9.06 -51.62 61.46
N LEU JA 6 7.82 -51.20 61.21
CA LEU JA 6 6.68 -51.87 61.83
C LEU JA 6 6.53 -53.31 61.34
N PHE JA 7 6.79 -53.54 60.06
CA PHE JA 7 6.72 -54.91 59.54
C PHE JA 7 7.82 -55.78 60.12
N LYS JA 8 9.03 -55.23 60.28
CA LYS JA 8 10.10 -55.99 60.94
C LYS JA 8 9.77 -56.28 62.40
N LYS JA 9 9.10 -55.34 63.07
CA LYS JA 9 8.87 -55.49 64.50
C LYS JA 9 7.73 -56.46 64.79
N HIS JA 10 6.59 -56.30 64.12
CA HIS JA 10 5.41 -57.09 64.41
C HIS JA 10 5.41 -58.43 63.67
N LYS JA 11 5.88 -58.46 62.43
CA LYS JA 11 6.22 -59.67 61.69
C LYS JA 11 5.01 -60.49 61.26
N ILE JA 12 3.80 -59.95 61.40
CA ILE JA 12 2.61 -60.65 60.94
C ILE JA 12 1.52 -59.63 60.67
N VAL JA 13 0.88 -59.76 59.51
CA VAL JA 13 -0.25 -58.94 59.13
C VAL JA 13 -1.46 -59.84 58.99
N ALA JA 14 -2.59 -59.40 59.52
CA ALA JA 14 -3.83 -60.17 59.45
C ALA JA 14 -4.68 -59.62 58.32
N VAL JA 15 -4.84 -60.42 57.26
CA VAL JA 15 -5.62 -60.04 56.09
C VAL JA 15 -7.06 -60.48 56.33
N LEU JA 16 -7.99 -59.54 56.30
CA LEU JA 16 -9.35 -59.78 56.76
C LEU JA 16 -10.32 -59.63 55.61
N ARG JA 17 -11.01 -60.73 55.28
CA ARG JA 17 -12.09 -60.78 54.31
C ARG JA 17 -13.33 -61.30 55.03
N ALA JA 18 -14.42 -60.55 54.96
CA ALA JA 18 -15.67 -60.93 55.58
C ALA JA 18 -16.82 -60.59 54.66
N ASN JA 19 -17.97 -61.23 54.91
CA ASN JA 19 -19.17 -60.99 54.14
C ASN JA 19 -20.05 -59.89 54.74
N ASP JA 20 -19.65 -59.31 55.85
CA ASP JA 20 -20.39 -58.25 56.53
C ASP JA 20 -19.40 -57.25 57.09
N ALA JA 21 -19.89 -56.03 57.35
CA ALA JA 21 -19.04 -55.00 57.95
C ALA JA 21 -18.99 -55.09 59.47
N GLN JA 22 -19.92 -55.81 60.10
CA GLN JA 22 -19.88 -55.99 61.54
C GLN JA 22 -18.96 -57.15 61.93
N GLU JA 23 -19.00 -58.23 61.15
CA GLU JA 23 -18.07 -59.33 61.35
C GLU JA 23 -16.63 -58.86 61.19
N ALA JA 24 -16.39 -57.94 60.25
CA ALA JA 24 -15.05 -57.41 60.05
C ALA JA 24 -14.56 -56.68 61.30
N ARG JA 25 -15.41 -55.85 61.90
CA ARG JA 25 -15.02 -55.11 63.09
C ARG JA 25 -14.81 -56.05 64.28
N GLU JA 26 -15.70 -57.03 64.42
CA GLU JA 26 -15.55 -58.02 65.50
C GLU JA 26 -14.24 -58.77 65.38
N LYS JA 27 -13.91 -59.25 64.17
CA LYS JA 27 -12.69 -60.02 63.99
C LYS JA 27 -11.44 -59.14 64.10
N ALA JA 28 -11.52 -57.88 63.67
CA ALA JA 28 -10.36 -57.01 63.82
C ALA JA 28 -10.05 -56.75 65.28
N LEU JA 29 -11.09 -56.57 66.11
CA LEU JA 29 -10.80 -56.38 67.54
C LEU JA 29 -10.35 -57.69 68.18
N ALA JA 30 -10.91 -58.82 67.76
CA ALA JA 30 -10.46 -60.12 68.27
C ALA JA 30 -9.01 -60.40 67.90
N VAL JA 31 -8.57 -59.95 66.72
CA VAL JA 31 -7.18 -60.14 66.29
C VAL JA 31 -6.25 -59.21 67.05
N PHE JA 32 -6.66 -57.96 67.28
CA PHE JA 32 -5.87 -57.08 68.12
C PHE JA 32 -5.77 -57.58 69.55
N GLU JA 33 -6.78 -58.31 70.04
CA GLU JA 33 -6.70 -58.89 71.38
C GLU JA 33 -5.76 -60.08 71.44
N GLY JA 34 -5.51 -60.76 70.33
CA GLY JA 34 -4.58 -61.87 70.29
C GLY JA 34 -3.12 -61.44 70.24
N GLY JA 35 -2.86 -60.21 69.86
CA GLY JA 35 -1.53 -59.67 69.79
C GLY JA 35 -1.02 -59.33 68.41
N VAL JA 36 -1.89 -59.25 67.41
CA VAL JA 36 -1.51 -58.86 66.06
C VAL JA 36 -1.80 -57.37 65.89
N HIS JA 37 -0.74 -56.59 65.69
CA HIS JA 37 -0.88 -55.14 65.60
C HIS JA 37 -1.09 -54.63 64.18
N LEU JA 38 -0.78 -55.43 63.17
CA LEU JA 38 -0.92 -55.04 61.77
C LEU JA 38 -2.14 -55.75 61.21
N ILE JA 39 -3.13 -54.99 60.76
CA ILE JA 39 -4.37 -55.56 60.21
C ILE JA 39 -4.74 -54.92 58.88
N GLU JA 40 -5.28 -55.71 57.95
CA GLU JA 40 -5.66 -55.21 56.66
C GLU JA 40 -7.07 -55.57 56.35
N ILE JA 41 -7.85 -54.59 55.94
CA ILE JA 41 -9.23 -54.82 55.62
C ILE JA 41 -9.30 -54.83 54.13
N THR JA 42 -9.74 -55.92 53.57
CA THR JA 42 -9.78 -56.08 52.16
C THR JA 42 -10.96 -55.36 51.58
N PHE JA 43 -10.80 -54.77 50.43
CA PHE JA 43 -11.84 -53.99 49.86
C PHE JA 43 -12.79 -54.91 49.16
N THR JA 44 -13.06 -56.04 49.76
CA THR JA 44 -14.00 -56.99 49.22
C THR JA 44 -15.02 -57.14 50.32
N VAL JA 45 -14.70 -56.65 51.51
CA VAL JA 45 -15.63 -56.64 52.63
C VAL JA 45 -16.55 -55.50 52.37
N PRO JA 46 -17.86 -55.71 52.49
CA PRO JA 46 -18.82 -54.66 52.17
C PRO JA 46 -18.67 -53.41 53.05
N ASN JA 47 -18.69 -52.22 52.49
CA ASN JA 47 -18.46 -50.99 53.26
C ASN JA 47 -17.19 -51.09 54.07
N ALA JA 48 -16.05 -51.18 53.38
CA ALA JA 48 -14.77 -51.40 54.04
C ALA JA 48 -14.11 -50.13 54.50
N ALA JA 49 -14.28 -49.02 53.77
CA ALA JA 49 -13.76 -47.75 54.25
C ALA JA 49 -14.47 -47.32 55.52
N ALA JA 50 -15.74 -47.70 55.68
CA ALA JA 50 -16.44 -47.43 56.92
C ALA JA 50 -15.86 -48.24 58.08
N VAL JA 51 -15.48 -49.49 57.84
CA VAL JA 51 -14.82 -50.28 58.88
C VAL JA 51 -13.48 -49.66 59.25
N ILE JA 52 -12.72 -49.20 58.24
CA ILE JA 52 -11.44 -48.57 58.52
C ILE JA 52 -11.62 -47.30 59.32
N LEU JA 53 -12.70 -46.56 59.06
CA LEU JA 53 -12.97 -45.33 59.79
C LEU JA 53 -13.46 -45.59 61.20
N LEU JA 54 -14.24 -46.65 61.40
CA LEU JA 54 -14.80 -46.94 62.71
C LEU JA 54 -13.91 -47.85 63.55
N LEU JA 55 -12.73 -48.21 63.05
CA LEU JA 55 -11.72 -48.87 63.88
C LEU JA 55 -10.64 -47.88 64.30
N SER JA 56 -10.99 -46.60 64.34
CA SER JA 56 -10.05 -45.58 64.81
C SER JA 56 -9.73 -45.74 66.29
N PHE JA 57 -10.65 -46.30 67.06
CA PHE JA 57 -10.40 -46.46 68.50
C PHE JA 57 -9.23 -47.39 68.76
N LEU JA 58 -8.97 -48.35 67.87
CA LEU JA 58 -7.78 -49.20 67.98
C LEU JA 58 -6.52 -48.48 67.52
N LYS JA 59 -6.65 -47.39 66.77
CA LYS JA 59 -5.49 -46.64 66.31
C LYS JA 59 -4.66 -46.12 67.48
N GLU JA 60 -5.33 -45.68 68.55
CA GLU JA 60 -4.63 -45.14 69.72
C GLU JA 60 -4.01 -46.23 70.58
N LYS JA 61 -4.49 -47.46 70.48
CA LYS JA 61 -3.95 -48.55 71.26
C LYS JA 61 -2.73 -49.19 70.62
N GLY JA 62 -2.25 -48.64 69.51
CA GLY JA 62 -1.04 -49.12 68.87
C GLY JA 62 -1.23 -50.00 67.67
N ALA JA 63 -2.45 -50.16 67.18
CA ALA JA 63 -2.71 -50.98 66.01
C ALA JA 63 -2.53 -50.18 64.73
N ILE JA 64 -2.02 -50.85 63.70
CA ILE JA 64 -1.89 -50.27 62.36
C ILE JA 64 -2.96 -50.91 61.50
N ILE JA 65 -3.76 -50.08 60.82
CA ILE JA 65 -4.86 -50.53 59.97
C ILE JA 65 -4.55 -50.10 58.54
N GLY JA 66 -4.73 -51.02 57.59
CA GLY JA 66 -4.51 -50.73 56.19
C GLY JA 66 -5.58 -51.35 55.32
N ALA JA 67 -5.53 -51.00 54.04
CA ALA JA 67 -6.50 -51.44 53.05
C ALA JA 67 -5.84 -52.37 52.04
N GLY JA 68 -6.54 -53.43 51.67
CA GLY JA 68 -6.06 -54.39 50.71
C GLY JA 68 -7.01 -54.57 49.53
N THR JA 69 -6.56 -55.37 48.57
CA THR JA 69 -7.31 -55.66 47.34
C THR JA 69 -7.68 -54.36 46.63
N VAL JA 70 -6.77 -53.39 46.67
CA VAL JA 70 -7.01 -52.11 46.01
C VAL JA 70 -6.58 -52.23 44.55
N THR JA 71 -7.56 -52.12 43.65
CA THR JA 71 -7.33 -52.28 42.22
C THR JA 71 -7.65 -51.00 41.45
N SER JA 72 -7.70 -49.86 42.12
CA SER JA 72 -8.04 -48.61 41.46
C SER JA 72 -7.45 -47.46 42.25
N GLU JA 73 -7.42 -46.28 41.61
CA GLU JA 73 -6.92 -45.09 42.27
C GLU JA 73 -7.99 -44.43 43.15
N GLU JA 74 -9.26 -44.61 42.80
CA GLU JA 74 -10.33 -44.11 43.65
C GLU JA 74 -10.48 -44.93 44.92
N GLN JA 75 -10.17 -46.23 44.88
CA GLN JA 75 -10.15 -47.03 46.08
C GLN JA 75 -8.95 -46.72 46.97
N CYS JA 76 -7.91 -46.11 46.42
CA CYS JA 76 -6.82 -45.61 47.24
C CYS JA 76 -7.15 -44.26 47.85
N ALA JA 77 -7.85 -43.40 47.10
CA ALA JA 77 -8.30 -42.14 47.65
C ALA JA 77 -9.29 -42.36 48.80
N LEU JA 78 -10.26 -43.26 48.59
CA LEU JA 78 -11.26 -43.55 49.61
C LEU JA 78 -10.62 -44.13 50.87
N ALA JA 79 -9.58 -44.94 50.72
CA ALA JA 79 -8.95 -45.61 51.83
C ALA JA 79 -8.01 -44.69 52.59
N VAL JA 80 -7.33 -43.78 51.90
CA VAL JA 80 -6.54 -42.78 52.60
C VAL JA 80 -7.45 -41.79 53.31
N LEU JA 81 -8.62 -41.49 52.72
CA LEU JA 81 -9.60 -40.65 53.41
C LEU JA 81 -10.04 -41.30 54.71
N SER JA 82 -10.54 -42.54 54.64
CA SER JA 82 -11.04 -43.20 55.83
C SER JA 82 -9.97 -43.40 56.91
N GLY JA 83 -8.69 -43.38 56.55
CA GLY JA 83 -7.66 -43.45 57.57
C GLY JA 83 -6.65 -44.58 57.46
N ALA JA 84 -6.57 -45.24 56.31
CA ALA JA 84 -5.67 -46.36 56.14
C ALA JA 84 -4.22 -45.91 56.16
N GLU JA 85 -3.38 -46.62 56.93
CA GLU JA 85 -1.97 -46.30 57.01
C GLU JA 85 -1.19 -46.84 55.82
N PHE JA 86 -1.57 -48.00 55.29
CA PHE JA 86 -0.89 -48.58 54.14
C PHE JA 86 -1.90 -49.15 53.16
N ILE JA 87 -1.46 -49.26 51.90
CA ILE JA 87 -2.26 -49.77 50.80
C ILE JA 87 -1.58 -51.02 50.26
N VAL JA 88 -2.37 -52.04 49.92
CA VAL JA 88 -1.86 -53.30 49.37
C VAL JA 88 -2.67 -53.65 48.12
N SER JA 89 -2.04 -54.39 47.22
CA SER JA 89 -2.67 -54.85 45.98
C SER JA 89 -2.22 -56.27 45.70
N PRO JA 90 -3.06 -57.09 45.07
CA PRO JA 90 -2.62 -58.42 44.66
C PRO JA 90 -1.82 -58.41 43.36
N HIS JA 91 -1.79 -57.29 42.67
CA HIS JA 91 -1.08 -57.13 41.40
C HIS JA 91 -0.14 -55.94 41.50
N LEU JA 92 0.47 -55.58 40.38
CA LEU JA 92 1.30 -54.38 40.29
C LEU JA 92 0.67 -53.42 39.30
N ASP JA 93 0.34 -52.21 39.75
CA ASP JA 93 -0.22 -51.20 38.88
C ASP JA 93 0.66 -49.96 38.93
N GLU JA 94 0.99 -49.43 37.76
CA GLU JA 94 1.92 -48.31 37.66
C GLU JA 94 1.26 -46.96 37.85
N GLU JA 95 -0.07 -46.89 37.89
CA GLU JA 95 -0.77 -45.65 38.22
C GLU JA 95 -1.13 -45.57 39.69
N ILE JA 96 -1.58 -46.66 40.30
CA ILE JA 96 -1.79 -46.70 41.74
C ILE JA 96 -0.49 -46.47 42.50
N SER JA 97 0.65 -46.47 41.80
CA SER JA 97 1.96 -46.24 42.39
C SER JA 97 2.49 -44.84 42.12
N GLN JA 98 2.36 -44.33 40.89
CA GLN JA 98 2.74 -42.96 40.63
C GLN JA 98 1.86 -41.99 41.39
N PHE JA 99 0.58 -42.32 41.58
CA PHE JA 99 -0.34 -41.46 42.29
C PHE JA 99 -0.40 -41.75 43.78
N CYS JA 100 0.44 -42.63 44.28
CA CYS JA 100 0.52 -42.92 45.72
C CYS JA 100 1.84 -42.41 46.18
N LYS JA 101 2.83 -42.38 45.31
CA LYS JA 101 4.09 -41.73 45.66
C LYS JA 101 3.85 -40.27 46.02
N GLU JA 102 3.12 -39.55 45.17
CA GLU JA 102 2.84 -38.14 45.43
C GLU JA 102 2.02 -37.96 46.70
N LYS JA 103 1.11 -38.89 46.99
CA LYS JA 103 0.34 -38.84 48.22
C LYS JA 103 1.20 -39.07 49.45
N GLY JA 104 2.39 -39.64 49.31
CA GLY JA 104 3.19 -40.02 50.46
C GLY JA 104 2.60 -41.13 51.30
N VAL JA 105 1.99 -42.13 50.66
CA VAL JA 105 1.41 -43.27 51.36
C VAL JA 105 2.21 -44.51 51.01
N PHE JA 106 2.25 -45.46 51.94
CA PHE JA 106 3.01 -46.68 51.75
C PHE JA 106 2.20 -47.66 50.91
N TYR JA 107 2.69 -47.95 49.71
CA TYR JA 107 2.06 -48.87 48.78
C TYR JA 107 2.92 -50.14 48.67
N MET JA 108 2.30 -51.29 48.89
CA MET JA 108 2.98 -52.58 48.77
C MET JA 108 2.31 -53.41 47.69
N PRO JA 109 2.81 -53.40 46.46
CA PRO JA 109 2.18 -54.18 45.39
C PRO JA 109 2.53 -55.65 45.49
N GLY JA 110 1.85 -56.44 44.68
CA GLY JA 110 2.06 -57.88 44.65
C GLY JA 110 2.71 -58.31 43.36
N VAL JA 111 3.63 -59.27 43.46
CA VAL JA 111 4.37 -59.78 42.32
C VAL JA 111 4.36 -61.30 42.37
N MET JA 112 4.59 -61.91 41.22
CA MET JA 112 4.73 -63.36 41.14
C MET JA 112 5.91 -63.81 40.31
N THR JA 113 6.42 -63.00 39.39
CA THR JA 113 7.54 -63.29 38.51
C THR JA 113 8.61 -62.23 38.65
N PRO JA 114 9.86 -62.55 38.31
CA PRO JA 114 10.93 -61.54 38.41
C PRO JA 114 10.81 -60.37 37.45
N THR JA 115 10.02 -60.46 36.37
CA THR JA 115 9.83 -59.31 35.51
C THR JA 115 8.96 -58.25 36.17
N GLU JA 116 7.85 -58.69 36.79
CA GLU JA 116 7.05 -57.79 37.61
C GLU JA 116 7.86 -57.26 38.79
N LEU JA 117 8.75 -58.09 39.34
CA LEU JA 117 9.61 -57.67 40.43
C LEU JA 117 10.52 -56.52 40.00
N VAL JA 118 11.15 -56.64 38.84
CA VAL JA 118 12.02 -55.58 38.36
C VAL JA 118 11.24 -54.32 38.02
N LYS JA 119 10.01 -54.45 37.53
CA LYS JA 119 9.20 -53.25 37.32
C LYS JA 119 8.84 -52.54 38.62
N ALA JA 120 8.50 -53.32 39.66
CA ALA JA 120 8.25 -52.73 40.96
C ALA JA 120 9.49 -52.04 41.51
N MET JA 121 10.65 -52.68 41.38
CA MET JA 121 11.89 -52.06 41.84
C MET JA 121 12.22 -50.80 41.06
N LYS JA 122 11.93 -50.76 39.77
CA LYS JA 122 12.14 -49.56 38.97
C LYS JA 122 11.12 -48.47 39.27
N LEU JA 123 10.03 -48.81 39.94
CA LEU JA 123 9.11 -47.80 40.44
C LEU JA 123 9.40 -47.40 41.88
N GLY JA 124 10.41 -48.01 42.52
CA GLY JA 124 10.87 -47.61 43.83
C GLY JA 124 10.53 -48.56 44.96
N HIS JA 125 9.81 -49.64 44.71
CA HIS JA 125 9.33 -50.50 45.77
C HIS JA 125 10.40 -51.51 46.18
N THR JA 126 10.71 -51.54 47.48
CA THR JA 126 11.66 -52.48 48.05
C THR JA 126 11.02 -53.59 48.84
N ILE JA 127 9.83 -53.36 49.41
CA ILE JA 127 9.05 -54.40 50.07
C ILE JA 127 7.92 -54.78 49.13
N LEU JA 128 7.80 -56.07 48.85
CA LEU JA 128 6.82 -56.55 47.90
C LEU JA 128 5.94 -57.60 48.59
N LYS JA 129 4.71 -57.71 48.10
CA LYS JA 129 3.82 -58.79 48.49
C LYS JA 129 4.00 -59.95 47.53
N LEU JA 130 4.17 -61.14 48.07
CA LEU JA 130 4.33 -62.35 47.27
C LEU JA 130 3.01 -63.09 47.25
N PHE JA 131 2.29 -63.02 46.14
CA PHE JA 131 0.96 -63.57 45.97
C PHE JA 131 0.81 -64.18 44.57
N PRO JA 132 0.27 -65.40 44.47
CA PRO JA 132 -0.01 -66.31 45.59
C PRO JA 132 1.24 -66.98 46.12
N GLY JA 133 1.31 -67.15 47.43
CA GLY JA 133 2.52 -67.62 48.06
C GLY JA 133 2.71 -69.13 48.03
N GLU JA 134 1.61 -69.87 48.07
CA GLU JA 134 1.69 -71.33 48.04
C GLU JA 134 1.92 -71.88 46.64
N VAL JA 135 1.78 -71.06 45.60
CA VAL JA 135 2.06 -71.52 44.25
C VAL JA 135 3.56 -71.47 43.98
N VAL JA 136 4.26 -70.46 44.50
CA VAL JA 136 5.69 -70.34 44.29
C VAL JA 136 6.52 -70.90 45.44
N GLY JA 137 5.95 -71.07 46.62
CA GLY JA 137 6.66 -71.64 47.75
C GLY JA 137 7.81 -70.81 48.26
N PRO JA 138 8.45 -71.28 49.34
CA PRO JA 138 9.59 -70.53 49.90
C PRO JA 138 10.82 -70.54 49.03
N GLN JA 139 10.87 -71.39 48.00
CA GLN JA 139 12.04 -71.45 47.14
C GLN JA 139 12.14 -70.25 46.21
N PHE JA 140 11.02 -69.60 45.90
CA PHE JA 140 11.06 -68.37 45.11
C PHE JA 140 11.76 -67.25 45.85
N VAL JA 141 11.70 -67.24 47.18
CA VAL JA 141 12.38 -66.20 47.95
C VAL JA 141 13.87 -66.47 48.03
N LYS JA 142 14.25 -67.73 48.22
CA LYS JA 142 15.66 -68.10 48.23
C LYS JA 142 16.31 -67.85 46.86
N ALA JA 143 15.57 -68.07 45.78
CA ALA JA 143 16.15 -67.89 44.46
C ALA JA 143 16.28 -66.44 44.03
N MET JA 144 15.67 -65.50 44.75
CA MET JA 144 15.79 -64.09 44.41
C MET JA 144 16.84 -63.36 45.21
N LYS JA 145 17.38 -63.99 46.26
CA LYS JA 145 18.43 -63.34 47.05
C LYS JA 145 19.64 -63.02 46.20
N GLY JA 146 20.01 -63.92 45.29
CA GLY JA 146 21.20 -63.76 44.50
C GLY JA 146 21.16 -62.56 43.58
N PRO JA 147 20.24 -62.55 42.61
CA PRO JA 147 20.18 -61.43 41.68
C PRO JA 147 19.62 -60.15 42.28
N PHE JA 148 18.73 -60.29 43.25
CA PHE JA 148 18.01 -59.16 43.84
C PHE JA 148 18.22 -59.18 45.35
N PRO JA 149 19.42 -58.79 45.82
CA PRO JA 149 19.71 -58.95 47.26
C PRO JA 149 18.91 -58.03 48.17
N ASN JA 150 18.43 -56.90 47.67
CA ASN JA 150 17.87 -55.86 48.53
C ASN JA 150 16.35 -55.93 48.67
N VAL JA 151 15.70 -56.91 48.06
CA VAL JA 151 14.24 -56.99 48.03
C VAL JA 151 13.76 -57.92 49.13
N LYS JA 152 12.69 -57.52 49.81
CA LYS JA 152 12.08 -58.27 50.89
C LYS JA 152 10.62 -58.54 50.60
N PHE JA 153 10.14 -59.71 51.01
CA PHE JA 153 8.82 -60.20 50.65
C PHE JA 153 7.94 -60.38 51.88
N VAL JA 154 6.65 -60.10 51.70
CA VAL JA 154 5.60 -60.48 52.63
C VAL JA 154 4.75 -61.51 51.90
N PRO JA 155 4.90 -62.80 52.20
CA PRO JA 155 4.08 -63.81 51.52
C PRO JA 155 2.63 -63.77 51.97
N THR JA 156 1.72 -63.87 51.01
CA THR JA 156 0.29 -64.00 51.30
C THR JA 156 -0.25 -65.15 50.48
N GLY JA 157 -1.05 -65.99 51.12
CA GLY JA 157 -1.62 -67.16 50.49
C GLY JA 157 -1.05 -68.46 51.00
N GLY JA 158 -1.91 -69.26 51.63
CA GLY JA 158 -1.51 -70.57 52.11
C GLY JA 158 -0.40 -70.57 53.13
N VAL JA 159 -0.52 -69.75 54.17
CA VAL JA 159 0.44 -69.72 55.27
C VAL JA 159 -0.23 -70.34 56.49
N ASN JA 160 0.39 -71.38 57.02
CA ASN JA 160 -0.15 -72.14 58.14
C ASN JA 160 0.82 -72.03 59.33
N LEU JA 161 0.39 -72.58 60.46
CA LEU JA 161 1.32 -72.70 61.58
C LEU JA 161 2.48 -73.61 61.24
N ASP JA 162 2.26 -74.60 60.36
CA ASP JA 162 3.32 -75.55 60.03
C ASP JA 162 4.40 -74.90 59.18
N ASN JA 163 4.03 -74.15 58.16
CA ASN JA 163 5.00 -73.66 57.19
C ASN JA 163 5.48 -72.23 57.47
N VAL JA 164 5.03 -71.61 58.56
CA VAL JA 164 5.45 -70.23 58.82
C VAL JA 164 6.92 -70.19 59.26
N CYS JA 165 7.36 -71.20 60.01
CA CYS JA 165 8.77 -71.24 60.36
C CYS JA 165 9.64 -71.49 59.12
N GLU JA 166 9.14 -72.30 58.19
CA GLU JA 166 9.84 -72.49 56.92
C GLU JA 166 9.93 -71.19 56.12
N TRP JA 167 8.83 -70.44 56.09
CA TRP JA 167 8.82 -69.17 55.37
C TRP JA 167 9.81 -68.19 55.99
N PHE JA 168 9.93 -68.19 57.31
CA PHE JA 168 10.87 -67.28 57.96
C PHE JA 168 12.32 -67.75 57.84
N LYS JA 169 12.54 -69.06 57.77
CA LYS JA 169 13.88 -69.58 57.46
C LYS JA 169 14.30 -69.17 56.06
N ALA JA 170 13.36 -69.12 55.12
CA ALA JA 170 13.67 -68.66 53.78
C ALA JA 170 14.06 -67.20 53.73
N GLY JA 171 13.75 -66.41 54.76
CA GLY JA 171 14.20 -65.05 54.85
C GLY JA 171 13.19 -63.96 54.50
N VAL JA 172 11.91 -64.15 54.82
CA VAL JA 172 10.89 -63.16 54.50
C VAL JA 172 10.85 -62.08 55.57
N LEU JA 173 10.24 -60.93 55.24
CA LEU JA 173 10.10 -59.84 56.20
C LEU JA 173 8.98 -60.08 57.20
N ALA JA 174 7.83 -60.57 56.71
CA ALA JA 174 6.65 -60.81 57.51
C ALA JA 174 5.74 -61.69 56.67
N VAL JA 175 4.67 -62.19 57.27
CA VAL JA 175 3.69 -63.01 56.58
C VAL JA 175 2.31 -62.40 56.75
N GLY JA 176 1.54 -62.37 55.66
CA GLY JA 176 0.14 -62.00 55.77
C GLY JA 176 -0.72 -63.25 55.84
N VAL JA 177 -1.39 -63.47 56.97
CA VAL JA 177 -2.14 -64.70 57.19
C VAL JA 177 -3.62 -64.37 57.08
N GLY JA 178 -4.35 -65.22 56.35
CA GLY JA 178 -5.77 -65.04 56.15
C GLY JA 178 -6.63 -66.12 56.79
N SER JA 179 -7.11 -67.05 55.96
CA SER JA 179 -8.08 -68.05 56.39
C SER JA 179 -7.61 -68.81 57.62
N ALA JA 180 -6.32 -69.15 57.67
CA ALA JA 180 -5.80 -69.92 58.78
C ALA JA 180 -5.87 -69.17 60.11
N LEU JA 181 -6.11 -67.86 60.10
CA LEU JA 181 -6.20 -67.06 61.31
C LEU JA 181 -7.60 -66.48 61.51
N VAL JA 182 -8.12 -65.78 60.50
CA VAL JA 182 -9.28 -64.93 60.71
C VAL JA 182 -10.61 -65.68 60.67
N LYS JA 183 -10.68 -66.84 60.02
CA LYS JA 183 -11.96 -67.53 59.92
C LYS JA 183 -12.35 -68.19 61.23
N GLY JA 184 -13.65 -68.28 61.47
CA GLY JA 184 -14.22 -68.84 62.67
C GLY JA 184 -15.06 -67.84 63.43
N THR JA 185 -15.28 -68.15 64.71
CA THR JA 185 -15.98 -67.22 65.58
C THR JA 185 -15.00 -66.27 66.23
N PRO JA 186 -15.45 -65.08 66.65
CA PRO JA 186 -14.51 -64.07 67.14
C PRO JA 186 -13.75 -64.45 68.40
N ASP JA 187 -13.98 -65.64 68.97
CA ASP JA 187 -13.13 -66.12 70.05
C ASP JA 187 -12.18 -67.22 69.62
N GLU JA 188 -12.51 -67.96 68.56
CA GLU JA 188 -11.52 -68.84 67.93
C GLU JA 188 -10.42 -68.02 67.28
N VAL JA 189 -10.77 -66.86 66.71
CA VAL JA 189 -9.80 -66.02 66.05
C VAL JA 189 -8.77 -65.49 67.02
N ARG JA 190 -9.16 -65.28 68.28
CA ARG JA 190 -8.23 -64.78 69.29
C ARG JA 190 -7.22 -65.85 69.69
N GLU JA 191 -7.67 -67.10 69.80
CA GLU JA 191 -6.75 -68.20 70.09
C GLU JA 191 -5.82 -68.46 68.90
N LYS JA 192 -6.35 -68.39 67.68
CA LYS JA 192 -5.49 -68.55 66.50
C LYS JA 192 -4.45 -67.45 66.41
N ALA JA 193 -4.84 -66.21 66.73
CA ALA JA 193 -3.87 -65.12 66.67
C ALA JA 193 -2.81 -65.28 67.76
N LYS JA 194 -3.20 -65.76 68.94
CA LYS JA 194 -2.19 -65.98 69.98
C LYS JA 194 -1.26 -67.12 69.61
N ALA JA 195 -1.80 -68.18 69.00
CA ALA JA 195 -0.97 -69.29 68.54
C ALA JA 195 0.05 -68.81 67.52
N PHE JA 196 -0.40 -68.06 66.52
CA PHE JA 196 0.52 -67.55 65.50
C PHE JA 196 1.59 -66.66 66.12
N VAL JA 197 1.17 -65.77 67.03
CA VAL JA 197 2.13 -64.81 67.59
C VAL JA 197 3.18 -65.53 68.42
N GLU JA 198 2.77 -66.56 69.18
CA GLU JA 198 3.75 -67.28 69.99
C GLU JA 198 4.59 -68.24 69.15
N LYS JA 199 4.03 -68.75 68.04
CA LYS JA 199 4.80 -69.59 67.12
C LYS JA 199 5.90 -68.79 66.43
N ILE JA 200 5.59 -67.58 65.99
CA ILE JA 200 6.58 -66.76 65.29
C ILE JA 200 7.75 -66.42 66.21
N ARG JA 201 7.57 -66.49 67.51
CA ARG JA 201 8.69 -66.35 68.45
C ARG JA 201 9.33 -67.69 68.79
N GLY JA 202 8.71 -68.81 68.42
CA GLY JA 202 9.32 -70.10 68.65
C GLY JA 202 10.40 -70.46 67.65
N CYS JA 203 10.44 -69.77 66.52
CA CYS JA 203 11.51 -69.98 65.56
C CYS JA 203 12.11 -68.65 65.13
N THR KA 2 1.88 -11.68 -31.84
CA THR KA 2 2.50 -12.99 -31.96
C THR KA 2 1.68 -13.91 -32.88
N ASP KA 3 0.61 -13.35 -33.44
CA ASP KA 3 -0.24 -14.13 -34.35
C ASP KA 3 0.31 -14.17 -35.77
N GLU KA 4 1.00 -13.12 -36.21
CA GLU KA 4 1.68 -13.15 -37.50
C GLU KA 4 2.71 -14.27 -37.56
N LEU KA 5 3.40 -14.50 -36.44
CA LEU KA 5 4.48 -15.48 -36.42
C LEU KA 5 3.95 -16.89 -36.61
N LEU KA 6 2.69 -17.14 -36.26
CA LEU KA 6 2.09 -18.44 -36.49
C LEU KA 6 1.41 -18.44 -37.84
N ARG KA 7 0.83 -17.33 -38.24
CA ARG KA 7 0.30 -17.25 -39.60
C ARG KA 7 1.35 -17.70 -40.61
N LEU KA 8 2.61 -17.32 -40.39
CA LEU KA 8 3.67 -17.70 -41.30
C LEU KA 8 4.19 -19.12 -41.08
N ALA KA 9 4.08 -19.63 -39.85
CA ALA KA 9 4.66 -20.92 -39.50
C ALA KA 9 3.89 -22.10 -40.07
N LYS KA 10 2.73 -21.87 -40.68
CA LYS KA 10 2.03 -22.92 -41.39
C LYS KA 10 1.74 -22.54 -42.84
N GLU KA 11 2.11 -21.34 -43.26
CA GLU KA 11 2.33 -21.07 -44.68
C GLU KA 11 3.60 -21.77 -45.15
N GLN KA 12 4.64 -21.73 -44.32
CA GLN KA 12 5.85 -22.48 -44.65
C GLN KA 12 5.60 -23.98 -44.72
N ALA KA 13 4.66 -24.49 -43.93
CA ALA KA 13 4.32 -25.91 -43.99
C ALA KA 13 3.67 -26.27 -45.32
N GLU KA 14 2.75 -25.42 -45.80
CA GLU KA 14 2.16 -25.63 -47.12
C GLU KA 14 3.23 -25.61 -48.21
N LEU KA 15 4.15 -24.65 -48.15
CA LEU KA 15 5.21 -24.58 -49.13
C LEU KA 15 6.08 -25.83 -49.09
N LEU KA 16 6.39 -26.33 -47.90
CA LEU KA 16 7.23 -27.51 -47.81
C LEU KA 16 6.52 -28.75 -48.34
N LYS KA 17 5.21 -28.86 -48.09
CA LYS KA 17 4.43 -29.95 -48.68
C LYS KA 17 4.54 -29.92 -50.20
N GLU KA 18 4.34 -28.74 -50.79
CA GLU KA 18 4.44 -28.61 -52.25
C GLU KA 18 5.82 -29.03 -52.74
N ILE KA 19 6.88 -28.57 -52.07
CA ILE KA 19 8.24 -28.87 -52.49
C ILE KA 19 8.53 -30.36 -52.42
N LYS KA 20 8.05 -31.02 -51.35
CA LYS KA 20 8.31 -32.45 -51.21
C LYS KA 20 7.58 -33.26 -52.28
N ILE KA 21 6.34 -32.89 -52.59
CA ILE KA 21 5.61 -33.59 -53.64
C ILE KA 21 6.31 -33.40 -54.99
N LEU KA 22 6.79 -32.19 -55.26
CA LEU KA 22 7.44 -31.92 -56.54
C LEU KA 22 8.77 -32.67 -56.65
N VAL KA 23 9.50 -32.81 -55.53
CA VAL KA 23 10.74 -33.57 -55.58
C VAL KA 23 10.47 -35.05 -55.82
N GLU KA 24 9.40 -35.59 -55.22
CA GLU KA 24 8.99 -36.97 -55.52
C GLU KA 24 8.73 -37.16 -57.01
N LEU KA 25 7.97 -36.24 -57.60
CA LEU KA 25 7.65 -36.35 -59.02
C LEU KA 25 8.91 -36.24 -59.88
N ILE KA 26 9.84 -35.37 -59.50
CA ILE KA 26 11.07 -35.20 -60.27
C ILE KA 26 11.91 -36.47 -60.22
N ALA KA 27 12.00 -37.11 -59.06
CA ALA KA 27 12.76 -38.35 -58.95
C ALA KA 27 12.14 -39.47 -59.79
N MET KA 28 10.80 -39.58 -59.76
CA MET KA 28 10.12 -40.57 -60.59
C MET KA 28 10.40 -40.34 -62.07
N LEU KA 29 10.32 -39.08 -62.51
CA LEU KA 29 10.56 -38.77 -63.91
C LEU KA 29 12.00 -39.05 -64.31
N VAL KA 30 12.95 -38.82 -63.40
CA VAL KA 30 14.35 -39.12 -63.69
C VAL KA 30 14.55 -40.62 -63.86
N LYS KA 31 13.91 -41.43 -63.01
CA LYS KA 31 13.99 -42.88 -63.21
C LYS KA 31 13.42 -43.30 -64.56
N VAL KA 32 12.25 -42.75 -64.92
CA VAL KA 32 11.64 -43.09 -66.20
C VAL KA 32 12.56 -42.70 -67.36
N ILE KA 33 13.23 -41.54 -67.26
CA ILE KA 33 14.13 -41.11 -68.32
C ILE KA 33 15.35 -42.01 -68.39
N GLN KA 34 15.92 -42.37 -67.24
CA GLN KA 34 17.00 -43.36 -67.20
C GLN KA 34 16.64 -44.61 -67.98
N LYS KA 35 15.43 -45.14 -67.76
CA LYS KA 35 15.08 -46.40 -68.39
C LYS KA 35 14.75 -46.21 -69.88
N ASP KA 36 14.06 -45.13 -70.23
CA ASP KA 36 13.70 -44.87 -71.62
C ASP KA 36 13.78 -43.38 -71.94
N PRO KA 37 14.85 -42.93 -72.59
CA PRO KA 37 15.05 -41.49 -72.80
C PRO KA 37 14.25 -40.93 -73.96
N SER KA 38 13.83 -39.67 -73.80
CA SER KA 38 13.18 -38.92 -74.87
C SER KA 38 13.34 -37.43 -74.60
N ASP KA 39 13.02 -36.63 -75.62
CA ASP KA 39 13.13 -35.18 -75.50
C ASP KA 39 11.93 -34.57 -74.78
N GLU KA 40 10.75 -35.14 -74.93
CA GLU KA 40 9.62 -34.62 -74.21
C GLU KA 40 9.77 -34.86 -72.71
N ALA KA 41 10.39 -35.95 -72.32
CA ALA KA 41 10.65 -36.17 -70.90
C ALA KA 41 11.60 -35.12 -70.34
N LEU KA 42 12.63 -34.75 -71.11
CA LEU KA 42 13.58 -33.76 -70.63
C LEU KA 42 12.97 -32.36 -70.59
N LYS KA 43 12.10 -32.04 -71.55
CA LYS KA 43 11.39 -30.75 -71.47
C LYS KA 43 10.48 -30.69 -70.25
N ALA KA 44 9.79 -31.79 -69.94
CA ALA KA 44 8.96 -31.83 -68.75
C ALA KA 44 9.80 -31.74 -67.47
N LEU KA 45 10.96 -32.38 -67.46
CA LEU KA 45 11.84 -32.28 -66.31
C LEU KA 45 12.34 -30.87 -66.09
N ALA KA 46 12.67 -30.16 -67.18
CA ALA KA 46 13.07 -28.77 -67.07
C ALA KA 46 11.94 -27.90 -66.52
N GLU KA 47 10.72 -28.13 -67.00
CA GLU KA 47 9.56 -27.41 -66.46
C GLU KA 47 9.41 -27.65 -64.95
N LEU KA 48 9.55 -28.89 -64.52
CA LEU KA 48 9.40 -29.20 -63.10
C LEU KA 48 10.50 -28.55 -62.27
N VAL KA 49 11.74 -28.55 -62.77
CA VAL KA 49 12.82 -27.92 -62.03
C VAL KA 49 12.63 -26.41 -61.92
N ARG KA 50 12.09 -25.77 -62.97
CA ARG KA 50 11.83 -24.34 -62.90
C ARG KA 50 10.73 -24.04 -61.87
N LYS KA 51 9.69 -24.88 -61.82
CA LYS KA 51 8.66 -24.74 -60.79
C LYS KA 51 9.26 -24.90 -59.39
N LEU KA 52 10.19 -25.83 -59.22
CA LEU KA 52 10.83 -26.04 -57.92
C LEU KA 52 11.64 -24.81 -57.50
N LYS KA 53 12.36 -24.21 -58.45
CA LYS KA 53 13.08 -22.96 -58.17
C LYS KA 53 12.13 -21.88 -57.66
N GLU KA 54 11.00 -21.70 -58.36
CA GLU KA 54 10.05 -20.68 -57.93
C GLU KA 54 9.52 -20.94 -56.53
N LEU KA 55 9.24 -22.21 -56.21
CA LEU KA 55 8.73 -22.53 -54.87
C LEU KA 55 9.78 -22.28 -53.80
N VAL KA 56 11.04 -22.59 -54.09
CA VAL KA 56 12.11 -22.32 -53.13
C VAL KA 56 12.23 -20.83 -52.87
N GLU KA 57 12.11 -20.02 -53.92
CA GLU KA 57 12.16 -18.56 -53.72
C GLU KA 57 10.99 -18.07 -52.87
N ASP KA 58 9.79 -18.58 -53.12
CA ASP KA 58 8.64 -18.22 -52.29
C ASP KA 58 8.90 -18.53 -50.82
N MET KA 59 9.42 -19.72 -50.55
CA MET KA 59 9.65 -20.11 -49.17
C MET KA 59 10.73 -19.25 -48.51
N GLU KA 60 11.78 -18.89 -49.26
CA GLU KA 60 12.84 -18.09 -48.66
C GLU KA 60 12.36 -16.67 -48.36
N ARG KA 61 11.49 -16.11 -49.22
CA ARG KA 61 10.86 -14.84 -48.89
C ARG KA 61 10.05 -14.93 -47.60
N SER KA 62 9.23 -15.98 -47.49
CA SER KA 62 8.40 -16.12 -46.30
C SER KA 62 9.25 -16.24 -45.04
N MET KA 63 10.35 -16.99 -45.12
CA MET KA 63 11.18 -17.16 -43.93
C MET KA 63 11.94 -15.89 -43.57
N LYS KA 64 12.41 -15.13 -44.58
CA LYS KA 64 13.01 -13.84 -44.28
C LYS KA 64 12.02 -12.92 -43.58
N GLU KA 65 10.76 -12.92 -44.03
CA GLU KA 65 9.76 -12.09 -43.36
C GLU KA 65 9.54 -12.53 -41.92
N GLN KA 66 9.39 -13.84 -41.68
CA GLN KA 66 9.16 -14.26 -40.30
C GLN KA 66 10.35 -13.91 -39.42
N LEU KA 67 11.58 -14.01 -39.97
CA LEU KA 67 12.76 -13.68 -39.17
C LEU KA 67 12.81 -12.20 -38.86
N TYR KA 68 12.49 -11.35 -39.85
CA TYR KA 68 12.49 -9.91 -39.63
C TYR KA 68 11.44 -9.50 -38.61
N ILE KA 69 10.31 -10.22 -38.55
CA ILE KA 69 9.31 -9.92 -37.53
C ILE KA 69 9.75 -10.42 -36.15
N ILE KA 70 10.28 -11.64 -36.08
CA ILE KA 70 10.67 -12.17 -34.76
C ILE KA 70 11.90 -11.45 -34.21
N LYS KA 71 12.69 -10.81 -35.06
CA LYS KA 71 13.87 -10.08 -34.59
C LYS KA 71 13.46 -8.80 -33.85
N THR LA 2 31.57 2.60 -12.25
CA THR LA 2 32.47 1.81 -13.10
C THR LA 2 33.44 2.72 -13.84
N ASP LA 3 33.15 4.02 -13.89
CA ASP LA 3 33.99 4.95 -14.64
C ASP LA 3 35.31 5.20 -13.93
N GLU LA 4 35.28 5.35 -12.61
CA GLU LA 4 36.51 5.59 -11.85
C GLU LA 4 37.49 4.43 -11.95
N LEU LA 5 36.98 3.20 -12.00
CA LEU LA 5 37.85 2.03 -12.03
C LEU LA 5 38.32 1.73 -13.46
N LEU LA 6 37.45 1.95 -14.45
CA LEU LA 6 37.87 1.76 -15.82
C LEU LA 6 38.80 2.87 -16.30
N ARG LA 7 38.79 4.03 -15.64
CA ARG LA 7 39.79 5.06 -15.92
C ARG LA 7 41.21 4.55 -15.68
N LEU LA 8 41.38 3.65 -14.70
CA LEU LA 8 42.67 3.03 -14.43
C LEU LA 8 42.88 1.75 -15.22
N ALA LA 9 41.80 1.02 -15.51
CA ALA LA 9 41.91 -0.12 -16.41
C ALA LA 9 42.24 0.29 -17.84
N LYS LA 10 42.14 1.59 -18.15
CA LYS LA 10 42.64 2.12 -19.42
C LYS LA 10 44.10 2.55 -19.37
N GLU LA 11 44.60 2.95 -18.21
CA GLU LA 11 46.01 3.36 -18.08
C GLU LA 11 46.91 2.15 -17.95
N GLN LA 12 46.44 1.10 -17.28
CA GLN LA 12 47.26 -0.09 -17.09
C GLN LA 12 47.57 -0.78 -18.41
N ALA LA 13 46.62 -0.77 -19.36
CA ALA LA 13 46.87 -1.38 -20.66
C ALA LA 13 47.92 -0.61 -21.44
N GLU LA 14 47.87 0.73 -21.38
CA GLU LA 14 48.89 1.54 -22.05
C GLU LA 14 50.26 1.27 -21.47
N LEU LA 15 50.35 1.21 -20.13
CA LEU LA 15 51.63 0.92 -19.50
C LEU LA 15 52.14 -0.46 -19.90
N LEU LA 16 51.24 -1.44 -19.98
CA LEU LA 16 51.68 -2.79 -20.34
C LEU LA 16 52.16 -2.85 -21.78
N LYS LA 17 51.53 -2.10 -22.68
CA LYS LA 17 52.00 -2.05 -24.06
C LYS LA 17 53.39 -1.43 -24.15
N GLU LA 18 53.61 -0.34 -23.41
CA GLU LA 18 54.94 0.26 -23.36
C GLU LA 18 55.98 -0.74 -22.86
N ILE LA 19 55.63 -1.48 -21.81
CA ILE LA 19 56.56 -2.43 -21.20
C ILE LA 19 56.89 -3.56 -22.18
N LYS LA 20 55.87 -4.05 -22.90
CA LYS LA 20 56.08 -5.12 -23.87
C LYS LA 20 56.99 -4.68 -25.01
N ILE LA 21 56.77 -3.46 -25.52
CA ILE LA 21 57.64 -2.94 -26.59
C ILE LA 21 59.08 -2.81 -26.09
N LEU LA 22 59.25 -2.30 -24.86
CA LEU LA 22 60.60 -2.09 -24.35
C LEU LA 22 61.31 -3.41 -24.11
N VAL LA 23 60.57 -4.44 -23.67
CA VAL LA 23 61.18 -5.74 -23.44
C VAL LA 23 61.59 -6.37 -24.78
N GLU LA 24 60.80 -6.18 -25.82
CA GLU LA 24 61.19 -6.66 -27.16
C GLU LA 24 62.48 -5.98 -27.63
N LEU LA 25 62.57 -4.66 -27.44
CA LEU LA 25 63.79 -3.95 -27.82
C LEU LA 25 64.99 -4.46 -27.03
N ILE LA 26 64.80 -4.76 -25.73
CA ILE LA 26 65.90 -5.24 -24.91
C ILE LA 26 66.38 -6.61 -25.39
N ALA LA 27 65.43 -7.49 -25.73
CA ALA LA 27 65.81 -8.81 -26.26
C ALA LA 27 66.60 -8.69 -27.57
N MET LA 28 66.14 -7.83 -28.47
CA MET LA 28 66.84 -7.61 -29.73
C MET LA 28 68.26 -7.12 -29.48
N LEU LA 29 68.42 -6.15 -28.58
CA LEU LA 29 69.74 -5.59 -28.32
C LEU LA 29 70.65 -6.61 -27.65
N VAL LA 30 70.11 -7.45 -26.79
CA VAL LA 30 70.91 -8.51 -26.18
C VAL LA 30 71.43 -9.47 -27.24
N LYS LA 31 70.58 -9.83 -28.21
CA LYS LA 31 71.05 -10.71 -29.30
C LYS LA 31 72.15 -10.04 -30.13
N VAL LA 32 71.96 -8.76 -30.45
CA VAL LA 32 72.97 -8.04 -31.23
C VAL LA 32 74.30 -7.98 -30.46
N ILE LA 33 74.23 -7.81 -29.14
CA ILE LA 33 75.44 -7.76 -28.32
C ILE LA 33 76.11 -9.13 -28.25
N GLN LA 34 75.30 -10.18 -28.12
CA GLN LA 34 75.84 -11.54 -28.16
C GLN LA 34 76.67 -11.78 -29.40
N LYS LA 35 76.16 -11.48 -30.57
CA LYS LA 35 76.90 -11.77 -31.81
C LYS LA 35 78.06 -10.83 -31.98
N ASP LA 36 77.90 -9.59 -31.59
CA ASP LA 36 79.03 -8.68 -31.68
C ASP LA 36 79.00 -7.63 -30.57
N PRO LA 37 79.84 -7.75 -29.55
CA PRO LA 37 79.72 -6.90 -28.37
C PRO LA 37 80.46 -5.58 -28.50
N SER LA 38 80.03 -4.61 -27.71
CA SER LA 38 80.70 -3.32 -27.58
C SER LA 38 80.24 -2.66 -26.28
N ASP LA 39 80.81 -1.50 -25.98
CA ASP LA 39 80.52 -0.80 -24.74
C ASP LA 39 79.36 0.18 -24.86
N GLU LA 40 79.22 0.84 -26.01
CA GLU LA 40 78.06 1.71 -26.23
C GLU LA 40 76.77 0.91 -26.21
N ALA LA 41 76.80 -0.30 -26.76
CA ALA LA 41 75.64 -1.19 -26.67
C ALA LA 41 75.29 -1.49 -25.23
N LEU LA 42 76.31 -1.68 -24.38
CA LEU LA 42 76.05 -2.01 -22.98
C LEU LA 42 75.49 -0.80 -22.23
N LYS LA 43 75.99 0.41 -22.54
CA LYS LA 43 75.42 1.62 -21.96
C LYS LA 43 73.96 1.78 -22.37
N ALA LA 44 73.64 1.50 -23.64
CA ALA LA 44 72.26 1.61 -24.10
C ALA LA 44 71.37 0.56 -23.44
N LEU LA 45 71.90 -0.64 -23.24
CA LEU LA 45 71.13 -1.69 -22.57
C LEU LA 45 70.84 -1.30 -21.12
N ALA LA 46 71.82 -0.71 -20.44
CA ALA LA 46 71.61 -0.21 -19.09
C ALA LA 46 70.52 0.87 -19.06
N GLU LA 47 70.55 1.79 -20.03
CA GLU LA 47 69.53 2.83 -20.08
C GLU LA 47 68.13 2.23 -20.28
N LEU LA 48 68.02 1.21 -21.15
CA LEU LA 48 66.71 0.60 -21.37
C LEU LA 48 66.22 -0.13 -20.13
N VAL LA 49 67.11 -0.80 -19.39
CA VAL LA 49 66.70 -1.48 -18.17
C VAL LA 49 66.24 -0.47 -17.12
N ARG LA 50 66.91 0.68 -17.04
CA ARG LA 50 66.49 1.73 -16.13
C ARG LA 50 65.09 2.25 -16.47
N LYS LA 51 64.83 2.46 -17.76
CA LYS LA 51 63.49 2.86 -18.20
C LYS LA 51 62.45 1.79 -17.84
N LEU LA 52 62.82 0.52 -17.98
CA LEU LA 52 61.89 -0.57 -17.64
C LEU LA 52 61.55 -0.56 -16.16
N LYS LA 53 62.53 -0.32 -15.30
CA LYS LA 53 62.26 -0.23 -13.86
C LYS LA 53 61.27 0.90 -13.57
N GLU LA 54 61.49 2.07 -14.18
CA GLU LA 54 60.55 3.17 -13.98
C GLU LA 54 59.13 2.81 -14.44
N LEU LA 55 59.02 2.10 -15.57
CA LEU LA 55 57.71 1.72 -16.07
C LEU LA 55 57.01 0.75 -15.13
N VAL LA 56 57.75 -0.20 -14.56
CA VAL LA 56 57.16 -1.14 -13.63
C VAL LA 56 56.65 -0.43 -12.38
N GLU LA 57 57.39 0.59 -11.92
CA GLU LA 57 56.94 1.35 -10.75
C GLU LA 57 55.65 2.11 -11.06
N ASP LA 58 55.57 2.74 -12.24
CA ASP LA 58 54.35 3.42 -12.65
C ASP LA 58 53.17 2.46 -12.64
N MET LA 59 53.37 1.26 -13.19
CA MET LA 59 52.29 0.30 -13.25
C MET LA 59 51.84 -0.16 -11.87
N GLU LA 60 52.79 -0.33 -10.94
CA GLU LA 60 52.39 -0.78 -9.61
C GLU LA 60 51.62 0.33 -8.88
N ARG LA 61 51.97 1.59 -9.10
CA ARG LA 61 51.16 2.68 -8.53
C ARG LA 61 49.73 2.62 -9.06
N SER LA 62 49.59 2.52 -10.38
CA SER LA 62 48.25 2.44 -10.96
C SER LA 62 47.45 1.27 -10.40
N MET LA 63 48.12 0.13 -10.21
CA MET LA 63 47.42 -1.05 -9.74
C MET LA 63 47.04 -0.94 -8.27
N LYS LA 64 47.88 -0.32 -7.44
CA LYS LA 64 47.48 -0.08 -6.06
C LYS LA 64 46.28 0.87 -5.99
N GLU LA 65 46.25 1.88 -6.87
CA GLU LA 65 45.07 2.75 -6.88
C GLU LA 65 43.81 1.98 -7.22
N GLN LA 66 43.85 1.17 -8.28
CA GLN LA 66 42.66 0.40 -8.65
C GLN LA 66 42.28 -0.58 -7.53
N LEU LA 67 43.28 -1.12 -6.83
CA LEU LA 67 43.00 -2.10 -5.78
C LEU LA 67 42.28 -1.46 -4.60
N TYR LA 68 42.77 -0.31 -4.13
CA TYR LA 68 42.03 0.29 -3.01
C TYR LA 68 40.72 0.90 -3.47
N ILE LA 69 40.55 1.16 -4.77
CA ILE LA 69 39.23 1.54 -5.25
C ILE LA 69 38.25 0.37 -5.17
N ILE LA 70 38.65 -0.81 -5.65
CA ILE LA 70 37.75 -1.96 -5.60
C ILE LA 70 37.51 -2.40 -4.16
N LYS LA 71 38.53 -2.28 -3.30
CA LYS LA 71 38.39 -2.69 -1.91
C LYS LA 71 37.47 -1.75 -1.15
N THR MA 2 14.90 21.77 -21.29
CA THR MA 2 14.66 22.28 -22.63
C THR MA 2 14.87 23.79 -22.69
N ASP MA 3 15.24 24.38 -21.55
CA ASP MA 3 15.65 25.79 -21.56
C ASP MA 3 16.96 25.98 -22.28
N GLU MA 4 17.74 24.91 -22.47
CA GLU MA 4 18.90 24.93 -23.34
C GLU MA 4 18.51 24.88 -24.82
N LEU MA 5 17.35 24.31 -25.12
CA LEU MA 5 16.97 24.04 -26.50
C LEU MA 5 16.20 25.18 -27.15
N LEU MA 6 15.26 25.79 -26.42
CA LEU MA 6 14.50 26.90 -26.98
C LEU MA 6 15.38 28.13 -27.17
N ARG MA 7 16.41 28.28 -26.34
CA ARG MA 7 17.39 29.34 -26.57
C ARG MA 7 18.00 29.23 -27.95
N LEU MA 8 18.38 28.02 -28.37
CA LEU MA 8 18.92 27.82 -29.71
C LEU MA 8 17.85 27.99 -30.77
N ALA MA 9 16.66 27.44 -30.53
CA ALA MA 9 15.59 27.51 -31.52
C ALA MA 9 15.17 28.94 -31.81
N LYS MA 10 15.40 29.88 -30.88
CA LYS MA 10 15.09 31.27 -31.16
C LYS MA 10 16.32 32.15 -31.34
N GLU MA 11 17.52 31.63 -31.08
CA GLU MA 11 18.74 32.29 -31.54
C GLU MA 11 18.94 32.09 -33.04
N GLN MA 12 18.46 30.97 -33.58
CA GLN MA 12 18.58 30.74 -35.01
C GLN MA 12 17.77 31.75 -35.82
N ALA MA 13 16.67 32.26 -35.24
CA ALA MA 13 15.80 33.18 -35.97
C ALA MA 13 16.49 34.52 -36.21
N GLU MA 14 17.36 34.94 -35.30
CA GLU MA 14 18.15 36.15 -35.50
C GLU MA 14 19.01 36.03 -36.76
N LEU MA 15 19.77 34.94 -36.85
CA LEU MA 15 20.60 34.71 -38.03
C LEU MA 15 19.77 34.61 -39.29
N LEU MA 16 18.60 33.97 -39.19
CA LEU MA 16 17.77 33.82 -40.38
C LEU MA 16 17.23 35.17 -40.87
N LYS MA 17 16.85 36.05 -39.95
CA LYS MA 17 16.42 37.38 -40.36
C LYS MA 17 17.58 38.19 -40.97
N GLU MA 18 18.77 38.08 -40.37
CA GLU MA 18 19.94 38.72 -40.97
C GLU MA 18 20.16 38.24 -42.40
N ILE MA 19 20.06 36.93 -42.61
CA ILE MA 19 20.30 36.34 -43.93
C ILE MA 19 19.25 36.83 -44.93
N LYS MA 20 17.98 36.89 -44.49
CA LYS MA 20 16.92 37.38 -45.37
C LYS MA 20 17.14 38.82 -45.79
N ILE MA 21 17.50 39.68 -44.83
CA ILE MA 21 17.78 41.08 -45.14
C ILE MA 21 18.95 41.21 -46.11
N LEU MA 22 20.01 40.43 -45.87
CA LEU MA 22 21.18 40.52 -46.73
C LEU MA 22 20.89 40.02 -48.14
N VAL MA 23 20.06 38.99 -48.26
CA VAL MA 23 19.71 38.50 -49.60
C VAL MA 23 18.87 39.53 -50.35
N GLU MA 24 17.95 40.21 -49.65
CA GLU MA 24 17.21 41.29 -50.31
C GLU MA 24 18.14 42.40 -50.79
N LEU MA 25 19.12 42.79 -49.96
CA LEU MA 25 20.06 43.82 -50.37
C LEU MA 25 20.87 43.38 -51.59
N ILE MA 26 21.28 42.11 -51.62
CA ILE MA 26 22.05 41.59 -52.75
C ILE MA 26 21.21 41.60 -54.02
N ALA MA 27 19.93 41.24 -53.93
CA ALA MA 27 19.06 41.27 -55.10
C ALA MA 27 18.89 42.70 -55.64
N MET MA 28 18.70 43.67 -54.73
CA MET MA 28 18.60 45.06 -55.14
C MET MA 28 19.87 45.52 -55.84
N LEU MA 29 21.03 45.17 -55.28
CA LEU MA 29 22.30 45.58 -55.87
C LEU MA 29 22.51 44.94 -57.24
N VAL MA 30 22.08 43.69 -57.40
CA VAL MA 30 22.19 43.03 -58.71
C VAL MA 30 21.33 43.74 -59.74
N LYS MA 31 20.11 44.15 -59.36
CA LYS MA 31 19.28 44.93 -60.30
C LYS MA 31 19.96 46.23 -60.69
N VAL MA 32 20.50 46.95 -59.71
CA VAL MA 32 21.18 48.22 -59.98
C VAL MA 32 22.37 47.99 -60.91
N ILE MA 33 23.10 46.89 -60.74
CA ILE MA 33 24.25 46.59 -61.58
C ILE MA 33 23.81 46.20 -62.99
N GLN MA 34 22.71 45.45 -63.10
CA GLN MA 34 22.17 45.14 -64.42
C GLN MA 34 21.87 46.42 -65.18
N LYS MA 35 21.32 47.45 -64.57
CA LYS MA 35 20.98 48.64 -65.35
C LYS MA 35 22.16 49.57 -65.54
N ASP MA 36 23.10 49.55 -64.61
CA ASP MA 36 24.29 50.38 -64.82
C ASP MA 36 25.49 49.79 -64.09
N PRO MA 37 26.40 49.11 -64.81
CA PRO MA 37 27.48 48.38 -64.15
C PRO MA 37 28.66 49.27 -63.77
N SER MA 38 29.30 48.91 -62.67
CA SER MA 38 30.49 49.61 -62.19
C SER MA 38 31.37 48.63 -61.41
N ASP MA 39 32.60 49.04 -61.15
CA ASP MA 39 33.54 48.20 -60.42
C ASP MA 39 33.36 48.31 -58.91
N GLU MA 40 33.03 49.49 -58.41
CA GLU MA 40 32.71 49.65 -56.99
C GLU MA 40 31.45 48.87 -56.61
N ALA MA 41 30.47 48.82 -57.51
CA ALA MA 41 29.28 48.01 -57.28
C ALA MA 41 29.64 46.54 -57.17
N LEU MA 42 30.57 46.06 -58.01
CA LEU MA 42 30.94 44.64 -57.96
C LEU MA 42 31.78 44.32 -56.73
N LYS MA 43 32.62 45.26 -56.29
CA LYS MA 43 33.35 45.06 -55.04
C LYS MA 43 32.40 44.98 -53.86
N ALA MA 44 31.37 45.85 -53.84
CA ALA MA 44 30.38 45.79 -52.77
C ALA MA 44 29.57 44.49 -52.82
N LEU MA 45 29.25 44.03 -54.03
CA LEU MA 45 28.56 42.74 -54.18
C LEU MA 45 29.40 41.60 -53.62
N ALA MA 46 30.71 41.62 -53.92
CA ALA MA 46 31.60 40.60 -53.39
C ALA MA 46 31.63 40.63 -51.86
N GLU MA 47 31.71 41.82 -51.28
CA GLU MA 47 31.71 41.94 -49.82
C GLU MA 47 30.41 41.40 -49.21
N LEU MA 48 29.28 41.69 -49.84
CA LEU MA 48 28.01 41.21 -49.31
C LEU MA 48 27.91 39.68 -49.42
N VAL MA 49 28.38 39.11 -50.52
CA VAL MA 49 28.36 37.66 -50.67
C VAL MA 49 29.26 36.99 -49.63
N ARG MA 50 30.41 37.60 -49.34
CA ARG MA 50 31.30 37.05 -48.32
C ARG MA 50 30.64 37.07 -46.93
N LYS MA 51 29.97 38.18 -46.60
CA LYS MA 51 29.27 38.24 -45.32
C LYS MA 51 28.14 37.21 -45.26
N LEU MA 52 27.46 36.97 -46.39
CA LEU MA 52 26.41 35.96 -46.41
C LEU MA 52 26.96 34.57 -46.19
N LYS MA 53 28.13 34.26 -46.78
CA LYS MA 53 28.80 32.99 -46.51
C LYS MA 53 29.09 32.81 -45.03
N GLU MA 54 29.63 33.86 -44.40
CA GLU MA 54 29.94 33.77 -42.98
C GLU MA 54 28.68 33.55 -42.14
N LEU MA 55 27.57 34.22 -42.51
CA LEU MA 55 26.32 34.03 -41.78
C LEU MA 55 25.79 32.61 -41.95
N VAL MA 56 25.92 32.03 -43.14
CA VAL MA 56 25.47 30.66 -43.36
C VAL MA 56 26.29 29.69 -42.51
N GLU MA 57 27.59 29.93 -42.39
CA GLU MA 57 28.42 29.08 -41.52
C GLU MA 57 27.98 29.17 -40.06
N ASP MA 58 27.74 30.40 -39.59
CA ASP MA 58 27.26 30.58 -38.21
C ASP MA 58 25.94 29.83 -38.00
N MET MA 59 25.04 29.92 -38.98
CA MET MA 59 23.75 29.25 -38.89
C MET MA 59 23.93 27.74 -38.78
N GLU MA 60 24.84 27.17 -39.58
CA GLU MA 60 24.99 25.71 -39.55
C GLU MA 60 25.61 25.25 -38.23
N ARG MA 61 26.56 26.02 -37.69
CA ARG MA 61 27.09 25.68 -36.37
C ARG MA 61 25.99 25.65 -35.32
N SER MA 62 25.17 26.71 -35.29
CA SER MA 62 24.09 26.77 -34.32
C SER MA 62 23.11 25.62 -34.50
N MET MA 63 22.87 25.17 -35.73
CA MET MA 63 21.89 24.12 -35.92
C MET MA 63 22.44 22.76 -35.58
N LYS MA 64 23.74 22.57 -35.76
CA LYS MA 64 24.36 21.32 -35.37
C LYS MA 64 24.16 21.22 -33.89
N GLU MA 65 24.55 22.29 -33.21
CA GLU MA 65 24.44 22.23 -31.75
C GLU MA 65 23.01 21.97 -31.31
N GLN MA 66 22.04 22.62 -31.95
CA GLN MA 66 20.64 22.43 -31.59
C GLN MA 66 20.19 21.00 -31.84
N LEU MA 67 20.60 20.42 -32.97
CA LEU MA 67 20.22 19.05 -33.30
C LEU MA 67 20.88 18.05 -32.37
N TYR MA 68 22.11 18.32 -31.94
CA TYR MA 68 22.76 17.42 -31.00
C TYR MA 68 22.06 17.47 -29.64
N ILE MA 69 21.66 18.67 -29.20
CA ILE MA 69 20.99 18.79 -27.91
C ILE MA 69 19.61 18.14 -27.96
N ILE MA 70 18.87 18.33 -29.07
CA ILE MA 70 17.50 17.83 -29.16
C ILE MA 70 17.43 16.33 -29.36
N LYS MA 71 18.53 15.69 -29.74
CA LYS MA 71 18.52 14.25 -29.98
C LYS MA 71 19.35 13.52 -28.92
N THR NA 2 21.51 -25.29 10.24
CA THR NA 2 20.77 -25.32 11.51
C THR NA 2 20.51 -26.75 11.96
N ASP NA 3 20.38 -27.67 11.01
CA ASP NA 3 20.23 -29.08 11.34
C ASP NA 3 21.56 -29.82 11.44
N GLU NA 4 22.66 -29.20 10.99
CA GLU NA 4 23.98 -29.72 11.32
C GLU NA 4 24.33 -29.48 12.78
N LEU NA 5 23.78 -28.42 13.36
CA LEU NA 5 24.04 -28.11 14.76
C LEU NA 5 23.43 -29.17 15.68
N LEU NA 6 22.19 -29.57 15.40
CA LEU NA 6 21.57 -30.61 16.20
C LEU NA 6 22.17 -31.98 15.88
N ARG NA 7 22.70 -32.15 14.67
CA ARG NA 7 23.42 -33.39 14.36
C ARG NA 7 24.69 -33.52 15.19
N LEU NA 8 25.40 -32.41 15.38
CA LEU NA 8 26.58 -32.43 16.25
C LEU NA 8 26.22 -32.50 17.73
N ALA NA 9 25.12 -31.86 18.14
CA ALA NA 9 24.69 -31.92 19.54
C ALA NA 9 24.20 -33.31 19.93
N LYS NA 10 24.01 -34.20 18.96
CA LYS NA 10 23.65 -35.59 19.22
C LYS NA 10 24.77 -36.55 18.89
N GLU NA 11 25.75 -36.11 18.09
CA GLU NA 11 27.01 -36.84 17.97
C GLU NA 11 27.87 -36.72 19.21
N GLN NA 12 27.72 -35.64 19.98
CA GLN NA 12 28.52 -35.47 21.18
C GLN NA 12 28.03 -36.32 22.36
N ALA NA 13 26.73 -36.61 22.42
CA ALA NA 13 26.20 -37.40 23.52
C ALA NA 13 26.67 -38.85 23.44
N GLU NA 14 26.81 -39.38 22.23
CA GLU NA 14 27.38 -40.71 22.05
C GLU NA 14 28.78 -40.78 22.64
N LEU NA 15 29.62 -39.81 22.31
CA LEU NA 15 30.99 -39.78 22.81
C LEU NA 15 31.01 -39.62 24.32
N LEU NA 16 30.13 -38.79 24.87
CA LEU NA 16 30.10 -38.61 26.33
C LEU NA 16 29.68 -39.90 27.02
N LYS NA 17 28.74 -40.66 26.46
CA LYS NA 17 28.36 -41.93 27.06
C LYS NA 17 29.49 -42.94 26.99
N GLU NA 18 30.20 -42.99 25.85
CA GLU NA 18 31.37 -43.86 25.76
C GLU NA 18 32.42 -43.51 26.81
N ILE NA 19 32.66 -42.21 27.01
CA ILE NA 19 33.66 -41.77 27.96
C ILE NA 19 33.25 -42.11 29.38
N LYS NA 20 31.96 -41.94 29.71
CA LYS NA 20 31.49 -42.32 31.04
C LYS NA 20 31.67 -43.80 31.30
N ILE NA 21 31.30 -44.64 30.33
CA ILE NA 21 31.45 -46.08 30.50
C ILE NA 21 32.92 -46.46 30.70
N LEU NA 22 33.80 -45.84 29.92
CA LEU NA 22 35.22 -46.19 30.00
C LEU NA 22 35.81 -45.74 31.32
N VAL NA 23 35.39 -44.59 31.83
CA VAL NA 23 35.89 -44.13 33.13
C VAL NA 23 35.42 -45.05 34.25
N GLU NA 24 34.17 -45.53 34.17
CA GLU NA 24 33.69 -46.52 35.15
C GLU NA 24 34.55 -47.77 35.13
N LEU NA 25 34.86 -48.28 33.94
CA LEU NA 25 35.69 -49.48 33.84
C LEU NA 25 37.09 -49.23 34.39
N ILE NA 26 37.65 -48.04 34.15
CA ILE NA 26 38.98 -47.73 34.66
C ILE NA 26 38.97 -47.66 36.18
N ALA NA 27 37.92 -47.08 36.77
CA ALA NA 27 37.83 -47.03 38.24
C ALA NA 27 37.75 -48.43 38.83
N MET NA 28 36.93 -49.30 38.24
CA MET NA 28 36.83 -50.68 38.72
C MET NA 28 38.18 -51.39 38.62
N LEU NA 29 38.87 -51.21 37.51
CA LEU NA 29 40.15 -51.89 37.31
C LEU NA 29 41.19 -51.38 38.30
N VAL NA 30 41.16 -50.08 38.61
CA VAL NA 30 42.08 -49.54 39.61
C VAL NA 30 41.81 -50.15 40.99
N LYS NA 31 40.53 -50.32 41.35
CA LYS NA 31 40.23 -50.97 42.63
C LYS NA 31 40.78 -52.40 42.67
N VAL NA 32 40.54 -53.16 41.59
CA VAL NA 32 41.02 -54.54 41.53
C VAL NA 32 42.54 -54.59 41.60
N ILE NA 33 43.21 -53.61 40.98
CA ILE NA 33 44.67 -53.57 41.01
C ILE NA 33 45.19 -53.23 42.41
N GLN NA 34 44.51 -52.30 43.10
CA GLN NA 34 44.87 -52.01 44.47
C GLN NA 34 44.83 -53.25 45.33
N LYS NA 35 43.70 -53.97 45.31
CA LYS NA 35 43.59 -55.11 46.21
C LYS NA 35 44.41 -56.31 45.74
N ASP NA 36 44.65 -56.44 44.43
CA ASP NA 36 45.53 -57.49 43.90
C ASP NA 36 46.32 -56.96 42.71
N PRO NA 37 47.60 -56.59 42.91
CA PRO NA 37 48.39 -55.99 41.83
C PRO NA 37 49.09 -57.01 40.95
N SER NA 38 49.00 -56.83 39.63
CA SER NA 38 49.71 -57.65 38.67
C SER NA 38 50.11 -56.79 37.48
N ASP NA 39 50.86 -57.39 36.55
CA ASP NA 39 51.38 -56.68 35.40
C ASP NA 39 50.40 -56.64 34.23
N GLU NA 40 49.66 -57.74 34.02
CA GLU NA 40 48.66 -57.77 32.97
C GLU NA 40 47.56 -56.75 33.22
N ALA NA 41 47.19 -56.58 34.50
CA ALA NA 41 46.21 -55.56 34.85
C ALA NA 41 46.71 -54.17 34.52
N LEU NA 42 48.00 -53.91 34.75
CA LEU NA 42 48.55 -52.60 34.44
C LEU NA 42 48.63 -52.37 32.93
N LYS NA 43 48.94 -53.40 32.16
CA LYS NA 43 48.93 -53.25 30.70
C LYS NA 43 47.51 -52.99 30.17
N ALA NA 44 46.51 -53.66 30.76
CA ALA NA 44 45.13 -53.39 30.38
C ALA NA 44 44.71 -51.97 30.76
N LEU NA 45 45.16 -51.50 31.92
CA LEU NA 45 44.85 -50.13 32.34
C LEU NA 45 45.47 -49.12 31.39
N ALA NA 46 46.71 -49.35 30.97
CA ALA NA 46 47.34 -48.50 29.97
C ALA NA 46 46.53 -48.48 28.68
N GLU NA 47 46.09 -49.65 28.21
CA GLU NA 47 45.27 -49.72 27.00
C GLU NA 47 43.99 -48.90 27.14
N LEU NA 48 43.35 -48.99 28.31
CA LEU NA 48 42.10 -48.26 28.51
C LEU NA 48 42.33 -46.76 28.54
N VAL NA 49 43.43 -46.31 29.17
CA VAL NA 49 43.74 -44.89 29.21
C VAL NA 49 44.04 -44.36 27.81
N ARG NA 50 44.71 -45.16 26.98
CA ARG NA 50 44.96 -44.75 25.59
C ARG NA 50 43.66 -44.58 24.83
N LYS NA 51 42.73 -45.54 24.96
CA LYS NA 51 41.42 -45.39 24.34
C LYS NA 51 40.71 -44.13 24.81
N LEU NA 52 40.83 -43.81 26.10
CA LEU NA 52 40.16 -42.62 26.63
C LEU NA 52 40.76 -41.34 26.05
N LYS NA 53 42.08 -41.30 25.88
CA LYS NA 53 42.73 -40.17 25.21
C LYS NA 53 42.17 -39.97 23.81
N GLU NA 54 42.08 -41.06 23.03
CA GLU NA 54 41.53 -40.94 21.68
C GLU NA 54 40.09 -40.44 21.71
N LEU NA 55 39.29 -40.91 22.67
CA LEU NA 55 37.90 -40.44 22.76
C LEU NA 55 37.82 -38.96 23.07
N VAL NA 56 38.69 -38.47 23.95
CA VAL NA 56 38.69 -37.04 24.28
C VAL NA 56 39.07 -36.22 23.06
N GLU NA 57 40.03 -36.72 22.26
CA GLU NA 57 40.40 -36.03 21.02
C GLU NA 57 39.20 -35.93 20.07
N ASP NA 58 38.47 -37.04 19.92
CA ASP NA 58 37.29 -37.03 19.06
C ASP NA 58 36.26 -36.01 19.55
N MET NA 59 36.02 -36.00 20.86
CA MET NA 59 35.08 -35.04 21.45
C MET NA 59 35.48 -33.61 21.14
N GLU NA 60 36.78 -33.28 21.28
CA GLU NA 60 37.19 -31.89 21.09
C GLU NA 60 37.07 -31.48 19.63
N ARG NA 61 37.41 -32.38 18.70
CA ARG NA 61 37.21 -32.05 17.29
C ARG NA 61 35.75 -31.78 16.98
N SER NA 62 34.86 -32.64 17.46
CA SER NA 62 33.43 -32.44 17.21
C SER NA 62 32.95 -31.13 17.81
N MET NA 63 33.41 -30.80 19.01
CA MET NA 63 32.93 -29.58 19.66
C MET NA 63 33.45 -28.33 18.97
N LYS NA 64 34.68 -28.37 18.45
CA LYS NA 64 35.19 -27.22 17.72
C LYS NA 64 34.46 -27.03 16.40
N GLU NA 65 34.12 -28.12 15.70
CA GLU NA 65 33.32 -27.97 14.49
C GLU NA 65 31.94 -27.39 14.82
N GLN NA 66 31.34 -27.84 15.92
CA GLN NA 66 30.06 -27.27 16.34
C GLN NA 66 30.19 -25.79 16.65
N LEU NA 67 31.28 -25.39 17.31
CA LEU NA 67 31.48 -23.97 17.62
C LEU NA 67 31.64 -23.13 16.36
N TYR NA 68 32.37 -23.64 15.38
CA TYR NA 68 32.51 -22.88 14.13
C TYR NA 68 31.17 -22.75 13.42
N ILE NA 69 30.35 -23.80 13.43
CA ILE NA 69 29.05 -23.73 12.77
C ILE NA 69 28.13 -22.77 13.51
N ILE NA 70 28.11 -22.83 14.85
CA ILE NA 70 27.17 -22.05 15.64
C ILE NA 70 27.51 -20.57 15.66
N LYS NA 71 28.78 -20.22 15.41
CA LYS NA 71 29.19 -18.82 15.45
C LYS NA 71 28.92 -18.12 14.13
N THR OA 2 -6.74 -18.08 28.32
CA THR OA 2 -5.64 -17.79 29.23
C THR OA 2 -5.35 -18.98 30.15
N ASP OA 3 -4.13 -19.03 30.69
CA ASP OA 3 -3.77 -20.07 31.63
C ASP OA 3 -4.51 -19.92 32.96
N GLU OA 4 -5.04 -18.73 33.24
CA GLU OA 4 -5.91 -18.54 34.40
C GLU OA 4 -7.06 -19.54 34.40
N LEU OA 5 -7.75 -19.67 33.28
CA LEU OA 5 -8.92 -20.55 33.21
C LEU OA 5 -8.55 -22.00 33.43
N LEU OA 6 -7.43 -22.45 32.87
CA LEU OA 6 -7.05 -23.85 33.03
C LEU OA 6 -6.51 -24.13 34.43
N ARG OA 7 -5.83 -23.17 35.06
CA ARG OA 7 -5.48 -23.34 36.47
C ARG OA 7 -6.74 -23.51 37.32
N LEU OA 8 -7.74 -22.66 37.08
CA LEU OA 8 -8.99 -22.75 37.84
C LEU OA 8 -9.70 -24.06 37.55
N ALA OA 9 -9.64 -24.54 36.31
CA ALA OA 9 -10.26 -25.81 35.98
C ALA OA 9 -9.56 -26.97 36.69
N LYS OA 10 -8.23 -26.96 36.74
CA LYS OA 10 -7.50 -27.99 37.46
C LYS OA 10 -7.89 -28.00 38.93
N GLU OA 11 -7.94 -26.82 39.54
CA GLU OA 11 -8.30 -26.72 40.95
C GLU OA 11 -9.71 -27.24 41.21
N GLN OA 12 -10.66 -26.88 40.34
CA GLN OA 12 -12.03 -27.35 40.52
C GLN OA 12 -12.13 -28.85 40.32
N ALA OA 13 -11.35 -29.41 39.40
CA ALA OA 13 -11.39 -30.86 39.19
C ALA OA 13 -10.83 -31.61 40.39
N GLU OA 14 -9.75 -31.10 40.98
CA GLU OA 14 -9.24 -31.65 42.24
C GLU OA 14 -10.32 -31.66 43.31
N LEU OA 15 -10.97 -30.50 43.49
CA LEU OA 15 -12.01 -30.40 44.52
C LEU OA 15 -13.17 -31.33 44.24
N LEU OA 16 -13.55 -31.50 42.98
CA LEU OA 16 -14.68 -32.36 42.66
C LEU OA 16 -14.36 -33.83 42.93
N LYS OA 17 -13.14 -34.25 42.61
CA LYS OA 17 -12.76 -35.63 42.95
C LYS OA 17 -12.79 -35.86 44.46
N GLU OA 18 -12.27 -34.90 45.22
CA GLU OA 18 -12.26 -35.04 46.68
C GLU OA 18 -13.69 -35.11 47.22
N ILE OA 19 -14.59 -34.29 46.68
CA ILE OA 19 -15.98 -34.27 47.13
C ILE OA 19 -16.67 -35.59 46.81
N LYS OA 20 -16.43 -36.13 45.61
CA LYS OA 20 -17.07 -37.39 45.23
C LYS OA 20 -16.60 -38.54 46.13
N ILE OA 21 -15.30 -38.58 46.45
CA ILE OA 21 -14.81 -39.61 47.35
C ILE OA 21 -15.47 -39.49 48.73
N LEU OA 22 -15.60 -38.25 49.23
CA LEU OA 22 -16.17 -38.07 50.55
C LEU OA 22 -17.65 -38.44 50.57
N VAL OA 23 -18.38 -38.18 49.49
CA VAL OA 23 -19.78 -38.58 49.44
C VAL OA 23 -19.92 -40.11 49.40
N GLU OA 24 -19.01 -40.79 48.69
CA GLU OA 24 -19.02 -42.26 48.73
C GLU OA 24 -18.81 -42.78 50.16
N LEU OA 25 -17.85 -42.19 50.88
CA LEU OA 25 -17.61 -42.64 52.25
C LEU OA 25 -18.81 -42.35 53.15
N ILE OA 26 -19.48 -41.22 52.95
CA ILE OA 26 -20.65 -40.91 53.76
C ILE OA 26 -21.78 -41.90 53.51
N ALA OA 27 -22.00 -42.27 52.24
CA ALA OA 27 -23.03 -43.26 51.93
C ALA OA 27 -22.72 -44.62 52.58
N MET OA 28 -21.45 -45.03 52.51
CA MET OA 28 -21.06 -46.29 53.15
C MET OA 28 -21.32 -46.26 54.65
N LEU OA 29 -20.94 -45.15 55.29
CA LEU OA 29 -21.13 -45.03 56.73
C LEU OA 29 -22.61 -45.01 57.10
N VAL OA 30 -23.44 -44.41 56.25
CA VAL OA 30 -24.88 -44.41 56.52
C VAL OA 30 -25.45 -45.82 56.45
N LYS OA 31 -25.00 -46.63 55.48
CA LYS OA 31 -25.44 -48.03 55.44
C LYS OA 31 -25.02 -48.78 56.71
N VAL OA 32 -23.76 -48.62 57.10
CA VAL OA 32 -23.28 -49.28 58.32
C VAL OA 32 -24.08 -48.85 59.54
N ILE OA 33 -24.43 -47.57 59.62
CA ILE OA 33 -25.18 -47.07 60.77
C ILE OA 33 -26.61 -47.61 60.76
N GLN OA 34 -27.23 -47.70 59.57
CA GLN OA 34 -28.55 -48.32 59.48
C GLN OA 34 -28.50 -49.74 60.04
N LYS OA 35 -27.48 -50.52 59.67
CA LYS OA 35 -27.44 -51.89 60.14
C LYS OA 35 -27.11 -51.98 61.63
N ASP OA 36 -26.19 -51.14 62.12
CA ASP OA 36 -25.75 -51.21 63.51
C ASP OA 36 -25.59 -49.79 64.07
N PRO OA 37 -26.67 -49.22 64.61
CA PRO OA 37 -26.60 -47.86 65.16
C PRO OA 37 -25.55 -47.75 66.26
N SER OA 38 -24.88 -46.59 66.30
CA SER OA 38 -23.89 -46.30 67.32
C SER OA 38 -23.68 -44.80 67.39
N ASP OA 39 -23.14 -44.34 68.52
CA ASP OA 39 -22.98 -42.90 68.76
C ASP OA 39 -21.67 -42.34 68.20
N GLU OA 40 -20.57 -43.08 68.31
CA GLU OA 40 -19.34 -42.63 67.69
C GLU OA 40 -19.43 -42.72 66.17
N ALA OA 41 -20.24 -43.64 65.65
CA ALA OA 41 -20.55 -43.64 64.23
C ALA OA 41 -21.24 -42.34 63.82
N LEU OA 42 -22.18 -41.86 64.65
CA LEU OA 42 -22.87 -40.62 64.34
C LEU OA 42 -21.96 -39.41 64.46
N LYS OA 43 -21.02 -39.44 65.42
CA LYS OA 43 -20.04 -38.36 65.51
C LYS OA 43 -19.13 -38.32 64.29
N ALA OA 44 -18.71 -39.48 63.80
CA ALA OA 44 -17.90 -39.54 62.59
C ALA OA 44 -18.70 -39.07 61.38
N LEU OA 45 -19.99 -39.42 61.32
CA LEU OA 45 -20.83 -38.94 60.23
C LEU OA 45 -20.95 -37.44 60.24
N ALA OA 46 -21.12 -36.85 61.44
CA ALA OA 46 -21.17 -35.39 61.56
C ALA OA 46 -19.87 -34.75 61.10
N GLU OA 47 -18.73 -35.34 61.46
CA GLU OA 47 -17.44 -34.81 61.03
C GLU OA 47 -17.30 -34.84 59.51
N LEU OA 48 -17.72 -35.94 58.88
CA LEU OA 48 -17.63 -36.01 57.42
C LEU OA 48 -18.55 -35.02 56.75
N VAL OA 49 -19.75 -34.82 57.29
CA VAL OA 49 -20.68 -33.86 56.71
C VAL OA 49 -20.12 -32.44 56.82
N ARG OA 50 -19.47 -32.12 57.94
CA ARG OA 50 -18.91 -30.78 58.10
C ARG OA 50 -17.73 -30.55 57.15
N LYS OA 51 -16.90 -31.58 56.95
CA LYS OA 51 -15.85 -31.48 55.94
C LYS OA 51 -16.43 -31.28 54.55
N LEU OA 52 -17.56 -31.94 54.25
CA LEU OA 52 -18.22 -31.75 52.97
C LEU OA 52 -18.69 -30.31 52.79
N LYS OA 53 -19.24 -29.71 53.86
CA LYS OA 53 -19.61 -28.30 53.81
C LYS OA 53 -18.42 -27.43 53.43
N GLU OA 54 -17.29 -27.65 54.11
CA GLU OA 54 -16.10 -26.85 53.84
C GLU OA 54 -15.64 -27.02 52.39
N LEU OA 55 -15.70 -28.25 51.89
CA LEU OA 55 -15.26 -28.51 50.51
C LEU OA 55 -16.17 -27.81 49.51
N VAL OA 56 -17.48 -27.81 49.77
CA VAL OA 56 -18.41 -27.11 48.88
C VAL OA 56 -18.14 -25.60 48.89
N GLU OA 57 -17.85 -25.05 50.07
CA GLU OA 57 -17.48 -23.63 50.15
C GLU OA 57 -16.26 -23.34 49.29
N ASP OA 58 -15.23 -24.18 49.39
CA ASP OA 58 -14.02 -23.97 48.58
C ASP OA 58 -14.33 -24.04 47.09
N MET OA 59 -15.15 -25.02 46.69
CA MET OA 59 -15.54 -25.15 45.29
C MET OA 59 -16.22 -23.89 44.77
N GLU OA 60 -17.16 -23.33 45.55
CA GLU OA 60 -17.88 -22.16 45.06
C GLU OA 60 -16.98 -20.94 45.05
N ARG OA 61 -16.05 -20.84 46.01
CA ARG OA 61 -15.10 -19.74 46.00
C ARG OA 61 -14.24 -19.76 44.74
N SER OA 62 -13.83 -20.95 44.30
CA SER OA 62 -13.02 -21.03 43.08
C SER OA 62 -13.87 -20.78 41.83
N MET OA 63 -15.11 -21.26 41.83
CA MET OA 63 -15.93 -21.12 40.63
C MET OA 63 -16.35 -19.68 40.40
N LYS OA 64 -16.58 -18.91 41.48
CA LYS OA 64 -16.90 -17.50 41.30
C LYS OA 64 -15.77 -16.75 40.62
N GLU OA 65 -14.52 -17.03 41.02
CA GLU OA 65 -13.39 -16.36 40.38
C GLU OA 65 -13.23 -16.81 38.93
N GLN OA 66 -13.46 -18.09 38.63
CA GLN OA 66 -13.33 -18.48 37.23
C GLN OA 66 -14.39 -17.78 36.38
N LEU OA 67 -15.62 -17.68 36.89
CA LEU OA 67 -16.67 -17.01 36.14
C LEU OA 67 -16.36 -15.52 35.98
N TYR OA 68 -15.79 -14.91 37.01
CA TYR OA 68 -15.42 -13.50 36.93
C TYR OA 68 -14.37 -13.26 35.85
N ILE OA 69 -13.33 -14.10 35.83
CA ILE OA 69 -12.30 -13.96 34.80
C ILE OA 69 -12.88 -14.28 33.42
N ILE OA 70 -13.89 -15.14 33.36
CA ILE OA 70 -14.51 -15.49 32.09
C ILE OA 70 -15.11 -14.26 31.43
N LYS OA 71 -15.94 -13.52 32.15
CA LYS OA 71 -16.60 -12.35 31.60
C LYS OA 71 -15.68 -11.13 31.65
N THR PA 2 31.90 -9.55 -6.65
CA THR PA 2 33.16 -8.94 -7.04
C THR PA 2 34.34 -9.85 -6.74
N ASP PA 3 34.07 -11.07 -6.25
CA ASP PA 3 35.14 -12.01 -5.93
C ASP PA 3 35.87 -12.45 -7.20
N GLU PA 4 35.13 -12.60 -8.29
CA GLU PA 4 35.74 -12.87 -9.59
C GLU PA 4 36.73 -11.77 -9.98
N LEU PA 5 36.54 -10.56 -9.45
CA LEU PA 5 37.39 -9.44 -9.86
C LEU PA 5 38.61 -9.30 -8.95
N LEU PA 6 38.42 -9.55 -7.66
CA LEU PA 6 39.51 -9.46 -6.71
C LEU PA 6 40.45 -10.63 -6.86
N ARG PA 7 39.94 -11.79 -7.27
CA ARG PA 7 40.82 -12.91 -7.52
C ARG PA 7 41.84 -12.56 -8.61
N LEU PA 8 41.41 -11.81 -9.62
CA LEU PA 8 42.31 -11.36 -10.66
C LEU PA 8 43.20 -10.22 -10.18
N ALA PA 9 42.68 -9.38 -9.29
CA ALA PA 9 43.53 -8.36 -8.67
C ALA PA 9 44.55 -8.94 -7.68
N LYS PA 10 44.40 -10.22 -7.32
CA LYS PA 10 45.43 -10.97 -6.60
C LYS PA 10 46.44 -11.57 -7.56
N GLU PA 11 45.95 -12.16 -8.63
CA GLU PA 11 46.81 -12.78 -9.62
C GLU PA 11 47.74 -11.82 -10.31
N GLN PA 12 47.24 -10.62 -10.58
CA GLN PA 12 48.07 -9.62 -11.25
C GLN PA 12 49.11 -9.06 -10.31
N ALA PA 13 48.79 -8.92 -9.02
CA ALA PA 13 49.79 -8.44 -8.06
C ALA PA 13 50.92 -9.45 -7.90
N GLU PA 14 50.57 -10.74 -7.85
CA GLU PA 14 51.60 -11.78 -7.83
C GLU PA 14 52.53 -11.66 -9.03
N LEU PA 15 51.93 -11.53 -10.23
CA LEU PA 15 52.74 -11.44 -11.44
C LEU PA 15 53.61 -10.19 -11.44
N LEU PA 16 53.09 -9.08 -10.94
CA LEU PA 16 53.86 -7.84 -10.92
C LEU PA 16 55.05 -7.94 -9.99
N LYS PA 17 54.89 -8.59 -8.84
CA LYS PA 17 56.03 -8.80 -7.95
C LYS PA 17 57.09 -9.67 -8.62
N GLU PA 18 56.66 -10.74 -9.30
CA GLU PA 18 57.62 -11.58 -10.02
C GLU PA 18 58.40 -10.76 -11.05
N ILE PA 19 57.69 -9.91 -11.79
CA ILE PA 19 58.32 -9.14 -12.86
C ILE PA 19 59.31 -8.13 -12.29
N LYS PA 20 58.96 -7.49 -11.17
CA LYS PA 20 59.86 -6.51 -10.57
C LYS PA 20 61.13 -7.17 -10.06
N ILE PA 21 61.00 -8.36 -9.43
CA ILE PA 21 62.19 -9.06 -8.97
C ILE PA 21 63.08 -9.44 -10.15
N LEU PA 22 62.47 -9.90 -11.25
CA LEU PA 22 63.27 -10.33 -12.40
C LEU PA 22 63.97 -9.14 -13.05
N VAL PA 23 63.32 -7.98 -13.10
CA VAL PA 23 63.96 -6.79 -13.65
C VAL PA 23 65.14 -6.35 -12.79
N GLU PA 24 64.99 -6.44 -11.46
CA GLU PA 24 66.13 -6.14 -10.58
C GLU PA 24 67.32 -7.05 -10.87
N LEU PA 25 67.05 -8.35 -11.02
CA LEU PA 25 68.14 -9.29 -11.30
C LEU PA 25 68.78 -8.99 -12.66
N ILE PA 26 67.98 -8.62 -13.66
CA ILE PA 26 68.53 -8.29 -14.98
C ILE PA 26 69.42 -7.06 -14.90
N ALA PA 27 69.01 -6.05 -14.13
CA ALA PA 27 69.84 -4.85 -13.99
C ALA PA 27 71.18 -5.17 -13.32
N MET PA 28 71.14 -6.00 -12.27
CA MET PA 28 72.39 -6.41 -11.62
C MET PA 28 73.30 -7.16 -12.59
N LEU PA 29 72.73 -8.07 -13.37
CA LEU PA 29 73.53 -8.84 -14.32
C LEU PA 29 74.14 -7.94 -15.39
N VAL PA 30 73.39 -6.93 -15.85
CA VAL PA 30 73.93 -6.01 -16.85
C VAL PA 30 75.12 -5.24 -16.28
N LYS PA 31 75.02 -4.79 -15.02
CA LYS PA 31 76.17 -4.10 -14.42
C LYS PA 31 77.39 -5.03 -14.29
N VAL PA 32 77.17 -6.26 -13.83
CA VAL PA 32 78.27 -7.22 -13.71
C VAL PA 32 78.91 -7.48 -15.07
N ILE PA 33 78.10 -7.53 -16.14
CA ILE PA 33 78.65 -7.75 -17.48
C ILE PA 33 79.41 -6.54 -17.97
N GLN PA 34 78.91 -5.33 -17.68
CA GLN PA 34 79.65 -4.12 -18.01
C GLN PA 34 81.04 -4.14 -17.42
N LYS PA 35 81.15 -4.44 -16.12
CA LYS PA 35 82.47 -4.36 -15.50
C LYS PA 35 83.37 -5.51 -15.93
N ASP PA 36 82.82 -6.70 -16.14
CA ASP PA 36 83.57 -7.84 -16.65
C ASP PA 36 82.75 -8.63 -17.66
N PRO PA 37 83.01 -8.48 -18.96
CA PRO PA 37 82.19 -9.15 -19.98
C PRO PA 37 82.54 -10.61 -20.22
N SER PA 38 81.52 -11.48 -20.19
CA SER PA 38 81.68 -12.90 -20.49
C SER PA 38 80.53 -13.36 -21.38
N ASP PA 39 80.66 -14.58 -21.92
CA ASP PA 39 79.67 -15.13 -22.83
C ASP PA 39 78.61 -15.95 -22.10
N GLU PA 40 79.00 -16.69 -21.05
CA GLU PA 40 78.01 -17.37 -20.21
C GLU PA 40 77.09 -16.35 -19.54
N ALA PA 41 77.64 -15.20 -19.17
CA ALA PA 41 76.81 -14.13 -18.62
C ALA PA 41 75.78 -13.67 -19.65
N LEU PA 42 76.16 -13.59 -20.92
CA LEU PA 42 75.23 -13.15 -21.94
C LEU PA 42 74.16 -14.20 -22.23
N LYS PA 43 74.53 -15.49 -22.19
CA LYS PA 43 73.52 -16.53 -22.31
C LYS PA 43 72.53 -16.48 -21.14
N ALA PA 44 73.02 -16.25 -19.93
CA ALA PA 44 72.13 -16.14 -18.77
C ALA PA 44 71.22 -14.92 -18.89
N LEU PA 45 71.75 -13.81 -19.41
CA LEU PA 45 70.94 -12.62 -19.63
C LEU PA 45 69.83 -12.90 -20.66
N ALA PA 46 70.17 -13.66 -21.70
CA ALA PA 46 69.16 -14.04 -22.69
C ALA PA 46 68.06 -14.88 -22.05
N GLU PA 47 68.43 -15.85 -21.22
CA GLU PA 47 67.41 -16.66 -20.54
C GLU PA 47 66.52 -15.78 -19.65
N LEU PA 48 67.12 -14.82 -18.96
CA LEU PA 48 66.33 -13.96 -18.08
C LEU PA 48 65.36 -13.09 -18.87
N VAL PA 49 65.81 -12.55 -20.00
CA VAL PA 49 64.92 -11.72 -20.83
C VAL PA 49 63.79 -12.56 -21.42
N ARG PA 50 64.06 -13.81 -21.76
CA ARG PA 50 63.00 -14.67 -22.27
C ARG PA 50 61.96 -14.97 -21.20
N LYS PA 51 62.41 -15.24 -19.98
CA LYS PA 51 61.46 -15.41 -18.87
C LYS PA 51 60.64 -14.15 -18.62
N LEU PA 52 61.27 -12.99 -18.79
CA LEU PA 52 60.56 -11.72 -18.64
C LEU PA 52 59.44 -11.59 -19.66
N LYS PA 53 59.74 -11.91 -20.93
CA LYS PA 53 58.72 -11.89 -21.98
C LYS PA 53 57.55 -12.81 -21.63
N GLU PA 54 57.87 -14.01 -21.15
CA GLU PA 54 56.82 -14.96 -20.77
C GLU PA 54 55.94 -14.40 -19.66
N LEU PA 55 56.55 -13.78 -18.65
CA LEU PA 55 55.75 -13.20 -17.56
C LEU PA 55 54.88 -12.05 -18.06
N VAL PA 56 55.40 -11.24 -18.98
CA VAL PA 56 54.63 -10.12 -19.49
C VAL PA 56 53.39 -10.61 -20.23
N GLU PA 57 53.56 -11.67 -21.04
CA GLU PA 57 52.39 -12.20 -21.75
C GLU PA 57 51.39 -12.85 -20.80
N ASP PA 58 51.88 -13.52 -19.76
CA ASP PA 58 50.97 -14.03 -18.73
C ASP PA 58 50.13 -12.91 -18.13
N MET PA 59 50.79 -11.79 -17.80
CA MET PA 59 50.09 -10.67 -17.22
C MET PA 59 49.07 -10.06 -18.17
N GLU PA 60 49.39 -10.00 -19.46
CA GLU PA 60 48.42 -9.43 -20.39
C GLU PA 60 47.20 -10.33 -20.53
N ARG PA 61 47.40 -11.65 -20.49
CA ARG PA 61 46.25 -12.56 -20.45
C ARG PA 61 45.37 -12.29 -19.24
N SER PA 62 45.99 -12.21 -18.06
CA SER PA 62 45.22 -11.96 -16.84
C SER PA 62 44.46 -10.65 -16.93
N MET PA 63 45.10 -9.61 -17.48
CA MET PA 63 44.46 -8.30 -17.51
C MET PA 63 43.33 -8.25 -18.54
N LYS PA 64 43.47 -8.98 -19.65
CA LYS PA 64 42.34 -9.05 -20.58
C LYS PA 64 41.15 -9.75 -19.94
N GLU PA 65 41.40 -10.83 -19.19
CA GLU PA 65 40.28 -11.45 -18.50
C GLU PA 65 39.64 -10.49 -17.50
N GLN PA 66 40.47 -9.75 -16.76
CA GLN PA 66 39.96 -8.80 -15.78
C GLN PA 66 39.13 -7.71 -16.45
N LEU PA 67 39.59 -7.21 -17.60
CA LEU PA 67 38.88 -6.15 -18.30
C LEU PA 67 37.56 -6.65 -18.86
N TYR PA 68 37.53 -7.87 -19.37
CA TYR PA 68 36.27 -8.43 -19.85
C TYR PA 68 35.29 -8.61 -18.70
N ILE PA 69 35.76 -9.05 -17.54
CA ILE PA 69 34.85 -9.25 -16.41
C ILE PA 69 34.30 -7.92 -15.93
N ILE PA 70 35.14 -6.90 -15.79
CA ILE PA 70 34.66 -5.61 -15.28
C ILE PA 70 33.73 -4.94 -16.29
N LYS PA 71 34.09 -4.99 -17.57
CA LYS PA 71 33.27 -4.36 -18.60
C LYS PA 71 31.94 -5.09 -18.78
N THR QA 2 -23.64 -7.62 -23.48
CA THR QA 2 -24.94 -8.17 -23.11
C THR QA 2 -26.09 -7.42 -23.77
N ASP QA 3 -25.76 -6.41 -24.57
CA ASP QA 3 -26.77 -5.69 -25.32
C ASP QA 3 -27.00 -6.29 -26.70
N GLU QA 4 -25.96 -6.86 -27.30
CA GLU QA 4 -26.11 -7.67 -28.50
C GLU QA 4 -26.90 -8.94 -28.23
N LEU QA 5 -26.99 -9.33 -26.96
CA LEU QA 5 -27.89 -10.41 -26.56
C LEU QA 5 -29.34 -9.94 -26.48
N LEU QA 6 -29.57 -8.72 -25.99
CA LEU QA 6 -30.92 -8.23 -25.84
C LEU QA 6 -31.54 -7.83 -27.18
N ARG QA 7 -30.73 -7.37 -28.14
CA ARG QA 7 -31.31 -7.08 -29.44
C ARG QA 7 -31.81 -8.36 -30.12
N LEU QA 8 -31.11 -9.47 -29.91
CA LEU QA 8 -31.58 -10.76 -30.43
C LEU QA 8 -32.79 -11.25 -29.64
N ALA QA 9 -32.78 -11.07 -28.32
CA ALA QA 9 -33.95 -11.41 -27.51
C ALA QA 9 -35.17 -10.57 -27.87
N LYS QA 10 -34.99 -9.46 -28.57
CA LYS QA 10 -36.09 -8.66 -29.10
C LYS QA 10 -36.53 -9.09 -30.49
N GLU QA 11 -35.58 -9.39 -31.37
CA GLU QA 11 -35.92 -9.92 -32.69
C GLU QA 11 -36.66 -11.25 -32.58
N GLN QA 12 -36.31 -12.06 -31.58
CA GLN QA 12 -36.99 -13.33 -31.41
C GLN QA 12 -38.42 -13.16 -30.93
N ALA QA 13 -38.68 -12.18 -30.06
CA ALA QA 13 -40.05 -11.91 -29.62
C ALA QA 13 -40.89 -11.38 -30.78
N GLU QA 14 -40.30 -10.54 -31.62
CA GLU QA 14 -40.97 -10.12 -32.85
C GLU QA 14 -41.40 -11.32 -33.69
N LEU QA 15 -40.44 -12.21 -33.97
CA LEU QA 15 -40.75 -13.38 -34.79
C LEU QA 15 -41.80 -14.27 -34.14
N LEU QA 16 -41.74 -14.40 -32.81
CA LEU QA 16 -42.69 -15.27 -32.13
C LEU QA 16 -44.11 -14.72 -32.18
N LYS QA 17 -44.26 -13.41 -32.06
CA LYS QA 17 -45.60 -12.83 -32.17
C LYS QA 17 -46.15 -13.02 -33.59
N GLU QA 18 -45.30 -12.82 -34.60
CA GLU QA 18 -45.75 -13.07 -35.97
C GLU QA 18 -46.19 -14.53 -36.15
N ILE QA 19 -45.42 -15.46 -35.59
CA ILE QA 19 -45.75 -16.88 -35.71
C ILE QA 19 -47.07 -17.21 -35.01
N LYS QA 20 -47.32 -16.64 -33.85
CA LYS QA 20 -48.57 -16.85 -33.10
C LYS QA 20 -49.79 -16.27 -33.78
N ILE QA 21 -49.64 -15.17 -34.48
CA ILE QA 21 -50.74 -14.64 -35.28
C ILE QA 21 -51.03 -15.55 -36.47
N LEU QA 22 -49.96 -16.01 -37.15
CA LEU QA 22 -50.17 -16.85 -38.33
C LEU QA 22 -50.77 -18.20 -37.97
N VAL QA 23 -50.39 -18.77 -36.81
CA VAL QA 23 -50.98 -20.04 -36.39
C VAL QA 23 -52.47 -19.87 -36.10
N GLU QA 24 -52.86 -18.76 -35.47
CA GLU QA 24 -54.29 -18.52 -35.24
C GLU QA 24 -55.05 -18.40 -36.56
N LEU QA 25 -54.47 -17.69 -37.54
CA LEU QA 25 -55.13 -17.60 -38.85
C LEU QA 25 -55.28 -18.97 -39.50
N ILE QA 26 -54.26 -19.82 -39.38
CA ILE QA 26 -54.34 -21.16 -39.96
C ILE QA 26 -55.43 -21.99 -39.30
N ALA QA 27 -55.54 -21.89 -37.97
CA ALA QA 27 -56.59 -22.62 -37.26
C ALA QA 27 -57.98 -22.18 -37.70
N MET QA 28 -58.19 -20.87 -37.84
CA MET QA 28 -59.47 -20.36 -38.31
C MET QA 28 -59.80 -20.88 -39.71
N LEU QA 29 -58.80 -20.84 -40.61
CA LEU QA 29 -59.03 -21.29 -41.97
C LEU QA 29 -59.34 -22.78 -42.03
N VAL QA 30 -58.69 -23.57 -41.18
CA VAL QA 30 -58.99 -25.00 -41.10
C VAL QA 30 -60.43 -25.23 -40.65
N LYS QA 31 -60.90 -24.47 -39.65
CA LYS QA 31 -62.31 -24.58 -39.24
C LYS QA 31 -63.24 -24.27 -40.40
N VAL QA 32 -62.96 -23.18 -41.11
CA VAL QA 32 -63.81 -22.78 -42.24
C VAL QA 32 -63.82 -23.87 -43.32
N ILE QA 33 -62.67 -24.52 -43.55
CA ILE QA 33 -62.62 -25.58 -44.55
C ILE QA 33 -63.37 -26.81 -44.09
N GLN QA 34 -63.25 -27.17 -42.81
CA GLN QA 34 -64.03 -28.28 -42.27
C GLN QA 34 -65.51 -28.07 -42.51
N LYS QA 35 -65.99 -26.84 -42.29
CA LYS QA 35 -67.43 -26.62 -42.43
C LYS QA 35 -67.86 -26.65 -43.89
N ASP QA 36 -67.05 -26.13 -44.80
CA ASP QA 36 -67.40 -26.09 -46.22
C ASP QA 36 -66.12 -26.24 -47.04
N PRO QA 37 -65.73 -27.48 -47.36
CA PRO QA 37 -64.50 -27.72 -48.12
C PRO QA 37 -64.49 -27.00 -49.47
N SER QA 38 -63.30 -26.52 -49.86
CA SER QA 38 -63.14 -25.82 -51.12
C SER QA 38 -61.67 -25.88 -51.54
N ASP QA 39 -61.43 -25.57 -52.81
CA ASP QA 39 -60.10 -25.69 -53.40
C ASP QA 39 -59.25 -24.45 -53.17
N GLU QA 40 -59.81 -23.27 -53.37
CA GLU QA 40 -59.07 -22.03 -53.12
C GLU QA 40 -58.70 -21.92 -51.65
N ALA QA 41 -59.55 -22.42 -50.76
CA ALA QA 41 -59.21 -22.44 -49.35
C ALA QA 41 -57.97 -23.29 -49.08
N LEU QA 42 -57.85 -24.43 -49.77
CA LEU QA 42 -56.66 -25.27 -49.58
C LEU QA 42 -55.41 -24.63 -50.19
N LYS QA 43 -55.55 -23.92 -51.31
CA LYS QA 43 -54.40 -23.20 -51.85
C LYS QA 43 -53.94 -22.10 -50.88
N ALA QA 44 -54.87 -21.37 -50.27
CA ALA QA 44 -54.51 -20.36 -49.29
C ALA QA 44 -53.88 -20.98 -48.05
N LEU QA 45 -54.38 -22.14 -47.63
CA LEU QA 45 -53.79 -22.83 -46.48
C LEU QA 45 -52.37 -23.27 -46.77
N ALA QA 46 -52.11 -23.74 -47.99
CA ALA QA 46 -50.76 -24.10 -48.38
C ALA QA 46 -49.83 -22.89 -48.34
N GLU QA 47 -50.30 -21.75 -48.86
CA GLU QA 47 -49.51 -20.53 -48.80
C GLU QA 47 -49.19 -20.13 -47.36
N LEU QA 48 -50.18 -20.24 -46.46
CA LEU QA 48 -49.96 -19.87 -45.07
C LEU QA 48 -48.96 -20.79 -44.39
N VAL QA 49 -49.02 -22.10 -44.69
CA VAL QA 49 -48.07 -23.04 -44.11
C VAL QA 49 -46.65 -22.77 -44.62
N ARG QA 50 -46.53 -22.40 -45.90
CA ARG QA 50 -45.21 -22.04 -46.43
C ARG QA 50 -44.64 -20.82 -45.70
N LYS QA 51 -45.47 -19.79 -45.48
CA LYS QA 51 -45.03 -18.64 -44.70
C LYS QA 51 -44.59 -19.05 -43.29
N LEU QA 52 -45.33 -19.97 -42.67
CA LEU QA 52 -44.99 -20.42 -41.32
C LEU QA 52 -43.63 -21.10 -41.30
N LYS QA 53 -43.36 -21.93 -42.31
CA LYS QA 53 -42.04 -22.57 -42.41
C LYS QA 53 -40.92 -21.53 -42.53
N GLU QA 54 -41.13 -20.52 -43.37
CA GLU QA 54 -40.12 -19.46 -43.48
C GLU QA 54 -39.88 -18.76 -42.15
N LEU QA 55 -40.96 -18.50 -41.40
CA LEU QA 55 -40.80 -17.83 -40.12
C LEU QA 55 -40.05 -18.69 -39.12
N VAL QA 56 -40.29 -20.01 -39.14
CA VAL QA 56 -39.58 -20.89 -38.22
C VAL QA 56 -38.09 -20.93 -38.54
N GLU QA 57 -37.74 -20.96 -39.84
CA GLU QA 57 -36.33 -20.91 -40.21
C GLU QA 57 -35.68 -19.61 -39.74
N ASP QA 58 -36.37 -18.47 -39.91
CA ASP QA 58 -35.82 -17.21 -39.42
C ASP QA 58 -35.60 -17.24 -37.92
N MET QA 59 -36.57 -17.77 -37.17
CA MET QA 59 -36.42 -17.91 -35.73
C MET QA 59 -35.19 -18.72 -35.37
N GLU QA 60 -34.97 -19.85 -36.06
CA GLU QA 60 -33.85 -20.71 -35.68
C GLU QA 60 -32.52 -20.05 -36.02
N ARG QA 61 -32.46 -19.32 -37.14
CA ARG QA 61 -31.23 -18.58 -37.46
C ARG QA 61 -30.90 -17.58 -36.36
N SER QA 62 -31.89 -16.79 -35.95
CA SER QA 62 -31.64 -15.78 -34.91
C SER QA 62 -31.24 -16.44 -33.60
N MET QA 63 -31.85 -17.58 -33.26
CA MET QA 63 -31.55 -18.18 -31.97
C MET QA 63 -30.18 -18.88 -31.99
N LYS QA 64 -29.74 -19.40 -33.14
CA LYS QA 64 -28.39 -19.93 -33.21
C LYS QA 64 -27.34 -18.83 -33.13
N GLU QA 65 -27.61 -17.66 -33.74
CA GLU QA 65 -26.69 -16.54 -33.54
C GLU QA 65 -26.61 -16.15 -32.07
N GLN QA 66 -27.76 -16.08 -31.39
CA GLN QA 66 -27.73 -15.78 -29.95
C GLN QA 66 -26.97 -16.84 -29.17
N LEU QA 67 -27.09 -18.11 -29.55
CA LEU QA 67 -26.37 -19.16 -28.85
C LEU QA 67 -24.86 -19.05 -29.06
N TYR QA 68 -24.44 -18.65 -30.26
CA TYR QA 68 -23.03 -18.46 -30.52
C TYR QA 68 -22.47 -17.26 -29.76
N ILE QA 69 -23.26 -16.21 -29.56
CA ILE QA 69 -22.77 -15.08 -28.78
C ILE QA 69 -22.77 -15.39 -27.29
N ILE QA 70 -23.80 -16.07 -26.79
CA ILE QA 70 -23.89 -16.35 -25.36
C ILE QA 70 -22.78 -17.30 -24.92
N LYS QA 71 -22.24 -18.09 -25.84
CA LYS QA 71 -21.20 -19.07 -25.52
C LYS QA 71 -19.91 -18.40 -25.06
N THR RA 2 -5.66 9.58 32.12
CA THR RA 2 -6.56 10.58 32.70
C THR RA 2 -7.14 10.10 34.04
N ASP RA 3 -6.70 8.91 34.47
CA ASP RA 3 -7.15 8.40 35.77
C ASP RA 3 -6.53 9.19 36.92
N GLU RA 4 -5.30 9.67 36.73
CA GLU RA 4 -4.70 10.61 37.68
C GLU RA 4 -5.59 11.84 37.86
N LEU RA 5 -6.18 12.31 36.75
CA LEU RA 5 -6.91 13.56 36.79
C LEU RA 5 -8.24 13.40 37.52
N LEU RA 6 -8.94 12.29 37.32
CA LEU RA 6 -10.17 12.08 38.07
C LEU RA 6 -9.91 11.68 39.52
N ARG RA 7 -8.78 11.00 39.80
CA ARG RA 7 -8.34 10.85 41.18
C ARG RA 7 -8.26 12.21 41.88
N LEU RA 8 -7.60 13.16 41.23
CA LEU RA 8 -7.43 14.48 41.83
C LEU RA 8 -8.76 15.22 41.93
N ALA RA 9 -9.64 15.02 40.95
CA ALA RA 9 -10.97 15.63 41.00
C ALA RA 9 -11.85 15.04 42.10
N LYS RA 10 -11.61 13.79 42.49
CA LYS RA 10 -12.32 13.21 43.63
C LYS RA 10 -11.78 13.79 44.93
N GLU RA 11 -10.46 13.87 45.04
CA GLU RA 11 -9.81 14.49 46.20
C GLU RA 11 -10.36 15.90 46.44
N GLN RA 12 -10.48 16.68 45.36
CA GLN RA 12 -10.92 18.07 45.50
C GLN RA 12 -12.37 18.16 45.96
N ALA RA 13 -13.25 17.29 45.44
CA ALA RA 13 -14.65 17.33 45.82
C ALA RA 13 -14.84 16.92 47.28
N GLU RA 14 -14.07 15.92 47.73
CA GLU RA 14 -14.07 15.55 49.14
C GLU RA 14 -13.68 16.72 50.02
N LEU RA 15 -12.58 17.39 49.68
CA LEU RA 15 -12.14 18.55 50.45
C LEU RA 15 -13.20 19.66 50.44
N LEU RA 16 -13.84 19.88 49.30
CA LEU RA 16 -14.78 20.98 49.19
C LEU RA 16 -16.03 20.72 50.03
N LYS RA 17 -16.49 19.47 50.09
CA LYS RA 17 -17.63 19.19 50.96
C LYS RA 17 -17.28 19.37 52.43
N GLU RA 18 -16.07 18.95 52.83
CA GLU RA 18 -15.63 19.25 54.19
C GLU RA 18 -15.68 20.75 54.48
N ILE RA 19 -15.16 21.55 53.55
CA ILE RA 19 -15.07 23.00 53.75
C ILE RA 19 -16.46 23.60 53.88
N LYS RA 20 -17.40 23.16 53.03
CA LYS RA 20 -18.75 23.70 53.07
C LYS RA 20 -19.45 23.37 54.39
N ILE RA 21 -19.30 22.13 54.87
CA ILE RA 21 -19.88 21.77 56.16
C ILE RA 21 -19.30 22.64 57.27
N LEU RA 22 -17.99 22.86 57.24
CA LEU RA 22 -17.35 23.62 58.31
C LEU RA 22 -17.79 25.08 58.29
N VAL RA 23 -17.97 25.65 57.09
CA VAL RA 23 -18.45 27.02 56.99
C VAL RA 23 -19.87 27.14 57.55
N GLU RA 24 -20.71 26.13 57.29
CA GLU RA 24 -22.07 26.13 57.84
C GLU RA 24 -22.04 26.12 59.37
N LEU RA 25 -21.18 25.26 59.94
CA LEU RA 25 -21.04 25.24 61.40
C LEU RA 25 -20.56 26.58 61.95
N ILE RA 26 -19.63 27.23 61.25
CA ILE RA 26 -19.12 28.53 61.69
C ILE RA 26 -20.22 29.58 61.69
N ALA RA 27 -21.06 29.58 60.64
CA ALA RA 27 -22.17 30.53 60.58
C ALA RA 27 -23.15 30.32 61.73
N MET RA 28 -23.48 29.06 62.03
CA MET RA 28 -24.38 28.78 63.15
C MET RA 28 -23.78 29.27 64.47
N LEU RA 29 -22.49 29.00 64.68
CA LEU RA 29 -21.84 29.43 65.91
C LEU RA 29 -21.82 30.95 66.04
N VAL RA 30 -21.62 31.65 64.92
CA VAL RA 30 -21.62 33.11 64.96
C VAL RA 30 -23.00 33.63 65.35
N LYS RA 31 -24.06 33.02 64.82
CA LYS RA 31 -25.43 33.41 65.21
C LYS RA 31 -25.64 33.21 66.72
N VAL RA 32 -25.24 32.04 67.22
CA VAL RA 32 -25.41 31.76 68.64
C VAL RA 32 -24.64 32.76 69.50
N ILE RA 33 -23.42 33.15 69.06
CA ILE RA 33 -22.63 34.11 69.81
C ILE RA 33 -23.28 35.49 69.77
N GLN RA 34 -23.79 35.90 68.62
CA GLN RA 34 -24.52 37.16 68.54
C GLN RA 34 -25.65 37.20 69.55
N LYS RA 35 -26.39 36.10 69.69
CA LYS RA 35 -27.47 36.08 70.67
C LYS RA 35 -26.94 36.03 72.10
N ASP RA 36 -25.94 35.17 72.37
CA ASP RA 36 -25.40 35.00 73.71
C ASP RA 36 -23.87 35.05 73.68
N PRO RA 37 -23.27 36.21 73.96
CA PRO RA 37 -21.80 36.39 73.90
C PRO RA 37 -21.02 35.75 75.04
N SER RA 38 -20.49 34.56 74.78
CA SER RA 38 -19.63 33.84 75.71
C SER RA 38 -18.20 33.81 75.19
N ASP RA 39 -17.27 33.45 76.07
CA ASP RA 39 -15.85 33.39 75.74
C ASP RA 39 -15.40 32.01 75.24
N GLU RA 40 -15.95 30.93 75.82
CA GLU RA 40 -15.67 29.60 75.29
C GLU RA 40 -16.22 29.44 73.88
N ALA RA 41 -17.32 30.12 73.57
CA ALA RA 41 -17.81 30.16 72.21
C ALA RA 41 -16.79 30.79 71.27
N LEU RA 42 -16.12 31.86 71.73
CA LEU RA 42 -15.11 32.51 70.90
C LEU RA 42 -13.88 31.63 70.73
N LYS RA 43 -13.50 30.89 71.77
CA LYS RA 43 -12.39 29.94 71.64
C LYS RA 43 -12.73 28.84 70.64
N ALA RA 44 -13.96 28.34 70.67
CA ALA RA 44 -14.38 27.32 69.71
C ALA RA 44 -14.44 27.88 68.29
N LEU RA 45 -14.86 29.14 68.15
CA LEU RA 45 -14.85 29.80 66.84
C LEU RA 45 -13.44 29.90 66.29
N ALA RA 46 -12.47 30.27 67.13
CA ALA RA 46 -11.09 30.34 66.70
C ALA RA 46 -10.57 28.96 66.25
N GLU RA 47 -10.91 27.93 67.01
CA GLU RA 47 -10.53 26.56 66.63
C GLU RA 47 -11.11 26.19 65.26
N LEU RA 48 -12.38 26.54 65.02
CA LEU RA 48 -13.00 26.19 63.75
C LEU RA 48 -12.37 26.96 62.59
N VAL RA 49 -12.03 28.23 62.82
CA VAL RA 49 -11.41 29.03 61.76
C VAL RA 49 -10.04 28.49 61.39
N ARG RA 50 -9.27 28.06 62.38
CA ARG RA 50 -7.98 27.47 62.13
C ARG RA 50 -8.12 26.20 61.35
N LYS RA 51 -9.06 25.35 61.70
CA LYS RA 51 -9.35 24.14 60.92
C LYS RA 51 -9.67 24.47 59.46
N LEU RA 52 -10.46 25.53 59.25
CA LEU RA 52 -10.82 25.93 57.89
C LEU RA 52 -9.59 26.38 57.11
N LYS RA 53 -8.68 27.09 57.77
CA LYS RA 53 -7.42 27.48 57.13
C LYS RA 53 -6.64 26.26 56.67
N GLU RA 54 -6.52 25.26 57.54
CA GLU RA 54 -5.83 24.03 57.16
C GLU RA 54 -6.48 23.37 55.94
N LEU RA 55 -7.81 23.32 55.92
CA LEU RA 55 -8.52 22.71 54.80
C LEU RA 55 -8.28 23.47 53.50
N VAL RA 56 -8.24 24.80 53.58
CA VAL RA 56 -8.02 25.60 52.38
C VAL RA 56 -6.60 25.35 51.84
N GLU RA 57 -5.61 25.25 52.73
CA GLU RA 57 -4.26 24.94 52.28
C GLU RA 57 -4.20 23.58 51.57
N ASP RA 58 -4.84 22.57 52.16
CA ASP RA 58 -4.89 21.25 51.54
C ASP RA 58 -5.50 21.33 50.15
N MET RA 59 -6.62 22.06 50.03
CA MET RA 59 -7.27 22.24 48.74
C MET RA 59 -6.33 22.85 47.72
N GLU RA 60 -5.58 23.89 48.11
CA GLU RA 60 -4.77 24.57 47.11
C GLU RA 60 -3.60 23.71 46.67
N ARG RA 61 -3.02 22.92 47.58
CA ARG RA 61 -1.92 22.07 47.13
C ARG RA 61 -2.42 20.97 46.19
N SER RA 62 -3.59 20.39 46.49
CA SER RA 62 -4.16 19.42 45.57
C SER RA 62 -4.44 20.05 44.21
N MET RA 63 -4.95 21.28 44.19
CA MET RA 63 -5.27 21.91 42.91
C MET RA 63 -4.01 22.31 42.15
N LYS RA 64 -2.93 22.67 42.85
CA LYS RA 64 -1.67 22.92 42.15
C LYS RA 64 -1.13 21.65 41.50
N GLU RA 65 -1.21 20.51 42.20
CA GLU RA 65 -0.83 19.24 41.57
C GLU RA 65 -1.70 18.97 40.34
N GLN RA 66 -3.00 19.21 40.45
CA GLN RA 66 -3.90 19.01 39.31
C GLN RA 66 -3.52 19.91 38.14
N LEU RA 67 -3.21 21.18 38.42
CA LEU RA 67 -2.86 22.11 37.36
C LEU RA 67 -1.59 21.67 36.64
N TYR RA 68 -0.57 21.27 37.41
CA TYR RA 68 0.66 20.81 36.77
C TYR RA 68 0.40 19.58 35.90
N ILE RA 69 -0.40 18.63 36.39
CA ILE RA 69 -0.64 17.42 35.60
C ILE RA 69 -1.50 17.73 34.37
N ILE RA 70 -2.45 18.64 34.48
CA ILE RA 70 -3.49 18.79 33.48
C ILE RA 70 -3.03 19.57 32.26
N LYS RA 71 -2.00 20.41 32.40
CA LYS RA 71 -1.49 21.19 31.28
C LYS RA 71 -0.42 20.42 30.53
N THR SA 2 21.17 9.94 24.95
CA THR SA 2 20.79 11.32 24.68
C THR SA 2 21.05 12.22 25.88
N ASP SA 3 20.55 11.81 27.04
CA ASP SA 3 20.66 12.62 28.24
C ASP SA 3 21.95 12.38 29.01
N GLU SA 4 22.52 11.18 28.93
CA GLU SA 4 23.78 10.91 29.63
C GLU SA 4 24.93 11.73 29.07
N LEU SA 5 24.95 11.95 27.76
CA LEU SA 5 26.07 12.67 27.16
C LEU SA 5 26.01 14.15 27.52
N LEU SA 6 24.81 14.75 27.53
CA LEU SA 6 24.68 16.13 27.97
C LEU SA 6 24.91 16.26 29.48
N ARG SA 7 24.48 15.26 30.26
CA ARG SA 7 24.76 15.26 31.68
C ARG SA 7 26.27 15.27 31.95
N LEU SA 8 27.02 14.47 31.21
CA LEU SA 8 28.47 14.47 31.38
C LEU SA 8 29.11 15.76 30.89
N ALA SA 9 28.63 16.29 29.76
CA ALA SA 9 29.18 17.53 29.24
C ALA SA 9 28.91 18.72 30.16
N LYS SA 10 27.85 18.66 30.98
CA LYS SA 10 27.60 19.72 31.93
C LYS SA 10 28.19 19.43 33.30
N GLU SA 11 28.50 18.17 33.60
CA GLU SA 11 29.24 17.83 34.80
C GLU SA 11 30.70 18.23 34.71
N GLN SA 12 31.29 18.14 33.51
CA GLN SA 12 32.71 18.47 33.36
C GLN SA 12 32.98 19.96 33.49
N ALA SA 13 31.97 20.81 33.22
CA ALA SA 13 32.16 22.25 33.34
C ALA SA 13 32.36 22.66 34.80
N GLU SA 14 31.74 21.95 35.73
CA GLU SA 14 31.97 22.19 37.16
C GLU SA 14 33.43 21.99 37.50
N LEU SA 15 34.00 20.87 37.06
CA LEU SA 15 35.41 20.58 37.32
C LEU SA 15 36.32 21.61 36.65
N LEU SA 16 35.95 22.04 35.43
CA LEU SA 16 36.77 23.01 34.74
C LEU SA 16 36.78 24.35 35.48
N LYS SA 17 35.63 24.76 36.02
CA LYS SA 17 35.61 26.00 36.80
C LYS SA 17 36.42 25.86 38.09
N GLU SA 18 36.30 24.72 38.77
CA GLU SA 18 37.13 24.47 39.95
C GLU SA 18 38.60 24.61 39.60
N ILE SA 19 39.02 24.02 38.48
CA ILE SA 19 40.43 24.03 38.11
C ILE SA 19 40.89 25.44 37.78
N LYS SA 20 40.05 26.22 37.08
CA LYS SA 20 40.41 27.59 36.74
C LYS SA 20 40.61 28.45 37.99
N ILE SA 21 39.68 28.36 38.93
CA ILE SA 21 39.81 29.14 40.17
C ILE SA 21 41.05 28.70 40.96
N LEU SA 22 41.32 27.40 41.01
CA LEU SA 22 42.48 26.93 41.77
C LEU SA 22 43.78 27.38 41.10
N VAL SA 23 43.82 27.41 39.78
CA VAL SA 23 45.03 27.88 39.09
C VAL SA 23 45.24 29.38 39.32
N GLU SA 24 44.14 30.15 39.36
CA GLU SA 24 44.27 31.58 39.69
C GLU SA 24 44.83 31.78 41.09
N LEU SA 25 44.35 30.99 42.06
CA LEU SA 25 44.88 31.08 43.41
C LEU SA 25 46.35 30.69 43.46
N ILE SA 26 46.75 29.68 42.68
CA ILE SA 26 48.15 29.26 42.67
C ILE SA 26 49.03 30.36 42.09
N ALA SA 27 48.58 31.02 41.02
CA ALA SA 27 49.35 32.12 40.44
C ALA SA 27 49.52 33.27 41.43
N MET SA 28 48.45 33.63 42.12
CA MET SA 28 48.55 34.69 43.13
C MET SA 28 49.52 34.31 44.23
N LEU SA 29 49.45 33.08 44.72
CA LEU SA 29 50.34 32.65 45.78
C LEU SA 29 51.80 32.64 45.32
N VAL SA 30 52.03 32.28 44.06
CA VAL SA 30 53.40 32.32 43.54
C VAL SA 30 53.93 33.74 43.49
N LYS SA 31 53.10 34.70 43.08
CA LYS SA 31 53.53 36.11 43.14
C LYS SA 31 53.87 36.54 44.56
N VAL SA 32 53.01 36.20 45.52
CA VAL SA 32 53.24 36.58 46.91
C VAL SA 32 54.53 35.94 47.43
N ILE SA 33 54.82 34.70 47.01
CA ILE SA 33 56.04 34.04 47.45
C ILE SA 33 57.26 34.68 46.81
N GLN SA 34 57.17 35.06 45.54
CA GLN SA 34 58.26 35.77 44.88
C GLN SA 34 58.61 37.03 45.66
N LYS SA 35 57.58 37.76 46.12
CA LYS SA 35 57.87 39.00 46.83
C LYS SA 35 58.39 38.76 48.24
N ASP SA 36 57.75 37.86 49.00
CA ASP SA 36 58.13 37.58 50.38
C ASP SA 36 58.10 36.08 50.64
N PRO SA 37 59.21 35.38 50.38
CA PRO SA 37 59.22 33.92 50.52
C PRO SA 37 59.16 33.49 51.97
N SER SA 38 58.57 32.30 52.18
CA SER SA 38 58.51 31.68 53.51
C SER SA 38 58.20 30.19 53.32
N ASP SA 39 58.29 29.45 54.43
CA ASP SA 39 58.09 28.01 54.39
C ASP SA 39 56.63 27.62 54.45
N GLU SA 40 55.82 28.38 55.19
CA GLU SA 40 54.38 28.11 55.26
C GLU SA 40 53.71 28.37 53.92
N ALA SA 41 54.17 29.39 53.19
CA ALA SA 41 53.64 29.65 51.86
C ALA SA 41 53.95 28.51 50.90
N LEU SA 42 55.17 27.95 51.00
CA LEU SA 42 55.52 26.81 50.15
C LEU SA 42 54.73 25.56 50.52
N LYS SA 43 54.46 25.34 51.80
CA LYS SA 43 53.59 24.22 52.16
C LYS SA 43 52.18 24.40 51.61
N ALA SA 44 51.65 25.63 51.67
CA ALA SA 44 50.32 25.88 51.12
C ALA SA 44 50.30 25.70 49.60
N LEU SA 45 51.38 26.12 48.93
CA LEU SA 45 51.47 25.92 47.48
C LEU SA 45 51.51 24.44 47.13
N ALA SA 46 52.25 23.65 47.90
CA ALA SA 46 52.28 22.20 47.70
C ALA SA 46 50.90 21.60 47.84
N GLU SA 47 50.15 22.03 48.87
CA GLU SA 47 48.80 21.51 49.07
C GLU SA 47 47.89 21.88 47.89
N LEU SA 48 48.00 23.11 47.39
CA LEU SA 48 47.17 23.51 46.26
C LEU SA 48 47.51 22.71 45.01
N VAL SA 49 48.78 22.43 44.79
CA VAL SA 49 49.17 21.63 43.62
C VAL SA 49 48.66 20.20 43.73
N ARG SA 50 48.68 19.64 44.94
CA ARG SA 50 48.16 18.28 45.11
C ARG SA 50 46.66 18.23 44.84
N LYS SA 51 45.92 19.24 45.32
CA LYS SA 51 44.49 19.31 45.00
C LYS SA 51 44.26 19.47 43.51
N LEU SA 52 45.12 20.25 42.83
CA LEU SA 52 44.97 20.43 41.39
C LEU SA 52 45.19 19.11 40.65
N LYS SA 53 46.16 18.31 41.09
CA LYS SA 53 46.35 16.98 40.51
C LYS SA 53 45.09 16.14 40.65
N GLU SA 54 44.51 16.11 41.85
CA GLU SA 54 43.31 15.31 42.06
C GLU SA 54 42.17 15.78 41.17
N LEU SA 55 42.02 17.09 41.00
CA LEU SA 55 40.96 17.61 40.14
C LEU SA 55 41.18 17.23 38.68
N VAL SA 56 42.43 17.28 38.23
CA VAL SA 56 42.72 16.91 36.84
C VAL SA 56 42.39 15.44 36.61
N GLU SA 57 42.72 14.57 37.59
CA GLU SA 57 42.41 13.15 37.44
C GLU SA 57 40.90 12.90 37.42
N ASP SA 58 40.15 13.61 38.26
CA ASP SA 58 38.70 13.51 38.23
C ASP SA 58 38.15 13.89 36.85
N MET SA 59 38.64 15.01 36.31
CA MET SA 59 38.22 15.44 34.97
C MET SA 59 38.54 14.38 33.93
N GLU SA 60 39.70 13.73 34.04
CA GLU SA 60 40.13 12.77 33.04
C GLU SA 60 39.27 11.51 33.09
N ARG SA 61 38.93 11.05 34.29
CA ARG SA 61 38.01 9.92 34.43
C ARG SA 61 36.65 10.25 33.83
N SER SA 62 36.11 11.43 34.12
CA SER SA 62 34.82 11.81 33.56
C SER SA 62 34.88 11.87 32.03
N MET SA 63 36.00 12.35 31.47
CA MET SA 63 36.12 12.42 30.03
C MET SA 63 36.21 11.04 29.39
N LYS SA 64 36.92 10.10 30.03
CA LYS SA 64 36.93 8.73 29.50
C LYS SA 64 35.54 8.09 29.56
N GLU SA 65 34.80 8.36 30.63
CA GLU SA 65 33.41 7.88 30.69
C GLU SA 65 32.60 8.43 29.53
N GLN SA 66 32.68 9.72 29.27
CA GLN SA 66 31.88 10.28 28.20
C GLN SA 66 32.32 9.68 26.88
N LEU SA 67 33.62 9.52 26.69
CA LEU SA 67 34.10 9.01 25.41
C LEU SA 67 33.62 7.59 25.17
N TYR SA 68 33.57 6.77 26.23
CA TYR SA 68 33.00 5.43 26.06
C TYR SA 68 31.52 5.52 25.73
N ILE SA 69 30.80 6.46 26.33
CA ILE SA 69 29.37 6.58 26.06
C ILE SA 69 29.11 7.12 24.66
N ILE SA 70 29.96 8.04 24.19
CA ILE SA 70 29.75 8.68 22.89
C ILE SA 70 29.94 7.71 21.73
N LYS SA 71 30.54 6.56 22.00
CA LYS SA 71 30.77 5.56 20.95
C LYS SA 71 29.89 4.34 21.17
N THR TA 2 1.97 -33.43 -6.72
CA THR TA 2 0.59 -33.89 -6.85
C THR TA 2 0.47 -34.83 -8.04
N ASP TA 3 1.58 -35.03 -8.75
CA ASP TA 3 1.61 -35.96 -9.88
C ASP TA 3 1.93 -37.38 -9.45
N GLU TA 4 2.71 -37.53 -8.37
CA GLU TA 4 2.91 -38.85 -7.77
C GLU TA 4 1.57 -39.49 -7.41
N LEU TA 5 0.59 -38.70 -7.01
CA LEU TA 5 -0.72 -39.24 -6.65
C LEU TA 5 -1.39 -39.89 -7.85
N LEU TA 6 -1.40 -39.20 -8.99
CA LEU TA 6 -1.99 -39.77 -10.20
C LEU TA 6 -1.20 -40.97 -10.70
N ARG TA 7 0.14 -40.92 -10.59
CA ARG TA 7 0.96 -42.05 -11.02
C ARG TA 7 0.67 -43.29 -10.18
N LEU TA 8 0.50 -43.11 -8.86
CA LEU TA 8 0.19 -44.25 -8.00
C LEU TA 8 -1.21 -44.76 -8.25
N ALA TA 9 -2.17 -43.87 -8.56
CA ALA TA 9 -3.50 -44.33 -8.93
C ALA TA 9 -3.46 -45.14 -10.22
N LYS TA 10 -2.64 -44.72 -11.18
CA LYS TA 10 -2.45 -45.48 -12.42
C LYS TA 10 -1.88 -46.87 -12.15
N GLU TA 11 -0.84 -46.93 -11.31
CA GLU TA 11 -0.22 -48.21 -10.96
C GLU TA 11 -1.23 -49.14 -10.30
N GLN TA 12 -2.02 -48.61 -9.36
CA GLN TA 12 -3.02 -49.44 -8.69
C GLN TA 12 -4.11 -49.90 -9.64
N ALA TA 13 -4.51 -49.06 -10.61
CA ALA TA 13 -5.52 -49.50 -11.58
C ALA TA 13 -4.99 -50.65 -12.42
N GLU TA 14 -3.72 -50.56 -12.84
CA GLU TA 14 -3.11 -51.66 -13.58
C GLU TA 14 -3.11 -52.95 -12.76
N LEU TA 15 -2.68 -52.87 -11.50
CA LEU TA 15 -2.64 -54.06 -10.65
C LEU TA 15 -4.04 -54.63 -10.44
N LEU TA 16 -5.03 -53.76 -10.27
CA LEU TA 16 -6.39 -54.24 -10.03
C LEU TA 16 -6.95 -54.96 -11.25
N LYS TA 17 -6.63 -54.46 -12.46
CA LYS TA 17 -7.08 -55.17 -13.66
C LYS TA 17 -6.42 -56.54 -13.77
N GLU TA 18 -5.12 -56.62 -13.50
CA GLU TA 18 -4.47 -57.94 -13.49
C GLU TA 18 -5.14 -58.89 -12.50
N ILE TA 19 -5.44 -58.38 -11.30
CA ILE TA 19 -6.03 -59.23 -10.26
C ILE TA 19 -7.41 -59.71 -10.67
N LYS TA 20 -8.20 -58.84 -11.29
CA LYS TA 20 -9.54 -59.21 -11.73
C LYS TA 20 -9.50 -60.29 -12.80
N ILE TA 21 -8.58 -60.15 -13.77
CA ILE TA 21 -8.45 -61.17 -14.81
C ILE TA 21 -8.04 -62.51 -14.21
N LEU TA 22 -7.09 -62.48 -13.26
CA LEU TA 22 -6.60 -63.74 -12.69
C LEU TA 22 -7.67 -64.40 -11.84
N VAL TA 23 -8.49 -63.61 -11.15
CA VAL TA 23 -9.57 -64.20 -10.36
C VAL TA 23 -10.62 -64.84 -11.27
N GLU TA 24 -10.93 -64.21 -12.40
CA GLU TA 24 -11.85 -64.82 -13.35
C GLU TA 24 -11.32 -66.15 -13.88
N LEU TA 25 -10.03 -66.20 -14.20
CA LEU TA 25 -9.47 -67.46 -14.69
C LEU TA 25 -9.48 -68.54 -13.61
N ILE TA 26 -9.23 -68.16 -12.35
CA ILE TA 26 -9.29 -69.12 -11.26
C ILE TA 26 -10.70 -69.68 -11.10
N ALA TA 27 -11.72 -68.82 -11.20
CA ALA TA 27 -13.10 -69.28 -11.11
C ALA TA 27 -13.44 -70.27 -12.22
N MET TA 28 -13.02 -69.96 -13.45
CA MET TA 28 -13.25 -70.89 -14.56
C MET TA 28 -12.59 -72.23 -14.32
N LEU TA 29 -11.34 -72.21 -13.84
CA LEU TA 29 -10.62 -73.46 -13.61
C LEU TA 29 -11.25 -74.28 -12.50
N VAL TA 30 -11.78 -73.61 -11.47
CA VAL TA 30 -12.49 -74.32 -10.41
C VAL TA 30 -13.75 -74.99 -10.95
N LYS TA 31 -14.48 -74.32 -11.83
CA LYS TA 31 -15.65 -74.96 -12.46
C LYS TA 31 -15.25 -76.19 -13.27
N VAL TA 32 -14.19 -76.07 -14.05
CA VAL TA 32 -13.72 -77.20 -14.86
C VAL TA 32 -13.31 -78.36 -13.96
N ILE TA 33 -12.67 -78.07 -12.82
CA ILE TA 33 -12.28 -79.13 -11.89
C ILE TA 33 -13.51 -79.77 -11.25
N GLN TA 34 -14.49 -78.96 -10.85
CA GLN TA 34 -15.73 -79.49 -10.30
C GLN TA 34 -16.36 -80.50 -11.25
N LYS TA 35 -16.37 -80.19 -12.55
CA LYS TA 35 -17.02 -81.11 -13.48
C LYS TA 35 -16.33 -82.47 -13.49
N ASP TA 36 -15.01 -82.49 -13.71
CA ASP TA 36 -14.23 -83.70 -13.51
C ASP TA 36 -12.79 -83.38 -13.14
N PRO TA 37 -12.35 -83.77 -11.95
CA PRO TA 37 -11.06 -83.31 -11.42
C PRO TA 37 -9.88 -84.14 -11.91
N SER TA 38 -8.70 -83.55 -11.75
CA SER TA 38 -7.43 -84.21 -12.03
C SER TA 38 -6.34 -83.48 -11.27
N ASP TA 39 -5.12 -84.03 -11.34
CA ASP TA 39 -4.01 -83.49 -10.56
C ASP TA 39 -3.33 -82.31 -11.27
N GLU TA 40 -3.28 -82.36 -12.60
CA GLU TA 40 -2.69 -81.26 -13.36
C GLU TA 40 -3.47 -79.97 -13.19
N ALA TA 41 -4.80 -80.07 -13.13
CA ALA TA 41 -5.63 -78.91 -12.89
C ALA TA 41 -5.38 -78.32 -11.51
N LEU TA 42 -5.22 -79.17 -10.49
CA LEU TA 42 -4.96 -78.68 -9.15
C LEU TA 42 -3.59 -78.03 -9.04
N LYS TA 43 -2.59 -78.57 -9.74
CA LYS TA 43 -1.28 -77.92 -9.77
C LYS TA 43 -1.35 -76.55 -10.44
N ALA TA 44 -2.09 -76.46 -11.55
CA ALA TA 44 -2.26 -75.16 -12.21
C ALA TA 44 -3.00 -74.18 -11.32
N LEU TA 45 -4.01 -74.66 -10.58
CA LEU TA 45 -4.74 -73.80 -9.66
C LEU TA 45 -3.85 -73.28 -8.55
N ALA TA 46 -2.95 -74.14 -8.05
CA ALA TA 46 -1.99 -73.72 -7.05
C ALA TA 46 -1.07 -72.62 -7.58
N GLU TA 47 -0.58 -72.79 -8.81
CA GLU TA 47 0.25 -71.74 -9.41
C GLU TA 47 -0.52 -70.43 -9.55
N LEU TA 48 -1.80 -70.50 -9.93
CA LEU TA 48 -2.60 -69.29 -10.08
C LEU TA 48 -2.79 -68.59 -8.73
N VAL TA 49 -3.04 -69.36 -7.68
CA VAL TA 49 -3.22 -68.76 -6.35
C VAL TA 49 -1.93 -68.12 -5.87
N ARG TA 50 -0.78 -68.73 -6.18
CA ARG TA 50 0.50 -68.11 -5.80
C ARG TA 50 0.70 -66.77 -6.52
N LYS TA 51 0.38 -66.74 -7.82
CA LYS TA 51 0.44 -65.47 -8.55
C LYS TA 51 -0.47 -64.42 -7.94
N LEU TA 52 -1.68 -64.84 -7.51
CA LEU TA 52 -2.62 -63.89 -6.94
C LEU TA 52 -2.10 -63.32 -5.61
N LYS TA 53 -1.48 -64.17 -4.78
CA LYS TA 53 -0.84 -63.70 -3.56
C LYS TA 53 0.22 -62.64 -3.86
N GLU TA 54 1.08 -62.92 -4.85
CA GLU TA 54 2.11 -61.95 -5.21
C GLU TA 54 1.50 -60.62 -5.67
N LEU TA 55 0.41 -60.69 -6.44
CA LEU TA 55 -0.23 -59.47 -6.93
C LEU TA 55 -0.82 -58.66 -5.78
N VAL TA 56 -1.42 -59.34 -4.79
CA VAL TA 56 -1.98 -58.62 -3.65
C VAL TA 56 -0.87 -57.93 -2.85
N GLU TA 57 0.28 -58.60 -2.70
CA GLU TA 57 1.40 -57.97 -2.02
C GLU TA 57 1.87 -56.72 -2.75
N ASP TA 58 1.96 -56.79 -4.09
CA ASP TA 58 2.33 -55.61 -4.87
C ASP TA 58 1.33 -54.47 -4.68
N MET TA 59 0.04 -54.81 -4.69
CA MET TA 59 -0.99 -53.80 -4.48
C MET TA 59 -0.83 -53.11 -3.12
N GLU TA 60 -0.57 -53.89 -2.06
CA GLU TA 60 -0.46 -53.27 -0.74
C GLU TA 60 0.79 -52.40 -0.64
N ARG TA 61 1.91 -52.83 -1.23
CA ARG TA 61 3.10 -52.00 -1.14
C ARG TA 61 3.01 -50.75 -2.02
N SER TA 62 2.09 -50.73 -2.99
CA SER TA 62 1.82 -49.47 -3.70
C SER TA 62 0.87 -48.56 -2.92
N MET TA 63 -0.14 -49.16 -2.27
CA MET TA 63 -1.06 -48.34 -1.48
C MET TA 63 -0.38 -47.70 -0.28
N LYS TA 64 0.64 -48.36 0.28
CA LYS TA 64 1.42 -47.73 1.35
C LYS TA 64 2.07 -46.44 0.87
N GLU TA 65 2.71 -46.48 -0.31
CA GLU TA 65 3.32 -45.26 -0.84
C GLU TA 65 2.28 -44.18 -1.09
N GLN TA 66 1.13 -44.56 -1.65
CA GLN TA 66 0.11 -43.54 -1.93
C GLN TA 66 -0.37 -42.88 -0.64
N LEU TA 67 -0.65 -43.68 0.39
CA LEU TA 67 -1.10 -43.13 1.66
C LEU TA 67 -0.02 -42.28 2.30
N TYR TA 68 1.25 -42.70 2.17
CA TYR TA 68 2.36 -41.90 2.69
C TYR TA 68 2.40 -40.54 2.01
N ILE TA 69 2.21 -40.51 0.69
CA ILE TA 69 2.31 -39.24 -0.03
C ILE TA 69 1.14 -38.33 0.35
N ILE TA 70 -0.08 -38.89 0.44
CA ILE TA 70 -1.21 -38.04 0.80
C ILE TA 70 -1.13 -37.61 2.25
N LYS TA 71 -0.60 -38.46 3.13
CA LYS TA 71 -0.43 -38.10 4.53
C LYS TA 71 0.60 -36.99 4.70
N THR UA 2 12.82 -17.47 -26.29
CA THR UA 2 12.83 -17.13 -27.71
C THR UA 2 14.21 -17.34 -28.32
N ASP UA 3 15.09 -17.99 -27.56
CA ASP UA 3 16.43 -18.27 -28.07
C ASP UA 3 16.47 -19.57 -28.86
N GLU UA 4 15.74 -20.58 -28.40
CA GLU UA 4 15.61 -21.80 -29.19
C GLU UA 4 14.94 -21.52 -30.54
N LEU UA 5 13.99 -20.58 -30.56
CA LEU UA 5 13.36 -20.21 -31.82
C LEU UA 5 14.37 -19.62 -32.79
N LEU UA 6 15.23 -18.73 -32.30
CA LEU UA 6 16.22 -18.13 -33.18
C LEU UA 6 17.26 -19.15 -33.62
N ARG UA 7 17.61 -20.11 -32.75
CA ARG UA 7 18.54 -21.17 -33.14
C ARG UA 7 17.93 -22.04 -34.24
N LEU UA 8 16.65 -22.37 -34.11
CA LEU UA 8 15.98 -23.14 -35.15
C LEU UA 8 15.87 -22.36 -36.45
N ALA UA 9 15.69 -21.03 -36.36
CA ALA UA 9 15.69 -20.21 -37.56
C ALA UA 9 17.06 -20.26 -38.25
N LYS UA 10 18.14 -20.21 -37.45
CA LYS UA 10 19.49 -20.36 -38.00
C LYS UA 10 19.63 -21.68 -38.75
N GLU UA 11 19.22 -22.77 -38.10
CA GLU UA 11 19.28 -24.10 -38.70
C GLU UA 11 18.51 -24.14 -40.02
N GLN UA 12 17.30 -23.58 -40.03
CA GLN UA 12 16.46 -23.62 -41.22
C GLN UA 12 17.04 -22.77 -42.35
N ALA UA 13 17.67 -21.64 -42.01
CA ALA UA 13 18.29 -20.81 -43.04
C ALA UA 13 19.47 -21.51 -43.68
N GLU UA 14 20.29 -22.18 -42.87
CA GLU UA 14 21.37 -23.01 -43.41
C GLU UA 14 20.83 -24.04 -44.40
N LEU UA 15 19.78 -24.77 -43.97
CA LEU UA 15 19.22 -25.81 -44.82
C LEU UA 15 18.65 -25.23 -46.12
N LEU UA 16 18.03 -24.06 -46.04
CA LEU UA 16 17.42 -23.47 -47.23
C LEU UA 16 18.49 -23.02 -48.21
N LYS UA 17 19.62 -22.50 -47.73
CA LYS UA 17 20.71 -22.15 -48.63
C LYS UA 17 21.25 -23.39 -49.33
N GLU UA 18 21.43 -24.48 -48.57
CA GLU UA 18 21.87 -25.73 -49.19
C GLU UA 18 20.91 -26.17 -50.29
N ILE UA 19 19.61 -26.11 -50.01
CA ILE UA 19 18.61 -26.59 -50.97
C ILE UA 19 18.61 -25.72 -52.23
N LYS UA 20 18.75 -24.41 -52.06
CA LYS UA 20 18.79 -23.51 -53.21
C LYS UA 20 20.00 -23.79 -54.10
N ILE UA 21 21.17 -23.99 -53.49
CA ILE UA 21 22.37 -24.29 -54.27
C ILE UA 21 22.19 -25.61 -55.03
N LEU UA 22 21.62 -26.61 -54.37
CA LEU UA 22 21.47 -27.92 -55.01
C LEU UA 22 20.47 -27.85 -56.16
N VAL UA 23 19.41 -27.07 -56.02
CA VAL UA 23 18.43 -26.95 -57.10
C VAL UA 23 19.05 -26.23 -58.29
N GLU UA 24 19.89 -25.22 -58.03
CA GLU UA 24 20.62 -24.55 -59.11
C GLU UA 24 21.49 -25.54 -59.88
N LEU UA 25 22.25 -26.36 -59.16
CA LEU UA 25 23.11 -27.35 -59.82
C LEU UA 25 22.28 -28.35 -60.63
N ILE UA 26 21.12 -28.76 -60.10
CA ILE UA 26 20.28 -29.71 -60.82
C ILE UA 26 19.75 -29.10 -62.12
N ALA UA 27 19.37 -27.82 -62.07
CA ALA UA 27 18.90 -27.16 -63.30
C ALA UA 27 20.00 -27.07 -64.35
N MET UA 28 21.22 -26.72 -63.92
CA MET UA 28 22.35 -26.69 -64.85
C MET UA 28 22.59 -28.06 -65.48
N LEU UA 29 22.58 -29.10 -64.66
CA LEU UA 29 22.84 -30.45 -65.17
C LEU UA 29 21.74 -30.89 -66.12
N VAL UA 30 20.49 -30.50 -65.86
CA VAL UA 30 19.40 -30.86 -66.76
C VAL UA 30 19.59 -30.19 -68.13
N LYS UA 31 20.02 -28.92 -68.14
CA LYS UA 31 20.32 -28.27 -69.42
C LYS UA 31 21.44 -29.00 -70.17
N VAL UA 32 22.51 -29.33 -69.46
CA VAL UA 32 23.63 -30.03 -70.10
C VAL UA 32 23.16 -31.37 -70.67
N ILE UA 33 22.27 -32.06 -69.96
CA ILE UA 33 21.76 -33.35 -70.46
C ILE UA 33 20.85 -33.15 -71.66
N GLN UA 34 20.01 -32.12 -71.64
CA GLN UA 34 19.21 -31.81 -72.82
C GLN UA 34 20.09 -31.65 -74.06
N LYS UA 35 21.23 -30.99 -73.91
CA LYS UA 35 22.11 -30.83 -75.06
C LYS UA 35 22.82 -32.14 -75.42
N ASP UA 36 23.34 -32.86 -74.42
CA ASP UA 36 23.99 -34.15 -74.65
C ASP UA 36 23.47 -35.18 -73.66
N PRO UA 37 22.72 -36.20 -74.11
CA PRO UA 37 22.03 -37.12 -73.19
C PRO UA 37 22.88 -38.32 -72.76
N SER UA 38 23.98 -38.04 -72.06
CA SER UA 38 24.80 -39.12 -71.54
C SER UA 38 24.10 -39.85 -70.40
N ASP UA 39 24.60 -41.04 -70.08
CA ASP UA 39 24.06 -41.87 -69.00
C ASP UA 39 24.72 -41.59 -67.65
N GLU UA 40 26.02 -41.29 -67.65
CA GLU UA 40 26.68 -40.91 -66.41
C GLU UA 40 26.10 -39.61 -65.86
N ALA UA 41 25.69 -38.72 -66.75
CA ALA UA 41 24.99 -37.51 -66.33
C ALA UA 41 23.68 -37.87 -65.63
N LEU UA 42 22.98 -38.90 -66.12
CA LEU UA 42 21.73 -39.31 -65.46
C LEU UA 42 21.97 -39.95 -64.10
N LYS UA 43 23.06 -40.72 -63.96
CA LYS UA 43 23.40 -41.23 -62.63
C LYS UA 43 23.72 -40.09 -61.67
N ALA UA 44 24.46 -39.08 -62.13
CA ALA UA 44 24.77 -37.95 -61.28
C ALA UA 44 23.52 -37.15 -60.92
N LEU UA 45 22.58 -37.02 -61.87
CA LEU UA 45 21.34 -36.33 -61.60
C LEU UA 45 20.51 -37.07 -60.55
N ALA UA 46 20.49 -38.41 -60.63
CA ALA UA 46 19.80 -39.20 -59.61
C ALA UA 46 20.42 -39.01 -58.24
N GLU UA 47 21.75 -38.99 -58.18
CA GLU UA 47 22.43 -38.74 -56.91
C GLU UA 47 22.04 -37.38 -56.33
N LEU UA 48 22.01 -36.36 -57.18
CA LEU UA 48 21.65 -35.02 -56.71
C LEU UA 48 20.22 -34.98 -56.21
N VAL UA 49 19.30 -35.65 -56.92
CA VAL UA 49 17.89 -35.65 -56.51
C VAL UA 49 17.70 -36.36 -55.17
N ARG UA 50 18.44 -37.45 -54.93
CA ARG UA 50 18.24 -38.14 -53.67
C ARG UA 50 18.82 -37.36 -52.50
N LYS UA 51 19.97 -36.69 -52.70
CA LYS UA 51 20.44 -35.84 -51.60
C LYS UA 51 19.53 -34.62 -51.40
N LEU UA 52 18.84 -34.17 -52.44
CA LEU UA 52 17.85 -33.11 -52.25
C LEU UA 52 16.66 -33.60 -51.43
N LYS UA 53 16.22 -34.83 -51.67
CA LYS UA 53 15.19 -35.44 -50.81
C LYS UA 53 15.63 -35.44 -49.35
N GLU UA 54 16.87 -35.85 -49.10
CA GLU UA 54 17.37 -35.88 -47.73
C GLU UA 54 17.35 -34.50 -47.10
N LEU UA 55 17.76 -33.48 -47.85
CA LEU UA 55 17.73 -32.11 -47.32
C LEU UA 55 16.32 -31.64 -47.01
N VAL UA 56 15.36 -32.01 -47.86
CA VAL UA 56 13.97 -31.62 -47.60
C VAL UA 56 13.46 -32.29 -46.32
N GLU UA 57 13.82 -33.56 -46.11
CA GLU UA 57 13.42 -34.22 -44.87
C GLU UA 57 14.05 -33.57 -43.64
N ASP UA 58 15.30 -33.12 -43.74
CA ASP UA 58 15.92 -32.39 -42.64
C ASP UA 58 15.18 -31.10 -42.33
N MET UA 59 14.85 -30.35 -43.39
CA MET UA 59 14.05 -29.13 -43.23
C MET UA 59 12.76 -29.42 -42.49
N GLU UA 60 12.09 -30.51 -42.85
CA GLU UA 60 10.82 -30.83 -42.20
C GLU UA 60 11.01 -31.19 -40.74
N ARG UA 61 12.06 -31.95 -40.43
CA ARG UA 61 12.34 -32.28 -39.03
C ARG UA 61 12.61 -31.03 -38.21
N SER UA 62 13.22 -30.02 -38.81
CA SER UA 62 13.49 -28.79 -38.06
C SER UA 62 12.22 -27.96 -37.87
N MET UA 63 11.41 -27.82 -38.92
CA MET UA 63 10.25 -26.96 -38.79
C MET UA 63 9.16 -27.57 -37.91
N LYS UA 64 9.08 -28.91 -37.85
CA LYS UA 64 8.11 -29.50 -36.92
C LYS UA 64 8.45 -29.18 -35.47
N GLU UA 65 9.73 -29.26 -35.11
CA GLU UA 65 10.14 -28.87 -33.76
C GLU UA 65 9.87 -27.39 -33.51
N GLN UA 66 10.18 -26.53 -34.49
CA GLN UA 66 9.94 -25.11 -34.27
C GLN UA 66 8.45 -24.81 -34.09
N LEU UA 67 7.58 -25.47 -34.86
CA LEU UA 67 6.14 -25.25 -34.69
C LEU UA 67 5.66 -25.84 -33.38
N TYR UA 68 6.31 -26.90 -32.90
CA TYR UA 68 6.00 -27.46 -31.60
C TYR UA 68 6.31 -26.47 -30.49
N ILE UA 69 7.41 -25.73 -30.61
CA ILE UA 69 7.84 -24.86 -29.52
C ILE UA 69 7.09 -23.53 -29.47
N ILE UA 70 6.66 -22.98 -30.61
CA ILE UA 70 6.07 -21.64 -30.59
C ILE UA 70 4.70 -21.61 -29.90
N LYS UA 71 3.96 -22.70 -29.94
CA LYS UA 71 2.65 -22.72 -29.28
C LYS UA 71 2.82 -22.85 -27.77
N THR VA 2 -17.78 19.74 -22.54
CA THR VA 2 -17.76 21.15 -22.16
C THR VA 2 -17.45 22.03 -23.39
N ASP VA 3 -16.73 21.45 -24.36
CA ASP VA 3 -16.45 22.18 -25.60
C ASP VA 3 -17.69 22.26 -26.48
N GLU VA 4 -18.44 21.16 -26.59
CA GLU VA 4 -19.76 21.22 -27.19
C GLU VA 4 -20.62 22.29 -26.52
N LEU VA 5 -20.52 22.39 -25.19
CA LEU VA 5 -21.38 23.30 -24.44
C LEU VA 5 -21.01 24.75 -24.72
N LEU VA 6 -19.72 25.06 -24.77
CA LEU VA 6 -19.32 26.43 -25.06
C LEU VA 6 -19.52 26.79 -26.53
N ARG VA 7 -19.46 25.81 -27.44
CA ARG VA 7 -19.82 26.09 -28.82
C ARG VA 7 -21.32 26.39 -28.96
N LEU VA 8 -22.15 25.68 -28.21
CA LEU VA 8 -23.58 25.99 -28.20
C LEU VA 8 -23.84 27.37 -27.62
N ALA VA 9 -23.12 27.73 -26.55
CA ALA VA 9 -23.24 29.08 -25.99
C ALA VA 9 -22.84 30.14 -27.01
N LYS VA 10 -21.78 29.87 -27.78
CA LYS VA 10 -21.35 30.80 -28.82
C LYS VA 10 -22.44 31.00 -29.87
N GLU VA 11 -23.00 29.88 -30.36
CA GLU VA 11 -24.08 29.95 -31.34
C GLU VA 11 -25.26 30.75 -30.80
N GLN VA 12 -25.64 30.49 -29.54
CA GLN VA 12 -26.78 31.18 -28.96
C GLN VA 12 -26.53 32.66 -28.81
N ALA VA 13 -25.30 33.05 -28.45
CA ALA VA 13 -25.00 34.47 -28.30
C ALA VA 13 -25.03 35.19 -29.64
N GLU VA 14 -24.55 34.52 -30.70
CA GLU VA 14 -24.64 35.10 -32.03
C GLU VA 14 -26.10 35.31 -32.43
N LEU VA 15 -26.95 34.30 -32.20
CA LEU VA 15 -28.37 34.43 -32.53
C LEU VA 15 -29.03 35.55 -31.73
N LEU VA 16 -28.64 35.71 -30.47
CA LEU VA 16 -29.27 36.73 -29.64
C LEU VA 16 -28.89 38.13 -30.11
N LYS VA 17 -27.63 38.33 -30.53
CA LYS VA 17 -27.26 39.63 -31.08
C LYS VA 17 -28.02 39.93 -32.36
N GLU VA 18 -28.17 38.92 -33.24
CA GLU VA 18 -28.99 39.12 -34.44
C GLU VA 18 -30.41 39.54 -34.07
N ILE VA 19 -31.02 38.86 -33.10
CA ILE VA 19 -32.40 39.15 -32.73
C ILE VA 19 -32.53 40.56 -32.17
N LYS VA 20 -31.54 40.99 -31.37
CA LYS VA 20 -31.58 42.32 -30.79
C LYS VA 20 -31.50 43.40 -31.86
N ILE VA 21 -30.60 43.22 -32.83
CA ILE VA 21 -30.51 44.17 -33.95
C ILE VA 21 -31.83 44.22 -34.72
N LEU VA 22 -32.44 43.06 -34.95
CA LEU VA 22 -33.67 43.04 -35.74
C LEU VA 22 -34.82 43.71 -35.00
N VAL VA 23 -34.88 43.53 -33.67
CA VAL VA 23 -35.93 44.19 -32.90
C VAL VA 23 -35.75 45.69 -32.89
N GLU VA 24 -34.49 46.17 -32.84
CA GLU VA 24 -34.24 47.61 -32.95
C GLU VA 24 -34.73 48.17 -34.28
N LEU VA 25 -34.44 47.46 -35.37
CA LEU VA 25 -34.89 47.92 -36.69
C LEU VA 25 -36.41 47.94 -36.75
N ILE VA 26 -37.06 46.94 -36.15
CA ILE VA 26 -38.52 46.87 -36.19
C ILE VA 26 -39.13 48.04 -35.42
N ALA VA 27 -38.56 48.39 -34.27
CA ALA VA 27 -39.04 49.53 -33.50
C ALA VA 27 -38.90 50.84 -34.29
N MET VA 28 -37.75 51.02 -34.95
CA MET VA 28 -37.56 52.22 -35.76
C MET VA 28 -38.59 52.31 -36.89
N LEU VA 29 -38.82 51.18 -37.57
CA LEU VA 29 -39.77 51.18 -38.68
C LEU VA 29 -41.19 51.45 -38.20
N VAL VA 30 -41.54 50.96 -37.01
CA VAL VA 30 -42.86 51.23 -36.46
C VAL VA 30 -43.03 52.72 -36.17
N LYS VA 31 -42.00 53.37 -35.61
CA LYS VA 31 -42.07 54.82 -35.41
C LYS VA 31 -42.26 55.56 -36.74
N VAL VA 32 -41.48 55.18 -37.75
CA VAL VA 32 -41.59 55.82 -39.06
C VAL VA 32 -42.99 55.64 -39.63
N ILE VA 33 -43.59 54.45 -39.45
CA ILE VA 33 -44.94 54.21 -39.96
C ILE VA 33 -45.97 55.02 -39.19
N GLN VA 34 -45.80 55.13 -37.87
CA GLN VA 34 -46.69 55.97 -37.08
C GLN VA 34 -46.72 57.40 -37.62
N LYS VA 35 -45.55 57.98 -37.86
CA LYS VA 35 -45.54 59.39 -38.27
C LYS VA 35 -46.03 59.56 -39.71
N ASP VA 36 -45.63 58.67 -40.62
CA ASP VA 36 -46.13 58.72 -42.00
C ASP VA 36 -46.50 57.33 -42.52
N PRO VA 37 -47.80 57.03 -42.61
CA PRO VA 37 -48.21 55.67 -43.00
C PRO VA 37 -47.97 55.38 -44.47
N SER VA 38 -47.57 54.15 -44.76
CA SER VA 38 -47.40 53.67 -46.13
C SER VA 38 -47.64 52.17 -46.16
N ASP VA 39 -47.93 51.64 -47.35
CA ASP VA 39 -48.21 50.21 -47.49
C ASP VA 39 -46.93 49.40 -47.70
N GLU VA 40 -45.98 49.93 -48.45
CA GLU VA 40 -44.70 49.25 -48.62
C GLU VA 40 -43.96 49.17 -47.29
N ALA VA 41 -44.14 50.17 -46.42
CA ALA VA 41 -43.59 50.10 -45.08
C ALA VA 41 -44.18 48.93 -44.30
N LEU VA 42 -45.49 48.69 -44.44
CA LEU VA 42 -46.11 47.57 -43.75
C LEU VA 42 -45.67 46.23 -44.33
N LYS VA 43 -45.43 46.17 -45.64
CA LYS VA 43 -44.89 44.95 -46.23
C LYS VA 43 -43.47 44.66 -45.72
N ALA VA 44 -42.65 45.70 -45.61
CA ALA VA 44 -41.30 45.51 -45.06
C ALA VA 44 -41.34 45.10 -43.61
N LEU VA 45 -42.29 45.66 -42.84
CA LEU VA 45 -42.46 45.25 -41.45
C LEU VA 45 -42.84 43.77 -41.35
N ALA VA 46 -43.74 43.32 -42.24
CA ALA VA 46 -44.10 41.91 -42.28
C ALA VA 46 -42.88 41.02 -42.57
N GLU VA 47 -42.07 41.43 -43.55
CA GLU VA 47 -40.84 40.69 -43.85
C GLU VA 47 -39.93 40.60 -42.64
N LEU VA 48 -39.79 41.71 -41.90
CA LEU VA 48 -38.90 41.71 -40.74
C LEU VA 48 -39.44 40.82 -39.63
N VAL VA 49 -40.76 40.80 -39.46
CA VAL VA 49 -41.35 39.94 -38.43
C VAL VA 49 -41.18 38.46 -38.79
N ARG VA 50 -41.27 38.14 -40.08
CA ARG VA 50 -41.02 36.76 -40.53
C ARG VA 50 -39.57 36.35 -40.24
N LYS VA 51 -38.62 37.24 -40.54
CA LYS VA 51 -37.23 36.99 -40.17
C LYS VA 51 -37.08 36.75 -38.66
N LEU VA 52 -37.78 37.55 -37.85
CA LEU VA 52 -37.68 37.41 -36.41
C LEU VA 52 -38.21 36.06 -35.94
N LYS VA 53 -39.33 35.60 -36.52
CA LYS VA 53 -39.85 34.28 -36.21
C LYS VA 53 -38.82 33.20 -36.50
N GLU VA 54 -38.19 33.27 -37.67
CA GLU VA 54 -37.17 32.27 -38.01
C GLU VA 54 -36.02 32.28 -37.02
N LEU VA 55 -35.58 33.48 -36.61
CA LEU VA 55 -34.47 33.57 -35.67
C LEU VA 55 -34.83 32.99 -34.31
N VAL VA 56 -36.06 33.23 -33.85
CA VAL VA 56 -36.50 32.67 -32.57
C VAL VA 56 -36.54 31.15 -32.65
N GLU VA 57 -37.02 30.61 -33.77
CA GLU VA 57 -37.03 29.17 -33.97
C GLU VA 57 -35.63 28.59 -33.90
N ASP VA 58 -34.67 29.25 -34.54
CA ASP VA 58 -33.28 28.78 -34.51
C ASP VA 58 -32.74 28.76 -33.09
N MET VA 59 -32.95 29.85 -32.36
CA MET VA 59 -32.54 29.92 -30.96
C MET VA 59 -33.11 28.77 -30.15
N GLU VA 60 -34.40 28.49 -30.35
CA GLU VA 60 -35.10 27.50 -29.53
C GLU VA 60 -34.63 26.07 -29.83
N ARG VA 61 -34.41 25.78 -31.11
CA ARG VA 61 -33.90 24.46 -31.48
C ARG VA 61 -32.42 24.29 -31.15
N SER VA 62 -31.70 25.38 -30.92
CA SER VA 62 -30.35 25.23 -30.38
C SER VA 62 -30.37 25.04 -28.86
N MET VA 63 -31.28 25.73 -28.17
CA MET VA 63 -31.33 25.59 -26.72
C MET VA 63 -31.80 24.20 -26.30
N LYS VA 64 -32.66 23.56 -27.08
CA LYS VA 64 -33.00 22.17 -26.75
C LYS VA 64 -31.75 21.28 -26.71
N GLU VA 65 -30.88 21.40 -27.71
CA GLU VA 65 -29.65 20.62 -27.73
C GLU VA 65 -28.76 20.96 -26.54
N GLN VA 66 -28.63 22.25 -26.24
CA GLN VA 66 -27.79 22.67 -25.12
C GLN VA 66 -28.29 22.05 -23.81
N LEU VA 67 -29.60 22.09 -23.59
CA LEU VA 67 -30.17 21.53 -22.37
C LEU VA 67 -30.03 20.01 -22.34
N TYR VA 68 -30.25 19.35 -23.49
CA TYR VA 68 -30.14 17.89 -23.53
C TYR VA 68 -28.71 17.44 -23.23
N ILE VA 69 -27.72 18.19 -23.72
CA ILE VA 69 -26.33 17.83 -23.43
C ILE VA 69 -26.02 18.06 -21.96
N ILE VA 70 -26.56 19.13 -21.37
CA ILE VA 70 -26.37 19.31 -19.93
C ILE VA 70 -27.12 18.25 -19.14
N LYS VA 71 -28.32 17.87 -19.59
CA LYS VA 71 -29.16 16.94 -18.84
C LYS VA 71 -28.49 15.59 -18.64
NA NA WA . -36.39 -39.99 -32.25
NA NA XA . 24.94 14.69 -56.16
NA NA YA . -5.93 62.18 -9.37
NA NA ZA . 48.06 -22.24 34.57
NA NA AB . -51.95 30.17 -19.51
NA NA BB . -37.74 -21.07 45.94
NA NA CB . -5.21 44.41 44.74
NA NA DB . -11.11 -60.56 14.32
NA NA EB . -5.50 -33.42 -53.46
NA NA FB . 53.31 4.91 -33.41
NA NA GB . 16.53 48.66 -36.88
NA NA HB . 61.21 -16.42 -0.57
NA NA IB . -51.44 -3.49 -36.67
NA NA JB . -21.49 11.01 58.48
NA NA KB . 30.49 31.00 45.80
NA NA LB . -4.03 -58.09 -24.46
NA NA MB . 32.48 -21.59 -49.80
NA NA NB . -20.89 44.87 -39.79
NA NA OB . 57.45 12.72 23.12
NA NA PB . -63.23 -0.66 -1.00
NA NA QB . -51.43 12.29 34.81
NA NA RB . 20.84 56.37 19.53
NA NA SB . 25.08 -53.01 24.51
NA NA TB . -3.92 -42.51 46.91
#